data_7EGD
#
_entry.id   7EGD
#
_cell.length_a   1.00
_cell.length_b   1.00
_cell.length_c   1.00
_cell.angle_alpha   90.00
_cell.angle_beta   90.00
_cell.angle_gamma   90.00
#
_symmetry.space_group_name_H-M   'P 1'
#
loop_
_entity.id
_entity.type
_entity.pdbx_description
1 polymer 'Transcription initiation factor TFIID subunit 1'
2 polymer 'Transcription initiation factor TFIID subunit 2'
3 polymer 'Transcription initiation factor TFIID subunit 4'
4 polymer 'Transcription initiation factor TFIID subunit 5'
5 polymer 'Transcription initiation factor TFIID subunit 6'
6 polymer 'Transcription initiation factor TFIID subunit 7'
7 polymer 'Transcription initiation factor TFIID subunit 8'
8 polymer 'Transcription initiation factor TFIID subunit 9'
9 polymer 'Transcription initiation factor TFIID subunit 10'
10 polymer 'Transcription initiation factor TFIID subunit 12'
11 polymer 'Transcription initiation factor IIA subunit 2'
12 polymer 'TATA-box-binding protein'
13 polymer 'Transcription initiation factor IIA subunit 1'
14 polymer 'DNA (72-MER)'
15 polymer 'DNA (72-MER)'
16 polymer 'Transcription initiation factor TFIID subunit 3'
17 polymer 'Transcription initiation factor TFIID subunit 11'
18 polymer 'Transcription initiation factor TFIID subunit 13'
#
loop_
_entity_poly.entity_id
_entity_poly.type
_entity_poly.pdbx_seq_one_letter_code
_entity_poly.pdbx_strand_id
1 'polypeptide(L)'
;MGPGCDLLLRTAATITAAAIMSDTDSDEDSAGGGPFSLAGFLFGNINGAGQLEGESVLDDECKKHLAGLGALGLGSLITE
LTANEELTGTDGALVNDEGWVRSTEDAVDYSDINEVAEDESRRYQQTMGSLQPLCHSDYDEDDYDADCEDIDCKLMPPPP
PPPGPMKKDKDQDSITGEKVDFSSSSDSESEMGPQEATQAESEDGKLTLPLAGIMQHDATKLLPSVTELFPEFRPGKVLR
FLRLFGPGKNVPSVWRSARRKRKKKHRELIQEEQIQEVECSVESEVSQKSLWNYDYAPPPPPEQCLSDDEITMMAPVESK
FSQSTGDIDKVTDTKPRVAEWRYGPARLWYDMLGVPEDGSGFDYGFKLRKTEHEPVIKSRMIEEFRKLEENNGTDLLADE
NFLMVTQLHWEDDIIWDGEDVKHKGTKPQRASLAGWLPSSMTRNAMAYNVQQGFAATLDDDKPWYSIFPIDNEDLVYGRW
EDNIIWDAQAMPRLLEPPVLTLDPNDENLILEIPDEKEEATSNSPSKESKKESSLKKSRILLGKTGVIKEEPQQNMSQPE
VKDPWNLSNDEYYYPKQQGLRGTFGGNIIQHSIPAVELRQPFFPTHMGPIKLRQFHRPPLKKYSFGALSQPGPHSVQPLL
KHIKKKAKMREQERQASGGGEMFFMRTPQDLTGKDGDLILAEYSEENGPLMMQVGMATKIKNYYKRKPGKDPGAPDCKYG
ETVYCHTSPFLGSLHPGQLLQAFENNLFRAPIYLHKMPETDFLIIRTRQGYYIRELVDIFVVGQQCPLFEVPGPNSKRAN
THIRDFLQVFIYRLFWKSKDRPRRIRMEDIKKAFPSHSESSIRKRLKLCADFKRTGMDSNWWVLKSDFRLPTEEEIRAMV
SPEQCCAYYSMIAAEQRLKDAGYGEKSFFAPEEENEEDFQMKIDDEVRTAPWNTTRAFIAAMKGKCLLEVTGVADPTGCG
EGFSYVKIPNKPTQQKDDKEPQPVKKTVTGTDADLRRLSLKNAKQLLRKFGVPEEEIKKLSRWEVIDVVRTMSTEQARSG
EGPMSKFARGSRFSVAEHQERYKEECQRIFDLQNKVLSSTEVLSTDTDSSSAEDSDFEEMGKNIENMLQNKKTSSQLSRE
REEQERKELQRMLLAAGSAASGNNHRDDDTASVTSLNSSATGRCLKIYRTFRDEEGKEYVRCETVRKPAVIDAYVRIRTT
KDEEFIRKFALFDEQHREEMRKERRRIQEQLRRLKRNQEKEKLKGPPEKKPKKMKERPDLKLKCGACGAIGHMRTNKFCP
LYYQTNAPPSNPVAMTEEQEEELEKTVIHNDNEELIKVEGTKIVLGKQLIESADEVRRKSLVLKFPKQQLPPKKKRRVGT
TVHCDYLNRPHKSIHRRRTDPMVTLSSILESIINDMRDLPNTYPFHTPVNAKVVKDYYKIITRPMDLQTLRENVRKRLYP
SREEFREHLELIVKNSATYNGPKHSLTQISQSMLDLCDEKLKEKEDKLARLEKAINPLLDDDDQVAFSFILDNIVTQKMM
AVPDSWPFHHPVNKKFVPDYYKVIVNPMDLETIRKNISKHKYQSRESFLDDVNLILANSVKYNGPESQYTKTAQEIVNVC
YQTLTEYDEHLTQLEKDICTAKEAALEEAELESLDPMTPGPYTPQPPDLYDTNTSLSMSRDASVFQDESNMSVLDIPSAT
PEKQVTQEGEDGDGDLADEEEGTVQQPQASVLYEDLLMSEGEDDEEDAGSDEEGDNPFSAIQLSESGSDSDVGSGGIRPK
QPRMLQENTRMDMENEESMMSYEGDGGEASHGLEDSNISYGSYEEPDPKSNTQDTSFSSIGGYEVSEEEEDEEEEEQRSG
PSVLSQVHLSEDEEDSEDFHSIAGDSDLDSDE
;
A
2 'polypeptide(L)'
;MPLTGVEPARMNRKKGDKGFESPRPYKLTHQVVCINNINFQRKSVVGFVELTIFPTVANLNRIKLNSKQCRIYRVRINDL
EAAFIYNDPTLEVCHSESKQRNLNYFSNAYAAAVSAVDPDAGNGELCIKVPSELWKHVDELKVLKIHINFSLDQPKGGLH
FVVPSVEGSMAERGAHVFSCGYQNSTRFWFPCVDSYSELCTWKLEFTVDAAMVAVSNGDLVETVYTHDMRKKTFHYMLTI
PTAASNISLAIGPFEILVDPYMHEVTHFCLPQLLPLLKHTTSYLHEVFEFYEEILTCRYPYSCFKTVFIDEAYVEVAAYA
SMSIFSTNLLHSAMIIDETPLTRRCLAQSLAQQFFGCFISRMSWSDEWVLKGISGYIYGLWMKKTFGVNEYRHWIKEELD
KIVAYELKTGGVLLHPIFGGGKEKDNPASHLHFSIKHPHTLSWEYYSMFQCKAHLVMRLIENRISMEFMLQVFNKLLSLA
STASSQKFQSHMWSQMLVSTSGFLKSISNVSGKDIQPLIKQWVDQSGVVKFYGSFAFNRKRNVLELEIKQDYTSPGTQKY
VGPLKVTVQELDGSFNHTLQIEENSLKHDIPCHSKSRRNKKKKIPLMNGEEVDMDLSAMDADSPLLWIRIDPDMSVLRKV
EFEQADFMWQYQLRYERDVVAQQESILALEKFPTPASRLALTDILEQEQCFYRVRMSACFCLAKIANSMVSTWTGPPAMK
SLFTRMFCCKSCPNIVKTNNFMSFQSYFLQKTMPVAMALLRDVHNLCPKEVLTFILDLIKYNDNRKNKFSDNYYRAEMID
ALANSVTPAVSVNNEVRTLDNLNPDVRLILEEITRFLNMEKLLPSYRHTITVSCLRAIRVLQKNGHVPSDPALFKSYAEY
GHFVDIRIAALEAVVDYTKVDRSYEELQWLLNMIQNDPVPYVRHKILNMLTKNPPFTKNMESPLCNEALVDQLWKLMNSG
TSHDWRLRCGAVDLYFTLFGLSRPSCLPLPELGLVLNLKEKKAVLNPTIIPESVAGNQEAANNPSSHPQLVGFQNPFSSS
QDEEEIDMDTVHDSQAFISHHLNMLERPSTPGLSKYRPASSRSALIPQHSAGCDSTPTTKPQWSLELARKGTGKEQAPLE
MSMHPAASAPLSVFTKESTASKHSDHHHHHHHEHKKKKKKHKHKHKHKHKHDSKEKDKEPFTFSSPASGRSIRSPSLSD
;
B
3 'polypeptide(L)'
;MAAGSDLLDEVFFNSEVDEKVVSDLVGSLESQLAASAAHHHHLAPRTPEVRAAAAGALGNHVVSGSPAGAAGAGPAAPAE
GAPGAAPEPPPAGRARPGGGGPQRPGPPSPRRPLVPAGPAPPAAKLRPPPEGSAGSCAPVPAAAAVAAGPEPAPAGPAKP
AGPAALAARAGPGPGPGPGPGPGPGPGKPAGPGAAQTLNGSAALLNSHHAAAPAVSLVNNGPAALLPLPKPAAPGTVIQT
PPFVGAAAPPAPAAPSPPAAPAPAAPAAAPPPPPPAPATLARPPGHPAGPPTAAPAVPPPAAAQNGGSAGAAPAPAPAAG
GPAGVSGQPGPGAAAAAPAPGVKAESPKRVVQAAPPAAQTLAASGPASTAASMVIGPTMQGALPSPAAVPPPAPGTPTGL
PKGAAGAVTQSLSRTPTATTSGIRATLTPTVLAPRLPQPPQNPTNIQNFQLPPGMVLVRSENGQLLMIPQQALAQMQAQA
HAQPQTTMAPRPATPTSAPPVQISTVQAPGTPIIARQVTPTTIIKQVSQAQTTVQPSATLQRSPGVQPQLVLGGAAQTAS
LGTATAVQTGTPQRTVPGATTTSSAATETMENVKKCKNFLSTLIKLASSGKQSTETAANVKELVQNLLDGKIEAEDFTSR
LYRELNSSPQPYLVPFLKRSLPALRQLTPDSAAFIQQSQQQPPPPTSQATTALTAVVLSSSVQRTAGKTAATVTSALQPP
VLSLTQPTQVGVGKQGQPTPLVIQQPPKPGALIRPPQVTLTQTPMVALRQPHNRIMLTTPQQIQLNPLQPVPVVKPAVLP
GTKALSAVSAQAAAAQKNKLKEPGGGSFRDDDDINDVASMAGVNLSEESARILATNSELVGTLTRSCKDETFLLQAPLQR
RILEIGKKHGITELHPDVVSYVSHATQQRLQNLVEKISETAQQKNFSYKDDDRYEQASDVRAQLKFFEQLDQIEKQRKDE
QEREILMRAAKSRSRQEDPEQLRLKQKAKEMQQQELAQMRQRDANLTALAAIGPRKKRKVDCPGPGSGAEGSGPGSVVPG
SSGVGTPRQFTRQRITRVNLRDLIFCLENERETSHSLLLYKAFLK
;
D,d
4 'polypeptide(L)'
;MAALAEEQTEVAVKLEPEGPPTLLPPQAGDGAGEGSGGTTNNGPNGGGGNVAASSSTGGDGGTPKPTVAVSAAAPAGAAP
VPAAAPDAGAPHDRQTLLAVLQFLRQSKLREAEEALRREAGLLEEAVAGSGAPGEVDSAGAEVTSALLSRVTASAPGPAA
PDPPGTGASGATVVSGSASGPAAPGKVGSVAVEDQPDVSAVLSAYNQQGDPTMYEEYYSGLKHFIECSLDCHRAELSQLF
YPLFVHMYLELVYNQHENEAKSFFEKFHGDQECYYQDDLRVLSSLTKKEHMKGNETMLDFRTSKFVLRISRDSYQLLKRH
LQEKQNNQIWNIVQEHLYIDIFDGMPRSKQQIDAMVGSLAGEAKREANKSKVFFGLLKEPEIEVPLDDEDEEGENEEGKP
KKKKPKKDSIGSKSKKQDPNAPPQNRIPLPELKDSDKLDKIMNMKETTKRVRLGPDCLPSICFYTFLNAYQGLTAVDVTD
DSSLIAGGFADSTVRVWSVTPKKLRSVKQASDLSLIDKESDDVLERIMDEKTASELKILYGHSGPVYGASFSPDRNYLLS
SSEDGTVRLWSLQTFTCLVGYKGHNYPVWDTQFSPYGYYFVSGGHDRVARLWATDHYQPLRIFAGHLADVNCTRFHPNSN
YVATGSADRTVRLWDVLNGNCVRIFTGHKGPIHSLTFSPNGRFLATGATDGRVLLWDIGHGLMVGELKGHTDTVCSLRFS
RDGEILASGSMDNTVRLWDAIKAFEDLETDDFTTATGHINLPENSQELLLGTYMTKSTPVVHLHFTRRNLVLAAGAYSPQ
;
E,e
5 'polypeptide(L)'
;MAEEKKLKLSNTVLPSESMKVVAESMGIAQIQEETCQLLTDEVSYRIKEIAQDALKFMHMGKRQKLTTSDIDYALKLKNV
EPLYGFHAQEFIPFRFASGGGRELYFYEEKEVDLSDIINTPLPRVPLDVCLKAHWLSIEGCQPAIPENPPPAPKEQQKAE
ATEPLKSAKPGQEEDGPLKGKGQGATTADGKGKEKKAPPLLEGAPLRLKPRSIHELSVEQQLYYKEITEACVGSCEAKRA
EALQSIATDPGLYQMLPRFSTFISEGVRVNVVQNNLALLIYLMRMVKALMDNPTLYLEKYVHELIPAVMTCIVSRQLCLR
PDVDNHWALRDFAARLVAQICKHFSTTTNNIQSRITKTFTKSWVDEKTPWTTRYGSIAGLAELGHDVIKTLILPRLQQEG
ERIRSVLDGPVLSNIDRIGADHVQSLLLKHCAPVLAKLRPPPDNQDAYRAEFGSLGPLLCSQVVKARAQAALQAQQVNRT
TLTITQPRPTLTLSQAPQPGPRTPGLLKVPGSIALPVQTLVSARAAAPPQPSPPPTKFIVMSSSSSAPSTQQVLSLSTSA
PGSGSTTTSPVTTTVPSVQPIVKLVSTATTAPPSTAPSGPGSVQKYIVVSLPPTGEGKGGPTSHPSPVPPPASSPSPLSG
SALCGGKQEAGDSPPPAPGTPKANGSQPNSGSPQPAP
;
F,f
6 'polypeptide(L)'
;MSKSKDDAPHELESQFILRLPPEYASTVRRAVQSGHVNLKDRLTIELHPDGRHGIVRVDRVPLASKLVDLPCVMESLKTI
DKKTFYKTADICQMLVSTVDGDLYPPVEEPVASTDPKASKKKDKDKEKKFIWNHGITLPLKNVRKRRFRKTAKKKYIESP
DVEKEVKRLLSTDAEAVSTRWEIIAEDETKEAENQGLDISSPGMSGHRQGHDSLEHDELREIFNDLSSSSEDEDETQHQD
EEDINIIDTEEDLERQLQDKLNESDEQHQENEGTNQLVMGIQKQIDNMKGKLQETQDRAKRQEDLIMKVENLALKNRFQA
VLDELKQKEDREKEQLSSLQEELESLLEK
;
G
7 'polypeptide(L)'
;MADAAATAGAGGSGTRSGSKQSTNPADNYHLARRRTLQVVVSSLLTEAGFESAEKASVETLTEMLQSYISEIGRSAKSYC
EHTARTQPTLSDIVVTLVEMGFNVDTLPAYAKRSQRMVITAPPVTNQPVTPKALTAGQNRPHPPHIPSHFPEFPDPHTYI
KTPTYREPVSDYQVLREKAASQRRDVERALTRFMAKTGETQSLFKDDVSTFPLIAARPFTIPYLTALLPSELEMQQMEET
DSSEQDEQTDTENLALHISMEDSGAEKENTSVLQQNPSLSGSRNGEENIIDNPYLRPVKKPKIRRKKSLS
;
H
8 'polypeptide(L)'
;MESGKTASPKSMPKDAQMMAQILKDMGITEYEPRVINQMLEFAFRYVTTILDDAKIYSSHAKKATVDADDVRLAIQCRAD
QSFTSPPPRDFLLDIARQRNQTPLPLIKPYSGPRLPPDRYCLTAPNYRLKSLQKKASTSAGRITVPRLSVGSVTSRPSTP
TLGTPTPQTMSVSTKVGTPMSLTGQRFTVQMPTSQSPAVKASIPATSAVQNVLINPSLIGSKNILITTNMMSSQNTANES
SNALKRKREDDDDDDDDDDDYDNL
;
I,i
9 'polypeptide(L)'
;MSCSGSGADPEAAPASAASAPGPAPPVSAPAALPSSTAAENKASPAGTAGGPGAGAAAGGTGPLAARAGEPAERRGAAPV
SAGGAAPPEGAISNGVYVLPSAANGDVKPVVSSTPLVDFLMQLEDYTPTIPDAVTGYYLNRAGFEASDPRIIRLISLAAQ
KFISDIANDALQHCKMKGTASGSSRSKSKDRKYTLTMEDLTPALSEYGINVKKPHYFT
;
J,j
10 'polypeptide(L)'
;MNQFGPSALINLSNFSSIKPEPASTPPQGSMANSTAVVKIPGTPGAGGRLSPENNQVLTKKKLQDLVREVDPNEQLDEDV
EEMLLQIADDFIESVVTAACQLARHRKSSTLEVKDVQLHLERQWNMWIPGFGSEEIRPYKKACTTEAHKQRMALIRKTTK
K
;
L,l
11 'polypeptide(L)'
;MAYQLYRNTTLGNSLQESLDELIQSQQITPQLALQVLLQFDKAINAALAQRVRNRVNFRGSLNTYRFCDNVWTFVLNDVE
FREVTELIKVDKVKIVACDGKNTGSNTTE
;
O
12 'polypeptide(L)'
;MDQNNSLPPYAQGLASPQGAMTPGIPIFSPMMPYGTGLTPQPIQNTNSLSILEEQQRQQQQQQQQQQQQQQQQQQQQQQQ
QQQQQQQQQQQQQQQAVAAAAVQQSTSQQATQGTSGQAPQLFHSQTLTTAPLPGTTPLYPSPMTPMTPITPATPASESSG
IVPQLQNIVSTVNLGCKLDLKTIALRARNAEYNPKRFAAVIMRIREPRTTALIFSSGKMVCTGAKSEEQSRLAARKYARV
VQKLGFPAKFLDFKIQNMVGSCDVKFPIRLEGLVLTHQQFSSYEPELFPGLIYRMIKPRIVLLIFVSGKVVLTGAKVRAE
IYEAFENIYPILKGFRKTT
;
P
13 'polypeptide(L)'
;MANSANTNTVPKLYRSVIEDVINDVRDIFLDDGVDEQVLMELKTLWENKLMQSRAVDGFHSEEQQLLLQVQQQHQPQQQQ
HHHHHHHQQAQPQQTVPQQAQTQQVLIPASQQATAPQVIVPDSKLIQHMNASNMSAAATAATLALPAGVTPVQQILTNSG
QLLQVVRAANGAQYIFQPQQSVVLQQQVIPQMQPGGVQAPVIQQVLAPLPGGISPQTGVIIQPQQILFTGNKTQVIPTTV
AAPTPAQAQITATGQQQPQAQPAQTQAPLVLQVDGTGDTSSEEDEDEEEDYDDDEEEDKEKDGAEDGQVEEEPLNSEDDV
SDEEGQELFDTENVVVCQYDKIHRSKNKWKFHLKDGIMNLNGRDYIFSKAIGDAEW
;
Q
14 'polydeoxyribonucleotide'
;(DC)(DT)(DA)(DT)(DA)(DA)(DA)(DA)(DG)(DG)(DG)(DG)(DG)(DT)(DG)(DG)(DG)(DG)(DG)(DC)
(DG)(DC)(DG)(DT)(DT)(DC)(DG)(DT)(DC)(DC)(DT)(DC)(DA)(DG)(DT)(DC)(DG)(DC)(DG)(DA)
(DT)(DC)(DG)(DA)(DA)(DC)(DA)(DC)(DT)(DC)(DG)(DA)(DG)(DC)(DC)(DG)(DA)(DG)(DC)(DA)
(DG)(DA)(DC)(DG)(DT)(DG)(DC)(DC)(DT)(DA)(DC)(DG)
;
X
15 'polydeoxyribonucleotide'
;(DC)(DG)(DT)(DA)(DG)(DG)(DC)(DA)(DC)(DG)(DT)(DC)(DT)(DG)(DC)(DT)(DC)(DG)(DG)(DC)
(DT)(DC)(DG)(DA)(DG)(DT)(DG)(DT)(DT)(DC)(DG)(DA)(DT)(DC)(DG)(DC)(DG)(DA)(DC)(DT)
(DG)(DA)(DG)(DG)(DA)(DC)(DG)(DA)(DA)(DC)(DG)(DC)(DG)(DC)(DC)(DC)(DC)(DC)(DA)(DC)
(DC)(DC)(DC)(DC)(DT)(DT)(DT)(DT)(DA)(DT)(DA)(DG)
;
Y
16 'polypeptide(L)'
;MCESYSRSLLRVSVAQICQALGWDSVQLSACHLLTDVLQRYLQQLGRGCHRYSELYGRTDPILDDVGEAFQLMGVSLHEL
EDYIHNIEPVTFPHQIPSFPVSKNNVLQFPQPGSKDAEERKEYIPDYLPPIVSSQEEEEEEQVPTDGGTSAEAMQVPLEE
DDELEEEEIINDENFLGKRPLDSPEAEELPAMKRPRLLSTKGDTLDVVLLEAREPLSSINTQKIPPMLSPVHVQDSTDLA
PPSPEPPMLAPVAKSQMPTAKPLETKSFTPKTKTKTSSPGQKTKSPKTAQSPAMVGSPIRSPKTVSKEKKSPGRSKSPKS
PKSPKVTTHIPQTPVRPETPNRTPSATLSEKISKETIQVKQIQTPPDAGKLNSENQPKKAVVADKTIEASIDAVIARACA
EREPDPFEFSSGSESEGDIFTSPKRISGPECTTPKASTSANNFTKSGSTPLPLSGGTSSSDNSWTMDASIDEVVRKAKLG
TPSNMPPNFPYISSPSVSPPTPEPLHKVYEEKTKLPSSVEVKKKLKKELKTKMKKKEKQRDREREKDKNKDKSKEKDKVK
EKEKDKETGRETKYPWKEFLKEEEADPYKFKIKEFEDVDPKVKLKDGLVRKEKEKHKDKKKDREKGKKDKDKREKEKVKD
KGREDKMKAPAPPLVLPPKELALPLFSPATASRVPAMLPSLLPVLPEKLFEEKEKVKEKEKKKDKKEKKKKKEKEKEKKE
KEREKEKREREKREKEKEKHKHEKIKVEPVALAPSPVIPRLTLRVGAGQDKIVISKVVPAPEAKPAPSQNRPKTPPPAPA
PAPGPMLVSPAPVPLPLLAQAAAGPALLPSPGPAASGASAKAPVRSVVTETVSTYVIRDEWGNQIWICPGCNKPDDGSPM
IGCDDCDDWYHWPCVGIMTAPPEEMQWFCPKCANKKKDKKHKKRKHRAH
;
c
17 'polypeptide(L)'
;MDDAHESPSDKGGETGESDETAAVPGDPGATDTDGIPEETDGDADVDLKEAAAEEGELESQDVSDLTTVEREDSSLLNPA
AKKLKIDTKEKKEKKQKVDEDEIQKMQILVSSFSEEQLNRYEMYRRSAFPKAAIKRLIQSITGTSVSQNVVIAMSGISKV
FVGEVVEEALDVCEKWGEMPPLQPKHMREAVRRLKSKGQIPNSKHKKIIFF
;
k
18 'polypeptide(L)'
;MADEEEDPTFEEENEEIGGGAEGGQGKRKRLFSKELRCMMYGFGDDQNPYTESVDILEDLVIEFITEMTHKAMSIGRQGR
VQVEDIVFLIRKDPRKFARVKDLLTMNEELKRARKAFDEANYGS
;
m
#
loop_
_chem_comp.id
_chem_comp.type
_chem_comp.name
_chem_comp.formula
DA DNA linking 2'-DEOXYADENOSINE-5'-MONOPHOSPHATE 'C10 H14 N5 O6 P'
DC DNA linking 2'-DEOXYCYTIDINE-5'-MONOPHOSPHATE 'C9 H14 N3 O7 P'
DG DNA linking 2'-DEOXYGUANOSINE-5'-MONOPHOSPHATE 'C10 H14 N5 O7 P'
DT DNA linking THYMIDINE-5'-MONOPHOSPHATE 'C10 H15 N2 O8 P'
#
# COMPACT_ATOMS: atom_id res chain seq x y z
N TRP A 341 -6.32 30.98 -29.42
CA TRP A 341 -7.72 30.63 -29.79
C TRP A 341 -8.25 31.60 -30.85
N ARG A 342 -8.55 31.08 -32.05
CA ARG A 342 -9.04 31.93 -33.16
C ARG A 342 -10.38 32.57 -32.82
N TYR A 343 -11.30 31.85 -32.16
CA TYR A 343 -12.66 32.39 -31.92
C TYR A 343 -12.76 33.19 -30.62
N GLY A 344 -11.69 33.28 -29.82
CA GLY A 344 -11.78 33.94 -28.52
C GLY A 344 -11.68 35.44 -28.61
N PRO A 345 -11.32 36.16 -27.52
CA PRO A 345 -11.13 37.61 -27.58
C PRO A 345 -10.01 37.84 -28.60
N ALA A 346 -10.10 38.89 -29.41
CA ALA A 346 -9.12 39.18 -30.50
C ALA A 346 -9.49 38.40 -31.77
N ARG A 347 -10.66 37.75 -31.81
CA ARG A 347 -11.13 37.09 -33.05
C ARG A 347 -11.19 38.14 -34.15
N LEU A 348 -11.52 39.40 -33.84
CA LEU A 348 -11.67 40.40 -34.92
C LEU A 348 -10.32 40.54 -35.61
N TRP A 349 -9.24 40.66 -34.82
CA TRP A 349 -7.88 40.78 -35.40
C TRP A 349 -7.59 39.52 -36.19
N TYR A 350 -7.93 38.35 -35.64
CA TYR A 350 -7.57 37.10 -36.36
C TYR A 350 -8.29 37.07 -37.71
N ASP A 351 -9.57 37.44 -37.76
CA ASP A 351 -10.37 37.42 -39.02
C ASP A 351 -9.80 38.43 -40.01
N MET A 352 -9.42 39.62 -39.54
CA MET A 352 -8.84 40.65 -40.44
C MET A 352 -7.56 40.09 -41.04
N LEU A 353 -6.76 39.38 -40.24
CA LEU A 353 -5.51 38.76 -40.74
C LEU A 353 -5.85 37.62 -41.68
N GLY A 354 -7.00 36.97 -41.47
CA GLY A 354 -7.32 35.74 -42.23
C GLY A 354 -6.46 34.53 -41.84
N VAL A 355 -6.41 34.14 -40.56
CA VAL A 355 -5.70 32.89 -40.16
C VAL A 355 -6.74 31.92 -39.62
N PRO A 356 -7.05 30.77 -40.26
CA PRO A 356 -8.15 29.91 -39.82
C PRO A 356 -7.98 28.58 -39.06
N GLU A 357 -6.77 28.22 -38.64
CA GLU A 357 -6.59 26.89 -38.00
C GLU A 357 -7.53 26.83 -36.81
N ASP A 358 -8.30 25.75 -36.68
CA ASP A 358 -9.35 25.65 -35.64
C ASP A 358 -10.49 26.60 -36.01
N ASP A 395 27.47 52.55 -16.72
CA ASP A 395 27.51 53.27 -15.42
C ASP A 395 26.17 53.97 -15.16
N LEU A 396 25.35 54.19 -16.21
CA LEU A 396 24.00 54.76 -16.01
C LEU A 396 23.09 53.56 -15.84
N LEU A 397 23.65 52.37 -15.97
CA LEU A 397 22.88 51.13 -15.80
C LEU A 397 23.18 50.58 -14.40
N ALA A 398 23.87 51.36 -13.58
CA ALA A 398 24.18 50.96 -12.19
C ALA A 398 22.87 50.83 -11.43
N ASP A 399 22.79 49.92 -10.47
CA ASP A 399 21.49 49.66 -9.81
C ASP A 399 20.96 50.92 -9.13
N GLU A 400 21.84 51.73 -8.55
CA GLU A 400 21.34 52.90 -7.79
C GLU A 400 20.56 53.82 -8.68
N ASN A 401 20.96 53.98 -9.93
CA ASN A 401 20.27 54.99 -10.77
C ASN A 401 18.78 54.67 -10.71
N PHE A 402 18.43 53.39 -10.69
CA PHE A 402 17.01 52.96 -10.77
C PHE A 402 16.29 52.87 -9.42
N LEU A 403 16.94 53.12 -8.29
CA LEU A 403 16.26 53.14 -6.98
C LEU A 403 15.37 54.37 -6.96
N MET A 404 14.13 54.24 -6.53
CA MET A 404 13.20 55.37 -6.66
C MET A 404 13.47 56.53 -5.74
N VAL A 405 14.50 56.52 -4.90
CA VAL A 405 14.86 57.78 -4.17
C VAL A 405 15.51 58.73 -5.17
N THR A 406 16.20 58.19 -6.18
CA THR A 406 16.96 59.01 -7.14
C THR A 406 16.13 59.27 -8.38
N GLN A 407 14.85 58.92 -8.38
CA GLN A 407 14.03 59.02 -9.61
C GLN A 407 12.66 59.48 -9.24
N LEU A 408 12.47 60.00 -8.05
CA LEU A 408 11.09 60.39 -7.70
C LEU A 408 11.11 61.72 -6.97
N HIS A 409 10.18 62.60 -7.32
CA HIS A 409 10.10 63.92 -6.66
C HIS A 409 9.36 63.68 -5.36
N TRP A 410 10.02 63.07 -4.39
CA TRP A 410 9.38 62.69 -3.12
C TRP A 410 9.22 63.90 -2.23
N GLU A 411 9.76 65.03 -2.63
CA GLU A 411 9.61 66.26 -1.85
C GLU A 411 8.14 66.63 -1.87
N ASP A 412 7.45 66.37 -2.98
CA ASP A 412 6.04 66.80 -3.13
C ASP A 412 5.18 66.12 -2.07
N ASP A 413 5.61 64.95 -1.63
CA ASP A 413 4.85 64.21 -0.60
C ASP A 413 4.87 64.94 0.75
N ILE A 414 5.98 65.59 1.13
CA ILE A 414 6.07 66.17 2.51
C ILE A 414 4.83 66.99 2.74
N ILE A 415 4.07 66.74 3.81
CA ILE A 415 2.77 67.45 4.02
C ILE A 415 3.02 68.73 4.80
N TRP A 416 2.77 69.88 4.19
CA TRP A 416 3.00 71.18 4.85
C TRP A 416 1.62 71.81 5.08
N ASP A 417 1.29 72.18 6.32
CA ASP A 417 0.01 72.91 6.56
C ASP A 417 -1.14 72.14 5.92
N GLY A 418 -1.18 70.84 6.11
CA GLY A 418 -2.22 70.09 5.38
C GLY A 418 -3.59 70.48 5.87
N GLU A 419 -4.62 70.30 5.03
CA GLU A 419 -6.02 70.70 5.35
C GLU A 419 -6.81 70.63 4.06
N PRO A 463 -3.79 35.96 11.64
CA PRO A 463 -4.21 36.18 10.26
C PRO A 463 -4.39 34.92 9.43
N TRP A 464 -5.39 34.10 9.75
CA TRP A 464 -5.59 32.81 9.05
C TRP A 464 -5.81 33.07 7.56
N TYR A 465 -6.57 34.09 7.21
CA TYR A 465 -6.69 34.49 5.78
C TYR A 465 -5.85 35.77 5.65
N SER A 466 -5.40 36.14 4.46
CA SER A 466 -4.46 37.28 4.32
C SER A 466 -5.00 38.59 4.85
N ILE A 467 -4.20 39.34 5.58
CA ILE A 467 -4.54 40.71 6.08
C ILE A 467 -4.22 41.62 4.91
N PHE A 468 -3.08 41.39 4.24
CA PHE A 468 -2.70 42.21 3.06
C PHE A 468 -3.22 41.59 1.76
N PRO A 469 -3.38 42.39 0.69
CA PRO A 469 -3.78 41.88 -0.62
C PRO A 469 -2.69 41.09 -1.35
N ILE A 470 -3.06 40.27 -2.31
CA ILE A 470 -2.09 39.40 -3.01
C ILE A 470 -1.79 40.03 -4.37
N ASP A 471 -0.52 40.25 -4.70
CA ASP A 471 -0.16 41.02 -5.92
C ASP A 471 -0.20 40.18 -7.19
N ASN A 472 -0.21 40.79 -8.37
CA ASN A 472 -0.20 40.00 -9.60
C ASN A 472 1.14 39.30 -9.70
N GLU A 473 1.18 37.97 -9.60
CA GLU A 473 2.45 37.20 -9.65
C GLU A 473 3.13 37.42 -10.98
N ASP A 474 2.37 37.52 -12.06
CA ASP A 474 2.96 37.76 -13.39
C ASP A 474 3.67 39.11 -13.45
N LEU A 475 3.07 40.18 -12.93
CA LEU A 475 3.72 41.52 -12.91
C LEU A 475 4.89 41.50 -11.95
N VAL A 476 4.67 40.99 -10.76
CA VAL A 476 5.74 40.96 -9.73
C VAL A 476 6.88 40.06 -10.16
N TYR A 477 6.60 38.90 -10.76
CA TYR A 477 7.67 37.93 -11.07
C TYR A 477 7.98 37.75 -12.55
N GLY A 478 6.99 37.61 -13.41
CA GLY A 478 7.23 37.31 -14.84
C GLY A 478 8.06 38.33 -15.58
N ARG A 479 8.67 37.92 -16.69
CA ARG A 479 9.47 38.85 -17.51
C ARG A 479 8.57 39.29 -18.63
N TRP A 480 7.68 40.22 -18.36
CA TRP A 480 6.75 40.72 -19.39
C TRP A 480 7.59 41.50 -20.39
N GLU A 481 8.79 41.88 -20.00
CA GLU A 481 9.65 42.70 -20.87
C GLU A 481 9.91 41.89 -22.13
N ASP A 482 9.80 40.56 -22.04
CA ASP A 482 10.00 39.68 -23.21
C ASP A 482 8.82 39.72 -24.18
N ASN A 483 7.74 40.43 -23.86
CA ASN A 483 6.69 40.62 -24.88
C ASN A 483 6.85 41.99 -25.55
N ILE A 484 7.88 42.78 -25.24
CA ILE A 484 8.07 44.06 -25.99
C ILE A 484 8.66 43.71 -27.35
N ILE A 485 8.05 44.20 -28.44
CA ILE A 485 8.58 43.95 -29.81
C ILE A 485 9.52 45.09 -30.18
N TRP A 486 10.83 44.91 -29.95
CA TRP A 486 11.83 45.97 -30.22
C TRP A 486 11.99 46.23 -31.71
N ASP A 487 12.08 45.18 -32.52
CA ASP A 487 12.18 45.32 -33.99
C ASP A 487 11.15 44.37 -34.62
N ALA A 488 10.27 44.90 -35.46
CA ALA A 488 9.20 44.04 -36.01
C ALA A 488 9.81 42.94 -36.89
N GLN A 489 10.71 43.30 -37.81
CA GLN A 489 11.31 42.29 -38.75
C GLN A 489 12.28 41.37 -38.02
N ALA A 490 13.19 41.95 -37.22
CA ALA A 490 14.20 41.15 -36.49
C ALA A 490 13.70 40.81 -35.09
N MET A 491 12.72 39.92 -34.97
CA MET A 491 12.16 39.63 -33.63
C MET A 491 12.92 38.43 -33.07
N PRO A 492 13.58 38.54 -31.89
CA PRO A 492 14.55 37.55 -31.45
C PRO A 492 13.89 36.17 -31.29
N ARG A 493 12.65 36.14 -30.78
CA ARG A 493 11.92 34.86 -30.63
C ARG A 493 10.64 34.88 -31.47
N LEU A 494 9.89 33.78 -31.46
CA LEU A 494 8.59 33.70 -32.18
C LEU A 494 7.46 33.75 -31.15
N LEU A 495 6.61 34.78 -31.25
CA LEU A 495 5.46 34.93 -30.30
C LEU A 495 4.32 33.99 -30.70
N GLU A 496 3.43 33.68 -29.76
CA GLU A 496 2.32 32.72 -30.04
C GLU A 496 0.99 33.36 -29.63
N PRO A 497 -0.17 32.91 -30.18
CA PRO A 497 -1.46 33.45 -29.76
C PRO A 497 -1.67 33.16 -28.26
N PRO A 498 -2.29 34.11 -27.54
CA PRO A 498 -2.46 33.95 -26.08
C PRO A 498 -3.91 33.56 -25.76
N VAL A 499 -4.10 32.51 -24.96
CA VAL A 499 -5.48 32.05 -24.58
C VAL A 499 -5.94 32.85 -23.37
N LEU A 500 -7.25 33.11 -23.26
CA LEU A 500 -7.81 33.86 -22.09
C LEU A 500 -7.69 32.96 -20.87
N THR A 501 -7.13 33.47 -19.76
CA THR A 501 -6.89 32.62 -18.57
C THR A 501 -7.81 32.95 -17.39
N LEU A 502 -8.57 34.05 -17.45
CA LEU A 502 -9.62 34.30 -16.41
C LEU A 502 -9.11 34.11 -14.98
N ASP A 503 -8.10 34.85 -14.55
CA ASP A 503 -7.54 34.66 -13.19
C ASP A 503 -8.67 34.82 -12.17
N PRO A 504 -8.85 33.86 -11.23
CA PRO A 504 -9.88 33.97 -10.19
C PRO A 504 -9.40 34.65 -8.91
N ASN A 505 -8.11 35.00 -8.82
CA ASN A 505 -7.58 35.75 -7.65
C ASN A 505 -8.25 37.13 -7.61
N ASP A 506 -8.50 37.71 -8.79
CA ASP A 506 -9.12 39.06 -8.86
C ASP A 506 -10.57 39.00 -8.40
N GLU A 507 -10.97 39.89 -7.49
CA GLU A 507 -12.38 39.99 -7.08
C GLU A 507 -13.08 40.82 -8.16
N ASN A 508 -14.41 40.94 -8.12
CA ASN A 508 -15.18 41.71 -9.14
C ASN A 508 -15.43 40.80 -10.34
N LEU A 509 -14.87 39.60 -10.34
CA LEU A 509 -15.18 38.61 -11.40
C LEU A 509 -16.06 37.57 -10.72
N ILE A 510 -17.23 37.27 -11.28
CA ILE A 510 -18.18 36.35 -10.59
C ILE A 510 -17.52 34.98 -10.40
N LEU A 511 -16.80 34.49 -11.41
CA LEU A 511 -16.11 33.18 -11.32
C LEU A 511 -14.60 33.38 -11.52
N PRO A 564 -49.44 24.12 -21.49
CA PRO A 564 -48.90 23.17 -22.48
C PRO A 564 -49.25 21.74 -22.11
N TRP A 565 -49.91 21.60 -20.96
CA TRP A 565 -50.27 20.30 -20.41
C TRP A 565 -51.67 20.37 -19.84
N ASN A 566 -51.99 19.39 -19.00
CA ASN A 566 -53.33 19.25 -18.43
C ASN A 566 -53.64 20.40 -17.49
N LEU A 567 -52.87 20.52 -16.39
CA LEU A 567 -52.92 21.61 -15.41
C LEU A 567 -54.26 21.75 -14.68
N SER A 568 -55.19 20.85 -14.91
CA SER A 568 -56.44 20.79 -14.17
C SER A 568 -56.25 19.70 -13.13
N ASN A 569 -56.27 20.09 -11.86
CA ASN A 569 -56.10 19.14 -10.77
C ASN A 569 -57.39 18.33 -10.67
N ASP A 570 -57.51 17.33 -11.54
CA ASP A 570 -58.76 16.60 -11.67
C ASP A 570 -58.90 15.47 -10.66
N GLU A 571 -57.79 14.91 -10.20
CA GLU A 571 -57.86 13.82 -9.24
C GLU A 571 -58.30 14.28 -7.86
N TYR A 572 -58.28 15.59 -7.61
CA TYR A 572 -58.73 16.15 -6.35
C TYR A 572 -60.14 16.69 -6.41
N TYR A 573 -60.64 17.01 -7.60
CA TYR A 573 -62.00 17.50 -7.76
C TYR A 573 -62.96 16.39 -8.13
N TYR A 574 -62.53 15.45 -8.98
CA TYR A 574 -63.35 14.34 -9.43
C TYR A 574 -62.50 13.09 -9.25
N PRO A 575 -62.65 12.38 -8.12
CA PRO A 575 -61.64 11.40 -7.73
C PRO A 575 -61.72 10.09 -8.48
N LYS A 576 -62.80 9.82 -9.20
CA LYS A 576 -62.93 8.60 -9.98
C LYS A 576 -63.08 8.89 -11.48
N ILE A 588 -80.00 4.44 -18.82
CA ILE A 588 -79.39 3.79 -19.96
C ILE A 588 -80.44 2.94 -20.67
N ILE A 589 -81.38 2.39 -19.90
CA ILE A 589 -82.44 1.56 -20.45
C ILE A 589 -83.51 2.47 -21.04
N GLN A 590 -83.78 2.27 -22.34
CA GLN A 590 -84.81 3.10 -23.02
C GLN A 590 -86.04 2.24 -23.31
N HIS A 591 -87.10 2.40 -22.53
CA HIS A 591 -88.33 1.67 -22.73
C HIS A 591 -89.07 2.20 -23.97
N SER A 592 -90.10 1.46 -24.36
CA SER A 592 -90.92 1.90 -25.49
C SER A 592 -91.72 3.13 -25.10
N ILE A 593 -92.09 3.92 -26.10
CA ILE A 593 -92.90 5.12 -25.92
C ILE A 593 -94.27 4.81 -25.32
N PRO A 594 -94.91 3.66 -25.57
CA PRO A 594 -96.04 3.29 -24.69
C PRO A 594 -95.67 3.04 -23.24
N ALA A 595 -94.43 2.65 -22.94
CA ALA A 595 -94.11 2.34 -21.56
C ALA A 595 -93.75 3.58 -20.76
N VAL A 596 -92.95 4.49 -21.35
CA VAL A 596 -92.59 5.71 -20.64
C VAL A 596 -93.72 6.71 -20.54
N GLU A 597 -94.78 6.53 -21.32
CA GLU A 597 -95.95 7.39 -21.23
C GLU A 597 -97.06 6.76 -20.40
N LEU A 598 -96.83 5.56 -19.86
CA LEU A 598 -97.69 4.91 -18.88
C LEU A 598 -99.09 4.65 -19.42
N ARG A 599 -99.16 4.20 -20.68
CA ARG A 599 -100.44 4.02 -21.35
C ARG A 599 -101.18 2.82 -20.79
N GLN A 600 -102.48 2.98 -20.62
CA GLN A 600 -103.31 2.16 -19.74
C GLN A 600 -103.54 0.67 -20.05
N PRO A 601 -103.42 0.16 -21.28
CA PRO A 601 -103.36 -1.31 -21.40
C PRO A 601 -102.15 -1.91 -20.72
N PHE A 602 -100.98 -1.29 -20.91
CA PHE A 602 -99.71 -1.86 -20.45
C PHE A 602 -99.49 -1.60 -18.98
N PHE A 603 -99.89 -0.43 -18.48
CA PHE A 603 -99.76 -0.06 -17.07
C PHE A 603 -101.15 0.22 -16.53
N PRO A 604 -101.78 -0.73 -15.85
CA PRO A 604 -103.17 -0.54 -15.43
C PRO A 604 -103.29 0.44 -14.27
N THR A 605 -104.36 1.22 -14.28
CA THR A 605 -104.62 2.19 -13.23
C THR A 605 -105.10 1.51 -11.96
N HIS A 606 -105.90 0.46 -12.10
CA HIS A 606 -106.48 -0.22 -10.95
C HIS A 606 -106.50 -1.71 -11.21
N MET A 607 -106.12 -2.48 -10.20
CA MET A 607 -106.15 -3.92 -10.26
C MET A 607 -106.98 -4.44 -9.10
N GLY A 608 -108.07 -5.14 -9.41
CA GLY A 608 -108.91 -5.70 -8.40
C GLY A 608 -108.32 -6.94 -7.77
N PRO A 609 -109.07 -7.57 -6.88
CA PRO A 609 -108.55 -8.76 -6.19
C PRO A 609 -108.34 -9.95 -7.09
N ILE A 610 -109.28 -10.23 -7.99
CA ILE A 610 -109.12 -11.36 -8.90
C ILE A 610 -108.08 -11.04 -9.97
N LYS A 611 -107.81 -9.76 -10.23
CA LYS A 611 -106.73 -9.39 -11.13
C LYS A 611 -105.40 -9.28 -10.41
N LEU A 612 -105.40 -9.16 -9.08
CA LEU A 612 -104.15 -9.21 -8.34
C LEU A 612 -103.72 -10.63 -8.04
N ARG A 613 -104.67 -11.56 -7.94
CA ARG A 613 -104.31 -12.97 -7.83
C ARG A 613 -103.74 -13.49 -9.14
N GLN A 614 -104.29 -13.04 -10.26
CA GLN A 614 -103.73 -13.36 -11.57
C GLN A 614 -102.76 -12.26 -12.03
N PHE A 615 -101.82 -11.90 -11.16
CA PHE A 615 -100.83 -10.90 -11.51
C PHE A 615 -99.69 -11.60 -12.24
N HIS A 616 -99.41 -11.12 -13.47
CA HIS A 616 -98.47 -11.67 -14.44
C HIS A 616 -98.83 -13.07 -14.90
N ARG A 617 -100.04 -13.54 -14.62
CA ARG A 617 -100.57 -14.79 -15.15
C ARG A 617 -101.95 -14.51 -15.72
N PRO A 618 -102.03 -13.86 -16.88
CA PRO A 618 -103.32 -13.47 -17.40
C PRO A 618 -104.01 -14.63 -18.08
N PRO A 619 -105.26 -14.92 -17.71
CA PRO A 619 -105.95 -16.07 -18.29
C PRO A 619 -106.36 -15.80 -19.73
N LEU A 620 -106.76 -16.86 -20.40
CA LEU A 620 -107.13 -16.77 -21.81
C LEU A 620 -108.58 -16.29 -21.87
N LYS A 621 -108.79 -15.02 -22.23
CA LYS A 621 -110.15 -14.48 -22.15
C LYS A 621 -110.95 -14.86 -23.38
N LYS A 622 -112.24 -15.04 -23.18
CA LYS A 622 -113.16 -15.28 -24.28
C LYS A 622 -113.60 -13.95 -24.86
N TYR A 623 -113.58 -13.85 -26.18
CA TYR A 623 -113.99 -12.63 -26.84
C TYR A 623 -115.52 -12.60 -26.99
N SER A 624 -116.08 -11.40 -26.91
CA SER A 624 -117.51 -11.22 -27.13
C SER A 624 -117.82 -10.88 -28.58
N PHE A 625 -117.04 -9.99 -29.18
CA PHE A 625 -117.16 -9.68 -30.60
C PHE A 625 -115.82 -9.95 -31.27
N GLY A 626 -115.89 -10.33 -32.55
CA GLY A 626 -114.71 -10.64 -33.33
C GLY A 626 -114.87 -11.95 -34.07
N ALA A 627 -113.79 -12.33 -34.76
CA ALA A 627 -113.80 -13.57 -35.52
C ALA A 627 -113.64 -14.79 -34.63
N LEU A 628 -112.86 -14.66 -33.55
CA LEU A 628 -112.70 -15.78 -32.63
C LEU A 628 -113.86 -15.89 -31.64
N SER A 629 -114.72 -14.87 -31.55
CA SER A 629 -115.87 -14.94 -30.66
C SER A 629 -116.92 -15.92 -31.17
N GLN A 630 -116.98 -16.13 -32.49
CA GLN A 630 -117.92 -17.13 -33.05
C GLN A 630 -117.37 -18.53 -32.77
N PRO A 631 -118.14 -19.45 -32.14
CA PRO A 631 -117.63 -20.78 -31.79
C PRO A 631 -117.36 -21.65 -33.03
N GLY A 632 -116.28 -22.45 -33.00
CA GLY A 632 -115.98 -23.37 -34.12
C GLY A 632 -114.50 -23.58 -34.28
N PRO A 633 -114.04 -24.36 -35.29
CA PRO A 633 -112.61 -24.51 -35.56
C PRO A 633 -112.08 -23.20 -36.18
N HIS A 634 -110.82 -22.86 -35.88
CA HIS A 634 -110.23 -21.60 -36.41
C HIS A 634 -108.83 -21.86 -36.94
N SER A 635 -108.55 -21.50 -38.20
CA SER A 635 -107.25 -21.79 -38.77
C SER A 635 -106.18 -20.88 -38.18
N VAL A 636 -105.03 -21.45 -37.85
CA VAL A 636 -103.90 -20.62 -37.48
C VAL A 636 -103.22 -20.16 -38.75
N GLN A 637 -102.53 -19.02 -38.67
CA GLN A 637 -101.96 -18.42 -39.85
C GLN A 637 -100.46 -18.29 -39.67
N PRO A 638 -99.66 -18.78 -40.61
CA PRO A 638 -98.21 -18.62 -40.49
C PRO A 638 -97.81 -17.18 -40.72
N LEU A 639 -96.79 -16.71 -40.01
CA LEU A 639 -96.33 -15.30 -40.17
C LEU A 639 -94.81 -15.23 -40.39
N LEU A 640 -94.30 -15.71 -41.52
CA LEU A 640 -92.89 -15.67 -41.85
C LEU A 640 -92.62 -14.71 -42.99
N LYS A 641 -93.60 -14.47 -43.84
CA LYS A 641 -93.50 -13.35 -44.77
C LYS A 641 -93.65 -12.05 -43.99
N HIS A 642 -94.46 -12.04 -42.93
CA HIS A 642 -94.65 -10.83 -42.14
C HIS A 642 -93.39 -10.50 -41.36
N ILE A 643 -92.71 -11.52 -40.82
CA ILE A 643 -91.52 -11.31 -40.02
C ILE A 643 -90.39 -10.77 -40.89
N LYS A 644 -90.14 -11.40 -42.03
CA LYS A 644 -89.05 -10.95 -42.88
C LYS A 644 -89.37 -9.67 -43.61
N LYS A 645 -90.65 -9.38 -43.90
CA LYS A 645 -91.01 -8.09 -44.48
C LYS A 645 -90.80 -6.98 -43.47
N LYS A 646 -91.17 -7.20 -42.21
CA LYS A 646 -90.97 -6.18 -41.19
C LYS A 646 -89.49 -5.99 -40.87
N ALA A 647 -88.71 -7.06 -40.91
CA ALA A 647 -87.28 -6.93 -40.63
C ALA A 647 -86.56 -6.23 -41.77
N LYS A 648 -86.94 -6.52 -43.02
CA LYS A 648 -86.37 -5.82 -44.17
C LYS A 648 -86.78 -4.34 -44.15
N MET A 649 -88.01 -4.05 -43.74
CA MET A 649 -88.46 -2.66 -43.65
C MET A 649 -87.72 -1.89 -42.57
N ARG A 650 -87.49 -2.52 -41.41
CA ARG A 650 -86.73 -1.87 -40.35
C ARG A 650 -85.27 -1.68 -40.73
N GLU A 651 -84.70 -2.61 -41.50
CA GLU A 651 -83.32 -2.42 -41.98
C GLU A 651 -83.25 -1.30 -43.00
N GLN A 652 -84.28 -1.14 -43.83
CA GLN A 652 -84.34 0.00 -44.75
C GLN A 652 -84.44 1.31 -43.99
N GLU A 653 -85.24 1.34 -42.92
CA GLU A 653 -85.35 2.52 -42.07
C GLU A 653 -84.02 2.86 -41.41
N ARG A 654 -83.29 1.84 -40.98
CA ARG A 654 -82.03 2.08 -40.29
C ARG A 654 -80.95 2.54 -41.26
N GLN A 655 -80.91 1.97 -42.46
CA GLN A 655 -79.94 2.42 -43.46
C GLN A 655 -80.32 3.74 -44.10
N ALA A 656 -81.58 4.14 -44.04
CA ALA A 656 -81.94 5.46 -44.53
C ALA A 656 -81.61 6.54 -43.52
N SER A 657 -81.50 6.18 -42.24
CA SER A 657 -81.23 7.13 -41.18
C SER A 657 -79.76 7.23 -40.85
N GLY A 658 -78.88 6.76 -41.73
CA GLY A 658 -77.45 6.89 -41.53
C GLY A 658 -76.74 5.62 -41.10
N GLY A 659 -77.47 4.55 -40.82
CA GLY A 659 -76.85 3.28 -40.59
C GLY A 659 -76.51 2.95 -39.16
N GLY A 660 -76.69 3.88 -38.23
CA GLY A 660 -76.37 3.63 -36.84
C GLY A 660 -77.44 2.80 -36.15
N GLU A 661 -77.43 2.81 -34.83
CA GLU A 661 -78.47 2.10 -34.12
C GLU A 661 -79.65 3.04 -33.94
N MET A 662 -80.85 2.51 -34.12
CA MET A 662 -82.08 3.29 -34.17
C MET A 662 -82.99 2.91 -33.01
N PHE A 663 -83.99 3.72 -32.79
CA PHE A 663 -85.04 3.44 -31.82
C PHE A 663 -86.33 3.18 -32.58
N PHE A 664 -86.88 1.98 -32.45
CA PHE A 664 -87.98 1.53 -33.27
C PHE A 664 -89.31 1.45 -32.55
N MET A 665 -89.32 1.20 -31.24
CA MET A 665 -90.55 0.93 -30.50
C MET A 665 -91.21 2.24 -30.13
N ARG A 666 -91.95 2.81 -31.09
CA ARG A 666 -92.57 4.11 -30.93
C ARG A 666 -94.09 4.05 -30.87
N THR A 667 -94.69 2.92 -31.16
CA THR A 667 -96.12 2.74 -31.26
C THR A 667 -96.47 1.49 -30.46
N PRO A 668 -97.71 1.33 -30.01
CA PRO A 668 -98.10 0.05 -29.43
C PRO A 668 -98.03 -1.11 -30.40
N GLN A 669 -98.26 -0.87 -31.69
CA GLN A 669 -98.19 -1.91 -32.70
C GLN A 669 -96.77 -2.36 -33.01
N ASP A 670 -95.76 -1.69 -32.46
CA ASP A 670 -94.41 -2.20 -32.51
C ASP A 670 -94.16 -3.29 -31.50
N LEU A 671 -94.99 -3.38 -30.46
CA LEU A 671 -94.75 -4.34 -29.38
C LEU A 671 -95.48 -5.65 -29.58
N THR A 672 -95.89 -5.96 -30.80
CA THR A 672 -96.53 -7.23 -31.07
C THR A 672 -95.50 -8.34 -31.12
N GLY A 673 -95.96 -9.57 -30.91
CA GLY A 673 -95.12 -10.72 -31.09
C GLY A 673 -95.01 -11.20 -32.52
N LYS A 674 -95.74 -10.57 -33.43
CA LYS A 674 -95.78 -11.00 -34.82
C LYS A 674 -94.51 -10.66 -35.60
N ASP A 675 -93.56 -9.92 -35.03
CA ASP A 675 -92.37 -9.54 -35.77
C ASP A 675 -91.20 -9.48 -34.80
N GLY A 676 -90.00 -9.43 -35.37
CA GLY A 676 -88.79 -9.40 -34.57
C GLY A 676 -88.41 -10.77 -34.06
N ASP A 677 -87.20 -10.85 -33.50
CA ASP A 677 -86.66 -12.11 -33.00
C ASP A 677 -87.09 -12.29 -31.56
N LEU A 678 -88.06 -13.16 -31.33
CA LEU A 678 -88.55 -13.43 -29.99
C LEU A 678 -87.70 -14.50 -29.32
N ILE A 679 -87.40 -14.28 -28.04
CA ILE A 679 -86.90 -15.31 -27.16
C ILE A 679 -87.90 -15.44 -26.02
N LEU A 680 -87.82 -16.55 -25.30
CA LEU A 680 -88.66 -16.70 -24.12
C LEU A 680 -87.79 -16.64 -22.87
N ALA A 681 -88.38 -16.23 -21.75
CA ALA A 681 -87.66 -16.10 -20.49
C ALA A 681 -88.52 -16.65 -19.38
N GLU A 682 -88.10 -17.76 -18.80
CA GLU A 682 -88.84 -18.44 -17.75
C GLU A 682 -88.25 -18.03 -16.42
N TYR A 683 -89.07 -17.96 -15.37
CA TYR A 683 -88.59 -17.53 -14.08
C TYR A 683 -88.53 -18.70 -13.11
N SER A 684 -87.51 -18.73 -12.27
CA SER A 684 -87.37 -19.82 -11.32
C SER A 684 -88.29 -19.63 -10.12
N GLU A 685 -88.36 -18.42 -9.59
CA GLU A 685 -89.23 -18.14 -8.46
C GLU A 685 -90.69 -18.05 -8.92
N GLU A 686 -91.60 -18.33 -7.99
CA GLU A 686 -93.02 -18.22 -8.31
C GLU A 686 -93.43 -16.75 -8.43
N ASN A 687 -93.20 -15.98 -7.36
CA ASN A 687 -93.52 -14.56 -7.34
C ASN A 687 -92.23 -13.80 -7.01
N GLY A 688 -91.64 -13.18 -8.01
CA GLY A 688 -90.45 -12.40 -7.83
C GLY A 688 -90.73 -11.10 -7.12
N PRO A 689 -89.70 -10.48 -6.55
CA PRO A 689 -89.91 -9.19 -5.88
C PRO A 689 -90.19 -8.07 -6.85
N LEU A 690 -89.66 -8.15 -8.07
CA LEU A 690 -89.92 -7.15 -9.10
C LEU A 690 -90.07 -7.85 -10.43
N MET A 691 -90.89 -7.28 -11.30
CA MET A 691 -91.17 -7.92 -12.57
C MET A 691 -91.59 -6.86 -13.58
N MET A 692 -91.10 -7.01 -14.81
CA MET A 692 -91.30 -6.01 -15.84
C MET A 692 -92.72 -6.03 -16.38
N GLN A 693 -93.25 -4.87 -16.68
CA GLN A 693 -94.51 -4.77 -17.39
C GLN A 693 -94.28 -4.91 -18.88
N VAL A 694 -95.38 -5.02 -19.63
CA VAL A 694 -95.30 -5.14 -21.07
C VAL A 694 -94.92 -3.81 -21.67
N GLY A 695 -93.87 -3.81 -22.49
CA GLY A 695 -93.39 -2.61 -23.14
C GLY A 695 -92.07 -2.11 -22.61
N MET A 696 -91.57 -2.70 -21.53
CA MET A 696 -90.34 -2.25 -20.92
C MET A 696 -89.15 -3.01 -21.48
N ALA A 697 -88.00 -2.36 -21.46
CA ALA A 697 -86.79 -2.90 -22.05
C ALA A 697 -85.87 -3.49 -20.99
N THR A 698 -85.05 -4.43 -21.41
CA THR A 698 -84.00 -5.01 -20.58
C THR A 698 -82.83 -5.36 -21.49
N LYS A 699 -81.66 -5.50 -20.89
CA LYS A 699 -80.45 -5.79 -21.64
C LYS A 699 -79.89 -7.12 -21.20
N ILE A 700 -79.14 -7.77 -22.08
CA ILE A 700 -78.43 -8.99 -21.73
C ILE A 700 -76.94 -8.67 -21.69
N LYS A 701 -76.36 -8.81 -20.50
CA LYS A 701 -74.94 -8.58 -20.27
C LYS A 701 -74.27 -9.91 -19.98
N ASN A 702 -73.19 -10.20 -20.71
CA ASN A 702 -72.43 -11.43 -20.53
C ASN A 702 -71.19 -11.08 -19.72
N TYR A 703 -71.22 -11.36 -18.42
CA TYR A 703 -70.10 -11.08 -17.55
C TYR A 703 -69.07 -12.19 -17.69
N TYR A 704 -67.83 -11.83 -18.02
CA TYR A 704 -66.78 -12.81 -18.28
C TYR A 704 -65.53 -12.45 -17.49
N LYS A 705 -65.19 -13.27 -16.49
CA LYS A 705 -63.95 -13.12 -15.74
C LYS A 705 -62.83 -13.82 -16.48
N ARG A 706 -61.77 -13.07 -16.78
CA ARG A 706 -60.70 -13.66 -17.60
C ARG A 706 -59.99 -14.74 -16.79
N LYS A 707 -59.26 -15.63 -17.45
CA LYS A 707 -58.45 -16.62 -16.69
C LYS A 707 -57.24 -15.91 -16.10
N PRO A 708 -56.57 -16.44 -15.06
CA PRO A 708 -55.37 -15.83 -14.53
C PRO A 708 -54.35 -15.79 -15.68
N GLY A 709 -53.66 -14.66 -15.82
CA GLY A 709 -52.73 -14.53 -16.96
C GLY A 709 -53.41 -14.64 -18.30
N LYS A 710 -52.91 -15.50 -19.18
CA LYS A 710 -53.42 -15.56 -20.58
C LYS A 710 -54.84 -16.15 -20.64
N ASP A 711 -55.71 -15.58 -21.47
CA ASP A 711 -57.07 -16.17 -21.69
C ASP A 711 -57.42 -16.04 -23.18
N PRO A 712 -58.11 -17.03 -23.79
CA PRO A 712 -58.42 -16.97 -25.22
C PRO A 712 -59.34 -15.79 -25.56
N GLY A 713 -60.35 -15.52 -24.73
CA GLY A 713 -61.35 -14.47 -25.01
C GLY A 713 -62.72 -14.96 -24.57
N ALA A 714 -63.71 -14.08 -24.43
CA ALA A 714 -65.01 -14.52 -23.89
C ALA A 714 -65.60 -15.58 -24.81
N PRO A 715 -66.16 -16.68 -24.28
CA PRO A 715 -66.80 -17.63 -25.16
C PRO A 715 -67.85 -16.74 -25.81
N ASP A 716 -67.97 -16.77 -27.13
CA ASP A 716 -68.92 -15.83 -27.77
C ASP A 716 -70.38 -16.30 -27.54
N CYS A 717 -71.33 -15.35 -27.43
CA CYS A 717 -72.74 -15.72 -27.17
C CYS A 717 -73.66 -15.03 -28.18
N LYS A 718 -74.75 -15.68 -28.55
CA LYS A 718 -75.64 -15.15 -29.61
C LYS A 718 -76.28 -13.84 -29.23
N TYR A 719 -76.63 -13.67 -27.95
CA TYR A 719 -77.41 -12.49 -27.51
C TYR A 719 -76.70 -11.74 -26.40
N GLY A 720 -76.79 -10.43 -26.41
CA GLY A 720 -76.22 -9.57 -25.39
C GLY A 720 -74.85 -9.05 -25.79
N GLU A 721 -74.32 -8.18 -24.94
CA GLU A 721 -72.97 -7.67 -25.10
C GLU A 721 -72.10 -8.19 -23.96
N THR A 722 -70.81 -8.38 -24.24
CA THR A 722 -69.91 -8.94 -23.25
C THR A 722 -69.21 -7.83 -22.47
N VAL A 723 -69.06 -8.04 -21.18
CA VAL A 723 -68.34 -7.13 -20.29
C VAL A 723 -67.47 -7.97 -19.37
N TYR A 724 -66.27 -7.47 -19.11
CA TYR A 724 -65.30 -8.22 -18.27
C TYR A 724 -65.44 -7.79 -16.83
N CYS A 725 -65.96 -8.66 -15.96
CA CYS A 725 -66.26 -8.24 -14.56
C CYS A 725 -65.23 -8.73 -13.56
N HIS A 726 -64.36 -7.85 -13.10
CA HIS A 726 -63.43 -8.22 -12.00
C HIS A 726 -64.27 -8.34 -10.73
N THR A 727 -65.17 -7.39 -10.52
CA THR A 727 -66.01 -7.38 -9.30
C THR A 727 -67.35 -8.01 -9.66
N SER A 728 -67.66 -9.14 -9.05
CA SER A 728 -68.88 -9.87 -9.43
C SER A 728 -70.07 -9.00 -9.15
N PRO A 729 -71.02 -8.86 -10.10
CA PRO A 729 -72.22 -8.12 -9.81
C PRO A 729 -73.04 -8.90 -8.79
N PHE A 730 -73.18 -10.20 -8.93
CA PHE A 730 -74.09 -10.97 -8.03
C PHE A 730 -73.45 -11.23 -6.68
N LEU A 731 -74.11 -12.02 -5.81
CA LEU A 731 -73.65 -12.27 -4.46
C LEU A 731 -72.37 -13.11 -4.46
N GLY A 732 -72.36 -14.17 -5.26
CA GLY A 732 -71.15 -14.96 -5.42
C GLY A 732 -70.18 -14.28 -6.37
N SER A 733 -69.04 -14.92 -6.55
CA SER A 733 -68.00 -14.41 -7.42
C SER A 733 -67.77 -15.39 -8.57
N LEU A 734 -67.52 -14.84 -9.76
CA LEU A 734 -67.32 -15.66 -10.95
C LEU A 734 -66.00 -16.42 -10.86
N HIS A 735 -66.00 -17.64 -11.39
CA HIS A 735 -64.78 -18.40 -11.51
C HIS A 735 -63.92 -17.80 -12.62
N PRO A 736 -62.61 -18.06 -12.63
CA PRO A 736 -61.79 -17.63 -13.77
C PRO A 736 -62.17 -18.40 -15.02
N GLY A 737 -62.46 -17.66 -16.09
CA GLY A 737 -62.87 -18.28 -17.34
C GLY A 737 -64.32 -18.66 -17.39
N GLN A 738 -65.16 -18.08 -16.54
CA GLN A 738 -66.58 -18.40 -16.51
C GLN A 738 -67.37 -17.21 -17.03
N LEU A 739 -68.14 -17.43 -18.09
CA LEU A 739 -69.07 -16.45 -18.62
C LEU A 739 -70.47 -16.73 -18.09
N LEU A 740 -71.10 -15.70 -17.54
CA LEU A 740 -72.45 -15.78 -17.03
C LEU A 740 -73.29 -14.68 -17.67
N GLN A 741 -74.34 -15.07 -18.37
CA GLN A 741 -75.27 -14.09 -18.91
C GLN A 741 -76.23 -13.62 -17.83
N ALA A 742 -76.74 -12.40 -18.00
CA ALA A 742 -77.68 -11.86 -17.03
C ALA A 742 -78.58 -10.82 -17.66
N PHE A 743 -79.86 -10.84 -17.26
CA PHE A 743 -80.74 -9.71 -17.51
C PHE A 743 -80.35 -8.55 -16.62
N GLU A 744 -80.13 -7.39 -17.24
CA GLU A 744 -79.79 -6.17 -16.53
C GLU A 744 -80.74 -5.08 -17.00
N ASN A 745 -81.43 -4.47 -16.05
CA ASN A 745 -82.26 -3.30 -16.30
C ASN A 745 -82.25 -2.45 -15.03
N ASN A 746 -83.18 -1.51 -14.94
CA ASN A 746 -83.28 -0.68 -13.75
C ASN A 746 -83.96 -1.39 -12.60
N LEU A 747 -84.73 -2.43 -12.88
CA LEU A 747 -85.52 -3.09 -11.85
C LEU A 747 -84.67 -4.10 -11.07
N PHE A 748 -84.05 -5.03 -11.76
CA PHE A 748 -83.28 -6.06 -11.09
C PHE A 748 -82.04 -6.38 -11.91
N ARG A 749 -81.32 -7.40 -11.47
CA ARG A 749 -80.27 -8.01 -12.28
C ARG A 749 -80.29 -9.49 -11.94
N ALA A 750 -80.44 -10.33 -12.95
CA ALA A 750 -80.65 -11.72 -12.61
C ALA A 750 -79.92 -12.64 -13.58
N PRO A 751 -79.29 -13.70 -13.08
CA PRO A 751 -78.55 -14.61 -13.97
C PRO A 751 -79.50 -15.46 -14.81
N ILE A 752 -79.26 -15.46 -16.11
CA ILE A 752 -80.09 -16.19 -17.05
C ILE A 752 -79.25 -17.28 -17.70
N TYR A 753 -79.92 -18.34 -18.14
CA TYR A 753 -79.25 -19.52 -18.66
C TYR A 753 -79.96 -19.97 -19.92
N LEU A 754 -79.25 -19.98 -21.03
CA LEU A 754 -79.87 -20.30 -22.32
C LEU A 754 -80.09 -21.80 -22.43
N HIS A 755 -81.31 -22.20 -22.70
CA HIS A 755 -81.68 -23.57 -23.01
C HIS A 755 -82.35 -23.59 -24.37
N LYS A 756 -82.22 -24.71 -25.06
CA LYS A 756 -82.96 -24.89 -26.29
C LYS A 756 -84.39 -25.28 -25.98
N MET A 757 -85.29 -24.89 -26.88
CA MET A 757 -86.70 -25.14 -26.69
C MET A 757 -87.00 -26.63 -26.82
N PRO A 758 -88.13 -27.09 -26.27
CA PRO A 758 -88.58 -28.45 -26.57
C PRO A 758 -88.93 -28.58 -28.04
N GLU A 759 -88.88 -29.81 -28.54
CA GLU A 759 -89.13 -30.03 -29.95
C GLU A 759 -90.61 -30.03 -30.30
N THR A 760 -91.49 -29.96 -29.30
CA THR A 760 -92.92 -30.07 -29.52
C THR A 760 -93.66 -28.75 -29.36
N ASP A 761 -93.04 -27.75 -28.75
CA ASP A 761 -93.74 -26.54 -28.36
C ASP A 761 -93.58 -25.45 -29.42
N PHE A 762 -94.71 -24.83 -29.78
CA PHE A 762 -94.78 -23.67 -30.64
C PHE A 762 -95.44 -22.54 -29.87
N LEU A 763 -95.47 -21.34 -30.44
CA LEU A 763 -96.03 -20.19 -29.76
C LEU A 763 -97.20 -19.67 -30.57
N ILE A 764 -98.40 -19.71 -29.98
CA ILE A 764 -99.61 -19.25 -30.64
C ILE A 764 -99.98 -17.89 -30.08
N ILE A 765 -99.98 -16.88 -30.94
CA ILE A 765 -100.40 -15.53 -30.61
C ILE A 765 -101.84 -15.41 -31.08
N ARG A 766 -102.78 -15.35 -30.14
CA ARG A 766 -104.16 -15.14 -30.50
C ARG A 766 -104.53 -13.69 -30.27
N THR A 767 -105.26 -13.13 -31.23
CA THR A 767 -105.88 -11.82 -31.15
C THR A 767 -107.35 -12.01 -31.47
N ARG A 768 -108.05 -10.90 -31.65
CA ARG A 768 -109.48 -10.96 -31.93
C ARG A 768 -109.76 -11.53 -33.31
N GLN A 769 -108.82 -11.37 -34.24
CA GLN A 769 -109.03 -11.74 -35.62
C GLN A 769 -108.67 -13.21 -35.90
N GLY A 770 -107.62 -13.73 -35.30
CA GLY A 770 -107.28 -15.12 -35.54
C GLY A 770 -106.07 -15.54 -34.75
N TYR A 771 -105.67 -16.78 -34.98
CA TYR A 771 -104.49 -17.37 -34.36
C TYR A 771 -103.31 -17.23 -35.30
N TYR A 772 -102.12 -17.04 -34.72
CA TYR A 772 -100.89 -16.94 -35.47
C TYR A 772 -99.86 -17.81 -34.77
N ILE A 773 -98.94 -18.42 -35.52
CA ILE A 773 -98.02 -19.37 -34.93
C ILE A 773 -96.58 -18.98 -35.29
N ARG A 774 -95.72 -18.96 -34.28
CA ARG A 774 -94.28 -18.87 -34.47
C ARG A 774 -93.63 -20.12 -33.90
N GLU A 775 -92.45 -20.45 -34.39
CA GLU A 775 -91.64 -21.37 -33.62
C GLU A 775 -90.75 -20.55 -32.69
N LEU A 776 -90.33 -21.19 -31.61
CA LEU A 776 -89.30 -20.66 -30.74
C LEU A 776 -88.12 -21.61 -30.72
N VAL A 777 -86.92 -21.04 -30.62
CA VAL A 777 -85.71 -21.84 -30.52
C VAL A 777 -84.90 -21.54 -29.27
N ASP A 778 -85.05 -20.36 -28.66
CA ASP A 778 -84.25 -19.95 -27.52
C ASP A 778 -85.14 -19.64 -26.32
N ILE A 779 -84.85 -20.28 -25.20
CA ILE A 779 -85.57 -19.99 -23.96
C ILE A 779 -84.58 -19.90 -22.83
N PHE A 780 -84.60 -18.80 -22.12
CA PHE A 780 -83.70 -18.57 -21.00
C PHE A 780 -84.41 -18.96 -19.72
N VAL A 781 -83.64 -19.43 -18.74
CA VAL A 781 -84.14 -19.64 -17.39
C VAL A 781 -83.50 -18.58 -16.52
N VAL A 782 -84.34 -17.82 -15.82
CA VAL A 782 -83.90 -16.68 -15.05
C VAL A 782 -83.77 -17.13 -13.61
N GLY A 783 -82.58 -16.95 -13.05
CA GLY A 783 -82.35 -17.34 -11.67
C GLY A 783 -82.97 -16.40 -10.67
N GLN A 784 -82.45 -16.43 -9.44
CA GLN A 784 -82.97 -15.56 -8.39
C GLN A 784 -82.57 -14.12 -8.66
N GLN A 785 -83.55 -13.22 -8.64
CA GLN A 785 -83.28 -11.83 -8.97
C GLN A 785 -82.50 -11.13 -7.87
N CYS A 786 -81.62 -10.21 -8.27
CA CYS A 786 -80.96 -9.31 -7.35
C CYS A 786 -81.61 -7.95 -7.52
N PRO A 787 -82.44 -7.52 -6.58
CA PRO A 787 -83.26 -6.31 -6.80
C PRO A 787 -82.44 -5.04 -6.71
N LEU A 788 -82.64 -4.15 -7.68
CA LEU A 788 -81.99 -2.85 -7.70
C LEU A 788 -82.93 -1.72 -7.36
N PHE A 789 -84.23 -1.98 -7.27
CA PHE A 789 -85.22 -0.99 -6.89
C PHE A 789 -85.94 -1.47 -5.64
N GLU A 790 -86.20 -0.56 -4.72
CA GLU A 790 -86.83 -0.92 -3.46
C GLU A 790 -88.34 -0.83 -3.61
N VAL A 791 -89.02 -1.95 -3.43
CA VAL A 791 -90.48 -1.95 -3.38
C VAL A 791 -90.93 -1.24 -2.11
N PRO A 792 -91.84 -0.26 -2.18
CA PRO A 792 -92.31 0.39 -0.96
C PRO A 792 -93.18 -0.54 -0.14
N GLY A 793 -93.36 -0.19 1.11
CA GLY A 793 -94.28 -0.91 1.95
C GLY A 793 -95.69 -0.38 1.80
N PRO A 794 -96.65 -1.11 2.36
CA PRO A 794 -98.03 -0.63 2.34
C PRO A 794 -98.20 0.52 3.34
N ASN A 795 -99.01 1.50 2.93
CA ASN A 795 -99.21 2.78 3.63
C ASN A 795 -97.93 3.56 3.86
N SER A 796 -96.89 3.32 3.07
CA SER A 796 -95.66 4.06 3.23
C SER A 796 -95.81 5.47 2.68
N LYS A 797 -94.80 6.31 2.91
CA LYS A 797 -94.84 7.65 2.33
C LYS A 797 -94.57 7.58 0.83
N ARG A 798 -93.64 6.72 0.43
CA ARG A 798 -93.35 6.51 -1.00
C ARG A 798 -94.54 5.87 -1.71
N ALA A 799 -95.30 5.01 -1.02
CA ALA A 799 -96.47 4.39 -1.61
C ALA A 799 -97.56 5.42 -1.89
N ASN A 800 -97.91 6.23 -0.89
CA ASN A 800 -98.94 7.26 -1.08
C ASN A 800 -98.49 8.33 -2.06
N THR A 801 -97.19 8.64 -2.09
CA THR A 801 -96.66 9.58 -3.07
C THR A 801 -96.80 9.03 -4.48
N HIS A 802 -96.57 7.73 -4.67
CA HIS A 802 -96.73 7.15 -6.01
C HIS A 802 -98.19 7.13 -6.44
N ILE A 803 -99.10 6.81 -5.52
CA ILE A 803 -100.53 6.82 -5.85
C ILE A 803 -100.99 8.22 -6.27
N ARG A 804 -100.57 9.25 -5.51
CA ARG A 804 -100.95 10.62 -5.82
C ARG A 804 -100.34 11.08 -7.15
N ASP A 805 -99.07 10.73 -7.41
CA ASP A 805 -98.42 11.15 -8.65
C ASP A 805 -98.98 10.43 -9.86
N PHE A 806 -99.35 9.15 -9.71
CA PHE A 806 -99.97 8.40 -10.79
C PHE A 806 -101.33 8.98 -11.16
N LEU A 807 -102.12 9.33 -10.14
CA LEU A 807 -103.42 9.96 -10.40
C LEU A 807 -103.25 11.32 -11.06
N GLN A 808 -102.22 12.08 -10.67
CA GLN A 808 -101.99 13.38 -11.27
C GLN A 808 -101.55 13.26 -12.73
N VAL A 809 -100.71 12.26 -13.02
CA VAL A 809 -100.26 12.05 -14.39
C VAL A 809 -101.41 11.62 -15.29
N PHE A 810 -102.29 10.76 -14.78
CA PHE A 810 -103.48 10.36 -15.53
C PHE A 810 -104.41 11.55 -15.79
N ILE A 811 -104.53 12.45 -14.81
CA ILE A 811 -105.38 13.63 -14.98
C ILE A 811 -104.80 14.59 -16.02
N TYR A 812 -103.47 14.77 -16.00
CA TYR A 812 -102.82 15.63 -16.99
C TYR A 812 -102.95 15.05 -18.39
N ARG A 813 -102.82 13.73 -18.52
CA ARG A 813 -102.94 13.13 -19.85
C ARG A 813 -104.37 13.10 -20.34
N LEU A 814 -105.36 13.11 -19.43
CA LEU A 814 -106.73 13.30 -19.88
C LEU A 814 -106.98 14.74 -20.31
N PHE A 815 -106.30 15.70 -19.69
CA PHE A 815 -106.45 17.08 -20.12
C PHE A 815 -105.78 17.31 -21.47
N TRP A 816 -104.67 16.61 -21.73
CA TRP A 816 -104.00 16.74 -23.02
C TRP A 816 -104.83 16.13 -24.14
N LYS A 817 -105.55 15.05 -23.85
CA LYS A 817 -106.38 14.38 -24.84
C LYS A 817 -107.67 15.12 -25.15
N SER A 818 -108.01 16.14 -24.37
CA SER A 818 -109.28 16.84 -24.55
C SER A 818 -109.21 17.75 -25.77
N LYS A 819 -110.26 17.71 -26.60
CA LYS A 819 -110.22 18.49 -27.87
C LYS A 819 -110.85 19.86 -27.67
N ASP A 820 -111.60 20.04 -26.59
CA ASP A 820 -112.31 21.32 -26.34
C ASP A 820 -111.27 22.43 -26.14
N ARG A 821 -111.52 23.62 -26.72
CA ARG A 821 -110.54 24.73 -26.67
C ARG A 821 -110.27 25.24 -25.24
N PRO A 822 -111.25 25.36 -24.32
CA PRO A 822 -110.94 25.32 -22.90
C PRO A 822 -110.89 23.83 -22.57
N ARG A 823 -109.70 23.29 -22.28
CA ARG A 823 -109.56 21.84 -22.05
C ARG A 823 -110.45 21.44 -20.87
N ARG A 824 -111.26 20.40 -21.05
CA ARG A 824 -112.21 19.99 -20.02
C ARG A 824 -112.29 18.49 -19.99
N ILE A 825 -112.44 17.95 -18.78
CA ILE A 825 -112.55 16.50 -18.56
C ILE A 825 -113.82 16.24 -17.76
N ARG A 826 -114.16 14.96 -17.64
CA ARG A 826 -115.28 14.52 -16.82
C ARG A 826 -114.74 13.74 -15.62
N MET A 827 -115.47 13.83 -14.52
CA MET A 827 -115.02 13.20 -13.28
C MET A 827 -115.16 11.68 -13.33
N GLU A 828 -116.24 11.19 -13.94
CA GLU A 828 -116.45 9.75 -13.95
C GLU A 828 -115.57 8.99 -14.94
N ASP A 829 -114.81 9.68 -15.80
CA ASP A 829 -113.69 9.01 -16.46
C ASP A 829 -112.61 8.63 -15.45
N ILE A 830 -112.28 9.56 -14.55
CA ILE A 830 -111.31 9.27 -13.51
C ILE A 830 -111.87 8.29 -12.50
N LYS A 831 -113.18 8.31 -12.28
CA LYS A 831 -113.79 7.34 -11.38
C LYS A 831 -113.86 5.95 -12.01
N LYS A 832 -113.89 5.88 -13.34
CA LYS A 832 -113.77 4.59 -14.00
C LYS A 832 -112.35 4.06 -13.95
N ALA A 833 -111.36 4.95 -14.03
CA ALA A 833 -109.97 4.49 -14.00
C ALA A 833 -109.54 4.09 -12.60
N PHE A 834 -109.81 4.93 -11.61
CA PHE A 834 -109.45 4.70 -10.23
C PHE A 834 -110.71 4.54 -9.39
N PRO A 835 -111.34 3.36 -9.36
CA PRO A 835 -112.60 3.25 -8.62
C PRO A 835 -112.44 3.00 -7.14
N SER A 836 -111.25 2.61 -6.69
CA SER A 836 -111.02 2.45 -5.26
C SER A 836 -110.74 3.77 -4.57
N HIS A 837 -110.44 4.82 -5.34
CA HIS A 837 -110.15 6.11 -4.76
C HIS A 837 -111.42 6.75 -4.24
N SER A 838 -111.35 7.31 -3.04
CA SER A 838 -112.38 8.21 -2.58
C SER A 838 -112.36 9.45 -3.44
N GLU A 839 -113.54 10.01 -3.71
CA GLU A 839 -113.63 11.16 -4.61
C GLU A 839 -113.08 12.44 -3.99
N SER A 840 -112.82 12.45 -2.69
CA SER A 840 -112.14 13.58 -2.06
C SER A 840 -110.70 13.70 -2.55
N SER A 841 -110.04 12.57 -2.79
CA SER A 841 -108.65 12.61 -3.26
C SER A 841 -108.59 13.06 -4.71
N ILE A 842 -109.53 12.60 -5.54
CA ILE A 842 -109.60 13.03 -6.92
C ILE A 842 -109.93 14.51 -7.02
N ARG A 843 -110.84 15.00 -6.17
CA ARG A 843 -111.13 16.42 -6.15
C ARG A 843 -109.97 17.24 -5.59
N LYS A 844 -109.15 16.63 -4.73
CA LYS A 844 -107.93 17.30 -4.27
C LYS A 844 -106.94 17.45 -5.40
N ARG A 845 -106.85 16.44 -6.28
CA ARG A 845 -105.94 16.57 -7.41
C ARG A 845 -106.47 17.56 -8.45
N LEU A 846 -107.79 17.65 -8.59
CA LEU A 846 -108.38 18.57 -9.54
C LEU A 846 -108.57 19.97 -8.99
N LYS A 847 -108.34 20.19 -7.69
CA LYS A 847 -108.61 21.49 -7.08
C LYS A 847 -107.68 22.56 -7.62
N LEU A 848 -106.39 22.39 -7.41
CA LEU A 848 -105.44 23.04 -8.28
C LEU A 848 -105.52 22.39 -9.65
N CYS A 849 -105.38 23.21 -10.70
CA CYS A 849 -105.36 22.97 -12.16
C CYS A 849 -106.72 22.82 -12.82
N ALA A 850 -107.84 22.87 -12.10
CA ALA A 850 -109.14 22.75 -12.75
C ALA A 850 -110.20 23.39 -11.87
N ASP A 851 -111.34 23.68 -12.48
CA ASP A 851 -112.51 24.12 -11.72
C ASP A 851 -113.77 23.56 -12.35
N PHE A 852 -114.78 23.39 -11.50
CA PHE A 852 -116.02 22.74 -11.89
C PHE A 852 -117.01 23.79 -12.37
N LYS A 853 -117.55 23.59 -13.57
CA LYS A 853 -118.60 24.46 -14.08
C LYS A 853 -119.94 23.77 -13.92
N ARG A 854 -120.83 24.37 -13.15
CA ARG A 854 -122.14 23.79 -12.91
C ARG A 854 -123.17 24.22 -13.94
N THR A 855 -123.16 25.49 -14.34
CA THR A 855 -124.20 26.04 -15.19
C THR A 855 -123.59 26.65 -16.44
N GLY A 856 -124.47 26.94 -17.41
CA GLY A 856 -124.05 27.53 -18.65
C GLY A 856 -123.33 26.54 -19.54
N MET A 857 -122.40 27.06 -20.33
CA MET A 857 -121.54 26.21 -21.13
C MET A 857 -120.56 25.47 -20.23
N ASP A 858 -120.05 24.33 -20.73
CA ASP A 858 -119.12 23.44 -20.04
C ASP A 858 -119.70 22.90 -18.74
N SER A 859 -121.01 22.76 -18.67
CA SER A 859 -121.67 22.38 -17.43
C SER A 859 -121.41 20.91 -17.13
N ASN A 860 -121.17 20.63 -15.84
CA ASN A 860 -120.75 19.32 -15.30
C ASN A 860 -119.42 18.87 -15.90
N TRP A 861 -118.55 19.81 -16.26
CA TRP A 861 -117.21 19.53 -16.69
C TRP A 861 -116.21 20.22 -15.78
N TRP A 862 -115.01 19.66 -15.71
CA TRP A 862 -113.90 20.24 -14.96
C TRP A 862 -112.98 20.91 -15.98
N VAL A 863 -113.19 22.20 -16.20
CA VAL A 863 -112.38 22.90 -17.17
C VAL A 863 -111.02 23.22 -16.58
N LEU A 864 -110.03 23.35 -17.45
CA LEU A 864 -108.69 23.72 -17.02
C LEU A 864 -108.63 25.21 -16.74
N LYS A 865 -107.92 25.57 -15.67
CA LYS A 865 -107.77 26.98 -15.31
C LYS A 865 -106.94 27.70 -16.36
N SER A 866 -107.32 28.94 -16.64
CA SER A 866 -106.69 29.69 -17.74
C SER A 866 -105.27 30.11 -17.42
N ASP A 867 -104.96 30.30 -16.14
CA ASP A 867 -103.60 30.64 -15.75
C ASP A 867 -102.71 29.42 -15.63
N PHE A 868 -103.28 28.23 -15.58
CA PHE A 868 -102.50 27.02 -15.37
C PHE A 868 -101.85 26.60 -16.68
N ARG A 869 -100.53 26.49 -16.69
CA ARG A 869 -99.82 25.91 -17.82
C ARG A 869 -99.80 24.40 -17.64
N LEU A 870 -100.45 23.70 -18.56
CA LEU A 870 -100.41 22.25 -18.56
C LEU A 870 -98.99 21.78 -18.84
N PRO A 871 -98.45 20.85 -18.06
CA PRO A 871 -97.05 20.46 -18.23
C PRO A 871 -96.80 19.76 -19.55
N THR A 872 -95.59 19.93 -20.07
CA THR A 872 -95.19 19.33 -21.33
C THR A 872 -95.02 17.82 -21.16
N GLU A 873 -94.71 17.14 -22.27
CA GLU A 873 -94.64 15.69 -22.26
C GLU A 873 -93.45 15.20 -21.43
N GLU A 874 -92.33 15.89 -21.50
CA GLU A 874 -91.16 15.46 -20.74
C GLU A 874 -91.31 15.72 -19.24
N GLU A 875 -92.07 16.75 -18.85
CA GLU A 875 -92.33 16.96 -17.42
C GLU A 875 -93.25 15.87 -16.86
N ILE A 876 -94.27 15.49 -17.63
CA ILE A 876 -95.16 14.39 -17.23
C ILE A 876 -94.39 13.08 -17.17
N ARG A 877 -93.44 12.89 -18.07
CA ARG A 877 -92.58 11.71 -17.99
C ARG A 877 -91.65 11.76 -16.79
N ALA A 878 -91.22 12.95 -16.40
CA ALA A 878 -90.37 13.08 -15.22
C ALA A 878 -91.14 12.96 -13.92
N MET A 879 -92.47 13.03 -13.96
CA MET A 879 -93.27 12.87 -12.74
C MET A 879 -93.21 11.44 -12.22
N VAL A 880 -93.68 10.48 -13.00
CA VAL A 880 -93.66 9.07 -12.64
C VAL A 880 -92.86 8.29 -13.67
N SER A 881 -91.99 7.42 -13.21
CA SER A 881 -91.16 6.43 -13.87
C SER A 881 -91.88 5.09 -13.95
N PRO A 882 -91.61 4.29 -14.99
CA PRO A 882 -92.29 2.98 -15.08
C PRO A 882 -91.83 1.99 -14.03
N GLU A 883 -90.59 2.09 -13.55
CA GLU A 883 -90.10 1.18 -12.53
C GLU A 883 -90.79 1.42 -11.19
N GLN A 884 -91.18 2.67 -10.91
CA GLN A 884 -91.97 2.94 -9.72
C GLN A 884 -93.34 2.29 -9.81
N CYS A 885 -93.92 2.25 -11.03
CA CYS A 885 -95.18 1.55 -11.21
C CYS A 885 -95.03 0.05 -11.03
N CYS A 886 -93.91 -0.52 -11.48
CA CYS A 886 -93.68 -1.95 -11.25
C CYS A 886 -93.47 -2.26 -9.78
N ALA A 887 -92.79 -1.38 -9.04
CA ALA A 887 -92.62 -1.57 -7.61
C ALA A 887 -93.96 -1.45 -6.87
N TYR A 888 -94.82 -0.54 -7.30
CA TYR A 888 -96.14 -0.42 -6.69
C TYR A 888 -97.01 -1.64 -6.99
N TYR A 889 -96.90 -2.18 -8.21
CA TYR A 889 -97.69 -3.35 -8.55
C TYR A 889 -97.21 -4.57 -7.79
N SER A 890 -95.90 -4.68 -7.56
CA SER A 890 -95.37 -5.75 -6.73
C SER A 890 -95.86 -5.63 -5.30
N MET A 891 -95.92 -4.40 -4.76
CA MET A 891 -96.41 -4.19 -3.41
C MET A 891 -97.87 -4.58 -3.27
N ILE A 892 -98.71 -4.16 -4.22
CA ILE A 892 -100.13 -4.44 -4.04
C ILE A 892 -100.46 -5.91 -4.32
N ALA A 893 -99.70 -6.57 -5.20
CA ALA A 893 -99.88 -8.00 -5.42
C ALA A 893 -99.46 -8.79 -4.19
N ALA A 894 -98.37 -8.38 -3.54
CA ALA A 894 -97.94 -9.07 -2.33
C ALA A 894 -98.87 -8.81 -1.16
N GLU A 895 -99.41 -7.59 -1.09
CA GLU A 895 -100.47 -7.26 -0.14
C GLU A 895 -101.65 -8.20 -0.30
N GLN A 896 -102.08 -8.46 -1.53
CA GLN A 896 -103.23 -9.37 -1.77
C GLN A 896 -102.87 -10.79 -1.33
N ARG A 897 -101.69 -11.29 -1.72
CA ARG A 897 -101.31 -12.69 -1.41
C ARG A 897 -101.22 -12.87 0.11
N LEU A 898 -100.59 -11.91 0.81
CA LEU A 898 -100.50 -11.98 2.29
C LEU A 898 -101.90 -11.89 2.89
N LYS A 899 -102.74 -10.99 2.37
CA LYS A 899 -104.10 -10.79 2.93
C LYS A 899 -104.89 -12.09 2.77
N ASP A 900 -104.80 -12.73 1.61
CA ASP A 900 -105.52 -13.99 1.35
C ASP A 900 -105.00 -15.08 2.31
N ALA A 901 -103.69 -15.15 2.49
CA ALA A 901 -103.11 -16.15 3.43
C ALA A 901 -103.09 -15.57 4.85
N GLY A 902 -104.26 -15.36 5.46
CA GLY A 902 -104.33 -14.81 6.82
C GLY A 902 -103.51 -13.54 6.99
N ASP A 924 -95.20 -14.30 11.03
CA ASP A 924 -94.28 -13.19 10.65
C ASP A 924 -93.31 -13.69 9.57
N ASP A 925 -93.21 -15.00 9.40
CA ASP A 925 -92.27 -15.56 8.39
C ASP A 925 -92.70 -15.09 7.00
N GLU A 926 -94.00 -15.15 6.71
CA GLU A 926 -94.52 -14.72 5.38
C GLU A 926 -94.25 -13.22 5.20
N VAL A 927 -94.42 -12.44 6.27
CA VAL A 927 -94.21 -10.96 6.20
C VAL A 927 -92.75 -10.68 5.85
N ARG A 928 -91.81 -11.48 6.35
CA ARG A 928 -90.37 -11.31 5.99
C ARG A 928 -90.19 -11.54 4.49
N THR A 929 -90.95 -12.48 3.90
CA THR A 929 -90.82 -12.80 2.46
C THR A 929 -91.53 -11.76 1.60
N ALA A 930 -92.08 -10.71 2.20
CA ALA A 930 -92.73 -9.66 1.42
C ALA A 930 -91.67 -8.80 0.73
N PRO A 931 -91.92 -8.36 -0.50
CA PRO A 931 -90.86 -7.73 -1.30
C PRO A 931 -90.37 -6.41 -0.78
N TRP A 932 -91.12 -5.69 0.07
CA TRP A 932 -90.55 -4.47 0.62
C TRP A 932 -89.44 -4.79 1.60
N ASN A 933 -89.64 -5.83 2.41
CA ASN A 933 -88.62 -6.29 3.35
C ASN A 933 -87.40 -6.86 2.61
N THR A 934 -87.63 -7.70 1.61
CA THR A 934 -86.51 -8.35 0.94
C THR A 934 -85.74 -7.37 0.06
N THR A 935 -86.43 -6.43 -0.57
CA THR A 935 -85.72 -5.43 -1.37
C THR A 935 -84.93 -4.47 -0.50
N ARG A 936 -85.48 -4.07 0.65
CA ARG A 936 -84.73 -3.25 1.59
C ARG A 936 -83.51 -3.99 2.11
N ALA A 937 -83.66 -5.29 2.40
CA ALA A 937 -82.56 -6.10 2.90
C ALA A 937 -81.45 -6.23 1.87
N PHE A 938 -81.80 -6.48 0.62
CA PHE A 938 -80.77 -6.67 -0.39
C PHE A 938 -80.06 -5.38 -0.73
N ILE A 939 -80.79 -4.27 -0.83
CA ILE A 939 -80.14 -3.01 -1.18
C ILE A 939 -79.27 -2.53 -0.03
N ALA A 940 -79.70 -2.76 1.22
CA ALA A 940 -78.87 -2.45 2.38
C ALA A 940 -77.62 -3.34 2.44
N ALA A 941 -77.75 -4.60 2.04
CA ALA A 941 -76.57 -5.46 1.97
C ALA A 941 -75.61 -5.03 0.89
N MET A 942 -76.12 -4.46 -0.20
CA MET A 942 -75.23 -4.01 -1.25
C MET A 942 -74.51 -2.73 -0.87
N LYS A 943 -75.12 -1.86 -0.02
CA LYS A 943 -74.30 -0.75 0.44
C LYS A 943 -73.31 -1.16 1.54
N GLY A 944 -73.46 -2.35 2.12
CA GLY A 944 -72.64 -2.77 3.22
C GLY A 944 -73.16 -2.40 4.59
N LYS A 945 -74.39 -1.88 4.68
CA LYS A 945 -75.07 -1.65 5.96
C LYS A 945 -75.10 -2.91 6.82
N CYS A 946 -75.59 -4.01 6.26
CA CYS A 946 -75.88 -5.19 7.05
C CYS A 946 -75.63 -6.42 6.20
N LEU A 947 -75.71 -7.58 6.84
CA LEU A 947 -75.56 -8.84 6.14
C LEU A 947 -76.90 -9.57 6.09
N LEU A 948 -76.96 -10.58 5.24
CA LEU A 948 -78.18 -11.37 5.06
C LEU A 948 -77.90 -12.81 5.44
N GLU A 949 -78.83 -13.42 6.16
CA GLU A 949 -78.78 -14.86 6.32
C GLU A 949 -79.16 -15.51 5.00
N VAL A 950 -78.20 -16.21 4.38
CA VAL A 950 -78.46 -16.75 3.06
C VAL A 950 -79.26 -18.03 3.10
N THR A 951 -79.36 -18.67 4.25
CA THR A 951 -80.31 -19.75 4.47
C THR A 951 -81.37 -19.29 5.48
N GLY A 952 -82.62 -19.36 5.07
CA GLY A 952 -83.69 -18.86 5.90
C GLY A 952 -85.03 -19.25 5.35
N VAL A 953 -86.04 -18.44 5.67
CA VAL A 953 -87.40 -18.71 5.20
C VAL A 953 -87.81 -17.81 4.05
N ALA A 954 -87.05 -16.75 3.77
CA ALA A 954 -87.34 -15.90 2.62
C ALA A 954 -86.86 -16.50 1.30
N ASP A 955 -86.19 -17.65 1.36
CA ASP A 955 -85.73 -18.51 0.28
C ASP A 955 -86.89 -18.85 -0.66
N PRO A 956 -86.89 -18.38 -1.91
CA PRO A 956 -88.04 -18.63 -2.79
C PRO A 956 -88.11 -20.04 -3.31
N THR A 957 -87.06 -20.84 -3.16
CA THR A 957 -87.09 -22.23 -3.58
C THR A 957 -87.83 -23.10 -2.57
N GLY A 958 -87.59 -22.88 -1.29
CA GLY A 958 -88.08 -23.78 -0.27
C GLY A 958 -87.13 -24.91 0.04
N CYS A 959 -86.00 -24.99 -0.66
CA CYS A 959 -84.92 -25.92 -0.36
C CYS A 959 -83.62 -25.14 -0.23
N GLY A 960 -82.49 -25.85 -0.22
CA GLY A 960 -81.20 -25.19 -0.04
C GLY A 960 -80.76 -24.33 -1.20
N GLU A 961 -81.33 -24.50 -2.38
CA GLU A 961 -81.00 -23.66 -3.51
C GLU A 961 -81.60 -22.28 -3.35
N GLY A 962 -80.90 -21.27 -3.84
CA GLY A 962 -81.39 -19.90 -3.75
C GLY A 962 -81.08 -19.25 -2.42
N PHE A 963 -81.12 -17.92 -2.42
CA PHE A 963 -80.78 -17.10 -1.26
C PHE A 963 -82.04 -16.68 -0.53
N SER A 964 -81.85 -16.11 0.66
CA SER A 964 -82.92 -15.44 1.39
C SER A 964 -82.45 -14.04 1.74
N TYR A 965 -83.22 -13.03 1.36
CA TYR A 965 -82.82 -11.65 1.57
C TYR A 965 -83.57 -11.09 2.78
N VAL A 966 -83.06 -11.41 3.97
CA VAL A 966 -83.55 -10.80 5.19
C VAL A 966 -82.34 -10.39 6.03
N LYS A 967 -82.47 -9.23 6.69
CA LYS A 967 -81.33 -8.58 7.32
C LYS A 967 -80.87 -9.32 8.56
N ILE A 968 -79.55 -9.45 8.69
CA ILE A 968 -78.94 -9.92 9.92
C ILE A 968 -77.96 -8.81 10.30
N PRO A 969 -77.67 -8.59 11.58
CA PRO A 969 -76.63 -7.60 11.92
C PRO A 969 -75.27 -8.11 11.49
N ASN A 970 -74.41 -7.13 11.21
CA ASN A 970 -73.02 -7.46 10.87
C ASN A 970 -72.22 -7.86 12.14
N LYS A 971 -72.90 -8.03 13.28
CA LYS A 971 -72.24 -8.46 14.54
C LYS A 971 -73.07 -9.53 15.25
N ASP A 992 -55.80 -18.94 30.11
CA ASP A 992 -54.53 -18.21 29.90
C ASP A 992 -53.69 -18.26 31.19
N ALA A 993 -54.34 -18.44 32.34
CA ALA A 993 -53.64 -18.51 33.62
C ALA A 993 -52.73 -19.74 33.70
N ASP A 994 -53.31 -20.93 33.47
CA ASP A 994 -52.56 -22.17 33.61
C ASP A 994 -51.51 -22.31 32.50
N LEU A 995 -51.77 -21.71 31.33
CA LEU A 995 -50.79 -21.70 30.26
C LEU A 995 -49.55 -20.91 30.66
N ARG A 996 -49.74 -19.86 31.45
CA ARG A 996 -48.58 -19.09 31.99
C ARG A 996 -47.97 -19.91 33.12
N ARG A 997 -48.80 -20.70 33.83
CA ARG A 997 -48.29 -21.55 34.93
C ARG A 997 -47.66 -22.84 34.38
N LEU A 998 -47.55 -22.98 33.06
CA LEU A 998 -46.88 -24.16 32.46
C LEU A 998 -45.37 -24.22 32.72
N SER A 999 -44.74 -23.10 33.10
CA SER A 999 -43.32 -23.01 33.48
C SER A 999 -42.35 -23.45 32.39
N LEU A 1000 -42.19 -22.58 31.37
CA LEU A 1000 -41.57 -22.81 30.04
C LEU A 1000 -41.35 -24.26 29.58
N LYS A 1001 -40.72 -25.11 30.41
CA LYS A 1001 -40.27 -26.45 29.97
C LYS A 1001 -41.43 -27.35 29.54
N ASN A 1002 -42.50 -27.38 30.34
CA ASN A 1002 -43.65 -28.20 29.97
C ASN A 1002 -44.40 -27.61 28.77
N ALA A 1003 -44.35 -26.29 28.59
CA ALA A 1003 -44.93 -25.67 27.40
C ALA A 1003 -44.13 -26.05 26.14
N LYS A 1004 -42.80 -26.13 26.28
CA LYS A 1004 -41.94 -26.65 25.21
C LYS A 1004 -42.33 -28.07 24.81
N GLN A 1005 -42.54 -28.94 25.81
CA GLN A 1005 -42.97 -30.30 25.52
C GLN A 1005 -44.37 -30.34 24.91
N LEU A 1006 -45.26 -29.43 25.30
CA LEU A 1006 -46.60 -29.37 24.71
C LEU A 1006 -46.54 -28.91 23.26
N LEU A 1007 -45.71 -27.90 22.96
CA LEU A 1007 -45.52 -27.47 21.57
C LEU A 1007 -44.93 -28.58 20.71
N ARG A 1008 -44.04 -29.39 21.30
CA ARG A 1008 -43.55 -30.58 20.60
C ARG A 1008 -44.67 -31.58 20.36
N LYS A 1009 -45.60 -31.72 21.32
CA LYS A 1009 -46.69 -32.68 21.19
C LYS A 1009 -47.70 -32.25 20.12
N PHE A 1010 -48.02 -30.96 20.03
CA PHE A 1010 -49.00 -30.49 19.04
C PHE A 1010 -48.48 -30.57 17.61
N GLY A 1011 -47.18 -30.61 17.41
CA GLY A 1011 -46.62 -30.55 16.07
C GLY A 1011 -46.22 -29.16 15.60
N VAL A 1012 -46.01 -28.24 16.55
CA VAL A 1012 -45.48 -26.90 16.24
C VAL A 1012 -44.06 -27.05 15.68
N PRO A 1013 -43.69 -26.32 14.62
CA PRO A 1013 -42.34 -26.43 14.05
C PRO A 1013 -41.24 -26.02 15.03
N GLU A 1014 -40.06 -26.63 14.84
CA GLU A 1014 -38.96 -26.53 15.78
C GLU A 1014 -38.36 -25.14 15.92
N GLU A 1015 -38.64 -24.23 15.00
CA GLU A 1015 -38.16 -22.85 15.12
C GLU A 1015 -38.80 -22.14 16.30
N GLU A 1016 -40.13 -22.25 16.43
CA GLU A 1016 -40.85 -21.63 17.53
C GLU A 1016 -40.51 -22.28 18.86
N ILE A 1017 -40.33 -23.60 18.86
CA ILE A 1017 -39.83 -24.30 20.04
C ILE A 1017 -38.41 -23.86 20.37
N LYS A 1018 -37.64 -23.50 19.34
CA LYS A 1018 -36.21 -23.24 19.50
C LYS A 1018 -35.95 -21.85 20.09
N LYS A 1019 -36.67 -20.83 19.63
CA LYS A 1019 -36.48 -19.51 20.29
C LYS A 1019 -36.62 -19.76 21.80
N LEU A 1020 -37.38 -20.79 22.18
CA LEU A 1020 -37.52 -21.18 23.61
C LEU A 1020 -37.89 -19.96 24.45
N SER A 1021 -38.80 -19.14 23.91
CA SER A 1021 -39.22 -17.90 24.62
C SER A 1021 -40.61 -18.14 25.18
N ARG A 1022 -40.77 -18.14 26.51
CA ARG A 1022 -42.09 -18.39 27.15
C ARG A 1022 -43.13 -17.46 26.54
N TRP A 1023 -42.83 -16.17 26.48
CA TRP A 1023 -43.79 -15.16 26.00
C TRP A 1023 -44.33 -15.55 24.62
N GLU A 1024 -43.44 -15.85 23.66
CA GLU A 1024 -43.85 -16.29 22.30
C GLU A 1024 -44.50 -17.68 22.38
N VAL A 1025 -43.91 -18.58 23.17
CA VAL A 1025 -44.41 -20.00 23.22
C VAL A 1025 -45.84 -20.03 23.75
N ILE A 1026 -46.14 -19.29 24.83
CA ILE A 1026 -47.51 -19.37 25.43
C ILE A 1026 -48.55 -18.77 24.48
N ASP A 1027 -48.21 -17.68 23.81
CA ASP A 1027 -49.17 -17.06 22.84
C ASP A 1027 -49.43 -18.08 21.73
N VAL A 1028 -48.38 -18.73 21.22
CA VAL A 1028 -48.54 -19.75 20.15
C VAL A 1028 -49.35 -20.94 20.69
N VAL A 1029 -49.06 -21.41 21.90
CA VAL A 1029 -49.76 -22.60 22.46
C VAL A 1029 -51.24 -22.28 22.66
N ARG A 1030 -51.57 -21.05 23.09
CA ARG A 1030 -52.99 -20.64 23.29
C ARG A 1030 -53.68 -20.60 21.92
N THR A 1031 -52.99 -20.11 20.90
CA THR A 1031 -53.55 -20.10 19.52
C THR A 1031 -53.71 -21.54 19.03
N MET A 1032 -52.71 -22.39 19.30
CA MET A 1032 -52.77 -23.82 18.86
C MET A 1032 -53.95 -24.52 19.54
N SER A 1033 -54.14 -24.26 20.84
CA SER A 1033 -55.29 -24.88 21.58
C SER A 1033 -56.61 -24.39 20.98
N THR A 1034 -56.68 -23.10 20.64
CA THR A 1034 -57.92 -22.54 20.03
C THR A 1034 -58.17 -23.22 18.68
N GLU A 1035 -57.11 -23.43 17.90
CA GLU A 1035 -57.25 -24.13 16.58
C GLU A 1035 -57.70 -25.57 16.83
N ARG A 1052 -63.14 -15.42 19.68
CA ARG A 1052 -64.50 -14.86 19.82
C ARG A 1052 -64.71 -13.82 18.71
N PHE A 1053 -64.39 -14.19 17.46
CA PHE A 1053 -64.43 -13.16 16.38
C PHE A 1053 -65.84 -12.60 16.20
N SER A 1054 -65.95 -11.27 16.14
CA SER A 1054 -67.25 -10.64 15.84
C SER A 1054 -67.15 -9.90 14.50
N VAL A 1055 -66.01 -10.03 13.77
CA VAL A 1055 -65.79 -9.21 12.55
C VAL A 1055 -65.42 -10.04 11.31
N ALA A 1056 -64.17 -10.54 11.18
CA ALA A 1056 -63.80 -11.21 9.93
C ALA A 1056 -64.55 -12.53 9.92
N GLU A 1057 -64.74 -13.21 11.05
CA GLU A 1057 -65.37 -14.54 10.99
C GLU A 1057 -66.76 -14.42 10.37
N HIS A 1058 -67.60 -13.53 10.88
CA HIS A 1058 -68.99 -13.42 10.36
C HIS A 1058 -68.91 -12.99 8.91
N GLN A 1059 -68.07 -12.00 8.61
CA GLN A 1059 -68.11 -11.52 7.21
C GLN A 1059 -67.69 -12.64 6.25
N GLU A 1060 -66.62 -13.38 6.55
CA GLU A 1060 -66.10 -14.43 5.63
C GLU A 1060 -67.10 -15.56 5.54
N ARG A 1061 -67.73 -15.89 6.65
CA ARG A 1061 -68.71 -16.99 6.64
C ARG A 1061 -69.84 -16.61 5.69
N TYR A 1062 -70.33 -15.37 5.81
CA TYR A 1062 -71.44 -14.95 4.94
C TYR A 1062 -70.95 -15.00 3.49
N LYS A 1063 -69.73 -14.53 3.24
CA LYS A 1063 -69.23 -14.48 1.85
C LYS A 1063 -69.16 -15.90 1.28
N GLU A 1064 -68.63 -16.84 2.04
CA GLU A 1064 -68.46 -18.18 1.45
C GLU A 1064 -69.83 -18.80 1.27
N GLU A 1065 -70.76 -18.58 2.18
CA GLU A 1065 -72.08 -19.21 1.94
C GLU A 1065 -72.67 -18.61 0.68
N CYS A 1066 -72.46 -17.31 0.46
CA CYS A 1066 -72.93 -16.67 -0.78
C CYS A 1066 -72.28 -17.33 -1.99
N GLN A 1067 -70.95 -17.53 -2.01
CA GLN A 1067 -70.39 -18.16 -3.24
C GLN A 1067 -70.92 -19.58 -3.39
N ARG A 1068 -71.06 -20.29 -2.29
CA ARG A 1068 -71.54 -21.65 -2.47
C ARG A 1068 -72.94 -21.62 -3.08
N ILE A 1069 -73.85 -20.80 -2.57
CA ILE A 1069 -75.25 -20.86 -3.10
C ILE A 1069 -75.22 -20.39 -4.55
N PHE A 1070 -74.43 -19.38 -4.86
CA PHE A 1070 -74.47 -18.86 -6.24
C PHE A 1070 -74.06 -20.03 -7.14
N ASP A 1071 -72.96 -20.73 -6.78
CA ASP A 1071 -72.45 -21.84 -7.62
C ASP A 1071 -73.38 -23.06 -7.67
N LEU A 1072 -74.15 -23.34 -6.60
CA LEU A 1072 -75.11 -24.47 -6.68
C LEU A 1072 -76.22 -24.06 -7.63
N GLN A 1073 -76.72 -22.83 -7.53
CA GLN A 1073 -77.85 -22.43 -8.40
C GLN A 1073 -77.38 -22.44 -9.84
N ASN A 1074 -76.18 -21.93 -10.12
CA ASN A 1074 -75.79 -21.92 -11.53
C ASN A 1074 -75.81 -23.36 -12.04
N LYS A 1075 -75.21 -24.27 -11.29
CA LYS A 1075 -75.15 -25.63 -11.85
C LYS A 1075 -76.54 -26.21 -12.03
N VAL A 1076 -77.39 -26.13 -11.02
CA VAL A 1076 -78.69 -26.83 -11.15
C VAL A 1076 -79.44 -26.23 -12.33
N LEU A 1077 -79.44 -24.91 -12.45
CA LEU A 1077 -80.26 -24.30 -13.51
C LEU A 1077 -79.68 -24.64 -14.87
N SER A 1078 -78.38 -24.59 -15.08
CA SER A 1078 -77.89 -24.87 -16.45
C SER A 1078 -77.89 -26.38 -16.77
N SER A 1079 -78.17 -27.25 -15.80
CA SER A 1079 -78.29 -28.71 -16.10
C SER A 1079 -79.22 -29.09 -17.27
N THR A 1080 -78.69 -29.77 -18.28
CA THR A 1080 -79.56 -30.28 -19.37
C THR A 1080 -79.89 -31.73 -19.07
N GLU A 1081 -79.58 -32.19 -17.85
CA GLU A 1081 -79.92 -33.58 -17.44
C GLU A 1081 -81.45 -33.71 -17.36
N VAL A 1082 -82.01 -34.80 -17.88
CA VAL A 1082 -83.47 -35.03 -17.75
C VAL A 1082 -83.80 -35.35 -16.29
N LEU A 1083 -84.89 -34.80 -15.77
CA LEU A 1083 -85.32 -35.09 -14.37
C LEU A 1083 -86.57 -35.97 -14.42
N SER A 1084 -86.57 -37.09 -13.70
CA SER A 1084 -87.72 -38.03 -13.74
C SER A 1084 -88.97 -37.39 -13.13
N THR A 1085 -90.14 -37.61 -13.74
CA THR A 1085 -91.40 -37.12 -13.15
C THR A 1085 -91.59 -37.85 -11.81
N ASP A 1086 -92.03 -37.15 -10.76
CA ASP A 1086 -92.13 -37.79 -9.43
C ASP A 1086 -93.60 -38.08 -9.12
N ALA A 1160 -104.96 -26.08 15.08
CA ALA A 1160 -104.25 -26.31 16.34
C ALA A 1160 -105.15 -27.06 17.33
N THR A 1161 -106.42 -26.67 17.34
CA THR A 1161 -107.43 -27.24 18.23
C THR A 1161 -107.96 -28.59 17.75
N GLY A 1162 -107.67 -28.95 16.49
CA GLY A 1162 -108.26 -30.20 15.94
C GLY A 1162 -109.77 -30.14 16.01
N ARG A 1163 -110.35 -28.98 15.68
CA ARG A 1163 -111.83 -28.80 15.82
C ARG A 1163 -112.46 -28.41 14.49
N CYS A 1164 -113.49 -29.16 14.05
CA CYS A 1164 -114.23 -28.82 12.81
C CYS A 1164 -115.33 -27.79 13.13
N LEU A 1165 -115.99 -27.24 12.09
CA LEU A 1165 -117.04 -26.20 12.30
C LEU A 1165 -118.38 -26.75 11.80
N LYS A 1166 -119.44 -26.67 12.62
CA LYS A 1166 -120.79 -27.12 12.17
C LYS A 1166 -121.80 -25.97 12.28
N ILE A 1167 -122.60 -25.74 11.24
CA ILE A 1167 -123.55 -24.60 11.22
C ILE A 1167 -124.99 -25.10 11.09
N TYR A 1168 -125.92 -24.60 11.92
CA TYR A 1168 -127.35 -24.97 11.79
C TYR A 1168 -128.10 -23.81 11.14
N ARG A 1169 -128.85 -24.07 10.08
CA ARG A 1169 -129.54 -22.98 9.33
C ARG A 1169 -131.05 -23.20 9.35
N THR A 1170 -131.82 -22.16 9.69
CA THR A 1170 -133.31 -22.27 9.73
C THR A 1170 -133.90 -21.46 8.57
N PHE A 1171 -134.71 -22.11 7.73
CA PHE A 1171 -135.31 -21.39 6.56
C PHE A 1171 -136.79 -21.75 6.44
N ARG A 1172 -137.54 -20.96 5.65
CA ARG A 1172 -138.97 -21.25 5.41
C ARG A 1172 -139.18 -21.71 3.96
N ASP A 1173 -139.79 -22.89 3.78
CA ASP A 1173 -140.04 -23.45 2.42
C ASP A 1173 -141.29 -22.81 1.81
N GLU A 1174 -141.54 -23.02 0.51
CA GLU A 1174 -142.77 -22.50 -0.16
C GLU A 1174 -144.01 -22.97 0.61
N GLU A 1175 -145.15 -22.29 0.44
CA GLU A 1175 -146.35 -22.60 1.27
C GLU A 1175 -145.95 -22.37 2.74
N GLY A 1176 -146.14 -23.36 3.62
CA GLY A 1176 -145.68 -23.21 5.01
C GLY A 1176 -144.79 -24.34 5.46
N LYS A 1177 -143.53 -24.06 5.82
CA LYS A 1177 -142.63 -25.10 6.39
C LYS A 1177 -141.50 -24.41 7.16
N GLU A 1178 -140.88 -25.09 8.13
CA GLU A 1178 -139.72 -24.51 8.85
C GLU A 1178 -138.61 -25.57 8.98
N TYR A 1179 -138.00 -25.96 7.85
CA TYR A 1179 -136.90 -26.97 7.88
C TYR A 1179 -135.62 -26.35 8.44
N VAL A 1180 -134.80 -27.17 9.12
CA VAL A 1180 -133.50 -26.68 9.69
C VAL A 1180 -132.37 -27.52 9.06
N ARG A 1181 -131.31 -26.86 8.56
CA ARG A 1181 -130.20 -27.59 7.89
C ARG A 1181 -128.95 -27.54 8.77
N CYS A 1182 -128.40 -28.70 9.17
CA CYS A 1182 -127.13 -28.71 9.95
C CYS A 1182 -126.01 -29.08 8.97
N GLU A 1183 -125.06 -28.16 8.75
CA GLU A 1183 -123.98 -28.40 7.76
C GLU A 1183 -122.63 -28.36 8.48
N THR A 1184 -121.79 -29.39 8.26
CA THR A 1184 -120.49 -29.46 8.98
C THR A 1184 -119.35 -29.14 8.00
N VAL A 1185 -118.49 -28.18 8.36
CA VAL A 1185 -117.32 -27.80 7.51
C VAL A 1185 -116.06 -28.44 8.10
N ARG A 1186 -115.45 -29.39 7.38
CA ARG A 1186 -114.25 -30.10 7.89
C ARG A 1186 -112.99 -29.46 7.30
N LYS A 1187 -113.13 -28.49 6.40
CA LYS A 1187 -112.00 -27.78 5.79
C LYS A 1187 -111.55 -26.62 6.68
N PRO A 1188 -110.37 -26.75 7.30
CA PRO A 1188 -109.89 -25.78 8.29
C PRO A 1188 -109.60 -24.43 7.66
N ALA A 1189 -109.48 -24.40 6.32
CA ALA A 1189 -109.30 -23.17 5.57
C ALA A 1189 -110.61 -22.39 5.47
N VAL A 1190 -111.69 -23.10 5.14
CA VAL A 1190 -113.03 -22.53 5.11
C VAL A 1190 -113.43 -22.04 6.50
N ILE A 1191 -113.07 -22.84 7.51
CA ILE A 1191 -113.30 -22.47 8.91
C ILE A 1191 -112.75 -21.08 9.24
N ASP A 1192 -111.45 -20.90 9.03
CA ASP A 1192 -110.75 -19.66 9.39
C ASP A 1192 -111.41 -18.42 8.77
N ALA A 1193 -111.69 -18.49 7.47
CA ALA A 1193 -112.29 -17.38 6.76
C ALA A 1193 -113.72 -17.10 7.18
N TYR A 1194 -114.45 -18.17 7.48
CA TYR A 1194 -115.83 -18.06 7.95
C TYR A 1194 -115.90 -17.34 9.29
N VAL A 1195 -115.26 -17.93 10.30
CA VAL A 1195 -115.23 -17.39 11.66
C VAL A 1195 -114.74 -15.94 11.73
N ARG A 1196 -113.70 -15.62 10.95
CA ARG A 1196 -113.09 -14.27 10.97
C ARG A 1196 -114.12 -13.19 10.60
N ILE A 1197 -115.08 -13.51 9.72
CA ILE A 1197 -116.12 -12.55 9.35
C ILE A 1197 -117.09 -12.34 10.50
N ARG A 1198 -117.54 -13.45 11.12
CA ARG A 1198 -118.47 -13.37 12.27
C ARG A 1198 -117.80 -12.52 13.37
N THR A 1199 -116.61 -12.89 13.82
CA THR A 1199 -115.87 -12.16 14.85
C THR A 1199 -115.74 -10.68 14.48
N THR A 1200 -115.63 -10.39 13.19
CA THR A 1200 -115.58 -9.02 12.70
C THR A 1200 -116.96 -8.37 12.73
N LYS A 1201 -117.95 -9.11 12.23
CA LYS A 1201 -119.34 -8.63 12.24
C LYS A 1201 -119.90 -8.55 13.65
N ASP A 1202 -119.34 -9.34 14.56
CA ASP A 1202 -119.72 -9.27 15.97
C ASP A 1202 -119.18 -7.99 16.61
N GLU A 1203 -118.05 -7.51 16.10
CA GLU A 1203 -117.46 -6.25 16.54
C GLU A 1203 -117.91 -5.08 15.67
N GLU A 1204 -118.53 -5.41 14.53
CA GLU A 1204 -118.96 -4.39 13.58
C GLU A 1204 -120.23 -3.68 14.05
N PHE A 1205 -120.86 -4.22 15.09
CA PHE A 1205 -122.02 -3.58 15.70
C PHE A 1205 -121.59 -2.26 16.35
N HIS A 1216 -123.66 0.74 5.25
CA HIS A 1216 -124.99 0.08 5.32
C HIS A 1216 -125.98 0.85 4.44
N ARG A 1217 -126.75 0.13 3.62
CA ARG A 1217 -127.76 0.78 2.75
C ARG A 1217 -128.81 1.47 3.63
N GLU A 1218 -129.20 0.81 4.73
CA GLU A 1218 -130.19 1.41 5.66
C GLU A 1218 -129.60 2.69 6.25
N GLU A 1219 -128.32 2.66 6.63
CA GLU A 1219 -127.67 3.85 7.22
C GLU A 1219 -127.63 4.98 6.18
N MET A 1220 -127.36 4.64 4.91
CA MET A 1220 -127.32 5.65 3.83
C MET A 1220 -128.70 6.27 3.68
N ARG A 1221 -129.74 5.45 3.74
CA ARG A 1221 -131.13 5.97 3.65
C ARG A 1221 -131.39 6.89 4.83
N LYS A 1222 -130.90 6.53 6.01
CA LYS A 1222 -131.10 7.36 7.22
C LYS A 1222 -130.40 8.70 7.01
N GLU A 1223 -129.20 8.67 6.43
CA GLU A 1223 -128.43 9.92 6.17
C GLU A 1223 -129.20 10.78 5.18
N ARG A 1224 -129.81 10.16 4.18
CA ARG A 1224 -130.62 10.90 3.18
C ARG A 1224 -131.79 11.56 3.89
N ARG A 1225 -132.44 10.84 4.79
CA ARG A 1225 -133.60 11.41 5.54
C ARG A 1225 -133.09 12.59 6.37
N ARG A 1226 -131.91 12.44 6.98
CA ARG A 1226 -131.35 13.52 7.83
C ARG A 1226 -131.11 14.74 6.96
N ILE A 1227 -130.55 14.54 5.76
CA ILE A 1227 -130.26 15.68 4.85
C ILE A 1227 -131.58 16.35 4.47
N GLN A 1228 -132.62 15.56 4.20
CA GLN A 1228 -133.91 16.16 3.80
C GLN A 1228 -134.41 17.02 4.95
N GLU A 1229 -134.33 16.49 6.18
CA GLU A 1229 -134.87 17.23 7.33
C GLU A 1229 -134.08 18.52 7.49
N GLN A 1230 -132.76 18.44 7.35
CA GLN A 1230 -131.89 19.63 7.54
C GLN A 1230 -132.26 20.67 6.48
N LEU A 1231 -132.47 20.25 5.23
CA LEU A 1231 -132.79 21.19 4.13
C LEU A 1231 -134.14 21.85 4.41
N ARG A 1232 -135.11 21.07 4.89
CA ARG A 1232 -136.44 21.63 5.20
C ARG A 1232 -136.29 22.67 6.31
N ARG A 1233 -135.47 22.36 7.31
CA ARG A 1233 -135.25 23.31 8.43
C ARG A 1233 -134.61 24.58 7.88
N LEU A 1234 -133.65 24.45 6.95
CA LEU A 1234 -132.95 25.61 6.35
C LEU A 1234 -133.96 26.46 5.58
N LYS A 1235 -134.87 25.81 4.84
CA LYS A 1235 -135.90 26.53 4.05
C LYS A 1235 -136.82 27.27 5.02
N ARG A 1236 -137.16 26.65 6.15
CA ARG A 1236 -138.02 27.29 7.16
C ARG A 1236 -137.27 28.51 7.71
N ASN A 1237 -135.97 28.39 7.92
CA ASN A 1237 -135.14 29.52 8.42
C ASN A 1237 -135.16 30.64 7.39
N GLN A 1238 -135.07 30.30 6.10
CA GLN A 1238 -135.10 31.32 5.02
C GLN A 1238 -136.46 32.02 5.06
N GLU A 1239 -137.55 31.26 5.23
CA GLU A 1239 -138.90 31.86 5.27
C GLU A 1239 -138.98 32.81 6.46
N LYS A 1240 -138.43 32.40 7.61
CA LYS A 1240 -138.48 33.25 8.84
C LYS A 1240 -137.71 34.54 8.57
N GLU A 1241 -136.56 34.45 7.91
CA GLU A 1241 -135.74 35.65 7.60
C GLU A 1241 -136.50 36.57 6.65
N LYS A 1242 -137.17 36.02 5.63
CA LYS A 1242 -137.82 36.91 4.63
C LYS A 1242 -139.15 37.45 5.19
N GLY B 19 -85.32 17.34 -47.47
CA GLY B 19 -85.39 17.59 -48.89
C GLY B 19 -84.81 18.94 -49.27
N PHE B 20 -83.93 18.95 -50.27
CA PHE B 20 -83.28 20.17 -50.73
C PHE B 20 -83.67 20.41 -52.17
N GLU B 21 -84.32 21.55 -52.43
CA GLU B 21 -84.63 22.03 -53.75
C GLU B 21 -83.81 23.30 -54.01
N SER B 22 -83.16 23.35 -55.17
CA SER B 22 -82.23 24.44 -55.44
C SER B 22 -82.97 25.74 -55.70
N PRO B 23 -82.43 26.86 -55.23
CA PRO B 23 -82.95 28.17 -55.68
C PRO B 23 -82.49 28.54 -57.07
N ARG B 24 -81.40 27.95 -57.54
CA ARG B 24 -80.91 28.14 -58.90
C ARG B 24 -81.67 27.23 -59.86
N PRO B 25 -81.91 27.68 -61.10
CA PRO B 25 -82.58 26.84 -62.09
C PRO B 25 -81.67 25.86 -62.80
N TYR B 26 -80.38 25.84 -62.46
CA TYR B 26 -79.42 24.91 -63.03
C TYR B 26 -78.73 24.16 -61.89
N LYS B 27 -78.11 23.03 -62.23
CA LYS B 27 -77.32 22.26 -61.27
C LYS B 27 -75.91 22.17 -61.80
N LEU B 28 -74.94 22.58 -60.98
CA LEU B 28 -73.55 22.61 -61.37
C LEU B 28 -72.90 21.28 -60.98
N THR B 29 -72.21 20.66 -61.93
CA THR B 29 -71.65 19.32 -61.78
C THR B 29 -70.16 19.34 -61.51
N HIS B 30 -69.41 20.10 -62.30
CA HIS B 30 -67.97 20.08 -62.32
C HIS B 30 -67.49 21.49 -62.60
N GLN B 31 -66.38 21.87 -61.99
CA GLN B 31 -65.78 23.16 -62.30
C GLN B 31 -64.27 23.03 -62.42
N VAL B 32 -63.73 23.60 -63.48
CA VAL B 32 -62.30 23.67 -63.72
C VAL B 32 -61.85 25.09 -63.44
N VAL B 33 -60.89 25.25 -62.53
CA VAL B 33 -60.29 26.54 -62.24
C VAL B 33 -58.82 26.45 -62.64
N CYS B 34 -58.45 27.19 -63.68
CA CYS B 34 -57.08 27.22 -64.14
C CYS B 34 -56.54 28.63 -63.95
N ILE B 35 -55.38 28.73 -63.31
CA ILE B 35 -54.74 30.00 -63.02
C ILE B 35 -53.38 29.98 -63.67
N ASN B 36 -53.12 30.95 -64.54
CA ASN B 36 -51.83 31.18 -65.16
C ASN B 36 -51.29 32.52 -64.69
N ASN B 37 -50.00 32.75 -64.95
CA ASN B 37 -49.38 34.08 -64.95
C ASN B 37 -49.56 34.84 -63.63
N ILE B 38 -49.31 34.17 -62.52
CA ILE B 38 -49.37 34.86 -61.24
C ILE B 38 -48.17 35.80 -61.16
N ASN B 39 -48.42 37.07 -61.42
CA ASN B 39 -47.37 38.08 -61.44
C ASN B 39 -47.32 38.74 -60.08
N PHE B 40 -46.18 38.62 -59.40
CA PHE B 40 -46.06 39.16 -58.06
C PHE B 40 -45.63 40.61 -58.05
N GLN B 41 -44.90 41.05 -59.07
CA GLN B 41 -44.52 42.46 -59.17
C GLN B 41 -45.75 43.32 -59.44
N ARG B 42 -46.60 42.89 -60.36
CA ARG B 42 -47.76 43.66 -60.76
C ARG B 42 -49.02 43.29 -60.00
N LYS B 43 -48.97 42.24 -59.18
CA LYS B 43 -50.08 41.73 -58.35
C LYS B 43 -51.30 41.41 -59.22
N SER B 44 -51.11 40.43 -60.10
CA SER B 44 -52.04 40.17 -61.16
C SER B 44 -52.11 38.68 -61.46
N VAL B 45 -53.32 38.15 -61.64
CA VAL B 45 -53.45 36.78 -62.12
C VAL B 45 -54.34 36.79 -63.36
N VAL B 46 -54.12 35.82 -64.23
CA VAL B 46 -54.92 35.57 -65.42
C VAL B 46 -55.41 34.13 -65.32
N GLY B 47 -56.61 33.87 -65.81
CA GLY B 47 -57.02 32.48 -65.82
C GLY B 47 -58.30 32.29 -66.56
N PHE B 48 -58.80 31.06 -66.51
CA PHE B 48 -60.15 30.77 -66.94
C PHE B 48 -60.84 29.88 -65.94
N VAL B 49 -62.13 29.70 -66.18
CA VAL B 49 -63.06 28.94 -65.36
C VAL B 49 -64.02 28.27 -66.33
N GLU B 50 -64.19 26.96 -66.21
CA GLU B 50 -65.10 26.23 -67.05
C GLU B 50 -66.08 25.44 -66.19
N LEU B 51 -67.35 25.84 -66.25
CA LEU B 51 -68.42 25.24 -65.48
C LEU B 51 -69.24 24.30 -66.36
N THR B 52 -69.78 23.27 -65.74
CA THR B 52 -70.54 22.22 -66.42
C THR B 52 -71.91 22.17 -65.75
N ILE B 53 -72.88 22.86 -66.32
CA ILE B 53 -74.19 22.97 -65.70
C ILE B 53 -75.20 22.14 -66.47
N PHE B 54 -76.15 21.58 -65.74
CA PHE B 54 -77.30 20.90 -66.29
C PHE B 54 -78.53 21.73 -65.96
N PRO B 55 -79.24 22.27 -66.94
CA PRO B 55 -80.45 23.04 -66.63
C PRO B 55 -81.56 22.14 -66.12
N THR B 56 -82.22 22.58 -65.05
CA THR B 56 -83.34 21.82 -64.50
C THR B 56 -84.69 22.30 -65.01
N VAL B 57 -84.72 23.55 -65.45
CA VAL B 57 -85.95 24.11 -66.03
C VAL B 57 -85.61 24.42 -67.47
N ALA B 58 -86.56 24.21 -68.37
CA ALA B 58 -86.34 24.58 -69.78
C ALA B 58 -86.47 26.09 -69.94
N ASN B 59 -86.06 26.62 -71.09
CA ASN B 59 -86.07 28.09 -71.30
C ASN B 59 -85.16 28.74 -70.28
N LEU B 60 -83.98 28.17 -70.03
CA LEU B 60 -83.12 28.72 -68.98
C LEU B 60 -82.77 30.15 -69.41
N ASN B 61 -82.42 30.39 -70.66
CA ASN B 61 -82.05 31.80 -71.00
C ASN B 61 -80.95 32.23 -70.02
N ARG B 62 -81.05 33.35 -69.32
CA ARG B 62 -79.92 33.84 -68.51
C ARG B 62 -79.41 32.87 -67.44
N ILE B 63 -78.09 32.81 -67.21
CA ILE B 63 -77.46 32.02 -66.12
C ILE B 63 -76.77 33.05 -65.25
N LYS B 64 -77.00 33.09 -63.94
CA LYS B 64 -76.46 34.16 -63.06
C LYS B 64 -75.36 33.66 -62.14
N LEU B 65 -74.11 34.07 -62.33
CA LEU B 65 -72.96 33.64 -61.56
C LEU B 65 -72.45 34.78 -60.69
N ASN B 66 -71.59 34.44 -59.74
CA ASN B 66 -71.07 35.40 -58.80
C ASN B 66 -69.64 35.76 -59.16
N SER B 67 -69.34 37.05 -59.16
CA SER B 67 -68.00 37.52 -59.49
C SER B 67 -67.81 38.91 -58.90
N LYS B 68 -66.71 39.09 -58.18
CA LYS B 68 -66.28 40.40 -57.72
C LYS B 68 -64.82 40.58 -58.08
N GLN B 69 -64.46 41.80 -58.49
CA GLN B 69 -63.12 42.28 -58.77
C GLN B 69 -62.46 41.66 -60.00
N CYS B 70 -63.09 40.70 -60.65
CA CYS B 70 -62.48 40.05 -61.80
C CYS B 70 -62.94 40.76 -63.07
N ARG B 71 -61.99 41.04 -63.94
CA ARG B 71 -62.32 41.63 -65.23
C ARG B 71 -62.65 40.48 -66.16
N ILE B 72 -63.88 40.35 -66.63
CA ILE B 72 -64.32 39.24 -67.45
C ILE B 72 -64.00 39.56 -68.91
N TYR B 73 -63.09 38.79 -69.50
CA TYR B 73 -62.69 39.05 -70.88
C TYR B 73 -63.70 38.50 -71.87
N ARG B 74 -63.88 37.18 -71.89
CA ARG B 74 -64.84 36.58 -72.79
C ARG B 74 -65.51 35.40 -72.12
N VAL B 75 -66.73 35.11 -72.57
CA VAL B 75 -67.54 34.01 -72.09
C VAL B 75 -68.04 33.23 -73.31
N ARG B 76 -67.78 31.94 -73.34
CA ARG B 76 -68.26 31.07 -74.42
C ARG B 76 -69.08 29.94 -73.83
N ILE B 77 -70.31 29.79 -74.28
CA ILE B 77 -71.19 28.72 -73.84
C ILE B 77 -71.27 27.69 -74.96
N ASN B 78 -70.77 26.47 -74.67
CA ASN B 78 -70.66 25.36 -75.63
C ASN B 78 -69.86 25.78 -76.87
N ASP B 79 -68.76 26.49 -76.62
CA ASP B 79 -67.85 27.07 -77.62
C ASP B 79 -68.55 28.05 -78.55
N LEU B 80 -69.66 28.64 -78.13
CA LEU B 80 -70.34 29.69 -78.86
C LEU B 80 -70.26 30.98 -78.05
N GLU B 81 -69.97 32.08 -78.73
CA GLU B 81 -69.75 33.35 -78.04
C GLU B 81 -71.06 33.87 -77.47
N ALA B 82 -71.05 34.18 -76.18
CA ALA B 82 -72.24 34.64 -75.46
C ALA B 82 -72.01 36.05 -74.92
N ALA B 83 -73.11 36.72 -74.62
CA ALA B 83 -73.09 38.09 -74.13
C ALA B 83 -73.41 38.10 -72.65
N PHE B 84 -72.57 38.81 -71.88
CA PHE B 84 -72.75 38.94 -70.44
C PHE B 84 -72.93 40.40 -70.09
N ILE B 85 -73.60 40.65 -68.97
CA ILE B 85 -73.66 41.97 -68.37
C ILE B 85 -73.32 41.85 -66.90
N TYR B 86 -72.47 42.77 -66.43
CA TYR B 86 -71.99 42.78 -65.06
C TYR B 86 -72.50 44.03 -64.38
N ASN B 87 -73.07 43.87 -63.19
CA ASN B 87 -73.34 44.98 -62.31
C ASN B 87 -73.31 44.51 -60.86
N ASP B 88 -72.61 45.27 -60.02
CA ASP B 88 -72.49 44.97 -58.60
C ASP B 88 -73.17 46.07 -57.81
N PRO B 89 -74.36 45.82 -57.23
CA PRO B 89 -75.01 46.86 -56.43
C PRO B 89 -74.36 47.10 -55.08
N THR B 90 -73.46 46.23 -54.63
CA THR B 90 -72.80 46.41 -53.35
C THR B 90 -71.51 47.21 -53.44
N LEU B 91 -71.22 47.80 -54.59
CA LEU B 91 -70.04 48.65 -54.70
C LEU B 91 -70.30 50.00 -54.06
N GLU B 92 -71.40 50.65 -54.43
CA GLU B 92 -71.88 51.86 -53.79
C GLU B 92 -73.32 51.60 -53.40
N VAL B 93 -73.56 51.39 -52.10
CA VAL B 93 -74.84 50.85 -51.65
C VAL B 93 -75.96 51.87 -51.84
N CYS B 94 -75.78 53.08 -51.32
CA CYS B 94 -76.69 54.18 -51.59
C CYS B 94 -76.03 55.14 -52.56
N HIS B 95 -76.87 55.94 -53.22
CA HIS B 95 -76.38 56.91 -54.19
C HIS B 95 -75.56 58.00 -53.52
N SER B 96 -74.66 58.61 -54.28
CA SER B 96 -73.81 59.66 -53.71
C SER B 96 -74.60 60.94 -53.47
N GLU B 97 -75.64 61.18 -54.26
CA GLU B 97 -76.41 62.42 -54.19
C GLU B 97 -77.69 62.27 -53.39
N SER B 98 -77.79 61.25 -52.54
CA SER B 98 -78.87 61.18 -51.58
C SER B 98 -78.40 61.78 -50.26
N LYS B 99 -79.22 62.63 -49.67
CA LYS B 99 -78.85 63.34 -48.46
C LYS B 99 -79.25 62.60 -47.20
N GLN B 100 -79.63 61.33 -47.31
CA GLN B 100 -79.92 60.53 -46.12
C GLN B 100 -78.64 60.26 -45.34
N ARG B 101 -78.75 60.33 -44.02
CA ARG B 101 -77.60 60.08 -43.16
C ARG B 101 -77.93 59.19 -41.97
N ASN B 102 -79.14 58.63 -41.90
CA ASN B 102 -79.46 57.69 -40.85
C ASN B 102 -78.99 56.29 -41.20
N LEU B 103 -78.81 55.47 -40.18
CA LEU B 103 -78.22 54.15 -40.35
C LEU B 103 -79.23 53.08 -40.72
N ASN B 104 -80.51 53.23 -40.34
CA ASN B 104 -81.51 52.25 -40.72
C ASN B 104 -81.72 52.22 -42.23
N TYR B 105 -81.62 53.37 -42.88
CA TYR B 105 -81.66 53.45 -44.33
C TYR B 105 -80.50 52.68 -44.96
N PHE B 106 -79.29 52.85 -44.43
CA PHE B 106 -78.14 52.14 -44.97
C PHE B 106 -78.22 50.66 -44.70
N SER B 107 -78.76 50.25 -43.55
CA SER B 107 -78.84 48.83 -43.25
C SER B 107 -79.85 48.14 -44.14
N ASN B 108 -80.98 48.79 -44.42
CA ASN B 108 -81.95 48.21 -45.33
C ASN B 108 -81.43 48.19 -46.77
N ALA B 109 -80.74 49.25 -47.18
CA ALA B 109 -80.19 49.29 -48.54
C ALA B 109 -79.05 48.29 -48.71
N TYR B 110 -78.25 48.09 -47.67
CA TYR B 110 -77.15 47.14 -47.71
C TYR B 110 -77.67 45.71 -47.70
N ALA B 111 -78.73 45.45 -46.94
CA ALA B 111 -79.35 44.13 -46.96
C ALA B 111 -79.98 43.84 -48.31
N ALA B 112 -80.60 44.86 -48.94
CA ALA B 112 -81.19 44.66 -50.25
C ALA B 112 -80.12 44.46 -51.32
N ALA B 113 -78.99 45.15 -51.18
CA ALA B 113 -77.90 45.02 -52.15
C ALA B 113 -77.23 43.65 -52.04
N VAL B 114 -77.02 43.17 -50.82
CA VAL B 114 -76.45 41.84 -50.64
C VAL B 114 -77.43 40.77 -51.06
N SER B 115 -78.73 40.99 -50.86
CA SER B 115 -79.72 40.04 -51.34
C SER B 115 -79.88 40.07 -52.85
N ALA B 116 -79.45 41.15 -53.51
CA ALA B 116 -79.53 41.21 -54.97
C ALA B 116 -78.37 40.51 -55.64
N VAL B 117 -77.27 40.25 -54.93
CA VAL B 117 -76.18 39.44 -55.46
C VAL B 117 -76.13 38.07 -54.80
N ASP B 118 -77.17 37.71 -54.07
CA ASP B 118 -77.16 36.49 -53.28
C ASP B 118 -77.30 35.27 -54.20
N PRO B 119 -76.37 34.31 -54.14
CA PRO B 119 -76.61 33.04 -54.83
C PRO B 119 -77.53 32.11 -54.09
N ASP B 120 -77.92 32.45 -52.86
CA ASP B 120 -78.89 31.66 -52.12
C ASP B 120 -80.32 31.98 -52.54
N ALA B 121 -80.53 33.11 -53.19
CA ALA B 121 -81.67 33.31 -54.05
C ALA B 121 -81.25 32.92 -55.46
N GLY B 122 -82.04 33.25 -56.46
CA GLY B 122 -81.58 32.90 -57.79
C GLY B 122 -80.54 33.83 -58.38
N ASN B 123 -80.16 34.88 -57.67
CA ASN B 123 -79.48 36.01 -58.25
C ASN B 123 -77.98 35.78 -58.37
N GLY B 124 -77.28 36.84 -58.74
CA GLY B 124 -75.86 36.79 -59.03
C GLY B 124 -75.49 38.06 -59.74
N GLU B 125 -74.19 38.30 -59.80
CA GLU B 125 -73.68 39.58 -60.26
C GLU B 125 -73.38 39.58 -61.76
N LEU B 126 -72.94 38.46 -62.29
CA LEU B 126 -72.65 38.31 -63.70
C LEU B 126 -73.80 37.58 -64.35
N CYS B 127 -74.47 38.23 -65.29
CA CYS B 127 -75.64 37.65 -65.95
C CYS B 127 -75.25 37.33 -67.38
N ILE B 128 -75.15 36.04 -67.69
CA ILE B 128 -74.75 35.56 -69.01
C ILE B 128 -75.99 35.14 -69.76
N LYS B 129 -76.11 35.55 -71.02
CA LYS B 129 -77.25 35.22 -71.85
C LYS B 129 -76.92 34.03 -72.72
N VAL B 130 -77.78 33.02 -72.68
CA VAL B 130 -77.58 31.81 -73.49
C VAL B 130 -77.82 32.17 -74.96
N PRO B 131 -76.92 31.78 -75.87
CA PRO B 131 -77.14 32.04 -77.30
C PRO B 131 -78.39 31.35 -77.83
N SER B 132 -78.88 31.84 -78.97
CA SER B 132 -80.18 31.43 -79.46
C SER B 132 -80.17 29.99 -79.96
N GLU B 133 -79.11 29.58 -80.65
CA GLU B 133 -79.02 28.25 -81.23
C GLU B 133 -78.93 27.14 -80.19
N LEU B 134 -78.65 27.47 -78.93
CA LEU B 134 -78.63 26.49 -77.86
C LEU B 134 -79.96 26.36 -77.14
N TRP B 135 -81.01 27.07 -77.60
CA TRP B 135 -82.28 26.94 -76.91
C TRP B 135 -82.90 25.58 -77.11
N LYS B 136 -82.75 25.01 -78.31
CA LYS B 136 -83.11 23.61 -78.54
C LYS B 136 -82.19 22.63 -77.81
N HIS B 137 -81.04 23.09 -77.33
CA HIS B 137 -80.20 22.29 -76.45
C HIS B 137 -80.56 22.48 -74.99
N VAL B 138 -81.30 23.52 -74.64
CA VAL B 138 -81.55 23.76 -73.23
C VAL B 138 -82.97 23.36 -72.84
N ASP B 139 -83.89 23.27 -73.81
CA ASP B 139 -85.28 22.95 -73.47
C ASP B 139 -85.43 21.47 -73.13
N GLU B 140 -84.91 20.59 -73.97
CA GLU B 140 -84.65 19.22 -73.57
C GLU B 140 -83.30 19.16 -72.88
N LEU B 141 -83.33 18.92 -71.57
CA LEU B 141 -82.34 19.41 -70.62
C LEU B 141 -81.00 18.71 -70.78
N LYS B 142 -80.10 19.33 -71.55
CA LYS B 142 -78.80 18.76 -71.86
C LYS B 142 -77.73 19.73 -71.40
N VAL B 143 -76.48 19.25 -71.42
CA VAL B 143 -75.40 19.88 -70.68
C VAL B 143 -74.95 21.17 -71.36
N LEU B 144 -74.48 22.12 -70.55
CA LEU B 144 -73.95 23.38 -71.02
C LEU B 144 -72.59 23.59 -70.37
N LYS B 145 -71.58 23.90 -71.18
CA LYS B 145 -70.22 24.10 -70.69
C LYS B 145 -69.83 25.56 -70.91
N ILE B 146 -69.72 26.31 -69.82
CA ILE B 146 -69.50 27.75 -69.86
C ILE B 146 -68.03 28.01 -69.57
N HIS B 147 -67.35 28.65 -70.50
CA HIS B 147 -65.92 28.94 -70.43
C HIS B 147 -65.75 30.44 -70.31
N ILE B 148 -65.54 30.92 -69.10
CA ILE B 148 -65.23 32.31 -68.82
C ILE B 148 -63.72 32.40 -68.68
N ASN B 149 -63.11 33.42 -69.26
CA ASN B 149 -61.72 33.70 -68.89
C ASN B 149 -61.61 35.11 -68.36
N PHE B 150 -60.86 35.25 -67.28
CA PHE B 150 -60.87 36.46 -66.47
C PHE B 150 -59.45 36.86 -66.10
N SER B 151 -59.35 37.94 -65.35
CA SER B 151 -58.09 38.50 -64.92
C SER B 151 -58.28 39.38 -63.70
N LEU B 152 -57.49 39.18 -62.66
CA LEU B 152 -57.47 40.09 -61.53
C LEU B 152 -56.27 41.01 -61.70
N ASP B 153 -56.56 42.31 -61.85
CA ASP B 153 -55.56 43.27 -62.27
C ASP B 153 -54.69 43.72 -61.10
N GLN B 154 -55.32 44.02 -59.96
CA GLN B 154 -54.59 44.34 -58.71
C GLN B 154 -55.61 44.16 -57.60
N PRO B 155 -55.86 42.93 -57.12
CA PRO B 155 -56.96 42.69 -56.18
C PRO B 155 -56.93 43.40 -54.83
N LYS B 156 -58.07 43.98 -54.43
CA LYS B 156 -58.18 44.64 -53.11
C LYS B 156 -58.83 43.67 -52.12
N GLY B 157 -59.22 42.48 -52.60
CA GLY B 157 -59.86 41.48 -51.73
C GLY B 157 -59.69 40.09 -52.31
N GLY B 158 -59.94 39.04 -51.52
CA GLY B 158 -59.88 37.69 -52.08
C GLY B 158 -58.46 37.17 -52.03
N LEU B 159 -57.70 37.37 -53.10
CA LEU B 159 -56.27 36.98 -53.07
C LEU B 159 -55.47 38.10 -52.41
N HIS B 160 -54.68 37.78 -51.38
CA HIS B 160 -53.81 38.79 -50.75
C HIS B 160 -52.37 38.51 -51.16
N PHE B 161 -51.71 39.48 -51.79
CA PHE B 161 -50.30 39.30 -52.21
C PHE B 161 -49.38 39.89 -51.16
N VAL B 162 -48.65 39.06 -50.42
CA VAL B 162 -47.65 39.52 -49.48
C VAL B 162 -46.31 39.51 -50.22
N VAL B 163 -45.88 40.68 -50.67
CA VAL B 163 -44.62 40.81 -51.40
C VAL B 163 -43.68 41.68 -50.59
N PRO B 164 -42.65 41.11 -49.95
CA PRO B 164 -41.70 41.93 -49.20
C PRO B 164 -40.82 42.73 -50.12
N SER B 165 -40.18 43.74 -49.57
CA SER B 165 -39.36 44.65 -50.36
C SER B 165 -37.87 44.36 -50.27
N VAL B 166 -37.49 43.12 -49.93
CA VAL B 166 -36.11 42.68 -50.12
C VAL B 166 -35.92 42.35 -51.60
N GLU B 167 -34.73 42.65 -52.11
CA GLU B 167 -34.44 42.31 -53.50
C GLU B 167 -33.99 40.85 -53.62
N GLY B 168 -33.95 40.39 -54.86
CA GLY B 168 -33.80 38.99 -55.19
C GLY B 168 -34.99 38.50 -55.98
N SER B 169 -34.98 37.19 -56.24
CA SER B 169 -36.12 36.53 -56.84
C SER B 169 -37.29 36.50 -55.85
N MET B 170 -38.49 36.26 -56.38
CA MET B 170 -39.70 36.25 -55.55
C MET B 170 -39.71 35.13 -54.52
N ALA B 171 -39.02 34.03 -54.80
CA ALA B 171 -38.82 33.01 -53.78
C ALA B 171 -37.70 33.37 -52.81
N GLU B 172 -36.74 34.19 -53.24
CA GLU B 172 -35.64 34.57 -52.38
C GLU B 172 -36.02 35.67 -51.39
N ARG B 173 -37.06 36.44 -51.68
CA ARG B 173 -37.53 37.48 -50.78
C ARG B 173 -38.71 37.05 -49.94
N GLY B 174 -39.40 35.98 -50.31
CA GLY B 174 -40.45 35.42 -49.47
C GLY B 174 -41.83 35.94 -49.79
N ALA B 175 -42.16 36.04 -51.07
CA ALA B 175 -43.42 36.59 -51.53
C ALA B 175 -44.42 35.47 -51.74
N HIS B 176 -45.67 35.69 -51.31
CA HIS B 176 -46.65 34.63 -51.39
C HIS B 176 -48.05 35.21 -51.57
N VAL B 177 -48.97 34.36 -52.00
CA VAL B 177 -50.36 34.72 -52.20
C VAL B 177 -51.20 33.75 -51.38
N PHE B 178 -52.31 34.23 -50.83
CA PHE B 178 -53.27 33.31 -50.23
C PHE B 178 -54.66 33.88 -50.36
N SER B 179 -55.66 33.02 -50.41
CA SER B 179 -57.05 33.43 -50.51
C SER B 179 -57.58 33.77 -49.12
N CYS B 180 -57.99 35.03 -48.94
CA CYS B 180 -58.49 35.52 -47.64
C CYS B 180 -59.98 35.79 -47.74
N GLY B 181 -60.64 36.07 -46.61
CA GLY B 181 -62.08 36.34 -46.60
C GLY B 181 -62.82 35.36 -45.70
N TYR B 182 -64.12 35.60 -45.48
CA TYR B 182 -64.93 34.71 -44.62
C TYR B 182 -66.23 34.36 -45.33
N GLN B 183 -66.79 33.18 -45.03
CA GLN B 183 -68.06 32.74 -45.66
C GLN B 183 -67.91 32.66 -47.18
N ASN B 184 -68.85 33.23 -47.93
CA ASN B 184 -68.85 33.16 -49.41
C ASN B 184 -67.99 34.29 -49.98
N SER B 185 -66.67 34.09 -50.06
CA SER B 185 -65.75 35.16 -50.55
C SER B 185 -64.83 34.60 -51.62
N THR B 186 -65.22 33.49 -52.25
CA THR B 186 -64.50 32.91 -53.37
C THR B 186 -64.88 33.58 -54.68
N ARG B 187 -65.97 34.36 -54.67
CA ARG B 187 -66.33 35.20 -55.80
C ARG B 187 -65.30 36.31 -56.04
N PHE B 188 -64.47 36.59 -55.05
CA PHE B 188 -63.48 37.64 -55.12
C PHE B 188 -62.25 37.25 -55.91
N TRP B 189 -62.08 35.99 -56.28
CA TRP B 189 -60.93 35.64 -57.10
C TRP B 189 -61.20 34.69 -58.26
N PHE B 190 -62.34 34.03 -58.35
CA PHE B 190 -62.77 33.50 -59.64
C PHE B 190 -64.28 33.49 -59.71
N PRO B 191 -64.87 33.55 -60.91
CA PRO B 191 -66.33 33.49 -61.02
C PRO B 191 -66.86 32.10 -60.73
N CYS B 192 -67.89 32.04 -59.89
CA CYS B 192 -68.40 30.77 -59.40
C CYS B 192 -69.86 30.93 -59.01
N VAL B 193 -70.44 29.87 -58.48
CA VAL B 193 -71.72 29.93 -57.79
C VAL B 193 -71.35 29.86 -56.31
N ASP B 194 -71.22 31.02 -55.69
CA ASP B 194 -70.57 31.13 -54.38
C ASP B 194 -71.58 30.95 -53.25
N SER B 195 -72.20 29.78 -53.24
CA SER B 195 -73.08 29.37 -52.16
C SER B 195 -72.59 28.06 -51.58
N TYR B 196 -72.96 27.80 -50.34
CA TYR B 196 -72.58 26.57 -49.67
C TYR B 196 -73.42 25.38 -50.09
N SER B 197 -74.45 25.59 -50.91
CA SER B 197 -75.37 24.55 -51.30
C SER B 197 -75.14 24.04 -52.71
N GLU B 198 -74.26 24.67 -53.47
CA GLU B 198 -73.96 24.25 -54.83
C GLU B 198 -72.67 23.44 -54.78
N LEU B 199 -72.83 22.14 -54.57
CA LEU B 199 -71.72 21.22 -54.46
C LEU B 199 -71.38 20.66 -55.84
N CYS B 200 -70.09 20.59 -56.15
CA CYS B 200 -69.63 20.07 -57.42
C CYS B 200 -68.25 19.48 -57.24
N THR B 201 -67.81 18.72 -58.23
CA THR B 201 -66.43 18.24 -58.18
C THR B 201 -65.51 19.23 -58.90
N TRP B 202 -64.23 19.18 -58.57
CA TRP B 202 -63.33 20.27 -58.90
C TRP B 202 -62.07 19.77 -59.57
N LYS B 203 -61.53 20.62 -60.45
CA LYS B 203 -60.25 20.36 -61.09
C LYS B 203 -59.48 21.68 -61.11
N LEU B 204 -58.35 21.73 -60.41
CA LEU B 204 -57.67 22.98 -60.11
C LEU B 204 -56.24 22.95 -60.62
N GLU B 205 -55.91 23.82 -61.57
CA GLU B 205 -54.57 23.89 -62.11
C GLU B 205 -53.97 25.26 -61.82
N PHE B 206 -52.73 25.28 -61.34
CA PHE B 206 -52.05 26.53 -61.01
C PHE B 206 -50.65 26.50 -61.59
N THR B 207 -50.35 27.43 -62.49
CA THR B 207 -49.04 27.50 -63.13
C THR B 207 -48.21 28.54 -62.40
N VAL B 208 -47.31 28.08 -61.53
CA VAL B 208 -46.54 28.97 -60.67
C VAL B 208 -45.08 28.91 -61.06
N ASP B 209 -44.25 29.71 -60.41
CA ASP B 209 -42.81 29.69 -60.61
C ASP B 209 -42.23 28.35 -60.19
N ALA B 210 -41.04 28.05 -60.70
CA ALA B 210 -40.44 26.74 -60.45
C ALA B 210 -39.94 26.60 -59.03
N ALA B 211 -39.66 27.70 -58.35
CA ALA B 211 -39.19 27.66 -56.97
C ALA B 211 -40.32 27.78 -55.96
N MET B 212 -41.56 27.86 -56.42
CA MET B 212 -42.72 28.02 -55.56
C MET B 212 -43.59 26.76 -55.60
N VAL B 213 -44.46 26.64 -54.61
CA VAL B 213 -45.39 25.53 -54.50
C VAL B 213 -46.79 26.13 -54.34
N ALA B 214 -47.77 25.51 -55.00
CA ALA B 214 -49.17 25.93 -54.98
C ALA B 214 -49.97 24.89 -54.21
N VAL B 215 -50.53 25.30 -53.08
CA VAL B 215 -51.30 24.43 -52.20
C VAL B 215 -52.76 24.77 -52.38
N SER B 216 -53.60 23.75 -52.52
CA SER B 216 -55.03 23.99 -52.71
C SER B 216 -55.79 22.76 -52.27
N ASN B 217 -57.08 22.72 -52.59
CA ASN B 217 -57.96 21.67 -52.12
C ASN B 217 -57.92 20.48 -53.07
N GLY B 218 -58.12 19.30 -52.50
CA GLY B 218 -58.08 18.07 -53.26
C GLY B 218 -56.79 17.32 -53.01
N ASP B 219 -56.47 16.41 -53.92
CA ASP B 219 -55.16 15.81 -53.90
C ASP B 219 -54.44 16.11 -55.20
N LEU B 220 -53.14 16.38 -55.06
CA LEU B 220 -52.26 16.74 -56.16
C LEU B 220 -52.02 15.52 -57.03
N VAL B 221 -52.57 15.51 -58.23
CA VAL B 221 -52.43 14.33 -59.06
C VAL B 221 -51.08 14.32 -59.77
N GLU B 222 -50.59 15.49 -60.20
CA GLU B 222 -49.27 15.56 -60.83
C GLU B 222 -48.74 16.98 -60.71
N THR B 223 -47.48 17.15 -61.14
CA THR B 223 -46.83 18.45 -61.21
C THR B 223 -45.90 18.42 -62.43
N VAL B 224 -46.34 19.02 -63.51
CA VAL B 224 -45.57 19.01 -64.76
C VAL B 224 -44.84 20.32 -64.91
N TYR B 225 -43.69 20.26 -65.57
CA TYR B 225 -42.91 21.44 -65.93
C TYR B 225 -43.45 22.09 -67.20
N THR B 226 -43.08 23.35 -67.39
CA THR B 226 -43.33 24.06 -68.62
C THR B 226 -42.13 23.83 -69.55
N HIS B 227 -42.31 24.12 -70.85
CA HIS B 227 -41.30 23.78 -71.85
C HIS B 227 -40.01 24.58 -71.70
N ASP B 228 -40.03 25.70 -70.99
CA ASP B 228 -38.79 26.40 -70.66
C ASP B 228 -38.22 25.98 -69.31
N MET B 229 -38.95 25.14 -68.56
CA MET B 229 -38.61 24.69 -67.21
C MET B 229 -38.42 25.84 -66.22
N ARG B 230 -39.09 26.96 -66.47
CA ARG B 230 -39.06 28.08 -65.54
C ARG B 230 -40.31 28.16 -64.68
N LYS B 231 -41.39 27.49 -65.09
CA LYS B 231 -42.64 27.44 -64.37
C LYS B 231 -43.10 26.00 -64.32
N LYS B 232 -43.95 25.69 -63.33
CA LYS B 232 -44.55 24.36 -63.29
C LYS B 232 -46.01 24.47 -62.92
N THR B 233 -46.79 23.52 -63.41
CA THR B 233 -48.23 23.49 -63.21
C THR B 233 -48.58 22.43 -62.19
N PHE B 234 -49.27 22.84 -61.13
CA PHE B 234 -49.80 21.93 -60.13
C PHE B 234 -51.22 21.58 -60.50
N HIS B 235 -51.51 20.29 -60.66
CA HIS B 235 -52.84 19.79 -60.94
C HIS B 235 -53.41 19.17 -59.68
N TYR B 236 -54.54 19.70 -59.21
CA TYR B 236 -55.29 19.18 -58.09
C TYR B 236 -56.61 18.64 -58.58
N MET B 237 -57.10 17.60 -57.92
CA MET B 237 -58.41 17.08 -58.27
C MET B 237 -59.18 16.87 -56.98
N LEU B 238 -60.45 17.27 -56.96
CA LEU B 238 -61.30 17.14 -55.79
C LEU B 238 -62.53 16.35 -56.21
N THR B 239 -62.56 15.08 -55.82
CA THR B 239 -63.66 14.19 -56.17
C THR B 239 -64.78 14.20 -55.13
N ILE B 240 -64.49 14.60 -53.90
CA ILE B 240 -65.54 14.84 -52.91
C ILE B 240 -66.22 16.14 -53.30
N PRO B 241 -67.53 16.13 -53.52
CA PRO B 241 -68.20 17.37 -53.97
C PRO B 241 -68.31 18.43 -52.90
N THR B 242 -67.50 19.47 -53.04
CA THR B 242 -67.51 20.61 -52.14
C THR B 242 -68.15 21.81 -52.83
N ALA B 243 -68.45 22.82 -52.03
CA ALA B 243 -68.96 24.08 -52.54
C ALA B 243 -67.82 24.95 -53.03
N ALA B 244 -68.17 26.00 -53.76
CA ALA B 244 -67.17 26.94 -54.23
C ALA B 244 -66.58 27.75 -53.08
N SER B 245 -67.34 27.93 -52.00
CA SER B 245 -66.89 28.73 -50.88
C SER B 245 -65.81 28.04 -50.06
N ASN B 246 -65.63 26.73 -50.23
CA ASN B 246 -64.62 25.97 -49.50
C ASN B 246 -63.34 25.75 -50.30
N ILE B 247 -63.19 26.42 -51.43
CA ILE B 247 -62.03 26.25 -52.31
C ILE B 247 -61.03 27.34 -51.98
N SER B 248 -59.78 26.95 -51.73
CA SER B 248 -58.75 27.90 -51.36
C SER B 248 -57.49 27.76 -52.18
N LEU B 249 -56.47 28.54 -51.82
CA LEU B 249 -55.24 28.66 -52.58
C LEU B 249 -54.15 29.30 -51.75
N ALA B 250 -52.95 28.74 -51.77
CA ALA B 250 -51.78 29.34 -51.14
C ALA B 250 -50.58 29.06 -52.01
N ILE B 251 -50.02 30.09 -52.63
CA ILE B 251 -48.90 29.95 -53.54
C ILE B 251 -47.72 30.66 -52.91
N GLY B 252 -46.62 29.95 -52.70
CA GLY B 252 -45.46 30.57 -52.12
C GLY B 252 -44.24 29.70 -52.09
N PRO B 253 -43.13 30.21 -51.57
CA PRO B 253 -41.90 29.41 -51.48
C PRO B 253 -41.84 28.61 -50.19
N PHE B 254 -42.86 27.79 -49.97
CA PHE B 254 -43.07 27.15 -48.68
C PHE B 254 -42.10 26.02 -48.45
N GLU B 255 -41.65 25.89 -47.21
CA GLU B 255 -40.91 24.73 -46.75
C GLU B 255 -41.91 23.64 -46.45
N ILE B 256 -41.76 22.51 -47.12
CA ILE B 256 -42.65 21.36 -47.01
C ILE B 256 -42.16 20.46 -45.88
N LEU B 257 -43.09 19.97 -45.07
CA LEU B 257 -42.77 19.01 -44.04
C LEU B 257 -43.86 17.96 -43.99
N VAL B 258 -43.53 16.74 -44.30
CA VAL B 258 -44.48 15.65 -44.16
C VAL B 258 -44.57 15.26 -42.69
N ASP B 259 -45.79 15.03 -42.21
CA ASP B 259 -45.99 14.63 -40.82
C ASP B 259 -45.37 13.26 -40.58
N PRO B 260 -44.48 13.13 -39.60
CA PRO B 260 -43.83 11.83 -39.39
C PRO B 260 -44.73 10.79 -38.77
N TYR B 261 -45.91 11.17 -38.27
CA TYR B 261 -46.88 10.21 -37.69
C TYR B 261 -47.97 9.84 -38.68
N MET B 262 -48.62 10.81 -39.30
CA MET B 262 -49.71 10.57 -40.26
C MET B 262 -49.11 10.98 -41.58
N HIS B 263 -49.22 10.19 -42.62
CA HIS B 263 -48.44 10.50 -43.84
C HIS B 263 -49.25 11.10 -44.96
N GLU B 264 -50.51 11.43 -44.74
CA GLU B 264 -51.23 12.14 -45.81
C GLU B 264 -51.28 13.59 -45.39
N VAL B 265 -50.64 13.97 -44.29
CA VAL B 265 -50.75 15.35 -43.78
C VAL B 265 -49.43 16.05 -44.05
N THR B 266 -49.43 17.11 -44.86
CA THR B 266 -48.24 17.91 -45.19
C THR B 266 -48.41 19.28 -44.56
N HIS B 267 -47.39 19.84 -43.97
CA HIS B 267 -47.35 21.13 -43.32
C HIS B 267 -46.42 22.05 -44.11
N PHE B 268 -46.92 23.23 -44.45
CA PHE B 268 -46.18 24.19 -45.26
C PHE B 268 -45.91 25.42 -44.40
N CYS B 269 -44.67 25.87 -44.37
CA CYS B 269 -44.37 27.09 -43.64
C CYS B 269 -43.60 28.05 -44.53
N LEU B 270 -43.44 29.27 -44.04
CA LEU B 270 -42.60 30.23 -44.73
C LEU B 270 -41.14 29.87 -44.52
N PRO B 271 -40.24 30.30 -45.41
CA PRO B 271 -38.82 29.94 -45.26
C PRO B 271 -38.19 30.50 -43.99
N GLN B 272 -37.23 29.72 -43.47
CA GLN B 272 -36.49 29.84 -42.21
C GLN B 272 -37.33 29.53 -40.98
N LEU B 273 -38.54 29.00 -41.14
CA LEU B 273 -39.39 28.67 -39.99
C LEU B 273 -39.71 27.18 -39.90
N LEU B 274 -38.87 26.33 -40.48
CA LEU B 274 -39.05 24.89 -40.40
C LEU B 274 -38.90 24.28 -39.00
N PRO B 275 -37.97 24.68 -38.11
CA PRO B 275 -37.96 24.06 -36.77
C PRO B 275 -39.17 24.42 -35.92
N LEU B 276 -39.66 25.65 -36.07
CA LEU B 276 -40.89 26.06 -35.39
C LEU B 276 -42.08 25.27 -35.90
N LEU B 277 -42.09 24.97 -37.19
CA LEU B 277 -43.18 24.17 -37.77
C LEU B 277 -43.12 22.73 -37.28
N LYS B 278 -41.91 22.17 -37.19
CA LYS B 278 -41.71 20.82 -36.66
C LYS B 278 -42.21 20.71 -35.22
N HIS B 279 -41.89 21.70 -34.38
CA HIS B 279 -42.33 21.60 -33.00
C HIS B 279 -43.82 21.89 -32.86
N THR B 280 -44.33 22.86 -33.63
CA THR B 280 -45.71 23.30 -33.46
C THR B 280 -46.70 22.26 -33.93
N THR B 281 -46.50 21.71 -35.13
CA THR B 281 -47.44 20.77 -35.71
C THR B 281 -47.14 19.34 -35.33
N SER B 282 -46.49 19.11 -34.20
CA SER B 282 -46.17 17.76 -33.75
C SER B 282 -47.29 17.16 -32.90
N TYR B 283 -48.26 17.95 -32.49
CA TYR B 283 -49.37 17.47 -31.67
C TYR B 283 -50.57 17.02 -32.50
N LEU B 284 -50.65 17.43 -33.77
CA LEU B 284 -51.87 17.35 -34.57
C LEU B 284 -52.38 15.93 -34.78
N HIS B 285 -51.50 14.92 -34.71
CA HIS B 285 -51.96 13.55 -34.88
C HIS B 285 -52.85 13.10 -33.73
N GLU B 286 -52.63 13.65 -32.54
CA GLU B 286 -53.51 13.33 -31.42
C GLU B 286 -54.87 13.98 -31.59
N VAL B 287 -54.93 15.14 -32.22
CA VAL B 287 -56.20 15.79 -32.52
C VAL B 287 -56.97 14.98 -33.56
N PHE B 288 -56.25 14.48 -34.57
CA PHE B 288 -56.85 13.59 -35.56
C PHE B 288 -57.41 12.33 -34.92
N GLU B 289 -56.64 11.72 -34.02
CA GLU B 289 -57.05 10.49 -33.36
C GLU B 289 -58.26 10.70 -32.46
N PHE B 290 -58.32 11.85 -31.78
CA PHE B 290 -59.49 12.16 -30.97
C PHE B 290 -60.73 12.31 -31.83
N TYR B 291 -60.66 13.16 -32.86
CA TYR B 291 -61.85 13.45 -33.66
C TYR B 291 -62.30 12.25 -34.48
N GLU B 292 -61.41 11.30 -34.72
CA GLU B 292 -61.82 10.06 -35.36
C GLU B 292 -62.18 8.96 -34.38
N GLU B 293 -62.00 9.16 -33.07
CA GLU B 293 -62.53 8.10 -32.21
C GLU B 293 -63.78 8.53 -31.45
N ILE B 294 -64.08 9.82 -31.29
CA ILE B 294 -65.37 10.17 -30.69
C ILE B 294 -66.49 10.06 -31.73
N LEU B 295 -66.29 10.65 -32.91
CA LEU B 295 -67.03 10.23 -34.08
C LEU B 295 -66.41 8.93 -34.56
N THR B 296 -67.17 8.13 -35.31
CA THR B 296 -66.61 6.89 -35.80
C THR B 296 -66.28 6.95 -37.29
N CYS B 297 -66.44 8.10 -37.93
CA CYS B 297 -65.99 8.27 -39.29
C CYS B 297 -64.51 8.63 -39.30
N ARG B 298 -63.77 8.09 -40.27
CA ARG B 298 -62.42 8.57 -40.53
C ARG B 298 -62.49 9.96 -41.17
N TYR B 299 -61.34 10.58 -41.27
CA TYR B 299 -61.21 11.88 -41.89
C TYR B 299 -61.63 11.80 -43.36
N PRO B 300 -62.58 12.61 -43.82
CA PRO B 300 -63.23 12.33 -45.11
C PRO B 300 -62.36 12.61 -46.31
N TYR B 301 -61.45 13.57 -46.23
CA TYR B 301 -60.62 13.92 -47.36
C TYR B 301 -59.38 13.05 -47.40
N SER B 302 -58.78 12.96 -48.58
CA SER B 302 -57.65 12.07 -48.78
C SER B 302 -56.33 12.67 -48.35
N CYS B 303 -56.25 14.00 -48.19
CA CYS B 303 -55.06 14.66 -47.66
C CYS B 303 -55.47 15.71 -46.65
N PHE B 304 -54.49 16.22 -45.93
CA PHE B 304 -54.69 17.39 -45.10
C PHE B 304 -53.46 18.27 -45.22
N LYS B 305 -53.67 19.57 -45.38
CA LYS B 305 -52.59 20.53 -45.60
C LYS B 305 -52.77 21.71 -44.66
N THR B 306 -51.73 22.01 -43.89
CA THR B 306 -51.72 23.17 -43.01
C THR B 306 -50.71 24.16 -43.54
N VAL B 307 -51.16 25.36 -43.89
CA VAL B 307 -50.32 26.41 -44.45
C VAL B 307 -50.20 27.52 -43.43
N PHE B 308 -48.97 27.96 -43.17
CA PHE B 308 -48.70 29.05 -42.25
C PHE B 308 -48.15 30.22 -43.03
N ILE B 309 -48.81 31.37 -42.93
CA ILE B 309 -48.61 32.50 -43.82
C ILE B 309 -48.47 33.76 -42.99
N ASP B 310 -48.13 34.85 -43.69
CA ASP B 310 -47.97 36.15 -43.07
C ASP B 310 -49.11 37.08 -43.48
N GLU B 311 -49.45 37.99 -42.57
CA GLU B 311 -50.55 38.97 -42.72
C GLU B 311 -51.87 38.28 -43.00
N ALA B 312 -52.22 37.31 -42.15
CA ALA B 312 -53.42 36.52 -42.35
C ALA B 312 -54.67 37.32 -42.07
N TYR B 313 -55.77 36.89 -42.69
CA TYR B 313 -57.06 37.51 -42.46
C TYR B 313 -57.58 37.20 -41.07
N VAL B 314 -57.83 35.94 -40.80
CA VAL B 314 -58.17 35.46 -39.47
C VAL B 314 -57.01 34.61 -38.98
N GLU B 315 -57.03 34.33 -37.67
CA GLU B 315 -55.96 33.54 -37.07
C GLU B 315 -55.98 32.09 -37.54
N VAL B 316 -57.16 31.58 -37.88
CA VAL B 316 -57.30 30.24 -38.41
C VAL B 316 -58.49 30.17 -39.36
N ALA B 317 -58.25 29.77 -40.60
CA ALA B 317 -59.30 29.57 -41.58
C ALA B 317 -59.29 28.12 -42.02
N ALA B 318 -60.47 27.54 -42.19
CA ALA B 318 -60.59 26.13 -42.53
C ALA B 318 -61.38 26.00 -43.83
N TYR B 319 -60.77 25.38 -44.83
CA TYR B 319 -61.38 25.10 -46.11
C TYR B 319 -61.46 23.60 -46.28
N ALA B 320 -61.89 23.17 -47.45
CA ALA B 320 -61.98 21.74 -47.74
C ALA B 320 -60.57 21.16 -47.90
N SER B 321 -60.22 20.24 -47.01
CA SER B 321 -58.94 19.51 -47.02
C SER B 321 -57.73 20.41 -46.84
N MET B 322 -57.90 21.54 -46.16
CA MET B 322 -56.85 22.56 -46.08
C MET B 322 -57.19 23.51 -44.95
N SER B 323 -56.16 24.01 -44.28
CA SER B 323 -56.33 25.04 -43.28
C SER B 323 -55.22 26.06 -43.44
N ILE B 324 -55.56 27.31 -43.23
CA ILE B 324 -54.62 28.42 -43.38
C ILE B 324 -54.52 29.11 -42.03
N PHE B 325 -53.38 28.97 -41.38
CA PHE B 325 -53.09 29.62 -40.11
C PHE B 325 -52.09 30.74 -40.34
N SER B 326 -51.99 31.65 -39.38
CA SER B 326 -50.96 32.66 -39.46
C SER B 326 -49.66 32.12 -38.87
N THR B 327 -48.54 32.69 -39.30
CA THR B 327 -47.25 32.25 -38.77
C THR B 327 -47.03 32.65 -37.32
N ASN B 328 -47.83 33.58 -36.79
CA ASN B 328 -47.68 34.01 -35.41
C ASN B 328 -48.08 32.95 -34.41
N LEU B 329 -48.65 31.83 -34.85
CA LEU B 329 -48.90 30.68 -34.01
C LEU B 329 -47.69 29.80 -33.83
N LEU B 330 -46.67 29.95 -34.66
CA LEU B 330 -45.49 29.09 -34.62
C LEU B 330 -44.61 29.47 -33.45
N HIS B 331 -44.37 28.53 -32.55
CA HIS B 331 -43.53 28.72 -31.39
C HIS B 331 -42.48 27.62 -31.36
N SER B 332 -41.48 27.78 -30.51
CA SER B 332 -40.46 26.75 -30.37
C SER B 332 -40.75 25.94 -29.12
N ALA B 333 -39.80 25.08 -28.74
CA ALA B 333 -40.00 24.20 -27.61
C ALA B 333 -39.89 24.91 -26.27
N MET B 334 -39.22 26.06 -26.23
CA MET B 334 -39.01 26.79 -25.00
C MET B 334 -40.03 27.88 -24.78
N ILE B 335 -41.11 27.89 -25.54
CA ILE B 335 -42.15 28.90 -25.41
C ILE B 335 -43.36 28.26 -24.77
N ILE B 336 -43.68 28.71 -23.56
CA ILE B 336 -44.92 28.35 -22.90
C ILE B 336 -45.81 29.59 -22.95
N ASP B 337 -47.06 29.42 -22.51
CA ASP B 337 -48.19 30.36 -22.59
C ASP B 337 -48.67 30.57 -24.03
N GLU B 338 -48.05 29.90 -25.00
CA GLU B 338 -48.47 29.91 -26.39
C GLU B 338 -48.80 28.51 -26.91
N THR B 339 -48.25 27.47 -26.28
CA THR B 339 -48.60 26.09 -26.63
C THR B 339 -50.09 25.75 -26.53
N PRO B 340 -50.85 26.11 -25.47
CA PRO B 340 -52.27 25.76 -25.48
C PRO B 340 -53.09 26.54 -26.50
N LEU B 341 -52.72 27.79 -26.78
CA LEU B 341 -53.49 28.60 -27.73
C LEU B 341 -53.34 28.09 -29.15
N THR B 342 -52.10 27.81 -29.56
CA THR B 342 -51.87 27.22 -30.88
C THR B 342 -52.47 25.83 -30.98
N ARG B 343 -52.40 25.06 -29.89
CA ARG B 343 -52.97 23.72 -29.86
C ARG B 343 -54.48 23.75 -30.07
N ARG B 344 -55.16 24.69 -29.43
CA ARG B 344 -56.61 24.75 -29.62
C ARG B 344 -57.00 25.41 -30.93
N CYS B 345 -56.14 26.25 -31.53
CA CYS B 345 -56.43 26.71 -32.89
C CYS B 345 -56.37 25.57 -33.90
N LEU B 346 -55.35 24.70 -33.78
CA LEU B 346 -55.30 23.50 -34.63
C LEU B 346 -56.53 22.61 -34.41
N ALA B 347 -56.96 22.48 -33.15
CA ALA B 347 -58.11 21.63 -32.85
C ALA B 347 -59.40 22.16 -33.42
N GLN B 348 -59.63 23.47 -33.35
CA GLN B 348 -60.88 23.98 -33.92
C GLN B 348 -60.84 24.04 -35.43
N SER B 349 -59.66 24.16 -36.04
CA SER B 349 -59.58 24.02 -37.49
C SER B 349 -59.95 22.61 -37.93
N LEU B 350 -59.52 21.60 -37.17
CA LEU B 350 -59.89 20.23 -37.53
C LEU B 350 -61.37 19.93 -37.27
N ALA B 351 -61.94 20.51 -36.22
CA ALA B 351 -63.38 20.37 -35.98
C ALA B 351 -64.19 21.00 -37.10
N GLN B 352 -63.75 22.14 -37.62
CA GLN B 352 -64.41 22.72 -38.77
C GLN B 352 -64.14 21.96 -40.05
N GLN B 353 -63.03 21.22 -40.13
CA GLN B 353 -62.83 20.32 -41.26
C GLN B 353 -63.89 19.23 -41.28
N PHE B 354 -64.23 18.71 -40.11
CA PHE B 354 -65.26 17.68 -40.07
C PHE B 354 -66.65 18.25 -40.33
N PHE B 355 -67.00 19.35 -39.66
CA PHE B 355 -68.40 19.77 -39.63
C PHE B 355 -68.63 21.19 -40.14
N GLY B 356 -67.76 21.70 -41.00
CA GLY B 356 -68.11 22.92 -41.70
C GLY B 356 -67.84 22.80 -43.18
N CYS B 357 -66.98 21.87 -43.53
CA CYS B 357 -66.49 21.69 -44.89
C CYS B 357 -66.96 20.39 -45.53
N PHE B 358 -67.08 19.32 -44.75
CA PHE B 358 -67.63 18.10 -45.30
C PHE B 358 -69.15 18.11 -45.28
N ILE B 359 -69.73 18.25 -44.10
CA ILE B 359 -71.16 18.53 -43.98
C ILE B 359 -71.33 20.04 -44.02
N SER B 360 -72.04 20.52 -45.02
CA SER B 360 -72.22 21.93 -45.25
C SER B 360 -73.64 22.34 -44.88
N ARG B 361 -73.98 23.58 -45.24
CA ARG B 361 -75.16 24.29 -44.81
C ARG B 361 -76.22 24.22 -45.90
N MET B 362 -77.48 24.05 -45.50
CA MET B 362 -78.52 24.05 -46.51
C MET B 362 -79.07 25.43 -46.82
N SER B 363 -79.12 26.32 -45.83
CA SER B 363 -79.54 27.70 -46.04
C SER B 363 -78.58 28.60 -45.26
N TRP B 364 -78.92 29.88 -45.12
CA TRP B 364 -78.16 30.64 -44.13
C TRP B 364 -78.67 30.37 -42.73
N SER B 365 -79.98 30.18 -42.58
CA SER B 365 -80.46 29.41 -41.45
C SER B 365 -79.92 27.99 -41.56
N ASP B 366 -79.87 27.30 -40.41
CA ASP B 366 -79.19 26.02 -40.16
C ASP B 366 -77.67 26.19 -40.12
N GLU B 367 -77.20 27.42 -39.93
CA GLU B 367 -75.78 27.65 -39.69
C GLU B 367 -75.43 27.39 -38.24
N TRP B 368 -76.41 27.59 -37.35
CA TRP B 368 -76.23 27.31 -35.93
C TRP B 368 -75.95 25.85 -35.68
N VAL B 369 -76.47 24.96 -36.54
CA VAL B 369 -76.22 23.53 -36.41
C VAL B 369 -74.74 23.23 -36.61
N LEU B 370 -74.15 23.76 -37.68
CA LEU B 370 -72.76 23.47 -38.00
C LEU B 370 -71.82 24.14 -37.01
N LYS B 371 -72.06 25.41 -36.69
CA LYS B 371 -71.25 26.11 -35.72
C LYS B 371 -71.34 25.47 -34.33
N GLY B 372 -72.52 24.96 -33.97
CA GLY B 372 -72.68 24.31 -32.69
C GLY B 372 -71.99 22.98 -32.62
N ILE B 373 -72.03 22.19 -33.71
CA ILE B 373 -71.36 20.89 -33.69
C ILE B 373 -69.85 21.07 -33.68
N SER B 374 -69.34 22.04 -34.44
CA SER B 374 -67.91 22.34 -34.44
C SER B 374 -67.44 22.76 -33.06
N GLY B 375 -68.11 23.76 -32.46
CA GLY B 375 -67.74 24.21 -31.13
C GLY B 375 -67.93 23.16 -30.05
N TYR B 376 -68.94 22.30 -30.20
CA TYR B 376 -69.19 21.29 -29.19
C TYR B 376 -68.13 20.19 -29.22
N ILE B 377 -67.77 19.69 -30.40
CA ILE B 377 -66.74 18.67 -30.43
C ILE B 377 -65.37 19.25 -30.12
N TYR B 378 -65.16 20.54 -30.38
CA TYR B 378 -63.92 21.16 -29.95
C TYR B 378 -63.88 21.31 -28.43
N GLY B 379 -65.03 21.52 -27.80
CA GLY B 379 -65.07 21.52 -26.35
C GLY B 379 -64.87 20.15 -25.76
N LEU B 380 -65.32 19.10 -26.43
CA LEU B 380 -65.02 17.73 -25.99
C LEU B 380 -63.53 17.43 -26.10
N TRP B 381 -62.89 17.94 -27.16
CA TRP B 381 -61.44 17.82 -27.27
C TRP B 381 -60.74 18.55 -26.14
N MET B 382 -61.20 19.75 -25.81
CA MET B 382 -60.61 20.51 -24.72
C MET B 382 -60.80 19.80 -23.38
N LYS B 383 -61.96 19.15 -23.20
CA LYS B 383 -62.21 18.39 -21.99
C LYS B 383 -61.22 17.23 -21.84
N LYS B 384 -61.07 16.42 -22.89
CA LYS B 384 -60.12 15.31 -22.82
C LYS B 384 -58.68 15.78 -22.69
N THR B 385 -58.29 16.83 -23.42
CA THR B 385 -56.90 17.24 -23.43
C THR B 385 -56.51 17.99 -22.16
N PHE B 386 -57.22 19.08 -21.84
CA PHE B 386 -56.83 19.94 -20.73
C PHE B 386 -57.62 19.66 -19.46
N GLY B 387 -58.43 18.61 -19.40
CA GLY B 387 -59.12 18.33 -18.16
C GLY B 387 -60.52 18.91 -18.10
N VAL B 388 -61.34 18.25 -17.29
CA VAL B 388 -62.71 18.67 -17.02
C VAL B 388 -62.77 20.04 -16.35
N ASN B 389 -61.78 20.40 -15.53
CA ASN B 389 -61.80 21.70 -14.86
C ASN B 389 -61.58 22.85 -15.84
N GLU B 390 -60.66 22.67 -16.78
CA GLU B 390 -60.49 23.65 -17.84
C GLU B 390 -61.70 23.71 -18.75
N TYR B 391 -62.38 22.57 -18.95
CA TYR B 391 -63.64 22.57 -19.69
C TYR B 391 -64.72 23.40 -18.99
N ARG B 392 -64.87 23.22 -17.67
CA ARG B 392 -65.88 23.97 -16.93
C ARG B 392 -65.56 25.46 -16.90
N HIS B 393 -64.28 25.80 -16.77
CA HIS B 393 -63.88 27.21 -16.78
C HIS B 393 -64.13 27.84 -18.13
N TRP B 394 -63.87 27.11 -19.21
CA TRP B 394 -64.13 27.62 -20.55
C TRP B 394 -65.61 27.80 -20.80
N ILE B 395 -66.44 26.83 -20.39
CA ILE B 395 -67.88 26.92 -20.57
C ILE B 395 -68.46 28.09 -19.78
N LYS B 396 -67.94 28.32 -18.57
CA LYS B 396 -68.40 29.45 -17.78
C LYS B 396 -67.98 30.78 -18.39
N GLU B 397 -66.78 30.87 -18.97
CA GLU B 397 -66.38 32.14 -19.56
C GLU B 397 -67.16 32.42 -20.85
N GLU B 398 -67.54 31.38 -21.59
CA GLU B 398 -68.37 31.59 -22.78
C GLU B 398 -69.78 31.99 -22.39
N LEU B 399 -70.32 31.41 -21.32
CA LEU B 399 -71.66 31.76 -20.86
C LEU B 399 -71.71 33.18 -20.32
N ASP B 400 -70.67 33.60 -19.60
CA ASP B 400 -70.60 34.99 -19.14
C ASP B 400 -70.47 35.96 -20.29
N LYS B 401 -69.71 35.57 -21.33
CA LYS B 401 -69.59 36.36 -22.54
C LYS B 401 -70.94 36.59 -23.22
N ILE B 402 -71.74 35.53 -23.35
CA ILE B 402 -73.02 35.69 -24.04
C ILE B 402 -74.03 36.42 -23.19
N VAL B 403 -74.04 36.22 -21.88
CA VAL B 403 -75.04 36.96 -21.10
C VAL B 403 -74.66 38.44 -21.04
N ALA B 404 -73.37 38.77 -21.07
CA ALA B 404 -72.96 40.16 -21.17
C ALA B 404 -73.35 40.76 -22.51
N TYR B 405 -73.18 40.03 -23.60
CA TYR B 405 -73.53 40.58 -24.91
C TYR B 405 -75.03 40.68 -25.11
N GLU B 406 -75.79 39.69 -24.65
CA GLU B 406 -77.24 39.72 -24.86
C GLU B 406 -77.93 40.71 -23.94
N LEU B 407 -77.42 40.94 -22.73
CA LEU B 407 -77.97 42.02 -21.93
C LEU B 407 -77.48 43.37 -22.41
N LYS B 408 -76.34 43.44 -23.10
CA LYS B 408 -75.86 44.71 -23.62
C LYS B 408 -76.71 45.19 -24.79
N THR B 409 -76.91 44.34 -25.80
CA THR B 409 -77.64 44.72 -27.00
C THR B 409 -78.52 43.57 -27.48
N GLY B 410 -79.80 43.61 -27.12
CA GLY B 410 -80.79 42.76 -27.73
C GLY B 410 -80.65 41.28 -27.47
N GLY B 411 -80.17 40.55 -28.45
CA GLY B 411 -79.90 39.14 -28.29
C GLY B 411 -79.47 38.47 -29.58
N VAL B 412 -78.82 37.32 -29.46
CA VAL B 412 -78.42 36.52 -30.61
C VAL B 412 -79.54 35.54 -30.92
N LEU B 413 -79.98 35.52 -32.16
CA LEU B 413 -81.07 34.66 -32.61
C LEU B 413 -80.49 33.58 -33.52
N LEU B 414 -80.27 32.39 -32.96
CA LEU B 414 -79.98 31.24 -33.79
C LEU B 414 -81.25 30.82 -34.50
N HIS B 415 -81.12 30.40 -35.76
CA HIS B 415 -82.21 29.99 -36.64
C HIS B 415 -83.32 31.02 -36.73
N PRO B 416 -83.12 32.12 -37.44
CA PRO B 416 -84.24 33.03 -37.71
C PRO B 416 -85.05 32.53 -38.89
N ILE B 417 -86.24 33.09 -39.03
CA ILE B 417 -87.19 32.67 -40.06
C ILE B 417 -87.52 33.88 -40.91
N PHE B 418 -87.24 33.79 -42.20
CA PHE B 418 -87.55 34.87 -43.13
C PHE B 418 -88.70 34.47 -44.04
N ASN B 426 -88.38 41.96 -40.45
CA ASN B 426 -87.22 41.19 -40.02
C ASN B 426 -87.48 40.47 -38.69
N PRO B 427 -86.88 39.29 -38.52
CA PRO B 427 -87.10 38.53 -37.28
C PRO B 427 -86.44 39.15 -36.06
N ALA B 428 -85.32 39.83 -36.22
CA ALA B 428 -84.65 40.52 -35.13
C ALA B 428 -84.51 41.98 -35.51
N SER B 429 -85.35 42.83 -34.93
CA SER B 429 -85.39 44.25 -35.24
C SER B 429 -84.86 45.10 -34.10
N HIS B 430 -84.31 44.49 -33.08
CA HIS B 430 -83.75 45.21 -31.94
C HIS B 430 -82.30 45.62 -32.16
N LEU B 431 -81.75 45.36 -33.34
CA LEU B 431 -80.32 45.53 -33.56
C LEU B 431 -80.10 46.08 -34.97
N HIS B 432 -79.03 46.83 -35.13
CA HIS B 432 -78.90 47.81 -36.21
C HIS B 432 -78.47 47.21 -37.55
N PHE B 433 -78.43 45.90 -37.70
CA PHE B 433 -78.05 45.28 -38.95
C PHE B 433 -79.05 44.18 -39.27
N SER B 434 -78.99 43.63 -40.48
CA SER B 434 -79.92 42.58 -40.86
C SER B 434 -79.21 41.24 -40.73
N ILE B 435 -79.93 40.26 -40.21
CA ILE B 435 -79.37 38.96 -39.95
C ILE B 435 -79.74 37.96 -41.04
N LYS B 436 -80.13 38.44 -42.22
CA LYS B 436 -80.50 37.58 -43.32
C LYS B 436 -79.30 37.00 -44.04
N HIS B 437 -78.13 37.62 -43.94
CA HIS B 437 -76.95 37.23 -44.68
C HIS B 437 -75.74 37.32 -43.76
N PRO B 438 -74.75 36.45 -43.94
CA PRO B 438 -73.56 36.52 -43.08
C PRO B 438 -72.71 37.75 -43.28
N HIS B 439 -72.81 38.41 -44.43
CA HIS B 439 -71.95 39.53 -44.76
C HIS B 439 -72.53 40.86 -44.32
N THR B 440 -73.70 40.85 -43.70
CA THR B 440 -74.23 42.05 -43.06
C THR B 440 -74.14 41.98 -41.55
N LEU B 441 -73.71 40.87 -40.99
CA LEU B 441 -73.60 40.73 -39.56
C LEU B 441 -72.41 41.52 -39.03
N SER B 442 -72.57 42.09 -37.84
CA SER B 442 -71.43 42.62 -37.13
C SER B 442 -70.51 41.49 -36.71
N TRP B 443 -69.22 41.81 -36.54
CA TRP B 443 -68.26 40.77 -36.23
C TRP B 443 -68.42 40.25 -34.81
N GLU B 444 -68.80 41.14 -33.89
CA GLU B 444 -69.09 40.71 -32.53
C GLU B 444 -70.34 39.84 -32.48
N TYR B 445 -71.31 40.11 -33.35
CA TYR B 445 -72.49 39.26 -33.44
C TYR B 445 -72.13 37.90 -34.02
N TYR B 446 -71.20 37.85 -34.96
CA TYR B 446 -70.77 36.57 -35.52
C TYR B 446 -70.05 35.72 -34.49
N SER B 447 -69.20 36.36 -33.68
CA SER B 447 -68.49 35.67 -32.61
C SER B 447 -69.46 35.15 -31.55
N MET B 448 -70.41 35.98 -31.14
CA MET B 448 -71.39 35.54 -30.16
C MET B 448 -72.37 34.52 -30.73
N PHE B 449 -72.58 34.54 -32.06
CA PHE B 449 -73.39 33.52 -32.71
C PHE B 449 -72.76 32.15 -32.57
N GLN B 450 -71.46 32.04 -32.89
CA GLN B 450 -70.79 30.76 -32.75
C GLN B 450 -70.72 30.31 -31.30
N CYS B 451 -70.55 31.26 -30.38
CA CYS B 451 -70.47 30.96 -28.96
C CYS B 451 -71.79 30.40 -28.43
N LYS B 452 -72.91 31.06 -28.77
CA LYS B 452 -74.22 30.60 -28.35
C LYS B 452 -74.61 29.30 -29.00
N ALA B 453 -74.15 29.06 -30.24
CA ALA B 453 -74.46 27.81 -30.90
C ALA B 453 -73.83 26.63 -30.20
N HIS B 454 -72.56 26.76 -29.78
CA HIS B 454 -71.98 25.61 -29.09
C HIS B 454 -72.49 25.46 -27.66
N LEU B 455 -72.96 26.54 -27.03
CA LEU B 455 -73.56 26.34 -25.70
C LEU B 455 -74.95 25.70 -25.79
N VAL B 456 -75.73 26.04 -26.83
CA VAL B 456 -77.01 25.37 -27.03
C VAL B 456 -76.82 23.90 -27.40
N MET B 457 -75.73 23.56 -28.11
CA MET B 457 -75.45 22.14 -28.33
C MET B 457 -75.06 21.41 -27.07
N ARG B 458 -74.37 22.09 -26.15
CA ARG B 458 -74.15 21.49 -24.83
C ARG B 458 -75.45 21.27 -24.07
N LEU B 459 -76.42 22.17 -24.26
CA LEU B 459 -77.74 21.99 -23.64
C LEU B 459 -78.49 20.79 -24.23
N ILE B 460 -78.39 20.60 -25.54
CA ILE B 460 -79.00 19.43 -26.18
C ILE B 460 -78.31 18.14 -25.71
N GLU B 461 -77.00 18.20 -25.45
CA GLU B 461 -76.34 17.05 -24.82
C GLU B 461 -76.83 16.83 -23.39
N ASN B 462 -77.16 17.90 -22.67
CA ASN B 462 -77.68 17.74 -21.33
C ASN B 462 -79.04 17.07 -21.33
N ARG B 463 -79.89 17.39 -22.31
CA ARG B 463 -81.19 16.73 -22.35
C ARG B 463 -81.09 15.31 -22.90
N ILE B 464 -80.33 15.11 -23.96
CA ILE B 464 -80.17 13.82 -24.61
C ILE B 464 -78.70 13.46 -24.54
N SER B 465 -78.38 12.34 -23.89
CA SER B 465 -77.06 12.05 -23.35
C SER B 465 -75.98 12.01 -24.43
N MET B 466 -74.72 12.11 -23.98
CA MET B 466 -73.59 12.38 -24.87
C MET B 466 -73.34 11.27 -25.87
N GLU B 467 -73.59 10.02 -25.51
CA GLU B 467 -73.42 8.93 -26.46
C GLU B 467 -74.47 8.95 -27.56
N PHE B 468 -75.71 9.36 -27.25
CA PHE B 468 -76.69 9.57 -28.30
C PHE B 468 -76.35 10.77 -29.17
N MET B 469 -75.70 11.77 -28.60
CA MET B 469 -75.27 12.94 -29.38
C MET B 469 -74.18 12.57 -30.37
N LEU B 470 -73.20 11.80 -29.93
CA LEU B 470 -72.17 11.32 -30.83
C LEU B 470 -72.73 10.35 -31.87
N GLN B 471 -73.80 9.65 -31.54
CA GLN B 471 -74.47 8.82 -32.54
C GLN B 471 -75.19 9.67 -33.58
N VAL B 472 -75.76 10.81 -33.18
CA VAL B 472 -76.36 11.75 -34.14
C VAL B 472 -75.30 12.23 -35.12
N PHE B 473 -74.14 12.63 -34.58
CA PHE B 473 -73.08 13.18 -35.43
C PHE B 473 -72.52 12.12 -36.37
N ASN B 474 -72.40 10.88 -35.87
CA ASN B 474 -71.94 9.79 -36.71
C ASN B 474 -72.96 9.45 -37.79
N LYS B 475 -74.26 9.59 -37.51
CA LYS B 475 -75.26 9.34 -38.53
C LYS B 475 -75.22 10.40 -39.62
N LEU B 476 -75.00 11.66 -39.25
CA LEU B 476 -74.86 12.73 -40.24
C LEU B 476 -73.63 12.52 -41.10
N LEU B 477 -72.49 12.21 -40.48
CA LEU B 477 -71.26 11.93 -41.22
C LEU B 477 -71.37 10.70 -42.11
N SER B 478 -72.12 9.67 -41.68
CA SER B 478 -72.25 8.47 -42.48
C SER B 478 -73.17 8.67 -43.67
N LEU B 479 -74.24 9.45 -43.51
CA LEU B 479 -75.06 9.84 -44.65
C LEU B 479 -74.26 10.65 -45.65
N ALA B 480 -73.43 11.57 -45.14
CA ALA B 480 -72.61 12.40 -46.01
C ALA B 480 -71.55 11.59 -46.74
N SER B 481 -70.97 10.58 -46.11
CA SER B 481 -69.93 9.80 -46.76
C SER B 481 -70.48 8.73 -47.69
N THR B 482 -71.72 8.26 -47.48
CA THR B 482 -72.34 7.47 -48.55
C THR B 482 -72.75 8.36 -49.70
N ALA B 483 -73.09 9.62 -49.42
CA ALA B 483 -73.42 10.58 -50.46
C ALA B 483 -72.20 11.02 -51.23
N SER B 484 -71.04 11.09 -50.59
CA SER B 484 -69.84 11.67 -51.16
C SER B 484 -69.19 10.83 -52.23
N SER B 485 -69.58 9.56 -52.36
CA SER B 485 -68.98 8.66 -53.33
C SER B 485 -69.85 8.42 -54.55
N GLN B 486 -71.10 8.83 -54.55
CA GLN B 486 -71.96 8.67 -55.74
C GLN B 486 -71.46 9.61 -56.84
N LYS B 487 -71.91 9.42 -58.06
CA LYS B 487 -71.54 10.30 -59.18
C LYS B 487 -72.78 11.08 -59.64
N PHE B 488 -73.95 10.69 -59.16
CA PHE B 488 -75.21 11.32 -59.62
C PHE B 488 -75.12 12.78 -59.26
N GLN B 489 -75.49 13.65 -60.17
CA GLN B 489 -75.23 15.08 -59.93
C GLN B 489 -76.26 15.61 -58.94
N SER B 490 -76.07 15.33 -57.66
CA SER B 490 -76.94 15.87 -56.59
C SER B 490 -78.24 15.11 -56.42
N HIS B 491 -78.44 13.96 -57.10
CA HIS B 491 -79.63 13.20 -56.73
C HIS B 491 -79.31 12.86 -55.28
N MET B 492 -78.06 12.54 -55.00
CA MET B 492 -77.70 12.12 -53.64
C MET B 492 -76.66 13.02 -53.00
N TRP B 493 -76.23 14.10 -53.64
CA TRP B 493 -75.11 14.92 -53.08
C TRP B 493 -75.67 15.91 -52.11
N SER B 494 -76.98 15.94 -51.91
CA SER B 494 -77.61 16.91 -51.00
C SER B 494 -77.83 16.24 -49.67
N GLN B 495 -77.29 15.05 -49.50
CA GLN B 495 -77.38 14.41 -48.19
C GLN B 495 -76.16 14.86 -47.46
N MET B 496 -75.27 15.57 -48.13
CA MET B 496 -74.12 16.18 -47.48
C MET B 496 -74.45 17.55 -46.90
N LEU B 497 -75.66 18.03 -47.11
CA LEU B 497 -76.12 19.32 -46.57
C LEU B 497 -77.09 19.05 -45.42
N VAL B 498 -76.80 19.61 -44.27
CA VAL B 498 -77.65 19.43 -43.09
C VAL B 498 -78.58 20.62 -42.98
N SER B 499 -79.75 20.39 -42.39
CA SER B 499 -80.70 21.45 -42.07
C SER B 499 -81.08 21.33 -40.61
N THR B 500 -81.94 22.24 -40.14
CA THR B 500 -82.42 22.12 -38.77
C THR B 500 -83.41 20.98 -38.64
N SER B 501 -84.35 20.87 -39.60
CA SER B 501 -85.35 19.82 -39.53
C SER B 501 -84.73 18.43 -39.68
N GLY B 502 -83.72 18.30 -40.52
CA GLY B 502 -83.02 17.03 -40.64
C GLY B 502 -82.22 16.69 -39.40
N PHE B 503 -81.64 17.69 -38.74
CA PHE B 503 -80.89 17.45 -37.52
C PHE B 503 -81.80 17.04 -36.38
N LEU B 504 -82.96 17.71 -36.23
CA LEU B 504 -83.93 17.33 -35.22
C LEU B 504 -84.55 15.97 -35.52
N LYS B 505 -84.73 15.63 -36.81
CA LYS B 505 -85.26 14.33 -37.15
C LYS B 505 -84.26 13.22 -36.87
N SER B 506 -82.97 13.47 -37.08
CA SER B 506 -81.96 12.47 -36.76
C SER B 506 -81.83 12.28 -35.24
N ILE B 507 -82.00 13.37 -34.49
CA ILE B 507 -82.02 13.29 -33.03
C ILE B 507 -83.19 12.45 -32.55
N SER B 508 -84.38 12.70 -33.13
CA SER B 508 -85.57 11.94 -32.80
C SER B 508 -85.47 10.49 -33.25
N ASN B 509 -84.69 10.23 -34.30
CA ASN B 509 -84.47 8.85 -34.72
C ASN B 509 -83.60 8.10 -33.74
N VAL B 510 -82.53 8.72 -33.24
CA VAL B 510 -81.62 7.95 -32.42
C VAL B 510 -82.11 7.87 -30.97
N SER B 511 -82.93 8.82 -30.50
CA SER B 511 -83.23 8.86 -29.07
C SER B 511 -84.67 8.57 -28.74
N GLY B 512 -85.62 8.91 -29.62
CA GLY B 512 -87.01 8.76 -29.32
C GLY B 512 -87.61 9.92 -28.57
N LYS B 513 -86.79 10.83 -28.06
CA LYS B 513 -87.22 12.09 -27.47
C LYS B 513 -87.02 13.20 -28.49
N ASP B 514 -87.96 14.13 -28.57
CA ASP B 514 -87.74 15.32 -29.36
C ASP B 514 -87.48 16.51 -28.43
N ILE B 515 -86.68 17.45 -28.92
CA ILE B 515 -86.16 18.54 -28.12
C ILE B 515 -86.85 19.86 -28.44
N GLN B 516 -88.00 19.78 -29.10
CA GLN B 516 -88.76 20.94 -29.59
C GLN B 516 -89.10 22.00 -28.53
N PRO B 517 -89.34 21.68 -27.25
CA PRO B 517 -89.38 22.78 -26.26
C PRO B 517 -88.04 23.45 -26.04
N LEU B 518 -86.95 22.68 -26.01
CA LEU B 518 -85.63 23.27 -25.82
C LEU B 518 -85.21 24.06 -27.05
N ILE B 519 -85.54 23.56 -28.23
CA ILE B 519 -85.29 24.28 -29.48
C ILE B 519 -86.12 25.55 -29.53
N LYS B 520 -87.37 25.47 -29.10
CA LYS B 520 -88.24 26.64 -29.10
C LYS B 520 -87.79 27.68 -28.09
N GLN B 521 -87.20 27.27 -26.99
CA GLN B 521 -86.79 28.25 -25.99
C GLN B 521 -85.45 28.88 -26.32
N TRP B 522 -84.43 28.07 -26.60
CA TRP B 522 -83.09 28.61 -26.68
C TRP B 522 -82.61 28.89 -28.09
N VAL B 523 -83.33 28.45 -29.11
CA VAL B 523 -82.90 28.73 -30.47
C VAL B 523 -83.82 29.80 -31.06
N ASP B 524 -85.11 29.50 -31.18
CA ASP B 524 -86.04 30.38 -31.87
C ASP B 524 -86.40 31.66 -31.13
N GLN B 525 -85.91 31.90 -29.91
CA GLN B 525 -86.51 32.96 -29.09
C GLN B 525 -85.59 34.10 -28.71
N SER B 526 -84.27 33.92 -28.74
CA SER B 526 -83.27 34.98 -28.60
C SER B 526 -83.36 35.73 -27.27
N GLY B 527 -83.02 35.02 -26.19
CA GLY B 527 -82.87 35.67 -24.90
C GLY B 527 -82.21 34.75 -23.89
N VAL B 528 -81.64 35.37 -22.85
CA VAL B 528 -81.11 34.66 -21.71
C VAL B 528 -81.96 35.00 -20.49
N VAL B 529 -81.80 34.24 -19.41
CA VAL B 529 -82.63 34.43 -18.23
C VAL B 529 -81.78 34.97 -17.09
N LYS B 530 -82.44 35.69 -16.18
CA LYS B 530 -81.80 36.31 -15.02
C LYS B 530 -82.50 35.81 -13.77
N PHE B 531 -81.74 35.25 -12.84
CA PHE B 531 -82.30 34.67 -11.63
C PHE B 531 -81.82 35.46 -10.42
N TYR B 532 -82.75 35.87 -9.57
CA TYR B 532 -82.44 36.51 -8.30
C TYR B 532 -82.97 35.59 -7.21
N GLY B 533 -82.07 35.04 -6.42
CA GLY B 533 -82.44 34.07 -5.40
C GLY B 533 -82.09 34.56 -4.02
N SER B 534 -82.93 34.22 -3.05
CA SER B 534 -82.65 34.45 -1.65
C SER B 534 -83.36 33.37 -0.84
N PHE B 535 -82.73 32.92 0.22
CA PHE B 535 -83.26 31.81 0.99
C PHE B 535 -83.61 32.26 2.40
N ALA B 536 -84.38 31.43 3.08
CA ALA B 536 -84.63 31.58 4.51
C ALA B 536 -84.86 30.18 5.09
N PHE B 537 -84.20 29.88 6.20
CA PHE B 537 -84.30 28.56 6.82
C PHE B 537 -85.38 28.59 7.90
N ASN B 538 -86.41 27.78 7.72
CA ASN B 538 -87.45 27.61 8.73
C ASN B 538 -86.99 26.53 9.71
N ARG B 539 -86.67 26.97 10.93
CA ARG B 539 -86.16 26.09 11.98
C ARG B 539 -87.25 25.20 12.55
N LYS B 540 -88.50 25.66 12.53
CA LYS B 540 -89.60 24.93 13.16
C LYS B 540 -89.93 23.66 12.39
N ARG B 541 -90.16 23.82 11.07
CA ARG B 541 -90.53 22.71 10.14
C ARG B 541 -89.31 22.16 9.43
N ASN B 542 -88.11 22.63 9.75
CA ASN B 542 -86.84 22.15 9.19
C ASN B 542 -86.82 22.22 7.66
N VAL B 543 -87.31 23.32 7.09
CA VAL B 543 -87.34 23.43 5.64
C VAL B 543 -86.49 24.62 5.22
N LEU B 544 -86.16 24.64 3.93
CA LEU B 544 -85.41 25.71 3.31
C LEU B 544 -86.33 26.37 2.29
N GLU B 545 -86.71 27.62 2.55
CA GLU B 545 -87.63 28.35 1.70
C GLU B 545 -86.81 29.22 0.77
N LEU B 546 -86.67 28.76 -0.47
CA LEU B 546 -86.01 29.56 -1.50
C LEU B 546 -87.01 30.52 -2.11
N GLU B 547 -86.47 31.61 -2.65
CA GLU B 547 -87.26 32.68 -3.25
C GLU B 547 -86.51 33.09 -4.50
N ILE B 548 -86.98 32.61 -5.65
CA ILE B 548 -86.33 32.82 -6.94
C ILE B 548 -87.27 33.64 -7.80
N LYS B 549 -86.84 34.84 -8.16
CA LYS B 549 -87.62 35.71 -9.02
C LYS B 549 -86.78 36.08 -10.24
N GLN B 550 -87.45 36.23 -11.38
CA GLN B 550 -86.77 36.51 -12.63
C GLN B 550 -87.00 37.95 -13.05
N ASP B 551 -85.97 38.56 -13.62
CA ASP B 551 -86.11 39.85 -14.28
C ASP B 551 -86.33 39.58 -15.76
N TYR B 552 -87.58 39.69 -16.19
CA TYR B 552 -87.97 39.37 -17.55
C TYR B 552 -88.41 40.60 -18.33
N THR B 553 -88.20 41.79 -17.77
CA THR B 553 -88.58 43.04 -18.40
C THR B 553 -87.38 43.83 -18.90
N SER B 554 -86.17 43.34 -18.69
CA SER B 554 -84.98 43.91 -19.29
C SER B 554 -85.00 43.65 -20.80
N PRO B 555 -84.25 44.44 -21.59
CA PRO B 555 -84.33 44.27 -23.05
C PRO B 555 -83.78 42.95 -23.57
N GLY B 556 -82.82 42.33 -22.89
CA GLY B 556 -82.23 41.11 -23.39
C GLY B 556 -82.81 39.82 -22.87
N THR B 557 -83.77 39.88 -21.96
CA THR B 557 -84.17 38.74 -21.15
C THR B 557 -85.42 38.06 -21.70
N GLN B 558 -85.65 36.85 -21.19
CA GLN B 558 -86.86 36.11 -21.48
C GLN B 558 -87.27 35.33 -20.24
N LYS B 559 -88.47 34.76 -20.28
CA LYS B 559 -89.00 34.11 -19.07
C LYS B 559 -88.85 32.61 -19.13
N TYR B 560 -88.29 32.03 -18.10
CA TYR B 560 -88.04 30.60 -18.00
C TYR B 560 -89.16 29.96 -17.22
N VAL B 561 -89.70 28.85 -17.72
CA VAL B 561 -90.80 28.16 -17.05
C VAL B 561 -90.51 26.68 -16.85
N GLY B 562 -89.31 26.23 -17.17
CA GLY B 562 -88.98 24.83 -17.07
C GLY B 562 -88.63 24.39 -15.67
N PRO B 563 -87.96 23.25 -15.54
CA PRO B 563 -87.40 22.86 -14.24
C PRO B 563 -86.03 23.45 -14.03
N LEU B 564 -85.62 23.46 -12.76
CA LEU B 564 -84.39 24.12 -12.34
C LEU B 564 -83.74 23.30 -11.24
N LYS B 565 -82.48 22.94 -11.43
CA LYS B 565 -81.76 22.16 -10.43
C LYS B 565 -81.13 23.11 -9.42
N VAL B 566 -81.16 22.72 -8.15
CA VAL B 566 -80.49 23.45 -7.09
C VAL B 566 -79.76 22.44 -6.21
N THR B 567 -78.54 22.75 -5.81
CA THR B 567 -77.72 21.85 -5.02
C THR B 567 -77.47 22.48 -3.67
N VAL B 568 -77.92 21.81 -2.60
CA VAL B 568 -77.75 22.31 -1.24
C VAL B 568 -76.77 21.41 -0.52
N GLN B 569 -75.71 22.01 0.00
CA GLN B 569 -74.75 21.32 0.85
C GLN B 569 -75.12 21.61 2.29
N GLU B 570 -75.63 20.58 2.97
CA GLU B 570 -75.91 20.57 4.39
C GLU B 570 -74.87 19.71 5.09
N LEU B 571 -74.95 19.65 6.41
CA LEU B 571 -74.02 18.86 7.21
C LEU B 571 -74.09 17.37 6.90
N ASP B 572 -75.24 16.87 6.45
CA ASP B 572 -75.34 15.47 6.10
C ASP B 572 -74.86 15.17 4.68
N GLY B 573 -74.55 16.18 3.89
CA GLY B 573 -74.01 15.93 2.57
C GLY B 573 -74.56 16.88 1.55
N SER B 574 -74.36 16.54 0.28
CA SER B 574 -74.81 17.36 -0.85
C SER B 574 -76.03 16.71 -1.48
N PHE B 575 -77.13 17.46 -1.55
CA PHE B 575 -78.38 16.96 -2.09
C PHE B 575 -78.85 17.86 -3.23
N ASN B 576 -79.31 17.23 -4.31
CA ASN B 576 -79.85 17.94 -5.46
C ASN B 576 -81.38 17.94 -5.40
N HIS B 577 -81.98 19.05 -5.80
CA HIS B 577 -83.43 19.20 -5.84
C HIS B 577 -83.83 19.83 -7.16
N THR B 578 -84.94 19.37 -7.71
CA THR B 578 -85.48 19.95 -8.93
C THR B 578 -86.70 20.79 -8.57
N LEU B 579 -86.69 22.05 -9.00
CA LEU B 579 -87.73 23.01 -8.71
C LEU B 579 -88.49 23.32 -9.98
N GLN B 580 -89.81 23.43 -9.89
CA GLN B 580 -90.62 23.79 -11.03
C GLN B 580 -91.01 25.25 -10.89
N ILE B 581 -90.39 26.02 -11.79
CA ILE B 581 -90.48 27.49 -11.74
C ILE B 581 -91.46 28.02 -12.75
N GLU B 582 -92.75 27.89 -12.48
CA GLU B 582 -93.83 28.41 -13.35
C GLU B 582 -93.90 29.92 -13.21
N GLU B 583 -94.69 30.59 -14.02
CA GLU B 583 -94.74 32.07 -14.07
C GLU B 583 -95.15 32.68 -12.73
N ASN B 584 -96.12 32.09 -12.05
CA ASN B 584 -96.65 32.68 -10.80
C ASN B 584 -95.88 32.18 -9.57
N SER B 585 -94.79 31.44 -9.76
CA SER B 585 -94.06 30.82 -8.62
C SER B 585 -93.12 31.81 -7.96
N LEU B 586 -93.05 31.80 -6.64
CA LEU B 586 -92.01 32.60 -5.98
C LEU B 586 -91.33 31.86 -4.84
N LYS B 587 -92.08 31.14 -4.02
CA LYS B 587 -91.46 30.48 -2.85
C LYS B 587 -91.44 28.99 -3.06
N HIS B 588 -90.28 28.37 -2.93
CA HIS B 588 -90.06 26.94 -3.12
C HIS B 588 -89.53 26.37 -1.82
N ASP B 589 -90.33 25.51 -1.18
CA ASP B 589 -89.95 24.91 0.09
C ASP B 589 -89.33 23.55 -0.17
N ILE B 590 -88.04 23.41 0.14
CA ILE B 590 -87.39 22.12 -0.02
C ILE B 590 -87.05 21.60 1.38
N PRO B 591 -86.99 20.29 1.60
CA PRO B 591 -86.71 19.79 2.95
C PRO B 591 -85.22 19.72 3.26
N CYS B 592 -84.93 19.87 4.55
CA CYS B 592 -83.57 19.83 5.05
C CYS B 592 -83.37 18.62 5.95
N HIS B 593 -82.12 18.17 6.04
CA HIS B 593 -81.75 16.98 6.78
C HIS B 593 -81.31 17.35 8.19
N SER B 594 -80.66 16.40 8.88
CA SER B 594 -80.28 16.54 10.27
C SER B 594 -79.09 17.48 10.44
N LYS B 595 -78.68 17.65 11.70
CA LYS B 595 -77.46 18.33 12.05
C LYS B 595 -76.68 17.52 13.09
N SER B 596 -76.65 16.21 12.88
CA SER B 596 -75.99 15.31 13.82
C SER B 596 -74.50 15.15 13.54
N ARG B 597 -73.99 15.76 12.48
CA ARG B 597 -72.54 15.85 12.28
C ARG B 597 -71.96 17.07 12.95
N ARG B 598 -72.76 17.84 13.68
CA ARG B 598 -72.24 18.84 14.59
C ARG B 598 -72.29 18.36 16.04
N ASN B 599 -73.14 17.37 16.33
CA ASN B 599 -73.13 16.72 17.65
C ASN B 599 -71.84 15.96 17.86
N LYS B 600 -71.57 14.95 17.05
CA LYS B 600 -70.22 14.39 16.99
C LYS B 600 -69.44 15.14 15.92
N LYS B 601 -68.15 15.31 16.15
CA LYS B 601 -67.23 15.61 15.05
C LYS B 601 -67.10 14.41 14.14
N LYS B 602 -67.82 14.45 13.04
CA LYS B 602 -67.62 13.57 11.90
C LYS B 602 -67.28 14.43 10.70
N LYS B 603 -66.75 13.77 9.67
CA LYS B 603 -66.41 14.49 8.43
C LYS B 603 -67.70 14.71 7.66
N ILE B 604 -67.81 15.84 6.97
CA ILE B 604 -69.00 16.20 6.20
C ILE B 604 -68.78 15.74 4.75
N PRO B 605 -69.66 14.93 4.20
CA PRO B 605 -69.43 14.40 2.85
C PRO B 605 -69.77 15.42 1.78
N LEU B 606 -68.95 15.42 0.73
CA LEU B 606 -68.96 16.46 -0.29
C LEU B 606 -69.79 16.04 -1.50
N MET B 607 -69.69 16.83 -2.57
CA MET B 607 -70.39 16.54 -3.81
C MET B 607 -69.86 15.27 -4.46
N ASN B 608 -68.55 15.07 -4.44
CA ASN B 608 -67.97 13.80 -4.85
C ASN B 608 -68.03 12.83 -3.66
N GLY B 609 -67.37 11.68 -3.79
CA GLY B 609 -67.47 10.69 -2.74
C GLY B 609 -66.66 10.98 -1.49
N GLU B 610 -65.80 11.99 -1.50
CA GLU B 610 -64.91 12.23 -0.40
C GLU B 610 -65.62 12.99 0.72
N GLU B 611 -64.91 13.16 1.83
CA GLU B 611 -65.40 13.93 2.97
C GLU B 611 -64.23 14.62 3.63
N VAL B 612 -64.51 15.79 4.23
CA VAL B 612 -63.46 16.64 4.78
C VAL B 612 -63.83 17.10 6.18
N ASP B 613 -62.82 17.61 6.89
CA ASP B 613 -63.02 18.27 8.16
C ASP B 613 -63.26 19.75 7.91
N MET B 614 -64.39 20.26 8.39
CA MET B 614 -64.73 21.66 8.25
C MET B 614 -64.72 22.33 9.61
N ASP B 615 -64.33 23.60 9.64
CA ASP B 615 -64.37 24.37 10.88
C ASP B 615 -65.77 24.98 10.96
N LEU B 616 -66.61 24.43 11.82
CA LEU B 616 -68.01 24.82 11.86
C LEU B 616 -68.27 25.95 12.85
N SER B 617 -67.24 26.72 13.22
CA SER B 617 -67.44 27.80 14.18
C SER B 617 -68.15 29.00 13.57
N ALA B 618 -68.03 29.18 12.26
CA ALA B 618 -68.68 30.31 11.60
C ALA B 618 -70.12 30.02 11.24
N MET B 619 -70.51 28.75 11.20
CA MET B 619 -71.85 28.36 10.81
C MET B 619 -72.87 28.75 11.86
N ASP B 620 -74.11 28.96 11.43
CA ASP B 620 -75.20 29.20 12.36
C ASP B 620 -75.49 27.93 13.16
N ALA B 621 -75.97 28.12 14.38
CA ALA B 621 -76.25 26.97 15.23
C ALA B 621 -77.53 26.27 14.83
N ASP B 622 -78.50 27.00 14.26
CA ASP B 622 -79.81 26.44 14.01
C ASP B 622 -79.98 25.86 12.61
N SER B 623 -79.13 26.24 11.66
CA SER B 623 -79.29 25.78 10.28
C SER B 623 -78.23 24.74 9.95
N PRO B 624 -78.60 23.63 9.30
CA PRO B 624 -77.58 22.66 8.90
C PRO B 624 -76.92 22.99 7.58
N LEU B 625 -77.50 23.87 6.78
CA LEU B 625 -77.07 24.03 5.40
C LEU B 625 -75.86 24.94 5.32
N LEU B 626 -74.86 24.47 4.58
CA LEU B 626 -73.56 25.13 4.45
C LEU B 626 -73.48 26.02 3.24
N TRP B 627 -73.99 25.59 2.08
CA TRP B 627 -74.11 26.50 0.95
C TRP B 627 -75.19 26.02 0.00
N ILE B 628 -75.67 26.92 -0.84
CA ILE B 628 -76.69 26.64 -1.84
C ILE B 628 -76.20 27.12 -3.19
N ARG B 629 -76.40 26.33 -4.24
CA ARG B 629 -76.05 26.73 -5.60
C ARG B 629 -77.26 26.54 -6.50
N ILE B 630 -77.74 27.62 -7.08
CA ILE B 630 -78.84 27.59 -8.02
C ILE B 630 -78.27 27.36 -9.41
N ASP B 631 -78.79 26.32 -10.08
CA ASP B 631 -78.34 25.80 -11.38
C ASP B 631 -76.84 25.54 -11.40
N PRO B 632 -76.37 24.47 -10.76
CA PRO B 632 -74.92 24.26 -10.71
C PRO B 632 -74.32 23.79 -12.02
N ASP B 633 -75.05 23.02 -12.81
CA ASP B 633 -74.50 22.40 -14.01
C ASP B 633 -74.57 23.30 -15.24
N MET B 634 -74.99 24.56 -15.06
CA MET B 634 -75.17 25.54 -16.14
C MET B 634 -76.10 25.03 -17.23
N SER B 635 -77.21 24.43 -16.81
CA SER B 635 -78.12 23.77 -17.72
C SER B 635 -79.08 24.73 -18.42
N VAL B 636 -79.02 26.02 -18.11
CA VAL B 636 -79.74 27.04 -18.84
C VAL B 636 -78.77 28.17 -19.13
N LEU B 637 -79.17 29.07 -20.03
CA LEU B 637 -78.35 30.24 -20.37
C LEU B 637 -78.75 31.36 -19.42
N ARG B 638 -78.04 31.46 -18.31
CA ARG B 638 -78.55 32.18 -17.15
C ARG B 638 -77.50 33.06 -16.51
N LYS B 639 -77.96 34.00 -15.70
CA LYS B 639 -77.12 34.83 -14.85
C LYS B 639 -77.73 34.82 -13.47
N VAL B 640 -77.04 34.24 -12.50
CA VAL B 640 -77.61 33.99 -11.18
C VAL B 640 -77.09 35.07 -10.23
N GLU B 641 -77.98 35.57 -9.37
CA GLU B 641 -77.62 36.54 -8.34
C GLU B 641 -78.16 36.01 -7.02
N PHE B 642 -77.40 35.15 -6.36
CA PHE B 642 -77.85 34.52 -5.14
C PHE B 642 -77.32 35.28 -3.92
N GLU B 643 -78.16 35.37 -2.89
CA GLU B 643 -77.84 36.10 -1.67
C GLU B 643 -77.61 35.09 -0.55
N GLN B 644 -76.38 34.62 -0.43
CA GLN B 644 -75.97 33.78 0.69
C GLN B 644 -75.42 34.65 1.81
N ALA B 645 -75.00 34.02 2.87
CA ALA B 645 -74.28 34.71 3.93
C ALA B 645 -72.80 34.54 3.64
N ASP B 646 -71.96 35.42 4.20
CA ASP B 646 -70.55 35.45 3.83
C ASP B 646 -69.80 34.18 4.25
N PHE B 647 -70.22 33.55 5.35
CA PHE B 647 -69.59 32.30 5.73
C PHE B 647 -69.95 31.18 4.77
N MET B 648 -71.13 31.25 4.16
CA MET B 648 -71.50 30.25 3.16
C MET B 648 -70.67 30.41 1.90
N TRP B 649 -70.37 31.65 1.52
CA TRP B 649 -69.46 31.89 0.40
C TRP B 649 -68.04 31.44 0.73
N GLN B 650 -67.62 31.56 1.99
CA GLN B 650 -66.28 31.12 2.34
C GLN B 650 -66.18 29.60 2.38
N TYR B 651 -67.23 28.93 2.87
CA TYR B 651 -67.27 27.47 2.83
C TYR B 651 -67.32 26.95 1.39
N GLN B 652 -68.08 27.63 0.53
CA GLN B 652 -68.13 27.27 -0.87
C GLN B 652 -66.81 27.56 -1.58
N LEU B 653 -66.05 28.54 -1.13
CA LEU B 653 -64.74 28.74 -1.73
C LEU B 653 -63.77 27.65 -1.28
N ARG B 654 -63.82 27.28 -0.01
CA ARG B 654 -62.82 26.33 0.49
C ARG B 654 -63.10 24.90 0.05
N TYR B 655 -64.29 24.38 0.36
CA TYR B 655 -64.49 22.93 0.35
C TYR B 655 -65.30 22.43 -0.84
N GLU B 656 -65.55 23.26 -1.83
CA GLU B 656 -66.31 22.80 -2.98
C GLU B 656 -65.41 22.04 -3.95
N ARG B 657 -66.01 21.08 -4.66
CA ARG B 657 -65.31 20.32 -5.67
C ARG B 657 -65.87 20.66 -7.04
N ASP B 658 -66.05 21.96 -7.29
CA ASP B 658 -66.49 22.49 -8.57
C ASP B 658 -65.79 23.83 -8.78
N VAL B 659 -65.16 24.01 -9.94
CA VAL B 659 -64.36 25.21 -10.13
C VAL B 659 -65.23 26.42 -10.41
N VAL B 660 -66.41 26.24 -11.00
CA VAL B 660 -67.26 27.37 -11.29
C VAL B 660 -67.88 27.92 -10.00
N ALA B 661 -68.08 27.06 -9.00
CA ALA B 661 -68.59 27.52 -7.73
C ALA B 661 -67.50 28.21 -6.91
N GLN B 662 -66.26 27.74 -7.01
CA GLN B 662 -65.14 28.47 -6.39
C GLN B 662 -64.94 29.83 -7.05
N GLN B 663 -65.11 29.90 -8.37
CA GLN B 663 -64.97 31.19 -9.06
C GLN B 663 -66.09 32.15 -8.69
N GLU B 664 -67.33 31.65 -8.59
CA GLU B 664 -68.42 32.54 -8.23
C GLU B 664 -68.37 32.93 -6.76
N SER B 665 -67.76 32.10 -5.90
CA SER B 665 -67.58 32.51 -4.51
C SER B 665 -66.47 33.55 -4.38
N ILE B 666 -65.41 33.44 -5.19
CA ILE B 666 -64.40 34.50 -5.26
C ILE B 666 -65.04 35.79 -5.72
N LEU B 667 -65.90 35.71 -6.73
CA LEU B 667 -66.57 36.89 -7.27
C LEU B 667 -67.54 37.50 -6.28
N ALA B 668 -68.14 36.70 -5.42
CA ALA B 668 -69.07 37.21 -4.42
C ALA B 668 -68.43 37.58 -3.10
N LEU B 669 -67.16 37.20 -2.88
CA LEU B 669 -66.48 37.59 -1.65
C LEU B 669 -65.92 39.00 -1.71
N GLU B 670 -65.96 39.66 -2.86
CA GLU B 670 -65.49 41.05 -2.94
C GLU B 670 -66.42 42.00 -2.23
N LYS B 671 -67.67 41.61 -1.99
CA LYS B 671 -68.61 42.45 -1.27
C LYS B 671 -68.51 42.27 0.24
N PHE B 672 -67.83 41.22 0.71
CA PHE B 672 -67.64 40.99 2.13
C PHE B 672 -66.16 41.09 2.47
N PRO B 673 -65.67 42.26 2.89
CA PRO B 673 -64.24 42.42 3.18
C PRO B 673 -63.81 41.99 4.58
N THR B 674 -64.58 41.15 5.25
CA THR B 674 -64.24 40.68 6.58
C THR B 674 -62.93 39.87 6.57
N PRO B 675 -62.22 39.81 7.71
CA PRO B 675 -60.95 39.05 7.74
C PRO B 675 -61.11 37.55 7.57
N ALA B 676 -62.30 36.99 7.80
CA ALA B 676 -62.52 35.59 7.49
C ALA B 676 -62.46 35.32 5.99
N SER B 677 -62.92 36.28 5.19
CA SER B 677 -62.81 36.14 3.74
C SER B 677 -61.36 36.27 3.28
N ARG B 678 -60.58 37.08 3.98
CA ARG B 678 -59.13 37.21 3.68
C ARG B 678 -58.46 35.89 4.01
N LEU B 679 -58.84 35.28 5.11
CA LEU B 679 -58.29 33.98 5.47
C LEU B 679 -58.71 32.90 4.47
N ALA B 680 -59.93 32.98 3.95
CA ALA B 680 -60.41 32.02 2.96
C ALA B 680 -59.63 32.13 1.66
N LEU B 681 -59.45 33.36 1.15
CA LEU B 681 -58.70 33.53 -0.09
C LEU B 681 -57.22 33.23 0.07
N THR B 682 -56.66 33.49 1.26
CA THR B 682 -55.26 33.17 1.49
C THR B 682 -55.06 31.67 1.61
N ASP B 683 -56.04 30.96 2.17
CA ASP B 683 -55.95 29.50 2.20
C ASP B 683 -56.15 28.90 0.82
N ILE B 684 -56.91 29.56 -0.04
CA ILE B 684 -57.02 29.12 -1.43
C ILE B 684 -55.71 29.36 -2.18
N LEU B 685 -55.04 30.48 -1.90
CA LEU B 685 -53.81 30.82 -2.60
C LEU B 685 -52.67 29.88 -2.23
N GLU B 686 -52.50 29.58 -0.95
CA GLU B 686 -51.52 28.62 -0.47
C GLU B 686 -51.76 27.19 -0.92
N GLN B 687 -52.91 26.85 -1.46
CA GLN B 687 -53.30 25.47 -1.65
C GLN B 687 -52.99 25.03 -3.07
N GLU B 688 -51.93 24.26 -3.24
CA GLU B 688 -51.89 23.37 -4.38
C GLU B 688 -52.94 22.30 -4.19
N GLN B 689 -53.33 21.69 -5.32
CA GLN B 689 -54.47 20.78 -5.58
C GLN B 689 -55.77 21.57 -5.66
N CYS B 690 -55.68 22.90 -5.65
CA CYS B 690 -56.71 23.76 -6.21
C CYS B 690 -56.37 24.04 -7.67
N PHE B 691 -57.41 24.21 -8.49
CA PHE B 691 -57.22 24.55 -9.89
C PHE B 691 -56.58 25.92 -9.99
N TYR B 692 -55.61 26.07 -10.91
CA TYR B 692 -54.71 27.21 -10.86
C TYR B 692 -55.41 28.51 -11.25
N ARG B 693 -56.43 28.43 -12.10
CA ARG B 693 -57.18 29.62 -12.49
C ARG B 693 -58.10 30.12 -11.40
N VAL B 694 -58.29 29.35 -10.33
CA VAL B 694 -59.03 29.85 -9.18
C VAL B 694 -58.10 30.65 -8.28
N ARG B 695 -56.85 30.20 -8.15
CA ARG B 695 -55.87 30.94 -7.36
C ARG B 695 -55.46 32.24 -8.05
N MET B 696 -55.40 32.23 -9.38
CA MET B 696 -55.13 33.46 -10.12
C MET B 696 -56.25 34.47 -9.98
N SER B 697 -57.48 34.04 -9.73
CA SER B 697 -58.57 34.96 -9.44
C SER B 697 -58.54 35.41 -7.99
N ALA B 698 -58.09 34.52 -7.10
CA ALA B 698 -58.02 34.85 -5.68
C ALA B 698 -56.97 35.90 -5.40
N CYS B 699 -55.93 35.99 -6.25
CA CYS B 699 -54.97 37.09 -6.14
C CYS B 699 -55.64 38.45 -6.29
N PHE B 700 -56.43 38.63 -7.35
CA PHE B 700 -57.08 39.91 -7.59
C PHE B 700 -58.19 40.18 -6.59
N CYS B 701 -58.90 39.14 -6.16
CA CYS B 701 -59.91 39.31 -5.12
C CYS B 701 -59.28 39.73 -3.78
N LEU B 702 -58.11 39.15 -3.46
CA LEU B 702 -57.40 39.51 -2.25
C LEU B 702 -56.87 40.93 -2.32
N ALA B 703 -56.45 41.37 -3.51
CA ALA B 703 -56.03 42.76 -3.69
C ALA B 703 -57.19 43.74 -3.48
N LYS B 704 -58.37 43.42 -4.01
CA LYS B 704 -59.52 44.31 -3.83
C LYS B 704 -59.96 44.37 -2.37
N ILE B 705 -60.01 43.20 -1.69
CA ILE B 705 -60.37 43.17 -0.29
C ILE B 705 -59.35 43.91 0.57
N ALA B 706 -58.06 43.78 0.24
CA ALA B 706 -57.02 44.50 0.98
C ALA B 706 -57.13 46.00 0.79
N ASN B 707 -57.50 46.45 -0.41
CA ASN B 707 -57.73 47.87 -0.62
C ASN B 707 -58.94 48.38 0.14
N SER B 708 -59.94 47.54 0.36
CA SER B 708 -61.13 47.99 1.06
C SER B 708 -61.00 47.98 2.58
N MET B 709 -60.10 47.19 3.16
CA MET B 709 -59.90 47.18 4.61
C MET B 709 -58.56 47.81 5.01
N VAL B 710 -58.18 48.91 4.35
CA VAL B 710 -57.11 49.75 4.88
C VAL B 710 -57.59 50.42 6.17
N SER B 711 -56.61 50.82 7.00
CA SER B 711 -56.76 51.23 8.40
C SER B 711 -57.34 50.12 9.28
N THR B 712 -57.25 48.87 8.82
CA THR B 712 -57.54 47.69 9.61
C THR B 712 -56.49 46.61 9.40
N TRP B 713 -55.78 46.64 8.27
CA TRP B 713 -54.78 45.65 7.91
C TRP B 713 -53.59 45.69 8.87
N THR B 714 -53.24 44.52 9.41
CA THR B 714 -52.29 44.41 10.51
C THR B 714 -50.83 44.42 10.03
N GLY B 715 -50.44 43.40 9.29
CA GLY B 715 -49.04 43.15 9.02
C GLY B 715 -48.55 43.73 7.72
N PRO B 716 -47.85 42.92 6.92
CA PRO B 716 -47.31 43.39 5.65
C PRO B 716 -48.42 43.54 4.61
N PRO B 717 -48.12 44.08 3.43
CA PRO B 717 -49.10 44.05 2.34
C PRO B 717 -49.45 42.63 1.92
N ALA B 718 -50.62 42.53 1.27
CA ALA B 718 -51.18 41.23 0.90
C ALA B 718 -50.30 40.55 -0.13
N MET B 719 -50.20 39.21 -0.01
CA MET B 719 -49.49 38.28 -0.89
C MET B 719 -47.98 38.43 -0.88
N LYS B 720 -47.42 39.35 -0.10
CA LYS B 720 -45.95 39.57 -0.18
C LYS B 720 -45.30 38.46 0.59
N SER B 721 -45.67 38.27 1.84
CA SER B 721 -45.14 37.17 2.64
C SER B 721 -45.43 35.84 1.98
N LEU B 722 -46.57 35.73 1.31
CA LEU B 722 -46.90 34.50 0.60
C LEU B 722 -46.03 34.30 -0.63
N PHE B 723 -45.69 35.39 -1.32
CA PHE B 723 -44.75 35.30 -2.43
C PHE B 723 -43.36 34.90 -1.95
N THR B 724 -42.90 35.47 -0.84
CA THR B 724 -41.58 35.10 -0.34
C THR B 724 -41.57 33.69 0.24
N ARG B 725 -42.72 33.20 0.69
CA ARG B 725 -42.81 31.83 1.19
C ARG B 725 -42.83 30.83 0.04
N MET B 726 -43.46 31.18 -1.08
CA MET B 726 -43.62 30.23 -2.17
C MET B 726 -42.51 30.29 -3.22
N PHE B 727 -42.04 31.49 -3.58
CA PHE B 727 -41.20 31.65 -4.76
C PHE B 727 -39.83 32.25 -4.49
N CYS B 728 -39.48 32.58 -3.26
CA CYS B 728 -38.17 33.16 -2.96
C CYS B 728 -37.33 32.16 -2.18
N CYS B 729 -36.07 32.55 -1.94
CA CYS B 729 -35.11 31.70 -1.24
C CYS B 729 -35.45 31.62 0.24
N LYS B 730 -35.04 30.51 0.87
CA LYS B 730 -35.28 30.38 2.31
C LYS B 730 -34.32 31.26 3.11
N SER B 731 -33.12 31.48 2.59
CA SER B 731 -32.14 32.24 3.35
C SER B 731 -32.22 33.73 3.05
N CYS B 732 -32.68 34.10 1.86
CA CYS B 732 -32.84 35.51 1.49
C CYS B 732 -34.29 35.76 1.12
N PRO B 733 -35.05 36.55 1.88
CA PRO B 733 -36.46 36.73 1.57
C PRO B 733 -36.70 37.68 0.40
N ASN B 734 -35.85 38.67 0.23
CA ASN B 734 -36.06 39.66 -0.82
C ASN B 734 -35.38 39.31 -2.13
N ILE B 735 -34.58 38.25 -2.17
CA ILE B 735 -34.03 37.74 -3.42
C ILE B 735 -34.94 36.62 -3.91
N VAL B 736 -35.41 36.74 -5.13
CA VAL B 736 -36.27 35.73 -5.72
C VAL B 736 -35.42 34.54 -6.16
N LYS B 737 -36.01 33.35 -6.16
CA LYS B 737 -35.32 32.17 -6.68
C LYS B 737 -35.08 32.32 -8.17
N THR B 738 -34.03 31.66 -8.65
CA THR B 738 -33.76 31.64 -10.08
C THR B 738 -34.84 30.87 -10.80
N ASN B 739 -35.14 31.31 -12.01
CA ASN B 739 -36.36 30.90 -12.71
C ASN B 739 -36.26 29.44 -13.13
N ASN B 740 -37.20 28.64 -12.64
CA ASN B 740 -37.40 27.28 -13.10
C ASN B 740 -38.91 27.14 -13.35
N PHE B 741 -39.31 27.20 -14.61
CA PHE B 741 -40.70 27.28 -15.00
C PHE B 741 -41.26 25.92 -15.42
N MET B 742 -40.79 24.84 -14.81
CA MET B 742 -41.16 23.51 -15.26
C MET B 742 -42.42 22.97 -14.60
N SER B 743 -43.06 23.73 -13.72
CA SER B 743 -44.26 23.25 -13.04
C SER B 743 -45.55 23.66 -13.72
N PHE B 744 -45.54 24.79 -14.43
CA PHE B 744 -46.63 25.36 -15.24
C PHE B 744 -47.86 25.77 -14.45
N GLN B 745 -47.89 25.58 -13.15
CA GLN B 745 -48.97 26.14 -12.34
C GLN B 745 -48.46 27.15 -11.34
N SER B 746 -47.28 26.91 -10.78
CA SER B 746 -46.65 27.96 -10.00
C SER B 746 -45.94 28.96 -10.89
N TYR B 747 -45.73 28.64 -12.17
CA TYR B 747 -45.27 29.64 -13.12
C TYR B 747 -46.36 30.68 -13.38
N PHE B 748 -47.58 30.21 -13.62
CA PHE B 748 -48.70 31.12 -13.89
C PHE B 748 -49.05 31.91 -12.63
N LEU B 749 -49.01 31.27 -11.47
CA LEU B 749 -49.30 31.96 -10.23
C LEU B 749 -48.20 32.95 -9.87
N GLN B 750 -46.95 32.60 -10.15
CA GLN B 750 -45.84 33.51 -9.90
C GLN B 750 -45.89 34.72 -10.81
N LYS B 751 -46.28 34.53 -12.06
CA LYS B 751 -46.35 35.68 -12.95
C LYS B 751 -47.64 36.47 -12.80
N THR B 752 -48.66 35.94 -12.13
CA THR B 752 -49.84 36.73 -11.87
C THR B 752 -49.90 37.35 -10.48
N MET B 753 -49.03 36.95 -9.55
CA MET B 753 -49.18 37.51 -8.21
C MET B 753 -48.67 38.94 -8.02
N PRO B 754 -47.53 39.40 -8.60
CA PRO B 754 -47.20 40.82 -8.49
C PRO B 754 -48.13 41.73 -9.28
N VAL B 755 -48.79 41.23 -10.32
CA VAL B 755 -49.71 42.05 -11.10
C VAL B 755 -50.92 42.42 -10.26
N ALA B 756 -51.38 41.49 -9.43
CA ALA B 756 -52.44 41.79 -8.47
C ALA B 756 -51.91 42.53 -7.25
N MET B 757 -50.67 42.25 -6.85
CA MET B 757 -50.07 42.91 -5.69
C MET B 757 -49.83 44.39 -5.93
N ALA B 758 -49.69 44.79 -7.18
CA ALA B 758 -49.48 46.20 -7.51
C ALA B 758 -50.75 47.03 -7.44
N LEU B 759 -51.92 46.40 -7.30
CA LEU B 759 -53.16 47.13 -7.13
C LEU B 759 -53.42 47.49 -5.68
N LEU B 760 -52.48 47.19 -4.79
CA LEU B 760 -52.55 47.64 -3.41
C LEU B 760 -52.41 49.15 -3.35
N ARG B 761 -53.18 49.78 -2.46
CA ARG B 761 -53.14 51.22 -2.28
C ARG B 761 -53.10 51.52 -0.79
N ASP B 762 -52.42 52.62 -0.46
CA ASP B 762 -52.33 53.04 0.96
C ASP B 762 -53.52 53.94 1.31
N VAL B 763 -53.49 54.54 2.51
CA VAL B 763 -54.56 55.46 2.97
C VAL B 763 -54.53 56.72 2.12
N HIS B 764 -53.39 57.01 1.48
CA HIS B 764 -53.25 58.22 0.66
C HIS B 764 -53.57 57.93 -0.80
N ASN B 765 -54.02 56.72 -1.12
CA ASN B 765 -54.44 56.34 -2.48
C ASN B 765 -53.24 56.17 -3.38
N LEU B 766 -52.05 56.09 -2.81
CA LEU B 766 -50.83 55.82 -3.61
C LEU B 766 -50.35 54.42 -3.32
N CYS B 767 -49.86 53.74 -4.33
CA CYS B 767 -49.30 52.40 -4.17
C CYS B 767 -48.14 52.46 -3.17
N PRO B 768 -48.06 51.51 -2.24
CA PRO B 768 -47.03 51.58 -1.21
C PRO B 768 -45.63 51.37 -1.77
N LYS B 769 -44.64 51.92 -1.10
CA LYS B 769 -43.27 51.82 -1.64
C LYS B 769 -42.67 50.49 -1.18
N GLU B 770 -43.46 49.66 -0.54
CA GLU B 770 -42.97 48.34 -0.12
C GLU B 770 -43.26 47.33 -1.20
N VAL B 771 -44.32 47.57 -1.98
CA VAL B 771 -44.73 46.67 -3.06
C VAL B 771 -44.04 47.05 -4.35
N LEU B 772 -43.86 48.36 -4.59
CA LEU B 772 -43.12 48.82 -5.75
C LEU B 772 -41.65 48.42 -5.67
N THR B 773 -41.05 48.54 -4.48
CA THR B 773 -39.68 48.09 -4.27
C THR B 773 -39.56 46.58 -4.44
N PHE B 774 -40.59 45.83 -4.01
CA PHE B 774 -40.62 44.39 -4.18
C PHE B 774 -40.68 44.00 -5.66
N ILE B 775 -41.47 44.72 -6.45
CA ILE B 775 -41.58 44.44 -7.87
C ILE B 775 -40.28 44.78 -8.59
N LEU B 776 -39.64 45.89 -8.19
CA LEU B 776 -38.36 46.26 -8.79
C LEU B 776 -37.25 45.29 -8.41
N ASP B 777 -37.30 44.71 -7.21
CA ASP B 777 -36.34 43.68 -6.85
C ASP B 777 -36.65 42.36 -7.54
N LEU B 778 -37.91 42.11 -7.88
CA LEU B 778 -38.24 40.97 -8.72
C LEU B 778 -37.69 41.14 -10.12
N ILE B 779 -37.66 42.37 -10.61
CA ILE B 779 -37.11 42.65 -11.92
C ILE B 779 -35.59 42.53 -11.92
N LYS B 780 -34.91 43.11 -10.92
CA LYS B 780 -33.41 43.11 -10.87
C LYS B 780 -32.86 41.73 -10.68
N TYR B 781 -33.38 40.95 -9.75
CA TYR B 781 -32.79 39.65 -9.43
C TYR B 781 -33.31 38.51 -10.28
N ASN B 782 -33.77 38.81 -11.50
CA ASN B 782 -34.34 37.79 -12.38
C ASN B 782 -33.21 37.11 -13.16
N ASP B 783 -33.08 35.80 -12.97
CA ASP B 783 -32.04 35.02 -13.63
C ASP B 783 -32.70 33.85 -14.35
N ASN B 784 -32.55 33.80 -15.67
CA ASN B 784 -33.23 32.81 -16.50
C ASN B 784 -32.25 31.99 -17.32
N ARG B 785 -31.04 31.78 -16.82
CA ARG B 785 -30.04 31.05 -17.56
C ARG B 785 -30.06 29.55 -17.29
N LYS B 786 -31.12 29.05 -16.66
CA LYS B 786 -31.09 27.73 -16.04
C LYS B 786 -32.35 26.92 -16.35
N ASN B 787 -33.45 27.59 -16.70
CA ASN B 787 -34.63 26.86 -17.10
C ASN B 787 -34.63 26.58 -18.60
N LYS B 788 -35.41 25.60 -19.00
CA LYS B 788 -35.55 25.23 -20.40
C LYS B 788 -36.63 26.01 -21.12
N PHE B 789 -37.18 27.04 -20.49
CA PHE B 789 -38.27 27.82 -21.04
C PHE B 789 -37.91 29.29 -21.07
N SER B 790 -38.61 30.03 -21.91
CA SER B 790 -38.31 31.44 -22.09
C SER B 790 -38.97 32.29 -21.01
N ASP B 791 -38.53 33.53 -20.92
CA ASP B 791 -38.89 34.42 -19.83
C ASP B 791 -39.71 35.60 -20.30
N ASN B 792 -40.19 35.59 -21.53
CA ASN B 792 -40.74 36.80 -22.14
C ASN B 792 -42.09 37.15 -21.54
N TYR B 793 -42.90 36.15 -21.21
CA TYR B 793 -44.21 36.42 -20.64
C TYR B 793 -44.11 36.83 -19.18
N TYR B 794 -43.17 36.25 -18.44
CA TYR B 794 -42.97 36.64 -17.05
C TYR B 794 -42.44 38.07 -16.93
N ARG B 795 -41.50 38.43 -17.81
CA ARG B 795 -40.98 39.79 -17.80
C ARG B 795 -42.02 40.79 -18.31
N ALA B 796 -42.84 40.38 -19.27
CA ALA B 796 -43.93 41.23 -19.75
C ALA B 796 -44.97 41.45 -18.66
N GLU B 797 -45.27 40.42 -17.88
CA GLU B 797 -46.15 40.60 -16.73
C GLU B 797 -45.51 41.45 -15.64
N MET B 798 -44.19 41.45 -15.53
CA MET B 798 -43.53 42.35 -14.60
C MET B 798 -43.70 43.81 -15.02
N ILE B 799 -43.62 44.08 -16.33
CA ILE B 799 -43.90 45.42 -16.81
C ILE B 799 -45.37 45.80 -16.59
N ASP B 800 -46.27 44.82 -16.73
CA ASP B 800 -47.69 45.07 -16.44
C ASP B 800 -47.91 45.38 -14.96
N ALA B 801 -47.16 44.71 -14.08
CA ALA B 801 -47.24 45.01 -12.64
C ALA B 801 -46.66 46.39 -12.35
N LEU B 802 -45.60 46.78 -13.04
CA LEU B 802 -45.09 48.14 -12.88
C LEU B 802 -46.08 49.19 -13.37
N ALA B 803 -46.84 48.86 -14.41
CA ALA B 803 -47.84 49.79 -14.91
C ALA B 803 -49.06 49.87 -14.00
N ASN B 804 -49.36 48.80 -13.27
CA ASN B 804 -50.51 48.82 -12.37
C ASN B 804 -50.30 49.72 -11.16
N SER B 805 -49.06 49.99 -10.78
CA SER B 805 -48.78 50.77 -9.58
C SER B 805 -48.90 52.26 -9.79
N VAL B 806 -49.11 52.72 -11.02
CA VAL B 806 -49.08 54.15 -11.33
C VAL B 806 -50.40 54.78 -10.92
N THR B 807 -50.35 55.66 -9.95
CA THR B 807 -51.44 56.50 -9.49
C THR B 807 -51.35 57.87 -10.17
N PRO B 808 -52.46 58.59 -10.29
CA PRO B 808 -52.42 59.89 -10.97
C PRO B 808 -51.61 60.93 -10.21
N ALA B 809 -50.80 61.67 -10.97
CA ALA B 809 -49.84 62.61 -10.41
C ALA B 809 -50.54 63.89 -9.95
N VAL B 810 -49.89 64.59 -9.02
CA VAL B 810 -50.51 65.82 -8.43
C VAL B 810 -50.02 67.06 -9.17
N SER B 811 -50.49 67.27 -10.41
CA SER B 811 -50.10 68.47 -11.18
C SER B 811 -50.63 69.72 -10.48
N VAL B 812 -49.80 70.77 -10.40
CA VAL B 812 -50.24 72.04 -9.75
C VAL B 812 -50.36 73.11 -10.84
N ASN B 813 -51.53 73.76 -10.94
CA ASN B 813 -51.76 74.84 -11.94
C ASN B 813 -51.42 74.35 -13.35
N ASN B 814 -51.78 73.09 -13.67
CA ASN B 814 -51.52 72.52 -15.01
C ASN B 814 -50.04 72.68 -15.36
N GLU B 815 -49.15 72.40 -14.40
CA GLU B 815 -47.69 72.57 -14.64
C GLU B 815 -47.28 71.62 -15.77
N VAL B 816 -46.45 72.11 -16.69
CA VAL B 816 -45.97 71.25 -17.82
C VAL B 816 -45.18 70.10 -17.20
N ARG B 817 -45.42 68.88 -17.67
CA ARG B 817 -44.72 67.69 -17.12
C ARG B 817 -43.33 67.64 -17.74
N THR B 818 -42.30 68.01 -16.97
CA THR B 818 -40.94 68.01 -17.49
C THR B 818 -40.15 66.96 -16.72
N LEU B 819 -38.87 66.87 -16.98
CA LEU B 819 -38.06 65.83 -16.34
C LEU B 819 -37.74 66.12 -14.89
N ASP B 820 -37.61 67.40 -14.51
CA ASP B 820 -37.24 67.71 -13.14
C ASP B 820 -38.41 67.52 -12.18
N ASN B 821 -39.63 67.89 -12.57
CA ASN B 821 -40.78 67.69 -11.68
C ASN B 821 -41.46 66.34 -11.95
N LEU B 822 -40.65 65.30 -12.00
CA LEU B 822 -41.15 63.94 -12.11
C LEU B 822 -41.29 63.36 -10.72
N ASN B 823 -42.20 62.40 -10.58
CA ASN B 823 -42.37 61.71 -9.31
C ASN B 823 -41.12 60.87 -9.03
N PRO B 824 -40.69 60.80 -7.78
CA PRO B 824 -39.52 59.95 -7.46
C PRO B 824 -39.80 58.46 -7.60
N ASP B 825 -41.07 58.07 -7.55
CA ASP B 825 -41.50 56.70 -7.79
C ASP B 825 -41.48 56.36 -9.26
N VAL B 826 -41.98 57.30 -10.09
CA VAL B 826 -42.16 57.08 -11.52
C VAL B 826 -40.85 57.15 -12.27
N ARG B 827 -39.83 57.79 -11.69
CA ARG B 827 -38.52 57.83 -12.35
C ARG B 827 -37.88 56.44 -12.39
N LEU B 828 -38.09 55.64 -11.34
CA LEU B 828 -37.59 54.27 -11.32
C LEU B 828 -38.35 53.39 -12.33
N ILE B 829 -39.67 53.56 -12.40
CA ILE B 829 -40.50 52.82 -13.35
C ILE B 829 -40.13 53.18 -14.78
N LEU B 830 -39.87 54.47 -15.01
CA LEU B 830 -39.55 54.95 -16.35
C LEU B 830 -38.17 54.48 -16.78
N GLU B 831 -37.23 54.43 -15.83
CA GLU B 831 -35.91 53.88 -16.10
C GLU B 831 -36.00 52.40 -16.45
N GLU B 832 -36.85 51.66 -15.73
CA GLU B 832 -36.98 50.23 -16.01
C GLU B 832 -37.63 49.95 -17.36
N ILE B 833 -38.68 50.70 -17.71
CA ILE B 833 -39.31 50.43 -18.99
C ILE B 833 -38.46 50.94 -20.15
N THR B 834 -37.63 51.97 -19.91
CA THR B 834 -36.67 52.40 -20.93
C THR B 834 -35.60 51.34 -21.16
N ARG B 835 -35.09 50.75 -20.07
CA ARG B 835 -34.11 49.68 -20.18
C ARG B 835 -34.70 48.45 -20.87
N PHE B 836 -35.95 48.12 -20.56
CA PHE B 836 -36.58 46.95 -21.15
C PHE B 836 -36.87 47.14 -22.63
N LEU B 837 -37.36 48.32 -23.01
CA LEU B 837 -37.66 48.56 -24.42
C LEU B 837 -36.40 48.66 -25.26
N ASN B 838 -35.35 49.28 -24.72
CA ASN B 838 -34.09 49.37 -25.45
C ASN B 838 -33.42 48.01 -25.56
N MET B 839 -33.53 47.16 -24.52
CA MET B 839 -32.96 45.83 -24.62
C MET B 839 -33.77 44.94 -25.56
N GLU B 840 -35.06 45.24 -25.70
CA GLU B 840 -35.85 44.53 -26.71
C GLU B 840 -35.43 44.93 -28.11
N LYS B 841 -34.98 46.17 -28.29
CA LYS B 841 -34.47 46.59 -29.60
C LYS B 841 -33.20 45.84 -30.03
N LEU B 842 -32.46 45.24 -29.09
CA LEU B 842 -31.24 44.50 -29.40
C LEU B 842 -31.38 42.99 -29.23
N LEU B 843 -32.09 42.55 -28.19
CA LEU B 843 -32.40 41.13 -27.98
C LEU B 843 -33.91 40.98 -27.90
N PRO B 844 -34.56 40.69 -29.02
CA PRO B 844 -36.02 40.68 -29.04
C PRO B 844 -36.61 39.44 -28.39
N SER B 845 -37.87 39.58 -27.98
CA SER B 845 -38.61 38.52 -27.30
C SER B 845 -39.30 37.63 -28.33
N TYR B 846 -40.25 36.80 -27.88
CA TYR B 846 -40.86 35.83 -28.77
C TYR B 846 -41.83 36.50 -29.73
N ARG B 847 -42.71 37.35 -29.23
CA ARG B 847 -43.61 38.03 -30.13
C ARG B 847 -43.65 39.50 -29.79
N HIS B 848 -42.48 40.01 -29.39
CA HIS B 848 -42.29 41.35 -28.88
C HIS B 848 -43.26 41.64 -27.74
N THR B 849 -43.34 40.68 -26.80
CA THR B 849 -44.26 40.81 -25.68
C THR B 849 -43.83 41.93 -24.75
N ILE B 850 -42.53 42.18 -24.66
CA ILE B 850 -42.06 43.26 -23.83
C ILE B 850 -42.23 44.60 -24.53
N THR B 851 -42.22 44.63 -25.87
CA THR B 851 -42.56 45.87 -26.59
C THR B 851 -44.02 46.24 -26.34
N VAL B 852 -44.90 45.25 -26.40
CA VAL B 852 -46.33 45.48 -26.18
C VAL B 852 -46.57 45.93 -24.75
N SER B 853 -45.89 45.30 -23.79
CA SER B 853 -46.06 45.67 -22.39
C SER B 853 -45.47 47.04 -22.08
N CYS B 854 -44.35 47.39 -22.70
CA CYS B 854 -43.76 48.70 -22.47
C CYS B 854 -44.52 49.82 -23.16
N LEU B 855 -45.10 49.57 -24.34
CA LEU B 855 -45.95 50.57 -24.97
C LEU B 855 -47.23 50.79 -24.16
N ARG B 856 -47.77 49.70 -23.62
CA ARG B 856 -48.94 49.78 -22.75
C ARG B 856 -48.62 50.54 -21.47
N ALA B 857 -47.41 50.36 -20.92
CA ALA B 857 -47.02 51.06 -19.72
C ALA B 857 -46.72 52.54 -19.97
N ILE B 858 -46.17 52.88 -21.14
CA ILE B 858 -45.97 54.29 -21.48
C ILE B 858 -47.32 54.98 -21.67
N ARG B 859 -48.30 54.25 -22.22
CA ARG B 859 -49.64 54.82 -22.31
C ARG B 859 -50.29 54.96 -20.94
N VAL B 860 -49.97 54.07 -20.01
CA VAL B 860 -50.45 54.21 -18.62
C VAL B 860 -49.84 55.45 -17.96
N LEU B 861 -48.54 55.67 -18.17
CA LEU B 861 -47.88 56.85 -17.62
C LEU B 861 -48.35 58.13 -18.28
N GLN B 862 -48.75 58.07 -19.54
CA GLN B 862 -49.29 59.25 -20.21
C GLN B 862 -50.73 59.52 -19.82
N LYS B 863 -51.48 58.49 -19.46
CA LYS B 863 -52.87 58.67 -19.07
C LYS B 863 -52.99 59.41 -17.74
N ASN B 864 -52.05 59.17 -16.83
CA ASN B 864 -51.87 60.02 -15.68
C ASN B 864 -50.92 61.16 -16.05
N GLY B 865 -50.71 62.11 -15.15
CA GLY B 865 -49.94 63.26 -15.55
C GLY B 865 -48.44 63.11 -15.34
N HIS B 866 -47.83 62.09 -15.93
CA HIS B 866 -46.41 61.83 -15.70
C HIS B 866 -45.55 62.12 -16.92
N VAL B 867 -45.86 61.49 -18.05
CA VAL B 867 -45.13 61.69 -19.30
C VAL B 867 -45.98 62.65 -20.12
N PRO B 868 -45.38 63.53 -20.94
CA PRO B 868 -46.20 64.40 -21.80
C PRO B 868 -47.07 63.61 -22.78
N SER B 869 -48.28 64.10 -22.97
CA SER B 869 -49.29 63.42 -23.78
C SER B 869 -48.95 63.68 -25.24
N ASP B 870 -48.09 62.83 -25.79
CA ASP B 870 -47.57 62.99 -27.15
C ASP B 870 -47.74 61.65 -27.86
N PRO B 871 -48.45 61.58 -28.99
CA PRO B 871 -48.65 60.30 -29.66
C PRO B 871 -47.59 59.93 -30.68
N ALA B 872 -46.45 60.64 -30.72
CA ALA B 872 -45.49 60.44 -31.80
C ALA B 872 -44.74 59.13 -31.67
N LEU B 873 -44.51 58.65 -30.46
CA LEU B 873 -43.86 57.36 -30.25
C LEU B 873 -44.75 56.23 -30.75
N PHE B 874 -46.02 56.24 -30.34
CA PHE B 874 -46.96 55.22 -30.79
C PHE B 874 -47.25 55.35 -32.27
N LYS B 875 -47.18 56.56 -32.82
CA LYS B 875 -47.34 56.72 -34.26
C LYS B 875 -46.13 56.20 -35.02
N SER B 876 -44.95 56.17 -34.39
CA SER B 876 -43.82 55.54 -35.06
C SER B 876 -43.83 54.03 -34.92
N TYR B 877 -44.43 53.50 -33.85
CA TYR B 877 -44.53 52.06 -33.72
C TYR B 877 -45.69 51.46 -34.48
N ALA B 878 -46.59 52.28 -35.03
CA ALA B 878 -47.74 51.81 -35.78
C ALA B 878 -47.50 51.87 -37.28
N GLU B 879 -46.24 51.93 -37.71
CA GLU B 879 -45.93 51.91 -39.13
C GLU B 879 -46.08 50.49 -39.67
N TYR B 880 -45.89 50.35 -40.98
CA TYR B 880 -46.21 49.08 -41.63
C TYR B 880 -45.17 48.00 -41.33
N GLY B 881 -43.90 48.36 -41.27
CA GLY B 881 -42.88 47.33 -41.16
C GLY B 881 -42.72 46.65 -39.83
N HIS B 882 -43.51 47.02 -38.82
CA HIS B 882 -43.37 46.41 -37.51
C HIS B 882 -44.19 45.13 -37.42
N PHE B 883 -43.94 44.37 -36.36
CA PHE B 883 -44.73 43.19 -36.05
C PHE B 883 -46.15 43.62 -35.70
N VAL B 884 -47.10 42.72 -35.96
CA VAL B 884 -48.51 43.11 -35.89
C VAL B 884 -48.99 43.31 -34.46
N ASP B 885 -48.34 42.68 -33.48
CA ASP B 885 -48.70 42.90 -32.08
C ASP B 885 -48.27 44.28 -31.61
N ILE B 886 -47.07 44.70 -32.00
CA ILE B 886 -46.61 46.07 -31.76
C ILE B 886 -47.53 47.07 -32.42
N ARG B 887 -47.97 46.77 -33.64
CA ARG B 887 -48.84 47.67 -34.38
C ARG B 887 -50.18 47.84 -33.69
N ILE B 888 -50.79 46.74 -33.22
CA ILE B 888 -52.09 46.91 -32.61
C ILE B 888 -51.99 47.49 -31.20
N ALA B 889 -50.87 47.28 -30.49
CA ALA B 889 -50.69 47.95 -29.21
C ALA B 889 -50.49 49.45 -29.39
N ALA B 890 -49.71 49.85 -30.40
CA ALA B 890 -49.50 51.26 -30.67
C ALA B 890 -50.78 51.93 -31.17
N LEU B 891 -51.56 51.22 -31.96
CA LEU B 891 -52.81 51.80 -32.44
C LEU B 891 -53.85 51.86 -31.34
N GLU B 892 -53.80 50.95 -30.38
CA GLU B 892 -54.66 51.06 -29.20
C GLU B 892 -54.29 52.28 -28.37
N ALA B 893 -52.99 52.57 -28.26
CA ALA B 893 -52.55 53.78 -27.56
C ALA B 893 -52.96 55.04 -28.29
N VAL B 894 -52.93 55.03 -29.63
CA VAL B 894 -53.36 56.22 -30.39
C VAL B 894 -54.88 56.41 -30.31
N VAL B 895 -55.65 55.32 -30.27
CA VAL B 895 -57.10 55.43 -30.11
C VAL B 895 -57.44 55.98 -28.72
N ASP B 896 -56.72 55.53 -27.69
CA ASP B 896 -56.94 56.06 -26.34
C ASP B 896 -56.55 57.54 -26.26
N TYR B 897 -55.47 57.92 -26.94
CA TYR B 897 -55.06 59.32 -26.97
C TYR B 897 -56.10 60.19 -27.65
N THR B 898 -56.59 59.79 -28.81
CA THR B 898 -57.59 60.60 -29.51
C THR B 898 -58.95 60.56 -28.86
N LYS B 899 -59.21 59.60 -27.95
CA LYS B 899 -60.39 59.74 -27.11
C LYS B 899 -60.17 60.76 -26.01
N VAL B 900 -59.03 60.74 -25.33
CA VAL B 900 -58.80 61.63 -24.14
C VAL B 900 -58.47 63.04 -24.58
N ASP B 901 -57.65 63.23 -25.60
CA ASP B 901 -57.21 64.58 -26.00
C ASP B 901 -58.09 65.19 -27.09
N ARG B 902 -59.13 64.50 -27.52
CA ARG B 902 -60.07 65.03 -28.52
C ARG B 902 -59.29 65.51 -29.73
N SER B 903 -58.32 64.73 -30.21
CA SER B 903 -57.46 65.15 -31.32
C SER B 903 -58.17 64.96 -32.63
N TYR B 904 -58.25 65.98 -33.45
CA TYR B 904 -58.85 65.86 -34.77
C TYR B 904 -57.89 65.20 -35.75
N GLU B 905 -56.62 65.61 -35.73
CA GLU B 905 -55.66 65.10 -36.70
C GLU B 905 -55.30 63.65 -36.42
N GLU B 906 -55.37 63.20 -35.17
CA GLU B 906 -55.15 61.79 -34.88
C GLU B 906 -56.32 60.93 -35.34
N LEU B 907 -57.54 61.45 -35.25
CA LEU B 907 -58.69 60.73 -35.79
C LEU B 907 -58.63 60.66 -37.31
N GLN B 908 -58.17 61.72 -37.96
CA GLN B 908 -57.98 61.67 -39.41
C GLN B 908 -56.85 60.73 -39.80
N TRP B 909 -55.82 60.65 -38.95
CA TRP B 909 -54.75 59.67 -39.15
C TRP B 909 -55.28 58.24 -39.07
N LEU B 910 -56.15 57.98 -38.08
CA LEU B 910 -56.70 56.63 -37.92
C LEU B 910 -57.65 56.27 -39.04
N LEU B 911 -58.46 57.23 -39.50
CA LEU B 911 -59.39 56.95 -40.59
C LEU B 911 -58.66 56.77 -41.92
N ASN B 912 -57.57 57.52 -42.12
CA ASN B 912 -56.72 57.30 -43.28
C ASN B 912 -56.06 55.92 -43.22
N MET B 913 -55.64 55.50 -42.03
CA MET B 913 -55.03 54.17 -41.90
C MET B 913 -56.06 53.06 -42.09
N ILE B 914 -57.32 53.33 -41.78
CA ILE B 914 -58.40 52.39 -42.10
C ILE B 914 -58.56 52.28 -43.60
N GLN B 915 -58.46 53.41 -44.31
CA GLN B 915 -58.71 53.39 -45.75
C GLN B 915 -57.58 52.72 -46.52
N ASN B 916 -56.32 53.10 -46.27
CA ASN B 916 -55.21 52.51 -47.04
C ASN B 916 -54.10 52.00 -46.11
N ASP B 917 -54.27 50.78 -45.62
CA ASP B 917 -53.24 49.99 -44.97
C ASP B 917 -53.08 48.67 -45.73
N PRO B 918 -51.86 48.13 -45.84
CA PRO B 918 -51.71 46.87 -46.58
C PRO B 918 -52.35 45.67 -45.89
N VAL B 919 -52.27 45.57 -44.57
CA VAL B 919 -52.79 44.44 -43.83
C VAL B 919 -54.27 44.72 -43.53
N PRO B 920 -55.20 43.89 -44.00
CA PRO B 920 -56.62 44.13 -43.70
C PRO B 920 -57.03 43.76 -42.29
N TYR B 921 -56.29 42.87 -41.63
CA TYR B 921 -56.53 42.56 -40.24
C TYR B 921 -56.28 43.77 -39.36
N VAL B 922 -55.30 44.60 -39.72
CA VAL B 922 -55.02 45.81 -38.97
C VAL B 922 -56.13 46.83 -39.16
N ARG B 923 -56.67 46.94 -40.37
CA ARG B 923 -57.80 47.84 -40.61
C ARG B 923 -59.03 47.42 -39.81
N HIS B 924 -59.32 46.12 -39.79
CA HIS B 924 -60.42 45.61 -39.00
C HIS B 924 -60.18 45.85 -37.51
N LYS B 925 -58.94 45.73 -37.06
CA LYS B 925 -58.64 45.94 -35.66
C LYS B 925 -58.73 47.42 -35.27
N ILE B 926 -58.39 48.33 -36.19
CA ILE B 926 -58.52 49.76 -35.90
C ILE B 926 -59.99 50.14 -35.79
N LEU B 927 -60.83 49.63 -36.70
CA LEU B 927 -62.27 49.87 -36.59
C LEU B 927 -62.84 49.26 -35.32
N ASN B 928 -62.36 48.08 -34.94
CA ASN B 928 -62.79 47.42 -33.71
C ASN B 928 -62.43 48.21 -32.47
N MET B 929 -61.19 48.71 -32.40
CA MET B 929 -60.76 49.47 -31.24
C MET B 929 -61.41 50.84 -31.19
N LEU B 930 -61.73 51.40 -32.34
CA LEU B 930 -62.41 52.69 -32.37
C LEU B 930 -63.89 52.55 -32.10
N THR B 931 -64.43 51.33 -32.21
CA THR B 931 -65.77 51.04 -31.74
C THR B 931 -65.79 50.79 -30.24
N LYS B 932 -64.81 50.05 -29.71
CA LYS B 932 -64.80 49.72 -28.28
C LYS B 932 -64.50 50.94 -27.43
N ASN B 933 -63.56 51.78 -27.87
CA ASN B 933 -63.15 52.99 -27.15
C ASN B 933 -63.41 54.18 -28.07
N PRO B 934 -64.67 54.60 -28.20
CA PRO B 934 -65.01 55.57 -29.23
C PRO B 934 -64.54 56.96 -28.85
N PRO B 935 -64.24 57.82 -29.83
CA PRO B 935 -63.78 59.17 -29.50
C PRO B 935 -64.87 60.04 -28.91
N PHE B 936 -66.12 59.70 -29.16
CA PHE B 936 -67.30 60.34 -28.61
C PHE B 936 -68.45 59.39 -28.82
N THR B 937 -69.46 59.50 -27.98
CA THR B 937 -70.67 58.72 -28.17
C THR B 937 -71.75 59.66 -28.69
N LYS B 938 -72.97 59.14 -28.83
CA LYS B 938 -74.06 59.97 -29.33
C LYS B 938 -74.53 60.97 -28.29
N ASN B 939 -74.28 60.70 -27.00
CA ASN B 939 -74.75 61.62 -25.98
C ASN B 939 -73.82 62.82 -25.84
N MET B 940 -72.54 62.63 -26.15
CA MET B 940 -71.54 63.66 -25.93
C MET B 940 -71.65 64.78 -26.95
N GLU B 941 -71.55 66.02 -26.48
CA GLU B 941 -71.13 67.11 -27.33
C GLU B 941 -69.61 67.13 -27.39
N SER B 942 -69.07 67.01 -28.59
CA SER B 942 -67.65 67.04 -28.83
C SER B 942 -67.32 68.03 -29.92
N PRO B 943 -66.09 68.54 -29.96
CA PRO B 943 -65.65 69.31 -31.14
C PRO B 943 -65.56 68.48 -32.40
N LEU B 944 -65.45 67.15 -32.29
CA LEU B 944 -65.37 66.25 -33.44
C LEU B 944 -66.74 65.70 -33.82
N CYS B 945 -67.70 66.61 -33.97
CA CYS B 945 -69.06 66.21 -34.39
C CYS B 945 -69.43 67.09 -35.59
N ASN B 946 -68.56 67.14 -36.62
CA ASN B 946 -68.87 68.01 -37.74
C ASN B 946 -69.83 67.33 -38.71
N GLU B 947 -70.25 68.08 -39.72
CA GLU B 947 -70.83 67.45 -40.89
C GLU B 947 -69.75 66.76 -41.73
N ALA B 948 -68.50 67.23 -41.60
CA ALA B 948 -67.40 66.62 -42.32
C ALA B 948 -67.12 65.19 -41.85
N LEU B 949 -67.19 64.95 -40.55
CA LEU B 949 -66.97 63.61 -40.04
C LEU B 949 -68.14 62.69 -40.37
N VAL B 950 -69.37 63.21 -40.36
CA VAL B 950 -70.54 62.42 -40.75
C VAL B 950 -70.43 62.04 -42.23
N ASP B 951 -69.98 62.97 -43.07
CA ASP B 951 -69.81 62.69 -44.49
C ASP B 951 -68.67 61.71 -44.73
N GLN B 952 -67.58 61.80 -43.96
CA GLN B 952 -66.50 60.83 -44.10
C GLN B 952 -66.92 59.43 -43.70
N LEU B 953 -67.63 59.30 -42.59
CA LEU B 953 -68.02 57.97 -42.17
C LEU B 953 -69.14 57.40 -43.03
N TRP B 954 -70.01 58.25 -43.58
CA TRP B 954 -71.01 57.74 -44.53
C TRP B 954 -70.36 57.33 -45.83
N LYS B 955 -69.32 58.04 -46.27
CA LYS B 955 -68.58 57.63 -47.45
C LYS B 955 -67.78 56.36 -47.18
N LEU B 956 -67.37 56.14 -45.93
CA LEU B 956 -66.65 54.91 -45.60
C LEU B 956 -67.59 53.72 -45.52
N MET B 957 -68.82 53.92 -45.09
CA MET B 957 -69.80 52.84 -45.15
C MET B 957 -70.22 52.56 -46.59
N ASN B 958 -70.49 53.61 -47.36
CA ASN B 958 -71.04 53.47 -48.70
C ASN B 958 -70.02 52.94 -49.69
N SER B 959 -68.97 53.73 -49.93
CA SER B 959 -67.84 53.34 -50.75
C SER B 959 -66.68 53.00 -49.82
N GLY B 960 -65.49 52.80 -50.38
CA GLY B 960 -64.31 52.76 -49.56
C GLY B 960 -64.03 51.47 -48.84
N THR B 961 -65.05 50.90 -48.19
CA THR B 961 -64.96 49.60 -47.55
C THR B 961 -65.71 48.54 -48.34
N SER B 962 -65.83 48.74 -49.66
CA SER B 962 -66.65 47.90 -50.50
C SER B 962 -66.01 46.58 -50.87
N HIS B 963 -64.78 46.32 -50.42
CA HIS B 963 -64.00 45.19 -50.88
C HIS B 963 -63.72 44.15 -49.80
N ASP B 964 -64.32 44.27 -48.61
CA ASP B 964 -63.87 43.37 -47.55
C ASP B 964 -64.98 42.61 -46.83
N TRP B 965 -66.19 43.18 -46.75
CA TRP B 965 -67.37 42.69 -46.04
C TRP B 965 -67.22 42.66 -44.52
N ARG B 966 -66.03 42.96 -44.01
CA ARG B 966 -65.76 43.02 -42.59
C ARG B 966 -65.37 44.41 -42.17
N LEU B 967 -64.77 45.17 -43.08
CA LEU B 967 -64.58 46.58 -42.88
C LEU B 967 -65.90 47.34 -43.02
N ARG B 968 -66.82 46.83 -43.84
CA ARG B 968 -68.07 47.55 -44.01
C ARG B 968 -68.97 47.36 -42.81
N CYS B 969 -69.00 46.16 -42.24
CA CYS B 969 -69.74 45.94 -41.01
C CYS B 969 -69.09 46.65 -39.83
N GLY B 970 -67.76 46.78 -39.85
CA GLY B 970 -67.09 47.55 -38.81
C GLY B 970 -67.35 49.04 -38.93
N ALA B 971 -67.50 49.55 -40.16
CA ALA B 971 -67.86 50.94 -40.35
C ALA B 971 -69.31 51.19 -39.95
N VAL B 972 -70.19 50.22 -40.19
CA VAL B 972 -71.58 50.32 -39.73
C VAL B 972 -71.63 50.33 -38.20
N ASP B 973 -70.81 49.50 -37.55
CA ASP B 973 -70.73 49.50 -36.10
C ASP B 973 -70.17 50.81 -35.56
N LEU B 974 -69.19 51.39 -36.25
CA LEU B 974 -68.63 52.66 -35.80
C LEU B 974 -69.61 53.81 -35.96
N TYR B 975 -70.36 53.82 -37.06
CA TYR B 975 -71.38 54.83 -37.26
C TYR B 975 -72.52 54.67 -36.27
N PHE B 976 -72.84 53.44 -35.87
CA PHE B 976 -73.86 53.23 -34.86
C PHE B 976 -73.40 53.67 -33.49
N THR B 977 -72.13 53.40 -33.16
CA THR B 977 -71.60 53.81 -31.86
C THR B 977 -71.48 55.32 -31.77
N LEU B 978 -71.11 55.97 -32.85
CA LEU B 978 -70.88 57.41 -32.81
C LEU B 978 -72.15 58.23 -32.99
N PHE B 979 -73.04 57.84 -33.89
CA PHE B 979 -74.18 58.67 -34.23
C PHE B 979 -75.54 58.03 -33.99
N GLY B 980 -75.61 56.75 -33.71
CA GLY B 980 -76.87 56.12 -33.40
C GLY B 980 -77.68 55.74 -34.62
N LEU B 981 -78.87 55.22 -34.35
CA LEU B 981 -79.72 54.67 -35.39
C LEU B 981 -80.50 55.72 -36.16
N SER B 982 -80.64 56.92 -35.63
CA SER B 982 -81.40 57.97 -36.27
C SER B 982 -80.46 58.88 -37.06
N ARG B 983 -80.95 60.07 -37.40
CA ARG B 983 -80.17 61.01 -38.22
C ARG B 983 -79.08 61.60 -37.36
N PRO B 984 -77.85 61.77 -37.85
CA PRO B 984 -76.82 62.28 -37.03
C PRO B 984 -77.37 63.62 -36.55
N SER B 985 -77.34 63.87 -35.25
CA SER B 985 -77.88 65.13 -34.66
C SER B 985 -77.02 66.33 -35.04
N CYS B 986 -75.70 66.20 -34.90
CA CYS B 986 -74.79 67.34 -35.19
C CYS B 986 -74.78 67.63 -36.70
N LEU B 987 -75.95 67.97 -37.27
CA LEU B 987 -76.01 68.19 -38.74
C LEU B 987 -77.10 69.21 -39.05
N PRO B 988 -77.02 69.99 -40.16
CA PRO B 988 -78.12 70.87 -40.56
C PRO B 988 -79.41 70.06 -40.74
N VAL C 837 83.17 33.61 36.92
CA VAL C 837 84.40 34.27 37.29
C VAL C 837 84.61 35.50 36.41
N ALA C 838 84.13 35.41 35.16
CA ALA C 838 84.21 36.56 34.26
C ALA C 838 83.23 37.65 34.69
N SER C 839 82.12 37.25 35.30
CA SER C 839 81.11 38.18 35.81
C SER C 839 81.29 38.32 37.31
N MET C 840 81.47 39.56 37.78
CA MET C 840 81.74 39.78 39.20
C MET C 840 80.48 39.63 40.04
N ALA C 841 79.33 40.06 39.51
CA ALA C 841 78.04 39.88 40.16
C ALA C 841 77.24 38.75 39.53
N GLY C 842 77.91 37.65 39.19
CA GLY C 842 77.27 36.61 38.41
C GLY C 842 76.17 35.91 39.18
N VAL C 843 75.18 35.42 38.44
CA VAL C 843 73.93 34.99 39.06
C VAL C 843 74.00 33.52 39.48
N ASN C 844 74.87 32.73 38.84
CA ASN C 844 75.11 31.37 39.31
C ASN C 844 76.12 31.32 40.45
N LEU C 845 76.79 32.45 40.73
CA LEU C 845 77.61 32.54 41.93
C LEU C 845 76.74 32.56 43.18
N SER C 846 75.65 33.32 43.15
CA SER C 846 74.77 33.42 44.30
C SER C 846 73.88 32.19 44.44
N GLU C 847 73.73 31.42 43.35
CA GLU C 847 72.92 30.21 43.43
C GLU C 847 73.59 29.13 44.27
N GLU C 848 74.79 28.71 43.89
CA GLU C 848 75.47 27.61 44.57
C GLU C 848 76.11 28.03 45.88
N SER C 849 76.08 29.32 46.22
CA SER C 849 76.46 29.76 47.56
C SER C 849 75.29 29.76 48.51
N ALA C 850 74.07 29.95 48.00
CA ALA C 850 72.88 29.86 48.83
C ALA C 850 72.28 28.46 48.81
N ARG C 851 72.66 27.65 47.81
CA ARG C 851 72.23 26.26 47.76
C ARG C 851 72.95 25.45 48.83
N ILE C 852 74.24 25.74 49.04
CA ILE C 852 75.04 25.00 50.02
C ILE C 852 74.55 25.31 51.43
N LEU C 853 74.16 26.56 51.69
CA LEU C 853 73.60 26.91 53.00
C LEU C 853 72.18 26.38 53.16
N ALA C 854 71.53 26.03 52.05
CA ALA C 854 70.22 25.36 52.14
C ALA C 854 70.41 23.88 52.45
N THR C 855 71.48 23.26 51.95
CA THR C 855 71.75 21.88 52.30
C THR C 855 72.41 21.76 53.67
N ASN C 856 73.08 22.84 54.11
CA ASN C 856 73.58 22.87 55.48
C ASN C 856 72.45 23.11 56.47
N SER C 857 71.36 23.74 56.03
CA SER C 857 70.16 23.89 56.83
C SER C 857 69.18 22.74 56.65
N GLU C 858 69.58 21.70 55.92
CA GLU C 858 68.84 20.45 55.71
C GLU C 858 67.44 20.64 55.13
N THR C 871 85.30 13.86 41.50
CA THR C 871 85.32 12.50 40.99
C THR C 871 86.75 11.99 40.88
N PHE C 872 87.63 12.82 40.30
CA PHE C 872 89.05 12.51 40.10
C PHE C 872 89.22 11.23 39.29
N LEU C 873 88.83 11.34 38.02
CA LEU C 873 88.83 10.23 37.07
C LEU C 873 90.20 9.56 36.97
N LEU C 874 90.18 8.25 36.70
CA LEU C 874 91.40 7.46 36.65
C LEU C 874 92.22 7.83 35.41
N GLN C 875 93.50 8.15 35.63
CA GLN C 875 94.31 8.77 34.59
C GLN C 875 94.69 7.79 33.48
N ALA C 876 94.78 6.50 33.78
CA ALA C 876 95.18 5.55 32.76
C ALA C 876 94.07 5.17 31.77
N PRO C 877 92.82 4.83 32.19
CA PRO C 877 91.80 4.58 31.15
C PRO C 877 91.26 5.84 30.51
N LEU C 878 91.44 7.01 31.13
CA LEU C 878 90.97 8.25 30.51
C LEU C 878 91.88 8.65 29.36
N GLN C 879 93.19 8.43 29.50
CA GLN C 879 94.14 8.84 28.47
C GLN C 879 93.98 8.00 27.20
N ARG C 880 93.54 6.75 27.34
CA ARG C 880 93.17 5.97 26.17
C ARG C 880 91.82 6.43 25.60
N ARG C 881 90.97 7.01 26.45
CA ARG C 881 89.64 7.42 26.01
C ARG C 881 89.71 8.69 25.17
N ILE C 882 90.56 9.64 25.55
CA ILE C 882 90.73 10.87 24.77
C ILE C 882 91.35 10.56 23.42
N LEU C 883 92.32 9.64 23.39
CA LEU C 883 93.08 9.39 22.17
C LEU C 883 92.27 8.68 21.10
N GLU C 884 91.28 7.87 21.50
CA GLU C 884 90.48 7.16 20.50
C GLU C 884 89.51 8.10 19.80
N ILE C 885 88.93 9.06 20.53
CA ILE C 885 88.12 10.10 19.90
C ILE C 885 89.00 11.05 19.09
N GLY C 886 90.29 11.13 19.40
CA GLY C 886 91.21 11.96 18.64
C GLY C 886 91.59 11.39 17.30
N LYS C 887 91.34 10.10 17.08
CA LYS C 887 91.61 9.51 15.77
C LYS C 887 90.64 10.02 14.72
N LYS C 888 89.43 10.40 15.13
CA LYS C 888 88.41 10.89 14.21
C LYS C 888 88.63 12.34 13.80
N HIS C 889 89.59 13.03 14.41
CA HIS C 889 89.89 14.42 14.06
C HIS C 889 91.34 14.67 13.70
N GLY C 890 92.26 13.75 14.03
CA GLY C 890 93.66 13.95 13.73
C GLY C 890 94.38 14.68 14.85
N ILE C 891 94.18 14.21 16.07
CA ILE C 891 94.65 14.86 17.30
C ILE C 891 95.57 13.86 18.00
N THR C 892 96.42 13.20 17.21
CA THR C 892 97.18 11.99 17.52
C THR C 892 97.83 11.90 18.90
N GLU C 893 98.25 13.02 19.49
CA GLU C 893 98.75 13.00 20.86
C GLU C 893 98.16 14.17 21.63
N LEU C 894 98.17 14.04 22.96
CA LEU C 894 97.56 15.03 23.84
C LEU C 894 98.58 15.58 24.83
N HIS C 895 98.30 16.79 25.29
CA HIS C 895 99.18 17.46 26.24
C HIS C 895 99.08 16.79 27.61
N PRO C 896 100.18 16.69 28.35
CA PRO C 896 100.16 15.94 29.63
C PRO C 896 99.36 16.61 30.74
N ASP C 897 98.97 17.87 30.60
CA ASP C 897 98.15 18.55 31.60
C ASP C 897 96.67 18.55 31.24
N VAL C 898 96.27 17.80 30.22
CA VAL C 898 94.88 17.79 29.76
C VAL C 898 94.09 16.67 30.39
N VAL C 899 94.70 15.48 30.53
CA VAL C 899 94.01 14.33 31.09
C VAL C 899 93.69 14.51 32.57
N SER C 900 94.41 15.38 33.27
CA SER C 900 94.03 15.78 34.61
C SER C 900 93.18 17.03 34.63
N TYR C 901 93.11 17.76 33.50
CA TYR C 901 92.20 18.90 33.43
C TYR C 901 90.79 18.47 33.09
N VAL C 902 90.65 17.43 32.26
CA VAL C 902 89.33 16.88 31.96
C VAL C 902 88.78 16.17 33.19
N SER C 903 89.66 15.57 34.00
CA SER C 903 89.23 14.96 35.26
C SER C 903 88.78 16.00 36.28
N HIS C 904 89.41 17.18 36.28
CA HIS C 904 88.91 18.27 37.11
C HIS C 904 87.66 18.91 36.52
N ALA C 905 87.47 18.78 35.20
CA ALA C 905 86.26 19.32 34.57
C ALA C 905 85.08 18.38 34.72
N THR C 906 85.34 17.07 34.78
CA THR C 906 84.27 16.10 35.01
C THR C 906 83.82 16.15 36.47
N GLN C 907 84.73 16.48 37.38
CA GLN C 907 84.39 16.58 38.79
C GLN C 907 83.46 17.76 39.05
N GLN C 908 83.80 18.93 38.50
CA GLN C 908 82.94 20.10 38.67
C GLN C 908 81.66 20.03 37.86
N ARG C 909 81.54 19.08 36.93
CA ARG C 909 80.25 18.83 36.29
C ARG C 909 79.35 18.00 37.19
N LEU C 910 79.90 16.97 37.83
CA LEU C 910 79.06 16.10 38.66
C LEU C 910 78.86 16.66 40.06
N GLN C 911 79.84 17.43 40.58
CA GLN C 911 79.63 18.06 41.88
C GLN C 911 78.63 19.19 41.78
N ASN C 912 78.52 19.84 40.62
CA ASN C 912 77.44 20.79 40.39
C ASN C 912 76.10 20.08 40.20
N LEU C 913 76.11 18.77 39.93
CA LEU C 913 74.89 18.00 39.80
C LEU C 913 74.57 17.17 41.05
N VAL C 914 75.58 16.79 41.83
CA VAL C 914 75.33 16.11 43.09
C VAL C 914 74.77 17.09 44.12
N GLU C 915 75.31 18.30 44.16
CA GLU C 915 74.77 19.35 45.02
C GLU C 915 73.37 19.77 44.59
N LYS C 916 73.08 19.72 43.29
CA LYS C 916 71.77 20.12 42.80
C LYS C 916 70.71 19.08 43.12
N ILE C 917 71.06 17.79 43.06
CA ILE C 917 70.07 16.77 43.41
C ILE C 917 69.97 16.55 44.91
N SER C 918 70.95 17.02 45.69
CA SER C 918 70.85 16.91 47.14
C SER C 918 69.91 17.94 47.74
N GLU C 919 69.79 19.12 47.12
CA GLU C 919 68.87 20.13 47.63
C GLU C 919 67.43 19.90 47.19
N THR C 920 67.20 18.93 46.30
CA THR C 920 65.85 18.50 46.01
C THR C 920 65.52 17.13 46.59
N ALA C 921 66.53 16.37 47.03
CA ALA C 921 66.28 15.17 47.80
C ALA C 921 66.02 15.48 49.27
N GLN C 922 66.42 16.65 49.74
CA GLN C 922 66.07 17.12 51.07
C GLN C 922 64.84 18.02 51.04
N GLN C 923 64.30 18.31 49.86
CA GLN C 923 63.05 19.05 49.76
C GLN C 923 61.87 18.18 50.18
N LYS C 924 61.98 16.86 50.03
CA LYS C 924 60.93 15.94 50.42
C LYS C 924 61.02 15.53 51.88
N ASN C 925 62.15 15.79 52.55
CA ASN C 925 62.32 15.43 53.96
C ASN C 925 62.02 16.58 54.90
N PHE C 926 61.18 17.52 54.48
CA PHE C 926 60.73 18.61 55.33
C PHE C 926 59.30 18.29 55.77
N SER C 927 59.16 17.77 56.98
CA SER C 927 57.84 17.45 57.52
C SER C 927 57.21 18.70 58.10
N TYR C 928 56.09 19.13 57.52
CA TYR C 928 55.40 20.31 58.01
C TYR C 928 54.60 20.02 59.28
N LYS C 929 54.16 18.77 59.47
CA LYS C 929 53.21 18.47 60.53
C LYS C 929 53.85 18.47 61.92
N ASP C 930 55.17 18.40 62.01
CA ASP C 930 55.82 18.57 63.31
C ASP C 930 55.79 20.02 63.75
N ASP C 931 55.97 20.94 62.79
CA ASP C 931 55.84 22.36 63.07
C ASP C 931 54.37 22.74 63.23
N ASP C 932 54.11 23.73 64.08
CA ASP C 932 52.77 24.26 64.25
C ASP C 932 52.68 25.73 63.86
N ARG C 933 53.63 26.18 63.03
CA ARG C 933 53.45 27.42 62.30
C ARG C 933 52.68 27.20 61.00
N TYR C 934 52.57 25.97 60.55
CA TYR C 934 51.85 25.61 59.34
C TYR C 934 50.52 24.97 59.68
N GLU C 935 49.57 25.14 58.76
CA GLU C 935 48.22 24.59 58.90
C GLU C 935 47.90 23.76 57.67
N GLN C 936 47.21 22.64 57.89
CA GLN C 936 46.82 21.79 56.77
C GLN C 936 45.67 22.43 56.00
N ALA C 937 45.73 22.35 54.68
CA ALA C 937 44.75 22.99 53.82
C ALA C 937 43.90 22.03 53.01
N SER C 938 44.48 20.97 52.45
CA SER C 938 43.71 20.05 51.62
C SER C 938 44.41 18.70 51.62
N ASP C 939 43.81 17.71 52.27
CA ASP C 939 44.30 16.33 52.26
C ASP C 939 43.46 15.55 51.26
N VAL C 940 43.95 15.43 50.03
CA VAL C 940 43.18 14.71 48.97
C VAL C 940 43.48 13.21 49.08
N ARG C 941 44.65 12.85 49.62
CA ARG C 941 45.03 11.43 49.77
C ARG C 941 44.03 10.75 50.71
N ALA C 942 43.67 11.43 51.81
CA ALA C 942 42.69 10.87 52.76
C ALA C 942 41.32 10.69 52.08
N GLN C 943 40.91 11.64 51.24
CA GLN C 943 39.62 11.51 50.50
C GLN C 943 39.69 10.31 49.55
N LEU C 944 40.83 10.10 48.89
CA LEU C 944 41.00 8.92 48.00
C LEU C 944 40.91 7.63 48.85
N LYS C 945 41.50 7.65 50.04
CA LYS C 945 41.44 6.46 50.95
C LYS C 945 39.98 6.21 51.32
N PHE C 946 39.20 7.27 51.59
CA PHE C 946 37.76 7.13 51.91
C PHE C 946 37.00 6.54 50.70
N PHE C 947 37.34 6.98 49.48
CA PHE C 947 36.71 6.40 48.27
C PHE C 947 37.05 4.91 48.17
N GLU C 948 38.29 4.55 48.49
CA GLU C 948 38.72 3.13 48.46
C GLU C 948 37.89 2.36 49.51
N GLN C 949 37.67 2.95 50.68
CA GLN C 949 36.85 2.31 51.74
C GLN C 949 35.42 2.12 51.24
N LEU C 950 34.87 3.10 50.53
CA LEU C 950 33.49 2.98 49.95
C LEU C 950 33.46 1.82 48.95
N ASP C 951 34.50 1.71 48.11
CA ASP C 951 34.56 0.59 47.12
C ASP C 951 34.61 -0.74 47.87
N GLN C 952 35.40 -0.80 48.95
CA GLN C 952 35.51 -2.04 49.76
C GLN C 952 34.15 -2.38 50.36
N ILE C 953 33.41 -1.38 50.84
CA ILE C 953 32.06 -1.59 51.43
C ILE C 953 31.11 -2.11 50.35
N GLU C 954 31.19 -1.57 49.13
CA GLU C 954 30.35 -2.07 48.01
C GLU C 954 30.70 -3.54 47.76
N LYS C 955 31.99 -3.88 47.76
CA LYS C 955 32.43 -5.27 47.53
C LYS C 955 31.85 -6.16 48.65
N GLN C 956 31.90 -5.69 49.89
CA GLN C 956 31.38 -6.47 51.05
C GLN C 956 29.88 -6.69 50.89
N ARG C 957 29.14 -5.67 50.45
CA ARG C 957 27.68 -5.82 50.23
C ARG C 957 27.43 -6.85 49.13
N LYS C 958 28.23 -6.82 48.06
CA LYS C 958 28.09 -7.85 46.99
C LYS C 958 28.34 -9.24 47.58
N ASP C 959 29.37 -9.36 48.43
CA ASP C 959 29.71 -10.67 49.07
C ASP C 959 28.53 -11.12 49.93
N GLU C 960 27.91 -10.21 50.68
CA GLU C 960 26.75 -10.54 51.54
C GLU C 960 25.57 -11.01 50.68
N GLN C 961 25.33 -10.35 49.55
CA GLN C 961 24.24 -10.80 48.63
C GLN C 961 24.55 -12.21 48.12
N GLU C 962 25.83 -12.46 47.78
CA GLU C 962 26.22 -13.81 47.29
C GLU C 962 25.97 -14.82 48.40
N ARG C 963 26.29 -14.48 49.65
CA ARG C 963 26.10 -15.38 50.81
C ARG C 963 24.61 -15.67 51.00
N GLU C 964 23.76 -14.64 50.85
CA GLU C 964 22.28 -14.84 50.98
C GLU C 964 21.81 -15.80 49.88
N ILE C 965 22.31 -15.61 48.65
CA ILE C 965 21.92 -16.53 47.53
C ILE C 965 22.38 -17.96 47.86
N LEU C 966 23.57 -18.10 48.43
CA LEU C 966 24.11 -19.44 48.81
C LEU C 966 23.22 -20.07 49.89
N MET C 967 22.78 -19.27 50.87
CA MET C 967 21.88 -19.76 51.95
C MET C 967 20.57 -20.23 51.30
N ARG C 968 20.06 -19.48 50.33
CA ARG C 968 18.83 -19.88 49.62
C ARG C 968 19.03 -21.21 48.88
N ALA C 969 20.19 -21.40 48.23
CA ALA C 969 20.39 -22.62 47.41
C ALA C 969 20.75 -23.84 48.26
N ALA C 970 20.93 -23.67 49.59
CA ALA C 970 21.32 -24.78 50.48
C ALA C 970 20.22 -25.85 50.36
N LYS C 971 18.95 -25.45 50.47
CA LYS C 971 17.82 -26.40 50.38
C LYS C 971 17.67 -26.84 48.92
N SER C 972 18.62 -27.64 48.42
CA SER C 972 18.50 -28.18 47.04
C SER C 972 18.02 -29.62 47.10
N ARG C 973 16.78 -29.88 46.69
CA ARG C 973 16.25 -31.26 46.62
C ARG C 973 15.51 -31.40 45.28
N SER C 974 16.20 -31.14 44.17
CA SER C 974 15.58 -31.22 42.81
C SER C 974 14.58 -30.08 42.60
N ARG C 975 14.53 -29.10 43.52
CA ARG C 975 13.60 -27.95 43.41
C ARG C 975 14.05 -27.05 42.26
N GLN C 976 15.20 -26.39 42.42
CA GLN C 976 15.75 -25.51 41.35
C GLN C 976 16.72 -26.29 40.48
N GLU C 977 16.93 -27.58 40.77
CA GLU C 977 17.82 -28.47 39.96
C GLU C 977 19.27 -27.96 39.93
N ASP C 978 19.87 -27.86 38.73
CA ASP C 978 21.31 -27.50 38.62
C ASP C 978 21.63 -26.11 39.18
N PRO C 979 20.87 -25.01 38.89
CA PRO C 979 21.14 -23.71 39.52
C PRO C 979 21.36 -23.83 41.04
N GLU C 980 21.01 -24.97 41.63
CA GLU C 980 21.24 -25.20 43.07
C GLU C 980 22.43 -26.15 43.30
N GLN C 981 22.62 -27.13 42.41
CA GLN C 981 23.73 -28.12 42.53
C GLN C 981 25.07 -27.42 42.30
N LEU C 982 25.17 -26.53 41.31
CA LEU C 982 26.40 -25.76 41.05
C LEU C 982 26.78 -25.02 42.34
N ARG C 983 25.84 -24.26 42.92
CA ARG C 983 26.11 -23.41 44.13
C ARG C 983 26.57 -24.32 45.27
N LEU C 984 25.94 -25.50 45.42
CA LEU C 984 26.36 -26.44 46.49
C LEU C 984 27.81 -26.82 46.24
N LYS C 985 28.14 -27.23 45.02
CA LYS C 985 29.54 -27.57 44.68
C LYS C 985 30.43 -26.40 45.06
N GLN C 986 30.15 -25.18 44.59
CA GLN C 986 31.04 -24.01 44.82
C GLN C 986 31.25 -23.85 46.33
N LYS C 987 30.18 -23.98 47.10
CA LYS C 987 30.26 -23.81 48.57
C LYS C 987 31.17 -24.90 49.12
N ALA C 988 31.05 -26.13 48.62
CA ALA C 988 31.88 -27.26 49.10
C ALA C 988 33.34 -26.97 48.79
N LYS C 989 33.64 -26.46 47.59
CA LYS C 989 35.04 -26.12 47.19
C LYS C 989 35.58 -25.02 48.10
N GLU C 990 34.75 -24.02 48.44
CA GLU C 990 35.18 -22.90 49.31
C GLU C 990 35.49 -23.48 50.69
N MET C 991 34.63 -24.39 51.16
CA MET C 991 34.83 -25.00 52.50
C MET C 991 36.15 -25.76 52.45
N GLN C 992 36.38 -26.56 51.41
CA GLN C 992 37.67 -27.28 51.25
C GLN C 992 38.84 -26.29 51.40
N GLN C 993 38.86 -25.20 50.62
CA GLN C 993 40.02 -24.26 50.66
C GLN C 993 40.20 -23.67 52.08
N GLN C 994 39.08 -23.30 52.71
CA GLN C 994 39.18 -22.70 54.06
C GLN C 994 39.78 -23.77 54.98
N GLU C 995 39.36 -25.01 54.79
CA GLU C 995 39.83 -26.16 55.59
C GLU C 995 41.33 -26.41 55.36
N LEU C 996 41.81 -26.33 54.12
CA LEU C 996 43.27 -26.50 53.92
C LEU C 996 43.96 -25.40 54.73
N ALA C 997 43.47 -24.16 54.64
CA ALA C 997 44.20 -23.09 55.39
C ALA C 997 44.17 -23.38 56.89
N GLN C 998 43.01 -23.80 57.40
CA GLN C 998 42.84 -24.08 58.85
C GLN C 998 43.77 -25.21 59.29
N MET C 999 43.92 -26.28 58.51
CA MET C 999 44.86 -27.39 58.85
C MET C 999 46.31 -26.94 58.78
N ARG C 1000 46.67 -26.06 57.83
CA ARG C 1000 48.05 -25.50 57.79
C ARG C 1000 48.28 -24.73 59.09
N GLN C 1001 47.24 -24.07 59.59
CA GLN C 1001 47.34 -23.33 60.88
C GLN C 1001 47.45 -24.34 62.03
N ARG C 1002 46.66 -25.41 62.01
CA ARG C 1002 46.61 -26.42 63.10
C ARG C 1002 47.96 -27.13 63.23
N ASP C 1003 48.58 -27.50 62.10
CA ASP C 1003 49.91 -28.16 62.14
C ASP C 1003 50.94 -27.18 62.72
N ALA C 1004 50.84 -25.91 62.32
CA ALA C 1004 51.76 -24.92 62.90
C ALA C 1004 51.55 -24.87 64.42
N ASN C 1005 50.29 -24.77 64.87
CA ASN C 1005 49.98 -24.73 66.33
C ASN C 1005 50.58 -25.96 67.03
N LEU C 1006 50.41 -27.16 66.46
CA LEU C 1006 50.89 -28.41 67.11
C LEU C 1006 52.41 -28.36 67.24
N THR C 1007 53.09 -27.92 66.17
CA THR C 1007 54.58 -27.85 66.22
C THR C 1007 55.00 -26.80 67.27
N ALA C 1008 54.25 -25.70 67.40
CA ALA C 1008 54.56 -24.64 68.39
C ALA C 1008 54.42 -25.23 69.78
N LEU C 1009 53.38 -26.05 69.99
CA LEU C 1009 53.20 -26.72 71.31
C LEU C 1009 54.41 -27.64 71.55
N ALA C 1010 54.86 -28.34 70.50
CA ALA C 1010 56.02 -29.25 70.65
C ALA C 1010 57.25 -28.43 71.05
N ALA C 1011 57.45 -27.25 70.43
CA ALA C 1011 58.60 -26.39 70.75
C ALA C 1011 58.51 -25.90 72.20
N ILE C 1012 57.31 -25.53 72.65
CA ILE C 1012 57.16 -24.95 74.03
C ILE C 1012 57.29 -26.09 75.06
N GLN C 1053 68.70 7.70 62.87
CA GLN C 1053 69.37 8.55 61.88
C GLN C 1053 68.66 8.49 60.54
N ARG C 1054 68.05 9.61 60.15
CA ARG C 1054 67.33 9.69 58.88
C ARG C 1054 68.32 9.76 57.73
N ILE C 1055 68.36 8.71 56.91
CA ILE C 1055 69.24 8.65 55.75
C ILE C 1055 68.48 9.21 54.55
N THR C 1056 68.96 10.33 54.03
CA THR C 1056 68.33 10.92 52.85
C THR C 1056 68.71 10.12 51.61
N ARG C 1057 67.71 9.66 50.87
CA ARG C 1057 67.92 8.81 49.72
C ARG C 1057 67.48 9.51 48.45
N VAL C 1058 68.36 9.54 47.47
CA VAL C 1058 68.11 10.24 46.21
C VAL C 1058 67.52 9.26 45.21
N ASN C 1059 66.31 9.54 44.76
CA ASN C 1059 65.63 8.71 43.78
C ASN C 1059 66.03 9.13 42.38
N LEU C 1060 65.53 8.41 41.38
CA LEU C 1060 65.71 8.82 40.00
C LEU C 1060 64.85 10.03 39.65
N ARG C 1061 63.80 10.30 40.42
CA ARG C 1061 63.01 11.52 40.21
C ARG C 1061 63.83 12.76 40.53
N ASP C 1062 64.67 12.70 41.56
CA ASP C 1062 65.48 13.86 41.93
C ASP C 1062 66.57 14.13 40.91
N LEU C 1063 67.02 13.10 40.20
CA LEU C 1063 67.99 13.32 39.12
C LEU C 1063 67.29 13.83 37.87
N ILE C 1064 66.09 13.31 37.57
CA ILE C 1064 65.32 13.76 36.42
C ILE C 1064 64.88 15.21 36.60
N PHE C 1065 64.53 15.58 37.83
CA PHE C 1065 64.11 16.95 38.13
C PHE C 1065 65.23 17.95 37.93
N CYS C 1066 66.48 17.52 38.10
CA CYS C 1066 67.63 18.39 37.90
C CYS C 1066 68.19 18.29 36.50
N LEU C 1067 67.50 17.62 35.59
CA LEU C 1067 67.91 17.54 34.18
C LEU C 1067 67.03 18.34 33.25
N GLU C 1068 65.71 18.34 33.47
CA GLU C 1068 64.82 19.11 32.61
C GLU C 1068 64.83 20.60 32.94
N ASN C 1069 65.48 21.01 34.02
CA ASN C 1069 65.56 22.42 34.38
C ASN C 1069 66.78 23.10 33.75
N GLU C 1070 67.93 22.44 33.76
CA GLU C 1070 69.13 23.00 33.15
C GLU C 1070 69.02 22.93 31.62
N ARG C 1071 69.76 23.82 30.95
CA ARG C 1071 69.59 23.99 29.51
C ARG C 1071 70.19 22.81 28.74
N GLU C 1072 71.41 22.41 29.09
CA GLU C 1072 71.91 21.13 28.66
C GLU C 1072 71.10 20.02 29.32
N THR C 1073 70.98 18.90 28.62
CA THR C 1073 70.23 17.69 29.03
C THR C 1073 68.76 17.98 29.32
N SER C 1074 68.17 19.03 28.74
CA SER C 1074 66.73 19.22 28.83
C SER C 1074 66.01 18.55 27.68
N HIS C 1075 66.50 18.72 26.46
CA HIS C 1075 66.05 17.95 25.30
C HIS C 1075 67.23 17.07 24.90
N SER C 1076 67.37 15.93 25.56
CA SER C 1076 68.47 15.02 25.32
C SER C 1076 67.96 13.60 25.39
N LEU C 1077 68.69 12.70 24.73
CA LEU C 1077 68.33 11.29 24.73
C LEU C 1077 68.63 10.59 26.05
N LEU C 1078 69.37 11.23 26.94
CA LEU C 1078 69.66 10.63 28.24
C LEU C 1078 68.56 10.92 29.24
N LEU C 1079 67.88 12.06 29.12
CA LEU C 1079 66.70 12.32 29.94
C LEU C 1079 65.46 11.64 29.38
N TYR C 1080 65.37 11.55 28.05
CA TYR C 1080 64.24 10.89 27.41
C TYR C 1080 64.21 9.40 27.73
N LYS C 1081 65.38 8.76 27.79
CA LYS C 1081 65.43 7.36 28.16
C LYS C 1081 65.22 7.19 29.67
N ALA C 1082 65.58 8.21 30.46
CA ALA C 1082 65.43 8.13 31.91
C ALA C 1082 63.97 8.17 32.35
N PHE C 1083 63.07 8.63 31.47
CA PHE C 1083 61.64 8.58 31.75
C PHE C 1083 61.09 7.16 31.71
N LEU C 1084 61.85 6.19 31.22
CA LEU C 1084 61.42 4.81 31.12
C LEU C 1084 62.24 3.87 31.99
N LYS C 1085 63.18 4.37 32.78
CA LYS C 1085 64.02 3.53 33.63
C LYS C 1085 63.44 3.36 35.02
N ASP D 210 78.50 11.09 -11.28
CA ASP D 210 77.11 10.94 -10.84
C ASP D 210 76.33 12.25 -10.53
N PRO D 211 76.80 13.13 -9.61
CA PRO D 211 75.88 14.16 -9.09
C PRO D 211 75.58 15.28 -10.07
N THR D 212 76.46 15.54 -11.05
CA THR D 212 76.20 16.62 -11.99
C THR D 212 75.22 16.24 -13.09
N MET D 213 74.84 14.96 -13.18
CA MET D 213 73.94 14.49 -14.22
C MET D 213 72.63 13.96 -13.65
N TYR D 214 72.23 14.45 -12.48
CA TYR D 214 70.93 14.05 -11.93
C TYR D 214 69.79 14.73 -12.66
N GLU D 215 70.05 15.90 -13.26
CA GLU D 215 69.05 16.53 -14.11
C GLU D 215 68.97 15.90 -15.49
N GLU D 216 69.87 14.98 -15.80
CA GLU D 216 69.78 14.17 -17.01
C GLU D 216 69.14 12.81 -16.77
N TYR D 217 69.30 12.26 -15.56
CA TYR D 217 68.64 11.01 -15.24
C TYR D 217 67.15 11.22 -15.00
N TYR D 218 66.79 12.24 -14.23
CA TYR D 218 65.40 12.47 -13.88
C TYR D 218 64.60 12.97 -15.08
N SER D 219 65.20 13.81 -15.92
CA SER D 219 64.49 14.31 -17.09
C SER D 219 64.37 13.25 -18.18
N GLY D 220 65.21 12.22 -18.17
CA GLY D 220 65.04 11.11 -19.08
C GLY D 220 63.85 10.25 -18.72
N LEU D 221 63.70 9.95 -17.42
CA LEU D 221 62.54 9.18 -16.97
C LEU D 221 61.27 10.03 -17.01
N LYS D 222 61.39 11.34 -16.86
CA LYS D 222 60.25 12.23 -17.06
C LYS D 222 59.82 12.24 -18.52
N HIS D 223 60.77 12.06 -19.44
CA HIS D 223 60.44 12.01 -20.86
C HIS D 223 59.82 10.66 -21.25
N PHE D 224 60.19 9.59 -20.56
CA PHE D 224 59.63 8.27 -20.86
C PHE D 224 58.19 8.16 -20.40
N ILE D 225 57.87 8.73 -19.23
CA ILE D 225 56.55 8.54 -18.65
C ILE D 225 55.52 9.38 -19.36
N GLU D 226 55.84 10.63 -19.67
CA GLU D 226 54.91 11.50 -20.38
C GLU D 226 54.74 11.13 -21.85
N CYS D 227 55.63 10.31 -22.40
CA CYS D 227 55.47 9.80 -23.76
C CYS D 227 54.79 8.43 -23.77
N SER D 228 54.36 7.92 -22.63
CA SER D 228 53.67 6.64 -22.59
C SER D 228 52.20 6.82 -22.94
N LEU D 229 51.52 5.70 -23.14
CA LEU D 229 50.09 5.71 -23.34
C LEU D 229 49.38 6.09 -22.05
N ASP D 230 48.17 6.66 -22.19
CA ASP D 230 47.51 7.36 -21.10
C ASP D 230 47.02 6.43 -19.99
N CYS D 231 46.86 5.13 -20.27
CA CYS D 231 46.45 4.22 -19.21
C CYS D 231 47.58 3.97 -18.22
N HIS D 232 48.80 3.85 -18.72
CA HIS D 232 49.97 3.63 -17.87
C HIS D 232 50.65 4.93 -17.47
N ARG D 233 50.30 6.05 -18.09
CA ARG D 233 50.95 7.31 -17.78
C ARG D 233 50.52 7.84 -16.41
N ALA D 234 49.23 7.67 -16.08
CA ALA D 234 48.73 8.17 -14.81
C ALA D 234 49.24 7.33 -13.63
N GLU D 235 49.56 6.07 -13.88
CA GLU D 235 50.11 5.24 -12.81
C GLU D 235 51.62 5.38 -12.69
N LEU D 236 52.31 5.64 -13.81
CA LEU D 236 53.74 5.84 -13.78
C LEU D 236 54.13 7.25 -13.37
N SER D 237 53.17 8.15 -13.18
CA SER D 237 53.47 9.47 -12.63
C SER D 237 53.61 9.44 -11.11
N GLN D 238 53.46 8.28 -10.48
CA GLN D 238 53.58 8.19 -9.03
C GLN D 238 55.02 8.31 -8.56
N LEU D 239 55.98 7.86 -9.37
CA LEU D 239 57.38 7.91 -8.99
C LEU D 239 58.08 9.17 -9.45
N PHE D 240 57.33 10.23 -9.74
CA PHE D 240 57.94 11.53 -9.93
C PHE D 240 58.38 12.13 -8.61
N TYR D 241 57.46 12.13 -7.62
CA TYR D 241 57.76 12.75 -6.33
C TYR D 241 58.83 12.03 -5.52
N PRO D 242 58.80 10.70 -5.32
CA PRO D 242 59.87 10.09 -4.50
C PRO D 242 61.23 10.08 -5.19
N LEU D 243 61.27 10.03 -6.51
CA LEU D 243 62.57 10.14 -7.19
C LEU D 243 63.07 11.57 -7.22
N PHE D 244 62.19 12.56 -7.09
CA PHE D 244 62.65 13.94 -7.01
C PHE D 244 63.26 14.21 -5.63
N VAL D 245 62.64 13.69 -4.57
CA VAL D 245 63.15 13.97 -3.23
C VAL D 245 64.39 13.15 -2.92
N HIS D 246 64.40 11.85 -3.30
CA HIS D 246 65.55 11.02 -2.98
C HIS D 246 66.78 11.39 -3.78
N MET D 247 66.61 12.01 -4.95
CA MET D 247 67.77 12.53 -5.66
C MET D 247 68.19 13.88 -5.11
N TYR D 248 67.24 14.69 -4.63
CA TYR D 248 67.57 15.98 -4.05
C TYR D 248 68.21 15.83 -2.68
N LEU D 249 67.71 14.91 -1.86
CA LEU D 249 68.26 14.74 -0.52
C LEU D 249 69.60 14.04 -0.56
N GLU D 250 69.86 13.22 -1.58
CA GLU D 250 71.16 12.61 -1.72
C GLU D 250 72.20 13.60 -2.24
N LEU D 251 71.78 14.61 -2.99
CA LEU D 251 72.69 15.68 -3.40
C LEU D 251 73.11 16.53 -2.21
N VAL D 252 72.16 16.88 -1.34
CA VAL D 252 72.50 17.74 -0.20
C VAL D 252 73.15 16.98 0.94
N TYR D 253 73.07 15.64 0.94
CA TYR D 253 73.77 14.88 1.98
C TYR D 253 75.22 14.63 1.59
N ASN D 254 75.53 14.62 0.30
CA ASN D 254 76.88 14.48 -0.18
C ASN D 254 77.54 15.82 -0.45
N GLN D 255 76.95 16.91 0.06
CA GLN D 255 77.47 18.28 0.00
C GLN D 255 77.68 18.74 -1.44
N HIS D 256 76.60 18.70 -2.23
CA HIS D 256 76.60 19.14 -3.65
C HIS D 256 75.53 20.22 -3.76
N GLU D 257 75.65 21.29 -2.97
CA GLU D 257 74.58 22.30 -2.86
C GLU D 257 74.20 22.98 -4.17
N ASN D 258 75.14 23.38 -5.01
CA ASN D 258 74.72 24.13 -6.22
C ASN D 258 73.90 23.20 -7.11
N GLU D 259 74.36 21.96 -7.28
CA GLU D 259 73.64 21.01 -8.15
C GLU D 259 72.28 20.72 -7.54
N ALA D 260 72.22 20.62 -6.22
CA ALA D 260 70.93 20.38 -5.56
C ALA D 260 69.99 21.53 -5.86
N LYS D 261 70.46 22.76 -5.74
CA LYS D 261 69.60 23.94 -5.94
C LYS D 261 69.10 23.96 -7.39
N SER D 262 69.97 23.64 -8.33
CA SER D 262 69.57 23.62 -9.76
C SER D 262 68.53 22.54 -10.03
N PHE D 263 68.70 21.35 -9.46
CA PHE D 263 67.71 20.25 -9.61
C PHE D 263 66.40 20.72 -9.03
N PHE D 264 66.44 21.35 -7.87
CA PHE D 264 65.17 21.75 -7.23
C PHE D 264 64.48 22.74 -8.15
N GLU D 265 65.22 23.68 -8.69
CA GLU D 265 64.56 24.72 -9.53
C GLU D 265 63.99 24.10 -10.80
N LYS D 266 64.70 23.16 -11.41
CA LYS D 266 64.22 22.62 -12.72
C LYS D 266 62.98 21.75 -12.57
N PHE D 267 62.88 20.95 -11.51
CA PHE D 267 61.84 19.91 -11.40
C PHE D 267 60.79 20.15 -10.31
N HIS D 268 60.91 21.17 -9.48
CA HIS D 268 59.95 21.29 -8.37
C HIS D 268 58.55 21.60 -8.86
N GLY D 269 58.39 22.20 -10.02
CA GLY D 269 57.07 22.67 -10.47
C GLY D 269 56.30 21.67 -11.27
N ASP D 270 56.89 20.50 -11.50
CA ASP D 270 56.16 19.42 -12.21
C ASP D 270 55.66 18.44 -11.17
N GLN D 271 55.87 18.76 -9.90
CA GLN D 271 55.40 17.89 -8.80
C GLN D 271 53.91 18.16 -8.57
N GLU D 272 53.19 17.17 -8.04
CA GLU D 272 51.74 17.28 -7.85
C GLU D 272 51.43 18.39 -6.86
N CYS D 273 50.32 19.08 -7.06
CA CYS D 273 49.98 20.27 -6.24
C CYS D 273 49.87 19.93 -4.75
N TYR D 274 49.52 18.70 -4.41
CA TYR D 274 49.30 18.33 -3.00
C TYR D 274 50.60 18.28 -2.24
N TYR D 275 51.74 18.44 -2.91
CA TYR D 275 53.04 18.23 -2.23
C TYR D 275 53.74 19.55 -1.90
N GLN D 276 53.04 20.69 -2.02
CA GLN D 276 53.68 22.02 -1.86
C GLN D 276 54.31 22.15 -0.48
N ASP D 277 53.69 21.68 0.58
CA ASP D 277 54.30 21.90 1.91
C ASP D 277 55.65 21.20 2.03
N ASP D 278 55.70 19.94 1.60
CA ASP D 278 56.97 19.18 1.69
C ASP D 278 57.98 19.86 0.77
N LEU D 279 57.50 20.33 -0.39
CA LEU D 279 58.42 20.98 -1.33
C LEU D 279 59.01 22.23 -0.68
N ARG D 280 58.24 23.03 0.05
CA ARG D 280 58.79 24.21 0.78
C ARG D 280 59.77 23.82 1.88
N VAL D 281 59.44 22.79 2.65
CA VAL D 281 60.47 22.38 3.65
C VAL D 281 61.76 22.02 2.90
N LEU D 282 61.69 21.32 1.78
CA LEU D 282 62.89 20.89 1.01
C LEU D 282 63.64 22.08 0.44
N SER D 283 62.94 23.08 -0.07
CA SER D 283 63.58 24.30 -0.63
C SER D 283 64.38 24.93 0.50
N SER D 284 63.86 24.96 1.71
CA SER D 284 64.74 25.48 2.79
C SER D 284 66.01 24.63 2.92
N LEU D 285 65.94 23.30 2.90
CA LEU D 285 67.07 22.35 3.11
C LEU D 285 68.02 22.45 1.93
N THR D 286 69.19 23.03 2.12
CA THR D 286 70.19 23.14 1.07
C THR D 286 71.53 22.61 1.56
N LYS D 287 71.77 22.68 2.87
CA LYS D 287 73.00 22.18 3.45
C LYS D 287 72.81 20.76 3.96
N LYS D 288 73.90 20.14 4.35
CA LYS D 288 73.84 18.81 4.93
C LYS D 288 73.44 18.87 6.40
N GLU D 289 74.05 19.79 7.15
CA GLU D 289 73.77 19.93 8.57
C GLU D 289 72.38 20.49 8.85
N HIS D 290 71.77 21.15 7.85
CA HIS D 290 70.36 21.53 7.98
C HIS D 290 69.46 20.30 7.97
N MET D 291 69.84 19.29 7.19
CA MET D 291 69.06 18.06 7.11
C MET D 291 69.43 17.06 8.20
N LYS D 292 70.61 17.18 8.79
CA LYS D 292 71.03 16.28 9.86
C LYS D 292 70.30 16.50 11.17
N GLY D 293 69.51 17.57 11.28
CA GLY D 293 68.73 17.81 12.48
C GLY D 293 67.26 18.03 12.19
N ASN D 294 66.78 17.52 11.05
CA ASN D 294 65.37 17.64 10.69
C ASN D 294 64.54 16.48 11.23
N GLU D 295 65.08 15.26 11.17
CA GLU D 295 64.54 14.01 11.70
C GLU D 295 63.27 13.53 11.02
N THR D 296 62.73 14.26 10.06
CA THR D 296 61.66 13.78 9.19
C THR D 296 62.16 13.44 7.80
N MET D 297 63.01 14.30 7.23
CA MET D 297 63.75 13.97 6.03
C MET D 297 64.92 13.04 6.30
N LEU D 298 65.34 12.92 7.56
CA LEU D 298 66.34 11.93 7.92
C LEU D 298 65.75 10.53 7.93
N ASP D 299 64.47 10.41 8.31
CA ASP D 299 63.78 9.14 8.24
C ASP D 299 63.19 8.87 6.88
N PHE D 300 63.01 9.91 6.07
CA PHE D 300 62.59 9.71 4.69
C PHE D 300 63.73 9.18 3.83
N ARG D 301 64.97 9.55 4.16
CA ARG D 301 66.10 9.12 3.35
C ARG D 301 66.46 7.67 3.61
N THR D 302 66.14 7.15 4.79
CA THR D 302 66.49 5.79 5.14
C THR D 302 65.36 4.80 4.88
N SER D 303 64.11 5.26 4.81
CA SER D 303 63.00 4.39 4.52
C SER D 303 62.87 4.17 3.02
N LYS D 304 61.86 3.40 2.62
CA LYS D 304 61.60 3.10 1.22
C LYS D 304 60.19 3.55 0.87
N PHE D 305 60.07 4.32 -0.21
CA PHE D 305 58.76 4.67 -0.75
C PHE D 305 58.11 3.43 -1.32
N VAL D 306 56.83 3.21 -1.02
CA VAL D 306 56.24 1.90 -1.28
C VAL D 306 55.75 1.78 -2.71
N LEU D 307 55.03 2.79 -3.20
CA LEU D 307 54.75 3.00 -4.63
C LEU D 307 54.00 1.82 -5.27
N ARG D 308 52.75 1.66 -4.85
CA ARG D 308 51.92 0.59 -5.38
C ARG D 308 51.61 0.82 -6.86
N ILE D 309 52.09 -0.09 -7.71
CA ILE D 309 51.90 -0.01 -9.15
C ILE D 309 51.34 -1.34 -9.63
N SER D 310 50.69 -1.31 -10.79
CA SER D 310 50.14 -2.52 -11.38
C SER D 310 51.20 -3.24 -12.21
N ARG D 311 50.92 -4.52 -12.48
CA ARG D 311 51.85 -5.31 -13.28
C ARG D 311 51.78 -4.96 -14.76
N ASP D 312 50.68 -4.37 -15.21
CA ASP D 312 50.60 -3.95 -16.60
C ASP D 312 51.46 -2.72 -16.87
N SER D 313 51.64 -1.86 -15.87
CA SER D 313 52.50 -0.70 -15.99
C SER D 313 53.93 -0.96 -15.54
N TYR D 314 54.14 -1.96 -14.69
CA TYR D 314 55.50 -2.27 -14.24
C TYR D 314 56.32 -2.94 -15.35
N GLN D 315 55.65 -3.62 -16.28
CA GLN D 315 56.37 -4.23 -17.40
C GLN D 315 56.94 -3.17 -18.33
N LEU D 316 56.24 -2.06 -18.53
CA LEU D 316 56.79 -0.96 -19.31
C LEU D 316 57.89 -0.24 -18.55
N LEU D 317 57.79 -0.19 -17.22
CA LEU D 317 58.84 0.46 -16.42
C LEU D 317 60.11 -0.36 -16.40
N LYS D 318 59.98 -1.68 -16.21
CA LYS D 318 61.16 -2.54 -16.14
C LYS D 318 61.78 -2.79 -17.51
N ARG D 319 61.03 -2.57 -18.59
CA ARG D 319 61.62 -2.63 -19.93
C ARG D 319 62.31 -1.32 -20.30
N HIS D 320 62.22 -0.30 -19.46
CA HIS D 320 62.95 0.94 -19.62
C HIS D 320 64.05 1.13 -18.60
N LEU D 321 64.18 0.22 -17.63
CA LEU D 321 65.18 0.34 -16.58
C LEU D 321 66.18 -0.80 -16.55
N GLN D 322 65.81 -2.00 -17.00
CA GLN D 322 66.74 -3.12 -17.01
C GLN D 322 67.80 -2.98 -18.09
N GLU D 323 67.59 -2.04 -19.04
CA GLU D 323 68.58 -1.76 -20.09
C GLU D 323 69.68 -0.86 -19.52
N LYS D 324 70.89 -0.92 -20.07
CA LYS D 324 72.05 -0.15 -19.53
C LYS D 324 71.91 1.34 -19.84
N GLN D 325 71.02 1.71 -20.77
CA GLN D 325 70.85 3.13 -21.17
C GLN D 325 70.41 3.92 -19.93
N ASN D 326 69.57 3.33 -19.08
CA ASN D 326 69.15 4.01 -17.83
C ASN D 326 69.41 3.06 -16.67
N ASN D 327 70.69 2.80 -16.37
CA ASN D 327 71.07 1.88 -15.26
C ASN D 327 71.36 2.70 -14.00
N GLN D 328 71.32 4.03 -14.09
CA GLN D 328 71.63 4.89 -12.93
C GLN D 328 70.32 5.22 -12.22
N ILE D 329 69.29 5.63 -12.96
CA ILE D 329 67.99 5.89 -12.37
C ILE D 329 67.33 4.58 -11.96
N TRP D 330 67.68 3.48 -12.62
CA TRP D 330 67.28 2.15 -12.16
C TRP D 330 68.01 1.79 -10.86
N ASN D 331 69.23 2.29 -10.68
CA ASN D 331 69.94 2.03 -9.44
C ASN D 331 69.37 2.83 -8.28
N ILE D 332 68.83 4.01 -8.55
CA ILE D 332 68.20 4.81 -7.51
C ILE D 332 66.84 4.22 -7.14
N VAL D 333 66.12 3.68 -8.13
CA VAL D 333 64.81 3.09 -7.88
C VAL D 333 64.93 1.85 -7.00
N GLN D 334 65.85 0.95 -7.32
CA GLN D 334 65.98 -0.28 -6.56
C GLN D 334 66.76 -0.10 -5.26
N GLU D 335 67.22 1.12 -4.96
CA GLU D 335 67.86 1.42 -3.68
C GLU D 335 66.93 2.17 -2.74
N HIS D 336 66.15 3.12 -3.25
CA HIS D 336 65.33 3.98 -2.42
C HIS D 336 63.85 3.71 -2.49
N LEU D 337 63.37 2.98 -3.50
CA LEU D 337 61.95 2.75 -3.69
C LEU D 337 61.64 1.28 -3.58
N TYR D 338 60.70 0.93 -2.71
CA TYR D 338 59.97 -0.31 -2.85
C TYR D 338 58.99 -0.17 -4.01
N ILE D 339 58.61 -1.29 -4.60
CA ILE D 339 57.53 -1.34 -5.57
C ILE D 339 56.65 -2.53 -5.20
N ASP D 340 55.40 -2.25 -4.86
CA ASP D 340 54.43 -3.25 -4.47
C ASP D 340 53.49 -3.48 -5.64
N ILE D 341 53.53 -4.66 -6.22
CA ILE D 341 52.83 -4.94 -7.48
C ILE D 341 51.52 -5.66 -7.18
N PHE D 342 50.45 -5.16 -7.80
CA PHE D 342 49.15 -5.83 -7.76
C PHE D 342 48.76 -6.21 -9.18
N ASP D 343 48.05 -7.32 -9.30
CA ASP D 343 47.58 -7.81 -10.59
C ASP D 343 46.17 -7.30 -10.81
N GLY D 344 46.03 -6.31 -11.68
CA GLY D 344 44.73 -5.76 -11.96
C GLY D 344 44.81 -4.63 -12.96
N MET D 345 43.73 -3.86 -13.03
CA MET D 345 43.64 -2.70 -13.89
C MET D 345 44.55 -1.58 -13.36
N PRO D 346 45.18 -0.82 -14.25
CA PRO D 346 45.87 0.40 -13.81
C PRO D 346 44.86 1.44 -13.35
N ARG D 347 45.14 2.06 -12.20
CA ARG D 347 44.19 2.97 -11.60
C ARG D 347 44.09 4.27 -12.38
N SER D 348 42.95 4.95 -12.25
CA SER D 348 42.77 6.23 -12.90
C SER D 348 43.54 7.32 -12.15
N LYS D 349 43.61 8.50 -12.75
CA LYS D 349 44.33 9.60 -12.13
C LYS D 349 43.60 10.17 -10.93
N GLN D 350 42.26 10.20 -10.96
CA GLN D 350 41.49 10.68 -9.82
C GLN D 350 41.28 9.61 -8.76
N GLN D 351 41.72 8.38 -9.00
CA GLN D 351 41.80 7.35 -7.99
C GLN D 351 43.18 7.25 -7.37
N ILE D 352 44.24 7.51 -8.15
CA ILE D 352 45.59 7.61 -7.60
C ILE D 352 45.70 8.87 -6.73
N ASP D 353 45.01 9.94 -7.13
CA ASP D 353 45.01 11.18 -6.36
C ASP D 353 44.31 11.01 -5.02
N ALA D 354 43.41 10.03 -4.91
CA ALA D 354 42.66 9.85 -3.67
C ALA D 354 43.48 9.12 -2.61
N MET D 355 44.47 8.32 -3.02
CA MET D 355 45.17 7.44 -2.05
C MET D 355 46.66 7.75 -1.87
N VAL D 356 47.19 8.79 -2.53
CA VAL D 356 48.58 9.17 -2.30
C VAL D 356 48.58 10.48 -1.53
N GLY D 357 49.77 10.92 -1.14
CA GLY D 357 49.90 12.23 -0.51
C GLY D 357 50.84 12.25 0.66
N SER D 358 51.22 11.08 1.15
CA SER D 358 52.08 10.99 2.32
C SER D 358 53.55 10.86 1.92
N LEU D 359 54.42 11.09 2.89
CA LEU D 359 55.83 10.80 2.75
C LEU D 359 56.10 9.38 3.23
N ALA D 360 56.86 8.63 2.42
CA ALA D 360 56.95 7.16 2.48
C ALA D 360 55.54 6.55 2.49
N GLY D 361 54.76 6.94 1.49
CA GLY D 361 53.33 6.72 1.48
C GLY D 361 52.88 5.55 0.63
N GLU D 362 51.57 5.32 0.68
CA GLU D 362 50.85 4.27 -0.05
C GLU D 362 51.41 2.88 0.29
N ALA D 363 51.30 2.51 1.56
CA ALA D 363 52.01 1.39 2.15
C ALA D 363 51.58 0.05 1.55
N LYS D 364 52.37 -0.98 1.85
CA LYS D 364 52.22 -2.31 1.25
C LYS D 364 50.91 -2.96 1.69
N ARG D 365 50.41 -3.86 0.85
CA ARG D 365 49.25 -4.64 1.23
C ARG D 365 49.58 -5.70 2.28
N GLU D 366 50.85 -6.08 2.42
CA GLU D 366 51.23 -7.04 3.45
C GLU D 366 51.13 -6.45 4.85
N ALA D 367 51.07 -5.13 4.98
CA ALA D 367 50.80 -4.52 6.27
C ALA D 367 49.31 -4.52 6.60
N ASN D 368 48.45 -4.40 5.57
CA ASN D 368 47.01 -4.32 5.76
C ASN D 368 46.33 -5.68 5.63
N LYS D 369 47.04 -6.77 5.90
CA LYS D 369 46.45 -8.10 5.84
C LYS D 369 46.45 -8.83 7.17
N SER D 370 46.89 -8.18 8.24
CA SER D 370 46.84 -8.80 9.56
C SER D 370 45.40 -8.89 10.05
N LYS D 371 45.14 -9.86 10.92
CA LYS D 371 43.80 -10.07 11.45
C LYS D 371 43.53 -9.04 12.54
N VAL D 372 42.49 -8.24 12.35
CA VAL D 372 42.12 -7.19 13.28
C VAL D 372 40.78 -7.54 13.89
N PHE D 373 40.71 -7.55 15.22
CA PHE D 373 39.47 -7.84 15.93
C PHE D 373 38.70 -6.53 16.08
N PHE D 374 38.00 -6.17 15.00
CA PHE D 374 37.29 -4.90 14.92
C PHE D 374 35.86 -4.98 15.44
N GLY D 375 35.48 -6.04 16.14
CA GLY D 375 34.14 -6.16 16.65
C GLY D 375 34.01 -5.66 18.06
N LEU D 376 32.76 -5.49 18.49
CA LEU D 376 32.49 -4.97 19.81
C LEU D 376 32.46 -6.09 20.85
N LEU D 377 32.74 -5.73 22.09
CA LEU D 377 32.65 -6.67 23.19
C LEU D 377 31.20 -6.81 23.66
N LYS D 378 30.99 -7.76 24.57
CA LYS D 378 29.66 -8.05 25.08
C LYS D 378 29.40 -7.31 26.38
N PRO D 419 32.32 -13.15 14.15
CA PRO D 419 33.63 -13.75 14.46
C PRO D 419 34.74 -12.69 14.45
N ASN D 420 34.40 -11.43 14.70
CA ASN D 420 35.39 -10.36 14.68
C ASN D 420 35.59 -9.72 16.04
N ALA D 421 34.98 -10.25 17.08
CA ALA D 421 35.16 -9.64 18.39
C ALA D 421 36.32 -10.29 19.13
N PRO D 422 37.13 -9.51 19.84
CA PRO D 422 38.18 -10.10 20.66
C PRO D 422 37.59 -10.70 21.93
N PRO D 423 38.29 -11.64 22.56
CA PRO D 423 37.84 -12.12 23.87
C PRO D 423 37.96 -11.04 24.93
N GLN D 424 37.20 -11.23 26.01
CA GLN D 424 37.20 -10.26 27.10
C GLN D 424 38.52 -10.26 27.86
N ASN D 425 39.22 -11.39 27.88
CA ASN D 425 40.49 -11.50 28.58
C ASN D 425 41.69 -11.30 27.67
N ARG D 426 41.49 -10.78 26.46
CA ARG D 426 42.61 -10.44 25.58
C ARG D 426 43.38 -9.25 26.14
N ILE D 427 42.70 -8.12 26.27
CA ILE D 427 43.23 -6.96 26.99
C ILE D 427 42.63 -6.99 28.40
N PRO D 428 43.46 -6.90 29.44
CA PRO D 428 42.91 -6.95 30.80
C PRO D 428 42.17 -5.68 31.15
N LEU D 429 40.89 -5.63 30.80
CA LEU D 429 40.00 -4.51 31.05
C LEU D 429 39.49 -4.53 32.49
N PRO D 430 39.16 -3.36 33.06
CA PRO D 430 38.73 -3.34 34.46
C PRO D 430 37.32 -3.89 34.64
N GLU D 431 37.01 -4.17 35.92
CA GLU D 431 35.72 -4.69 36.31
C GLU D 431 34.62 -3.64 36.12
N LEU D 432 33.39 -4.11 36.07
CA LEU D 432 32.22 -3.24 35.97
C LEU D 432 31.59 -3.17 37.36
N LYS D 433 31.75 -2.02 38.02
CA LYS D 433 31.27 -1.84 39.38
C LYS D 433 29.77 -1.60 39.39
N ASP D 434 29.19 -1.62 40.60
CA ASP D 434 27.76 -1.42 40.74
C ASP D 434 27.35 0.02 40.47
N SER D 435 28.25 0.98 40.69
CA SER D 435 28.00 2.35 40.27
C SER D 435 28.16 2.51 38.77
N ASP D 436 29.05 1.72 38.16
CA ASP D 436 29.16 1.72 36.71
C ASP D 436 28.04 0.93 36.05
N LYS D 437 27.53 -0.10 36.72
CA LYS D 437 26.33 -0.78 36.25
C LYS D 437 25.08 0.07 36.47
N LEU D 438 25.10 0.97 37.45
CA LEU D 438 24.00 1.92 37.63
C LEU D 438 24.00 2.99 36.55
N ASP D 439 25.15 3.27 35.94
CA ASP D 439 25.20 4.24 34.86
C ASP D 439 24.52 3.72 33.61
N LYS D 440 24.76 2.45 33.26
CA LYS D 440 24.15 1.88 32.05
C LYS D 440 22.65 1.65 32.20
N ILE D 441 22.12 1.66 33.42
CA ILE D 441 20.68 1.56 33.61
C ILE D 441 20.00 2.86 33.19
N MET D 442 20.57 4.00 33.59
CA MET D 442 20.02 5.28 33.14
C MET D 442 20.49 5.65 31.74
N ASN D 443 21.48 4.95 31.19
CA ASN D 443 21.89 5.18 29.81
C ASN D 443 20.88 4.61 28.83
N MET D 444 20.29 3.46 29.15
CA MET D 444 19.29 2.87 28.26
C MET D 444 17.92 3.52 28.41
N LYS D 445 17.71 4.33 29.46
CA LYS D 445 16.54 5.19 29.48
C LYS D 445 16.68 6.34 28.49
N GLU D 446 17.91 6.80 28.25
CA GLU D 446 18.14 7.80 27.21
C GLU D 446 18.02 7.19 25.82
N THR D 447 18.45 5.92 25.67
CA THR D 447 18.32 5.21 24.41
C THR D 447 16.87 4.97 24.02
N THR D 448 15.96 4.97 25.00
CA THR D 448 14.53 4.83 24.71
C THR D 448 14.02 6.03 23.93
N LYS D 449 14.48 7.24 24.28
CA LYS D 449 14.08 8.44 23.57
C LYS D 449 14.96 8.75 22.37
N ARG D 450 15.89 7.86 22.02
CA ARG D 450 16.82 8.12 20.93
C ARG D 450 16.10 8.03 19.59
N VAL D 451 16.25 9.07 18.77
CA VAL D 451 15.60 9.13 17.48
C VAL D 451 16.48 8.47 16.42
N ARG D 452 15.84 7.84 15.45
CA ARG D 452 16.54 7.33 14.28
C ARG D 452 16.76 8.49 13.32
N LEU D 453 18.01 8.81 13.03
CA LEU D 453 18.29 10.05 12.30
C LEU D 453 18.07 9.90 10.80
N GLY D 454 18.89 9.08 10.15
CA GLY D 454 18.79 8.85 8.73
C GLY D 454 18.93 10.10 7.86
N PRO D 455 18.60 9.98 6.57
CA PRO D 455 18.63 11.15 5.69
C PRO D 455 17.37 12.00 5.73
N ASP D 456 16.35 11.59 6.49
CA ASP D 456 15.08 12.31 6.56
C ASP D 456 14.93 13.10 7.86
N CYS D 457 15.11 12.45 9.00
CA CYS D 457 14.98 13.11 10.29
C CYS D 457 16.36 13.65 10.67
N LEU D 458 16.67 14.82 10.11
CA LEU D 458 17.97 15.42 10.36
C LEU D 458 18.05 15.93 11.79
N PRO D 459 19.17 15.74 12.47
CA PRO D 459 19.24 16.07 13.90
C PRO D 459 19.32 17.57 14.13
N SER D 460 18.93 17.96 15.34
CA SER D 460 19.06 19.33 15.79
C SER D 460 20.42 19.53 16.41
N ILE D 461 21.07 20.63 16.08
CA ILE D 461 22.42 20.94 16.55
C ILE D 461 22.33 22.05 17.58
N CYS D 462 22.83 21.80 18.78
CA CYS D 462 22.88 22.79 19.85
C CYS D 462 24.33 23.23 20.02
N PHE D 463 24.64 24.42 19.54
CA PHE D 463 26.01 24.92 19.60
C PHE D 463 26.27 25.57 20.95
N TYR D 464 27.29 25.08 21.65
CA TYR D 464 27.69 25.61 22.95
C TYR D 464 28.90 26.50 22.75
N THR D 465 28.65 27.74 22.35
CA THR D 465 29.74 28.65 22.02
C THR D 465 30.37 29.24 23.28
N PHE D 466 31.70 29.39 23.23
CA PHE D 466 32.44 30.10 24.26
C PHE D 466 32.51 31.56 23.83
N LEU D 467 31.89 32.45 24.61
CA LEU D 467 31.64 33.80 24.10
C LEU D 467 32.88 34.68 24.17
N ASN D 468 33.46 34.84 25.35
CA ASN D 468 34.56 35.80 25.46
C ASN D 468 35.85 35.19 24.96
N ALA D 469 36.37 34.19 25.69
CA ALA D 469 37.43 33.27 25.24
C ALA D 469 38.66 33.98 24.69
N TYR D 470 39.09 35.03 25.39
CA TYR D 470 40.23 35.80 24.90
C TYR D 470 41.54 35.13 25.22
N GLN D 471 41.55 34.21 26.17
CA GLN D 471 42.52 33.12 26.16
C GLN D 471 42.03 32.08 25.16
N GLY D 472 42.92 31.63 24.28
CA GLY D 472 42.47 30.84 23.15
C GLY D 472 42.07 29.45 23.56
N LEU D 473 40.85 29.05 23.20
CA LEU D 473 40.37 27.71 23.52
C LEU D 473 41.03 26.69 22.61
N THR D 474 41.70 25.70 23.20
CA THR D 474 42.48 24.73 22.37
C THR D 474 41.96 23.30 22.53
N ALA D 475 41.06 23.04 23.48
CA ALA D 475 40.60 21.67 23.71
C ALA D 475 39.22 21.69 24.33
N VAL D 476 38.31 20.87 23.78
CA VAL D 476 36.98 20.68 24.32
C VAL D 476 36.76 19.19 24.50
N ASP D 477 36.08 18.80 25.57
CA ASP D 477 35.49 17.47 25.65
C ASP D 477 34.17 17.55 26.39
N VAL D 478 33.25 16.67 26.00
CA VAL D 478 31.97 16.50 26.64
C VAL D 478 31.93 15.07 27.19
N THR D 479 31.28 14.88 28.33
CA THR D 479 31.05 13.55 28.84
C THR D 479 30.07 12.78 27.95
N ASP D 480 29.98 11.46 28.19
CA ASP D 480 29.18 10.60 27.33
C ASP D 480 27.70 10.90 27.47
N ASP D 481 27.22 11.07 28.70
CA ASP D 481 25.98 11.81 28.93
C ASP D 481 26.30 13.30 28.94
N SER D 482 25.46 14.09 28.27
CA SER D 482 25.74 15.51 28.09
C SER D 482 25.52 16.25 29.41
N SER D 483 26.52 16.15 30.28
CA SER D 483 26.43 16.73 31.62
C SER D 483 27.56 17.67 31.93
N LEU D 484 28.78 17.39 31.47
CA LEU D 484 29.92 18.28 31.66
C LEU D 484 30.49 18.66 30.31
N ILE D 485 31.09 19.84 30.27
CA ILE D 485 31.86 20.31 29.11
C ILE D 485 33.17 20.86 29.63
N ALA D 486 34.27 20.30 29.18
CA ALA D 486 35.59 20.78 29.57
C ALA D 486 36.12 21.73 28.50
N GLY D 487 36.95 22.67 28.94
CA GLY D 487 37.60 23.58 28.02
C GLY D 487 39.07 23.71 28.31
N GLY D 488 39.91 23.35 27.35
CA GLY D 488 41.34 23.59 27.47
C GLY D 488 41.67 24.89 26.79
N PHE D 489 42.41 25.75 27.50
CA PHE D 489 42.64 27.10 27.05
C PHE D 489 44.13 27.38 26.97
N ALA D 490 44.47 28.46 26.24
CA ALA D 490 45.85 28.85 26.04
C ALA D 490 46.47 29.53 27.25
N ASP D 491 45.68 29.95 28.23
CA ASP D 491 46.22 30.49 29.48
C ASP D 491 46.48 29.41 30.52
N SER D 492 46.68 28.16 30.06
CA SER D 492 47.16 27.03 30.84
C SER D 492 46.15 26.58 31.87
N THR D 493 44.87 26.68 31.53
CA THR D 493 43.79 26.32 32.43
C THR D 493 42.86 25.30 31.79
N VAL D 494 42.27 24.46 32.62
CA VAL D 494 41.15 23.61 32.25
C VAL D 494 39.95 24.08 33.04
N ARG D 495 38.82 24.26 32.35
CA ARG D 495 37.62 24.80 32.98
C ARG D 495 36.46 23.87 32.70
N VAL D 496 35.89 23.29 33.76
CA VAL D 496 34.76 22.39 33.66
C VAL D 496 33.48 23.18 33.85
N TRP D 497 32.54 23.00 32.93
CA TRP D 497 31.23 23.62 33.02
C TRP D 497 30.16 22.54 33.16
N SER D 498 29.24 22.73 34.09
CA SER D 498 28.05 21.89 34.14
C SER D 498 27.00 22.47 33.21
N VAL D 499 26.42 21.63 32.36
CA VAL D 499 25.41 22.09 31.43
C VAL D 499 24.00 21.69 31.86
N THR D 500 23.86 20.65 32.67
CA THR D 500 22.61 20.31 33.31
C THR D 500 22.37 21.26 34.49
N PRO D 501 21.10 21.41 34.96
CA PRO D 501 20.91 22.33 36.11
C PRO D 501 21.30 21.66 37.43
N LYS D 502 22.61 21.47 37.60
CA LYS D 502 23.16 20.75 38.73
C LYS D 502 24.59 21.24 38.88
N LYS D 503 24.86 22.01 39.93
CA LYS D 503 26.13 22.68 40.06
C LYS D 503 27.25 21.69 40.38
N LEU D 504 28.47 22.07 40.03
CA LEU D 504 29.63 21.24 40.25
C LEU D 504 30.02 21.30 41.71
N ARG D 505 29.95 20.17 42.40
CA ARG D 505 30.32 20.11 43.80
C ARG D 505 31.55 19.23 43.99
N SER D 506 32.39 19.65 44.92
CA SER D 506 33.48 18.81 45.40
C SER D 506 32.98 17.95 46.55
N VAL D 507 33.67 16.84 46.78
CA VAL D 507 33.35 16.04 47.95
C VAL D 507 33.91 16.71 49.21
N LYS D 508 33.36 16.32 50.35
CA LYS D 508 33.75 16.93 51.62
C LYS D 508 35.17 16.56 52.00
N GLN D 509 35.75 17.36 52.90
CA GLN D 509 37.09 17.11 53.37
C GLN D 509 37.11 15.88 54.28
N ALA D 510 38.33 15.42 54.57
CA ALA D 510 38.52 14.16 55.30
C ALA D 510 38.03 14.23 56.74
N SER D 511 37.97 15.43 57.33
CA SER D 511 37.39 15.56 58.66
C SER D 511 35.89 15.38 58.63
N ASP D 512 35.23 15.87 57.57
CA ASP D 512 33.78 15.74 57.46
C ASP D 512 33.36 14.32 57.07
N LEU D 513 34.20 13.60 56.32
CA LEU D 513 33.89 12.23 55.97
C LEU D 513 34.14 11.26 57.11
N SER D 514 34.99 11.61 58.06
CA SER D 514 35.28 10.71 59.18
C SER D 514 34.14 10.68 60.18
N LEU D 515 33.34 11.74 60.24
CA LEU D 515 32.24 11.76 61.21
C LEU D 515 30.97 11.12 60.65
N ILE D 516 30.80 11.11 59.33
CA ILE D 516 29.65 10.42 58.74
C ILE D 516 29.98 8.94 58.66
N ASP D 517 28.96 8.12 58.41
CA ASP D 517 29.14 6.68 58.28
C ASP D 517 29.02 6.26 56.83
N LYS D 518 29.68 5.16 56.51
CA LYS D 518 29.51 4.50 55.21
C LYS D 518 28.32 3.57 55.29
N GLU D 519 28.22 2.63 54.34
CA GLU D 519 27.13 1.62 54.32
C GLU D 519 25.74 2.25 54.20
N SER D 520 25.63 3.58 54.28
CA SER D 520 24.32 4.26 54.09
C SER D 520 23.92 4.20 52.61
N ASP D 521 22.62 4.23 52.32
CA ASP D 521 22.17 4.27 50.90
C ASP D 521 22.61 5.59 50.25
N ASP D 522 22.43 6.71 50.95
CA ASP D 522 22.76 8.05 50.37
C ASP D 522 24.27 8.16 50.10
N VAL D 523 25.12 7.75 51.05
CA VAL D 523 26.61 7.80 50.91
C VAL D 523 27.10 8.89 49.94
N LEU D 524 26.94 8.72 48.62
CA LEU D 524 27.52 9.72 47.67
C LEU D 524 26.87 11.09 47.93
N GLU D 525 25.54 11.05 48.11
CA GLU D 525 24.83 12.31 48.39
C GLU D 525 25.38 12.86 49.71
N ARG D 526 25.49 12.04 50.76
CA ARG D 526 26.03 12.50 52.07
C ARG D 526 27.39 13.19 51.87
N ILE D 527 28.29 12.58 51.10
CA ILE D 527 29.67 13.11 50.89
C ILE D 527 29.68 14.45 50.15
N MET D 528 28.81 14.69 49.17
CA MET D 528 28.96 16.01 48.46
C MET D 528 29.08 17.29 49.34
N ASP D 529 30.00 18.21 49.03
CA ASP D 529 29.99 19.45 49.79
C ASP D 529 29.13 20.48 49.07
N GLU D 530 28.20 21.10 49.79
CA GLU D 530 27.37 22.15 49.23
C GLU D 530 27.98 23.54 49.40
N LYS D 531 28.97 23.66 50.29
CA LYS D 531 29.72 24.92 50.42
C LYS D 531 30.49 25.24 49.15
N THR D 532 30.95 24.22 48.44
CA THR D 532 31.63 24.36 47.15
C THR D 532 30.65 23.90 46.09
N ALA D 533 30.00 24.84 45.42
CA ALA D 533 29.01 24.50 44.38
C ALA D 533 28.98 25.65 43.38
N SER D 534 29.59 25.44 42.22
CA SER D 534 29.65 26.44 41.17
C SER D 534 29.15 25.83 39.86
N GLU D 535 28.88 26.71 38.90
CA GLU D 535 28.62 26.30 37.53
C GLU D 535 29.90 26.25 36.69
N LEU D 536 31.06 26.41 37.34
CA LEU D 536 32.34 26.51 36.65
C LEU D 536 33.44 26.24 37.65
N LYS D 537 34.32 25.30 37.33
CA LYS D 537 35.50 25.02 38.12
C LYS D 537 36.74 25.17 37.25
N ILE D 538 37.67 26.01 37.68
CA ILE D 538 38.91 26.25 36.94
C ILE D 538 40.01 25.39 37.55
N LEU D 539 40.78 24.72 36.70
CA LEU D 539 41.84 23.81 37.11
C LEU D 539 43.18 24.38 36.67
N TYR D 540 44.07 24.62 37.63
CA TYR D 540 45.39 25.17 37.39
C TYR D 540 46.46 24.10 37.59
N GLY D 541 47.56 24.24 36.87
CA GLY D 541 48.68 23.34 37.07
C GLY D 541 49.51 23.02 35.84
N HIS D 542 48.94 23.19 34.65
CA HIS D 542 49.74 23.08 33.43
C HIS D 542 50.54 24.36 33.25
N SER D 543 51.80 24.22 32.85
CA SER D 543 52.61 25.38 32.48
C SER D 543 52.70 25.52 30.96
N GLY D 544 51.54 25.63 30.32
CA GLY D 544 51.47 25.71 28.88
C GLY D 544 50.06 25.48 28.37
N PRO D 545 49.80 25.80 27.10
CA PRO D 545 48.44 25.66 26.56
C PRO D 545 47.98 24.23 26.50
N VAL D 546 46.83 23.98 27.14
CA VAL D 546 46.24 22.61 27.23
C VAL D 546 45.69 22.21 25.87
N TYR D 547 46.25 21.18 25.25
CA TYR D 547 45.86 20.79 23.90
C TYR D 547 44.91 19.62 23.85
N GLY D 548 44.96 18.71 24.81
CA GLY D 548 44.05 17.57 24.88
C GLY D 548 43.13 17.70 26.07
N ALA D 549 41.92 17.17 25.93
CA ALA D 549 40.97 17.12 27.03
C ALA D 549 40.12 15.87 26.85
N SER D 550 40.01 15.07 27.89
CA SER D 550 39.32 13.79 27.79
C SER D 550 38.67 13.44 29.12
N PHE D 551 37.37 13.19 29.09
CA PHE D 551 36.67 12.72 30.27
C PHE D 551 36.77 11.20 30.39
N SER D 552 36.59 10.74 31.57
CA SER D 552 36.47 9.30 31.77
C SER D 552 35.00 8.90 31.67
N PRO D 553 34.69 7.67 31.27
CA PRO D 553 33.27 7.28 31.11
C PRO D 553 32.48 7.20 32.41
N ASP D 554 33.13 7.17 33.58
CA ASP D 554 32.41 7.22 34.84
C ASP D 554 32.25 8.65 35.36
N ARG D 555 32.55 9.65 34.53
CA ARG D 555 32.40 11.09 34.76
C ARG D 555 33.27 11.62 35.89
N ASN D 556 34.23 10.85 36.38
CA ASN D 556 35.33 11.39 37.15
C ASN D 556 36.48 11.58 36.18
N TYR D 557 37.68 11.88 36.69
CA TYR D 557 38.97 11.66 36.02
C TYR D 557 39.07 12.41 34.69
N LEU D 558 39.10 13.73 34.77
CA LEU D 558 39.41 14.50 33.58
C LEU D 558 40.88 14.32 33.23
N LEU D 559 41.18 14.26 31.94
CA LEU D 559 42.54 14.18 31.44
C LEU D 559 42.87 15.43 30.65
N SER D 560 44.10 15.90 30.78
CA SER D 560 44.52 17.05 30.00
C SER D 560 46.01 16.94 29.70
N SER D 561 46.37 17.33 28.48
CA SER D 561 47.75 17.34 28.03
C SER D 561 48.04 18.72 27.48
N SER D 562 49.32 19.11 27.51
CA SER D 562 49.65 20.49 27.17
C SER D 562 51.03 20.57 26.55
N GLU D 563 51.46 21.80 26.30
CA GLU D 563 52.74 22.09 25.67
C GLU D 563 53.93 21.74 26.54
N ASP D 564 53.74 21.69 27.86
CA ASP D 564 54.85 21.46 28.78
C ASP D 564 55.30 19.99 28.83
N GLY D 565 54.64 19.09 28.10
CA GLY D 565 55.09 17.72 28.02
C GLY D 565 54.51 16.79 29.06
N THR D 566 53.51 17.22 29.80
CA THR D 566 52.89 16.39 30.82
C THR D 566 51.45 16.11 30.46
N VAL D 567 50.97 14.92 30.86
CA VAL D 567 49.56 14.59 30.85
C VAL D 567 49.10 14.60 32.29
N ARG D 568 47.97 15.26 32.55
CA ARG D 568 47.50 15.45 33.91
C ARG D 568 46.14 14.80 34.10
N LEU D 569 45.97 14.14 35.24
CA LEU D 569 44.73 13.47 35.61
C LEU D 569 44.08 14.28 36.72
N TRP D 570 43.04 15.03 36.37
CA TRP D 570 42.30 15.83 37.33
C TRP D 570 41.14 15.02 37.87
N SER D 571 40.98 15.01 39.18
CA SER D 571 39.78 14.43 39.76
C SER D 571 38.60 15.35 39.52
N LEU D 572 37.41 14.75 39.44
CA LEU D 572 36.18 15.52 39.35
C LEU D 572 35.32 15.33 40.59
N GLN D 573 35.86 14.66 41.61
CA GLN D 573 35.24 14.59 42.93
C GLN D 573 35.90 15.52 43.92
N THR D 574 37.22 15.74 43.80
CA THR D 574 37.94 16.70 44.62
C THR D 574 38.32 17.95 43.86
N PHE D 575 38.27 17.90 42.51
CA PHE D 575 38.61 19.01 41.61
C PHE D 575 40.04 19.51 41.82
N THR D 576 40.95 18.59 42.11
CA THR D 576 42.37 18.85 42.17
C THR D 576 43.08 17.96 41.14
N CYS D 577 44.37 18.19 40.98
CA CYS D 577 45.18 17.31 40.16
C CYS D 577 45.63 16.11 40.97
N LEU D 578 45.66 14.95 40.33
CA LEU D 578 46.11 13.73 40.98
C LEU D 578 47.50 13.32 40.53
N VAL D 579 47.70 13.10 39.23
CA VAL D 579 48.95 12.58 38.70
C VAL D 579 49.41 13.51 37.58
N GLY D 580 50.73 13.65 37.44
CA GLY D 580 51.31 14.24 36.24
C GLY D 580 52.18 13.23 35.52
N TYR D 581 51.77 12.82 34.33
CA TYR D 581 52.45 11.77 33.58
C TYR D 581 53.50 12.40 32.68
N LYS D 582 54.77 12.29 33.08
CA LYS D 582 55.88 12.92 32.35
C LYS D 582 56.61 11.83 31.59
N GLY D 583 56.20 11.61 30.33
CA GLY D 583 56.98 10.74 29.48
C GLY D 583 57.52 11.46 28.26
N HIS D 584 56.76 12.42 27.74
CA HIS D 584 57.24 13.26 26.66
C HIS D 584 58.01 14.44 27.26
N ASN D 585 59.07 14.86 26.57
CA ASN D 585 59.67 16.16 26.83
C ASN D 585 59.11 17.24 25.93
N TYR D 586 58.09 16.93 25.17
CA TYR D 586 57.64 17.70 24.02
C TYR D 586 56.13 17.87 24.11
N PRO D 587 55.54 18.88 23.41
CA PRO D 587 54.09 19.09 23.44
C PRO D 587 53.23 17.88 23.09
N VAL D 588 52.43 17.45 24.06
CA VAL D 588 51.49 16.35 23.88
C VAL D 588 50.24 16.92 23.20
N TRP D 589 50.02 16.55 21.94
CA TRP D 589 48.99 17.20 21.15
C TRP D 589 47.60 16.64 21.42
N ASP D 590 47.50 15.43 21.95
CA ASP D 590 46.19 14.83 22.20
C ASP D 590 46.32 13.79 23.28
N THR D 591 45.20 13.54 23.96
CA THR D 591 45.05 12.42 24.88
C THR D 591 43.60 11.97 24.83
N GLN D 592 43.38 10.70 25.16
CA GLN D 592 42.02 10.19 25.27
C GLN D 592 42.01 9.01 26.23
N PHE D 593 41.01 8.98 27.11
CA PHE D 593 40.76 7.79 27.92
C PHE D 593 40.21 6.66 27.06
N SER D 594 40.40 5.44 27.54
CA SER D 594 39.74 4.29 26.94
C SER D 594 38.24 4.40 27.17
N PRO D 595 37.42 3.80 26.30
CA PRO D 595 35.97 3.79 26.55
C PRO D 595 35.55 2.91 27.72
N TYR D 596 36.48 2.16 28.32
CA TYR D 596 36.25 1.46 29.57
C TYR D 596 36.94 2.14 30.75
N GLY D 597 37.83 3.09 30.48
CA GLY D 597 38.23 4.07 31.47
C GLY D 597 39.49 3.80 32.27
N TYR D 598 40.23 2.75 31.95
CA TYR D 598 41.46 2.46 32.69
C TYR D 598 42.71 2.94 31.97
N TYR D 599 42.90 2.50 30.73
CA TYR D 599 44.03 2.93 29.95
C TYR D 599 43.75 4.28 29.31
N PHE D 600 44.83 4.99 28.97
CA PHE D 600 44.68 6.14 28.11
C PHE D 600 45.92 6.28 27.23
N VAL D 601 45.71 6.86 26.05
CA VAL D 601 46.76 7.04 25.06
C VAL D 601 47.01 8.52 24.88
N SER D 602 48.28 8.91 24.79
CA SER D 602 48.67 10.28 24.58
C SER D 602 49.71 10.35 23.48
N GLY D 603 49.47 11.19 22.48
CA GLY D 603 50.40 11.36 21.37
C GLY D 603 51.01 12.75 21.41
N GLY D 604 52.31 12.83 21.16
CA GLY D 604 53.01 14.09 21.30
C GLY D 604 53.89 14.48 20.14
N HIS D 605 54.69 15.53 20.34
CA HIS D 605 55.59 16.04 19.31
C HIS D 605 56.78 15.11 19.08
N ASP D 606 57.09 14.22 20.01
CA ASP D 606 58.23 13.33 19.89
C ASP D 606 57.95 12.11 19.01
N ARG D 607 56.90 12.15 18.18
CA ARG D 607 56.58 11.20 17.13
C ARG D 607 56.24 9.82 17.65
N VAL D 608 55.87 9.68 18.91
CA VAL D 608 55.34 8.43 19.45
C VAL D 608 53.97 8.72 20.06
N ALA D 609 53.26 7.63 20.35
CA ALA D 609 52.07 7.67 21.17
C ALA D 609 52.26 6.65 22.28
N ARG D 610 52.07 7.07 23.52
CA ARG D 610 52.27 6.20 24.66
C ARG D 610 50.94 5.67 25.16
N LEU D 611 50.96 4.46 25.69
CA LEU D 611 49.79 3.87 26.34
C LEU D 611 50.05 3.82 27.83
N TRP D 612 49.20 4.49 28.59
CA TRP D 612 49.32 4.58 30.03
C TRP D 612 48.18 3.80 30.67
N ALA D 613 48.19 3.68 31.99
CA ALA D 613 47.17 2.87 32.65
C ALA D 613 46.58 3.50 33.92
N THR D 614 46.92 4.76 34.23
CA THR D 614 46.55 5.47 35.46
C THR D 614 47.03 4.79 36.74
N ASP D 615 47.90 3.79 36.65
CA ASP D 615 48.47 3.11 37.79
C ASP D 615 49.97 3.11 37.81
N HIS D 616 50.61 3.42 36.69
CA HIS D 616 52.05 3.40 36.58
C HIS D 616 52.51 4.78 36.14
N TYR D 617 53.65 5.21 36.70
CA TYR D 617 54.25 6.46 36.28
C TYR D 617 54.89 6.38 34.91
N GLN D 618 55.15 5.18 34.41
CA GLN D 618 55.72 4.86 33.11
C GLN D 618 54.66 4.24 32.20
N PRO D 619 54.77 4.42 30.88
CA PRO D 619 53.78 3.84 29.98
C PRO D 619 53.91 2.33 29.87
N LEU D 620 52.91 1.73 29.23
CA LEU D 620 52.92 0.30 28.95
C LEU D 620 53.28 -0.02 27.52
N ARG D 621 52.74 0.73 26.55
CA ARG D 621 53.04 0.54 25.15
C ARG D 621 53.51 1.85 24.54
N ILE D 622 54.56 1.78 23.73
CA ILE D 622 55.04 2.93 22.98
C ILE D 622 54.82 2.64 21.51
N PHE D 623 53.99 3.45 20.86
CA PHE D 623 53.65 3.28 19.45
C PHE D 623 54.54 4.23 18.65
N ALA D 624 55.65 3.71 18.13
CA ALA D 624 56.74 4.55 17.67
C ALA D 624 57.08 4.37 16.20
N GLY D 625 56.08 4.38 15.32
CA GLY D 625 56.33 4.16 13.91
C GLY D 625 56.10 5.36 13.01
N HIS D 626 55.50 6.42 13.55
CA HIS D 626 55.23 7.61 12.76
C HIS D 626 56.53 8.38 12.50
N LEU D 627 56.55 9.15 11.42
CA LEU D 627 57.70 9.95 11.05
C LEU D 627 57.55 11.43 11.38
N ALA D 628 56.38 11.83 11.88
CA ALA D 628 56.13 13.20 12.31
C ALA D 628 55.31 13.14 13.60
N ASP D 629 54.77 14.29 13.99
CA ASP D 629 54.04 14.40 15.26
C ASP D 629 52.76 13.58 15.24
N VAL D 630 52.52 12.87 16.34
CA VAL D 630 51.25 12.14 16.50
C VAL D 630 50.21 13.16 16.92
N ASN D 631 49.41 13.63 15.96
CA ASN D 631 48.45 14.68 16.23
C ASN D 631 47.26 14.15 17.00
N CYS D 632 46.69 13.03 16.56
CA CYS D 632 45.51 12.45 17.16
C CYS D 632 45.82 11.06 17.71
N THR D 633 45.07 10.67 18.74
CA THR D 633 45.13 9.34 19.32
C THR D 633 43.73 8.94 19.71
N ARG D 634 43.17 7.92 19.04
CA ARG D 634 41.82 7.47 19.35
C ARG D 634 41.80 5.97 19.64
N PHE D 635 41.03 5.59 20.64
CA PHE D 635 40.82 4.20 20.99
C PHE D 635 39.71 3.60 20.14
N HIS D 636 39.80 2.30 19.89
CA HIS D 636 38.71 1.55 19.29
C HIS D 636 37.59 1.39 20.31
N PRO D 637 36.34 1.22 19.86
CA PRO D 637 35.24 0.93 20.79
C PRO D 637 35.40 -0.34 21.62
N ASN D 638 36.25 -1.29 21.23
CA ASN D 638 36.58 -2.40 22.12
C ASN D 638 37.87 -2.17 22.91
N SER D 639 38.57 -1.07 22.63
CA SER D 639 39.80 -0.63 23.31
C SER D 639 40.94 -1.64 23.18
N ASN D 640 40.92 -2.48 22.16
CA ASN D 640 42.06 -3.34 21.84
C ASN D 640 42.96 -2.72 20.79
N TYR D 641 42.52 -1.63 20.15
CA TYR D 641 43.23 -1.01 19.05
C TYR D 641 43.24 0.50 19.26
N VAL D 642 44.37 1.12 18.92
CA VAL D 642 44.53 2.56 19.03
C VAL D 642 44.85 3.11 17.64
N ALA D 643 44.03 4.04 17.16
CA ALA D 643 44.30 4.74 15.91
C ALA D 643 45.03 6.04 16.22
N THR D 644 46.17 6.24 15.57
CA THR D 644 46.96 7.45 15.74
C THR D 644 47.15 8.12 14.38
N GLY D 645 46.38 9.18 14.13
CA GLY D 645 46.67 10.05 13.01
C GLY D 645 47.88 10.91 13.30
N SER D 646 48.48 11.44 12.24
CA SER D 646 49.76 12.12 12.41
C SER D 646 49.96 13.19 11.34
N ALA D 647 51.09 13.87 11.44
CA ALA D 647 51.43 14.99 10.56
C ALA D 647 52.18 14.55 9.30
N ASP D 648 52.60 13.29 9.22
CA ASP D 648 53.16 12.74 8.00
C ASP D 648 52.10 12.11 7.10
N ARG D 649 50.84 12.55 7.25
CA ARG D 649 49.71 12.22 6.38
C ARG D 649 49.36 10.74 6.39
N THR D 650 49.65 10.03 7.48
CA THR D 650 49.26 8.64 7.64
C THR D 650 48.41 8.47 8.89
N VAL D 651 47.48 7.52 8.83
CA VAL D 651 46.73 7.06 9.98
C VAL D 651 47.11 5.60 10.22
N ARG D 652 47.44 5.27 11.46
CA ARG D 652 47.93 3.94 11.79
C ARG D 652 47.13 3.36 12.95
N LEU D 653 46.65 2.14 12.78
CA LEU D 653 46.06 1.38 13.88
C LEU D 653 47.14 0.59 14.58
N TRP D 654 47.09 0.57 15.90
CA TRP D 654 48.09 -0.10 16.72
C TRP D 654 47.38 -1.08 17.64
N ASP D 655 47.84 -2.32 17.65
CA ASP D 655 47.31 -3.29 18.58
C ASP D 655 47.89 -3.02 19.96
N VAL D 656 47.03 -3.07 20.98
CA VAL D 656 47.46 -2.81 22.35
C VAL D 656 48.33 -3.96 22.85
N LEU D 657 47.99 -5.20 22.51
CA LEU D 657 48.95 -6.28 22.62
C LEU D 657 50.05 -6.09 21.59
N ASN D 658 51.30 -6.30 22.01
CA ASN D 658 52.53 -6.36 21.22
C ASN D 658 52.96 -5.01 20.63
N GLY D 659 52.12 -3.98 20.75
CA GLY D 659 52.41 -2.67 20.20
C GLY D 659 52.60 -2.60 18.71
N ASN D 660 52.08 -3.57 17.96
CA ASN D 660 52.33 -3.66 16.53
C ASN D 660 51.35 -2.81 15.74
N CYS D 661 51.86 -2.18 14.69
CA CYS D 661 51.02 -1.48 13.74
C CYS D 661 50.34 -2.51 12.84
N VAL D 662 49.02 -2.56 12.89
CA VAL D 662 48.27 -3.56 12.13
C VAL D 662 47.63 -2.98 10.88
N ARG D 663 47.47 -1.66 10.78
CA ARG D 663 46.92 -1.01 9.60
C ARG D 663 47.66 0.30 9.38
N ILE D 664 47.85 0.66 8.11
CA ILE D 664 48.41 1.95 7.74
C ILE D 664 47.50 2.56 6.68
N PHE D 665 46.89 3.70 7.01
CA PHE D 665 45.93 4.36 6.14
C PHE D 665 46.55 5.63 5.59
N THR D 666 46.88 5.64 4.31
CA THR D 666 47.45 6.79 3.64
C THR D 666 46.50 7.30 2.57
N GLY D 667 46.58 8.60 2.29
CA GLY D 667 45.70 9.18 1.31
C GLY D 667 45.26 10.59 1.66
N HIS D 668 45.69 11.07 2.81
CA HIS D 668 45.46 12.46 3.18
C HIS D 668 46.59 13.34 2.65
N LYS D 669 46.25 14.60 2.36
CA LYS D 669 47.21 15.53 1.82
C LYS D 669 47.75 16.50 2.87
N GLY D 670 47.13 16.57 4.04
CA GLY D 670 47.61 17.39 5.11
C GLY D 670 47.68 16.61 6.40
N PRO D 671 48.19 17.23 7.46
CA PRO D 671 48.22 16.58 8.77
C PRO D 671 46.83 16.27 9.30
N ILE D 672 46.66 15.04 9.79
CA ILE D 672 45.35 14.57 10.24
C ILE D 672 45.03 15.23 11.58
N HIS D 673 43.89 15.92 11.63
CA HIS D 673 43.51 16.66 12.83
C HIS D 673 42.26 16.13 13.50
N SER D 674 41.68 15.04 13.01
CA SER D 674 40.51 14.44 13.63
C SER D 674 40.39 12.99 13.20
N LEU D 675 40.09 12.12 14.16
CA LEU D 675 39.73 10.73 13.89
C LEU D 675 38.48 10.40 14.69
N THR D 676 37.66 9.51 14.13
CA THR D 676 36.57 8.91 14.89
C THR D 676 36.32 7.51 14.36
N PHE D 677 35.76 6.67 15.22
CA PHE D 677 35.39 5.31 14.86
C PHE D 677 33.89 5.21 14.68
N SER D 678 33.48 4.29 13.82
CA SER D 678 32.08 3.93 13.74
C SER D 678 31.67 3.18 15.00
N PRO D 679 30.41 3.30 15.43
CA PRO D 679 29.95 2.52 16.60
C PRO D 679 29.89 1.03 16.34
N ASN D 680 29.84 0.60 15.08
CA ASN D 680 30.01 -0.82 14.75
C ASN D 680 31.42 -1.28 15.07
N GLY D 681 32.40 -0.40 14.95
CA GLY D 681 33.79 -0.78 14.98
C GLY D 681 34.35 -1.19 13.65
N ARG D 682 33.53 -1.17 12.59
CA ARG D 682 34.00 -1.61 11.28
C ARG D 682 34.70 -0.50 10.51
N PHE D 683 34.40 0.77 10.80
CA PHE D 683 34.86 1.86 9.97
C PHE D 683 35.55 2.92 10.80
N LEU D 684 36.25 3.80 10.10
CA LEU D 684 37.07 4.85 10.72
C LEU D 684 37.04 6.07 9.81
N ALA D 685 36.59 7.19 10.34
CA ALA D 685 36.58 8.45 9.60
C ALA D 685 37.73 9.32 10.08
N THR D 686 38.51 9.85 9.14
CA THR D 686 39.64 10.70 9.43
C THR D 686 39.51 12.01 8.67
N GLY D 687 39.89 13.11 9.31
CA GLY D 687 39.90 14.41 8.67
C GLY D 687 41.24 15.08 8.82
N ALA D 688 41.56 15.94 7.86
CA ALA D 688 42.87 16.59 7.83
C ALA D 688 42.70 17.99 7.28
N THR D 689 43.83 18.66 7.04
CA THR D 689 43.82 20.05 6.62
C THR D 689 43.40 20.25 5.17
N ASP D 690 43.32 19.19 4.38
CA ASP D 690 42.85 19.30 3.00
C ASP D 690 41.34 19.35 2.88
N GLY D 691 40.61 19.34 3.99
CA GLY D 691 39.16 19.35 3.95
C GLY D 691 38.53 18.06 3.53
N ARG D 692 39.27 16.97 3.51
CA ARG D 692 38.77 15.68 3.07
C ARG D 692 38.48 14.80 4.27
N VAL D 693 37.31 14.17 4.27
CA VAL D 693 36.96 13.17 5.27
C VAL D 693 37.01 11.82 4.55
N LEU D 694 37.99 11.01 4.90
CA LEU D 694 38.20 9.72 4.25
C LEU D 694 37.69 8.61 5.16
N LEU D 695 36.79 7.79 4.64
CA LEU D 695 36.17 6.71 5.39
C LEU D 695 36.89 5.40 5.07
N TRP D 696 37.49 4.79 6.10
CA TRP D 696 38.33 3.62 5.93
C TRP D 696 37.62 2.39 6.48
N ASP D 697 37.80 1.26 5.79
CA ASP D 697 37.46 -0.01 6.39
C ASP D 697 38.59 -0.45 7.30
N ILE D 698 38.28 -1.28 8.29
CA ILE D 698 39.35 -1.67 9.27
C ILE D 698 39.69 -3.15 9.07
N GLY D 699 38.68 -3.98 8.81
CA GLY D 699 38.94 -5.39 8.50
C GLY D 699 39.68 -5.56 7.19
N HIS D 700 39.28 -4.82 6.15
CA HIS D 700 39.91 -4.94 4.82
C HIS D 700 41.10 -3.99 4.68
N GLY D 701 41.24 -3.03 5.59
CA GLY D 701 42.29 -2.01 5.48
C GLY D 701 42.19 -1.23 4.18
N LEU D 702 40.97 -0.89 3.76
CA LEU D 702 40.77 -0.19 2.46
C LEU D 702 39.92 1.06 2.71
N MET D 703 40.23 2.18 2.07
CA MET D 703 39.34 3.35 2.20
C MET D 703 38.04 3.03 1.46
N VAL D 704 36.89 3.36 2.07
CA VAL D 704 35.59 2.98 1.44
C VAL D 704 34.87 4.21 0.90
N GLY D 705 35.28 5.42 1.28
CA GLY D 705 34.70 6.64 0.69
C GLY D 705 35.50 7.90 0.96
N GLU D 706 35.24 8.96 0.19
CA GLU D 706 35.92 10.26 0.38
C GLU D 706 34.88 11.37 0.41
N LEU D 707 34.82 12.13 1.50
CA LEU D 707 33.88 13.24 1.65
C LEU D 707 34.67 14.54 1.51
N LYS D 708 34.37 15.30 0.46
CA LYS D 708 35.19 16.45 0.09
C LYS D 708 34.34 17.72 -0.01
N GLY D 709 33.52 17.95 1.01
CA GLY D 709 32.72 19.16 1.04
C GLY D 709 33.38 20.31 1.77
N HIS D 710 34.16 20.01 2.80
CA HIS D 710 34.75 21.06 3.62
C HIS D 710 35.90 21.76 2.90
N THR D 711 36.14 23.01 3.28
CA THR D 711 37.17 23.84 2.67
C THR D 711 38.46 23.86 3.47
N ASP D 712 38.38 24.16 4.77
CA ASP D 712 39.56 24.28 5.60
C ASP D 712 39.69 23.02 6.45
N THR D 713 40.59 23.06 7.44
CA THR D 713 40.95 21.92 8.28
C THR D 713 39.76 21.35 9.02
N VAL D 714 39.46 20.07 8.79
CA VAL D 714 38.39 19.36 9.47
C VAL D 714 38.91 18.94 10.83
N CYS D 715 38.45 19.61 11.89
CA CYS D 715 39.02 19.44 13.22
C CYS D 715 38.14 18.63 14.16
N SER D 716 36.96 18.18 13.72
CA SER D 716 36.10 17.38 14.57
C SER D 716 35.21 16.48 13.73
N LEU D 717 35.19 15.20 14.08
CA LEU D 717 34.30 14.23 13.48
C LEU D 717 33.64 13.41 14.57
N ARG D 718 32.39 13.01 14.32
CA ARG D 718 31.73 12.02 15.15
C ARG D 718 30.62 11.35 14.35
N PHE D 719 30.45 10.06 14.57
CA PHE D 719 29.29 9.33 14.06
C PHE D 719 28.13 9.47 15.03
N SER D 720 26.94 9.10 14.57
CA SER D 720 25.77 9.11 15.44
C SER D 720 25.86 7.97 16.46
N ARG D 721 24.90 7.96 17.38
CA ARG D 721 24.84 6.87 18.34
C ARG D 721 24.38 5.57 17.68
N ASP D 722 23.52 5.67 16.67
CA ASP D 722 23.15 4.51 15.87
C ASP D 722 24.19 4.21 14.79
N GLY D 723 24.92 5.23 14.35
CA GLY D 723 25.78 5.13 13.19
C GLY D 723 25.17 5.67 11.92
N GLU D 724 24.03 6.35 12.00
CA GLU D 724 23.28 6.77 10.83
C GLU D 724 23.89 7.97 10.13
N ILE D 725 24.57 8.84 10.87
CA ILE D 725 25.07 10.12 10.34
C ILE D 725 26.46 10.36 10.93
N LEU D 726 27.40 10.73 10.07
CA LEU D 726 28.69 11.27 10.48
C LEU D 726 28.63 12.79 10.41
N ALA D 727 28.96 13.44 11.52
CA ALA D 727 28.96 14.89 11.61
C ALA D 727 30.40 15.38 11.51
N SER D 728 30.62 16.41 10.69
CA SER D 728 31.95 16.94 10.44
C SER D 728 31.97 18.43 10.74
N GLY D 729 32.95 18.87 11.51
CA GLY D 729 33.10 20.29 11.82
C GLY D 729 34.50 20.74 11.49
N SER D 730 34.57 21.87 10.80
CA SER D 730 35.89 22.35 10.35
C SER D 730 36.07 23.84 10.62
N MET D 731 37.19 24.38 10.18
CA MET D 731 37.52 25.79 10.34
C MET D 731 36.82 26.67 9.31
N ASP D 732 35.95 26.12 8.45
CA ASP D 732 35.17 27.02 7.54
C ASP D 732 33.88 27.39 8.26
N ASN D 733 33.78 27.11 9.56
CA ASN D 733 32.63 27.44 10.41
C ASN D 733 31.35 26.78 9.89
N THR D 734 31.46 25.50 9.57
CA THR D 734 30.33 24.71 9.08
C THR D 734 30.29 23.38 9.81
N VAL D 735 29.08 22.89 10.07
CA VAL D 735 28.86 21.56 10.60
C VAL D 735 28.15 20.77 9.51
N ARG D 736 28.89 19.99 8.74
CA ARG D 736 28.31 19.20 7.69
C ARG D 736 27.89 17.83 8.22
N LEU D 737 26.75 17.35 7.74
CA LEU D 737 26.23 16.04 8.09
C LEU D 737 26.30 15.13 6.88
N TRP D 738 26.89 13.95 7.06
CA TRP D 738 27.07 12.99 5.99
C TRP D 738 26.25 11.73 6.28
N ASP D 739 25.71 11.14 5.22
CA ASP D 739 24.93 9.91 5.34
C ASP D 739 25.90 8.75 5.56
N ALA D 740 26.00 8.29 6.81
CA ALA D 740 26.93 7.23 7.17
C ALA D 740 26.30 5.84 7.06
N ILE D 741 25.19 5.72 6.34
CA ILE D 741 24.64 4.42 5.98
C ILE D 741 24.77 4.16 4.48
N LYS D 742 24.46 5.17 3.66
CA LYS D 742 24.67 5.08 2.23
C LYS D 742 26.13 5.13 1.84
N ALA D 743 27.02 5.52 2.75
CA ALA D 743 28.46 5.52 2.49
C ALA D 743 29.09 4.16 2.72
N PHE D 744 28.40 3.24 3.38
CA PHE D 744 28.92 1.92 3.72
C PHE D 744 27.95 0.83 3.27
N GLU D 745 27.44 0.94 2.05
CA GLU D 745 26.49 -0.04 1.53
C GLU D 745 27.15 -1.30 1.01
N ASP D 746 28.42 -1.24 0.61
CA ASP D 746 29.12 -2.41 0.08
C ASP D 746 30.24 -2.82 1.03
N LEU D 747 30.25 -4.10 1.39
CA LEU D 747 31.28 -4.64 2.27
C LEU D 747 31.88 -5.90 1.66
N THR D 754 39.94 -9.05 -1.91
CA THR D 754 40.25 -7.99 -2.90
C THR D 754 41.52 -8.39 -3.64
N ALA D 755 42.69 -8.18 -3.04
CA ALA D 755 43.96 -8.61 -3.67
C ALA D 755 44.47 -7.52 -4.61
N THR D 756 43.63 -6.54 -4.93
CA THR D 756 44.11 -5.37 -5.70
C THR D 756 44.38 -4.34 -4.62
N GLY D 757 43.81 -4.53 -3.45
CA GLY D 757 44.10 -3.65 -2.30
C GLY D 757 43.46 -2.31 -2.40
N HIS D 758 42.47 -2.18 -3.25
CA HIS D 758 41.78 -0.89 -3.43
C HIS D 758 40.41 -1.17 -4.02
N ILE D 759 39.50 -0.22 -3.87
CA ILE D 759 38.14 -0.38 -4.41
C ILE D 759 37.89 0.88 -5.22
N ASN D 760 36.96 0.86 -6.16
CA ASN D 760 36.82 2.08 -7.00
C ASN D 760 35.93 3.03 -6.20
N LEU D 761 36.51 4.09 -5.66
CA LEU D 761 35.76 5.01 -4.79
C LEU D 761 34.72 5.69 -5.67
N PRO D 762 33.51 5.97 -5.17
CA PRO D 762 32.43 6.48 -6.02
C PRO D 762 32.29 7.95 -6.44
N GLU D 763 33.04 8.89 -5.88
CA GLU D 763 32.83 10.34 -6.16
C GLU D 763 31.38 10.69 -5.83
N ASN D 764 30.88 10.27 -4.67
CA ASN D 764 29.44 10.43 -4.36
C ASN D 764 29.21 11.46 -3.26
N SER D 765 30.15 12.35 -2.99
CA SER D 765 30.02 13.26 -1.83
C SER D 765 28.71 14.04 -1.92
N GLN D 766 28.30 14.48 -3.11
CA GLN D 766 27.09 15.33 -3.22
C GLN D 766 25.85 14.59 -2.72
N GLU D 767 25.79 13.28 -2.93
CA GLU D 767 24.61 12.49 -2.50
C GLU D 767 24.71 12.14 -1.02
N LEU D 768 25.89 12.28 -0.43
CA LEU D 768 26.05 11.87 0.98
C LEU D 768 25.97 13.08 1.90
N LEU D 769 25.80 14.28 1.35
CA LEU D 769 25.64 15.50 2.19
C LEU D 769 24.17 15.73 2.51
N LEU D 770 23.84 15.61 3.78
CA LEU D 770 22.44 15.74 4.17
C LEU D 770 22.23 17.21 4.45
N GLY D 771 23.22 17.87 5.02
CA GLY D 771 23.13 19.33 5.18
C GLY D 771 24.41 19.99 5.58
N THR D 772 24.53 21.29 5.33
CA THR D 772 25.69 22.08 5.82
C THR D 772 25.13 23.28 6.60
N TYR D 773 25.57 23.47 7.85
CA TYR D 773 25.07 24.55 8.72
C TYR D 773 26.27 25.43 9.09
N MET D 774 26.19 26.73 8.82
CA MET D 774 27.33 27.65 9.02
C MET D 774 27.28 28.31 10.40
N THR D 775 28.39 28.29 11.13
CA THR D 775 28.49 28.97 12.43
C THR D 775 28.82 30.45 12.23
N LYS D 776 28.43 31.29 13.17
CA LYS D 776 28.75 32.74 13.10
C LYS D 776 30.19 32.93 13.49
N SER D 777 31.08 32.89 12.52
CA SER D 777 32.48 33.24 12.80
C SER D 777 33.10 32.36 13.87
N THR D 778 32.72 31.09 13.92
CA THR D 778 33.05 30.22 15.04
C THR D 778 33.54 28.88 14.54
N PRO D 779 34.82 28.55 14.71
CA PRO D 779 35.32 27.25 14.24
C PRO D 779 34.85 26.13 15.15
N VAL D 780 34.34 25.06 14.54
CA VAL D 780 33.69 23.99 15.30
C VAL D 780 34.74 23.05 15.85
N VAL D 781 35.14 23.29 17.11
CA VAL D 781 36.26 22.56 17.70
C VAL D 781 35.84 21.14 18.10
N HIS D 782 34.63 20.99 18.65
CA HIS D 782 34.15 19.70 19.10
C HIS D 782 32.81 19.38 18.47
N LEU D 783 32.56 18.09 18.29
CA LEU D 783 31.25 17.58 17.90
C LEU D 783 30.92 16.42 18.81
N HIS D 784 29.71 16.43 19.35
CA HIS D 784 29.27 15.42 20.30
C HIS D 784 27.85 15.00 19.93
N PHE D 785 27.53 13.74 20.18
CA PHE D 785 26.19 13.23 19.95
C PHE D 785 25.59 12.82 21.28
N THR D 786 24.48 13.45 21.64
CA THR D 786 23.71 13.06 22.81
C THR D 786 23.16 11.65 22.60
N ARG D 787 22.91 10.94 23.70
CA ARG D 787 22.39 9.59 23.61
C ARG D 787 20.97 9.52 23.09
N ARG D 788 20.26 10.66 23.03
CA ARG D 788 19.01 10.76 22.30
C ARG D 788 19.20 11.31 20.90
N ASN D 789 20.43 11.23 20.38
CA ASN D 789 20.82 11.65 19.02
C ASN D 789 20.54 13.13 18.78
N LEU D 790 21.18 13.95 19.60
CA LEU D 790 21.18 15.40 19.45
C LEU D 790 22.62 15.86 19.33
N VAL D 791 22.91 16.65 18.31
CA VAL D 791 24.28 17.07 18.07
C VAL D 791 24.62 18.24 19.00
N LEU D 792 25.73 18.10 19.71
CA LEU D 792 26.32 19.20 20.48
C LEU D 792 27.61 19.62 19.82
N ALA D 793 27.87 20.93 19.81
CA ALA D 793 29.10 21.47 19.25
C ALA D 793 29.56 22.64 20.10
N ALA D 794 30.88 22.69 20.23
CA ALA D 794 31.50 23.73 21.07
C ALA D 794 32.60 24.40 20.27
N GLY D 795 32.65 25.73 20.32
CA GLY D 795 33.70 26.47 19.63
C GLY D 795 33.76 27.86 20.20
N ALA D 796 34.97 28.38 20.40
CA ALA D 796 35.11 29.78 20.85
C ALA D 796 34.65 30.69 19.73
N TYR D 797 33.84 31.71 20.04
CA TYR D 797 33.45 32.68 19.00
C TYR D 797 34.63 33.61 18.78
N SER D 798 35.21 33.59 17.58
CA SER D 798 36.32 34.51 17.26
C SER D 798 35.84 35.47 16.18
N PRO D 799 35.66 36.77 16.47
CA PRO D 799 35.10 37.69 15.47
C PRO D 799 36.04 37.76 14.26
N GLN D 800 37.35 37.78 14.49
CA GLN D 800 38.35 37.84 13.39
C GLN D 800 37.83 38.73 12.25
N LYS E 6 51.60 24.59 -12.00
CA LYS E 6 52.56 25.70 -11.97
C LYS E 6 52.87 26.12 -10.56
N LEU E 7 54.16 26.07 -10.20
CA LEU E 7 54.62 26.53 -8.90
C LEU E 7 56.03 27.08 -9.07
N LYS E 8 56.17 28.40 -9.00
CA LYS E 8 57.48 29.03 -9.00
C LYS E 8 57.90 29.41 -7.58
N LEU E 9 58.05 28.37 -6.76
CA LEU E 9 58.48 28.57 -5.38
C LEU E 9 59.98 28.81 -5.33
N SER E 10 60.39 29.81 -4.55
CA SER E 10 61.79 30.20 -4.44
C SER E 10 62.29 29.98 -3.01
N ASN E 11 63.54 30.33 -2.79
CA ASN E 11 64.18 30.27 -1.48
C ASN E 11 64.69 31.67 -1.16
N THR E 12 63.91 32.43 -0.38
CA THR E 12 64.26 33.79 -0.03
C THR E 12 65.04 33.80 1.28
N VAL E 13 66.20 34.45 1.26
CA VAL E 13 67.05 34.57 2.44
C VAL E 13 67.15 36.06 2.80
N LEU E 14 67.64 36.30 4.02
CA LEU E 14 67.88 37.67 4.46
C LEU E 14 69.04 38.27 3.66
N PRO E 15 69.05 39.59 3.46
CA PRO E 15 70.11 40.20 2.65
C PRO E 15 71.45 40.21 3.38
N SER E 16 72.52 40.00 2.62
CA SER E 16 73.86 39.99 3.17
C SER E 16 74.35 41.38 3.54
N GLU E 17 73.84 42.43 2.88
CA GLU E 17 74.25 43.80 3.22
C GLU E 17 73.67 44.26 4.55
N SER E 18 72.75 43.50 5.15
CA SER E 18 72.36 43.73 6.54
C SER E 18 73.27 42.98 7.51
N MET E 19 73.92 41.91 7.05
CA MET E 19 74.77 41.13 7.94
C MET E 19 76.14 41.75 8.12
N LYS E 20 76.60 42.54 7.15
CA LYS E 20 77.87 43.24 7.32
C LYS E 20 77.73 44.46 8.23
N VAL E 21 76.54 45.09 8.22
CA VAL E 21 76.27 46.20 9.14
C VAL E 21 76.29 45.72 10.58
N VAL E 22 75.72 44.54 10.83
CA VAL E 22 75.71 43.97 12.17
C VAL E 22 77.12 43.57 12.61
N ALA E 23 77.92 43.07 11.67
CA ALA E 23 79.27 42.59 12.02
C ALA E 23 80.21 43.73 12.34
N GLU E 24 80.19 44.79 11.53
CA GLU E 24 81.07 45.94 11.78
C GLU E 24 80.59 46.83 12.91
N SER E 25 79.33 46.72 13.32
CA SER E 25 78.85 47.40 14.53
C SER E 25 79.08 46.59 15.79
N MET E 26 79.86 45.51 15.70
CA MET E 26 80.16 44.65 16.83
C MET E 26 81.64 44.58 17.15
N GLY E 27 82.52 45.00 16.24
CA GLY E 27 83.95 44.86 16.40
C GLY E 27 84.59 43.89 15.43
N ILE E 28 83.81 43.22 14.60
CA ILE E 28 84.34 42.28 13.62
C ILE E 28 84.32 43.02 12.28
N ALA E 29 85.46 43.60 11.93
CA ALA E 29 85.63 44.31 10.67
C ALA E 29 86.36 43.43 9.66
N GLN E 30 86.28 43.86 8.39
CA GLN E 30 86.92 43.24 7.24
C GLN E 30 86.48 41.79 7.07
N ILE E 31 85.18 41.60 6.86
CA ILE E 31 84.62 40.27 6.60
C ILE E 31 84.40 40.11 5.10
N GLN E 32 84.71 38.93 4.59
CA GLN E 32 84.59 38.64 3.18
C GLN E 32 83.12 38.44 2.81
N GLU E 33 82.85 38.39 1.50
CA GLU E 33 81.47 38.19 1.05
C GLU E 33 81.03 36.75 1.23
N GLU E 34 81.95 35.79 1.04
CA GLU E 34 81.63 34.39 1.30
C GLU E 34 81.50 34.12 2.79
N THR E 35 82.20 34.88 3.62
CA THR E 35 81.99 34.83 5.05
C THR E 35 80.63 35.40 5.42
N CYS E 36 80.23 36.47 4.72
CA CYS E 36 78.97 37.14 5.02
C CYS E 36 77.77 36.41 4.45
N GLN E 37 77.93 35.77 3.28
CA GLN E 37 76.87 34.92 2.73
C GLN E 37 76.66 33.68 3.58
N LEU E 38 77.72 33.23 4.27
CA LEU E 38 77.62 32.09 5.16
C LEU E 38 76.76 32.38 6.39
N LEU E 39 76.62 33.65 6.76
CA LEU E 39 75.80 33.99 7.92
C LEU E 39 74.32 34.05 7.54
N THR E 40 74.02 34.52 6.34
CA THR E 40 72.63 34.80 5.97
C THR E 40 71.90 33.60 5.39
N ASP E 41 72.57 32.47 5.17
CA ASP E 41 71.81 31.26 4.84
C ASP E 41 71.63 30.38 6.06
N GLU E 42 72.46 30.57 7.08
CA GLU E 42 72.26 29.86 8.33
C GLU E 42 71.10 30.45 9.12
N VAL E 43 71.02 31.77 9.22
CA VAL E 43 69.98 32.37 10.04
C VAL E 43 68.65 32.40 9.29
N SER E 44 68.68 32.43 7.96
CA SER E 44 67.43 32.35 7.20
C SER E 44 66.84 30.95 7.22
N TYR E 45 67.66 29.92 7.48
CA TYR E 45 67.12 28.59 7.71
C TYR E 45 66.46 28.50 9.07
N ARG E 46 67.06 29.11 10.10
CA ARG E 46 66.51 29.05 11.44
C ARG E 46 65.21 29.84 11.56
N ILE E 47 65.05 30.89 10.77
CA ILE E 47 63.76 31.58 10.70
C ILE E 47 62.74 30.70 9.99
N LYS E 48 63.17 30.02 8.92
CA LYS E 48 62.27 29.10 8.21
C LYS E 48 61.98 27.85 9.02
N GLU E 49 62.94 27.41 9.85
CA GLU E 49 62.71 26.23 10.68
C GLU E 49 61.73 26.54 11.80
N ILE E 50 61.74 27.77 12.31
CA ILE E 50 60.89 28.13 13.43
C ILE E 50 59.48 28.49 12.95
N ALA E 51 59.39 29.23 11.84
CA ALA E 51 58.08 29.61 11.31
C ALA E 51 57.32 28.41 10.77
N GLN E 52 58.02 27.37 10.33
CA GLN E 52 57.35 26.10 10.01
C GLN E 52 56.95 25.37 11.28
N ASP E 53 57.70 25.57 12.35
CA ASP E 53 57.43 24.94 13.63
C ASP E 53 56.45 25.76 14.46
N ALA E 54 56.34 27.07 14.23
CA ALA E 54 55.32 27.87 14.88
C ALA E 54 53.97 27.72 14.21
N LEU E 55 53.94 27.21 12.98
CA LEU E 55 52.68 26.91 12.31
C LEU E 55 52.04 25.64 12.85
N LYS E 56 52.81 24.81 13.56
CA LYS E 56 52.23 23.66 14.24
C LYS E 56 51.39 24.08 15.44
N PHE E 57 51.86 25.10 16.18
CA PHE E 57 51.10 25.60 17.31
C PHE E 57 49.89 26.41 16.85
N MET E 58 49.97 27.05 15.68
CA MET E 58 48.78 27.78 15.17
C MET E 58 47.67 26.76 14.89
N HIS E 59 47.98 25.69 14.16
CA HIS E 59 46.96 24.67 13.79
C HIS E 59 46.42 23.94 15.02
N MET E 60 47.29 23.61 15.98
CA MET E 60 46.88 22.90 17.22
C MET E 60 45.98 23.76 18.10
N GLY E 61 46.22 25.07 18.12
CA GLY E 61 45.38 25.99 18.91
C GLY E 61 44.12 26.36 18.14
N LYS E 62 43.95 25.81 16.93
CA LYS E 62 42.76 26.07 16.09
C LYS E 62 42.61 27.55 15.74
N ARG E 63 43.73 28.20 15.40
CA ARG E 63 43.68 29.63 14.97
C ARG E 63 44.16 29.69 13.52
N GLN E 64 43.82 30.75 12.79
CA GLN E 64 44.33 30.95 11.41
C GLN E 64 45.34 32.10 11.41
N LYS E 65 45.59 32.69 12.58
CA LYS E 65 46.54 33.82 12.68
C LYS E 65 47.70 33.38 13.57
N LEU E 66 48.93 33.48 13.07
CA LEU E 66 50.11 33.13 13.91
C LEU E 66 50.24 34.22 14.97
N THR E 67 49.93 33.92 16.23
CA THR E 67 50.13 34.97 17.22
C THR E 67 51.60 35.05 17.64
N THR E 68 51.89 36.06 18.47
CA THR E 68 53.23 36.30 18.95
C THR E 68 53.70 35.22 19.93
N SER E 69 52.77 34.50 20.55
CA SER E 69 53.13 33.45 21.49
C SER E 69 53.48 32.14 20.81
N ASP E 70 53.12 31.97 19.53
CA ASP E 70 53.45 30.75 18.81
C ASP E 70 54.96 30.62 18.60
N ILE E 71 55.63 31.74 18.36
CA ILE E 71 57.08 31.73 18.19
C ILE E 71 57.77 31.52 19.54
N ASP E 72 57.10 31.88 20.64
CA ASP E 72 57.66 31.63 21.96
C ASP E 72 57.68 30.14 22.30
N TYR E 73 56.68 29.39 21.83
CA TYR E 73 56.66 27.95 22.04
C TYR E 73 57.45 27.22 20.98
N ALA E 74 57.54 27.77 19.77
CA ALA E 74 58.37 27.16 18.74
C ALA E 74 59.85 27.30 19.05
N LEU E 75 60.24 28.38 19.73
CA LEU E 75 61.63 28.54 20.15
C LEU E 75 61.96 27.58 21.30
N LYS E 76 61.06 27.49 22.28
CA LYS E 76 61.22 26.58 23.41
C LYS E 76 61.26 25.12 22.97
N LEU E 77 60.56 24.81 21.88
CA LEU E 77 60.57 23.45 21.33
C LEU E 77 61.94 23.11 20.73
N LYS E 78 62.61 24.10 20.14
CA LYS E 78 63.94 23.90 19.57
C LYS E 78 65.05 24.14 20.58
N ASN E 79 64.74 24.12 21.87
CA ASN E 79 65.69 24.28 22.99
C ASN E 79 66.44 25.61 22.95
N VAL E 80 65.81 26.64 22.37
CA VAL E 80 66.33 27.99 22.38
C VAL E 80 65.41 28.82 23.25
N GLU E 81 66.00 29.68 24.08
CA GLU E 81 65.18 30.48 25.04
C GLU E 81 64.28 31.43 24.26
N PRO E 82 62.99 31.56 24.65
CA PRO E 82 62.05 32.47 23.98
C PRO E 82 62.40 33.95 24.20
N LEU E 83 63.33 34.26 25.10
CA LEU E 83 63.77 35.66 25.36
C LEU E 83 64.34 36.25 24.07
N TYR E 84 63.93 37.47 23.69
CA TYR E 84 64.38 38.10 22.42
C TYR E 84 65.29 39.30 22.71
N GLY E 85 64.89 40.13 23.66
CA GLY E 85 65.67 41.33 24.03
C GLY E 85 67.03 41.02 24.62
N PHE E 86 67.13 39.97 25.43
CA PHE E 86 68.40 39.70 26.13
C PHE E 86 68.76 38.21 26.04
N HIS E 87 70.03 37.88 26.28
CA HIS E 87 70.41 36.47 26.33
C HIS E 87 71.26 36.22 27.57
N ALA E 88 70.79 35.33 28.43
CA ALA E 88 71.47 35.02 29.69
C ALA E 88 72.34 33.77 29.50
N GLN E 89 73.65 33.96 29.56
CA GLN E 89 74.59 32.83 29.37
C GLN E 89 74.32 31.76 30.43
N GLU E 90 74.24 32.15 31.71
CA GLU E 90 73.97 31.18 32.80
C GLU E 90 72.60 30.54 32.60
N PHE E 91 71.58 31.33 32.23
CA PHE E 91 70.22 30.80 31.91
C PHE E 91 69.41 30.50 33.18
N ILE E 92 69.98 30.74 34.36
CA ILE E 92 69.29 30.38 35.64
C ILE E 92 68.24 31.42 36.07
N PRO E 93 68.41 32.76 35.88
CA PRO E 93 67.36 33.71 36.28
C PRO E 93 66.06 33.44 35.52
N PHE E 94 66.13 33.21 34.21
CA PHE E 94 64.93 32.88 33.41
C PHE E 94 65.25 31.64 32.58
N ARG E 95 64.58 30.52 32.87
CA ARG E 95 64.92 29.26 32.15
C ARG E 95 63.77 28.96 31.17
N PHE E 96 63.97 29.24 29.89
CA PHE E 96 62.93 28.99 28.86
C PHE E 96 61.62 29.65 29.29
N ALA E 97 61.69 30.86 29.84
CA ALA E 97 60.47 31.59 30.24
C ALA E 97 60.24 32.76 29.28
N SER E 98 59.08 32.79 28.62
CA SER E 98 58.81 33.85 27.63
C SER E 98 58.45 35.15 28.35
N GLY E 99 59.08 36.25 27.95
CA GLY E 99 58.73 37.53 28.52
C GLY E 99 57.76 38.31 27.66
N GLY E 100 57.18 37.64 26.67
CA GLY E 100 56.16 38.26 25.83
C GLY E 100 56.67 39.18 24.76
N GLY E 101 57.96 39.16 24.46
CA GLY E 101 58.51 40.00 23.42
C GLY E 101 58.67 41.45 23.86
N ARG E 102 59.03 42.29 22.90
CA ARG E 102 59.23 43.71 23.12
C ARG E 102 58.26 44.50 22.26
N GLU E 103 57.45 45.34 22.90
CA GLU E 103 56.49 46.18 22.18
C GLU E 103 57.26 47.36 21.58
N LEU E 104 57.80 47.12 20.38
CA LEU E 104 58.59 48.11 19.67
C LEU E 104 58.04 48.28 18.25
N TYR E 105 58.26 49.46 17.69
CA TYR E 105 57.72 49.81 16.38
C TYR E 105 58.82 50.34 15.48
N PHE E 106 58.50 50.44 14.19
CA PHE E 106 59.38 51.11 13.23
C PHE E 106 59.23 52.62 13.31
N TYR E 107 57.99 53.11 13.46
CA TYR E 107 57.69 54.53 13.53
C TYR E 107 57.63 55.04 14.95
N GLU E 108 58.38 54.44 15.87
CA GLU E 108 58.32 54.84 17.27
C GLU E 108 59.16 56.09 17.51
N GLU E 109 59.02 56.63 18.72
CA GLU E 109 59.69 57.87 19.10
C GLU E 109 61.10 57.62 19.64
N LYS E 110 61.36 56.43 20.17
CA LYS E 110 62.63 55.95 20.72
C LYS E 110 63.07 56.71 21.97
N GLU E 111 62.19 57.53 22.55
CA GLU E 111 62.44 58.21 23.83
C GLU E 111 61.11 58.70 24.35
N VAL E 112 60.77 58.31 25.58
CA VAL E 112 59.55 58.73 26.24
C VAL E 112 59.90 59.31 27.60
N ASP E 113 58.97 60.07 28.16
CA ASP E 113 59.11 60.57 29.52
C ASP E 113 58.57 59.53 30.49
N LEU E 114 59.25 59.37 31.61
CA LEU E 114 58.98 58.27 32.54
C LEU E 114 57.72 58.48 33.36
N SER E 115 57.14 59.68 33.37
CA SER E 115 55.87 59.93 34.02
C SER E 115 54.71 59.95 33.03
N ASP E 116 55.00 59.86 31.73
CA ASP E 116 53.93 59.70 30.74
C ASP E 116 53.34 58.30 30.82
N ILE E 117 54.18 57.30 31.08
CA ILE E 117 53.72 55.93 31.16
C ILE E 117 52.94 55.68 32.46
N ILE E 118 53.21 56.44 33.51
CA ILE E 118 52.50 56.23 34.77
C ILE E 118 51.12 56.87 34.72
N ASN E 119 51.01 58.06 34.14
CA ASN E 119 49.76 58.82 34.20
C ASN E 119 48.72 58.37 33.18
N THR E 120 49.05 57.48 32.26
CA THR E 120 48.04 57.03 31.32
C THR E 120 47.14 55.97 31.97
N PRO E 121 45.85 55.95 31.62
CA PRO E 121 44.96 54.94 32.21
C PRO E 121 45.19 53.56 31.64
N LEU E 122 45.13 52.56 32.52
CA LEU E 122 45.36 51.19 32.12
C LEU E 122 44.15 50.66 31.33
N PRO E 123 44.38 49.77 30.36
CA PRO E 123 43.26 49.23 29.58
C PRO E 123 42.41 48.30 30.40
N ARG E 124 41.15 48.16 29.96
CA ARG E 124 40.18 47.37 30.70
C ARG E 124 40.41 45.89 30.47
N VAL E 125 40.50 45.13 31.56
CA VAL E 125 40.56 43.67 31.50
C VAL E 125 39.23 43.17 30.98
N PRO E 126 39.20 42.40 29.91
CA PRO E 126 37.93 42.02 29.29
C PRO E 126 37.21 40.94 30.10
N LEU E 127 36.04 40.55 29.62
CA LEU E 127 35.20 39.60 30.34
C LEU E 127 35.79 38.21 30.30
N ASP E 128 35.52 37.43 31.35
CA ASP E 128 36.01 36.07 31.43
C ASP E 128 35.16 35.16 30.54
N VAL E 129 35.68 33.97 30.27
CA VAL E 129 35.08 33.06 29.32
C VAL E 129 33.83 32.43 29.94
N CYS E 130 32.72 32.47 29.19
CA CYS E 130 31.46 31.91 29.61
C CYS E 130 30.93 31.00 28.51
N LEU E 131 29.97 30.16 28.88
CA LEU E 131 29.44 29.14 27.97
C LEU E 131 27.96 29.42 27.73
N LYS E 132 27.64 29.90 26.52
CA LYS E 132 26.27 30.11 26.11
C LYS E 132 25.91 29.10 25.03
N ALA E 133 24.69 28.60 25.07
CA ALA E 133 24.19 27.64 24.10
C ALA E 133 23.10 28.26 23.24
N HIS E 134 23.04 27.85 21.99
CA HIS E 134 22.01 28.29 21.07
C HIS E 134 21.72 27.14 20.10
N TRP E 135 21.05 27.44 19.00
CA TRP E 135 20.60 26.41 18.05
C TRP E 135 21.14 26.71 16.67
N LEU E 136 21.99 25.82 16.15
CA LEU E 136 22.34 25.93 14.73
C LEU E 136 21.25 25.40 13.84
N SER E 137 20.58 24.33 14.24
CA SER E 137 19.60 23.69 13.37
C SER E 137 18.43 23.19 14.20
N ILE E 138 17.23 23.50 13.73
CA ILE E 138 16.00 22.96 14.30
C ILE E 138 15.43 22.02 13.24
N GLU E 139 15.53 20.70 13.49
CA GLU E 139 15.16 19.56 12.64
C GLU E 139 15.55 19.72 11.18
N GLY E 140 16.68 20.36 10.91
CA GLY E 140 17.20 20.54 9.56
C GLY E 140 17.27 22.00 9.11
N CYS E 141 16.50 22.89 9.72
CA CYS E 141 16.44 24.28 9.31
C CYS E 141 17.22 25.15 10.26
N GLN E 142 17.99 26.09 9.71
CA GLN E 142 18.79 27.00 10.51
C GLN E 142 17.95 28.20 10.92
N PRO E 143 17.82 28.50 12.21
CA PRO E 143 17.00 29.65 12.62
C PRO E 143 17.74 30.96 12.41
N ALA E 144 16.94 32.02 12.25
CA ALA E 144 17.47 33.38 12.04
C ALA E 144 17.56 34.13 13.37
N ILE E 145 18.31 33.55 14.30
CA ILE E 145 18.58 34.15 15.59
C ILE E 145 19.86 34.97 15.44
N PRO E 146 20.17 35.94 16.32
CA PRO E 146 21.40 36.73 16.14
C PRO E 146 22.70 35.96 16.37
N GLU E 147 22.64 34.73 16.89
CA GLU E 147 23.83 33.89 16.98
C GLU E 147 24.13 33.14 15.69
N ASN E 148 23.30 33.30 14.66
CA ASN E 148 23.44 32.73 13.34
C ASN E 148 23.75 33.81 12.32
N PRO E 149 24.52 33.50 11.27
CA PRO E 149 25.04 34.56 10.36
C PRO E 149 23.99 35.31 9.56
N PRO E 150 23.02 34.64 8.86
CA PRO E 150 22.32 35.53 7.93
C PRO E 150 21.15 36.29 8.57
N ARG E 207 -10.08 27.87 -18.64
CA ARG E 207 -8.76 27.87 -17.95
C ARG E 207 -8.79 28.91 -16.84
N LEU E 208 -8.53 28.53 -15.60
CA LEU E 208 -8.43 29.51 -14.48
C LEU E 208 -7.02 29.44 -13.90
N LYS E 209 -6.36 30.58 -13.76
CA LYS E 209 -4.98 30.63 -13.22
C LYS E 209 -5.04 30.21 -11.74
N PRO E 210 -4.01 29.54 -11.17
CA PRO E 210 -4.10 29.00 -9.81
C PRO E 210 -4.23 30.11 -8.77
N ARG E 211 -4.93 29.80 -7.69
CA ARG E 211 -5.15 30.75 -6.61
C ARG E 211 -3.84 31.02 -5.90
N SER E 212 -3.37 32.27 -5.96
CA SER E 212 -2.04 32.52 -5.46
C SER E 212 -2.05 32.69 -3.96
N ILE E 213 -0.86 32.59 -3.38
CA ILE E 213 -0.67 32.71 -1.94
C ILE E 213 0.13 33.97 -1.67
N HIS E 214 -0.11 34.58 -0.52
CA HIS E 214 0.67 35.74 -0.14
C HIS E 214 2.10 35.32 0.16
N GLU E 215 3.04 36.23 -0.10
CA GLU E 215 4.46 35.91 0.06
C GLU E 215 4.91 35.90 1.51
N LEU E 216 4.04 36.22 2.45
CA LEU E 216 4.31 36.07 3.88
C LEU E 216 3.62 34.82 4.40
N SER E 217 4.26 34.17 5.37
CA SER E 217 3.63 33.07 6.09
C SER E 217 2.62 33.61 7.10
N VAL E 218 1.79 32.71 7.64
CA VAL E 218 0.82 33.17 8.61
C VAL E 218 1.47 33.39 9.97
N GLU E 219 2.65 32.80 10.21
CA GLU E 219 3.41 33.10 11.44
C GLU E 219 4.09 34.45 11.22
N GLN E 220 4.52 34.74 9.99
CA GLN E 220 5.10 36.05 9.67
C GLN E 220 4.03 37.14 9.65
N GLN E 221 2.84 36.83 9.14
CA GLN E 221 1.77 37.81 9.10
C GLN E 221 1.23 38.09 10.50
N LEU E 222 1.15 37.05 11.34
CA LEU E 222 0.79 37.25 12.74
C LEU E 222 1.86 38.03 13.49
N TYR E 223 3.14 37.78 13.16
CA TYR E 223 4.24 38.54 13.75
C TYR E 223 4.15 40.02 13.37
N TYR E 224 3.84 40.29 12.09
CA TYR E 224 3.67 41.67 11.65
C TYR E 224 2.52 42.35 12.37
N LYS E 225 1.41 41.62 12.56
CA LYS E 225 0.26 42.21 13.26
C LYS E 225 0.58 42.48 14.73
N GLU E 226 1.29 41.56 15.39
CA GLU E 226 1.65 41.77 16.80
C GLU E 226 2.65 42.91 16.96
N ILE E 227 3.64 43.00 16.05
CA ILE E 227 4.66 44.04 16.15
C ILE E 227 4.05 45.41 15.86
N THR E 228 3.15 45.50 14.88
CA THR E 228 2.52 46.79 14.60
C THR E 228 1.53 47.18 15.68
N GLU E 229 0.81 46.22 16.28
CA GLU E 229 -0.09 46.59 17.36
C GLU E 229 0.63 46.83 18.68
N ALA E 230 1.88 46.38 18.80
CA ALA E 230 2.70 46.74 19.95
C ALA E 230 3.41 48.07 19.75
N CYS E 231 3.73 48.43 18.50
CA CYS E 231 4.47 49.64 18.18
C CYS E 231 3.61 50.88 18.15
N VAL E 232 2.29 50.76 18.38
CA VAL E 232 1.43 51.92 18.49
C VAL E 232 1.32 52.30 19.97
N GLY E 233 2.14 51.66 20.80
CA GLY E 233 2.45 52.12 22.14
C GLY E 233 1.33 52.17 23.15
N SER E 234 0.54 51.11 23.23
CA SER E 234 -0.45 51.02 24.31
C SER E 234 0.23 50.72 25.64
N CYS E 235 1.25 49.87 25.62
CA CYS E 235 2.06 49.55 26.79
C CYS E 235 3.52 49.76 26.43
N GLU E 236 4.29 50.28 27.39
CA GLU E 236 5.66 50.71 27.07
C GLU E 236 6.63 49.55 26.96
N ALA E 237 6.46 48.50 27.77
CA ALA E 237 7.36 47.35 27.67
C ALA E 237 7.13 46.59 26.38
N LYS E 238 5.87 46.49 25.95
CA LYS E 238 5.52 45.95 24.65
C LYS E 238 6.17 46.73 23.52
N ARG E 239 6.07 48.05 23.58
CA ARG E 239 6.76 48.85 22.57
C ARG E 239 8.22 48.49 22.60
N ALA E 240 8.88 48.66 23.73
CA ALA E 240 10.34 48.52 23.76
C ALA E 240 10.79 47.16 23.23
N GLU E 241 10.05 46.09 23.51
CA GLU E 241 10.51 44.80 22.94
C GLU E 241 10.26 44.87 21.45
N ALA E 242 9.07 45.30 21.04
CA ALA E 242 8.82 45.32 19.60
C ALA E 242 9.86 46.16 18.87
N LEU E 243 10.34 47.24 19.48
CA LEU E 243 11.37 48.06 18.87
C LEU E 243 12.70 47.32 18.80
N GLN E 244 13.06 46.58 19.85
CA GLN E 244 14.27 45.76 19.79
C GLN E 244 14.11 44.60 18.79
N SER E 245 12.90 44.07 18.67
CA SER E 245 12.64 43.02 17.69
C SER E 245 12.79 43.54 16.27
N ILE E 246 12.32 44.77 16.01
CA ILE E 246 12.58 45.41 14.72
C ILE E 246 14.07 45.68 14.55
N ALA E 247 14.75 46.06 15.63
CA ALA E 247 16.15 46.42 15.55
C ALA E 247 17.08 45.23 15.32
N THR E 248 16.64 43.99 15.61
CA THR E 248 17.58 42.90 15.37
C THR E 248 16.98 41.62 14.78
N ASP E 249 15.80 41.65 14.18
CA ASP E 249 15.30 40.46 13.49
C ASP E 249 16.05 40.29 12.16
N PRO E 250 16.72 39.18 11.93
CA PRO E 250 17.40 39.00 10.64
C PRO E 250 16.44 38.73 9.51
N GLY E 251 15.30 38.12 9.77
CA GLY E 251 14.37 37.81 8.69
C GLY E 251 13.33 38.89 8.47
N LEU E 252 13.64 40.12 8.83
CA LEU E 252 12.67 41.20 8.69
C LEU E 252 12.67 41.79 7.29
N TYR E 253 13.61 41.41 6.43
CA TYR E 253 13.42 41.63 5.01
C TYR E 253 12.27 40.75 4.51
N GLN E 254 11.72 41.14 3.35
CA GLN E 254 10.58 40.54 2.65
C GLN E 254 9.25 40.80 3.40
N MET E 255 9.34 41.46 4.55
CA MET E 255 8.24 42.09 5.24
C MET E 255 8.37 43.60 5.24
N LEU E 256 9.52 44.11 4.81
CA LEU E 256 9.82 45.54 4.87
C LEU E 256 8.97 46.45 3.98
N PRO E 257 8.45 46.05 2.80
CA PRO E 257 7.46 46.90 2.13
C PRO E 257 6.23 47.21 2.94
N ARG E 258 5.76 46.23 3.70
CA ARG E 258 4.51 46.39 4.48
C ARG E 258 4.78 47.25 5.70
N PHE E 259 5.99 47.27 6.24
CA PHE E 259 6.37 48.14 7.34
C PHE E 259 6.56 49.57 6.86
N SER E 260 7.23 49.75 5.71
CA SER E 260 7.41 51.09 5.15
C SER E 260 6.08 51.72 4.75
N THR E 261 5.18 50.91 4.20
CA THR E 261 3.88 51.42 3.81
C THR E 261 3.04 51.77 5.03
N PHE E 262 3.18 50.99 6.11
CA PHE E 262 2.45 51.26 7.35
C PHE E 262 2.94 52.54 8.02
N ILE E 263 4.26 52.77 7.98
CA ILE E 263 4.81 54.02 8.50
C ILE E 263 4.31 55.20 7.68
N SER E 264 4.64 55.20 6.37
CA SER E 264 4.30 56.31 5.47
C SER E 264 2.83 56.61 5.53
N GLU E 265 2.00 55.60 5.34
CA GLU E 265 0.55 55.87 5.29
C GLU E 265 0.14 56.41 6.66
N GLY E 266 0.74 55.87 7.72
CA GLY E 266 0.30 56.30 9.06
C GLY E 266 0.58 57.78 9.30
N VAL E 267 1.79 58.25 9.01
CA VAL E 267 2.08 59.65 9.35
C VAL E 267 1.13 60.55 8.58
N ARG E 268 0.87 60.25 7.30
CA ARG E 268 0.04 61.16 6.48
C ARG E 268 -1.41 61.25 6.96
N VAL E 269 -1.99 60.15 7.45
CA VAL E 269 -3.37 60.21 8.03
C VAL E 269 -3.26 60.45 9.53
N ASN E 270 -2.03 60.57 10.04
CA ASN E 270 -1.88 60.91 11.48
C ASN E 270 -1.45 62.36 11.64
N VAL E 271 -1.36 63.12 10.56
CA VAL E 271 -1.10 64.58 10.74
C VAL E 271 -2.38 65.29 10.36
N VAL E 272 -3.37 64.53 9.90
CA VAL E 272 -4.72 65.13 9.63
C VAL E 272 -5.22 65.61 10.99
N GLN E 273 -5.04 64.80 12.04
CA GLN E 273 -5.29 65.28 13.42
C GLN E 273 -3.91 65.13 14.04
N ASN E 274 -3.33 66.16 14.65
CA ASN E 274 -1.90 66.08 15.04
C ASN E 274 -1.70 65.19 16.26
N ASN E 275 -1.74 63.86 16.07
CA ASN E 275 -1.68 62.92 17.22
C ASN E 275 -0.22 62.68 17.58
N LEU E 276 0.29 63.40 18.56
CA LEU E 276 1.75 63.33 18.84
C LEU E 276 2.26 61.93 19.20
N ALA E 277 1.56 61.16 20.03
CA ALA E 277 2.15 59.85 20.37
C ALA E 277 2.22 59.02 19.10
N LEU E 278 1.12 59.03 18.35
CA LEU E 278 1.10 58.15 17.16
C LEU E 278 2.36 58.45 16.36
N LEU E 279 2.79 59.71 16.36
CA LEU E 279 3.93 60.14 15.56
C LEU E 279 5.24 59.81 16.26
N ILE E 280 5.29 59.92 17.58
CA ILE E 280 6.53 59.68 18.30
C ILE E 280 6.85 58.17 18.25
N TYR E 281 5.80 57.34 18.24
CA TYR E 281 5.95 55.90 18.13
C TYR E 281 6.41 55.51 16.73
N LEU E 282 5.87 56.17 15.71
CA LEU E 282 6.27 55.88 14.33
C LEU E 282 7.71 56.32 14.06
N MET E 283 8.14 57.45 14.65
CA MET E 283 9.52 57.87 14.49
C MET E 283 10.48 56.93 15.21
N ARG E 284 10.08 56.41 16.38
CA ARG E 284 10.89 55.38 17.03
C ARG E 284 10.91 54.09 16.22
N MET E 285 9.83 53.77 15.51
CA MET E 285 9.81 52.62 14.61
C MET E 285 10.77 52.82 13.44
N VAL E 286 10.87 54.06 12.93
CA VAL E 286 11.81 54.37 11.86
C VAL E 286 13.25 54.21 12.35
N LYS E 287 13.53 54.72 13.55
CA LYS E 287 14.86 54.59 14.14
C LYS E 287 15.20 53.13 14.41
N ALA E 288 14.22 52.33 14.81
CA ALA E 288 14.45 50.90 15.00
C ALA E 288 14.61 50.17 13.68
N LEU E 289 14.01 50.70 12.60
CA LEU E 289 14.22 50.10 11.29
C LEU E 289 15.60 50.39 10.76
N MET E 290 16.18 51.53 11.14
CA MET E 290 17.41 51.97 10.50
C MET E 290 18.64 51.22 11.02
N ASP E 291 18.72 51.02 12.33
CA ASP E 291 19.91 50.41 12.92
C ASP E 291 19.94 48.90 12.80
N ASN E 292 18.94 48.29 12.20
CA ASN E 292 19.00 46.87 11.87
C ASN E 292 20.04 46.65 10.79
N PRO E 293 21.06 45.82 11.00
CA PRO E 293 22.12 45.70 10.00
C PRO E 293 21.82 44.76 8.84
N THR E 294 20.82 43.88 8.97
CA THR E 294 20.61 42.86 7.96
C THR E 294 19.84 43.41 6.75
N LEU E 295 18.82 44.22 6.98
CA LEU E 295 17.92 44.62 5.92
C LEU E 295 18.50 45.74 5.05
N TYR E 296 18.05 45.77 3.80
CA TYR E 296 18.48 46.70 2.78
C TYR E 296 17.45 47.82 2.68
N LEU E 297 17.82 49.03 3.13
CA LEU E 297 16.82 50.07 3.34
C LEU E 297 16.68 51.07 2.20
N GLU E 298 17.71 51.31 1.40
CA GLU E 298 17.63 52.42 0.45
C GLU E 298 16.74 52.14 -0.76
N LYS E 299 16.09 50.97 -0.83
CA LYS E 299 14.98 50.82 -1.74
C LYS E 299 13.71 51.44 -1.20
N TYR E 300 13.63 51.67 0.10
CA TYR E 300 12.41 52.13 0.77
C TYR E 300 12.57 53.52 1.35
N VAL E 301 13.70 54.18 1.12
CA VAL E 301 13.97 55.45 1.78
C VAL E 301 13.18 56.57 1.11
N HIS E 302 12.69 56.34 -0.12
CA HIS E 302 11.84 57.29 -0.82
C HIS E 302 10.47 57.42 -0.19
N GLU E 303 10.06 56.45 0.62
CA GLU E 303 8.88 56.58 1.47
C GLU E 303 9.23 57.05 2.87
N LEU E 304 10.45 56.75 3.33
CA LEU E 304 10.82 57.06 4.71
C LEU E 304 11.10 58.54 4.89
N ILE E 305 11.80 59.17 3.94
CA ILE E 305 12.25 60.55 4.09
C ILE E 305 11.11 61.58 4.07
N PRO E 306 10.11 61.56 3.16
CA PRO E 306 9.02 62.55 3.29
C PRO E 306 8.17 62.38 4.54
N ALA E 307 8.17 61.21 5.17
CA ALA E 307 7.49 61.03 6.45
C ALA E 307 8.21 61.81 7.55
N VAL E 308 9.54 61.72 7.62
CA VAL E 308 10.25 62.44 8.67
C VAL E 308 10.26 63.93 8.36
N MET E 309 10.35 64.32 7.09
CA MET E 309 10.32 65.78 6.84
C MET E 309 8.99 66.31 7.38
N THR E 310 7.91 65.57 7.18
CA THR E 310 6.57 66.04 7.63
C THR E 310 6.53 66.16 9.16
N CYS E 311 7.17 65.24 9.89
CA CYS E 311 7.20 65.39 11.37
C CYS E 311 7.91 66.69 11.74
N ILE E 312 8.98 67.05 11.03
CA ILE E 312 9.79 68.24 11.41
C ILE E 312 9.16 69.53 10.88
N VAL E 313 8.71 69.58 9.63
CA VAL E 313 8.27 70.87 9.04
C VAL E 313 6.76 71.07 9.12
N SER E 314 6.06 70.32 9.96
CA SER E 314 4.59 70.51 9.92
C SER E 314 3.99 71.29 11.10
N ARG E 315 2.79 71.86 10.92
CA ARG E 315 2.07 72.57 12.00
C ARG E 315 1.41 71.54 12.91
N GLN E 316 1.13 71.94 14.14
CA GLN E 316 0.55 70.97 15.09
C GLN E 316 -0.95 71.28 15.28
N LEU E 317 -1.82 70.38 14.79
CA LEU E 317 -3.31 70.57 14.85
C LEU E 317 -3.84 70.47 16.29
N CYS E 318 -3.12 69.77 17.19
CA CYS E 318 -3.53 69.61 18.60
C CYS E 318 -3.11 70.82 19.44
N LEU E 319 -3.27 70.77 20.76
CA LEU E 319 -3.02 71.97 21.62
C LEU E 319 -1.62 72.51 21.29
N ARG E 320 -1.53 73.81 21.01
CA ARG E 320 -0.22 74.42 20.61
C ARG E 320 0.82 74.35 21.74
N PRO E 321 0.56 74.74 23.00
CA PRO E 321 1.61 74.74 24.02
C PRO E 321 1.65 73.41 24.76
N ASP E 322 2.37 73.34 25.89
CA ASP E 322 2.41 72.11 26.73
C ASP E 322 3.18 70.98 26.03
N VAL E 323 2.62 70.40 24.96
CA VAL E 323 3.31 69.22 24.35
C VAL E 323 4.29 69.75 23.31
N ASP E 324 4.39 71.07 23.20
CA ASP E 324 5.39 71.67 22.29
C ASP E 324 6.74 71.18 22.80
N ASN E 325 6.81 70.91 24.10
CA ASN E 325 8.07 70.36 24.66
C ASN E 325 8.33 69.04 23.96
N HIS E 326 7.29 68.20 23.87
CA HIS E 326 7.46 66.96 23.08
C HIS E 326 7.59 67.31 21.61
N TRP E 327 6.89 68.36 21.17
CA TRP E 327 6.92 68.71 19.73
C TRP E 327 8.38 69.00 19.38
N ALA E 328 9.10 69.65 20.27
CA ALA E 328 10.52 69.92 20.00
C ALA E 328 11.22 68.58 19.89
N LEU E 329 10.90 67.65 20.77
CA LEU E 329 11.50 66.29 20.64
C LEU E 329 10.98 65.59 19.38
N ARG E 330 9.71 65.77 19.01
CA ARG E 330 9.24 65.15 17.75
C ARG E 330 10.14 65.72 16.67
N ASP E 331 10.45 67.02 16.72
CA ASP E 331 11.39 67.63 15.76
C ASP E 331 12.83 67.25 16.10
N PHE E 332 13.12 66.86 17.35
CA PHE E 332 14.48 66.42 17.74
C PHE E 332 14.69 64.99 17.23
N ALA E 333 13.71 64.10 17.41
CA ALA E 333 13.85 62.73 16.91
C ALA E 333 13.84 62.70 15.39
N ALA E 334 13.04 63.59 14.77
CA ALA E 334 12.99 63.65 13.32
C ALA E 334 14.26 64.23 12.72
N ARG E 335 14.87 65.23 13.36
CA ARG E 335 16.10 65.78 12.82
C ARG E 335 17.28 64.84 13.06
N LEU E 336 17.24 64.04 14.14
CA LEU E 336 18.24 63.00 14.35
C LEU E 336 18.19 61.95 13.25
N VAL E 337 16.99 61.42 12.99
CA VAL E 337 16.89 60.38 11.96
C VAL E 337 17.10 60.98 10.57
N ALA E 338 16.83 62.28 10.39
CA ALA E 338 17.06 62.93 9.10
C ALA E 338 18.55 63.05 8.80
N GLN E 339 19.35 63.48 9.78
CA GLN E 339 20.77 63.56 9.49
C GLN E 339 21.42 62.18 9.50
N ILE E 340 20.78 61.18 10.13
CA ILE E 340 21.32 59.79 10.05
C ILE E 340 21.03 59.27 8.63
N CYS E 341 19.87 59.63 8.05
CA CYS E 341 19.57 59.24 6.68
C CYS E 341 20.42 59.97 5.66
N LYS E 342 20.84 61.20 5.95
CA LYS E 342 21.79 61.82 5.02
C LYS E 342 23.20 61.28 5.23
N HIS E 343 23.48 60.69 6.39
CA HIS E 343 24.80 60.08 6.59
C HIS E 343 24.93 58.79 5.80
N PHE E 344 23.92 57.92 5.88
CA PHE E 344 23.88 56.72 5.06
C PHE E 344 23.28 57.07 3.69
N SER E 345 23.16 56.06 2.83
CA SER E 345 22.40 56.09 1.58
C SER E 345 22.88 57.16 0.60
N THR E 346 24.14 57.59 0.72
CA THR E 346 24.60 58.80 0.06
C THR E 346 25.21 58.48 -1.30
N THR E 347 24.71 59.16 -2.34
CA THR E 347 25.27 59.08 -3.68
C THR E 347 25.45 60.54 -4.11
N THR E 348 25.76 60.83 -5.38
CA THR E 348 26.10 62.19 -5.75
C THR E 348 24.82 63.00 -5.89
N ASN E 349 24.71 64.06 -5.07
CA ASN E 349 23.79 65.19 -5.29
C ASN E 349 22.31 64.77 -5.36
N ASN E 350 21.91 63.75 -4.62
CA ASN E 350 20.53 63.32 -4.64
C ASN E 350 19.80 63.56 -3.33
N ILE E 351 20.35 63.09 -2.20
CA ILE E 351 19.56 63.02 -0.97
C ILE E 351 19.87 64.18 -0.05
N GLN E 352 21.14 64.36 0.31
CA GLN E 352 21.53 65.37 1.28
C GLN E 352 21.31 66.78 0.73
N SER E 353 21.66 67.01 -0.53
CA SER E 353 21.50 68.33 -1.12
C SER E 353 20.03 68.68 -1.34
N ARG E 354 19.19 67.65 -1.54
CA ARG E 354 17.75 67.84 -1.79
C ARG E 354 17.05 68.26 -0.51
N ILE E 355 17.37 67.64 0.61
CA ILE E 355 16.79 68.02 1.90
C ILE E 355 17.41 69.31 2.42
N THR E 356 18.67 69.59 2.03
CA THR E 356 19.28 70.87 2.38
C THR E 356 18.61 72.02 1.65
N LYS E 357 18.27 71.81 0.37
CA LYS E 357 17.60 72.84 -0.42
C LYS E 357 16.18 73.09 0.09
N THR E 358 15.47 72.03 0.48
CA THR E 358 14.13 72.22 1.03
C THR E 358 14.17 72.90 2.39
N PHE E 359 15.18 72.60 3.22
CA PHE E 359 15.33 73.28 4.50
C PHE E 359 15.66 74.76 4.32
N THR E 360 16.55 75.08 3.36
CA THR E 360 16.88 76.49 3.13
C THR E 360 15.71 77.27 2.53
N LYS E 361 14.92 76.67 1.63
CA LYS E 361 13.80 77.46 1.13
C LYS E 361 12.64 77.47 2.13
N SER E 362 12.65 76.54 3.10
CA SER E 362 11.79 76.71 4.27
C SER E 362 12.22 77.88 5.12
N TRP E 363 13.53 78.11 5.23
CA TRP E 363 14.03 79.20 6.07
C TRP E 363 13.82 80.56 5.42
N VAL E 364 14.19 80.72 4.15
CA VAL E 364 14.17 82.04 3.50
C VAL E 364 12.77 82.47 3.08
N ASP E 365 11.80 81.56 3.29
CA ASP E 365 10.38 81.84 2.99
C ASP E 365 9.89 82.90 3.96
N GLU E 366 9.26 83.95 3.45
CA GLU E 366 8.75 85.05 4.26
C GLU E 366 7.47 84.63 4.97
N LYS E 367 7.41 84.94 6.26
CA LYS E 367 6.18 84.94 7.06
C LYS E 367 5.61 83.52 7.16
N THR E 368 6.47 82.67 7.75
CA THR E 368 6.28 81.23 7.84
C THR E 368 5.34 80.94 9.00
N PRO E 369 4.76 79.73 9.07
CA PRO E 369 4.30 79.25 10.37
C PRO E 369 5.50 79.02 11.28
N TRP E 370 5.36 79.44 12.54
CA TRP E 370 6.50 79.41 13.45
C TRP E 370 6.80 78.00 13.94
N THR E 371 5.82 77.10 13.89
CA THR E 371 6.09 75.69 14.14
C THR E 371 6.97 75.10 13.04
N THR E 372 6.58 75.35 11.78
CA THR E 372 7.38 74.98 10.62
C THR E 372 8.75 75.64 10.65
N ARG E 373 8.80 76.90 11.10
CA ARG E 373 10.05 77.62 11.21
C ARG E 373 10.98 76.97 12.23
N TYR E 374 10.45 76.64 13.41
CA TYR E 374 11.25 76.00 14.46
C TYR E 374 11.74 74.62 14.03
N GLY E 375 10.87 73.84 13.40
CA GLY E 375 11.26 72.52 12.93
C GLY E 375 12.33 72.57 11.86
N SER E 376 12.19 73.48 10.89
CA SER E 376 13.19 73.61 9.84
C SER E 376 14.51 74.12 10.38
N ILE E 377 14.45 75.02 11.37
CA ILE E 377 15.65 75.53 12.04
C ILE E 377 16.41 74.38 12.72
N ALA E 378 15.70 73.52 13.43
CA ALA E 378 16.31 72.34 14.07
C ALA E 378 16.91 71.41 13.02
N GLY E 379 16.18 71.21 11.91
CA GLY E 379 16.63 70.30 10.88
C GLY E 379 17.92 70.75 10.22
N LEU E 380 18.02 72.05 9.93
CA LEU E 380 19.27 72.63 9.35
C LEU E 380 20.36 72.70 10.41
N ALA E 381 19.99 72.70 11.70
CA ALA E 381 20.97 72.84 12.77
C ALA E 381 21.73 71.54 12.99
N GLU E 382 21.08 70.39 12.89
CA GLU E 382 21.73 69.11 13.23
C GLU E 382 22.45 68.51 12.02
N LEU E 383 22.93 69.30 11.07
CA LEU E 383 23.50 68.70 9.87
C LEU E 383 25.01 68.51 9.95
N GLY E 384 25.66 68.97 11.02
CA GLY E 384 27.05 68.63 11.20
C GLY E 384 27.90 69.86 11.47
N HIS E 385 29.20 69.71 11.22
CA HIS E 385 30.17 70.74 11.59
C HIS E 385 30.14 71.89 10.59
N ASP E 386 30.46 71.63 9.33
CA ASP E 386 30.53 72.63 8.27
C ASP E 386 29.22 73.27 7.85
N VAL E 387 28.09 72.59 8.05
CA VAL E 387 26.84 73.09 7.49
C VAL E 387 26.40 74.34 8.22
N ILE E 388 26.55 74.36 9.55
CA ILE E 388 26.28 75.58 10.30
C ILE E 388 27.43 76.57 10.14
N LYS E 389 28.62 76.10 9.76
CA LYS E 389 29.75 76.98 9.49
C LYS E 389 29.52 77.78 8.21
N THR E 390 28.79 77.23 7.25
CA THR E 390 28.60 77.90 5.98
C THR E 390 27.20 78.46 5.75
N LEU E 391 26.20 78.04 6.53
CA LEU E 391 24.80 78.42 6.21
C LEU E 391 24.21 79.39 7.24
N ILE E 392 24.42 79.15 8.54
CA ILE E 392 23.76 79.99 9.53
C ILE E 392 24.43 81.37 9.62
N LEU E 393 25.57 81.57 8.94
CA LEU E 393 26.34 82.80 9.05
C LEU E 393 25.62 84.06 8.54
N PRO E 394 25.18 84.16 7.28
CA PRO E 394 24.67 85.46 6.82
C PRO E 394 23.24 85.77 7.24
N ARG E 395 22.64 85.11 8.26
CA ARG E 395 21.16 85.22 8.56
C ARG E 395 20.79 85.71 9.98
N LEU E 396 21.78 86.10 10.80
CA LEU E 396 21.51 86.49 12.20
C LEU E 396 20.55 87.67 12.28
N GLN E 397 20.70 88.64 11.37
CA GLN E 397 19.85 89.87 11.41
C GLN E 397 18.37 89.50 11.23
N GLN E 398 18.07 88.61 10.28
CA GLN E 398 16.66 88.16 10.07
C GLN E 398 16.18 87.48 11.34
N GLU E 399 17.03 86.62 11.94
CA GLU E 399 16.52 85.92 13.15
C GLU E 399 16.16 86.97 14.21
N GLY E 400 17.03 87.96 14.39
CA GLY E 400 16.80 88.99 15.43
C GLY E 400 15.53 89.78 15.15
N GLU E 401 15.30 90.14 13.89
CA GLU E 401 14.09 90.92 13.52
C GLU E 401 12.83 90.11 13.81
N ARG E 402 12.85 88.80 13.51
CA ARG E 402 11.67 87.96 13.81
C ARG E 402 11.42 87.97 15.33
N ILE E 403 12.50 87.83 16.11
CA ILE E 403 12.34 87.80 17.59
C ILE E 403 11.73 89.14 18.04
N ARG E 404 12.21 90.26 17.48
CA ARG E 404 11.72 91.60 17.87
C ARG E 404 10.24 91.75 17.55
N SER E 405 9.79 91.27 16.39
CA SER E 405 8.34 91.33 16.04
C SER E 405 7.52 90.52 17.04
N VAL E 406 7.98 89.30 17.37
CA VAL E 406 7.12 88.54 18.31
C VAL E 406 7.04 89.35 19.61
N LEU E 407 8.18 89.91 20.04
CA LEU E 407 8.23 90.66 21.33
C LEU E 407 7.27 91.85 21.29
N ASP E 408 7.31 92.66 20.22
CA ASP E 408 6.50 93.92 20.18
C ASP E 408 5.00 93.61 20.17
N GLY E 409 4.54 92.78 19.23
CA GLY E 409 3.08 92.55 19.15
C GLY E 409 2.58 91.91 20.43
N PRO E 410 1.51 92.46 21.07
CA PRO E 410 1.06 91.98 22.38
C PRO E 410 0.59 90.52 22.29
N VAL E 411 -0.05 90.14 21.18
CA VAL E 411 -0.62 88.77 21.00
C VAL E 411 0.19 87.71 21.76
N LEU E 412 -0.37 87.18 22.85
CA LEU E 412 0.34 86.16 23.66
C LEU E 412 -0.39 84.81 23.60
N SER E 413 -1.69 84.80 23.25
CA SER E 413 -2.43 83.56 23.24
C SER E 413 -2.17 82.71 22.00
N ASN E 414 -1.40 83.21 21.04
CA ASN E 414 -1.00 82.38 19.92
C ASN E 414 0.27 81.61 20.25
N ILE E 415 0.84 80.87 19.29
CA ILE E 415 2.04 80.05 19.63
C ILE E 415 3.29 80.76 19.14
N ASP E 416 3.11 81.96 18.58
CA ASP E 416 4.26 82.66 17.95
C ASP E 416 5.35 82.91 18.99
N ARG E 417 5.00 83.36 20.19
CA ARG E 417 6.04 83.70 21.20
C ARG E 417 6.83 82.45 21.59
N ILE E 418 6.14 81.32 21.81
CA ILE E 418 6.83 80.05 22.21
C ILE E 418 7.77 79.64 21.07
N GLY E 419 7.27 79.73 19.84
CA GLY E 419 8.10 79.31 18.70
C GLY E 419 9.35 80.18 18.66
N ALA E 420 9.18 81.48 18.86
CA ALA E 420 10.32 82.43 18.80
C ALA E 420 11.32 82.06 19.89
N ASP E 421 10.86 81.82 21.12
CA ASP E 421 11.85 81.57 22.20
C ASP E 421 12.61 80.29 21.84
N HIS E 422 11.91 79.25 21.38
CA HIS E 422 12.66 77.98 21.11
C HIS E 422 13.68 78.22 19.99
N VAL E 423 13.26 78.93 18.93
CA VAL E 423 14.18 79.13 17.77
C VAL E 423 15.39 79.92 18.25
N GLN E 424 15.18 80.98 19.04
CA GLN E 424 16.33 81.82 19.44
C GLN E 424 17.25 80.96 20.30
N SER E 425 16.73 80.17 21.24
CA SER E 425 17.66 79.41 22.10
C SER E 425 18.49 78.46 21.23
N LEU E 426 17.83 77.75 20.31
CA LEU E 426 18.58 76.75 19.52
C LEU E 426 19.65 77.46 18.68
N LEU E 427 19.29 78.58 18.05
CA LEU E 427 20.24 79.28 17.16
C LEU E 427 21.42 79.76 17.99
N LEU E 428 21.16 80.29 19.19
CA LEU E 428 22.24 80.81 20.06
C LEU E 428 23.17 79.66 20.46
N LYS E 429 22.63 78.50 20.84
CA LYS E 429 23.58 77.40 21.18
C LYS E 429 24.42 77.06 19.94
N HIS E 430 23.79 76.95 18.77
CA HIS E 430 24.64 76.55 17.62
C HIS E 430 25.73 77.61 17.40
N CYS E 431 25.36 78.89 17.47
CA CYS E 431 26.33 79.98 17.19
C CYS E 431 27.48 79.92 18.20
N ALA E 432 27.20 79.58 19.47
CA ALA E 432 28.25 79.47 20.52
C ALA E 432 29.44 78.59 20.09
N PRO E 433 29.37 77.25 19.91
CA PRO E 433 30.49 76.46 19.39
C PRO E 433 30.94 76.86 17.98
N VAL E 434 30.01 77.17 17.06
CA VAL E 434 30.45 77.69 15.72
C VAL E 434 31.51 78.74 15.99
N LEU E 435 31.41 79.46 17.11
CA LEU E 435 32.40 80.49 17.50
C LEU E 435 33.53 79.84 18.31
N ALA E 436 33.17 78.95 19.25
CA ALA E 436 34.20 78.31 20.08
C ALA E 436 35.13 77.54 19.12
N LYS E 437 34.53 76.91 18.11
CA LYS E 437 35.31 76.14 17.09
C LYS E 437 36.28 76.99 16.24
N LEU E 438 35.89 78.18 15.74
CA LEU E 438 36.87 78.85 14.79
C LEU E 438 37.50 80.20 15.21
N ARG E 439 37.82 80.37 16.49
CA ARG E 439 38.46 81.63 16.93
C ARG E 439 38.88 81.45 18.37
N PRO E 440 39.77 82.31 18.89
CA PRO E 440 40.11 82.25 20.31
C PRO E 440 39.00 82.84 21.16
N PRO E 441 38.98 82.54 22.46
CA PRO E 441 37.94 83.10 23.33
C PRO E 441 38.36 84.45 23.88
N PRO E 442 38.88 85.35 23.04
CA PRO E 442 39.17 86.70 23.49
C PRO E 442 38.04 87.66 23.19
N ASP E 443 37.87 88.63 24.11
CA ASP E 443 36.83 89.67 24.05
C ASP E 443 35.44 89.05 23.98
N ASN E 444 35.09 88.30 25.04
CA ASN E 444 33.81 87.62 25.12
C ASN E 444 32.74 88.44 25.83
N GLN E 445 32.95 89.75 25.98
CA GLN E 445 32.04 90.61 26.72
C GLN E 445 31.09 91.38 25.81
N ASP E 446 31.64 92.16 24.86
CA ASP E 446 30.83 93.05 24.05
C ASP E 446 31.19 92.99 22.57
N ALA E 447 32.07 92.09 22.14
CA ALA E 447 32.34 91.95 20.71
C ALA E 447 31.17 91.33 19.97
N TYR E 448 30.39 90.47 20.64
CA TYR E 448 29.19 89.86 20.06
C TYR E 448 28.08 90.87 19.79
N ARG E 449 28.19 92.10 20.30
CA ARG E 449 27.30 93.19 19.92
C ARG E 449 27.50 93.62 18.47
N ALA E 450 28.60 93.22 17.83
CA ALA E 450 28.71 93.38 16.38
C ALA E 450 27.85 92.38 15.62
N GLU E 451 27.31 91.36 16.30
CA GLU E 451 26.39 90.38 15.72
C GLU E 451 25.01 90.52 16.35
N PHE E 452 24.56 91.78 16.50
CA PHE E 452 23.26 92.23 17.02
C PHE E 452 23.06 91.95 18.50
N GLY E 453 24.06 91.41 19.20
CA GLY E 453 23.98 91.23 20.65
C GLY E 453 22.94 90.24 21.12
N SER E 454 22.79 89.12 20.41
CA SER E 454 21.74 88.16 20.75
C SER E 454 22.11 87.37 22.00
N LEU E 455 23.22 86.63 21.92
CA LEU E 455 23.61 85.75 23.05
C LEU E 455 24.71 86.41 23.88
N GLY E 456 25.62 87.17 23.27
CA GLY E 456 26.60 87.98 24.04
C GLY E 456 27.34 87.24 25.14
N PRO E 457 27.32 87.76 26.39
CA PRO E 457 28.04 87.16 27.51
C PRO E 457 27.54 85.75 27.87
N LEU E 458 26.24 85.48 27.78
CA LEU E 458 25.69 84.11 27.99
C LEU E 458 26.26 83.18 26.90
N LEU E 459 26.36 83.65 25.65
CA LEU E 459 27.01 82.82 24.60
C LEU E 459 28.46 82.57 25.00
N CYS E 460 29.11 83.60 25.54
CA CYS E 460 30.53 83.46 25.97
C CYS E 460 30.60 82.42 27.08
N SER E 461 29.65 82.41 28.01
CA SER E 461 29.61 81.43 29.12
C SER E 461 29.42 80.02 28.56
N GLN E 462 28.55 79.87 27.55
CA GLN E 462 28.37 78.55 26.90
C GLN E 462 29.69 78.11 26.27
N VAL E 463 30.39 79.04 25.62
CA VAL E 463 31.71 78.71 24.99
C VAL E 463 32.68 78.28 26.10
N VAL E 464 32.66 78.96 27.25
CA VAL E 464 33.56 78.63 28.39
C VAL E 464 33.23 77.23 28.92
N LYS E 465 31.94 76.89 29.00
CA LYS E 465 31.51 75.54 29.45
C LYS E 465 32.04 74.49 28.44
N ALA E 466 31.95 74.81 27.15
CA ALA E 466 32.48 73.89 26.12
C ALA E 466 33.99 73.72 26.30
N ARG E 467 34.69 74.81 26.61
CA ARG E 467 36.17 74.76 26.82
C ARG E 467 36.46 73.90 28.05
N ALA E 468 35.66 74.01 29.10
CA ALA E 468 35.84 73.20 30.32
C ALA E 468 35.63 71.72 29.99
N GLN E 469 34.63 71.42 29.15
CA GLN E 469 34.38 70.01 28.73
C GLN E 469 35.59 69.51 27.93
N ALA E 470 36.16 70.37 27.07
CA ALA E 470 37.35 69.99 26.28
C ALA E 470 38.53 69.71 27.23
N ALA E 471 38.68 70.53 28.28
CA ALA E 471 39.77 70.33 29.27
C ALA E 471 39.56 68.99 29.98
N LEU E 472 38.31 68.68 30.33
CA LEU E 472 37.99 67.39 31.00
C LEU E 472 38.36 66.23 30.06
N GLN E 473 38.05 66.37 28.77
CA GLN E 473 38.38 65.30 27.78
C GLN E 473 39.90 65.05 27.79
N PRO F 9 -108.78 1.69 -29.07
CA PRO F 9 -107.92 1.30 -27.95
C PRO F 9 -106.97 0.17 -28.33
N HIS F 10 -106.08 -0.24 -27.42
CA HIS F 10 -105.15 -1.36 -27.68
C HIS F 10 -105.45 -2.48 -26.68
N GLU F 11 -105.53 -3.72 -27.16
CA GLU F 11 -105.75 -4.87 -26.24
C GLU F 11 -104.48 -5.71 -26.21
N LEU F 12 -103.97 -6.00 -25.01
CA LEU F 12 -102.70 -6.76 -24.89
C LEU F 12 -102.89 -8.11 -25.58
N GLU F 13 -101.91 -8.53 -26.38
CA GLU F 13 -102.05 -9.80 -27.15
C GLU F 13 -101.96 -10.96 -26.17
N SER F 14 -102.61 -12.07 -26.48
CA SER F 14 -102.61 -13.19 -25.55
C SER F 14 -101.88 -14.35 -26.20
N GLN F 15 -100.65 -14.58 -25.79
CA GLN F 15 -99.84 -15.66 -26.32
C GLN F 15 -99.88 -16.85 -25.37
N PHE F 16 -99.96 -18.05 -25.94
CA PHE F 16 -99.84 -19.28 -25.16
C PHE F 16 -98.96 -20.23 -25.93
N ILE F 17 -98.62 -21.35 -25.31
CA ILE F 17 -97.73 -22.35 -25.91
C ILE F 17 -98.59 -23.53 -26.34
N LEU F 18 -98.34 -24.06 -27.54
CA LEU F 18 -99.03 -25.25 -28.02
C LEU F 18 -98.06 -26.41 -28.06
N ARG F 19 -98.36 -27.47 -27.30
CA ARG F 19 -97.55 -28.68 -27.29
C ARG F 19 -98.29 -29.77 -28.04
N LEU F 20 -97.61 -30.39 -29.00
CA LEU F 20 -98.18 -31.38 -29.89
C LEU F 20 -97.48 -32.72 -29.68
N PRO F 21 -98.09 -33.82 -30.12
CA PRO F 21 -97.36 -35.08 -30.15
C PRO F 21 -96.20 -35.00 -31.12
N PRO F 22 -95.13 -35.78 -30.89
CA PRO F 22 -93.85 -35.50 -31.56
C PRO F 22 -93.85 -35.64 -33.08
N GLU F 23 -94.57 -36.63 -33.62
CA GLU F 23 -94.69 -36.75 -35.07
C GLU F 23 -95.52 -35.60 -35.64
N TYR F 24 -96.64 -35.27 -34.99
CA TYR F 24 -97.44 -34.14 -35.40
C TYR F 24 -96.72 -32.82 -35.19
N ALA F 25 -95.86 -32.75 -34.17
CA ALA F 25 -95.03 -31.57 -33.98
C ALA F 25 -94.01 -31.43 -35.09
N SER F 26 -93.50 -32.55 -35.62
CA SER F 26 -92.55 -32.46 -36.72
C SER F 26 -93.22 -32.02 -38.00
N THR F 27 -94.44 -32.50 -38.26
CA THR F 27 -95.17 -32.05 -39.46
C THR F 27 -95.56 -30.58 -39.36
N VAL F 28 -96.01 -30.13 -38.19
CA VAL F 28 -96.36 -28.73 -37.99
C VAL F 28 -95.12 -27.84 -38.08
N ARG F 29 -93.97 -28.32 -37.59
CA ARG F 29 -92.73 -27.54 -37.65
C ARG F 29 -92.25 -27.38 -39.09
N ARG F 30 -92.31 -28.47 -39.87
CA ARG F 30 -91.95 -28.42 -41.28
C ARG F 30 -92.87 -27.49 -42.06
N ALA F 31 -94.17 -27.52 -41.74
CA ALA F 31 -95.10 -26.64 -42.45
C ALA F 31 -94.96 -25.17 -42.01
N VAL F 32 -94.53 -24.92 -40.78
CA VAL F 32 -94.31 -23.54 -40.34
C VAL F 32 -93.07 -22.97 -40.99
N GLN F 33 -91.97 -23.74 -40.97
CA GLN F 33 -90.72 -23.28 -41.57
C GLN F 33 -90.78 -23.23 -43.08
N SER F 34 -91.73 -23.93 -43.71
CA SER F 34 -91.94 -23.76 -45.14
C SER F 34 -92.50 -22.38 -45.43
N GLY F 35 -93.62 -22.03 -44.81
CA GLY F 35 -94.11 -20.66 -44.83
C GLY F 35 -95.30 -20.39 -45.73
N HIS F 36 -95.79 -21.40 -46.47
CA HIS F 36 -96.97 -21.22 -47.35
C HIS F 36 -98.25 -21.08 -46.51
N VAL F 37 -99.35 -20.69 -47.16
CA VAL F 37 -100.67 -20.59 -46.45
C VAL F 37 -101.31 -21.99 -46.46
N ASN F 38 -100.62 -22.98 -47.03
CA ASN F 38 -101.12 -24.37 -47.02
C ASN F 38 -101.24 -24.79 -45.55
N LEU F 39 -100.31 -24.35 -44.70
CA LEU F 39 -100.35 -24.68 -43.26
C LEU F 39 -101.66 -24.15 -42.66
N LYS F 40 -102.14 -23.00 -43.13
CA LYS F 40 -103.34 -22.40 -42.50
C LYS F 40 -104.51 -23.39 -42.60
N ASP F 41 -104.72 -24.00 -43.77
CA ASP F 41 -105.79 -25.01 -43.92
C ASP F 41 -105.48 -26.24 -43.07
N ARG F 42 -104.22 -26.66 -43.02
CA ARG F 42 -103.83 -27.91 -42.30
C ARG F 42 -104.02 -27.80 -40.79
N LEU F 43 -103.68 -26.66 -40.19
CA LEU F 43 -103.70 -26.57 -38.73
C LEU F 43 -104.85 -25.69 -38.27
N THR F 44 -105.79 -26.28 -37.51
CA THR F 44 -106.88 -25.52 -36.92
C THR F 44 -106.95 -25.79 -35.42
N ILE F 45 -107.62 -24.90 -34.69
CA ILE F 45 -107.74 -24.98 -33.23
C ILE F 45 -109.18 -24.65 -32.86
N GLU F 46 -109.84 -25.62 -32.22
CA GLU F 46 -111.23 -25.40 -31.74
C GLU F 46 -111.22 -25.47 -30.22
N LEU F 47 -111.58 -24.38 -29.54
CA LEU F 47 -111.61 -24.32 -28.08
C LEU F 47 -113.05 -24.45 -27.60
N HIS F 48 -113.28 -25.41 -26.73
CA HIS F 48 -114.63 -25.76 -26.29
C HIS F 48 -115.11 -24.76 -25.23
N PRO F 49 -116.43 -24.64 -25.04
CA PRO F 49 -116.94 -23.68 -24.05
C PRO F 49 -116.69 -24.06 -22.60
N ASP F 50 -116.09 -25.23 -22.33
CA ASP F 50 -115.50 -25.47 -21.01
C ASP F 50 -114.43 -24.45 -20.70
N GLY F 51 -113.62 -24.09 -21.70
CA GLY F 51 -112.50 -23.21 -21.52
C GLY F 51 -111.20 -23.93 -21.28
N ARG F 52 -111.24 -25.19 -20.86
CA ARG F 52 -110.04 -25.97 -20.62
C ARG F 52 -110.02 -27.25 -21.46
N HIS F 53 -110.67 -27.25 -22.62
CA HIS F 53 -110.70 -28.42 -23.46
C HIS F 53 -110.73 -27.97 -24.92
N GLY F 54 -110.11 -28.77 -25.78
CA GLY F 54 -110.10 -28.37 -27.18
C GLY F 54 -109.80 -29.52 -28.10
N ILE F 55 -109.85 -29.21 -29.39
CA ILE F 55 -109.27 -30.05 -30.44
C ILE F 55 -108.25 -29.21 -31.18
N VAL F 56 -107.06 -29.76 -31.38
CA VAL F 56 -106.16 -29.24 -32.39
C VAL F 56 -106.17 -30.22 -33.55
N ARG F 57 -106.46 -29.71 -34.75
CA ARG F 57 -106.58 -30.62 -35.92
C ARG F 57 -105.36 -30.42 -36.81
N VAL F 58 -104.45 -31.40 -36.83
CA VAL F 58 -103.23 -31.31 -37.68
C VAL F 58 -103.49 -32.14 -38.94
N ASP F 59 -103.46 -31.51 -40.12
CA ASP F 59 -103.77 -32.23 -41.39
C ASP F 59 -105.16 -32.86 -41.29
N ARG F 60 -106.10 -32.17 -40.66
CA ARG F 60 -107.50 -32.66 -40.54
C ARG F 60 -107.55 -33.92 -39.65
N VAL F 61 -106.53 -34.14 -38.81
CA VAL F 61 -106.60 -35.29 -37.86
C VAL F 61 -106.84 -34.72 -36.47
N PRO F 62 -107.99 -35.01 -35.82
CA PRO F 62 -108.32 -34.42 -34.51
C PRO F 62 -107.43 -34.93 -33.37
N LEU F 63 -106.98 -34.02 -32.48
CA LEU F 63 -106.16 -34.41 -31.30
C LEU F 63 -106.85 -33.79 -30.09
N ALA F 64 -106.81 -34.45 -28.93
CA ALA F 64 -107.56 -33.93 -27.78
C ALA F 64 -106.67 -33.02 -26.95
N SER F 65 -107.20 -31.87 -26.56
CA SER F 65 -106.36 -30.85 -25.97
C SER F 65 -106.91 -30.41 -24.62
N LYS F 66 -105.98 -29.95 -23.79
CA LYS F 66 -106.32 -29.39 -22.49
C LYS F 66 -105.48 -28.12 -22.30
N LEU F 67 -106.14 -27.04 -21.91
CA LEU F 67 -105.44 -25.80 -21.62
C LEU F 67 -105.08 -25.79 -20.13
N VAL F 68 -103.78 -25.86 -19.84
CA VAL F 68 -103.30 -26.05 -18.49
C VAL F 68 -102.55 -24.79 -18.06
N ASP F 69 -102.42 -24.63 -16.74
CA ASP F 69 -101.74 -23.50 -16.13
C ASP F 69 -100.31 -23.89 -15.80
N LEU F 70 -99.41 -23.07 -16.16
CA LEU F 70 -97.99 -23.35 -15.99
C LEU F 70 -97.49 -22.83 -14.65
N PRO F 71 -96.54 -23.53 -14.02
CA PRO F 71 -96.17 -23.16 -12.64
C PRO F 71 -95.34 -21.90 -12.55
N CYS F 72 -94.46 -21.66 -13.51
CA CYS F 72 -93.67 -20.46 -13.60
C CYS F 72 -94.38 -19.46 -14.50
N VAL F 73 -93.79 -18.28 -14.65
CA VAL F 73 -94.30 -17.25 -15.54
C VAL F 73 -93.26 -17.01 -16.63
N MET F 74 -93.67 -17.16 -17.88
CA MET F 74 -92.76 -16.85 -18.98
C MET F 74 -93.13 -15.51 -19.59
N GLU F 75 -92.15 -14.92 -20.25
CA GLU F 75 -92.39 -13.61 -20.89
C GLU F 75 -91.73 -13.60 -22.26
N SER F 76 -92.48 -13.24 -23.31
CA SER F 76 -91.90 -13.14 -24.63
C SER F 76 -91.17 -11.82 -24.76
N LEU F 77 -89.97 -11.86 -25.31
CA LEU F 77 -89.09 -10.71 -25.38
C LEU F 77 -88.60 -10.57 -26.81
N LYS F 78 -88.99 -9.50 -27.48
CA LYS F 78 -88.59 -9.28 -28.85
C LYS F 78 -87.38 -8.35 -28.91
N THR F 79 -86.66 -8.42 -30.02
CA THR F 79 -85.48 -7.60 -30.18
C THR F 79 -85.27 -7.27 -31.63
N ILE F 80 -84.54 -6.19 -31.87
CA ILE F 80 -84.18 -5.78 -33.22
C ILE F 80 -82.66 -5.86 -33.42
N ASP F 81 -81.87 -5.71 -32.36
CA ASP F 81 -80.42 -5.72 -32.45
C ASP F 81 -79.76 -6.83 -31.65
N LYS F 82 -80.55 -7.66 -30.95
CA LYS F 82 -80.09 -8.73 -30.05
C LYS F 82 -79.23 -8.22 -28.89
N LYS F 83 -79.40 -6.96 -28.50
CA LYS F 83 -78.76 -6.44 -27.30
C LYS F 83 -79.74 -5.85 -26.31
N THR F 84 -80.83 -5.25 -26.78
CA THR F 84 -81.90 -4.75 -25.94
C THR F 84 -83.18 -5.49 -26.28
N PHE F 85 -83.89 -5.96 -25.27
CA PHE F 85 -85.03 -6.85 -25.43
C PHE F 85 -86.25 -6.21 -24.79
N TYR F 86 -87.36 -6.19 -25.52
CA TYR F 86 -88.57 -5.54 -25.06
C TYR F 86 -89.61 -6.59 -24.77
N LYS F 87 -90.22 -6.53 -23.58
CA LYS F 87 -91.20 -7.52 -23.18
C LYS F 87 -92.51 -7.31 -23.94
N THR F 88 -93.00 -8.37 -24.58
CA THR F 88 -94.19 -8.25 -25.40
C THR F 88 -95.44 -8.84 -24.75
N ALA F 89 -95.31 -9.94 -24.02
CA ALA F 89 -96.47 -10.57 -23.38
C ALA F 89 -96.00 -11.48 -22.26
N ASP F 90 -96.96 -11.88 -21.44
CA ASP F 90 -96.77 -12.87 -20.38
C ASP F 90 -97.48 -14.16 -20.79
N ILE F 91 -96.76 -15.27 -20.70
CA ILE F 91 -97.28 -16.59 -21.02
C ILE F 91 -97.42 -17.37 -19.72
N CYS F 92 -98.61 -17.91 -19.51
CA CYS F 92 -98.88 -18.75 -18.35
C CYS F 92 -99.70 -19.98 -18.68
N GLN F 93 -100.01 -20.23 -19.94
CA GLN F 93 -100.91 -21.30 -20.30
C GLN F 93 -100.39 -22.08 -21.50
N MET F 94 -100.72 -23.36 -21.49
CA MET F 94 -100.25 -24.27 -22.52
C MET F 94 -101.37 -25.18 -22.97
N LEU F 95 -101.54 -25.32 -24.29
CA LEU F 95 -102.60 -26.19 -24.86
C LEU F 95 -101.98 -27.54 -25.22
N VAL F 96 -101.68 -28.36 -24.21
CA VAL F 96 -101.07 -29.69 -24.45
C VAL F 96 -102.08 -30.53 -25.24
N SER F 97 -101.61 -31.28 -26.23
CA SER F 97 -102.50 -32.09 -27.09
C SER F 97 -101.99 -33.53 -27.15
N THR F 98 -102.89 -34.50 -27.33
CA THR F 98 -102.48 -35.92 -27.44
C THR F 98 -103.55 -36.68 -28.24
N GLU F 127 -109.08 -26.51 -12.29
CA GLU F 127 -109.11 -27.71 -11.42
C GLU F 127 -107.69 -28.26 -11.25
N LYS F 128 -107.53 -29.34 -10.48
CA LYS F 128 -106.19 -29.95 -10.26
C LYS F 128 -105.65 -30.46 -11.60
N LYS F 129 -106.52 -31.05 -12.43
CA LYS F 129 -106.09 -31.61 -13.74
C LYS F 129 -105.58 -30.49 -14.67
N PHE F 130 -106.10 -29.27 -14.52
CA PHE F 130 -105.73 -28.17 -15.45
C PHE F 130 -104.51 -27.42 -14.90
N ILE F 131 -103.86 -27.96 -13.86
CA ILE F 131 -102.60 -27.34 -13.36
C ILE F 131 -101.43 -28.22 -13.78
N TRP F 132 -100.43 -27.65 -14.44
CA TRP F 132 -99.23 -28.41 -14.88
C TRP F 132 -98.15 -28.28 -13.80
N ASN F 133 -97.55 -29.39 -13.35
CA ASN F 133 -96.58 -29.32 -12.27
C ASN F 133 -95.19 -28.95 -12.78
N HIS F 134 -94.84 -29.38 -13.98
CA HIS F 134 -93.50 -29.18 -14.51
C HIS F 134 -93.40 -27.87 -15.28
N GLY F 135 -92.17 -27.40 -15.45
CA GLY F 135 -91.92 -26.22 -16.25
C GLY F 135 -91.45 -26.62 -17.64
N ILE F 136 -91.35 -25.66 -18.56
CA ILE F 136 -91.06 -26.00 -19.96
C ILE F 136 -89.61 -26.42 -20.12
N THR F 137 -88.67 -25.72 -19.49
CA THR F 137 -87.27 -26.07 -19.62
C THR F 137 -86.93 -27.35 -18.88
N LEU F 138 -85.84 -27.97 -19.32
CA LEU F 138 -85.31 -29.16 -18.66
C LEU F 138 -84.93 -28.99 -17.18
N PRO F 139 -84.28 -27.90 -16.71
CA PRO F 139 -83.98 -27.84 -15.27
C PRO F 139 -85.20 -27.72 -14.39
N LEU F 140 -86.27 -27.16 -14.93
CA LEU F 140 -87.51 -26.96 -14.20
C LEU F 140 -88.40 -28.17 -14.48
N LYS F 141 -88.33 -29.16 -13.60
CA LYS F 141 -89.17 -30.33 -13.66
C LYS F 141 -89.58 -30.64 -12.22
N ASN F 142 -90.88 -30.84 -12.00
CA ASN F 142 -91.38 -31.00 -10.62
C ASN F 142 -91.10 -29.69 -9.86
N VAL F 143 -91.17 -28.55 -10.55
CA VAL F 143 -90.88 -27.22 -9.92
C VAL F 143 -91.93 -26.95 -8.85
N ARG F 144 -93.21 -27.21 -9.18
CA ARG F 144 -94.29 -26.85 -8.22
C ARG F 144 -94.07 -27.65 -6.93
N LYS F 145 -93.78 -28.94 -7.06
CA LYS F 145 -93.53 -29.81 -5.87
C LYS F 145 -92.22 -29.50 -5.16
N ARG F 146 -91.10 -29.31 -5.88
CA ARG F 146 -89.79 -29.19 -5.17
C ARG F 146 -89.21 -27.77 -5.14
N ARG F 147 -89.17 -27.06 -6.26
CA ARG F 147 -88.49 -25.73 -6.27
C ARG F 147 -89.47 -24.60 -5.94
N PHE F 148 -90.69 -24.91 -5.47
CA PHE F 148 -91.58 -23.80 -5.07
C PHE F 148 -91.83 -23.79 -3.56
N ARG F 149 -91.54 -22.65 -2.91
CA ARG F 149 -91.80 -22.51 -1.45
C ARG F 149 -93.30 -22.41 -1.23
N LYS F 150 -93.84 -23.20 -0.31
CA LYS F 150 -95.32 -23.23 -0.12
C LYS F 150 -95.68 -22.58 1.21
N THR F 151 -96.52 -21.54 1.18
CA THR F 151 -96.98 -20.88 2.43
C THR F 151 -98.50 -20.97 2.48
N ALA F 152 -99.06 -21.52 3.57
CA ALA F 152 -100.53 -21.68 3.69
C ALA F 152 -100.99 -21.35 5.11
N LYS F 153 -102.27 -21.02 5.27
CA LYS F 153 -102.83 -20.69 6.61
C LYS F 153 -103.14 -22.00 7.35
N ASP F 161 -111.43 -20.17 -4.45
CA ASP F 161 -112.24 -21.39 -4.25
C ASP F 161 -112.77 -21.42 -2.81
N VAL F 162 -111.87 -21.50 -1.84
CA VAL F 162 -112.27 -21.53 -0.40
C VAL F 162 -112.99 -20.23 -0.05
N GLU F 163 -112.47 -19.09 -0.54
CA GLU F 163 -113.10 -17.77 -0.26
C GLU F 163 -114.50 -17.76 -0.89
N LYS F 164 -114.65 -18.29 -2.10
CA LYS F 164 -115.97 -18.33 -2.77
C LYS F 164 -116.93 -19.20 -1.96
N GLU F 165 -116.45 -20.34 -1.44
CA GLU F 165 -117.30 -21.23 -0.62
C GLU F 165 -117.74 -20.49 0.65
N VAL F 166 -116.83 -19.74 1.26
CA VAL F 166 -117.17 -18.95 2.49
C VAL F 166 -118.23 -17.90 2.14
N LYS F 167 -118.10 -17.25 0.97
CA LYS F 167 -119.10 -16.25 0.53
C LYS F 167 -120.46 -16.93 0.35
N ARG F 168 -120.48 -18.12 -0.25
CA ARG F 168 -121.75 -18.86 -0.45
C ARG F 168 -122.36 -19.17 0.93
N LEU F 169 -121.53 -19.60 1.88
CA LEU F 169 -122.01 -19.92 3.25
C LEU F 169 -122.62 -18.68 3.88
N LEU F 170 -121.97 -17.52 3.73
CA LEU F 170 -122.46 -16.25 4.30
C LEU F 170 -123.81 -15.91 3.67
N SER F 171 -123.94 -16.11 2.35
CA SER F 171 -125.20 -15.84 1.63
C SER F 171 -126.31 -16.75 2.17
N THR F 172 -126.00 -18.03 2.40
CA THR F 172 -127.00 -18.97 2.96
C THR F 172 -127.41 -18.51 4.36
N ASP F 173 -126.45 -18.06 5.18
CA ASP F 173 -126.76 -17.58 6.54
C ASP F 173 -127.69 -16.37 6.44
N ALA F 174 -127.43 -15.47 5.49
CA ALA F 174 -128.28 -14.27 5.30
C ALA F 174 -129.70 -14.68 4.88
N GLU F 175 -129.83 -15.65 3.98
CA GLU F 175 -131.18 -16.04 3.48
C GLU F 175 -131.93 -16.81 4.57
N ALA F 176 -131.26 -17.13 5.67
CA ALA F 176 -131.86 -17.94 6.73
C ALA F 176 -132.60 -17.08 7.74
N VAL F 177 -132.95 -17.69 8.88
CA VAL F 177 -133.63 -16.93 9.98
C VAL F 177 -132.78 -17.09 11.25
N SER F 178 -132.52 -18.32 11.67
CA SER F 178 -131.75 -18.59 12.90
C SER F 178 -130.49 -19.40 12.58
N THR F 179 -129.32 -18.96 13.06
CA THR F 179 -128.05 -19.70 12.81
C THR F 179 -127.43 -20.16 14.14
N ARG F 180 -127.10 -21.46 14.25
CA ARG F 180 -126.48 -22.01 15.48
C ARG F 180 -125.09 -22.56 15.12
N TRP F 181 -124.06 -22.16 15.87
CA TRP F 181 -122.67 -22.58 15.54
C TRP F 181 -121.93 -23.13 16.76
N GLU F 182 -121.12 -24.18 16.59
CA GLU F 182 -120.22 -24.62 17.69
C GLU F 182 -118.94 -25.21 17.08
N ILE F 183 -117.76 -24.82 17.57
CA ILE F 183 -116.51 -25.49 17.10
C ILE F 183 -116.65 -26.90 17.68
N ILE F 184 -116.38 -27.95 16.89
CA ILE F 184 -116.73 -29.25 17.45
C ILE F 184 -115.51 -30.11 17.84
N ALA F 185 -115.78 -31.34 18.28
CA ALA F 185 -114.72 -32.33 18.47
C ALA F 185 -115.02 -33.54 17.57
N GLU F 186 -114.38 -34.67 17.86
CA GLU F 186 -114.57 -35.88 17.08
C GLU F 186 -116.01 -36.41 17.20
N ASP F 187 -116.71 -36.50 16.08
CA ASP F 187 -118.09 -36.96 16.06
C ASP F 187 -118.50 -37.43 14.67
N ASN G 24 40.33 44.44 19.59
CA ASN G 24 40.47 45.34 20.76
C ASN G 24 40.49 44.51 22.03
N PRO G 25 39.44 43.76 22.42
CA PRO G 25 39.44 43.02 23.68
C PRO G 25 40.51 41.95 23.88
N ALA G 26 40.86 41.19 22.83
CA ALA G 26 41.91 40.14 22.92
C ALA G 26 43.26 40.83 23.13
N ASP G 27 43.49 41.99 22.49
CA ASP G 27 44.72 42.76 22.63
C ASP G 27 44.67 43.20 24.07
N ASN G 28 43.53 43.67 24.56
CA ASN G 28 43.38 44.22 25.92
C ASN G 28 43.63 43.17 26.98
N TYR G 29 43.19 41.93 26.75
CA TYR G 29 43.44 40.80 27.67
C TYR G 29 44.94 40.73 27.99
N HIS G 30 45.77 40.72 26.94
CA HIS G 30 47.25 40.68 27.15
C HIS G 30 47.80 42.05 27.58
N LEU G 31 47.30 43.12 26.98
CA LEU G 31 47.86 44.46 27.18
C LEU G 31 47.57 44.99 28.57
N ALA G 32 46.44 44.71 29.16
CA ALA G 32 46.15 45.27 30.47
C ALA G 32 47.24 44.70 31.32
N ARG G 33 47.47 43.38 31.28
CA ARG G 33 48.52 42.84 32.17
C ARG G 33 49.95 43.24 31.75
N ARG G 34 50.20 43.62 30.48
CA ARG G 34 51.55 44.12 30.14
C ARG G 34 51.76 45.57 30.51
N ARG G 35 50.70 46.38 30.35
CA ARG G 35 50.78 47.84 30.63
C ARG G 35 50.92 48.03 32.12
N THR G 36 50.25 47.20 32.95
CA THR G 36 50.53 47.33 34.40
C THR G 36 52.00 46.99 34.60
N LEU G 37 52.51 45.97 33.92
CA LEU G 37 53.95 45.65 34.18
C LEU G 37 54.83 46.82 33.77
N GLN G 38 54.52 47.50 32.67
CA GLN G 38 55.30 48.67 32.22
C GLN G 38 55.22 49.82 33.22
N VAL G 39 54.07 50.08 33.79
CA VAL G 39 53.92 51.16 34.79
C VAL G 39 54.72 50.79 36.02
N VAL G 40 54.73 49.51 36.41
CA VAL G 40 55.55 49.07 37.55
C VAL G 40 57.01 49.35 37.22
N VAL G 41 57.42 49.04 36.01
CA VAL G 41 58.84 49.28 35.64
C VAL G 41 59.12 50.76 35.70
N SER G 42 58.25 51.60 35.16
CA SER G 42 58.50 53.05 35.11
C SER G 42 58.61 53.56 36.54
N SER G 43 57.77 53.10 37.44
CA SER G 43 57.79 53.52 38.86
C SER G 43 59.09 53.09 39.56
N LEU G 44 59.54 51.86 39.36
CA LEU G 44 60.84 51.47 39.95
C LEU G 44 62.00 52.29 39.37
N LEU G 45 61.94 52.61 38.08
CA LEU G 45 62.98 53.46 37.45
C LEU G 45 62.96 54.85 38.09
N THR G 46 61.77 55.41 38.32
CA THR G 46 61.68 56.75 38.94
C THR G 46 62.25 56.68 40.35
N GLU G 47 61.97 55.60 41.08
CA GLU G 47 62.45 55.49 42.48
C GLU G 47 63.97 55.47 42.43
N ALA G 48 64.55 54.78 41.46
CA ALA G 48 66.02 54.77 41.30
C ALA G 48 66.57 56.17 41.14
N GLY G 49 65.98 57.01 40.28
CA GLY G 49 66.50 58.35 39.97
C GLY G 49 66.34 58.71 38.52
N PHE G 50 65.88 57.77 37.71
CA PHE G 50 65.76 58.03 36.27
C PHE G 50 64.48 58.79 35.99
N GLU G 51 64.54 59.88 35.24
CA GLU G 51 63.34 60.60 34.79
C GLU G 51 63.49 60.61 33.30
N SER G 52 62.51 60.17 32.53
CA SER G 52 62.65 60.05 31.07
C SER G 52 63.68 59.01 30.68
N ALA G 53 63.24 57.80 30.37
CA ALA G 53 64.07 56.71 29.89
C ALA G 53 63.87 56.50 28.39
N GLU G 54 64.83 55.78 27.79
CA GLU G 54 64.70 55.37 26.39
C GLU G 54 63.56 54.37 26.25
N LYS G 55 62.92 54.36 25.08
CA LYS G 55 61.74 53.53 24.91
C LYS G 55 62.09 52.05 24.83
N ALA G 56 63.15 51.70 24.11
CA ALA G 56 63.54 50.30 24.01
C ALA G 56 64.09 49.75 25.32
N SER G 57 64.54 50.63 26.23
CA SER G 57 65.02 50.20 27.53
C SER G 57 63.89 49.92 28.52
N VAL G 58 62.69 50.42 28.25
CA VAL G 58 61.55 50.12 29.10
C VAL G 58 60.88 48.81 28.68
N GLU G 59 60.67 48.59 27.38
CA GLU G 59 60.17 47.31 26.91
C GLU G 59 61.19 46.18 27.08
N THR G 60 62.47 46.49 27.24
CA THR G 60 63.42 45.45 27.65
C THR G 60 63.19 45.04 29.09
N LEU G 61 63.11 46.01 29.99
CA LEU G 61 63.05 45.71 31.42
C LEU G 61 61.70 45.14 31.84
N THR G 62 60.62 45.51 31.16
CA THR G 62 59.33 44.90 31.47
C THR G 62 59.16 43.54 30.81
N GLU G 63 60.06 43.18 29.90
CA GLU G 63 60.09 41.83 29.38
C GLU G 63 60.89 40.91 30.30
N MET G 64 61.92 41.45 30.97
CA MET G 64 62.61 40.70 32.01
C MET G 64 61.77 40.59 33.27
N LEU G 65 60.80 41.48 33.46
CA LEU G 65 59.93 41.39 34.63
C LEU G 65 58.85 40.34 34.44
N GLN G 66 58.26 40.27 33.24
CA GLN G 66 57.26 39.25 32.95
C GLN G 66 57.90 37.87 32.91
N SER G 67 59.11 37.76 32.36
CA SER G 67 59.83 36.50 32.34
C SER G 67 60.31 36.08 33.72
N TYR G 68 60.37 37.00 34.68
CA TYR G 68 60.77 36.65 36.03
C TYR G 68 59.60 36.14 36.86
N ILE G 69 58.42 36.74 36.70
CA ILE G 69 57.23 36.23 37.38
C ILE G 69 56.83 34.89 36.82
N SER G 70 56.98 34.70 35.51
CA SER G 70 56.66 33.44 34.86
C SER G 70 57.67 32.35 35.18
N GLU G 71 58.84 32.69 35.72
CA GLU G 71 59.84 31.68 36.06
C GLU G 71 59.74 31.22 37.50
N ILE G 72 59.30 32.07 38.42
CA ILE G 72 58.92 31.59 39.74
C ILE G 72 57.57 30.89 39.70
N GLY G 73 56.76 31.14 38.66
CA GLY G 73 55.55 30.38 38.49
C GLY G 73 55.80 28.95 38.09
N ARG G 74 56.72 28.75 37.14
CA ARG G 74 56.98 27.40 36.63
C ARG G 74 57.89 26.60 37.55
N SER G 75 58.77 27.26 38.30
CA SER G 75 59.75 26.53 39.08
C SER G 75 59.28 26.24 40.51
N ALA G 76 58.49 27.13 41.11
CA ALA G 76 57.95 26.81 42.43
C ALA G 76 56.79 25.84 42.34
N LYS G 77 56.09 25.81 41.21
CA LYS G 77 55.14 24.74 40.96
C LYS G 77 55.85 23.41 40.75
N SER G 78 57.03 23.45 40.11
CA SER G 78 57.79 22.22 39.90
C SER G 78 58.40 21.69 41.19
N TYR G 79 58.80 22.59 42.09
CA TYR G 79 59.40 22.13 43.34
C TYR G 79 58.36 21.58 44.31
N CYS G 80 57.13 22.10 44.28
CA CYS G 80 56.11 21.55 45.16
C CYS G 80 55.55 20.25 44.62
N GLU G 81 55.33 20.17 43.30
CA GLU G 81 54.82 18.94 42.69
C GLU G 81 55.84 17.82 42.69
N HIS G 82 57.14 18.15 42.80
CA HIS G 82 58.13 17.11 43.04
C HIS G 82 57.96 16.51 44.42
N THR G 83 57.47 17.28 45.39
CA THR G 83 57.16 16.82 46.73
C THR G 83 55.71 16.42 46.88
N ALA G 84 55.06 16.02 45.78
CA ALA G 84 53.72 15.44 45.71
C ALA G 84 52.61 16.40 46.15
N ARG G 85 52.86 17.70 46.16
CA ARG G 85 51.86 18.68 46.55
C ARG G 85 51.35 19.43 45.33
N THR G 86 50.29 20.21 45.52
CA THR G 86 49.69 20.97 44.43
C THR G 86 49.76 22.48 44.61
N GLN G 87 49.78 22.99 45.83
CA GLN G 87 49.96 24.43 45.95
C GLN G 87 51.22 24.74 46.76
N PRO G 88 52.01 25.72 46.34
CA PRO G 88 53.33 25.93 46.93
C PRO G 88 53.30 26.75 48.21
N THR G 89 54.13 26.30 49.17
CA THR G 89 54.27 26.97 50.45
C THR G 89 55.40 27.99 50.37
N LEU G 90 55.83 28.48 51.54
CA LEU G 90 56.97 29.39 51.58
C LEU G 90 58.28 28.66 51.35
N SER G 91 58.38 27.40 51.79
CA SER G 91 59.61 26.64 51.65
C SER G 91 59.89 26.22 50.21
N ASP G 92 58.90 26.33 49.32
CA ASP G 92 59.09 26.03 47.92
C ASP G 92 59.55 27.23 47.11
N ILE G 93 59.40 28.43 47.64
CA ILE G 93 59.77 29.65 46.92
C ILE G 93 61.14 30.10 47.39
N VAL G 94 61.45 29.88 48.67
CA VAL G 94 62.80 30.18 49.17
C VAL G 94 63.82 29.16 48.71
N VAL G 95 63.39 28.05 48.11
CA VAL G 95 64.31 27.21 47.36
C VAL G 95 64.27 27.55 45.87
N THR G 96 63.15 28.08 45.37
CA THR G 96 63.06 28.55 43.99
C THR G 96 63.90 29.80 43.78
N LEU G 97 63.86 30.73 44.73
CA LEU G 97 64.63 31.96 44.58
C LEU G 97 66.12 31.72 44.81
N VAL G 98 66.47 30.71 45.62
CA VAL G 98 67.86 30.31 45.76
C VAL G 98 68.40 29.77 44.44
N GLU G 99 67.60 28.97 43.74
CA GLU G 99 68.03 28.42 42.45
C GLU G 99 68.03 29.46 41.33
N MET G 100 67.57 30.68 41.58
CA MET G 100 67.74 31.80 40.66
C MET G 100 68.77 32.80 41.16
N GLY G 101 69.39 32.55 42.31
CA GLY G 101 70.41 33.44 42.83
C GLY G 101 69.86 34.78 43.28
N PHE G 102 69.07 34.78 44.35
CA PHE G 102 68.36 35.99 44.76
C PHE G 102 68.86 36.61 46.05
N ASN G 103 69.40 35.82 46.99
CA ASN G 103 69.79 36.24 48.34
C ASN G 103 68.58 36.84 49.08
N VAL G 104 67.64 35.93 49.38
CA VAL G 104 66.31 36.20 49.90
C VAL G 104 66.29 37.08 51.16
N ASP G 105 67.35 37.03 51.97
CA ASP G 105 67.42 37.77 53.23
C ASP G 105 67.37 39.29 53.05
N THR G 106 67.75 39.80 51.89
CA THR G 106 67.70 41.24 51.65
C THR G 106 66.30 41.75 51.33
N LEU G 107 65.31 40.87 51.19
CA LEU G 107 63.94 41.25 50.85
C LEU G 107 63.12 41.89 51.97
N PRO G 108 63.27 41.53 53.27
CA PRO G 108 62.58 42.35 54.30
C PRO G 108 63.03 43.79 54.38
N ALA G 109 64.26 44.11 53.97
CA ALA G 109 64.70 45.49 53.96
C ALA G 109 64.19 46.25 52.74
N TYR G 110 63.98 45.54 51.62
CA TYR G 110 63.47 46.19 50.42
C TYR G 110 61.98 46.50 50.55
N ALA G 111 61.25 45.70 51.29
CA ALA G 111 59.80 45.89 51.39
C ALA G 111 59.43 47.10 52.24
N LYS G 112 60.31 47.53 53.13
CA LYS G 112 60.03 48.63 54.06
C LYS G 112 60.68 49.93 53.61
N ARG G 113 60.69 50.19 52.31
CA ARG G 113 61.20 51.45 51.80
C ARG G 113 60.24 52.59 52.15
N SER G 114 60.77 53.81 52.10
CA SER G 114 59.97 55.01 52.20
C SER G 114 59.70 55.65 50.85
N GLN G 115 60.34 55.16 49.79
CA GLN G 115 60.24 55.73 48.46
C GLN G 115 59.25 54.99 47.58
N ARG G 116 58.65 53.93 48.06
CA ARG G 116 57.90 53.01 47.22
C ARG G 116 56.55 53.57 46.80
N MET G 117 56.10 53.15 45.63
CA MET G 117 54.81 53.51 45.06
C MET G 117 53.90 52.29 45.06
N VAL G 118 52.64 52.51 44.67
CA VAL G 118 51.64 51.44 44.55
C VAL G 118 50.86 51.71 43.27
N ILE G 119 50.99 50.78 42.32
CA ILE G 119 50.27 50.88 41.03
C ILE G 119 49.00 50.07 41.21
N THR G 120 47.86 50.73 41.10
CA THR G 120 46.54 50.07 41.20
C THR G 120 46.31 49.21 39.98
N ALA G 121 45.63 48.08 40.17
CA ALA G 121 45.54 46.97 39.22
C ALA G 121 44.70 47.38 38.02
N PRO G 122 44.84 46.73 36.85
CA PRO G 122 44.13 47.18 35.66
C PRO G 122 42.61 47.15 35.81
N PRO G 123 41.87 48.14 35.29
CA PRO G 123 40.43 48.13 35.52
C PRO G 123 39.77 46.90 34.90
N VAL G 124 38.77 46.30 35.55
CA VAL G 124 38.15 45.02 35.07
C VAL G 124 36.76 45.28 34.47
N THR G 125 36.47 44.68 33.30
CA THR G 125 35.17 44.82 32.61
C THR G 125 34.22 43.80 33.19
N ASN G 126 34.74 42.90 34.00
CA ASN G 126 33.87 41.91 34.69
C ASN G 126 32.90 42.64 35.63
N GLN G 127 33.32 43.73 36.28
CA GLN G 127 32.37 44.37 37.22
C GLN G 127 31.12 44.67 36.40
N PRO G 128 31.21 45.26 35.18
CA PRO G 128 30.05 45.33 34.29
C PRO G 128 29.95 44.00 33.52
N VAL G 129 29.75 42.88 34.22
CA VAL G 129 29.63 41.53 33.58
C VAL G 129 28.34 41.40 32.76
N THR G 130 27.20 41.81 33.30
CA THR G 130 25.94 41.51 32.57
C THR G 130 25.01 42.73 32.49
N PRO G 131 24.83 43.35 31.29
CA PRO G 131 23.86 44.44 31.14
C PRO G 131 22.38 44.04 31.21
N LYS G 132 21.95 42.98 30.51
CA LYS G 132 20.50 42.64 30.48
C LYS G 132 20.24 41.14 30.22
N ALA G 133 19.41 40.51 31.04
CA ALA G 133 19.05 39.08 30.85
C ALA G 133 17.53 38.91 30.93
N LEU G 134 16.91 38.22 29.96
CA LEU G 134 15.41 38.09 29.91
C LEU G 134 14.98 36.78 29.24
N THR G 135 13.68 36.47 29.33
CA THR G 135 13.14 35.19 28.77
C THR G 135 11.98 35.50 27.79
N ALA G 136 11.54 34.51 27.00
CA ALA G 136 10.45 34.71 26.01
C ALA G 136 9.44 33.57 26.03
N GLY G 137 8.23 33.79 25.47
CA GLY G 137 7.18 32.75 25.40
C GLY G 137 6.69 32.55 23.96
N GLN G 138 5.95 31.47 23.67
CA GLN G 138 5.46 31.13 22.29
C GLN G 138 6.44 30.21 21.56
N ASN G 139 7.59 29.91 22.17
CA ASN G 139 8.56 28.97 21.58
C ASN G 139 7.87 27.61 21.49
N ARG G 140 8.06 26.89 20.39
CA ARG G 140 7.41 25.57 20.21
C ARG G 140 8.00 24.59 21.22
N PRO G 141 7.26 23.56 21.66
CA PRO G 141 7.73 22.66 22.70
C PRO G 141 8.98 21.84 22.34
N HIS G 142 9.67 21.28 23.34
CA HIS G 142 10.79 20.40 23.01
C HIS G 142 10.29 19.01 22.62
N PRO G 143 10.83 18.43 21.57
CA PRO G 143 10.61 17.00 21.28
C PRO G 143 11.29 16.15 22.33
N PRO G 144 10.85 14.90 22.55
CA PRO G 144 11.35 14.12 23.69
C PRO G 144 12.81 13.69 23.61
N HIS G 145 13.49 13.90 22.49
CA HIS G 145 14.92 13.65 22.42
C HIS G 145 15.75 14.85 22.84
N ILE G 146 15.11 15.96 23.21
CA ILE G 146 15.79 17.13 23.73
C ILE G 146 15.31 17.35 25.16
N PRO G 147 16.19 17.26 26.17
CA PRO G 147 15.78 17.52 27.54
C PRO G 147 15.47 18.99 27.78
N SER G 148 14.96 19.27 28.99
CA SER G 148 14.47 20.60 29.32
C SER G 148 15.59 21.60 29.56
N HIS G 149 16.81 21.15 29.83
CA HIS G 149 17.90 22.05 30.17
C HIS G 149 18.58 22.67 28.96
N PHE G 150 18.30 22.17 27.76
CA PHE G 150 18.76 22.82 26.55
C PHE G 150 17.95 24.09 26.32
N PRO G 151 18.48 25.06 25.57
CA PRO G 151 17.73 26.29 25.33
C PRO G 151 16.43 26.07 24.58
N GLU G 152 15.47 26.96 24.85
CA GLU G 152 14.14 26.84 24.28
C GLU G 152 14.18 27.11 22.77
N PHE G 153 13.24 26.50 22.06
CA PHE G 153 13.11 26.76 20.65
C PHE G 153 12.68 28.20 20.43
N PRO G 154 13.25 28.90 19.45
CA PRO G 154 12.96 30.32 19.29
C PRO G 154 11.59 30.62 18.74
N ASP G 155 11.41 31.92 18.49
CA ASP G 155 10.13 32.47 18.02
C ASP G 155 9.33 31.51 17.16
N PRO G 156 7.99 31.63 17.21
CA PRO G 156 7.16 30.75 16.45
C PRO G 156 7.31 31.13 14.98
N HIS G 157 8.11 32.16 14.60
CA HIS G 157 8.38 32.52 13.18
C HIS G 157 9.85 32.41 12.74
N THR G 158 10.83 32.30 13.64
CA THR G 158 12.24 32.27 13.15
C THR G 158 12.36 31.23 12.04
N TYR G 159 12.14 29.93 12.30
CA TYR G 159 12.51 28.85 11.34
C TYR G 159 11.40 28.13 10.58
N ILE G 160 10.12 28.39 10.83
CA ILE G 160 9.01 27.59 10.19
C ILE G 160 8.02 28.48 9.41
N LYS G 161 7.55 28.05 8.23
CA LYS G 161 6.59 28.85 7.38
C LYS G 161 5.44 28.02 6.75
N THR G 162 4.19 28.50 6.78
CA THR G 162 3.00 27.82 6.13
C THR G 162 2.24 28.85 5.30
N PRO G 163 1.63 28.53 4.11
CA PRO G 163 1.06 29.57 3.26
C PRO G 163 -0.35 29.97 3.67
N THR G 164 -0.73 31.17 3.27
CA THR G 164 -2.08 31.70 3.49
C THR G 164 -2.71 32.04 2.14
N TYR G 165 -4.03 32.19 2.15
CA TYR G 165 -4.80 32.47 0.96
C TYR G 165 -5.62 33.73 1.17
N ARG G 166 -6.26 34.18 0.10
CA ARG G 166 -7.14 35.33 0.16
C ARG G 166 -8.51 34.89 0.66
N GLU G 167 -9.21 35.82 1.31
CA GLU G 167 -10.53 35.62 1.88
C GLU G 167 -11.55 35.31 0.78
N PRO G 168 -12.14 34.11 0.76
CA PRO G 168 -13.11 33.80 -0.28
C PRO G 168 -14.52 34.23 0.10
N VAL G 169 -15.23 34.86 -0.83
CA VAL G 169 -16.61 35.27 -0.60
C VAL G 169 -17.54 34.21 -1.21
N SER G 170 -17.84 33.18 -0.41
CA SER G 170 -18.89 32.21 -0.74
C SER G 170 -20.15 32.55 0.06
N ASP G 171 -20.85 33.58 -0.38
CA ASP G 171 -22.14 33.93 0.18
C ASP G 171 -23.13 34.09 -0.97
N TYR G 172 -24.26 33.39 -0.87
CA TYR G 172 -25.23 33.39 -1.96
C TYR G 172 -25.90 34.75 -2.12
N GLN G 173 -26.09 35.48 -1.02
CA GLN G 173 -26.72 36.79 -1.08
C GLN G 173 -25.86 37.78 -1.85
N VAL G 174 -24.57 37.88 -1.49
CA VAL G 174 -23.72 38.86 -2.14
C VAL G 174 -23.34 38.40 -3.55
N LEU G 175 -23.37 37.10 -3.84
CA LEU G 175 -23.11 36.65 -5.20
C LEU G 175 -24.30 36.95 -6.11
N ARG G 176 -25.53 36.78 -5.60
CA ARG G 176 -26.71 37.20 -6.35
C ARG G 176 -26.71 38.70 -6.57
N GLU G 177 -26.32 39.48 -5.57
CA GLU G 177 -26.25 40.93 -5.71
C GLU G 177 -25.19 41.36 -6.72
N LYS G 178 -24.02 40.70 -6.71
CA LYS G 178 -22.95 41.05 -7.64
C LYS G 178 -23.34 40.73 -9.07
N ALA G 179 -23.89 39.52 -9.31
CA ALA G 179 -24.28 39.14 -10.66
C ALA G 179 -25.44 40.00 -11.17
N ALA G 180 -26.38 40.33 -10.29
CA ALA G 180 -27.51 41.18 -10.67
C ALA G 180 -27.05 42.57 -11.04
N SER G 181 -26.22 43.19 -10.20
CA SER G 181 -25.80 44.56 -10.46
C SER G 181 -24.86 44.64 -11.66
N GLN G 182 -24.04 43.63 -11.89
CA GLN G 182 -23.19 43.65 -13.06
C GLN G 182 -23.98 43.47 -14.34
N ARG G 183 -25.02 42.62 -14.32
CA ARG G 183 -25.87 42.46 -15.49
C ARG G 183 -26.67 43.73 -15.78
N ARG G 184 -27.21 44.37 -14.73
CA ARG G 184 -27.94 45.61 -14.92
C ARG G 184 -27.05 46.73 -15.44
N ASP G 185 -25.81 46.81 -14.94
CA ASP G 185 -24.91 47.87 -15.37
C ASP G 185 -24.43 47.65 -16.80
N VAL G 186 -24.17 46.41 -17.19
CA VAL G 186 -23.70 46.20 -18.56
C VAL G 186 -24.85 46.38 -19.55
N GLU G 187 -26.09 46.04 -19.17
CA GLU G 187 -27.18 46.27 -20.11
C GLU G 187 -27.56 47.74 -20.17
N ARG G 188 -27.38 48.49 -19.08
CA ARG G 188 -27.60 49.93 -19.15
C ARG G 188 -26.55 50.62 -20.00
N ALA G 189 -25.28 50.22 -19.83
CA ALA G 189 -24.20 50.79 -20.65
C ALA G 189 -24.38 50.46 -22.13
N LEU G 190 -24.81 49.23 -22.44
CA LEU G 190 -25.04 48.85 -23.82
C LEU G 190 -26.19 49.63 -24.44
N THR G 191 -27.30 49.79 -23.72
CA THR G 191 -28.43 50.49 -24.31
C THR G 191 -28.19 51.99 -24.42
N ARG G 192 -27.44 52.59 -23.50
CA ARG G 192 -27.11 54.01 -23.65
C ARG G 192 -26.13 54.22 -24.79
N PHE G 193 -25.17 53.30 -24.99
CA PHE G 193 -24.25 53.42 -26.11
C PHE G 193 -24.98 53.26 -27.44
N MET G 194 -25.93 52.34 -27.51
CA MET G 194 -26.64 52.13 -28.78
C MET G 194 -27.66 53.22 -29.05
N ALA G 195 -28.22 53.84 -28.00
CA ALA G 195 -29.12 54.95 -28.25
C ALA G 195 -28.38 56.23 -28.57
N LYS G 196 -27.14 56.38 -28.11
CA LYS G 196 -26.40 57.60 -28.40
C LYS G 196 -25.81 57.60 -29.80
N THR G 197 -25.44 56.44 -30.33
CA THR G 197 -24.81 56.33 -31.65
C THR G 197 -25.79 55.91 -32.74
N GLY G 198 -27.03 56.33 -32.64
CA GLY G 198 -28.00 56.02 -33.66
C GLY G 198 -29.14 57.00 -33.61
N GLU G 199 -30.20 56.67 -34.35
CA GLU G 199 -31.41 57.46 -34.26
C GLU G 199 -32.09 57.20 -32.93
N THR G 200 -32.56 58.28 -32.31
CA THR G 200 -33.10 58.20 -30.97
C THR G 200 -34.47 58.85 -30.89
N GLN G 201 -35.28 58.35 -29.97
CA GLN G 201 -36.55 58.93 -29.60
C GLN G 201 -36.49 59.37 -28.16
N SER G 202 -37.57 59.96 -27.68
CA SER G 202 -37.58 60.50 -26.32
C SER G 202 -39.02 60.64 -25.85
N LEU G 203 -39.26 60.25 -24.60
CA LEU G 203 -40.59 60.44 -24.03
C LEU G 203 -40.83 61.91 -23.70
N PHE G 204 -39.78 62.65 -23.39
CA PHE G 204 -39.87 64.06 -23.05
C PHE G 204 -39.27 64.89 -24.18
N LYS G 205 -39.62 66.18 -24.20
CA LYS G 205 -39.10 67.08 -25.22
C LYS G 205 -37.60 67.31 -25.07
N ASP G 206 -36.86 66.88 -26.10
CA ASP G 206 -35.40 67.04 -26.22
C ASP G 206 -34.68 66.37 -25.03
N ASP G 207 -34.87 65.06 -24.93
CA ASP G 207 -34.41 64.28 -23.79
C ASP G 207 -33.52 63.14 -24.32
N VAL G 208 -32.24 63.42 -24.46
CA VAL G 208 -31.29 62.44 -24.95
C VAL G 208 -30.36 61.95 -23.83
N SER G 209 -29.99 62.82 -22.90
CA SER G 209 -29.11 62.42 -21.80
C SER G 209 -29.80 61.46 -20.86
N THR G 210 -31.02 61.78 -20.42
CA THR G 210 -31.78 60.94 -19.52
C THR G 210 -32.86 60.21 -20.29
N PHE G 211 -32.97 58.90 -20.08
CA PHE G 211 -33.85 57.97 -20.77
C PHE G 211 -33.78 58.08 -22.28
N PRO G 212 -32.68 57.69 -22.94
CA PRO G 212 -32.70 57.68 -24.40
C PRO G 212 -33.29 56.39 -24.94
N LEU G 213 -34.17 56.49 -25.93
CA LEU G 213 -34.77 55.31 -26.53
C LEU G 213 -34.14 55.09 -27.90
N ILE G 214 -33.75 53.84 -28.17
CA ILE G 214 -33.38 53.47 -29.53
C ILE G 214 -34.61 53.59 -30.41
N ALA G 215 -34.46 54.25 -31.55
CA ALA G 215 -35.60 54.51 -32.41
C ALA G 215 -36.08 53.23 -33.08
N ALA G 216 -37.37 53.18 -33.33
CA ALA G 216 -38.01 52.00 -33.88
C ALA G 216 -37.73 51.91 -35.36
N ARG G 217 -37.03 50.84 -35.78
CA ARG G 217 -36.89 50.75 -37.22
C ARG G 217 -37.78 49.64 -37.77
N PRO G 218 -38.40 49.86 -38.92
CA PRO G 218 -39.22 48.81 -39.53
C PRO G 218 -38.36 47.75 -40.18
N PHE G 219 -38.80 46.50 -40.06
CA PHE G 219 -38.16 45.39 -40.75
C PHE G 219 -38.88 45.12 -42.05
N THR G 220 -38.15 44.56 -43.01
CA THR G 220 -38.79 44.15 -44.25
C THR G 220 -39.58 42.87 -44.08
N ILE G 221 -39.11 41.98 -43.22
CA ILE G 221 -39.79 40.74 -42.86
C ILE G 221 -39.79 40.66 -41.34
N PRO G 222 -40.91 41.01 -40.67
CA PRO G 222 -40.86 41.12 -39.20
C PRO G 222 -41.05 39.80 -38.46
N TYR G 223 -41.63 38.76 -39.10
CA TYR G 223 -41.82 37.51 -38.39
C TYR G 223 -40.50 36.79 -38.13
N LEU G 224 -39.48 37.06 -38.95
CA LEU G 224 -38.19 36.40 -38.79
C LEU G 224 -37.49 36.89 -37.54
N THR G 225 -37.56 38.18 -37.25
CA THR G 225 -36.99 38.68 -36.01
C THR G 225 -37.92 38.52 -34.83
N ALA G 226 -39.23 38.32 -35.05
CA ALA G 226 -40.10 38.07 -33.91
C ALA G 226 -40.04 36.60 -33.48
N LEU G 227 -40.50 35.70 -34.33
CA LEU G 227 -40.78 34.32 -33.93
C LEU G 227 -39.55 33.47 -33.74
N LEU G 228 -38.43 33.81 -34.35
CA LEU G 228 -37.31 32.88 -34.34
C LEU G 228 -36.55 32.96 -33.02
N PRO G 229 -36.14 31.83 -32.46
CA PRO G 229 -35.31 31.85 -31.25
C PRO G 229 -33.88 32.22 -31.58
N SER G 230 -33.23 32.93 -30.66
CA SER G 230 -31.86 33.34 -30.93
C SER G 230 -30.83 32.53 -30.17
N GLU G 231 -31.18 31.98 -29.00
CA GLU G 231 -30.30 31.09 -28.26
C GLU G 231 -30.87 29.68 -28.28
N LEU G 232 -30.20 28.78 -29.00
CA LEU G 232 -30.66 27.40 -29.14
C LEU G 232 -29.48 26.49 -29.46
N PRO H 13 60.53 48.81 5.85
CA PRO H 13 61.97 48.74 6.09
C PRO H 13 62.67 47.73 5.18
N LYS H 14 64.00 47.67 5.24
CA LYS H 14 64.75 46.78 4.37
C LYS H 14 64.67 45.33 4.85
N ASP H 15 65.14 45.08 6.07
CA ASP H 15 65.18 43.72 6.59
C ASP H 15 63.81 43.23 7.05
N ALA H 16 62.87 44.14 7.27
CA ALA H 16 61.51 43.74 7.65
C ALA H 16 60.63 43.39 6.46
N GLN H 17 60.98 43.87 5.26
CA GLN H 17 60.26 43.45 4.06
C GLN H 17 60.71 42.10 3.55
N MET H 18 61.94 41.70 3.87
CA MET H 18 62.38 40.34 3.55
C MET H 18 61.78 39.33 4.51
N MET H 19 61.45 39.77 5.72
CA MET H 19 60.85 38.86 6.70
C MET H 19 59.41 38.52 6.34
N ALA H 20 58.71 39.45 5.67
CA ALA H 20 57.37 39.16 5.18
C ALA H 20 57.38 38.29 3.94
N GLN H 21 58.53 38.11 3.29
CA GLN H 21 58.67 37.20 2.17
C GLN H 21 59.13 35.82 2.60
N ILE H 22 59.80 35.70 3.74
CA ILE H 22 60.12 34.38 4.28
C ILE H 22 58.85 33.71 4.80
N LEU H 23 57.93 34.49 5.37
CA LEU H 23 56.67 33.94 5.84
C LEU H 23 55.75 33.61 4.68
N LYS H 24 55.72 34.45 3.64
CA LYS H 24 54.86 34.19 2.50
C LYS H 24 55.37 33.05 1.64
N ASP H 25 56.68 32.77 1.67
CA ASP H 25 57.19 31.58 1.01
C ASP H 25 56.88 30.32 1.79
N MET H 26 56.60 30.43 3.08
CA MET H 26 56.13 29.32 3.90
C MET H 26 54.61 29.26 3.97
N GLY H 27 53.91 30.04 3.13
CA GLY H 27 52.46 29.98 3.07
C GLY H 27 51.73 30.64 4.20
N ILE H 28 52.43 31.36 5.08
CA ILE H 28 51.80 32.04 6.20
C ILE H 28 51.15 33.32 5.67
N THR H 29 49.85 33.26 5.39
CA THR H 29 49.15 34.43 4.88
C THR H 29 48.83 35.41 5.99
N GLU H 30 48.29 34.93 7.10
CA GLU H 30 47.82 35.77 8.20
C GLU H 30 48.80 35.68 9.36
N TYR H 31 49.26 36.84 9.84
CA TYR H 31 50.13 36.89 11.01
C TYR H 31 49.96 38.24 11.69
N GLU H 32 50.31 38.27 12.98
CA GLU H 32 50.28 39.50 13.73
C GLU H 32 51.40 40.43 13.29
N PRO H 33 51.24 41.75 13.46
CA PRO H 33 52.35 42.67 13.11
C PRO H 33 53.55 42.56 14.02
N ARG H 34 53.41 42.02 15.24
CA ARG H 34 54.53 41.81 16.14
C ARG H 34 55.31 40.54 15.83
N VAL H 35 54.89 39.78 14.82
CA VAL H 35 55.57 38.54 14.45
C VAL H 35 56.86 38.85 13.70
N ILE H 36 56.82 39.82 12.79
CA ILE H 36 58.00 40.22 12.02
C ILE H 36 59.03 40.87 12.94
N ASN H 37 58.56 41.66 13.93
CA ASN H 37 59.45 42.42 14.79
C ASN H 37 60.28 41.53 15.70
N GLN H 38 59.77 40.37 16.07
CA GLN H 38 60.51 39.51 16.99
C GLN H 38 61.19 38.34 16.30
N MET H 39 60.90 38.07 15.03
CA MET H 39 61.78 37.20 14.26
C MET H 39 63.03 37.94 13.83
N LEU H 40 62.93 39.25 13.59
CA LEU H 40 64.12 40.07 13.40
C LEU H 40 64.90 40.20 14.70
N GLU H 41 64.22 40.21 15.84
CA GLU H 41 64.90 40.27 17.12
C GLU H 41 65.61 38.96 17.44
N PHE H 42 65.09 37.84 16.94
CA PHE H 42 65.77 36.57 17.09
C PHE H 42 66.92 36.44 16.09
N ALA H 43 66.70 36.90 14.86
CA ALA H 43 67.75 36.84 13.84
C ALA H 43 68.93 37.74 14.21
N PHE H 44 68.67 38.88 14.85
CA PHE H 44 69.75 39.71 15.35
C PHE H 44 70.45 39.05 16.53
N ARG H 45 69.68 38.40 17.41
CA ARG H 45 70.26 37.72 18.55
C ARG H 45 71.10 36.52 18.11
N TYR H 46 70.72 35.87 17.01
CA TYR H 46 71.46 34.71 16.55
C TYR H 46 72.75 35.09 15.82
N VAL H 47 72.79 36.22 15.12
CA VAL H 47 74.01 36.56 14.41
C VAL H 47 75.02 37.26 15.31
N THR H 48 74.58 37.93 16.38
CA THR H 48 75.49 38.51 17.35
C THR H 48 75.91 37.53 18.44
N THR H 49 75.54 36.26 18.31
CA THR H 49 76.13 35.20 19.12
C THR H 49 76.93 34.21 18.30
N ILE H 50 76.75 34.20 16.98
CA ILE H 50 77.69 33.48 16.11
C ILE H 50 78.97 34.29 15.96
N LEU H 51 78.83 35.58 15.64
CA LEU H 51 79.99 36.43 15.40
C LEU H 51 80.72 36.78 16.69
N ASP H 52 80.02 36.78 17.82
CA ASP H 52 80.69 36.96 19.10
C ASP H 52 81.56 35.75 19.41
N ASP H 53 81.05 34.55 19.15
CA ASP H 53 81.85 33.35 19.31
C ASP H 53 82.86 33.17 18.18
N ALA H 54 82.66 33.82 17.03
CA ALA H 54 83.59 33.67 15.92
C ALA H 54 84.91 34.38 16.21
N LYS H 55 84.85 35.55 16.85
CA LYS H 55 86.08 36.24 17.21
C LYS H 55 86.73 35.67 18.46
N ILE H 56 85.98 34.93 19.27
CA ILE H 56 86.60 34.15 20.34
C ILE H 56 87.40 32.99 19.75
N TYR H 57 86.86 32.38 18.70
CA TYR H 57 87.58 31.29 18.03
C TYR H 57 88.71 31.81 17.16
N SER H 58 88.61 33.06 16.68
CA SER H 58 89.69 33.65 15.91
C SER H 58 90.87 34.01 16.81
N SER H 59 90.59 34.51 18.01
CA SER H 59 91.65 34.79 18.98
C SER H 59 92.27 33.51 19.54
N HIS H 60 91.53 32.39 19.50
CA HIS H 60 92.12 31.10 19.84
C HIS H 60 93.13 30.66 18.79
N ALA H 61 92.80 30.85 17.51
CA ALA H 61 93.69 30.51 16.41
C ALA H 61 94.71 31.60 16.12
N LYS H 62 94.59 32.76 16.78
CA LYS H 62 95.50 33.90 16.68
C LYS H 62 95.61 34.42 15.25
N LYS H 63 94.48 34.92 14.76
CA LYS H 63 94.43 35.62 13.49
C LYS H 63 93.60 36.88 13.65
N ALA H 64 94.07 37.98 13.07
CA ALA H 64 93.44 39.28 13.24
C ALA H 64 92.17 39.44 12.42
N THR H 65 91.97 38.61 11.40
CA THR H 65 90.79 38.69 10.54
C THR H 65 89.92 37.47 10.81
N VAL H 66 88.65 37.72 11.13
CA VAL H 66 87.68 36.64 11.30
C VAL H 66 87.25 36.18 9.91
N ASP H 67 87.77 35.04 9.48
CA ASP H 67 87.50 34.54 8.14
C ASP H 67 86.41 33.47 8.20
N ALA H 68 86.18 32.79 7.08
CA ALA H 68 85.00 31.95 6.92
C ALA H 68 85.07 30.65 7.71
N ASP H 69 86.26 30.18 8.06
CA ASP H 69 86.33 28.96 8.87
C ASP H 69 85.97 29.24 10.32
N ASP H 70 86.14 30.49 10.78
CA ASP H 70 85.71 30.86 12.11
C ASP H 70 84.20 30.87 12.23
N VAL H 71 83.51 31.33 11.18
CA VAL H 71 82.06 31.31 11.19
C VAL H 71 81.54 29.89 10.93
N ARG H 72 82.30 29.08 10.19
CA ARG H 72 81.95 27.67 10.05
C ARG H 72 82.10 26.93 11.37
N LEU H 73 83.06 27.33 12.20
CA LEU H 73 83.21 26.71 13.51
C LEU H 73 82.16 27.20 14.49
N ALA H 74 81.87 28.50 14.46
CA ALA H 74 80.93 29.07 15.42
C ALA H 74 79.48 28.70 15.11
N ILE H 75 79.17 28.35 13.86
CA ILE H 75 77.82 27.89 13.54
C ILE H 75 77.61 26.47 14.06
N GLN H 76 78.55 25.57 13.75
CA GLN H 76 78.37 24.16 14.09
C GLN H 76 78.66 23.86 15.56
N CYS H 77 79.25 24.79 16.31
CA CYS H 77 79.36 24.64 17.75
C CYS H 77 78.23 25.34 18.50
N ARG H 78 77.46 26.18 17.82
CA ARG H 78 76.24 26.71 18.41
C ARG H 78 75.02 25.86 18.04
N ALA H 79 75.02 25.24 16.86
CA ALA H 79 73.97 24.32 16.48
C ALA H 79 74.09 22.96 17.16
N ASP H 80 75.23 22.68 17.79
CA ASP H 80 75.39 21.46 18.57
C ASP H 80 74.79 21.58 19.96
N GLN H 81 74.54 22.80 20.42
CA GLN H 81 73.95 23.04 21.73
C GLN H 81 72.55 23.64 21.67
N SER H 82 72.31 24.59 20.76
CA SER H 82 71.05 25.34 20.81
C SER H 82 69.90 24.55 20.17
N PHE H 83 70.00 24.31 18.87
CA PHE H 83 68.86 23.77 18.11
C PHE H 83 68.89 22.25 18.19
N THR H 84 68.10 21.68 19.10
CA THR H 84 67.97 20.25 19.21
C THR H 84 66.79 19.77 18.38
N SER H 85 66.49 18.48 18.48
CA SER H 85 65.49 17.83 17.66
C SER H 85 64.84 16.74 18.49
N PRO H 86 63.69 16.22 18.07
CA PRO H 86 63.13 15.01 18.69
C PRO H 86 64.04 13.80 18.51
N PRO H 87 63.84 12.74 19.31
CA PRO H 87 64.70 11.57 19.18
C PRO H 87 64.51 10.87 17.84
N PRO H 88 65.53 10.19 17.34
CA PRO H 88 65.45 9.63 15.98
C PRO H 88 64.67 8.32 15.94
N ARG H 89 64.41 7.86 14.72
CA ARG H 89 63.51 6.72 14.52
C ARG H 89 64.14 5.41 14.95
N ASP H 90 65.47 5.28 14.83
CA ASP H 90 66.11 4.06 15.31
C ASP H 90 66.22 4.02 16.82
N PHE H 91 66.10 5.17 17.48
CA PHE H 91 66.06 5.23 18.93
C PHE H 91 64.65 5.02 19.47
N LEU H 92 63.64 5.52 18.74
CA LEU H 92 62.26 5.34 19.17
C LEU H 92 61.78 3.92 18.98
N LEU H 93 62.26 3.24 17.93
CA LEU H 93 61.85 1.87 17.69
C LEU H 93 62.57 0.87 18.57
N ASP H 94 63.69 1.26 19.19
CA ASP H 94 64.38 0.37 20.10
C ASP H 94 63.76 0.44 21.50
N ILE H 95 63.39 1.64 21.95
CA ILE H 95 62.72 1.75 23.24
C ILE H 95 61.26 1.31 23.16
N ALA H 96 60.68 1.24 21.96
CA ALA H 96 59.34 0.72 21.82
C ALA H 96 59.32 -0.79 22.01
N ARG H 97 60.17 -1.51 21.26
CA ARG H 97 60.21 -2.96 21.35
C ARG H 97 60.77 -3.45 22.68
N GLN H 98 61.51 -2.61 23.40
CA GLN H 98 61.92 -2.97 24.75
C GLN H 98 60.76 -2.80 25.74
N ARG H 99 59.81 -1.92 25.43
CA ARG H 99 58.67 -1.65 26.28
C ARG H 99 57.45 -2.47 25.89
N ASN H 100 57.23 -2.68 24.59
CA ASN H 100 56.06 -3.41 24.11
C ASN H 100 56.19 -4.92 24.27
N GLN H 101 57.34 -5.42 24.71
CA GLN H 101 57.47 -6.85 24.97
C GLN H 101 56.86 -7.24 26.31
N THR H 102 56.84 -6.33 27.26
CA THR H 102 56.31 -6.62 28.58
C THR H 102 54.79 -6.76 28.52
N PRO H 103 54.22 -7.87 28.99
CA PRO H 103 52.78 -8.06 28.88
C PRO H 103 52.01 -7.14 29.82
N LEU H 104 50.74 -6.93 29.48
CA LEU H 104 49.89 -6.04 30.25
C LEU H 104 49.55 -6.67 31.59
N PRO H 105 49.62 -5.91 32.68
CA PRO H 105 49.29 -6.47 33.99
C PRO H 105 47.79 -6.60 34.20
N LEU H 106 47.41 -7.54 35.04
CA LEU H 106 46.02 -7.70 35.42
C LEU H 106 45.63 -6.62 36.43
N ILE H 107 44.32 -6.47 36.62
CA ILE H 107 43.77 -5.40 37.44
C ILE H 107 43.14 -6.02 38.67
N LYS H 108 43.45 -5.46 39.83
CA LYS H 108 42.75 -5.84 41.05
C LYS H 108 41.32 -5.33 41.00
N PRO H 109 40.34 -6.13 41.42
CA PRO H 109 38.94 -5.82 41.10
C PRO H 109 38.33 -4.67 41.91
N TYR H 110 38.73 -4.50 43.17
CA TYR H 110 38.15 -3.47 44.01
C TYR H 110 39.24 -2.73 44.77
N SER H 111 40.27 -2.30 44.05
CA SER H 111 41.37 -1.59 44.68
C SER H 111 40.99 -0.16 45.07
N GLY H 112 40.00 0.42 44.40
CA GLY H 112 39.56 1.75 44.71
C GLY H 112 39.82 2.72 43.57
N PRO H 113 40.18 3.96 43.90
CA PRO H 113 40.68 4.88 42.88
C PRO H 113 42.05 4.45 42.39
N ARG H 114 42.13 4.02 41.13
CA ARG H 114 43.37 3.46 40.58
C ARG H 114 44.36 4.57 40.32
N LEU H 115 45.43 4.61 41.11
CA LEU H 115 46.43 5.66 41.06
C LEU H 115 47.81 5.04 41.16
N PRO H 116 48.85 5.77 40.76
CA PRO H 116 50.23 5.32 41.01
C PRO H 116 50.56 5.31 42.49
N PRO H 117 51.76 4.83 42.87
CA PRO H 117 52.22 5.03 44.26
C PRO H 117 52.27 6.51 44.63
N ASP H 118 52.10 6.76 45.93
CA ASP H 118 51.81 8.11 46.43
C ASP H 118 52.97 9.08 46.27
N ARG H 119 54.19 8.59 46.04
CA ARG H 119 55.30 9.46 45.72
C ARG H 119 55.35 9.83 44.24
N TYR H 120 54.44 9.31 43.43
CA TYR H 120 54.33 9.67 42.03
C TYR H 120 53.06 10.46 41.73
N CYS H 121 52.18 10.62 42.71
CA CYS H 121 50.96 11.39 42.56
C CYS H 121 51.13 12.78 43.17
N LEU H 122 50.09 13.59 43.07
CA LEU H 122 50.06 14.93 43.62
C LEU H 122 49.03 15.04 44.75
N THR H 123 48.98 14.02 45.60
CA THR H 123 48.00 13.94 46.68
C THR H 123 48.73 13.87 48.01
N ALA H 124 49.02 15.04 48.59
CA ALA H 124 49.69 15.18 49.87
C ALA H 124 48.84 16.10 50.73
N PRO H 125 49.07 16.14 52.06
CA PRO H 125 48.24 17.01 52.92
C PRO H 125 48.30 18.51 52.63
N ASN H 126 49.32 18.99 51.92
CA ASN H 126 49.31 20.27 51.18
C ASN H 126 49.09 21.46 52.12
N TYR H 127 50.09 21.71 52.97
CA TYR H 127 49.98 22.62 54.10
C TYR H 127 50.03 24.09 53.65
N ARG H 128 49.79 24.98 54.62
CA ARG H 128 49.84 26.42 54.41
C ARG H 128 50.14 27.09 55.75
N LEU H 129 50.61 28.34 55.70
CA LEU H 129 50.98 29.05 56.92
C LEU H 129 49.78 29.56 57.68
N LYS H 130 49.88 29.53 59.01
CA LYS H 130 48.86 30.09 59.87
C LYS H 130 48.90 31.62 59.81
N SER H 131 47.75 32.22 59.55
CA SER H 131 47.66 33.68 59.52
C SER H 131 47.66 34.21 60.94
N LEU H 132 48.67 35.02 61.28
CA LEU H 132 48.73 35.65 62.59
C LEU H 132 49.48 36.97 62.51
N THR I 114 63.26 32.24 62.14
CA THR I 114 62.43 32.19 60.90
C THR I 114 62.22 33.60 60.35
N PRO I 115 63.26 34.33 59.90
CA PRO I 115 63.06 35.72 59.51
C PRO I 115 62.07 35.86 58.33
N LEU I 116 62.23 35.03 57.29
CA LEU I 116 61.33 35.09 56.12
C LEU I 116 59.94 34.60 56.49
N VAL I 117 59.80 33.61 57.37
CA VAL I 117 58.42 33.23 57.77
C VAL I 117 57.78 34.41 58.47
N ASP I 118 58.52 35.11 59.31
CA ASP I 118 57.97 36.33 59.97
C ASP I 118 57.59 37.36 58.89
N PHE I 119 58.43 37.57 57.89
CA PHE I 119 58.15 38.58 56.85
C PHE I 119 56.90 38.18 56.11
N LEU I 120 56.74 36.91 55.78
CA LEU I 120 55.56 36.54 54.96
C LEU I 120 54.32 36.72 55.82
N MET I 121 54.43 36.43 57.11
CA MET I 121 53.28 36.66 58.01
C MET I 121 52.96 38.15 58.08
N GLN I 122 53.95 39.04 58.06
CA GLN I 122 53.69 40.50 57.98
C GLN I 122 53.12 40.92 56.61
N LEU I 123 53.41 40.18 55.54
CA LEU I 123 52.97 40.55 54.16
C LEU I 123 51.47 40.68 54.01
N GLU I 124 50.63 40.16 54.92
CA GLU I 124 49.19 40.50 54.95
C GLU I 124 49.13 41.95 55.45
N ASP I 125 48.31 42.81 54.83
CA ASP I 125 48.26 44.26 55.19
C ASP I 125 49.36 45.03 54.47
N TYR I 126 50.13 44.37 53.59
CA TYR I 126 51.15 45.07 52.79
C TYR I 126 50.70 45.10 51.33
N THR I 127 50.71 46.28 50.70
CA THR I 127 50.36 46.34 49.27
C THR I 127 51.65 46.53 48.48
N PRO I 128 52.00 45.60 47.57
CA PRO I 128 53.20 45.74 46.76
C PRO I 128 53.01 46.63 45.54
N THR I 129 54.10 47.08 44.92
CA THR I 129 54.09 47.96 43.76
C THR I 129 53.37 47.31 42.58
N ILE I 130 53.54 46.01 42.39
CA ILE I 130 52.81 45.27 41.36
C ILE I 130 51.52 44.80 42.00
N PRO I 131 50.37 44.93 41.33
CA PRO I 131 49.12 44.40 41.90
C PRO I 131 49.11 42.88 41.92
N ASP I 132 48.28 42.33 42.80
CA ASP I 132 48.12 40.88 42.86
C ASP I 132 47.20 40.36 41.77
N ALA I 133 46.43 41.23 41.11
CA ALA I 133 45.67 40.81 39.94
C ALA I 133 46.55 40.68 38.71
N VAL I 134 47.74 41.27 38.73
CA VAL I 134 48.68 41.19 37.62
C VAL I 134 49.79 40.21 37.90
N THR I 135 50.30 40.18 39.15
CA THR I 135 51.24 39.14 39.54
C THR I 135 50.58 37.78 39.54
N GLY I 136 49.34 37.71 40.02
CA GLY I 136 48.59 36.46 39.99
C GLY I 136 48.18 36.01 38.61
N TYR I 137 48.14 36.92 37.64
CA TYR I 137 47.82 36.54 36.26
C TYR I 137 48.98 35.79 35.63
N TYR I 138 50.20 36.29 35.80
CA TYR I 138 51.36 35.63 35.25
C TYR I 138 51.79 34.41 36.06
N LEU I 139 51.26 34.25 37.28
CA LEU I 139 51.47 33.02 38.02
C LEU I 139 50.49 31.95 37.58
N ASN I 140 49.23 32.34 37.31
CA ASN I 140 48.23 31.40 36.80
C ASN I 140 48.59 30.92 35.40
N ARG I 141 49.33 31.72 34.65
CA ARG I 141 49.78 31.34 33.32
C ARG I 141 50.79 30.20 33.38
N ALA I 142 51.49 30.05 34.50
CA ALA I 142 52.50 29.01 34.67
C ALA I 142 52.07 27.89 35.61
N GLY I 143 50.79 27.84 35.98
CA GLY I 143 50.28 26.80 36.85
C GLY I 143 50.23 27.14 38.31
N PHE I 144 50.91 28.19 38.74
CA PHE I 144 50.87 28.65 40.13
C PHE I 144 49.50 29.26 40.41
N GLU I 145 48.73 28.66 41.29
CA GLU I 145 47.40 29.17 41.59
C GLU I 145 47.40 29.88 42.94
N ALA I 146 46.52 30.88 43.06
CA ALA I 146 46.50 31.78 44.21
C ALA I 146 45.83 31.10 45.40
N SER I 147 46.62 30.30 46.12
CA SER I 147 46.13 29.71 47.36
C SER I 147 46.18 30.73 48.49
N ASP I 148 47.32 31.44 48.56
CA ASP I 148 47.56 32.48 49.60
C ASP I 148 48.07 33.81 49.00
N PRO I 149 47.43 34.96 49.30
CA PRO I 149 47.81 36.29 48.84
C PRO I 149 49.21 36.72 49.26
N ARG I 150 49.63 36.34 50.46
CA ARG I 150 50.94 36.73 50.99
C ARG I 150 52.03 36.12 50.12
N ILE I 151 51.86 34.88 49.66
CA ILE I 151 52.83 34.24 48.73
C ILE I 151 52.84 35.00 47.42
N ILE I 152 51.65 35.35 46.93
CA ILE I 152 51.73 36.16 45.68
C ILE I 152 52.54 37.43 45.94
N ARG I 153 52.33 38.10 47.07
CA ARG I 153 53.01 39.38 47.39
C ARG I 153 54.52 39.20 47.53
N LEU I 154 54.98 38.12 48.15
CA LEU I 154 56.45 37.87 48.21
C LEU I 154 57.01 37.67 46.80
N ILE I 155 56.32 36.93 45.94
CA ILE I 155 56.81 36.78 44.55
C ILE I 155 56.87 38.15 43.86
N SER I 156 55.86 38.97 44.05
CA SER I 156 55.86 40.32 43.44
C SER I 156 57.04 41.13 43.94
N LEU I 157 57.30 41.13 45.24
CA LEU I 157 58.43 41.88 45.82
C LEU I 157 59.77 41.35 45.30
N ALA I 158 59.93 40.05 45.13
CA ALA I 158 61.18 39.50 44.57
C ALA I 158 61.38 39.98 43.12
N ALA I 159 60.33 39.97 42.33
CA ALA I 159 60.50 40.50 40.97
C ALA I 159 60.87 41.98 41.02
N GLN I 160 60.24 42.72 41.92
CA GLN I 160 60.51 44.16 42.02
C GLN I 160 61.97 44.33 42.37
N LYS I 161 62.51 43.56 43.31
CA LYS I 161 63.90 43.75 43.75
C LYS I 161 64.77 43.46 42.55
N PHE I 162 64.48 42.42 41.78
CA PHE I 162 65.39 42.20 40.63
C PHE I 162 65.40 43.42 39.72
N ILE I 163 64.22 43.89 39.33
CA ILE I 163 64.25 45.02 38.36
C ILE I 163 64.93 46.23 38.99
N SER I 164 64.68 46.50 40.26
CA SER I 164 65.22 47.68 40.96
C SER I 164 66.73 47.61 41.07
N ASP I 165 67.29 46.45 41.36
CA ASP I 165 68.76 46.29 41.42
C ASP I 165 69.35 46.53 40.03
N ILE I 166 68.73 45.97 39.00
CA ILE I 166 69.30 46.29 37.66
C ILE I 166 69.25 47.79 37.43
N ALA I 167 68.14 48.44 37.77
CA ALA I 167 67.99 49.88 37.52
C ALA I 167 69.02 50.69 38.28
N ASN I 168 69.27 50.36 39.53
CA ASN I 168 70.24 51.11 40.36
C ASN I 168 71.64 50.94 39.80
N ASP I 169 72.02 49.74 39.35
CA ASP I 169 73.35 49.57 38.73
C ASP I 169 73.43 50.42 37.45
N ALA I 170 72.35 50.44 36.68
CA ALA I 170 72.33 51.25 35.45
C ALA I 170 72.49 52.72 35.80
N LEU I 171 71.87 53.19 36.87
CA LEU I 171 72.00 54.60 37.31
C LEU I 171 73.42 54.89 37.76
N GLN I 172 74.08 53.97 38.45
CA GLN I 172 75.49 54.25 38.77
C GLN I 172 76.26 54.40 37.46
N HIS I 173 76.03 53.53 36.48
CA HIS I 173 76.73 53.74 35.19
C HIS I 173 76.40 55.09 34.54
N CYS I 174 75.13 55.51 34.54
CA CYS I 174 74.73 56.81 33.93
C CYS I 174 75.40 57.96 34.67
N LYS I 175 75.45 57.92 36.00
CA LYS I 175 76.09 58.99 36.82
C LYS I 175 77.59 59.04 36.50
N MET I 176 78.21 57.86 36.33
CA MET I 176 79.64 57.82 35.97
C MET I 176 79.87 58.42 34.59
N LYS I 177 79.03 58.09 33.61
CA LYS I 177 79.34 58.63 32.26
C LYS I 177 79.00 60.11 32.24
N LYS I 192 72.71 61.46 36.13
CA LYS I 192 71.53 60.59 36.34
C LYS I 192 70.59 60.72 35.13
N TYR I 193 69.33 61.07 35.36
CA TYR I 193 68.38 61.33 34.25
C TYR I 193 68.08 60.16 33.32
N THR I 194 68.23 60.28 32.00
CA THR I 194 67.77 59.28 30.99
C THR I 194 68.41 57.90 31.04
N LEU I 195 67.61 56.85 30.93
CA LEU I 195 68.13 55.45 30.93
C LEU I 195 68.26 55.04 29.50
N THR I 196 69.46 54.70 29.09
CA THR I 196 69.66 54.34 27.69
C THR I 196 70.14 52.90 27.63
N MET I 197 69.98 52.27 26.49
CA MET I 197 70.42 50.91 26.25
C MET I 197 71.92 50.74 26.46
N GLU I 198 72.69 51.82 26.34
CA GLU I 198 74.11 51.78 26.67
C GLU I 198 74.37 51.93 28.16
N ASP I 199 73.33 52.11 28.97
CA ASP I 199 73.43 51.97 30.41
C ASP I 199 72.98 50.60 30.88
N LEU I 200 71.97 50.02 30.23
CA LEU I 200 71.56 48.64 30.52
C LEU I 200 72.59 47.61 30.05
N THR I 201 73.42 47.97 29.07
CA THR I 201 74.39 46.99 28.55
C THR I 201 75.51 46.67 29.54
N PRO I 202 76.19 47.64 30.19
CA PRO I 202 77.16 47.22 31.22
C PRO I 202 76.52 46.84 32.54
N ALA I 203 75.27 47.23 32.78
CA ALA I 203 74.62 46.90 34.05
C ALA I 203 74.24 45.42 34.09
N LEU I 204 73.80 44.87 32.97
CA LEU I 204 73.46 43.45 32.88
C LEU I 204 74.65 42.58 32.53
N SER I 205 75.81 43.18 32.23
CA SER I 205 76.97 42.39 31.86
C SER I 205 77.62 41.73 33.07
N GLU I 206 77.53 42.36 34.25
CA GLU I 206 77.98 41.67 35.45
C GLU I 206 76.99 40.60 35.88
N TYR I 207 75.73 40.70 35.46
CA TYR I 207 74.75 39.65 35.69
C TYR I 207 74.91 38.47 34.74
N GLY I 208 75.75 38.61 33.72
CA GLY I 208 75.90 37.58 32.71
C GLY I 208 74.82 37.61 31.64
N ILE I 209 74.15 38.74 31.48
CA ILE I 209 73.06 38.90 30.52
C ILE I 209 73.50 39.87 29.45
N ASN I 210 73.59 39.40 28.21
CA ASN I 210 73.95 40.25 27.08
C ASN I 210 72.66 40.79 26.46
N VAL I 211 72.39 42.07 26.70
CA VAL I 211 71.20 42.70 26.15
C VAL I 211 71.46 43.05 24.68
N LYS I 212 70.40 43.09 23.89
CA LYS I 212 70.52 43.28 22.45
C LYS I 212 69.90 44.61 22.05
N LYS I 213 70.59 45.34 21.19
CA LYS I 213 70.02 46.53 20.56
C LYS I 213 68.96 46.10 19.56
N PRO I 214 67.97 46.96 19.28
CA PRO I 214 66.97 46.62 18.25
C PRO I 214 67.57 46.50 16.84
N HIS I 215 68.14 47.60 16.34
CA HIS I 215 69.00 47.67 15.15
C HIS I 215 68.30 47.31 13.83
N TYR I 216 67.00 46.97 13.86
CA TYR I 216 66.29 46.51 12.69
C TYR I 216 65.01 47.30 12.45
N PHE I 217 64.82 48.41 13.14
CA PHE I 217 63.59 49.21 12.99
C PHE I 217 63.89 50.55 12.33
N ASN J 55 88.10 0.13 30.96
CA ASN J 55 87.50 1.12 30.06
C ASN J 55 86.71 2.16 30.84
N GLN J 56 86.17 1.76 31.99
CA GLN J 56 85.40 2.67 32.83
C GLN J 56 86.34 3.66 33.51
N VAL J 57 86.04 4.95 33.35
CA VAL J 57 86.91 6.00 33.89
C VAL J 57 86.49 6.47 35.28
N LEU J 58 85.25 6.22 35.69
CA LEU J 58 84.78 6.60 37.01
C LEU J 58 84.44 5.33 37.78
N THR J 59 85.07 5.13 38.92
CA THR J 59 85.19 3.83 39.57
C THR J 59 84.05 3.52 40.54
N LYS J 60 83.00 4.36 40.59
CA LYS J 60 81.75 4.17 41.34
C LYS J 60 81.94 4.29 42.86
N LYS J 61 83.19 4.35 43.34
CA LYS J 61 83.49 4.59 44.73
C LYS J 61 83.96 6.01 45.00
N LYS J 62 84.68 6.59 44.05
CA LYS J 62 85.02 8.01 44.13
C LYS J 62 83.80 8.88 43.87
N LEU J 63 82.77 8.36 43.19
CA LEU J 63 81.51 9.07 43.08
C LEU J 63 80.78 9.11 44.41
N GLN J 64 80.91 8.05 45.22
CA GLN J 64 80.32 8.05 46.55
C GLN J 64 81.06 8.97 47.50
N ASP J 65 82.33 9.28 47.23
CA ASP J 65 83.03 10.30 48.00
C ASP J 65 82.68 11.70 47.54
N LEU J 66 82.16 11.85 46.32
CA LEU J 66 81.63 13.14 45.89
C LEU J 66 80.30 13.44 46.56
N VAL J 67 79.59 12.43 47.03
CA VAL J 67 78.35 12.64 47.77
C VAL J 67 78.62 12.82 49.27
N ARG J 68 79.61 12.10 49.81
CA ARG J 68 79.96 12.22 51.22
C ARG J 68 80.52 13.59 51.56
N GLU J 69 81.19 14.25 50.61
CA GLU J 69 81.69 15.59 50.85
C GLU J 69 80.57 16.61 50.93
N VAL J 70 79.50 16.41 50.15
CA VAL J 70 78.37 17.32 50.20
C VAL J 70 77.50 17.04 51.43
N ASP J 71 76.99 15.81 51.54
CA ASP J 71 76.23 15.37 52.72
C ASP J 71 76.89 14.14 53.32
N PRO J 72 77.26 14.16 54.60
CA PRO J 72 77.78 12.93 55.23
C PRO J 72 76.71 11.86 55.41
N ASN J 73 75.43 12.23 55.37
CA ASN J 73 74.31 11.31 55.49
C ASN J 73 73.48 11.40 54.22
N GLU J 74 73.88 10.66 53.20
CA GLU J 74 73.13 10.58 51.95
C GLU J 74 73.55 9.32 51.20
N GLN J 75 72.59 8.62 50.63
CA GLN J 75 72.83 7.41 49.85
C GLN J 75 72.07 7.49 48.54
N LEU J 76 72.78 7.41 47.42
CA LEU J 76 72.13 7.38 46.13
C LEU J 76 71.52 6.01 45.87
N ASP J 77 70.70 5.95 44.83
CA ASP J 77 70.15 4.64 44.42
C ASP J 77 71.10 4.10 43.36
N GLU J 78 71.05 2.81 43.10
CA GLU J 78 71.91 2.21 42.06
C GLU J 78 71.53 2.79 40.69
N ASP J 79 70.24 3.00 40.42
CA ASP J 79 69.86 3.63 39.12
C ASP J 79 70.47 5.02 39.04
N VAL J 80 70.40 5.78 40.13
CA VAL J 80 70.91 7.17 40.11
C VAL J 80 72.41 7.09 39.83
N GLU J 81 73.12 6.17 40.48
CA GLU J 81 74.59 6.11 40.29
C GLU J 81 74.88 5.77 38.84
N GLU J 82 74.17 4.82 38.26
CA GLU J 82 74.46 4.43 36.86
C GLU J 82 74.16 5.58 35.92
N MET J 83 73.07 6.32 36.12
CA MET J 83 72.78 7.48 35.25
C MET J 83 73.85 8.55 35.43
N LEU J 84 74.33 8.77 36.63
CA LEU J 84 75.39 9.77 36.88
C LEU J 84 76.65 9.34 36.13
N LEU J 85 76.97 8.06 36.14
CA LEU J 85 78.14 7.56 35.39
C LEU J 85 77.93 7.78 33.89
N GLN J 86 76.73 7.54 33.38
CA GLN J 86 76.45 7.82 31.95
C GLN J 86 76.60 9.30 31.64
N ILE J 87 76.12 10.17 32.51
CA ILE J 87 76.23 11.64 32.30
C ILE J 87 77.71 12.00 32.27
N ALA J 88 78.52 11.42 33.15
CA ALA J 88 79.96 11.71 33.15
C ALA J 88 80.55 11.26 31.83
N ASP J 89 80.19 10.07 31.36
CA ASP J 89 80.82 9.54 30.15
C ASP J 89 80.43 10.45 28.99
N ASP J 90 79.19 10.87 28.97
CA ASP J 90 78.71 11.71 27.85
C ASP J 90 79.43 13.05 27.89
N PHE J 91 79.64 13.59 29.08
CA PHE J 91 80.32 14.90 29.22
C PHE J 91 81.72 14.72 28.67
N ILE J 92 82.40 13.66 29.06
CA ILE J 92 83.80 13.54 28.61
C ILE J 92 83.73 13.50 27.09
N GLU J 93 82.84 12.70 26.52
CA GLU J 93 82.89 12.59 25.04
C GLU J 93 82.60 13.92 24.38
N SER J 94 81.56 14.64 24.77
CA SER J 94 81.21 15.89 24.07
C SER J 94 82.34 16.89 24.22
N VAL J 95 82.89 17.01 25.43
CA VAL J 95 83.92 18.04 25.67
C VAL J 95 85.10 17.70 24.77
N VAL J 96 85.52 16.44 24.77
CA VAL J 96 86.73 16.10 23.97
C VAL J 96 86.42 16.34 22.51
N THR J 97 85.25 15.95 22.01
CA THR J 97 85.05 16.15 20.55
C THR J 97 85.13 17.63 20.24
N ALA J 98 84.47 18.48 21.00
CA ALA J 98 84.51 19.90 20.59
C ALA J 98 85.88 20.53 20.77
N ALA J 99 86.60 20.13 21.80
CA ALA J 99 87.94 20.66 22.05
C ALA J 99 88.82 20.26 20.88
N CYS J 100 88.68 19.04 20.39
CA CYS J 100 89.44 18.54 19.22
C CYS J 100 89.03 19.34 17.99
N GLN J 101 87.78 19.74 17.83
CA GLN J 101 87.37 20.62 16.71
C GLN J 101 88.09 21.96 16.80
N LEU J 102 88.21 22.55 17.98
CA LEU J 102 88.96 23.80 18.20
C LEU J 102 90.44 23.60 17.90
N ALA J 103 91.01 22.47 18.25
CA ALA J 103 92.44 22.16 18.01
C ALA J 103 92.73 21.98 16.53
N ARG J 104 91.86 21.31 15.80
CA ARG J 104 92.03 21.20 14.32
C ARG J 104 91.94 22.60 13.76
N HIS J 105 91.04 23.40 14.31
CA HIS J 105 90.87 24.81 13.88
C HIS J 105 92.15 25.60 14.11
N ARG J 106 92.87 25.34 15.19
CA ARG J 106 94.13 26.04 15.52
C ARG J 106 95.25 25.33 14.76
N LYS J 107 94.89 24.42 13.85
CA LYS J 107 95.87 23.68 13.02
C LYS J 107 96.86 22.91 13.89
N SER J 108 96.36 22.15 14.88
CA SER J 108 97.27 21.46 15.82
C SER J 108 96.92 19.98 15.96
N SER J 109 97.92 19.18 16.33
CA SER J 109 97.69 17.75 16.60
C SER J 109 97.92 17.52 18.09
N THR J 110 97.91 18.58 18.90
CA THR J 110 98.30 18.43 20.32
C THR J 110 97.16 18.46 21.35
N LEU J 111 95.96 18.93 21.05
CA LEU J 111 94.92 18.99 22.12
C LEU J 111 95.44 19.58 23.44
N GLU J 112 95.96 20.79 23.44
CA GLU J 112 96.39 21.47 24.68
C GLU J 112 95.15 21.93 25.46
N VAL J 113 95.29 22.28 26.75
CA VAL J 113 94.12 22.63 27.59
C VAL J 113 93.40 23.86 27.05
N LYS J 114 94.15 24.87 26.63
CA LYS J 114 93.52 26.06 26.03
C LYS J 114 92.30 25.59 25.24
N ASP J 115 92.40 24.45 24.55
CA ASP J 115 91.29 23.97 23.75
C ASP J 115 90.17 23.42 24.60
N VAL J 116 90.52 22.68 25.66
CA VAL J 116 89.52 22.15 26.58
C VAL J 116 88.93 23.27 27.43
N GLN J 117 89.75 24.25 27.81
CA GLN J 117 89.28 25.34 28.65
C GLN J 117 88.34 26.26 27.90
N LEU J 118 88.52 26.41 26.58
CA LEU J 118 87.66 27.29 25.80
C LEU J 118 86.26 26.71 25.63
N HIS J 119 86.16 25.38 25.51
CA HIS J 119 84.86 24.76 25.32
C HIS J 119 84.03 24.77 26.61
N LEU J 120 84.70 24.71 27.76
CA LEU J 120 83.97 24.82 29.04
C LEU J 120 83.42 26.22 29.25
N GLU J 121 84.18 27.25 28.89
CA GLU J 121 83.75 28.62 29.18
C GLU J 121 82.66 29.09 28.24
N ARG J 122 82.65 28.60 27.00
CA ARG J 122 81.72 29.11 26.00
C ARG J 122 80.42 28.31 25.92
N GLN J 123 80.46 27.01 26.18
CA GLN J 123 79.27 26.18 26.07
C GLN J 123 78.76 25.66 27.40
N TRP J 124 79.61 25.56 28.42
CA TRP J 124 79.21 25.02 29.71
C TRP J 124 79.31 26.01 30.86
N ASN J 125 80.08 27.09 30.71
CA ASN J 125 80.28 28.14 31.71
C ASN J 125 80.82 27.54 33.02
N MET J 126 81.96 26.87 32.93
CA MET J 126 82.56 26.19 34.08
C MET J 126 83.68 27.00 34.71
N TRP J 127 84.56 27.54 33.87
CA TRP J 127 85.64 28.43 34.36
C TRP J 127 86.48 27.69 35.38
N ILE J 128 86.94 26.50 35.02
CA ILE J 128 87.85 25.74 35.91
C ILE J 128 89.18 26.49 35.89
N PRO J 129 89.83 26.73 37.04
CA PRO J 129 91.15 27.35 37.04
C PRO J 129 92.07 26.40 36.27
N GLY J 130 92.94 26.93 35.41
CA GLY J 130 93.83 26.06 34.60
C GLY J 130 95.14 25.77 35.30
N TYR K 3 51.49 -20.06 51.67
CA TYR K 3 51.47 -21.17 52.65
C TYR K 3 52.05 -20.68 53.99
N GLN K 4 51.26 -20.83 55.07
CA GLN K 4 51.74 -20.40 56.41
C GLN K 4 52.30 -21.61 57.16
N LEU K 5 52.94 -22.53 56.45
CA LEU K 5 53.48 -23.73 57.06
C LEU K 5 54.84 -23.46 57.70
N TYR K 6 55.64 -22.59 57.10
CA TYR K 6 57.04 -22.45 57.44
C TYR K 6 57.28 -21.62 58.69
N ARG K 7 56.22 -21.17 59.38
CA ARG K 7 56.41 -20.35 60.57
C ARG K 7 56.90 -21.16 61.76
N ASN K 8 56.73 -22.47 61.74
CA ASN K 8 57.30 -23.32 62.79
C ASN K 8 58.62 -23.91 62.34
N THR K 9 59.49 -23.02 61.85
CA THR K 9 60.87 -23.31 61.54
C THR K 9 61.73 -22.48 62.48
N THR K 10 63.04 -22.46 62.26
CA THR K 10 63.89 -21.65 63.14
C THR K 10 63.84 -20.18 62.76
N LEU K 11 63.62 -19.88 61.47
CA LEU K 11 63.46 -18.50 61.05
C LEU K 11 62.10 -17.97 61.48
N GLY K 12 61.08 -18.82 61.38
CA GLY K 12 59.78 -18.45 61.89
C GLY K 12 59.76 -18.29 63.40
N ASN K 13 60.55 -19.12 64.11
CA ASN K 13 60.66 -19.00 65.56
C ASN K 13 61.31 -17.68 65.95
N SER K 14 62.46 -17.36 65.33
CA SER K 14 63.16 -16.12 65.62
C SER K 14 62.30 -14.91 65.27
N LEU K 15 61.57 -14.97 64.14
CA LEU K 15 60.72 -13.85 63.74
C LEU K 15 59.55 -13.67 64.70
N GLN K 16 58.87 -14.76 65.07
CA GLN K 16 57.68 -14.62 65.91
C GLN K 16 58.06 -14.17 67.31
N GLU K 17 59.21 -14.61 67.82
CA GLU K 17 59.55 -14.21 69.17
C GLU K 17 60.16 -12.80 69.19
N SER K 18 60.82 -12.39 68.09
CA SER K 18 61.28 -11.01 68.03
C SER K 18 60.12 -10.05 67.81
N LEU K 19 59.09 -10.51 67.09
CA LEU K 19 57.88 -9.71 66.96
C LEU K 19 57.14 -9.58 68.29
N ASP K 20 57.17 -10.63 69.12
CA ASP K 20 56.59 -10.48 70.46
C ASP K 20 57.46 -9.63 71.37
N GLU K 21 58.78 -9.63 71.13
CA GLU K 21 59.66 -8.72 71.87
C GLU K 21 59.38 -7.26 71.53
N LEU K 22 59.04 -7.00 70.28
CA LEU K 22 58.73 -5.61 69.94
C LEU K 22 57.25 -5.30 70.21
N ILE K 23 56.41 -6.31 70.40
CA ILE K 23 55.04 -6.04 70.83
C ILE K 23 55.01 -5.76 72.32
N GLN K 24 56.04 -6.19 73.04
CA GLN K 24 56.08 -5.91 74.49
C GLN K 24 56.50 -4.47 74.76
N SER K 25 57.32 -3.89 73.89
CA SER K 25 57.79 -2.52 74.06
C SER K 25 56.90 -1.50 73.36
N GLN K 26 55.69 -1.91 72.94
CA GLN K 26 54.63 -1.15 72.27
C GLN K 26 55.11 -0.26 71.13
N GLN K 27 56.20 -0.63 70.47
CA GLN K 27 56.64 0.10 69.28
C GLN K 27 55.83 -0.32 68.06
N ILE K 28 55.49 -1.61 68.00
CA ILE K 28 54.64 -2.14 66.94
C ILE K 28 53.28 -2.46 67.55
N THR K 29 52.33 -2.78 66.68
CA THR K 29 50.95 -3.00 67.11
C THR K 29 50.38 -4.30 66.58
N PRO K 30 49.38 -4.88 67.23
CA PRO K 30 48.58 -5.92 66.58
C PRO K 30 47.76 -5.33 65.44
N GLN K 31 47.35 -6.22 64.52
CA GLN K 31 46.82 -5.94 63.18
C GLN K 31 47.87 -5.25 62.31
N LEU K 32 49.14 -5.39 62.70
CA LEU K 32 50.24 -4.99 61.84
C LEU K 32 51.20 -6.16 61.68
N ALA K 33 51.38 -6.94 62.76
CA ALA K 33 52.21 -8.14 62.71
C ALA K 33 51.60 -9.19 61.80
N LEU K 34 50.29 -9.13 61.60
CA LEU K 34 49.64 -9.97 60.58
C LEU K 34 50.18 -9.64 59.20
N GLN K 35 50.36 -8.34 58.90
CA GLN K 35 50.94 -7.95 57.63
C GLN K 35 52.42 -8.34 57.55
N VAL K 36 53.13 -8.27 58.67
CA VAL K 36 54.54 -8.68 58.70
C VAL K 36 54.68 -10.16 58.37
N LEU K 37 53.87 -11.01 59.02
CA LEU K 37 53.92 -12.44 58.76
C LEU K 37 53.43 -12.78 57.36
N LEU K 38 52.44 -12.04 56.84
CA LEU K 38 51.96 -12.31 55.49
C LEU K 38 53.02 -12.00 54.46
N GLN K 39 53.72 -10.87 54.62
CA GLN K 39 54.77 -10.51 53.67
C GLN K 39 55.96 -11.45 53.80
N PHE K 40 56.26 -11.88 55.02
CA PHE K 40 57.35 -12.84 55.23
C PHE K 40 57.03 -14.19 54.59
N ASP K 41 55.78 -14.64 54.71
CA ASP K 41 55.39 -15.92 54.15
C ASP K 41 55.38 -15.88 52.63
N LYS K 42 54.93 -14.76 52.05
CA LYS K 42 55.01 -14.62 50.59
C LYS K 42 56.46 -14.55 50.13
N ALA K 43 57.33 -13.91 50.93
CA ALA K 43 58.74 -13.83 50.59
C ALA K 43 59.42 -15.19 50.61
N ILE K 44 59.14 -16.02 51.61
CA ILE K 44 59.82 -17.32 51.67
C ILE K 44 59.18 -18.30 50.71
N ASN K 45 57.90 -18.09 50.35
CA ASN K 45 57.28 -18.86 49.28
C ASN K 45 57.98 -18.59 47.96
N ALA K 46 58.32 -17.32 47.71
CA ALA K 46 59.08 -17.00 46.51
C ALA K 46 60.52 -17.51 46.60
N ALA K 47 61.11 -17.49 47.80
CA ALA K 47 62.54 -17.70 47.91
C ALA K 47 62.91 -19.18 47.95
N LEU K 48 62.07 -20.02 48.58
CA LEU K 48 62.48 -21.39 48.85
C LEU K 48 62.37 -22.27 47.61
N ALA K 49 61.66 -21.81 46.59
CA ALA K 49 61.53 -22.58 45.35
C ALA K 49 62.31 -21.89 44.22
N GLN K 50 63.30 -21.10 44.63
CA GLN K 50 64.07 -20.33 43.66
C GLN K 50 65.58 -20.51 43.82
N ARG K 51 66.05 -20.66 45.06
CA ARG K 51 67.47 -20.43 45.32
C ARG K 51 68.30 -21.71 45.44
N VAL K 52 67.81 -22.70 46.19
CA VAL K 52 68.67 -23.78 46.71
C VAL K 52 69.17 -24.73 45.62
N ARG K 53 68.24 -25.43 44.96
CA ARG K 53 68.53 -26.47 43.96
C ARG K 53 69.44 -27.57 44.52
N ASN K 54 68.94 -28.31 45.51
CA ASN K 54 69.64 -29.44 46.11
C ASN K 54 68.62 -30.56 46.31
N ARG K 55 69.10 -31.77 46.57
CA ARG K 55 68.20 -32.90 46.78
C ARG K 55 68.83 -33.93 47.70
N VAL K 56 68.01 -34.46 48.62
CA VAL K 56 68.43 -35.41 49.66
C VAL K 56 67.51 -36.62 49.54
N ASN K 57 68.08 -37.82 49.62
CA ASN K 57 67.30 -39.06 49.50
C ASN K 57 67.41 -39.86 50.80
N PHE K 58 66.35 -40.60 51.13
CA PHE K 58 66.36 -41.44 52.32
C PHE K 58 65.54 -42.70 52.10
N ARG K 59 65.78 -43.69 52.96
CA ARG K 59 65.11 -44.97 52.94
C ARG K 59 64.51 -45.25 54.32
N GLY K 60 63.19 -45.36 54.36
CA GLY K 60 62.53 -45.24 55.66
C GLY K 60 61.79 -46.47 56.11
N SER K 61 61.49 -46.48 57.41
CA SER K 61 60.76 -47.54 58.10
C SER K 61 59.65 -46.87 58.91
N LEU K 62 58.48 -46.74 58.30
CA LEU K 62 57.43 -45.86 58.79
C LEU K 62 56.77 -46.46 60.04
N ASN K 63 56.25 -45.60 60.90
CA ASN K 63 55.58 -46.04 62.12
C ASN K 63 54.09 -45.70 62.08
N THR K 64 53.79 -44.40 62.01
CA THR K 64 52.42 -43.90 61.83
C THR K 64 52.40 -42.85 60.73
N TYR K 65 51.20 -42.63 60.19
CA TYR K 65 50.98 -41.59 59.21
C TYR K 65 49.62 -40.97 59.48
N ARG K 66 49.32 -39.88 58.78
CA ARG K 66 48.02 -39.23 58.91
C ARG K 66 47.86 -38.27 57.75
N PHE K 67 46.62 -38.09 57.31
CA PHE K 67 46.33 -37.18 56.19
C PHE K 67 45.01 -36.48 56.48
N CYS K 68 45.03 -35.15 56.50
CA CYS K 68 43.81 -34.39 56.67
C CYS K 68 44.00 -33.00 56.08
N ASP K 69 42.97 -32.55 55.34
CA ASP K 69 42.90 -31.21 54.74
C ASP K 69 44.10 -30.92 53.85
N ASN K 70 44.44 -31.89 53.00
CA ASN K 70 45.61 -31.88 52.10
C ASN K 70 46.92 -31.69 52.86
N VAL K 71 47.00 -32.13 54.12
CA VAL K 71 48.23 -32.12 54.88
C VAL K 71 48.57 -33.56 55.21
N TRP K 72 49.77 -33.98 54.80
CA TRP K 72 50.31 -35.28 55.21
C TRP K 72 51.24 -35.06 56.38
N THR K 73 51.24 -36.01 57.32
CA THR K 73 52.20 -35.99 58.41
C THR K 73 52.57 -37.43 58.76
N PHE K 74 53.87 -37.74 58.69
CA PHE K 74 54.41 -39.06 58.93
C PHE K 74 55.31 -39.03 60.15
N VAL K 75 55.40 -40.16 60.84
CA VAL K 75 56.40 -40.34 61.90
C VAL K 75 57.23 -41.55 61.56
N LEU K 76 58.47 -41.33 61.13
CA LEU K 76 59.34 -42.44 60.77
C LEU K 76 60.25 -42.79 61.95
N ASN K 77 60.74 -44.02 61.95
CA ASN K 77 61.65 -44.49 62.99
C ASN K 77 62.91 -45.07 62.37
N ASP K 78 64.05 -44.70 62.97
CA ASP K 78 65.39 -45.21 62.70
C ASP K 78 65.78 -45.04 61.24
N VAL K 79 65.64 -43.84 60.71
CA VAL K 79 65.87 -43.59 59.30
C VAL K 79 67.31 -43.07 59.14
N GLU K 80 67.89 -43.40 58.00
CA GLU K 80 69.15 -42.83 57.57
C GLU K 80 68.86 -41.90 56.40
N PHE K 81 69.57 -40.78 56.33
CA PHE K 81 69.45 -39.87 55.21
C PHE K 81 70.59 -40.13 54.24
N ARG K 82 70.57 -39.47 53.10
CA ARG K 82 71.70 -39.58 52.20
C ARG K 82 71.89 -38.26 51.45
N GLU K 83 73.08 -37.70 51.61
CA GLU K 83 73.66 -36.83 50.60
C GLU K 83 74.95 -37.53 50.18
N VAL K 84 75.51 -37.18 49.01
CA VAL K 84 76.75 -37.75 48.50
C VAL K 84 77.87 -37.49 49.50
N THR K 85 78.41 -38.58 50.07
CA THR K 85 79.39 -38.62 51.14
C THR K 85 78.92 -37.88 52.40
N GLU K 86 77.61 -37.76 52.58
CA GLU K 86 77.07 -37.19 53.80
C GLU K 86 75.88 -38.00 54.28
N LEU K 87 76.10 -38.78 55.34
CA LEU K 87 75.11 -39.71 55.86
C LEU K 87 74.62 -39.20 57.20
N ILE K 88 73.30 -39.16 57.36
CA ILE K 88 72.67 -38.68 58.60
C ILE K 88 71.83 -39.81 59.16
N LYS K 89 72.33 -40.44 60.22
CA LYS K 89 71.56 -41.41 60.98
C LYS K 89 70.85 -40.71 62.12
N VAL K 90 69.55 -41.01 62.25
CA VAL K 90 68.71 -40.38 63.27
C VAL K 90 67.63 -41.39 63.65
N ASP K 91 66.97 -41.18 64.79
CA ASP K 91 66.13 -42.21 65.39
C ASP K 91 64.64 -42.05 65.14
N LYS K 92 64.10 -40.83 65.12
CA LYS K 92 62.65 -40.66 65.03
C LYS K 92 62.35 -39.31 64.41
N VAL K 93 61.72 -39.30 63.24
CA VAL K 93 61.50 -38.09 62.46
C VAL K 93 60.01 -37.85 62.32
N LYS K 94 59.61 -36.58 62.35
CA LYS K 94 58.25 -36.16 61.99
C LYS K 94 58.31 -35.34 60.71
N ILE K 95 57.62 -35.79 59.68
CA ILE K 95 57.64 -35.13 58.37
C ILE K 95 56.26 -34.56 58.11
N VAL K 96 56.19 -33.25 57.93
CA VAL K 96 54.96 -32.54 57.61
C VAL K 96 55.06 -32.03 56.19
N ALA K 97 53.97 -32.14 55.42
CA ALA K 97 54.00 -31.73 54.03
C ALA K 97 52.62 -31.30 53.58
N CYS K 98 52.52 -30.09 53.03
CA CYS K 98 51.29 -29.68 52.36
C CYS K 98 51.50 -29.68 50.85
N ASP K 99 50.44 -29.35 50.13
CA ASP K 99 50.48 -29.40 48.68
C ASP K 99 51.32 -28.26 48.10
N ILE L 161 42.65 -84.17 66.23
CA ILE L 161 42.84 -82.77 65.90
C ILE L 161 41.91 -81.93 66.75
N VAL L 162 42.38 -80.79 67.23
CA VAL L 162 41.54 -79.85 67.97
C VAL L 162 41.71 -78.47 67.32
N PRO L 163 40.64 -77.70 67.16
CA PRO L 163 40.79 -76.34 66.65
C PRO L 163 41.10 -75.37 67.79
N GLN L 164 42.16 -74.59 67.62
CA GLN L 164 42.54 -73.58 68.58
C GLN L 164 41.94 -72.26 68.17
N LEU L 165 41.45 -71.50 69.15
CA LEU L 165 40.84 -70.21 68.84
C LEU L 165 41.91 -69.18 68.55
N GLN L 166 41.66 -68.33 67.55
CA GLN L 166 42.57 -67.26 67.23
C GLN L 166 42.01 -65.87 67.49
N ASN L 167 40.68 -65.71 67.44
CA ASN L 167 40.11 -64.34 67.58
C ASN L 167 38.76 -64.36 68.29
N ILE L 168 38.58 -63.50 69.28
CA ILE L 168 37.32 -63.40 70.01
C ILE L 168 36.85 -61.95 69.95
N VAL L 169 35.66 -61.73 69.42
CA VAL L 169 35.08 -60.40 69.31
C VAL L 169 33.92 -60.28 70.29
N SER L 170 34.03 -59.35 71.23
CA SER L 170 33.00 -59.16 72.24
C SER L 170 32.55 -57.71 72.28
N THR L 171 31.46 -57.46 72.99
CA THR L 171 30.83 -56.15 73.08
C THR L 171 30.34 -55.92 74.51
N VAL L 172 30.44 -54.70 75.00
CA VAL L 172 30.08 -54.39 76.38
C VAL L 172 29.52 -52.97 76.47
N ASN L 173 28.41 -52.82 77.17
CA ASN L 173 27.76 -51.53 77.38
C ASN L 173 28.29 -50.93 78.68
N LEU L 174 28.83 -49.71 78.60
CA LEU L 174 29.27 -49.02 79.80
C LEU L 174 28.14 -48.21 80.43
N GLY L 175 27.13 -47.83 79.65
CA GLY L 175 25.95 -47.16 80.17
C GLY L 175 26.06 -45.66 80.29
N CYS L 176 27.23 -45.08 80.08
CA CYS L 176 27.39 -43.64 80.25
C CYS L 176 27.88 -43.04 78.94
N LYS L 177 27.29 -41.90 78.58
CA LYS L 177 27.65 -41.25 77.33
C LYS L 177 29.00 -40.56 77.47
N LEU L 178 29.84 -40.70 76.46
CA LEU L 178 31.22 -40.23 76.52
C LEU L 178 31.46 -39.18 75.44
N ASP L 179 32.15 -38.11 75.81
CA ASP L 179 32.74 -37.19 74.83
C ASP L 179 34.17 -37.64 74.56
N LEU L 180 34.49 -37.83 73.28
CA LEU L 180 35.65 -38.64 72.94
C LEU L 180 36.94 -37.86 73.00
N LYS L 181 36.85 -36.53 73.05
CA LYS L 181 38.06 -35.72 72.94
C LYS L 181 38.89 -35.77 74.22
N THR L 182 38.23 -35.80 75.38
CA THR L 182 38.97 -35.90 76.62
C THR L 182 39.56 -37.29 76.82
N ILE L 183 38.89 -38.33 76.31
CA ILE L 183 39.45 -39.67 76.38
C ILE L 183 40.63 -39.80 75.42
N ALA L 184 40.56 -39.13 74.28
CA ALA L 184 41.66 -39.18 73.32
C ALA L 184 42.85 -38.36 73.81
N LEU L 185 42.60 -37.32 74.60
CA LEU L 185 43.69 -36.46 75.04
C LEU L 185 44.30 -36.95 76.33
N ARG L 186 43.54 -37.62 77.18
CA ARG L 186 44.04 -38.05 78.48
C ARG L 186 44.59 -39.46 78.48
N ALA L 187 43.88 -40.42 77.87
CA ALA L 187 44.29 -41.81 77.95
C ALA L 187 45.41 -42.10 76.96
N ARG L 188 46.23 -43.10 77.29
CA ARG L 188 47.37 -43.44 76.45
C ARG L 188 46.95 -44.36 75.31
N ASN L 189 47.82 -44.50 74.31
CA ASN L 189 47.56 -45.41 73.16
C ASN L 189 46.10 -45.33 72.71
N ALA L 190 45.51 -44.14 72.73
CA ALA L 190 44.11 -43.98 72.25
C ALA L 190 44.14 -43.22 70.92
N GLU L 191 43.56 -43.80 69.87
CA GLU L 191 43.58 -43.16 68.53
C GLU L 191 42.17 -42.71 68.15
N TYR L 192 41.98 -41.43 67.87
CA TYR L 192 40.65 -40.93 67.42
C TYR L 192 40.82 -40.26 66.06
N ASN L 193 40.08 -40.75 65.05
CA ASN L 193 40.15 -40.16 63.69
C ASN L 193 38.72 -39.96 63.19
N PRO L 194 37.98 -38.93 63.64
CA PRO L 194 36.55 -38.78 63.28
C PRO L 194 36.28 -38.62 61.77
N LYS L 195 37.09 -37.83 61.07
CA LYS L 195 36.90 -37.65 59.60
C LYS L 195 37.06 -39.02 58.92
N ARG L 196 37.43 -40.05 59.68
CA ARG L 196 37.60 -41.38 59.13
C ARG L 196 36.62 -42.37 59.76
N PHE L 197 36.63 -42.47 61.09
CA PHE L 197 35.68 -43.32 61.79
C PHE L 197 35.40 -42.71 63.15
N ALA L 198 34.21 -42.97 63.67
CA ALA L 198 33.65 -42.23 64.80
C ALA L 198 33.87 -42.90 66.15
N ALA L 199 35.00 -43.54 66.37
CA ALA L 199 35.25 -44.21 67.63
C ALA L 199 36.69 -44.01 68.06
N VAL L 200 36.97 -44.33 69.31
CA VAL L 200 38.32 -44.21 69.86
C VAL L 200 38.96 -45.59 69.90
N ILE L 201 40.12 -45.72 69.29
CA ILE L 201 40.79 -47.00 69.10
C ILE L 201 41.92 -47.12 70.10
N MET L 202 41.68 -47.77 71.22
CA MET L 202 42.68 -47.89 72.27
C MET L 202 43.18 -49.31 72.37
N ARG L 203 44.50 -49.49 72.38
CA ARG L 203 45.12 -50.81 72.45
C ARG L 203 45.79 -50.98 73.79
N ILE L 204 45.76 -52.21 74.31
CA ILE L 204 46.53 -52.55 75.50
C ILE L 204 47.64 -53.49 75.09
N ARG L 205 48.49 -53.86 76.04
CA ARG L 205 49.68 -54.59 75.64
C ARG L 205 49.78 -55.98 76.26
N GLU L 206 49.50 -56.08 77.57
CA GLU L 206 49.63 -57.39 78.27
C GLU L 206 48.83 -58.42 77.47
N PRO L 207 47.49 -58.30 77.31
CA PRO L 207 46.75 -59.18 76.41
C PRO L 207 46.70 -58.29 75.15
N ARG L 208 47.20 -58.78 74.01
CA ARG L 208 47.24 -57.96 72.81
C ARG L 208 45.83 -57.76 72.27
N THR L 209 45.22 -56.63 72.64
CA THR L 209 43.78 -56.43 72.52
C THR L 209 43.48 -54.99 72.11
N THR L 210 42.42 -54.78 71.31
CA THR L 210 42.06 -53.48 70.78
C THR L 210 40.58 -53.20 71.05
N ALA L 211 40.27 -51.98 71.49
CA ALA L 211 38.90 -51.59 71.77
C ALA L 211 38.50 -50.38 70.95
N LEU L 212 37.35 -50.46 70.32
CA LEU L 212 36.68 -49.30 69.76
C LEU L 212 35.65 -48.83 70.76
N ILE L 213 35.87 -47.66 71.35
CA ILE L 213 34.96 -47.07 72.31
C ILE L 213 34.11 -46.05 71.57
N PHE L 214 32.80 -46.15 71.73
CA PHE L 214 31.91 -45.25 71.02
C PHE L 214 31.38 -44.17 71.95
N SER L 215 30.77 -43.16 71.36
CA SER L 215 30.36 -41.99 72.13
C SER L 215 29.09 -42.27 72.93
N SER L 216 28.35 -43.31 72.57
CA SER L 216 27.16 -43.68 73.31
C SER L 216 27.44 -44.64 74.44
N GLY L 217 28.71 -44.95 74.70
CA GLY L 217 29.08 -45.80 75.81
C GLY L 217 29.14 -47.28 75.53
N LYS L 218 29.08 -47.68 74.26
CA LYS L 218 29.20 -49.08 73.88
C LYS L 218 30.61 -49.32 73.37
N MET L 219 31.18 -50.47 73.70
CA MET L 219 32.58 -50.76 73.44
C MET L 219 32.71 -52.11 72.75
N VAL L 220 33.47 -52.15 71.66
CA VAL L 220 33.78 -53.38 70.95
C VAL L 220 35.21 -53.76 71.27
N CYS L 221 35.42 -54.99 71.72
CA CYS L 221 36.72 -55.45 72.18
C CYS L 221 37.14 -56.67 71.35
N THR L 222 38.26 -56.53 70.66
CA THR L 222 38.63 -57.65 69.79
C THR L 222 40.12 -57.94 69.83
N GLY L 223 40.46 -59.21 69.65
CA GLY L 223 41.85 -59.62 69.58
C GLY L 223 42.27 -60.71 70.53
N ALA L 224 41.52 -60.96 71.61
CA ALA L 224 41.95 -61.95 72.59
C ALA L 224 41.70 -63.36 72.07
N LYS L 225 42.16 -64.36 72.82
CA LYS L 225 42.17 -65.73 72.34
C LYS L 225 41.50 -66.71 73.28
N SER L 226 40.65 -66.24 74.19
CA SER L 226 39.77 -67.09 74.98
C SER L 226 38.62 -66.21 75.49
N GLU L 227 37.69 -66.83 76.21
CA GLU L 227 36.59 -66.07 76.76
C GLU L 227 37.02 -65.29 78.00
N GLU L 228 37.81 -65.92 78.86
CA GLU L 228 38.23 -65.27 80.09
C GLU L 228 39.21 -64.13 79.82
N GLN L 229 40.07 -64.30 78.81
CA GLN L 229 40.99 -63.23 78.45
C GLN L 229 40.26 -62.04 77.83
N SER L 230 39.21 -62.31 77.04
CA SER L 230 38.43 -61.22 76.47
C SER L 230 37.67 -60.47 77.55
N ARG L 231 37.13 -61.22 78.52
CA ARG L 231 36.42 -60.58 79.63
C ARG L 231 37.37 -59.77 80.50
N LEU L 232 38.61 -60.25 80.70
CA LEU L 232 39.56 -59.52 81.53
C LEU L 232 40.07 -58.27 80.82
N ALA L 233 40.25 -58.34 79.50
CA ALA L 233 40.63 -57.15 78.75
C ALA L 233 39.50 -56.14 78.71
N ALA L 234 38.25 -56.60 78.65
CA ALA L 234 37.11 -55.68 78.67
C ALA L 234 36.99 -54.99 80.02
N ARG L 235 37.26 -55.71 81.12
CA ARG L 235 37.28 -55.10 82.43
C ARG L 235 38.40 -54.06 82.54
N LYS L 236 39.57 -54.34 81.96
CA LYS L 236 40.68 -53.37 81.97
C LYS L 236 40.32 -52.11 81.21
N TYR L 237 39.64 -52.25 80.07
CA TYR L 237 39.22 -51.08 79.31
C TYR L 237 38.17 -50.28 80.05
N ALA L 238 37.27 -50.96 80.75
CA ALA L 238 36.26 -50.25 81.53
C ALA L 238 36.88 -49.49 82.70
N ARG L 239 37.90 -50.06 83.34
CA ARG L 239 38.51 -49.34 84.46
C ARG L 239 39.43 -48.21 83.98
N VAL L 240 39.99 -48.30 82.77
CA VAL L 240 40.82 -47.19 82.32
C VAL L 240 39.91 -46.05 81.82
N VAL L 241 38.69 -46.37 81.40
CA VAL L 241 37.73 -45.30 81.16
C VAL L 241 37.26 -44.71 82.49
N GLN L 242 37.05 -45.56 83.49
CA GLN L 242 36.55 -45.14 84.80
C GLN L 242 37.48 -44.18 85.50
N LYS L 243 38.78 -44.51 85.53
CA LYS L 243 39.73 -43.71 86.30
C LYS L 243 40.03 -42.35 85.67
N LEU L 244 39.57 -42.10 84.44
CA LEU L 244 39.65 -40.76 83.90
C LEU L 244 38.59 -39.86 84.50
N GLY L 245 37.45 -40.43 84.90
CA GLY L 245 36.44 -39.66 85.59
C GLY L 245 35.01 -39.98 85.24
N PHE L 246 34.79 -40.78 84.21
CA PHE L 246 33.43 -41.08 83.81
C PHE L 246 32.86 -42.19 84.71
N PRO L 247 31.61 -42.07 85.14
CA PRO L 247 31.00 -43.16 85.91
C PRO L 247 30.57 -44.29 85.00
N ALA L 248 31.36 -45.37 84.99
CA ALA L 248 31.20 -46.42 84.00
C ALA L 248 30.83 -47.74 84.68
N LYS L 249 29.65 -48.26 84.35
CA LYS L 249 29.19 -49.55 84.93
C LYS L 249 29.39 -50.66 83.89
N PHE L 250 29.80 -51.85 84.33
CA PHE L 250 29.92 -53.01 83.39
C PHE L 250 28.52 -53.61 83.25
N LEU L 251 27.64 -52.95 82.51
CA LEU L 251 26.23 -53.43 82.36
C LEU L 251 26.17 -54.81 81.72
N ASP L 252 26.31 -54.91 80.40
CA ASP L 252 26.16 -56.22 79.72
C ASP L 252 27.41 -56.53 78.88
N PHE L 253 28.00 -57.72 79.07
CA PHE L 253 29.15 -58.14 78.24
C PHE L 253 28.73 -59.34 77.40
N LYS L 254 28.79 -59.21 76.07
CA LYS L 254 28.40 -60.33 75.17
C LYS L 254 29.50 -60.54 74.13
N ILE L 255 29.89 -61.80 73.88
CA ILE L 255 30.92 -62.09 72.84
C ILE L 255 30.20 -62.24 71.49
N GLN L 256 30.40 -61.27 70.59
CA GLN L 256 29.74 -61.31 69.26
C GLN L 256 30.24 -62.50 68.45
N ASN L 257 31.56 -62.74 68.41
CA ASN L 257 32.06 -63.82 67.52
C ASN L 257 33.28 -64.55 68.09
N MET L 258 33.45 -65.82 67.73
CA MET L 258 34.66 -66.59 68.14
C MET L 258 35.24 -67.21 66.86
N VAL L 259 36.53 -67.02 66.60
CA VAL L 259 37.13 -67.55 65.34
C VAL L 259 38.22 -68.57 65.65
N GLY L 260 38.17 -69.74 65.02
CA GLY L 260 39.19 -70.78 65.22
C GLY L 260 39.72 -71.33 63.90
N SER L 261 40.95 -71.86 63.91
CA SER L 261 41.55 -72.45 62.68
C SER L 261 42.27 -73.76 63.03
N CYS L 262 42.43 -74.65 62.05
CA CYS L 262 43.06 -75.98 62.30
C CYS L 262 43.67 -76.54 61.02
N ASP L 263 44.57 -77.54 61.15
CA ASP L 263 45.17 -78.21 59.97
C ASP L 263 44.75 -79.68 59.99
N VAL L 264 44.19 -80.18 58.89
CA VAL L 264 43.68 -81.55 58.87
C VAL L 264 44.72 -82.52 58.34
N LYS L 265 45.95 -82.06 58.13
CA LYS L 265 47.17 -82.86 57.86
C LYS L 265 47.20 -83.61 56.54
N PHE L 266 46.41 -83.23 55.53
CA PHE L 266 46.58 -83.80 54.20
C PHE L 266 46.11 -82.78 53.17
N PRO L 267 46.59 -82.87 51.93
CA PRO L 267 46.04 -82.00 50.88
C PRO L 267 44.63 -82.40 50.52
N ILE L 268 43.81 -81.40 50.19
CA ILE L 268 42.40 -81.60 49.91
C ILE L 268 42.13 -81.22 48.46
N ARG L 269 41.28 -81.98 47.79
CA ARG L 269 40.94 -81.77 46.38
C ARG L 269 39.56 -81.14 46.33
N LEU L 270 39.50 -79.87 45.94
CA LEU L 270 38.29 -79.08 46.20
C LEU L 270 37.25 -79.26 45.10
N GLU L 271 37.64 -79.81 43.95
CA GLU L 271 36.71 -79.90 42.83
C GLU L 271 35.67 -80.99 43.05
N GLY L 272 36.07 -82.11 43.63
CA GLY L 272 35.08 -83.10 44.03
C GLY L 272 34.21 -82.60 45.17
N LEU L 273 34.77 -81.72 46.01
CA LEU L 273 34.03 -81.19 47.14
C LEU L 273 32.95 -80.22 46.69
N VAL L 274 33.20 -79.47 45.62
CA VAL L 274 32.14 -78.62 45.08
C VAL L 274 31.23 -79.43 44.17
N LEU L 275 31.72 -80.56 43.66
CA LEU L 275 30.88 -81.38 42.79
C LEU L 275 29.82 -82.14 43.58
N THR L 276 30.15 -82.60 44.78
CA THR L 276 29.19 -83.40 45.53
C THR L 276 28.40 -82.61 46.56
N HIS L 277 28.77 -81.37 46.86
CA HIS L 277 28.07 -80.57 47.85
C HIS L 277 27.82 -79.16 47.33
N GLN L 278 27.32 -79.03 46.10
CA GLN L 278 27.20 -77.71 45.49
C GLN L 278 26.04 -76.92 46.06
N GLN L 279 25.22 -77.54 46.91
CA GLN L 279 24.13 -76.81 47.55
C GLN L 279 24.67 -75.89 48.64
N PHE L 280 25.71 -76.33 49.36
CA PHE L 280 26.18 -75.55 50.54
C PHE L 280 27.55 -74.91 50.31
N SER L 281 28.20 -75.23 49.19
CA SER L 281 29.58 -74.71 49.00
C SER L 281 29.65 -73.76 47.80
N SER L 282 30.17 -72.55 48.00
CA SER L 282 30.37 -71.61 46.86
C SER L 282 31.87 -71.48 46.64
N TYR L 283 32.39 -71.92 45.49
CA TYR L 283 33.85 -71.91 45.28
C TYR L 283 34.19 -71.19 43.99
N GLU L 284 34.94 -70.08 44.09
CA GLU L 284 35.41 -69.39 42.87
C GLU L 284 36.91 -69.17 43.04
N PRO L 285 37.78 -69.85 42.28
CA PRO L 285 39.22 -69.74 42.50
C PRO L 285 39.82 -68.35 42.27
N GLU L 286 39.51 -67.75 41.11
CA GLU L 286 40.13 -66.45 40.70
C GLU L 286 40.31 -65.50 41.89
N LEU L 287 39.19 -65.02 42.46
CA LEU L 287 39.27 -64.02 43.57
C LEU L 287 39.85 -64.69 44.81
N PHE L 288 39.05 -65.46 45.54
CA PHE L 288 39.51 -66.10 46.80
C PHE L 288 40.09 -67.49 46.51
N PRO L 289 41.33 -67.81 46.94
CA PRO L 289 41.86 -69.16 46.75
C PRO L 289 41.33 -70.11 47.83
N GLY L 290 40.01 -70.15 48.03
CA GLY L 290 39.43 -70.98 49.10
C GLY L 290 37.99 -71.32 48.82
N LEU L 291 37.46 -72.34 49.50
CA LEU L 291 36.06 -72.77 49.28
C LEU L 291 35.25 -72.38 50.51
N ILE L 292 34.16 -71.63 50.31
CA ILE L 292 33.27 -71.27 51.45
C ILE L 292 32.21 -72.36 51.56
N TYR L 293 32.24 -73.15 52.64
CA TYR L 293 31.20 -74.19 52.86
C TYR L 293 30.34 -73.74 54.04
N ARG L 294 29.03 -73.62 53.82
CA ARG L 294 28.15 -73.12 54.90
C ARG L 294 27.47 -74.32 55.55
N MET L 295 27.75 -74.55 56.84
CA MET L 295 27.05 -75.65 57.56
C MET L 295 25.67 -75.14 57.97
N ILE L 296 24.62 -75.88 57.64
CA ILE L 296 23.24 -75.37 57.89
C ILE L 296 22.85 -75.51 59.36
N LYS L 297 23.34 -76.55 60.05
CA LYS L 297 22.83 -76.76 61.45
C LYS L 297 23.69 -76.02 62.49
N PRO L 298 25.03 -76.12 62.49
CA PRO L 298 25.87 -75.31 63.40
C PRO L 298 25.75 -73.81 63.09
N ARG L 299 25.61 -73.44 61.80
CA ARG L 299 25.55 -72.02 61.37
C ARG L 299 26.96 -71.44 61.38
N ILE L 300 27.92 -72.15 60.79
CA ILE L 300 29.32 -71.75 60.78
C ILE L 300 29.71 -71.57 59.32
N VAL L 301 30.71 -70.72 59.07
CA VAL L 301 31.29 -70.58 57.74
C VAL L 301 32.70 -71.12 57.80
N LEU L 302 33.04 -72.01 56.89
CA LEU L 302 34.36 -72.65 56.87
C LEU L 302 35.07 -72.33 55.56
N LEU L 303 36.23 -71.72 55.67
CA LEU L 303 37.11 -71.56 54.52
C LEU L 303 38.04 -72.76 54.47
N ILE L 304 37.91 -73.57 53.44
CA ILE L 304 38.68 -74.80 53.28
C ILE L 304 39.72 -74.55 52.19
N PHE L 305 40.99 -74.72 52.53
CA PHE L 305 42.05 -74.46 51.58
C PHE L 305 42.63 -75.76 51.05
N VAL L 306 43.39 -75.65 49.96
CA VAL L 306 43.93 -76.83 49.30
C VAL L 306 45.10 -77.39 50.10
N SER L 307 45.77 -76.54 50.88
CA SER L 307 46.96 -76.98 51.61
C SER L 307 46.59 -77.79 52.85
N GLY L 308 45.34 -77.71 53.27
CA GLY L 308 44.92 -78.50 54.42
C GLY L 308 44.47 -77.66 55.58
N LYS L 309 44.60 -76.34 55.47
CA LYS L 309 44.21 -75.47 56.56
C LYS L 309 42.74 -75.07 56.41
N VAL L 310 41.98 -75.23 57.48
CA VAL L 310 40.56 -74.89 57.53
C VAL L 310 40.39 -73.77 58.56
N VAL L 311 39.57 -72.79 58.20
CA VAL L 311 39.29 -71.64 59.11
C VAL L 311 37.79 -71.64 59.41
N LEU L 312 37.43 -71.71 60.68
CA LEU L 312 36.04 -71.72 61.10
C LEU L 312 35.68 -70.38 61.71
N THR L 313 34.67 -69.72 61.16
CA THR L 313 34.27 -68.41 61.62
C THR L 313 32.76 -68.31 61.72
N GLY L 314 32.31 -67.37 62.54
CA GLY L 314 30.89 -67.07 62.63
C GLY L 314 30.17 -67.78 63.74
N ALA L 315 30.84 -67.99 64.87
CA ALA L 315 30.33 -68.78 65.97
C ALA L 315 30.22 -67.91 67.22
N LYS L 316 29.27 -68.25 68.08
CA LYS L 316 29.16 -67.54 69.35
C LYS L 316 29.86 -68.30 70.47
N VAL L 317 29.74 -69.63 70.49
CA VAL L 317 30.29 -70.44 71.56
C VAL L 317 31.41 -71.32 71.01
N ARG L 318 32.11 -71.99 71.93
CA ARG L 318 33.22 -72.85 71.54
C ARG L 318 32.71 -74.18 71.00
N ALA L 319 31.61 -74.67 71.55
CA ALA L 319 31.12 -76.00 71.21
C ALA L 319 30.56 -76.03 69.80
N GLU L 320 30.15 -74.87 69.28
CA GLU L 320 29.71 -74.81 67.90
C GLU L 320 30.86 -75.01 66.94
N ILE L 321 32.02 -74.43 67.26
CA ILE L 321 33.23 -74.62 66.46
C ILE L 321 33.66 -76.08 66.51
N TYR L 322 33.56 -76.68 67.70
CA TYR L 322 34.00 -78.07 67.85
C TYR L 322 33.07 -79.02 67.11
N GLU L 323 31.76 -78.79 67.18
CA GLU L 323 30.80 -79.64 66.48
C GLU L 323 30.85 -79.44 64.98
N ALA L 324 31.14 -78.22 64.52
CA ALA L 324 31.27 -78.00 63.08
C ALA L 324 32.51 -78.69 62.53
N PHE L 325 33.62 -78.68 63.29
CA PHE L 325 34.80 -79.38 62.80
C PHE L 325 34.61 -80.89 62.81
N GLU L 326 33.94 -81.42 63.84
CA GLU L 326 33.68 -82.86 63.85
C GLU L 326 32.66 -83.25 62.80
N ASN L 327 31.83 -82.30 62.37
CA ASN L 327 30.93 -82.57 61.26
C ASN L 327 31.68 -82.61 59.94
N ILE L 328 32.61 -81.67 59.73
CA ILE L 328 33.19 -81.54 58.39
C ILE L 328 34.45 -82.38 58.24
N TYR L 329 34.93 -83.00 59.32
CA TYR L 329 36.09 -83.87 59.16
C TYR L 329 35.90 -85.14 58.32
N PRO L 330 34.81 -85.91 58.42
CA PRO L 330 34.72 -87.11 57.57
C PRO L 330 34.59 -86.82 56.08
N ILE L 331 33.98 -85.70 55.72
CA ILE L 331 33.89 -85.32 54.31
C ILE L 331 35.27 -84.99 53.77
N LEU L 332 36.08 -84.28 54.56
CA LEU L 332 37.42 -83.92 54.12
C LEU L 332 38.32 -85.14 54.04
N LYS L 333 38.14 -86.11 54.94
CA LYS L 333 38.92 -87.34 54.83
C LYS L 333 38.46 -88.16 53.63
N GLY L 334 37.17 -88.09 53.29
CA GLY L 334 36.69 -88.78 52.11
C GLY L 334 37.18 -88.17 50.82
N PHE L 335 37.51 -86.88 50.84
CA PHE L 335 38.03 -86.23 49.65
C PHE L 335 39.52 -85.94 49.71
N ARG L 336 40.32 -86.84 50.29
CA ARG L 336 41.77 -86.69 50.31
C ARG L 336 42.31 -86.83 48.89
N LYS L 337 43.40 -86.14 48.60
CA LYS L 337 44.02 -86.21 47.28
C LYS L 337 44.67 -87.57 47.02
N THR M 9 75.38 -22.67 52.80
CA THR M 9 74.17 -22.98 52.04
C THR M 9 72.91 -22.53 52.77
N VAL M 10 72.89 -22.67 54.09
CA VAL M 10 71.82 -22.08 54.93
C VAL M 10 71.99 -20.59 55.24
N PRO M 11 73.17 -20.04 55.58
CA PRO M 11 73.17 -18.61 55.93
C PRO M 11 73.03 -17.71 54.74
N LYS M 12 73.43 -18.16 53.55
CA LYS M 12 73.22 -17.38 52.32
C LYS M 12 71.73 -17.14 52.08
N LEU M 13 70.94 -18.20 52.16
CA LEU M 13 69.49 -18.09 51.99
C LEU M 13 68.88 -17.26 53.13
N TYR M 14 69.40 -17.41 54.35
CA TYR M 14 68.84 -16.65 55.47
C TYR M 14 69.12 -15.16 55.35
N ARG M 15 70.34 -14.78 54.95
CA ARG M 15 70.68 -13.38 54.74
C ARG M 15 69.87 -12.78 53.60
N SER M 16 69.72 -13.52 52.49
CA SER M 16 69.00 -12.99 51.34
C SER M 16 67.52 -12.78 51.66
N VAL M 17 66.90 -13.74 52.35
CA VAL M 17 65.47 -13.60 52.60
C VAL M 17 65.20 -12.63 53.74
N ILE M 18 66.16 -12.44 54.67
CA ILE M 18 65.90 -11.49 55.74
C ILE M 18 66.06 -10.06 55.24
N GLU M 19 66.97 -9.85 54.27
CA GLU M 19 67.07 -8.53 53.68
C GLU M 19 65.95 -8.30 52.68
N ASP M 20 65.44 -9.37 52.08
CA ASP M 20 64.27 -9.27 51.20
C ASP M 20 63.05 -8.84 51.99
N VAL M 21 62.80 -9.47 53.13
CA VAL M 21 61.61 -9.14 53.90
C VAL M 21 61.78 -7.78 54.58
N ILE M 22 63.02 -7.38 54.88
CA ILE M 22 63.26 -6.04 55.45
C ILE M 22 62.95 -4.97 54.41
N ASN M 23 63.50 -5.13 53.20
CA ASN M 23 63.30 -4.11 52.16
C ASN M 23 61.88 -4.17 51.59
N ASP M 24 61.14 -5.24 51.88
CA ASP M 24 59.72 -5.21 51.54
C ASP M 24 58.86 -4.62 52.65
N VAL M 25 59.20 -4.85 53.92
CA VAL M 25 58.38 -4.42 55.04
C VAL M 25 58.67 -2.98 55.45
N ARG M 26 59.70 -2.36 54.86
CA ARG M 26 59.95 -0.92 55.05
C ARG M 26 58.74 -0.08 54.67
N ASP M 27 58.19 -0.30 53.47
CA ASP M 27 57.03 0.45 53.03
C ASP M 27 55.77 0.01 53.78
N ILE M 28 55.74 -1.24 54.23
CA ILE M 28 54.59 -1.73 54.99
C ILE M 28 54.50 -1.03 56.34
N PHE M 29 55.63 -0.82 57.01
CA PHE M 29 55.59 -0.16 58.31
C PHE M 29 55.46 1.35 58.15
N LEU M 30 56.08 1.93 57.12
CA LEU M 30 55.99 3.38 56.97
C LEU M 30 54.67 3.78 56.32
N ASP M 31 53.93 2.82 55.79
CA ASP M 31 52.53 3.06 55.45
C ASP M 31 51.61 2.74 56.62
N ASP M 32 52.14 2.10 57.65
CA ASP M 32 51.44 1.91 58.92
C ASP M 32 52.01 2.80 60.02
N GLY M 33 52.91 3.71 59.64
CA GLY M 33 53.31 4.82 60.49
C GLY M 33 54.14 4.51 61.71
N VAL M 34 55.42 4.15 61.51
CA VAL M 34 56.32 3.95 62.64
C VAL M 34 57.72 4.37 62.19
N ASP M 35 58.61 4.56 63.16
CA ASP M 35 59.94 5.07 62.88
C ASP M 35 60.80 3.95 62.25
N GLU M 36 61.83 4.36 61.49
CA GLU M 36 62.77 3.41 60.91
C GLU M 36 63.62 2.72 61.97
N GLN M 37 63.82 3.35 63.14
CA GLN M 37 64.52 2.70 64.24
C GLN M 37 63.73 1.51 64.77
N VAL M 38 62.40 1.52 64.58
CA VAL M 38 61.59 0.35 64.94
C VAL M 38 61.85 -0.80 63.98
N LEU M 39 62.01 -0.48 62.68
CA LEU M 39 62.44 -1.48 61.69
C LEU M 39 63.83 -2.04 62.04
N MET M 40 64.74 -1.14 62.44
CA MET M 40 66.08 -1.56 62.84
C MET M 40 66.04 -2.43 64.09
N GLU M 41 65.13 -2.12 65.04
CA GLU M 41 64.98 -2.96 66.22
C GLU M 41 64.44 -4.33 65.86
N LEU M 42 63.55 -4.39 64.86
CA LEU M 42 63.04 -5.66 64.34
C LEU M 42 64.17 -6.53 63.80
N LYS M 43 64.97 -6.00 62.88
CA LYS M 43 66.06 -6.78 62.28
C LYS M 43 67.15 -7.11 63.30
N THR M 44 67.45 -6.17 64.20
CA THR M 44 68.52 -6.36 65.18
C THR M 44 68.17 -7.45 66.18
N LEU M 45 66.95 -7.41 66.73
CA LEU M 45 66.58 -8.44 67.69
C LEU M 45 66.28 -9.77 66.98
N TRP M 46 65.92 -9.70 65.70
CA TRP M 46 65.71 -10.92 64.92
C TRP M 46 67.02 -11.67 64.69
N GLU M 47 68.12 -10.94 64.44
CA GLU M 47 69.41 -11.61 64.34
C GLU M 47 69.95 -11.97 65.71
N ASN M 48 69.52 -11.24 66.75
CA ASN M 48 69.83 -11.64 68.12
C ASN M 48 69.21 -13.00 68.46
N LYS M 49 68.00 -13.27 67.95
CA LYS M 49 67.39 -14.57 68.22
C LYS M 49 68.06 -15.67 67.40
N LEU M 50 68.60 -15.33 66.23
CA LEU M 50 69.36 -16.33 65.48
C LEU M 50 70.70 -16.62 66.15
N MET M 51 71.24 -15.63 66.87
CA MET M 51 72.34 -15.93 67.78
C MET M 51 71.89 -16.88 68.89
N GLN M 52 70.80 -16.49 69.56
CA GLN M 52 70.31 -17.24 70.75
C GLN M 52 70.06 -18.72 70.43
N SER M 53 69.40 -19.02 69.31
CA SER M 53 69.08 -20.42 69.03
C SER M 53 70.34 -21.26 68.90
N ARG M 54 71.44 -20.66 68.44
CA ARG M 54 72.76 -21.35 68.40
C ARG M 54 72.70 -22.65 67.59
N ALA M 55 72.37 -22.57 66.31
CA ALA M 55 72.40 -23.75 65.45
C ALA M 55 73.17 -23.52 64.17
N VAL M 56 73.05 -22.34 63.57
CA VAL M 56 73.77 -22.00 62.34
C VAL M 56 74.73 -20.86 62.67
N ASP M 57 75.95 -20.94 62.15
CA ASP M 57 76.95 -19.91 62.40
C ASP M 57 76.99 -18.89 61.26
N GLY M 58 76.97 -17.62 61.64
CA GLY M 58 76.84 -16.54 60.68
C GLY M 58 77.40 -15.23 61.20
N PHE M 59 76.64 -14.16 60.99
CA PHE M 59 77.21 -12.81 61.05
C PHE M 59 77.04 -12.15 62.42
N HIS M 60 75.81 -12.08 62.94
CA HIS M 60 75.58 -11.32 64.17
C HIS M 60 76.17 -12.03 65.39
N SER M 61 76.43 -13.34 65.26
CA SER M 61 77.17 -14.07 66.28
C SER M 61 78.63 -13.63 66.32
N GLU M 62 79.25 -13.40 65.16
CA GLU M 62 80.64 -12.97 65.14
C GLU M 62 80.76 -11.51 65.54
N GLU M 63 79.71 -10.72 65.34
CA GLU M 63 79.68 -9.34 65.81
C GLU M 63 79.24 -9.26 67.27
N THR M 331 60.86 -30.54 70.41
CA THR M 331 62.27 -30.30 70.13
C THR M 331 62.80 -31.31 69.11
N GLU M 332 61.94 -32.18 68.59
CA GLU M 332 62.38 -33.35 67.86
C GLU M 332 62.86 -33.00 66.45
N ASN M 333 63.30 -34.03 65.74
CA ASN M 333 63.83 -33.89 64.40
C ASN M 333 62.68 -33.77 63.41
N VAL M 334 62.37 -32.56 62.97
CA VAL M 334 61.21 -32.30 62.14
C VAL M 334 61.70 -31.87 60.76
N VAL M 335 61.08 -32.42 59.72
CA VAL M 335 61.31 -31.98 58.36
C VAL M 335 59.99 -31.43 57.82
N VAL M 336 59.97 -30.15 57.50
CA VAL M 336 58.80 -29.53 56.90
C VAL M 336 59.11 -29.33 55.42
N CYS M 337 58.11 -29.52 54.56
CA CYS M 337 58.33 -29.54 53.12
C CYS M 337 57.00 -29.39 52.39
N GLN M 338 57.04 -29.64 51.08
CA GLN M 338 55.86 -29.81 50.25
C GLN M 338 55.99 -31.13 49.50
N TYR M 339 54.88 -31.64 48.98
CA TYR M 339 54.88 -32.92 48.29
C TYR M 339 54.41 -32.79 46.84
N ASP M 340 54.79 -33.76 46.03
CA ASP M 340 54.27 -33.88 44.66
C ASP M 340 53.22 -34.99 44.68
N LYS M 341 53.62 -36.19 45.08
CA LYS M 341 52.69 -37.31 45.21
C LYS M 341 53.18 -38.30 46.25
N ILE M 342 52.23 -38.85 47.00
CA ILE M 342 52.49 -39.94 47.94
C ILE M 342 51.81 -41.17 47.39
N HIS M 343 52.56 -42.24 47.18
CA HIS M 343 52.09 -43.41 46.47
C HIS M 343 52.18 -44.62 47.38
N ARG M 344 51.19 -45.50 47.30
CA ARG M 344 51.13 -46.67 48.16
C ARG M 344 50.83 -47.91 47.35
N SER M 345 51.89 -48.70 47.14
CA SER M 345 51.73 -49.96 46.37
C SER M 345 51.52 -51.02 47.43
N LYS M 346 50.33 -51.01 48.05
CA LYS M 346 50.10 -51.95 49.17
C LYS M 346 51.09 -51.57 50.28
N ASN M 347 51.98 -52.46 50.71
CA ASN M 347 52.87 -52.16 51.87
C ASN M 347 53.81 -50.98 51.59
N LYS M 348 54.38 -50.88 50.39
CA LYS M 348 55.43 -49.85 50.11
C LYS M 348 54.90 -48.42 49.93
N TRP M 349 55.55 -47.43 50.56
CA TRP M 349 55.22 -46.03 50.36
C TRP M 349 56.34 -45.37 49.56
N LYS M 350 55.96 -44.51 48.62
CA LYS M 350 56.88 -43.70 47.85
C LYS M 350 56.50 -42.23 47.98
N PHE M 351 57.40 -41.43 48.55
CA PHE M 351 57.17 -40.02 48.80
C PHE M 351 57.92 -39.21 47.76
N HIS M 352 57.22 -38.27 47.12
CA HIS M 352 57.85 -37.29 46.22
C HIS M 352 57.78 -35.93 46.90
N LEU M 353 58.78 -35.64 47.74
CA LEU M 353 58.81 -34.43 48.55
C LEU M 353 59.65 -33.38 47.83
N LYS M 354 59.38 -32.11 48.13
CA LYS M 354 60.09 -31.03 47.45
C LYS M 354 60.07 -29.78 48.33
N ASP M 355 61.13 -28.96 48.17
CA ASP M 355 61.30 -27.64 48.77
C ASP M 355 61.19 -27.64 50.29
N GLY M 356 62.10 -28.33 50.97
CA GLY M 356 61.97 -28.56 52.40
C GLY M 356 63.15 -28.08 53.22
N ILE M 357 62.90 -27.85 54.50
CA ILE M 357 63.92 -27.40 55.45
C ILE M 357 63.98 -28.42 56.57
N MET M 358 65.06 -29.20 56.59
CA MET M 358 65.27 -30.27 57.55
C MET M 358 65.98 -29.74 58.78
N ASN M 359 65.59 -30.25 59.95
CA ASN M 359 66.31 -29.99 61.19
C ASN M 359 66.71 -31.34 61.76
N LEU M 360 67.96 -31.74 61.56
CA LEU M 360 68.45 -33.04 61.98
C LEU M 360 69.71 -32.87 62.83
N ASN M 361 69.79 -33.68 63.89
CA ASN M 361 70.90 -33.73 64.84
C ASN M 361 71.23 -32.37 65.46
N GLY M 362 70.25 -31.49 65.57
CA GLY M 362 70.46 -30.11 65.97
C GLY M 362 70.63 -29.15 64.83
N ARG M 363 71.40 -29.52 63.80
CA ARG M 363 71.67 -28.61 62.70
C ARG M 363 70.50 -28.58 61.73
N ASP M 364 70.63 -27.72 60.72
CA ASP M 364 69.59 -27.54 59.70
C ASP M 364 70.20 -27.77 58.33
N TYR M 365 69.39 -28.30 57.41
CA TYR M 365 69.76 -28.47 56.01
C TYR M 365 68.56 -28.11 55.16
N ILE M 366 68.80 -27.88 53.87
CA ILE M 366 67.72 -27.56 52.93
C ILE M 366 67.76 -28.59 51.81
N PHE M 367 66.60 -28.84 51.21
CA PHE M 367 66.56 -29.60 49.97
C PHE M 367 65.47 -29.06 49.07
N SER M 368 65.48 -29.50 47.81
CA SER M 368 64.41 -29.14 46.87
C SER M 368 63.74 -30.37 46.27
N LYS M 369 64.26 -31.56 46.50
CA LYS M 369 63.66 -32.78 46.01
C LYS M 369 64.06 -33.94 46.92
N ALA M 370 63.15 -34.89 47.09
CA ALA M 370 63.37 -36.03 47.95
C ALA M 370 62.51 -37.18 47.49
N ILE M 371 63.12 -38.35 47.35
CA ILE M 371 62.42 -39.60 47.08
C ILE M 371 62.49 -40.44 48.33
N GLY M 372 61.34 -40.80 48.88
CA GLY M 372 61.28 -41.54 50.12
C GLY M 372 60.68 -42.93 49.91
N ASP M 373 61.49 -43.93 50.23
CA ASP M 373 61.06 -45.32 50.18
C ASP M 373 60.76 -45.71 51.61
N ALA M 374 59.53 -46.18 51.86
CA ALA M 374 59.12 -46.43 53.23
C ALA M 374 58.44 -47.77 53.33
N GLU M 375 58.99 -48.62 54.18
CA GLU M 375 58.36 -49.88 54.57
C GLU M 375 57.53 -49.64 55.82
N TRP M 376 56.22 -49.91 55.72
CA TRP M 376 55.32 -49.62 56.87
C TRP M 376 55.22 -50.85 57.80
N MET P 1 -0.80 -43.59 -3.23
CA MET P 1 -1.44 -43.37 -1.94
C MET P 1 -1.42 -44.67 -1.14
N CYS P 2 -1.41 -45.80 -1.87
CA CYS P 2 -1.21 -47.10 -1.24
C CYS P 2 0.14 -47.18 -0.54
N GLU P 3 1.15 -46.48 -1.07
CA GLU P 3 2.43 -46.36 -0.38
C GLU P 3 2.30 -45.45 0.84
N SER P 4 1.55 -44.36 0.71
CA SER P 4 1.39 -43.43 1.81
C SER P 4 0.35 -43.88 2.84
N TYR P 5 -0.59 -44.73 2.45
CA TYR P 5 -1.47 -45.34 3.43
C TYR P 5 -0.74 -46.39 4.23
N SER P 6 0.21 -47.09 3.61
CA SER P 6 1.00 -48.09 4.31
C SER P 6 1.99 -47.46 5.26
N ARG P 7 2.48 -46.26 4.95
CA ARG P 7 3.47 -45.62 5.80
C ARG P 7 2.83 -45.07 7.07
N SER P 8 1.59 -44.58 6.96
CA SER P 8 0.91 -44.08 8.15
C SER P 8 0.49 -45.21 9.07
N LEU P 9 0.23 -46.39 8.52
CA LEU P 9 -0.04 -47.57 9.35
C LEU P 9 1.22 -48.13 9.98
N LEU P 10 2.39 -47.85 9.43
CA LEU P 10 3.65 -48.22 10.05
C LEU P 10 4.17 -47.15 11.00
N ARG P 11 3.49 -46.02 11.11
CA ARG P 11 3.87 -45.05 12.13
C ARG P 11 3.16 -45.34 13.45
N VAL P 12 1.87 -45.70 13.37
CA VAL P 12 1.15 -46.15 14.55
C VAL P 12 1.67 -47.51 15.02
N SER P 13 2.11 -48.36 14.09
CA SER P 13 2.66 -49.66 14.49
C SER P 13 4.03 -49.52 15.14
N VAL P 14 4.83 -48.52 14.73
CA VAL P 14 6.06 -48.22 15.44
C VAL P 14 5.75 -47.62 16.81
N ALA P 15 4.75 -46.73 16.87
CA ALA P 15 4.35 -46.09 18.12
C ALA P 15 3.69 -47.04 19.10
N GLN P 16 3.30 -48.24 18.66
CA GLN P 16 2.80 -49.27 19.57
C GLN P 16 3.91 -50.18 20.06
N ILE P 17 5.07 -50.19 19.41
CA ILE P 17 6.23 -50.90 19.92
C ILE P 17 7.01 -50.01 20.88
N CYS P 18 7.11 -48.71 20.56
CA CYS P 18 7.84 -47.78 21.41
C CYS P 18 7.05 -47.43 22.67
N GLN P 19 5.73 -47.63 22.66
CA GLN P 19 4.94 -47.38 23.87
C GLN P 19 4.92 -48.60 24.79
N ALA P 20 4.87 -49.81 24.21
CA ALA P 20 4.80 -51.03 24.98
C ALA P 20 6.09 -51.36 25.72
N LEU P 21 7.17 -50.62 25.43
CA LEU P 21 8.49 -50.92 26.05
C LEU P 21 8.97 -49.77 26.94
N GLY P 22 8.10 -48.82 27.29
CA GLY P 22 8.48 -47.77 28.26
C GLY P 22 8.80 -46.40 27.70
N TRP P 23 8.92 -46.22 26.38
CA TRP P 23 9.11 -44.82 25.89
C TRP P 23 7.80 -44.08 26.15
N ASP P 24 7.85 -42.91 26.77
CA ASP P 24 6.58 -42.24 27.14
C ASP P 24 6.23 -41.16 26.12
N SER P 25 7.24 -40.55 25.49
CA SER P 25 7.01 -39.51 24.47
C SER P 25 8.04 -39.67 23.37
N VAL P 26 7.76 -39.14 22.18
CA VAL P 26 8.69 -39.37 21.05
C VAL P 26 9.00 -38.04 20.37
N GLN P 27 10.08 -38.00 19.61
CA GLN P 27 10.40 -36.83 18.82
C GLN P 27 9.87 -37.04 17.40
N LEU P 28 9.42 -35.95 16.76
CA LEU P 28 8.83 -36.08 15.44
C LEU P 28 9.88 -36.36 14.37
N SER P 29 11.09 -35.84 14.54
CA SER P 29 12.14 -36.13 13.58
C SER P 29 12.67 -37.54 13.69
N ALA P 30 12.43 -38.22 14.81
CA ALA P 30 12.91 -39.58 15.03
C ALA P 30 11.81 -40.62 14.94
N CYS P 31 10.56 -40.22 14.73
CA CYS P 31 9.49 -41.18 14.44
C CYS P 31 9.33 -41.41 12.95
N HIS P 32 9.62 -40.39 12.13
CA HIS P 32 9.63 -40.57 10.69
C HIS P 32 10.83 -41.37 10.22
N LEU P 33 11.90 -41.41 11.00
CA LEU P 33 13.06 -42.20 10.62
C LEU P 33 12.88 -43.67 11.00
N LEU P 34 12.32 -43.94 12.17
CA LEU P 34 12.14 -45.33 12.60
C LEU P 34 11.07 -46.05 11.78
N THR P 35 10.10 -45.31 11.23
CA THR P 35 9.14 -45.93 10.33
C THR P 35 9.66 -46.07 8.91
N ASP P 36 10.80 -45.46 8.60
CA ASP P 36 11.44 -45.63 7.30
C ASP P 36 12.46 -46.75 7.31
N VAL P 37 12.94 -47.14 8.49
CA VAL P 37 13.77 -48.34 8.60
C VAL P 37 12.89 -49.58 8.58
N LEU P 38 11.70 -49.50 9.16
CA LEU P 38 10.77 -50.62 9.13
C LEU P 38 10.17 -50.81 7.75
N GLN P 39 10.01 -49.71 6.99
CA GLN P 39 9.58 -49.84 5.60
C GLN P 39 10.67 -50.48 4.74
N ARG P 40 11.94 -50.23 5.07
CA ARG P 40 13.04 -50.81 4.32
C ARG P 40 13.37 -52.22 4.77
N TYR P 41 13.06 -52.56 6.03
CA TYR P 41 13.35 -53.90 6.52
C TYR P 41 12.33 -54.91 6.02
N LEU P 42 11.07 -54.50 5.89
CA LEU P 42 10.04 -55.39 5.35
C LEU P 42 10.27 -55.67 3.88
N GLN P 43 10.87 -54.74 3.16
CA GLN P 43 11.15 -54.96 1.74
C GLN P 43 12.38 -55.83 1.55
N GLN P 44 13.44 -55.59 2.32
CA GLN P 44 14.68 -56.35 2.17
C GLN P 44 14.51 -57.80 2.58
N LEU P 45 13.65 -58.07 3.56
CA LEU P 45 13.31 -59.46 3.87
C LEU P 45 12.48 -60.08 2.75
N GLY P 46 11.47 -59.37 2.27
CA GLY P 46 10.64 -59.87 1.18
C GLY P 46 11.36 -59.96 -0.14
N ARG P 47 12.40 -59.14 -0.35
CA ARG P 47 13.21 -59.29 -1.54
C ARG P 47 14.11 -60.51 -1.45
N GLY P 48 14.63 -60.79 -0.25
CA GLY P 48 15.46 -61.97 -0.07
C GLY P 48 14.66 -63.25 -0.11
N CYS P 49 13.40 -63.22 0.34
CA CYS P 49 12.53 -64.37 0.23
C CYS P 49 12.11 -64.65 -1.20
N HIS P 50 12.17 -63.65 -2.08
CA HIS P 50 11.85 -63.84 -3.48
C HIS P 50 13.05 -64.26 -4.29
N ARG P 51 14.24 -63.78 -3.93
CA ARG P 51 15.45 -64.16 -4.66
C ARG P 51 15.87 -65.60 -4.36
N TYR P 52 15.61 -66.09 -3.14
CA TYR P 52 15.85 -67.49 -2.85
C TYR P 52 14.80 -68.42 -3.45
N SER P 53 13.65 -67.90 -3.86
CA SER P 53 12.69 -68.76 -4.53
C SER P 53 13.01 -68.88 -6.02
N GLU P 54 13.35 -67.76 -6.66
CA GLU P 54 13.65 -67.75 -8.08
C GLU P 54 14.94 -68.49 -8.41
N LEU P 55 15.81 -68.68 -7.43
CA LEU P 55 17.07 -69.39 -7.66
C LEU P 55 16.83 -70.88 -7.85
N TYR P 56 15.93 -71.46 -7.07
CA TYR P 56 15.63 -72.88 -7.18
C TYR P 56 14.50 -73.16 -8.17
N GLY P 57 14.06 -72.15 -8.90
CA GLY P 57 13.10 -72.35 -9.96
C GLY P 57 11.72 -71.76 -9.71
N ARG P 58 11.24 -71.83 -8.47
CA ARG P 58 9.85 -71.48 -8.22
C ARG P 58 9.66 -69.97 -8.18
N THR P 59 8.42 -69.54 -8.38
CA THR P 59 8.09 -68.13 -8.34
C THR P 59 7.55 -67.71 -6.98
N ASP P 60 6.72 -68.54 -6.36
CA ASP P 60 6.16 -68.23 -5.05
C ASP P 60 7.00 -68.87 -3.96
N PRO P 61 7.48 -68.11 -2.98
CA PRO P 61 8.36 -68.68 -1.94
C PRO P 61 7.60 -69.57 -0.97
N ILE P 62 8.38 -70.36 -0.25
CA ILE P 62 7.86 -71.29 0.75
C ILE P 62 8.58 -71.01 2.06
N LEU P 63 8.31 -71.83 3.08
CA LEU P 63 8.86 -71.61 4.41
C LEU P 63 10.38 -71.76 4.45
N ASP P 64 10.95 -72.60 3.58
CA ASP P 64 12.40 -72.79 3.56
C ASP P 64 13.11 -71.56 3.02
N ASP P 65 12.49 -70.85 2.08
CA ASP P 65 13.07 -69.62 1.56
C ASP P 65 13.02 -68.50 2.59
N VAL P 66 12.00 -68.49 3.43
CA VAL P 66 11.96 -67.54 4.54
C VAL P 66 13.03 -67.88 5.57
N GLY P 67 13.27 -69.17 5.79
CA GLY P 67 14.33 -69.56 6.69
C GLY P 67 15.72 -69.28 6.15
N GLU P 68 15.86 -69.27 4.83
CA GLU P 68 17.14 -68.94 4.21
C GLU P 68 17.36 -67.44 4.13
N ALA P 69 16.29 -66.68 3.89
CA ALA P 69 16.40 -65.22 3.83
C ALA P 69 16.47 -64.59 5.20
N PHE P 70 16.20 -65.34 6.26
CA PHE P 70 16.41 -64.83 7.61
C PHE P 70 17.90 -64.78 7.94
N GLN P 71 18.67 -65.73 7.41
CA GLN P 71 20.10 -65.78 7.67
C GLN P 71 20.89 -64.80 6.82
N LEU P 72 20.34 -64.37 5.69
CA LEU P 72 21.03 -63.33 4.89
C LEU P 72 20.89 -62.02 5.65
N MET P 73 19.67 -61.71 6.11
CA MET P 73 19.42 -60.47 6.90
C MET P 73 19.99 -60.60 8.30
N GLY P 74 20.31 -61.83 8.74
CA GLY P 74 20.90 -62.05 10.07
C GLY P 74 19.88 -62.27 11.17
N VAL P 75 18.60 -62.40 10.82
CA VAL P 75 17.56 -62.72 11.85
C VAL P 75 17.90 -64.10 12.43
N SER P 76 17.81 -64.24 13.75
CA SER P 76 18.15 -65.54 14.40
C SER P 76 16.88 -66.16 14.99
N LEU P 77 16.56 -67.39 14.60
CA LEU P 77 15.31 -68.04 15.06
C LEU P 77 15.43 -68.40 16.54
N HIS P 78 16.65 -68.41 17.09
CA HIS P 78 16.80 -68.65 18.55
C HIS P 78 16.37 -67.39 19.30
N GLU P 79 16.66 -66.21 18.73
CA GLU P 79 16.29 -64.96 19.39
C GLU P 79 14.87 -64.53 19.07
N LEU P 80 14.19 -65.17 18.11
CA LEU P 80 12.77 -64.91 17.92
C LEU P 80 11.93 -65.64 18.96
N GLU P 81 12.42 -66.75 19.48
CA GLU P 81 11.70 -67.45 20.54
C GLU P 81 11.78 -66.70 21.86
N ASP P 82 12.87 -65.99 22.10
CA ASP P 82 12.96 -65.15 23.28
C ASP P 82 12.17 -63.86 23.16
N TYR P 83 11.75 -63.50 21.95
CA TYR P 83 10.82 -62.39 21.75
C TYR P 83 9.37 -62.84 21.79
N ILE P 84 9.09 -64.07 21.33
CA ILE P 84 7.72 -64.57 21.29
C ILE P 84 7.26 -65.13 22.62
N HIS P 85 8.17 -65.27 23.59
CA HIS P 85 7.83 -65.81 24.90
C HIS P 85 7.95 -64.81 26.04
N ASN P 86 8.83 -63.82 25.92
CA ASN P 86 9.06 -62.86 26.98
C ASN P 86 8.40 -61.52 26.74
N ILE P 87 7.80 -61.30 25.57
CA ILE P 87 7.13 -60.04 25.25
C ILE P 87 5.68 -60.35 24.93
N GLU P 88 4.77 -59.51 25.43
CA GLU P 88 3.31 -59.75 25.24
C GLU P 88 2.88 -59.13 23.91
N PRO P 89 1.93 -59.75 23.17
CA PRO P 89 1.47 -59.21 21.89
C PRO P 89 0.77 -57.86 22.09
N VAL P 90 0.97 -56.93 21.14
CA VAL P 90 0.28 -55.61 21.19
C VAL P 90 -0.74 -55.59 20.07
N THR P 91 -2.00 -55.26 20.38
CA THR P 91 -3.08 -55.32 19.37
C THR P 91 -3.21 -53.97 18.65
N PHE P 92 -3.26 -53.99 17.31
CA PHE P 92 -3.42 -52.74 16.51
C PHE P 92 -4.78 -52.11 16.84
N PRO P 93 -4.88 -50.78 17.01
CA PRO P 93 -6.14 -50.14 17.43
C PRO P 93 -7.36 -50.31 16.51
N HIS P 94 -7.17 -50.41 15.20
CA HIS P 94 -8.27 -50.53 14.24
C HIS P 94 -7.82 -51.40 13.08
N GLN P 95 -8.56 -52.48 12.84
CA GLN P 95 -8.18 -53.44 11.82
C GLN P 95 -8.41 -52.86 10.42
N ILE P 96 -7.66 -53.39 9.46
CA ILE P 96 -7.68 -52.92 8.08
C ILE P 96 -7.94 -54.12 7.17
N PRO P 97 -8.95 -54.06 6.30
CA PRO P 97 -9.29 -55.24 5.49
C PRO P 97 -8.30 -55.57 4.37
N SER P 98 -8.02 -54.58 3.52
CA SER P 98 -7.13 -54.67 2.36
C SER P 98 -6.98 -53.28 1.78
N PHE P 99 -5.82 -53.02 1.19
CA PHE P 99 -5.59 -51.67 0.68
C PHE P 99 -6.35 -51.41 -0.63
N PRO P 100 -6.05 -52.10 -1.75
CA PRO P 100 -6.66 -51.76 -3.02
C PRO P 100 -8.13 -52.17 -3.04
N VAL P 101 -9.04 -51.25 -2.73
CA VAL P 101 -10.49 -51.59 -2.85
C VAL P 101 -10.74 -51.85 -4.33
N SER P 102 -11.46 -52.93 -4.66
CA SER P 102 -11.64 -53.29 -6.09
C SER P 102 -12.42 -52.19 -6.80
N LYS P 103 -11.94 -51.75 -7.97
CA LYS P 103 -12.66 -50.74 -8.77
C LYS P 103 -12.91 -51.31 -10.17
N ASN P 104 -14.17 -51.30 -10.62
CA ASN P 104 -14.51 -51.80 -11.97
C ASN P 104 -14.06 -50.79 -13.03
N ASN P 105 -13.46 -51.25 -14.12
CA ASN P 105 -13.07 -50.34 -15.24
C ASN P 105 -14.35 -49.76 -15.83
N VAL P 106 -14.32 -48.49 -16.26
CA VAL P 106 -15.56 -47.82 -16.73
C VAL P 106 -15.64 -47.77 -18.27
N LEU P 107 -14.88 -48.62 -18.96
CA LEU P 107 -14.99 -48.71 -20.44
C LEU P 107 -16.47 -48.80 -20.84
N GLN P 108 -16.91 -48.01 -21.82
CA GLN P 108 -18.31 -47.96 -22.24
C GLN P 108 -18.58 -49.04 -23.27
N PHE P 109 -18.90 -50.23 -22.78
CA PHE P 109 -19.28 -51.35 -23.61
C PHE P 109 -20.69 -51.10 -24.16
N PRO P 110 -21.04 -51.69 -25.32
CA PRO P 110 -22.16 -51.17 -26.10
C PRO P 110 -23.52 -51.42 -25.48
N GLN P 111 -24.52 -50.88 -26.17
CA GLN P 111 -25.89 -50.63 -25.72
C GLN P 111 -26.70 -50.39 -26.98
N PRO P 112 -28.02 -50.15 -26.91
CA PRO P 112 -28.74 -49.60 -28.07
C PRO P 112 -28.11 -48.31 -28.60
N GLY P 113 -27.96 -48.25 -29.91
CA GLY P 113 -27.32 -47.14 -30.61
C GLY P 113 -26.77 -47.63 -31.95
N SER P 114 -25.73 -46.94 -32.43
CA SER P 114 -25.05 -47.32 -33.66
C SER P 114 -23.63 -46.73 -33.63
N LYS P 115 -22.90 -46.96 -34.72
CA LYS P 115 -21.52 -46.51 -34.87
C LYS P 115 -21.37 -45.99 -36.30
N ASP P 116 -20.25 -45.32 -36.59
CA ASP P 116 -20.18 -44.50 -37.81
C ASP P 116 -19.62 -45.24 -39.02
N ALA P 117 -18.31 -45.51 -39.04
CA ALA P 117 -17.76 -46.15 -40.22
C ALA P 117 -16.78 -47.27 -39.94
N GLU P 118 -15.87 -47.06 -39.00
CA GLU P 118 -14.76 -47.98 -38.79
C GLU P 118 -14.37 -48.13 -37.33
N GLU P 119 -15.09 -47.52 -36.40
CA GLU P 119 -14.87 -47.76 -35.00
C GLU P 119 -15.48 -49.11 -34.61
N ARG P 120 -14.82 -49.82 -33.70
CA ARG P 120 -15.34 -51.10 -33.26
C ARG P 120 -16.58 -50.91 -32.39
N LYS P 121 -17.29 -52.02 -32.15
CA LYS P 121 -18.53 -51.96 -31.39
C LYS P 121 -18.28 -51.68 -29.91
N GLU P 122 -17.13 -52.09 -29.39
CA GLU P 122 -16.85 -51.98 -27.96
C GLU P 122 -16.48 -50.58 -27.52
N TYR P 123 -16.30 -49.63 -28.44
CA TYR P 123 -15.80 -48.31 -28.06
C TYR P 123 -16.91 -47.47 -27.43
N ILE P 124 -16.54 -46.26 -27.03
CA ILE P 124 -17.47 -45.33 -26.40
C ILE P 124 -18.42 -44.81 -27.47
N PRO P 125 -19.71 -44.59 -27.18
CA PRO P 125 -20.58 -43.97 -28.18
C PRO P 125 -20.22 -42.51 -28.40
N ASP P 126 -20.34 -42.07 -29.64
CA ASP P 126 -20.14 -40.66 -29.99
C ASP P 126 -21.39 -39.91 -29.55
N TYR P 127 -21.40 -39.46 -28.30
CA TYR P 127 -22.57 -38.83 -27.72
C TYR P 127 -22.75 -37.40 -28.24
N SER Q 849 48.05 -67.58 47.16
CA SER Q 849 47.59 -67.19 45.83
C SER Q 849 48.57 -67.64 44.76
N ALA Q 850 49.86 -67.62 45.07
CA ALA Q 850 50.88 -68.03 44.10
C ALA Q 850 51.06 -69.53 44.02
N ARG Q 851 50.38 -70.31 44.85
CA ARG Q 851 50.47 -71.76 44.76
C ARG Q 851 49.45 -72.37 43.83
N ILE Q 852 48.43 -71.60 43.43
CA ILE Q 852 47.50 -72.05 42.40
C ILE Q 852 48.14 -71.90 41.02
N LEU Q 853 49.09 -70.98 40.89
CA LEU Q 853 49.76 -70.72 39.62
C LEU Q 853 51.11 -71.41 39.50
N ALA Q 854 51.72 -71.81 40.63
CA ALA Q 854 53.02 -72.49 40.57
C ALA Q 854 52.88 -73.91 40.03
N THR Q 855 51.79 -74.59 40.38
CA THR Q 855 51.50 -75.89 39.78
C THR Q 855 51.03 -75.75 38.33
N ASN Q 856 50.65 -74.55 37.90
CA ASN Q 856 50.30 -74.28 36.50
C ASN Q 856 51.52 -73.98 35.64
N SER Q 857 52.72 -74.31 36.12
CA SER Q 857 53.94 -74.25 35.34
C SER Q 857 54.77 -75.52 35.44
N GLU Q 858 54.30 -76.52 36.18
CA GLU Q 858 54.98 -77.81 36.31
C GLU Q 858 54.30 -78.93 35.53
N LEU Q 859 52.96 -78.91 35.44
CA LEU Q 859 52.23 -79.97 34.77
C LEU Q 859 52.06 -79.71 33.28
N VAL Q 860 51.43 -78.59 32.94
CA VAL Q 860 51.07 -78.28 31.57
C VAL Q 860 52.23 -77.58 30.87
N GLY Q 861 52.46 -77.94 29.62
CA GLY Q 861 53.47 -77.30 28.80
C GLY Q 861 54.89 -77.66 29.19
N THR Q 862 55.20 -78.96 29.22
CA THR Q 862 56.55 -79.38 29.56
C THR Q 862 57.51 -79.13 28.40
N LEU Q 863 57.24 -79.72 27.25
CA LEU Q 863 58.01 -79.44 26.05
C LEU Q 863 57.30 -78.41 25.20
N THR Q 864 58.08 -77.59 24.51
CA THR Q 864 57.57 -76.59 23.59
C THR Q 864 57.65 -77.16 22.17
N ARG Q 865 56.55 -77.10 21.45
CA ARG Q 865 56.46 -77.66 20.11
C ARG Q 865 56.46 -76.53 19.08
N SER Q 866 56.34 -76.91 17.81
CA SER Q 866 56.12 -75.97 16.72
C SER Q 866 55.44 -76.75 15.60
N CYS Q 867 55.22 -76.06 14.47
CA CYS Q 867 54.46 -76.65 13.38
C CYS Q 867 54.78 -75.94 12.09
N LYS Q 868 54.79 -76.70 11.00
CA LYS Q 868 55.00 -76.16 9.66
C LYS Q 868 53.65 -75.73 9.12
N ASP Q 869 53.28 -74.48 9.37
CA ASP Q 869 52.01 -73.94 8.88
C ASP Q 869 52.13 -73.68 7.39
N GLU Q 870 51.52 -74.55 6.59
CA GLU Q 870 51.50 -74.37 5.14
C GLU Q 870 50.60 -73.20 4.76
N THR Q 871 50.78 -72.71 3.55
CA THR Q 871 49.97 -71.61 3.04
C THR Q 871 48.94 -72.13 2.05
N PHE Q 872 47.97 -71.28 1.75
CA PHE Q 872 46.94 -71.61 0.78
C PHE Q 872 47.43 -71.34 -0.64
N LEU Q 873 47.96 -70.14 -0.87
CA LEU Q 873 48.54 -69.78 -2.16
C LEU Q 873 49.96 -70.33 -2.26
N LEU Q 874 50.69 -69.91 -3.28
CA LEU Q 874 52.09 -70.25 -3.44
C LEU Q 874 52.94 -69.03 -3.14
N GLN Q 875 54.04 -69.23 -2.42
CA GLN Q 875 54.78 -68.11 -1.85
C GLN Q 875 55.62 -67.37 -2.89
N ALA Q 876 56.29 -68.10 -3.77
CA ALA Q 876 57.17 -67.49 -4.76
C ALA Q 876 56.45 -66.84 -5.95
N PRO Q 877 55.33 -67.37 -6.50
CA PRO Q 877 54.59 -66.54 -7.46
C PRO Q 877 53.93 -65.32 -6.85
N LEU Q 878 53.57 -65.36 -5.57
CA LEU Q 878 52.88 -64.22 -4.96
C LEU Q 878 53.82 -63.06 -4.70
N GLN Q 879 55.05 -63.34 -4.26
CA GLN Q 879 55.98 -62.26 -3.93
C GLN Q 879 56.42 -61.49 -5.18
N ARG Q 880 56.51 -62.16 -6.33
CA ARG Q 880 56.75 -61.43 -7.58
C ARG Q 880 55.51 -60.66 -8.01
N ARG Q 881 54.33 -61.13 -7.61
CA ARG Q 881 53.09 -60.47 -8.01
C ARG Q 881 52.87 -59.18 -7.22
N ILE Q 882 53.25 -59.17 -5.94
CA ILE Q 882 53.05 -57.99 -5.10
C ILE Q 882 53.94 -56.84 -5.55
N LEU Q 883 55.16 -57.15 -5.97
CA LEU Q 883 56.09 -56.11 -6.40
C LEU Q 883 55.76 -55.55 -7.78
N GLU Q 884 54.92 -56.23 -8.56
CA GLU Q 884 54.46 -55.67 -9.82
C GLU Q 884 53.36 -54.65 -9.61
N ILE Q 885 52.54 -54.82 -8.56
CA ILE Q 885 51.50 -53.86 -8.22
C ILE Q 885 52.03 -52.75 -7.31
N GLY Q 886 53.31 -52.79 -6.96
CA GLY Q 886 53.88 -51.75 -6.13
C GLY Q 886 54.90 -50.88 -6.85
N LYS Q 887 55.27 -51.24 -8.07
CA LYS Q 887 56.25 -50.44 -8.79
C LYS Q 887 55.68 -49.12 -9.27
N LYS Q 888 54.35 -49.00 -9.36
CA LYS Q 888 53.74 -47.71 -9.69
C LYS Q 888 53.83 -46.75 -8.51
N HIS Q 889 53.57 -47.23 -7.30
CA HIS Q 889 53.47 -46.41 -6.12
C HIS Q 889 54.80 -46.24 -5.39
N GLY Q 890 55.90 -46.69 -5.99
CA GLY Q 890 57.21 -46.49 -5.41
C GLY Q 890 57.54 -47.47 -4.31
N ILE Q 891 57.30 -48.75 -4.57
CA ILE Q 891 57.53 -49.82 -3.59
C ILE Q 891 58.54 -50.80 -4.19
N THR Q 892 59.65 -50.98 -3.49
CA THR Q 892 60.73 -51.84 -3.97
C THR Q 892 60.71 -53.22 -3.32
N GLU Q 893 60.75 -53.27 -1.99
CA GLU Q 893 60.76 -54.53 -1.26
C GLU Q 893 59.48 -54.68 -0.45
N LEU Q 894 59.42 -55.75 0.33
CA LEU Q 894 58.27 -56.00 1.20
C LEU Q 894 58.75 -56.68 2.47
N HIS Q 895 58.00 -56.46 3.55
CA HIS Q 895 58.23 -57.17 4.79
C HIS Q 895 57.90 -58.65 4.61
N PRO Q 896 58.61 -59.54 5.30
CA PRO Q 896 58.29 -60.98 5.20
C PRO Q 896 56.94 -61.37 5.76
N ASP Q 897 56.31 -60.52 6.56
CA ASP Q 897 54.99 -60.81 7.10
C ASP Q 897 53.87 -60.65 6.07
N VAL Q 898 54.15 -60.04 4.92
CA VAL Q 898 53.07 -59.62 4.03
C VAL Q 898 52.58 -60.79 3.17
N VAL Q 899 53.47 -61.66 2.70
CA VAL Q 899 53.10 -62.70 1.75
C VAL Q 899 52.26 -63.78 2.43
N SER Q 900 52.54 -64.06 3.70
CA SER Q 900 51.70 -64.99 4.44
C SER Q 900 50.49 -64.31 5.06
N TYR Q 901 50.36 -62.99 4.93
CA TYR Q 901 49.16 -62.28 5.32
C TYR Q 901 48.13 -62.25 4.19
N VAL Q 902 48.60 -62.03 2.95
CA VAL Q 902 47.70 -62.07 1.81
C VAL Q 902 47.32 -63.50 1.49
N SER Q 903 48.20 -64.46 1.76
CA SER Q 903 47.84 -65.86 1.54
C SER Q 903 46.83 -66.35 2.56
N HIS Q 904 46.80 -65.74 3.74
CA HIS Q 904 45.74 -66.01 4.70
C HIS Q 904 44.51 -65.16 4.46
N ALA Q 905 44.65 -64.05 3.73
CA ALA Q 905 43.50 -63.21 3.42
C ALA Q 905 42.61 -63.89 2.39
N THR Q 906 43.19 -64.31 1.26
CA THR Q 906 42.40 -64.94 0.22
C THR Q 906 41.98 -66.36 0.57
N GLN Q 907 42.56 -66.96 1.60
CA GLN Q 907 42.04 -68.23 2.07
C GLN Q 907 40.73 -68.03 2.83
N GLN Q 908 40.69 -67.03 3.72
CA GLN Q 908 39.44 -66.75 4.42
C GLN Q 908 38.42 -66.06 3.52
N ARG Q 909 38.86 -65.42 2.43
CA ARG Q 909 37.93 -64.82 1.49
C ARG Q 909 37.23 -65.89 0.67
N LEU Q 910 37.99 -66.83 0.13
CA LEU Q 910 37.39 -67.88 -0.67
C LEU Q 910 36.67 -68.92 0.18
N GLN Q 911 36.97 -69.01 1.47
CA GLN Q 911 36.24 -69.93 2.33
C GLN Q 911 34.87 -69.41 2.70
N ASN Q 912 34.71 -68.09 2.75
CA ASN Q 912 33.38 -67.51 2.93
C ASN Q 912 32.50 -67.76 1.70
N LEU Q 913 33.10 -67.85 0.52
CA LEU Q 913 32.32 -68.02 -0.70
C LEU Q 913 31.89 -69.47 -0.89
N VAL Q 914 32.72 -70.42 -0.50
CA VAL Q 914 32.35 -71.83 -0.64
C VAL Q 914 31.33 -72.22 0.44
N GLU Q 915 31.41 -71.63 1.64
CA GLU Q 915 30.42 -71.91 2.67
C GLU Q 915 29.06 -71.33 2.32
N LYS Q 916 29.00 -70.33 1.44
CA LYS Q 916 27.73 -69.77 0.97
C LYS Q 916 27.25 -70.47 -0.29
N ILE Q 917 28.17 -70.98 -1.10
CA ILE Q 917 27.82 -71.79 -2.25
C ILE Q 917 27.24 -73.13 -1.81
N SER Q 918 27.87 -73.78 -0.81
CA SER Q 918 27.51 -75.14 -0.44
C SER Q 918 26.17 -75.20 0.29
N GLU Q 919 25.79 -74.12 0.97
CA GLU Q 919 24.48 -74.07 1.59
C GLU Q 919 23.37 -73.85 0.56
N THR Q 920 23.73 -73.40 -0.64
CA THR Q 920 22.78 -73.18 -1.73
C THR Q 920 22.60 -74.43 -2.58
N ALA Q 921 23.70 -75.07 -2.97
CA ALA Q 921 23.64 -76.23 -3.86
C ALA Q 921 23.01 -77.45 -3.20
N GLN Q 922 23.06 -77.55 -1.87
CA GLN Q 922 22.43 -78.66 -1.19
C GLN Q 922 20.92 -78.52 -1.09
N GLN Q 923 20.40 -77.30 -1.23
CA GLN Q 923 18.96 -77.11 -1.30
C GLN Q 923 18.38 -77.65 -2.60
N LYS Q 924 19.18 -77.66 -3.67
CA LYS Q 924 18.73 -78.16 -4.96
C LYS Q 924 18.63 -79.68 -5.01
N ASN Q 925 19.20 -80.38 -4.02
CA ASN Q 925 19.02 -81.81 -3.88
C ASN Q 925 17.86 -82.18 -2.98
N PHE Q 926 17.12 -81.18 -2.48
CA PHE Q 926 15.91 -81.42 -1.73
C PHE Q 926 14.72 -81.51 -2.68
N SER Q 927 13.80 -82.40 -2.39
CA SER Q 927 12.62 -82.61 -3.22
C SER Q 927 11.38 -82.58 -2.34
N TYR Q 928 10.38 -81.82 -2.76
CA TYR Q 928 9.09 -81.79 -2.09
C TYR Q 928 8.06 -82.63 -2.80
N LYS Q 929 8.46 -83.39 -3.82
CA LYS Q 929 7.59 -84.39 -4.43
C LYS Q 929 7.24 -85.47 -3.43
N ASP Q 930 8.20 -85.86 -2.60
CA ASP Q 930 8.10 -87.01 -1.72
C ASP Q 930 8.14 -86.60 -0.24
N ASP Q 931 7.43 -85.52 0.09
CA ASP Q 931 7.43 -84.97 1.43
C ASP Q 931 5.99 -84.78 1.88
N ASP Q 932 5.70 -85.17 3.12
CA ASP Q 932 4.45 -84.79 3.74
C ASP Q 932 4.54 -83.34 4.19
N ARG Q 933 3.38 -82.79 4.59
CA ARG Q 933 3.12 -81.39 4.98
C ARG Q 933 3.42 -80.39 3.87
N TYR Q 934 3.72 -80.83 2.64
CA TYR Q 934 3.97 -79.97 1.49
C TYR Q 934 3.14 -80.49 0.33
N GLU Q 935 2.20 -79.67 -0.15
CA GLU Q 935 1.38 -80.03 -1.29
C GLU Q 935 1.64 -79.08 -2.46
N GLN Q 936 1.40 -79.57 -3.67
CA GLN Q 936 1.75 -78.85 -4.88
C GLN Q 936 0.66 -77.84 -5.23
N ALA Q 937 1.07 -76.62 -5.57
CA ALA Q 937 0.12 -75.58 -5.93
C ALA Q 937 -0.10 -75.54 -7.45
N SER Q 938 0.96 -75.31 -8.22
CA SER Q 938 0.80 -75.11 -9.66
C SER Q 938 2.09 -75.50 -10.37
N ASP Q 939 1.92 -76.27 -11.47
CA ASP Q 939 3.09 -76.66 -12.32
C ASP Q 939 2.93 -76.15 -13.76
N VAL Q 940 3.48 -74.97 -14.09
CA VAL Q 940 3.51 -74.36 -15.44
C VAL Q 940 4.27 -75.29 -16.39
N ARG Q 941 5.25 -76.05 -15.88
CA ARG Q 941 6.08 -76.90 -16.77
C ARG Q 941 5.19 -77.94 -17.45
N ALA Q 942 4.32 -78.60 -16.71
CA ALA Q 942 3.36 -79.57 -17.31
C ALA Q 942 2.41 -78.83 -18.25
N GLN Q 943 1.97 -77.64 -17.86
CA GLN Q 943 1.08 -76.96 -18.87
C GLN Q 943 1.84 -76.74 -20.21
N LEU Q 944 3.09 -76.29 -20.13
CA LEU Q 944 3.90 -76.03 -21.35
C LEU Q 944 4.16 -77.32 -22.11
N LYS Q 945 4.38 -78.44 -21.42
CA LYS Q 945 4.57 -79.76 -22.08
C LYS Q 945 3.30 -80.13 -22.86
N PHE Q 946 2.12 -79.92 -22.28
CA PHE Q 946 0.89 -80.18 -23.09
C PHE Q 946 0.84 -79.24 -24.31
N PHE Q 947 1.17 -77.96 -24.14
CA PHE Q 947 1.14 -77.11 -25.36
C PHE Q 947 2.12 -77.65 -26.42
N GLU Q 948 3.30 -78.08 -25.99
CA GLU Q 948 4.34 -78.62 -26.92
C GLU Q 948 3.83 -79.87 -27.62
N GLN Q 949 3.13 -80.75 -26.91
CA GLN Q 949 2.53 -81.97 -27.54
C GLN Q 949 1.50 -81.55 -28.57
N LEU Q 950 0.66 -80.55 -28.27
CA LEU Q 950 -0.28 -80.08 -29.31
C LEU Q 950 0.49 -79.56 -30.53
N ASP Q 951 1.57 -78.81 -30.31
CA ASP Q 951 2.37 -78.29 -31.44
C ASP Q 951 2.99 -79.43 -32.26
N GLN Q 952 3.48 -80.48 -31.61
CA GLN Q 952 4.05 -81.65 -32.33
C GLN Q 952 2.96 -82.36 -33.12
N ILE Q 953 1.75 -82.47 -32.57
CA ILE Q 953 0.62 -83.08 -33.35
C ILE Q 953 0.35 -82.22 -34.59
N GLU Q 954 0.37 -80.90 -34.43
CA GLU Q 954 0.17 -80.00 -35.61
C GLU Q 954 1.28 -80.25 -36.64
N LYS Q 955 2.52 -80.39 -36.19
CA LYS Q 955 3.66 -80.63 -37.12
C LYS Q 955 3.46 -81.95 -37.84
N GLN Q 956 2.99 -82.98 -37.14
CA GLN Q 956 2.74 -84.31 -37.75
C GLN Q 956 1.64 -84.19 -38.81
N ARG Q 957 0.59 -83.43 -38.51
CA ARG Q 957 -0.48 -83.23 -39.52
C ARG Q 957 0.12 -82.53 -40.75
N LYS Q 958 0.98 -81.52 -40.52
CA LYS Q 958 1.60 -80.78 -41.65
C LYS Q 958 2.45 -81.76 -42.47
N ASP Q 959 3.20 -82.63 -41.81
CA ASP Q 959 4.07 -83.62 -42.51
C ASP Q 959 3.20 -84.57 -43.34
N GLU Q 960 2.07 -85.00 -42.79
CA GLU Q 960 1.15 -85.90 -43.53
C GLU Q 960 0.63 -85.17 -44.76
N GLN Q 961 0.29 -83.88 -44.61
CA GLN Q 961 -0.19 -83.07 -45.77
C GLN Q 961 0.91 -82.99 -46.83
N GLU Q 962 2.16 -82.78 -46.40
CA GLU Q 962 3.30 -82.70 -47.35
C GLU Q 962 3.45 -84.04 -48.08
N ARG Q 963 3.30 -85.15 -47.35
CA ARG Q 963 3.43 -86.49 -47.96
C ARG Q 963 2.32 -86.66 -49.00
N GLU Q 964 1.10 -86.21 -48.68
CA GLU Q 964 -0.03 -86.30 -49.65
C GLU Q 964 0.27 -85.45 -50.89
N ILE Q 965 0.85 -84.26 -50.70
CA ILE Q 965 1.22 -83.38 -51.84
C ILE Q 965 2.26 -84.12 -52.70
N LEU Q 966 3.23 -84.78 -52.07
CA LEU Q 966 4.28 -85.54 -52.81
C LEU Q 966 3.62 -86.67 -53.60
N MET Q 967 2.65 -87.36 -52.99
CA MET Q 967 1.94 -88.47 -53.67
C MET Q 967 1.21 -87.90 -54.90
N ARG Q 968 0.57 -86.74 -54.74
CA ARG Q 968 -0.15 -86.10 -55.88
C ARG Q 968 0.85 -85.69 -56.96
N ARG Q 1054 25.72 -90.72 -4.34
CA ARG Q 1054 25.23 -89.36 -4.54
C ARG Q 1054 26.34 -88.34 -4.30
N ILE Q 1055 26.50 -87.41 -5.22
CA ILE Q 1055 27.52 -86.37 -5.12
C ILE Q 1055 26.93 -85.05 -5.58
N THR Q 1056 27.06 -84.02 -4.76
CA THR Q 1056 26.43 -82.73 -5.03
C THR Q 1056 27.24 -81.96 -6.03
N ARG Q 1057 26.57 -81.34 -7.00
CA ARG Q 1057 27.23 -80.49 -7.98
C ARG Q 1057 26.93 -79.02 -7.68
N VAL Q 1058 27.76 -78.15 -8.23
CA VAL Q 1058 27.65 -76.71 -8.04
C VAL Q 1058 27.62 -76.04 -9.40
N ASN Q 1059 26.59 -75.24 -9.66
CA ASN Q 1059 26.48 -74.51 -10.91
C ASN Q 1059 27.00 -73.08 -10.73
N LEU Q 1060 27.18 -72.39 -11.86
CA LEU Q 1060 27.59 -70.99 -11.80
C LEU Q 1060 26.47 -70.10 -11.30
N ARG Q 1061 25.22 -70.53 -11.41
CA ARG Q 1061 24.09 -69.77 -10.91
C ARG Q 1061 24.08 -69.72 -9.38
N ASP Q 1062 24.65 -70.73 -8.73
CA ASP Q 1062 24.82 -70.69 -7.27
C ASP Q 1062 25.90 -69.70 -6.85
N LEU Q 1063 26.85 -69.41 -7.73
CA LEU Q 1063 27.89 -68.44 -7.47
C LEU Q 1063 27.50 -67.03 -7.90
N ILE Q 1064 26.68 -66.92 -8.94
CA ILE Q 1064 26.15 -65.62 -9.35
C ILE Q 1064 25.25 -65.06 -8.25
N PHE Q 1065 24.43 -65.92 -7.64
CA PHE Q 1065 23.56 -65.49 -6.55
C PHE Q 1065 24.35 -65.07 -5.32
N CYS Q 1066 25.47 -65.74 -5.04
CA CYS Q 1066 26.29 -65.37 -3.90
C CYS Q 1066 26.96 -64.01 -4.10
N LEU Q 1067 27.26 -63.65 -5.35
CA LEU Q 1067 27.92 -62.38 -5.62
C LEU Q 1067 26.94 -61.21 -5.65
N GLU Q 1068 25.68 -61.45 -5.99
CA GLU Q 1068 24.73 -60.36 -6.17
C GLU Q 1068 24.28 -59.77 -4.84
N ASN Q 1069 24.38 -60.53 -3.75
CA ASN Q 1069 23.81 -60.16 -2.46
C ASN Q 1069 24.89 -59.82 -1.42
N GLU Q 1070 25.94 -59.11 -1.83
CA GLU Q 1070 27.06 -58.88 -0.94
C GLU Q 1070 27.32 -57.42 -0.59
N ARG Q 1071 26.90 -56.48 -1.46
CA ARG Q 1071 27.04 -55.03 -1.40
C ARG Q 1071 28.49 -54.59 -1.68
N GLU Q 1072 29.45 -55.51 -1.65
CA GLU Q 1072 30.78 -55.25 -2.14
C GLU Q 1072 30.98 -55.72 -3.57
N THR Q 1073 30.42 -56.87 -3.91
CA THR Q 1073 30.53 -57.44 -5.25
C THR Q 1073 29.25 -57.29 -6.06
N SER Q 1074 28.26 -56.56 -5.55
CA SER Q 1074 26.98 -56.46 -6.25
C SER Q 1074 27.07 -55.54 -7.46
N HIS Q 1075 27.53 -54.31 -7.25
CA HIS Q 1075 27.78 -53.39 -8.36
C HIS Q 1075 29.25 -53.45 -8.78
N SER Q 1076 29.71 -54.66 -9.09
CA SER Q 1076 31.11 -54.89 -9.41
C SER Q 1076 31.25 -55.38 -10.85
N LEU Q 1077 32.49 -55.38 -11.33
CA LEU Q 1077 32.79 -55.91 -12.66
C LEU Q 1077 32.90 -57.42 -12.67
N LEU Q 1078 33.06 -58.04 -11.50
CA LEU Q 1078 33.14 -59.50 -11.46
C LEU Q 1078 31.78 -60.13 -11.77
N LEU Q 1079 30.68 -59.48 -11.41
CA LEU Q 1079 29.37 -59.95 -11.86
C LEU Q 1079 29.14 -59.68 -13.33
N TYR Q 1080 29.57 -58.53 -13.83
CA TYR Q 1080 29.25 -58.14 -15.20
C TYR Q 1080 29.97 -59.01 -16.21
N LYS Q 1081 31.17 -59.48 -15.88
CA LYS Q 1081 31.84 -60.45 -16.75
C LYS Q 1081 31.26 -61.83 -16.61
N ALA Q 1082 30.72 -62.17 -15.44
CA ALA Q 1082 30.26 -63.53 -15.17
C ALA Q 1082 28.80 -63.75 -15.52
N PHE Q 1083 28.14 -62.76 -16.10
CA PHE Q 1083 26.82 -63.00 -16.66
C PHE Q 1083 26.89 -63.53 -18.08
N LEU Q 1084 28.10 -63.65 -18.62
CA LEU Q 1084 28.34 -64.19 -19.95
C LEU Q 1084 29.20 -65.43 -19.97
N LYS Q 1085 29.95 -65.72 -18.91
CA LYS Q 1085 30.72 -66.95 -18.82
C LYS Q 1085 30.87 -67.40 -17.39
N LEU R 202 54.42 -31.97 -46.00
CA LEU R 202 53.17 -31.46 -45.46
C LEU R 202 53.00 -31.85 -43.98
N SER R 203 53.54 -33.01 -43.63
CA SER R 203 53.50 -33.50 -42.26
C SER R 203 54.55 -32.77 -41.45
N ALA R 204 54.13 -31.74 -40.71
CA ALA R 204 55.04 -30.89 -39.95
C ALA R 204 54.66 -30.84 -38.47
N TYR R 205 54.28 -31.97 -37.90
CA TYR R 205 54.02 -32.05 -36.45
C TYR R 205 55.28 -32.53 -35.75
N ASN R 206 56.15 -31.59 -35.44
CA ASN R 206 57.34 -31.81 -34.63
C ASN R 206 57.00 -31.54 -33.16
N GLN R 207 58.02 -31.31 -32.33
CA GLN R 207 57.96 -30.84 -30.93
C GLN R 207 57.11 -31.77 -30.04
N GLN R 208 57.63 -32.98 -29.88
CA GLN R 208 57.09 -33.93 -28.92
C GLN R 208 57.57 -33.58 -27.51
N GLY R 209 56.85 -34.09 -26.52
CA GLY R 209 57.31 -34.01 -25.15
C GLY R 209 57.15 -35.30 -24.36
N ASP R 210 58.28 -35.89 -23.94
CA ASP R 210 58.40 -37.12 -23.15
C ASP R 210 57.54 -38.27 -23.68
N PRO R 211 57.95 -38.93 -24.77
CA PRO R 211 57.08 -39.92 -25.42
C PRO R 211 56.87 -41.21 -24.65
N THR R 212 57.46 -41.38 -23.47
CA THR R 212 57.11 -42.52 -22.63
C THR R 212 55.88 -42.25 -21.78
N MET R 213 55.23 -41.07 -21.94
CA MET R 213 54.04 -40.71 -21.12
C MET R 213 52.77 -40.49 -21.99
N TYR R 214 52.86 -40.73 -23.30
CA TYR R 214 51.72 -40.48 -24.21
C TYR R 214 50.54 -41.38 -23.83
N GLU R 215 50.83 -42.65 -23.51
CA GLU R 215 49.75 -43.60 -23.13
C GLU R 215 49.06 -43.09 -21.87
N GLU R 216 49.85 -42.61 -20.89
CA GLU R 216 49.29 -42.09 -19.64
C GLU R 216 48.39 -40.89 -19.94
N TYR R 217 48.85 -39.96 -20.79
CA TYR R 217 48.03 -38.76 -21.08
C TYR R 217 46.70 -39.22 -21.70
N TYR R 218 46.75 -40.15 -22.66
CA TYR R 218 45.49 -40.57 -23.33
C TYR R 218 44.54 -41.25 -22.33
N SER R 219 45.10 -42.09 -21.45
CA SER R 219 44.26 -42.79 -20.45
C SER R 219 43.61 -41.77 -19.51
N GLY R 220 44.36 -40.74 -19.13
CA GLY R 220 43.81 -39.67 -18.27
C GLY R 220 42.69 -38.93 -18.98
N LEU R 221 42.88 -38.64 -20.28
CA LEU R 221 41.78 -37.98 -21.04
C LEU R 221 40.55 -38.88 -21.02
N LYS R 222 40.73 -40.19 -21.22
CA LYS R 222 39.57 -41.11 -21.25
C LYS R 222 38.88 -41.06 -19.88
N HIS R 223 39.66 -41.07 -18.79
CA HIS R 223 39.08 -41.07 -17.43
C HIS R 223 38.29 -39.77 -17.20
N PHE R 224 38.83 -38.64 -17.64
CA PHE R 224 38.10 -37.35 -17.49
C PHE R 224 36.80 -37.39 -18.28
N ILE R 225 36.83 -37.94 -19.49
CA ILE R 225 35.57 -38.04 -20.29
C ILE R 225 34.57 -38.90 -19.52
N GLU R 226 35.04 -40.00 -18.92
CA GLU R 226 34.12 -40.87 -18.13
C GLU R 226 33.55 -40.13 -16.92
N CYS R 227 34.34 -39.34 -16.19
CA CYS R 227 33.83 -38.69 -14.95
C CYS R 227 32.99 -37.45 -15.25
N SER R 228 33.06 -36.90 -16.46
CA SER R 228 32.26 -35.71 -16.88
C SER R 228 30.78 -36.06 -16.98
N LEU R 229 29.90 -35.05 -16.96
CA LEU R 229 28.43 -35.29 -16.95
C LEU R 229 27.92 -35.97 -18.22
N ASP R 230 26.60 -36.15 -18.34
CA ASP R 230 26.01 -36.92 -19.43
C ASP R 230 25.83 -36.10 -20.70
N CYS R 231 25.85 -34.76 -20.59
CA CYS R 231 25.73 -33.89 -21.79
C CYS R 231 27.13 -33.67 -22.39
N HIS R 232 28.11 -33.37 -21.55
CA HIS R 232 29.50 -33.11 -22.02
C HIS R 232 30.13 -34.36 -22.65
N ARG R 233 29.84 -35.57 -22.15
CA ARG R 233 30.55 -36.78 -22.64
C ARG R 233 30.39 -36.94 -24.15
N ALA R 234 29.18 -36.75 -24.68
CA ALA R 234 28.97 -36.95 -26.13
C ALA R 234 29.83 -35.96 -26.91
N GLU R 235 29.88 -34.71 -26.47
CA GLU R 235 30.68 -33.66 -27.18
C GLU R 235 32.17 -33.97 -27.08
N LEU R 236 32.65 -34.41 -25.91
CA LEU R 236 34.10 -34.63 -25.71
C LEU R 236 34.60 -35.89 -26.42
N SER R 237 33.68 -36.76 -26.84
CA SER R 237 34.06 -38.02 -27.54
C SER R 237 34.76 -37.73 -28.86
N GLN R 238 34.34 -36.69 -29.58
CA GLN R 238 34.91 -36.44 -30.92
C GLN R 238 36.42 -36.25 -30.83
N LEU R 239 36.91 -35.68 -29.72
CA LEU R 239 38.36 -35.43 -29.52
C LEU R 239 39.15 -36.74 -29.57
N PHE R 240 38.56 -37.86 -29.11
CA PHE R 240 39.35 -39.11 -28.99
C PHE R 240 39.95 -39.54 -30.34
N TYR R 241 39.17 -39.55 -31.41
CA TYR R 241 39.80 -40.05 -32.67
C TYR R 241 40.90 -39.16 -33.24
N PRO R 242 40.71 -37.82 -33.44
CA PRO R 242 41.80 -36.93 -33.85
C PRO R 242 43.03 -36.93 -32.92
N LEU R 243 42.81 -36.99 -31.61
CA LEU R 243 43.96 -37.07 -30.67
C LEU R 243 44.73 -38.36 -30.94
N PHE R 244 44.07 -39.52 -31.00
CA PHE R 244 44.81 -40.79 -31.12
C PHE R 244 45.64 -40.80 -32.41
N VAL R 245 45.04 -40.42 -33.54
CA VAL R 245 45.81 -40.50 -34.81
C VAL R 245 47.00 -39.57 -34.72
N HIS R 246 46.81 -38.34 -34.23
CA HIS R 246 47.94 -37.38 -34.24
C HIS R 246 49.03 -37.94 -33.33
N MET R 247 48.67 -38.43 -32.15
CA MET R 247 49.74 -38.88 -31.20
C MET R 247 50.50 -40.05 -31.83
N TYR R 248 49.78 -41.02 -32.42
CA TYR R 248 50.49 -42.21 -32.96
C TYR R 248 51.43 -41.75 -34.09
N LEU R 249 50.93 -40.86 -34.95
CA LEU R 249 51.75 -40.41 -36.10
C LEU R 249 52.97 -39.66 -35.59
N GLU R 250 52.81 -38.83 -34.58
CA GLU R 250 53.93 -38.03 -34.01
C GLU R 250 54.97 -39.02 -33.47
N LEU R 251 54.52 -40.05 -32.75
CA LEU R 251 55.48 -41.01 -32.16
C LEU R 251 56.24 -41.67 -33.31
N VAL R 252 55.53 -42.14 -34.33
CA VAL R 252 56.24 -42.88 -35.43
C VAL R 252 57.24 -41.93 -36.08
N TYR R 253 56.85 -40.68 -36.35
CA TYR R 253 57.73 -39.73 -37.06
C TYR R 253 58.98 -39.40 -36.25
N ASN R 254 58.86 -39.28 -34.93
CA ASN R 254 60.04 -38.90 -34.11
C ASN R 254 60.93 -40.12 -33.84
N GLN R 255 60.58 -40.97 -32.86
CA GLN R 255 61.50 -42.09 -32.50
C GLN R 255 60.74 -43.21 -31.77
N HIS R 256 61.40 -44.36 -31.54
CA HIS R 256 60.79 -45.49 -30.78
C HIS R 256 59.44 -45.91 -31.37
N GLU R 257 59.45 -46.57 -32.55
CA GLU R 257 58.19 -47.09 -33.15
C GLU R 257 57.59 -48.17 -32.24
N ASN R 258 58.42 -48.99 -31.60
CA ASN R 258 57.91 -50.01 -30.64
C ASN R 258 56.84 -49.38 -29.73
N GLU R 259 57.12 -48.25 -29.09
CA GLU R 259 56.18 -47.56 -28.17
C GLU R 259 54.95 -47.14 -28.97
N ALA R 260 55.17 -46.66 -30.20
CA ALA R 260 54.04 -46.19 -31.03
C ALA R 260 53.13 -47.38 -31.29
N LYS R 261 53.69 -48.55 -31.61
CA LYS R 261 52.91 -49.77 -31.90
C LYS R 261 52.12 -50.20 -30.66
N SER R 262 52.76 -50.14 -29.49
CA SER R 262 52.04 -50.51 -28.24
C SER R 262 50.85 -49.56 -28.04
N PHE R 263 51.06 -48.26 -28.24
CA PHE R 263 49.99 -47.26 -28.03
C PHE R 263 48.87 -47.57 -29.01
N PHE R 264 49.24 -47.88 -30.26
CA PHE R 264 48.21 -48.13 -31.29
C PHE R 264 47.40 -49.33 -30.87
N GLU R 265 48.04 -50.43 -30.46
CA GLU R 265 47.24 -51.65 -30.15
C GLU R 265 46.32 -51.31 -28.97
N LYS R 266 46.87 -50.63 -27.97
CA LYS R 266 46.08 -50.35 -26.74
C LYS R 266 44.83 -49.54 -27.08
N PHE R 267 44.94 -48.53 -27.96
CA PHE R 267 43.72 -47.70 -28.17
C PHE R 267 42.90 -48.11 -29.41
N HIS R 268 43.38 -49.11 -30.18
CA HIS R 268 42.69 -49.52 -31.43
C HIS R 268 41.36 -50.17 -31.09
N GLY R 269 40.95 -50.12 -29.83
CA GLY R 269 39.59 -50.61 -29.50
C GLY R 269 38.65 -49.47 -29.15
N ASP R 270 39.12 -48.47 -28.40
CA ASP R 270 38.24 -47.36 -27.93
C ASP R 270 37.72 -46.51 -29.10
N GLN R 271 38.46 -46.43 -30.21
CA GLN R 271 38.04 -45.54 -31.33
C GLN R 271 36.65 -45.94 -31.83
N GLU R 272 35.97 -45.06 -32.55
CA GLU R 272 34.57 -45.32 -32.96
C GLU R 272 34.50 -46.48 -33.96
N CYS R 273 33.35 -47.15 -34.03
CA CYS R 273 33.20 -48.34 -34.91
C CYS R 273 33.40 -47.96 -36.39
N TYR R 274 32.86 -46.81 -36.82
CA TYR R 274 32.94 -46.49 -38.27
C TYR R 274 34.41 -46.38 -38.69
N TYR R 275 35.26 -45.75 -37.87
CA TYR R 275 36.69 -45.76 -38.22
C TYR R 275 37.17 -47.22 -38.12
N GLN R 276 37.73 -47.75 -39.19
CA GLN R 276 38.22 -49.16 -39.22
C GLN R 276 39.25 -49.19 -40.33
N ASP R 277 38.90 -48.65 -41.49
CA ASP R 277 39.87 -48.53 -42.61
C ASP R 277 41.00 -47.57 -42.22
N ASP R 278 40.64 -46.46 -41.58
CA ASP R 278 41.65 -45.47 -41.14
C ASP R 278 42.58 -46.15 -40.14
N LEU R 279 42.00 -46.95 -39.23
CA LEU R 279 42.82 -47.66 -38.21
C LEU R 279 43.77 -48.63 -38.91
N ARG R 280 43.33 -49.34 -39.95
CA ARG R 280 44.22 -50.24 -40.71
C ARG R 280 45.36 -49.47 -41.39
N VAL R 281 45.08 -48.30 -41.98
CA VAL R 281 46.20 -47.50 -42.56
C VAL R 281 47.18 -47.06 -41.46
N LEU R 282 46.64 -46.69 -40.29
CA LEU R 282 47.51 -46.29 -39.16
C LEU R 282 48.38 -47.48 -38.75
N SER R 283 47.82 -48.69 -38.70
CA SER R 283 48.62 -49.89 -38.36
C SER R 283 49.73 -50.03 -39.41
N SER R 284 49.40 -49.76 -40.67
CA SER R 284 50.43 -49.81 -41.75
C SER R 284 51.58 -48.79 -41.57
N LEU R 285 51.33 -47.52 -41.21
CA LEU R 285 52.49 -46.55 -41.17
C LEU R 285 53.51 -46.77 -40.02
N THR R 286 54.33 -47.82 -40.03
CA THR R 286 55.14 -48.17 -38.87
C THR R 286 56.41 -47.33 -38.73
N LYS R 287 57.10 -47.03 -39.83
CA LYS R 287 58.36 -46.32 -39.77
C LYS R 287 58.20 -44.90 -40.30
N LYS R 288 59.26 -44.10 -40.08
CA LYS R 288 59.24 -42.68 -40.41
C LYS R 288 59.23 -42.44 -41.92
N GLU R 289 59.90 -43.30 -42.69
CA GLU R 289 59.98 -43.11 -44.13
C GLU R 289 58.65 -43.39 -44.83
N HIS R 290 57.71 -44.07 -44.15
CA HIS R 290 56.35 -44.16 -44.67
C HIS R 290 55.64 -42.82 -44.59
N MET R 291 56.01 -41.98 -43.62
CA MET R 291 55.44 -40.65 -43.52
C MET R 291 56.10 -39.67 -44.48
N LYS R 292 57.27 -40.01 -45.01
CA LYS R 292 57.93 -39.12 -45.97
C LYS R 292 57.22 -39.14 -47.33
N GLY R 293 56.42 -40.17 -47.61
CA GLY R 293 55.62 -40.22 -48.79
C GLY R 293 54.17 -39.93 -48.47
N ASN R 294 53.64 -38.87 -49.07
CA ASN R 294 52.23 -38.49 -48.86
C ASN R 294 51.26 -39.39 -49.59
N GLU R 295 51.74 -40.23 -50.51
CA GLU R 295 50.88 -41.08 -51.32
C GLU R 295 50.37 -42.30 -50.57
N THR R 296 50.95 -42.64 -49.43
CA THR R 296 50.50 -43.79 -48.64
C THR R 296 49.40 -43.41 -47.66
N MET R 297 48.34 -42.78 -48.18
CA MET R 297 47.15 -42.35 -47.45
C MET R 297 47.54 -41.42 -46.28
N LEU R 298 48.31 -40.39 -46.60
CA LEU R 298 48.66 -39.37 -45.62
C LEU R 298 47.77 -38.14 -45.77
N ASP R 299 46.46 -38.37 -45.69
CA ASP R 299 45.48 -37.32 -45.50
C ASP R 299 44.95 -37.32 -44.07
N PHE R 300 45.81 -37.69 -43.12
CA PHE R 300 45.48 -37.76 -41.70
C PHE R 300 45.73 -36.44 -40.98
N ARG R 301 45.67 -35.32 -41.69
CA ARG R 301 45.97 -34.02 -41.12
C ARG R 301 44.88 -33.59 -40.14
N THR R 302 45.21 -32.59 -39.33
CA THR R 302 44.31 -32.11 -38.30
C THR R 302 43.35 -31.04 -38.80
N SER R 303 43.44 -30.64 -40.06
CA SER R 303 42.41 -29.83 -40.68
C SER R 303 41.35 -30.67 -41.36
N LYS R 304 41.43 -31.99 -41.23
CA LYS R 304 40.42 -32.88 -41.79
C LYS R 304 39.16 -32.90 -40.94
N PHE R 305 39.30 -32.76 -39.62
CA PHE R 305 38.18 -32.84 -38.69
C PHE R 305 37.85 -31.46 -38.14
N VAL R 306 36.56 -31.20 -37.94
CA VAL R 306 36.08 -29.98 -37.31
C VAL R 306 35.31 -30.39 -36.06
N LEU R 307 35.57 -29.70 -34.95
CA LEU R 307 35.13 -30.12 -33.63
C LEU R 307 34.16 -29.09 -33.07
N ARG R 308 32.87 -29.43 -33.04
CA ARG R 308 31.83 -28.52 -32.55
C ARG R 308 31.65 -28.74 -31.04
N ILE R 309 32.51 -28.08 -30.27
CA ILE R 309 32.50 -28.17 -28.81
C ILE R 309 32.01 -26.85 -28.25
N SER R 310 31.01 -26.90 -27.38
CA SER R 310 30.45 -25.68 -26.82
C SER R 310 31.41 -25.08 -25.79
N ARG R 311 31.08 -23.84 -25.40
CA ARG R 311 31.94 -23.11 -24.46
C ARG R 311 31.87 -23.70 -23.06
N ASP R 312 30.68 -24.17 -22.65
CA ASP R 312 30.50 -24.71 -21.31
C ASP R 312 31.24 -26.02 -21.11
N SER R 313 31.43 -26.79 -22.18
CA SER R 313 32.16 -28.05 -22.10
C SER R 313 33.65 -27.90 -22.37
N TYR R 314 34.05 -26.85 -23.10
CA TYR R 314 35.46 -26.68 -23.47
C TYR R 314 36.32 -26.33 -22.27
N GLN R 315 35.76 -25.63 -21.29
CA GLN R 315 36.56 -25.17 -20.15
C GLN R 315 36.82 -26.26 -19.13
N LEU R 316 35.97 -27.29 -19.09
CA LEU R 316 36.23 -28.41 -18.18
C LEU R 316 37.33 -29.31 -18.73
N LEU R 317 37.36 -29.50 -20.05
CA LEU R 317 38.45 -30.23 -20.68
C LEU R 317 39.74 -29.43 -20.64
N LYS R 318 39.65 -28.09 -20.70
CA LYS R 318 40.83 -27.24 -20.66
C LYS R 318 41.51 -27.28 -19.30
N ARG R 319 40.72 -27.30 -18.22
CA ARG R 319 41.29 -27.38 -16.89
C ARG R 319 41.83 -28.77 -16.57
N HIS R 320 41.39 -29.80 -17.30
CA HIS R 320 41.94 -31.14 -17.09
C HIS R 320 43.36 -31.23 -17.65
N LEU R 321 43.62 -30.58 -18.78
CA LEU R 321 44.90 -30.69 -19.45
C LEU R 321 45.98 -29.79 -18.85
N GLN R 322 45.62 -28.90 -17.93
CA GLN R 322 46.60 -28.03 -17.28
C GLN R 322 46.93 -28.59 -15.89
N GLU R 323 47.74 -29.65 -15.88
CA GLU R 323 48.32 -30.09 -14.62
C GLU R 323 49.69 -29.45 -14.37
N LYS R 324 50.62 -29.60 -15.30
CA LYS R 324 51.93 -28.95 -15.27
C LYS R 324 52.44 -28.88 -16.71
N GLN R 325 53.74 -28.66 -16.88
CA GLN R 325 54.32 -28.31 -18.17
C GLN R 325 54.80 -29.54 -18.96
N ASN R 326 54.16 -30.69 -18.78
CA ASN R 326 54.53 -31.88 -19.54
C ASN R 326 53.44 -32.40 -20.46
N ASN R 327 52.22 -31.88 -20.38
CA ASN R 327 51.08 -32.44 -21.10
C ASN R 327 51.14 -32.01 -22.56
N GLN R 328 51.67 -32.89 -23.41
CA GLN R 328 51.74 -32.61 -24.84
C GLN R 328 50.36 -32.71 -25.51
N ILE R 329 49.42 -33.44 -24.90
CA ILE R 329 48.06 -33.52 -25.41
C ILE R 329 47.33 -32.17 -25.29
N TRP R 330 47.80 -31.28 -24.41
CA TRP R 330 47.30 -29.92 -24.42
C TRP R 330 47.83 -29.14 -25.60
N ASN R 331 49.05 -29.45 -26.05
CA ASN R 331 49.68 -28.74 -27.16
C ASN R 331 49.16 -29.19 -28.52
N ILE R 332 48.34 -30.24 -28.59
CA ILE R 332 47.68 -30.58 -29.84
C ILE R 332 46.43 -29.74 -30.02
N VAL R 333 45.80 -29.34 -28.91
CA VAL R 333 44.54 -28.63 -28.97
C VAL R 333 44.76 -27.19 -29.43
N GLN R 334 45.74 -26.51 -28.83
CA GLN R 334 45.97 -25.10 -29.13
C GLN R 334 46.69 -24.86 -30.45
N GLU R 335 47.30 -25.89 -31.04
CA GLU R 335 48.12 -25.73 -32.22
C GLU R 335 47.55 -26.42 -33.46
N HIS R 336 47.27 -27.71 -33.38
CA HIS R 336 46.90 -28.46 -34.58
C HIS R 336 45.39 -28.53 -34.80
N LEU R 337 44.61 -28.70 -33.73
CA LEU R 337 43.18 -28.88 -33.86
C LEU R 337 42.47 -27.53 -34.00
N TYR R 338 41.57 -27.44 -34.97
CA TYR R 338 40.70 -26.28 -35.13
C TYR R 338 39.36 -26.64 -34.50
N ILE R 339 39.18 -26.25 -33.25
CA ILE R 339 37.97 -26.54 -32.50
C ILE R 339 36.94 -25.46 -32.78
N ASP R 340 35.83 -25.85 -33.42
CA ASP R 340 34.78 -24.92 -33.81
C ASP R 340 33.88 -24.68 -32.61
N ILE R 341 34.23 -23.66 -31.80
CA ILE R 341 33.48 -23.35 -30.59
C ILE R 341 32.14 -22.72 -31.01
N PHE R 342 31.05 -23.46 -30.81
CA PHE R 342 29.72 -22.91 -31.00
C PHE R 342 29.15 -22.46 -29.66
N ASP R 343 28.41 -21.37 -29.69
CA ASP R 343 27.93 -20.73 -28.48
C ASP R 343 26.49 -21.12 -28.15
N ALA R 363 29.82 -33.22 -44.23
CA ALA R 363 30.49 -34.52 -44.20
C ALA R 363 29.79 -35.48 -43.24
N LYS R 364 29.00 -36.39 -43.80
CA LYS R 364 28.31 -37.41 -43.00
C LYS R 364 29.14 -38.69 -42.98
N ARG R 365 30.28 -38.59 -42.30
CA ARG R 365 31.20 -39.72 -42.17
C ARG R 365 30.92 -40.59 -40.98
N GLU R 366 30.02 -40.20 -40.09
CA GLU R 366 29.75 -40.95 -38.86
C GLU R 366 28.93 -42.20 -39.13
N ALA R 367 29.54 -43.18 -39.81
CA ALA R 367 28.94 -44.47 -40.21
C ALA R 367 27.69 -44.29 -41.07
N ASN R 368 27.63 -43.19 -41.83
CA ASN R 368 26.50 -42.94 -42.70
C ASN R 368 26.74 -43.37 -44.13
N LYS R 369 27.98 -43.71 -44.49
CA LYS R 369 28.29 -44.25 -45.81
C LYS R 369 28.44 -45.76 -45.69
N SER R 370 27.29 -46.43 -45.57
CA SER R 370 27.27 -47.88 -45.47
C SER R 370 26.07 -48.41 -46.24
N LYS R 371 26.04 -49.73 -46.42
CA LYS R 371 24.91 -50.39 -47.04
C LYS R 371 23.89 -50.75 -45.96
N VAL R 372 22.68 -50.21 -46.07
CA VAL R 372 21.62 -50.48 -45.12
C VAL R 372 20.42 -50.97 -45.92
N PHE R 373 19.97 -52.20 -45.62
CA PHE R 373 18.79 -52.77 -46.27
C PHE R 373 17.58 -52.44 -45.41
N PHE R 374 16.81 -51.44 -45.81
CA PHE R 374 15.72 -50.96 -44.98
C PHE R 374 14.34 -51.34 -45.50
N GLY R 375 14.21 -51.79 -46.74
CA GLY R 375 12.91 -52.16 -47.26
C GLY R 375 12.36 -53.40 -46.60
N LEU R 376 11.04 -53.53 -46.62
CA LEU R 376 10.39 -54.61 -45.89
C LEU R 376 10.60 -55.95 -46.60
N LEU R 377 10.36 -57.02 -45.84
CA LEU R 377 10.51 -58.36 -46.40
C LEU R 377 9.30 -58.70 -47.27
N LYS R 378 9.42 -59.79 -48.01
CA LYS R 378 8.43 -60.18 -49.01
C LYS R 378 7.51 -61.25 -48.44
N GLU R 379 6.26 -60.88 -48.18
CA GLU R 379 5.23 -61.80 -47.73
C GLU R 379 3.95 -61.47 -48.48
N PRO R 380 3.34 -62.44 -49.18
CA PRO R 380 2.12 -62.24 -49.97
C PRO R 380 0.89 -61.88 -49.11
N LYS R 416 6.55 -56.47 -58.04
CA LYS R 416 7.62 -55.52 -57.84
C LYS R 416 8.57 -55.96 -56.71
N GLN R 417 9.87 -55.91 -56.98
CA GLN R 417 10.88 -56.30 -56.00
C GLN R 417 11.65 -55.06 -55.54
N ASP R 418 12.09 -55.09 -54.28
CA ASP R 418 12.79 -53.97 -53.69
C ASP R 418 14.28 -54.28 -53.66
N PRO R 419 15.14 -53.40 -54.18
CA PRO R 419 16.59 -53.63 -54.06
C PRO R 419 17.13 -53.42 -52.67
N ASN R 420 16.45 -52.62 -51.84
CA ASN R 420 16.85 -52.37 -50.47
C ASN R 420 16.17 -53.32 -49.49
N ALA R 421 15.55 -54.38 -49.97
CA ALA R 421 15.00 -55.36 -49.06
C ALA R 421 16.03 -56.45 -48.80
N PRO R 422 16.30 -56.78 -47.53
CA PRO R 422 17.26 -57.83 -47.23
C PRO R 422 16.66 -59.19 -47.53
N PRO R 423 17.48 -60.21 -47.78
CA PRO R 423 16.94 -61.55 -48.01
C PRO R 423 16.34 -62.13 -46.73
N GLN R 424 15.41 -63.07 -46.93
CA GLN R 424 14.76 -63.73 -45.80
C GLN R 424 15.72 -64.66 -45.08
N ASN R 425 16.71 -65.20 -45.79
CA ASN R 425 17.69 -66.10 -45.23
C ASN R 425 18.89 -65.38 -44.61
N ARG R 426 18.81 -64.05 -44.46
CA ARG R 426 19.92 -63.29 -43.88
C ARG R 426 19.95 -63.44 -42.36
N ILE R 427 18.90 -62.99 -41.69
CA ILE R 427 18.73 -63.18 -40.25
C ILE R 427 17.79 -64.37 -40.06
N PRO R 428 18.14 -65.35 -39.23
CA PRO R 428 17.23 -66.48 -39.01
C PRO R 428 15.99 -66.07 -38.23
N LEU R 429 14.88 -65.95 -38.92
CA LEU R 429 13.57 -65.53 -38.46
C LEU R 429 12.65 -66.74 -38.31
N PRO R 430 11.72 -66.71 -37.36
CA PRO R 430 10.85 -67.87 -37.13
C PRO R 430 9.87 -68.09 -38.26
N GLU R 431 9.33 -69.30 -38.29
CA GLU R 431 8.39 -69.72 -39.32
C GLU R 431 6.97 -69.38 -38.88
N LEU R 432 6.07 -69.26 -39.86
CA LEU R 432 4.67 -69.02 -39.57
C LEU R 432 4.00 -70.35 -39.21
N LYS R 433 3.17 -70.30 -38.16
CA LYS R 433 2.34 -71.48 -37.79
C LYS R 433 0.89 -71.19 -38.17
N ASP R 434 -0.02 -72.15 -37.96
CA ASP R 434 -1.44 -71.99 -38.35
C ASP R 434 -2.09 -70.84 -37.58
N SER R 435 -1.79 -70.72 -36.29
CA SER R 435 -2.38 -69.65 -35.46
C SER R 435 -1.93 -68.30 -36.02
N ASP R 436 -0.65 -68.19 -36.38
CA ASP R 436 -0.11 -66.92 -36.94
C ASP R 436 -0.84 -66.63 -38.25
N LYS R 437 -1.07 -67.65 -39.08
CA LYS R 437 -1.80 -67.44 -40.37
C LYS R 437 -3.23 -66.93 -40.13
N LEU R 438 -3.94 -67.51 -39.16
CA LEU R 438 -5.31 -67.03 -38.84
C LEU R 438 -5.25 -65.57 -38.36
N ASP R 439 -4.24 -65.25 -37.54
CA ASP R 439 -4.09 -63.87 -37.03
C ASP R 439 -3.89 -62.94 -38.23
N LYS R 440 -3.07 -63.36 -39.19
CA LYS R 440 -2.81 -62.55 -40.41
C LYS R 440 -4.10 -62.36 -41.20
N ILE R 441 -4.92 -63.39 -41.36
CA ILE R 441 -6.23 -63.21 -42.07
C ILE R 441 -7.14 -62.21 -41.33
N MET R 442 -7.20 -62.29 -40.00
CA MET R 442 -8.02 -61.30 -39.25
C MET R 442 -7.46 -59.90 -39.50
N ASN R 443 -6.12 -59.78 -39.49
CA ASN R 443 -5.47 -58.46 -39.68
C ASN R 443 -5.81 -57.96 -41.09
N MET R 444 -5.85 -58.83 -42.09
CA MET R 444 -6.20 -58.46 -43.49
C MET R 444 -7.65 -57.95 -43.56
N LYS R 445 -8.59 -58.59 -42.85
CA LYS R 445 -9.96 -57.99 -42.83
C LYS R 445 -9.90 -56.58 -42.19
N GLU R 446 -9.14 -56.47 -41.09
CA GLU R 446 -9.14 -55.13 -40.47
C GLU R 446 -8.49 -54.13 -41.46
N THR R 447 -7.50 -54.55 -42.23
CA THR R 447 -6.79 -53.69 -43.22
C THR R 447 -7.78 -53.26 -44.30
N THR R 448 -8.65 -54.17 -44.74
CA THR R 448 -9.70 -53.78 -45.70
C THR R 448 -10.57 -52.69 -45.08
N LYS R 449 -10.92 -52.78 -43.79
CA LYS R 449 -11.79 -51.64 -43.30
C LYS R 449 -11.03 -50.34 -42.96
N ARG R 450 -9.87 -50.02 -43.57
CA ARG R 450 -8.97 -48.95 -43.19
C ARG R 450 -9.38 -47.63 -43.84
N VAL R 451 -8.95 -46.53 -43.23
CA VAL R 451 -9.26 -45.19 -43.71
C VAL R 451 -7.97 -44.46 -44.07
N ARG R 452 -7.92 -43.92 -45.29
CA ARG R 452 -6.77 -43.16 -45.76
C ARG R 452 -6.85 -41.76 -45.17
N LEU R 453 -5.89 -41.40 -44.32
CA LEU R 453 -6.06 -40.20 -43.50
C LEU R 453 -5.76 -38.92 -44.26
N GLY R 454 -4.50 -38.72 -44.65
CA GLY R 454 -4.11 -37.51 -45.33
C GLY R 454 -4.24 -36.26 -44.48
N PRO R 455 -4.30 -35.09 -45.12
CA PRO R 455 -4.41 -33.83 -44.37
C PRO R 455 -5.82 -33.30 -44.17
N ASP R 456 -6.83 -33.90 -44.81
CA ASP R 456 -8.21 -33.46 -44.67
C ASP R 456 -9.07 -34.38 -43.83
N CYS R 457 -8.80 -35.69 -43.85
CA CYS R 457 -9.51 -36.66 -43.01
C CYS R 457 -8.63 -36.94 -41.80
N LEU R 458 -8.90 -36.25 -40.71
CA LEU R 458 -8.14 -36.45 -39.49
C LEU R 458 -8.70 -37.64 -38.72
N PRO R 459 -7.86 -38.39 -38.01
CA PRO R 459 -8.34 -39.57 -37.30
C PRO R 459 -9.05 -39.23 -36.00
N SER R 460 -9.84 -40.19 -35.53
CA SER R 460 -10.53 -40.06 -34.25
C SER R 460 -9.65 -40.64 -33.16
N ILE R 461 -9.35 -39.84 -32.14
CA ILE R 461 -8.42 -40.21 -31.09
C ILE R 461 -9.21 -40.69 -29.90
N CYS R 462 -9.12 -41.98 -29.60
CA CYS R 462 -9.59 -42.53 -28.34
C CYS R 462 -8.61 -42.18 -27.23
N PHE R 463 -9.00 -42.48 -25.99
CA PHE R 463 -8.12 -42.17 -24.86
C PHE R 463 -8.44 -43.12 -23.73
N TYR R 464 -7.44 -43.88 -23.28
CA TYR R 464 -7.58 -44.82 -22.18
C TYR R 464 -6.84 -44.23 -20.97
N THR R 465 -7.53 -43.41 -20.19
CA THR R 465 -6.91 -42.77 -19.05
C THR R 465 -6.87 -43.72 -17.85
N PHE R 466 -5.79 -43.64 -17.09
CA PHE R 466 -5.57 -44.47 -15.92
C PHE R 466 -5.94 -43.66 -14.68
N LEU R 467 -6.96 -44.12 -13.96
CA LEU R 467 -7.63 -43.22 -13.02
C LEU R 467 -6.90 -43.11 -11.69
N ASN R 468 -6.79 -44.23 -10.95
CA ASN R 468 -6.32 -44.19 -9.58
C ASN R 468 -4.85 -44.54 -9.44
N ALA R 469 -4.06 -44.35 -10.49
CA ALA R 469 -2.61 -44.48 -10.39
C ALA R 469 -2.06 -43.17 -9.82
N TYR R 470 -1.61 -43.20 -8.57
CA TYR R 470 -1.21 -41.99 -7.86
C TYR R 470 0.19 -41.56 -8.31
N GLN R 471 0.24 -41.05 -9.55
CA GLN R 471 1.46 -40.74 -10.30
C GLN R 471 2.42 -41.93 -10.32
N GLY R 472 1.89 -43.07 -10.77
CA GLY R 472 2.67 -44.29 -10.74
C GLY R 472 2.53 -45.19 -11.94
N LEU R 473 2.24 -44.63 -13.11
CA LEU R 473 2.24 -45.40 -14.35
C LEU R 473 3.49 -45.06 -15.14
N THR R 474 4.33 -46.07 -15.37
CA THR R 474 5.62 -45.87 -16.01
C THR R 474 5.75 -46.52 -17.38
N ALA R 475 4.88 -47.44 -17.75
CA ALA R 475 5.05 -48.19 -18.99
C ALA R 475 3.71 -48.72 -19.49
N VAL R 476 3.38 -48.42 -20.74
CA VAL R 476 2.17 -48.91 -21.39
C VAL R 476 2.59 -49.64 -22.65
N ASP R 477 1.83 -50.68 -23.02
CA ASP R 477 1.93 -51.22 -24.37
C ASP R 477 0.58 -51.79 -24.77
N VAL R 478 0.21 -51.58 -26.03
CA VAL R 478 -1.03 -52.08 -26.60
C VAL R 478 -0.65 -53.07 -27.69
N THR R 479 -1.47 -54.11 -27.88
CA THR R 479 -1.19 -55.14 -28.87
C THR R 479 -1.40 -54.60 -30.29
N ASP R 480 -1.18 -55.48 -31.27
CA ASP R 480 -1.33 -55.07 -32.67
C ASP R 480 -2.78 -54.89 -33.04
N ASP R 481 -3.63 -55.86 -32.70
CA ASP R 481 -5.06 -55.65 -32.66
C ASP R 481 -5.42 -55.21 -31.24
N SER R 482 -6.08 -54.05 -31.13
CA SER R 482 -6.24 -53.37 -29.85
C SER R 482 -7.26 -54.12 -28.98
N SER R 483 -6.80 -55.22 -28.38
CA SER R 483 -7.63 -56.02 -27.51
C SER R 483 -7.00 -56.28 -26.15
N LEU R 484 -5.84 -55.70 -25.86
CA LEU R 484 -5.15 -55.88 -24.59
C LEU R 484 -4.31 -54.64 -24.32
N ILE R 485 -4.25 -54.22 -23.06
CA ILE R 485 -3.43 -53.10 -22.65
C ILE R 485 -2.67 -53.51 -21.40
N ALA R 486 -1.34 -53.48 -21.47
CA ALA R 486 -0.53 -53.69 -20.28
C ALA R 486 -0.17 -52.37 -19.64
N GLY R 487 0.05 -52.41 -18.34
CA GLY R 487 0.45 -51.22 -17.62
C GLY R 487 1.60 -51.50 -16.68
N GLY R 488 2.68 -50.77 -16.82
CA GLY R 488 3.82 -50.98 -15.95
C GLY R 488 3.85 -49.94 -14.84
N PHE R 489 3.71 -50.39 -13.61
CA PHE R 489 3.48 -49.48 -12.49
C PHE R 489 4.70 -49.40 -11.59
N ALA R 490 4.82 -48.27 -10.89
CA ALA R 490 5.99 -47.98 -10.06
C ALA R 490 5.96 -48.70 -8.72
N ASP R 491 4.91 -49.46 -8.43
CA ASP R 491 4.86 -50.33 -7.26
C ASP R 491 5.17 -51.78 -7.63
N SER R 492 6.04 -51.97 -8.63
CA SER R 492 6.60 -53.26 -9.03
C SER R 492 5.53 -54.24 -9.52
N THR R 493 4.46 -53.74 -10.09
CA THR R 493 3.37 -54.57 -10.58
C THR R 493 3.14 -54.34 -12.07
N VAL R 494 2.70 -55.38 -12.76
CA VAL R 494 2.37 -55.33 -14.18
C VAL R 494 0.94 -55.82 -14.32
N ARG R 495 0.07 -54.97 -14.83
CA ARG R 495 -1.35 -55.28 -14.94
C ARG R 495 -1.76 -55.32 -16.40
N VAL R 496 -2.55 -56.34 -16.75
CA VAL R 496 -2.98 -56.57 -18.13
C VAL R 496 -4.49 -56.45 -18.17
N TRP R 497 -4.98 -55.50 -18.97
CA TRP R 497 -6.41 -55.22 -19.09
C TRP R 497 -6.93 -55.70 -20.43
N SER R 498 -8.16 -56.20 -20.43
CA SER R 498 -8.90 -56.44 -21.66
C SER R 498 -9.73 -55.21 -21.99
N VAL R 499 -9.62 -54.74 -23.22
CA VAL R 499 -10.36 -53.56 -23.66
C VAL R 499 -11.43 -54.01 -24.66
N THR R 500 -11.90 -55.24 -24.47
CA THR R 500 -12.85 -55.93 -25.33
C THR R 500 -13.76 -56.72 -24.40
N PRO R 501 -15.05 -56.88 -24.74
CA PRO R 501 -15.93 -57.70 -23.88
C PRO R 501 -15.52 -59.16 -23.74
N LYS R 502 -14.65 -59.67 -24.61
CA LYS R 502 -14.00 -60.95 -24.37
C LYS R 502 -13.09 -60.83 -23.17
N LYS R 503 -13.24 -61.75 -22.21
CA LYS R 503 -12.55 -61.64 -20.93
C LYS R 503 -11.21 -62.38 -20.98
N LEU R 504 -10.40 -62.15 -19.95
CA LEU R 504 -9.09 -62.76 -19.84
C LEU R 504 -9.21 -64.10 -19.11
N ARG R 505 -8.72 -65.16 -19.72
CA ARG R 505 -8.86 -66.50 -19.19
C ARG R 505 -7.51 -67.20 -19.16
N SER R 506 -7.28 -67.97 -18.10
CA SER R 506 -6.10 -68.81 -18.00
C SER R 506 -6.42 -70.21 -18.51
N VAL R 507 -5.37 -70.99 -18.74
CA VAL R 507 -5.53 -72.36 -19.19
C VAL R 507 -5.70 -73.26 -17.97
N LYS R 508 -6.15 -74.50 -18.20
CA LYS R 508 -6.40 -75.43 -17.11
C LYS R 508 -5.08 -75.83 -16.44
N GLN R 509 -5.21 -76.42 -15.24
CA GLN R 509 -4.01 -77.01 -14.60
C GLN R 509 -3.71 -78.33 -15.33
N ALA R 510 -2.64 -79.04 -14.94
CA ALA R 510 -2.20 -80.22 -15.72
C ALA R 510 -3.27 -81.31 -15.84
N SER R 511 -3.94 -81.68 -14.75
CA SER R 511 -4.90 -82.81 -14.83
C SER R 511 -6.04 -82.45 -15.78
N ASP R 512 -6.52 -81.21 -15.67
CA ASP R 512 -7.65 -80.76 -16.52
C ASP R 512 -7.19 -80.72 -17.98
N LEU R 513 -5.95 -80.28 -18.23
CA LEU R 513 -5.40 -80.26 -19.62
C LEU R 513 -5.35 -81.69 -20.16
N SER R 514 -4.93 -82.65 -19.33
CA SER R 514 -4.89 -84.06 -19.77
C SER R 514 -6.30 -84.54 -20.11
N LEU R 515 -7.31 -84.20 -19.32
CA LEU R 515 -8.67 -84.71 -19.58
C LEU R 515 -9.09 -84.38 -21.03
N ILE R 516 -8.88 -83.14 -21.48
CA ILE R 516 -9.35 -82.72 -22.83
C ILE R 516 -8.61 -83.48 -23.95
N ASP R 517 -9.31 -83.85 -25.02
CA ASP R 517 -8.71 -84.62 -26.13
C ASP R 517 -8.09 -83.68 -27.16
N LYS R 518 -6.86 -83.95 -27.59
CA LYS R 518 -6.15 -83.10 -28.59
C LYS R 518 -6.70 -83.31 -30.00
N GLU R 519 -6.44 -82.38 -30.92
CA GLU R 519 -6.85 -82.51 -32.35
C GLU R 519 -8.35 -82.80 -32.50
N SER R 520 -9.20 -82.04 -31.80
CA SER R 520 -10.67 -82.24 -31.88
C SER R 520 -11.35 -81.08 -32.62
N ASP R 521 -10.57 -80.16 -33.22
CA ASP R 521 -11.13 -79.04 -34.03
C ASP R 521 -11.93 -78.08 -33.13
N ASP R 522 -11.40 -77.75 -31.95
CA ASP R 522 -12.06 -76.86 -30.95
C ASP R 522 -11.19 -76.88 -29.67
N VAL R 523 -9.98 -77.44 -29.78
CA VAL R 523 -9.08 -77.63 -28.59
C VAL R 523 -8.68 -76.31 -27.96
N LEU R 524 -8.39 -75.26 -28.74
CA LEU R 524 -7.92 -74.01 -28.11
C LEU R 524 -9.05 -73.49 -27.22
N GLU R 525 -10.29 -73.55 -27.73
CA GLU R 525 -11.47 -73.08 -26.96
C GLU R 525 -11.63 -73.95 -25.71
N ARG R 526 -11.44 -75.26 -25.83
CA ARG R 526 -11.50 -76.13 -24.62
C ARG R 526 -10.44 -75.82 -23.57
N ILE R 527 -9.20 -75.47 -23.94
CA ILE R 527 -8.09 -75.29 -22.95
C ILE R 527 -8.18 -74.11 -21.96
N MET R 528 -9.15 -73.19 -22.03
CA MET R 528 -9.30 -72.02 -21.17
C MET R 528 -10.13 -72.34 -19.94
N ASP R 529 -9.57 -72.07 -18.76
CA ASP R 529 -10.24 -72.30 -17.49
C ASP R 529 -11.27 -71.21 -17.25
N GLU R 530 -12.53 -71.60 -17.14
CA GLU R 530 -13.64 -70.66 -16.98
C GLU R 530 -13.75 -70.05 -15.60
N LYS R 531 -13.05 -70.60 -14.60
CA LYS R 531 -13.19 -70.09 -13.24
C LYS R 531 -12.46 -68.76 -13.08
N THR R 532 -11.30 -68.61 -13.71
CA THR R 532 -10.50 -67.39 -13.64
C THR R 532 -10.77 -66.59 -14.92
N ALA R 533 -11.83 -65.79 -14.89
CA ALA R 533 -12.29 -65.04 -16.06
C ALA R 533 -12.37 -63.56 -15.74
N SER R 534 -11.32 -63.02 -15.14
CA SER R 534 -11.30 -61.62 -14.79
C SER R 534 -11.05 -60.75 -16.01
N GLU R 535 -11.26 -59.45 -15.85
CA GLU R 535 -10.89 -58.46 -16.85
C GLU R 535 -9.63 -57.70 -16.48
N LEU R 536 -8.92 -58.16 -15.44
CA LEU R 536 -7.67 -57.56 -15.01
C LEU R 536 -6.86 -58.66 -14.34
N LYS R 537 -5.64 -58.88 -14.83
CA LYS R 537 -4.79 -59.95 -14.32
C LYS R 537 -3.49 -59.31 -13.84
N ILE R 538 -3.34 -59.19 -12.53
CA ILE R 538 -2.15 -58.57 -11.96
C ILE R 538 -1.00 -59.58 -11.95
N LEU R 539 0.19 -59.13 -12.35
CA LEU R 539 1.36 -59.98 -12.44
C LEU R 539 2.42 -59.45 -11.49
N TYR R 540 2.89 -60.31 -10.58
CA TYR R 540 3.94 -59.99 -9.62
C TYR R 540 5.21 -60.73 -9.98
N GLY R 541 6.34 -60.17 -9.58
CA GLY R 541 7.62 -60.76 -9.95
C GLY R 541 8.74 -59.77 -10.16
N HIS R 542 8.44 -58.48 -10.12
CA HIS R 542 9.47 -57.46 -10.19
C HIS R 542 9.73 -56.88 -8.81
N SER R 543 10.95 -56.38 -8.60
CA SER R 543 11.34 -55.77 -7.35
C SER R 543 11.55 -54.26 -7.47
N GLY R 544 11.09 -53.65 -8.55
CA GLY R 544 11.24 -52.23 -8.73
C GLY R 544 10.26 -51.73 -9.77
N PRO R 545 10.22 -50.41 -9.97
CA PRO R 545 9.32 -49.82 -10.99
C PRO R 545 9.63 -50.32 -12.40
N VAL R 546 8.66 -51.02 -12.97
CA VAL R 546 8.79 -51.58 -14.32
C VAL R 546 8.63 -50.47 -15.35
N TYR R 547 9.63 -50.32 -16.21
CA TYR R 547 9.81 -49.12 -17.03
C TYR R 547 9.58 -49.36 -18.51
N GLY R 548 9.32 -50.59 -18.93
CA GLY R 548 9.03 -50.85 -20.32
C GLY R 548 8.31 -52.17 -20.50
N ALA R 549 7.19 -52.16 -21.20
CA ALA R 549 6.44 -53.36 -21.51
C ALA R 549 6.27 -53.47 -23.01
N SER R 550 6.07 -54.70 -23.48
CA SER R 550 5.87 -54.95 -24.90
C SER R 550 5.24 -56.32 -25.07
N PHE R 551 4.14 -56.37 -25.82
CA PHE R 551 3.52 -57.64 -26.13
C PHE R 551 4.28 -58.33 -27.25
N SER R 552 3.85 -59.54 -27.57
CA SER R 552 4.35 -60.30 -28.70
C SER R 552 3.27 -60.40 -29.76
N PRO R 553 3.63 -60.45 -31.05
CA PRO R 553 2.62 -60.41 -32.11
C PRO R 553 1.68 -61.62 -32.16
N ASP R 554 1.98 -62.72 -31.49
CA ASP R 554 1.03 -63.82 -31.36
C ASP R 554 0.17 -63.69 -30.12
N ARG R 555 0.25 -62.56 -29.41
CA ARG R 555 -0.56 -62.14 -28.27
C ARG R 555 -0.41 -63.02 -27.04
N ASN R 556 0.54 -63.95 -27.03
CA ASN R 556 1.08 -64.48 -25.80
C ASN R 556 2.31 -63.62 -25.47
N TYR R 557 3.07 -64.03 -24.45
CA TYR R 557 4.45 -63.57 -24.22
C TYR R 557 4.56 -62.06 -24.02
N LEU R 558 4.02 -61.60 -22.90
CA LEU R 558 4.27 -60.22 -22.50
C LEU R 558 5.69 -60.12 -21.95
N LEU R 559 6.35 -59.00 -22.23
CA LEU R 559 7.66 -58.67 -21.66
C LEU R 559 7.54 -57.49 -20.72
N SER R 560 8.50 -57.40 -19.80
CA SER R 560 8.58 -56.26 -18.91
C SER R 560 10.02 -56.13 -18.42
N SER R 561 10.36 -54.94 -17.97
CA SER R 561 11.73 -54.62 -17.59
C SER R 561 11.71 -53.53 -16.54
N SER R 562 12.31 -53.80 -15.38
CA SER R 562 12.26 -52.90 -14.24
C SER R 562 13.66 -52.45 -13.85
N GLU R 563 13.74 -51.73 -12.74
CA GLU R 563 15.00 -51.15 -12.29
C GLU R 563 15.77 -52.10 -11.38
N ASP R 564 15.31 -53.32 -11.20
CA ASP R 564 16.11 -54.34 -10.51
C ASP R 564 17.04 -55.08 -11.46
N GLY R 565 17.14 -54.63 -12.71
CA GLY R 565 18.08 -55.15 -13.66
C GLY R 565 17.63 -56.36 -14.45
N THR R 566 16.43 -56.87 -14.19
CA THR R 566 15.95 -58.06 -14.86
C THR R 566 14.90 -57.72 -15.91
N VAL R 567 14.67 -58.68 -16.79
CA VAL R 567 13.68 -58.60 -17.86
C VAL R 567 12.91 -59.90 -17.83
N ARG R 568 11.60 -59.82 -17.59
CA ARG R 568 10.80 -61.02 -17.38
C ARG R 568 9.90 -61.28 -18.57
N LEU R 569 9.72 -62.56 -18.89
CA LEU R 569 8.86 -63.00 -19.99
C LEU R 569 7.62 -63.62 -19.38
N TRP R 570 6.56 -62.84 -19.27
CA TRP R 570 5.30 -63.33 -18.74
C TRP R 570 4.56 -64.09 -19.83
N SER R 571 3.93 -65.19 -19.44
CA SER R 571 3.02 -65.86 -20.36
C SER R 571 1.66 -65.19 -20.29
N LEU R 572 0.92 -65.30 -21.39
CA LEU R 572 -0.47 -64.83 -21.42
C LEU R 572 -1.45 -65.97 -21.66
N GLN R 573 -1.02 -67.20 -21.39
CA GLN R 573 -1.90 -68.35 -21.29
C GLN R 573 -1.98 -68.88 -19.88
N THR R 574 -0.87 -68.88 -19.15
CA THR R 574 -0.88 -69.24 -17.73
C THR R 574 -0.87 -68.03 -16.82
N PHE R 575 -0.53 -66.85 -17.37
CA PHE R 575 -0.43 -65.58 -16.65
C PHE R 575 0.54 -65.65 -15.48
N THR R 576 1.63 -66.39 -15.66
CA THR R 576 2.72 -66.44 -14.71
C THR R 576 4.02 -66.19 -15.46
N CYS R 577 5.05 -65.77 -14.72
CA CYS R 577 6.35 -65.51 -15.31
C CYS R 577 7.02 -66.81 -15.75
N LEU R 578 7.82 -66.71 -16.80
CA LEU R 578 8.50 -67.88 -17.35
C LEU R 578 10.02 -67.80 -17.20
N VAL R 579 10.66 -66.74 -17.69
CA VAL R 579 12.10 -66.58 -17.57
C VAL R 579 12.37 -65.19 -16.99
N GLY R 580 13.51 -65.04 -16.31
CA GLY R 580 13.99 -63.73 -15.92
C GLY R 580 15.41 -63.51 -16.42
N TYR R 581 15.60 -62.55 -17.31
CA TYR R 581 16.85 -62.39 -18.04
C TYR R 581 17.76 -61.43 -17.30
N LYS R 582 18.81 -61.98 -16.69
CA LYS R 582 19.63 -61.27 -15.71
C LYS R 582 20.92 -60.73 -16.29
N GLY R 583 20.91 -60.23 -17.53
CA GLY R 583 22.11 -59.67 -18.12
C GLY R 583 22.58 -58.38 -17.48
N HIS R 584 21.74 -57.35 -17.46
CA HIS R 584 22.12 -56.08 -16.85
C HIS R 584 22.13 -56.21 -15.32
N ASN R 585 22.97 -55.41 -14.69
CA ASN R 585 22.89 -55.20 -13.24
C ASN R 585 22.15 -53.93 -12.89
N TYR R 586 21.99 -53.03 -13.85
CA TYR R 586 21.46 -51.69 -13.69
C TYR R 586 20.06 -51.63 -14.26
N PRO R 587 19.28 -50.57 -13.97
CA PRO R 587 17.93 -50.44 -14.52
C PRO R 587 17.84 -50.55 -16.03
N VAL R 588 16.86 -51.31 -16.49
CA VAL R 588 16.59 -51.50 -17.91
C VAL R 588 15.45 -50.56 -18.29
N TRP R 589 15.74 -49.59 -19.14
CA TRP R 589 14.79 -48.52 -19.40
C TRP R 589 13.74 -48.87 -20.45
N ASP R 590 14.02 -49.80 -21.34
CA ASP R 590 13.05 -50.16 -22.38
C ASP R 590 13.28 -51.58 -22.83
N THR R 591 12.22 -52.20 -23.34
CA THR R 591 12.31 -53.51 -23.95
C THR R 591 11.23 -53.62 -25.02
N GLN R 592 11.47 -54.45 -26.03
CA GLN R 592 10.55 -54.60 -27.13
C GLN R 592 10.88 -55.87 -27.90
N PHE R 593 9.85 -56.62 -28.28
CA PHE R 593 10.01 -57.74 -29.18
C PHE R 593 10.37 -57.28 -30.59
N SER R 594 10.80 -58.26 -31.38
CA SER R 594 10.87 -58.14 -32.82
C SER R 594 9.45 -58.10 -33.37
N PRO R 595 9.26 -57.50 -34.56
CA PRO R 595 7.93 -57.59 -35.21
C PRO R 595 7.54 -59.00 -35.64
N TYR R 596 8.48 -59.94 -35.69
CA TYR R 596 8.18 -61.33 -36.00
C TYR R 596 8.17 -62.23 -34.78
N GLY R 597 8.59 -61.72 -33.62
CA GLY R 597 8.21 -62.32 -32.36
C GLY R 597 9.13 -63.39 -31.79
N TYR R 598 10.41 -63.37 -32.14
CA TYR R 598 11.35 -64.31 -31.55
C TYR R 598 12.45 -63.61 -30.77
N TYR R 599 13.07 -62.60 -31.36
CA TYR R 599 14.11 -61.85 -30.70
C TYR R 599 13.49 -60.70 -29.91
N PHE R 600 14.26 -60.16 -28.97
CA PHE R 600 13.90 -58.90 -28.35
C PHE R 600 15.16 -58.19 -27.90
N VAL R 601 15.03 -56.89 -27.65
CA VAL R 601 16.14 -56.01 -27.37
C VAL R 601 15.79 -55.26 -26.09
N SER R 602 16.81 -54.96 -25.27
CA SER R 602 16.56 -54.35 -23.97
C SER R 602 17.73 -53.46 -23.61
N GLY R 603 17.57 -52.15 -23.76
CA GLY R 603 18.59 -51.21 -23.38
C GLY R 603 18.43 -50.72 -21.95
N GLY R 604 19.56 -50.50 -21.29
CA GLY R 604 19.55 -50.18 -19.88
C GLY R 604 20.50 -49.08 -19.44
N HIS R 605 20.67 -48.94 -18.13
CA HIS R 605 21.51 -47.89 -17.57
C HIS R 605 23.00 -48.18 -17.74
N ASP R 606 23.36 -49.43 -18.03
CA ASP R 606 24.77 -49.79 -18.22
C ASP R 606 25.30 -49.44 -19.61
N ARG R 607 24.57 -48.63 -20.37
CA ARG R 607 24.98 -48.01 -21.64
C ARG R 607 25.21 -49.02 -22.75
N VAL R 608 24.67 -50.23 -22.62
CA VAL R 608 24.64 -51.16 -23.74
C VAL R 608 23.17 -51.47 -24.04
N ALA R 609 22.92 -52.21 -25.09
CA ALA R 609 21.56 -52.65 -25.43
C ALA R 609 21.69 -54.06 -25.98
N ARG R 610 21.33 -55.05 -25.18
CA ARG R 610 21.54 -56.43 -25.57
C ARG R 610 20.44 -56.90 -26.51
N LEU R 611 20.69 -58.01 -27.18
CA LEU R 611 19.69 -58.65 -28.05
C LEU R 611 19.55 -60.10 -27.63
N TRP R 612 18.34 -60.49 -27.24
CA TRP R 612 18.05 -61.81 -26.72
C TRP R 612 17.18 -62.57 -27.71
N ALA R 613 16.82 -63.81 -27.37
CA ALA R 613 16.12 -64.64 -28.33
C ALA R 613 15.01 -65.53 -27.78
N THR R 614 14.63 -65.38 -26.50
CA THR R 614 13.68 -66.24 -25.77
C THR R 614 14.08 -67.72 -25.77
N ASP R 615 15.34 -68.03 -26.03
CA ASP R 615 15.86 -69.40 -25.94
C ASP R 615 17.18 -69.48 -25.21
N HIS R 616 17.92 -68.39 -25.14
CA HIS R 616 19.23 -68.37 -24.51
C HIS R 616 19.16 -67.40 -23.33
N TYR R 617 19.67 -67.85 -22.19
CA TYR R 617 19.70 -67.04 -20.97
C TYR R 617 20.73 -65.93 -21.03
N GLN R 618 21.55 -65.88 -22.08
CA GLN R 618 22.57 -64.89 -22.40
C GLN R 618 22.21 -64.20 -23.71
N PRO R 619 22.63 -62.95 -23.92
CA PRO R 619 22.27 -62.24 -25.15
C PRO R 619 22.98 -62.80 -26.37
N LEU R 620 22.43 -62.49 -27.54
CA LEU R 620 23.04 -62.86 -28.80
C LEU R 620 23.98 -61.77 -29.30
N ARG R 621 23.56 -60.51 -29.20
CA ARG R 621 24.35 -59.37 -29.60
C ARG R 621 24.35 -58.35 -28.48
N ILE R 622 25.46 -57.65 -28.31
CA ILE R 622 25.56 -56.55 -27.36
C ILE R 622 25.93 -55.30 -28.13
N PHE R 623 25.02 -54.32 -28.13
CA PHE R 623 25.17 -53.10 -28.91
C PHE R 623 25.76 -52.03 -27.99
N ALA R 624 27.10 -51.96 -27.96
CA ALA R 624 27.82 -51.14 -27.01
C ALA R 624 28.57 -50.02 -27.75
N GLY R 625 27.89 -48.92 -27.98
CA GLY R 625 28.55 -47.75 -28.53
C GLY R 625 28.22 -46.45 -27.84
N HIS R 626 27.18 -46.47 -27.01
CA HIS R 626 26.67 -45.24 -26.42
C HIS R 626 27.54 -44.80 -25.26
N LEU R 627 27.38 -43.54 -24.86
CA LEU R 627 28.22 -42.96 -23.82
C LEU R 627 27.47 -42.56 -22.56
N ALA R 628 26.15 -42.45 -22.59
CA ALA R 628 25.40 -41.99 -21.44
C ALA R 628 24.44 -43.02 -20.89
N ASP R 629 23.56 -43.55 -21.74
CA ASP R 629 22.57 -44.55 -21.36
C ASP R 629 22.10 -45.23 -22.65
N VAL R 630 21.03 -46.01 -22.56
CA VAL R 630 20.18 -46.36 -23.68
C VAL R 630 18.76 -46.21 -23.15
N ASN R 631 18.07 -45.14 -23.55
CA ASN R 631 16.74 -44.88 -23.02
C ASN R 631 15.68 -45.74 -23.71
N CYS R 632 15.64 -45.70 -25.04
CA CYS R 632 14.61 -46.36 -25.80
C CYS R 632 15.22 -47.14 -26.96
N THR R 633 14.77 -48.37 -27.14
CA THR R 633 15.21 -49.25 -28.22
C THR R 633 14.03 -49.56 -29.13
N ARG R 634 14.29 -49.68 -30.42
CA ARG R 634 13.26 -50.03 -31.39
C ARG R 634 13.81 -51.02 -32.39
N PHE R 635 12.92 -51.87 -32.91
CA PHE R 635 13.25 -52.74 -34.02
C PHE R 635 12.80 -52.12 -35.32
N HIS R 636 13.59 -52.35 -36.37
CA HIS R 636 13.16 -52.04 -37.72
C HIS R 636 12.03 -53.01 -38.12
N PRO R 637 11.17 -52.62 -39.05
CA PRO R 637 10.19 -53.59 -39.60
C PRO R 637 10.81 -54.78 -40.32
N ASN R 638 12.07 -54.69 -40.75
CA ASN R 638 12.82 -55.86 -41.17
C ASN R 638 13.12 -56.79 -40.01
N SER R 639 13.25 -56.22 -38.81
CA SER R 639 13.93 -56.82 -37.65
C SER R 639 15.35 -57.24 -37.98
N ASN R 640 16.00 -56.53 -38.91
CA ASN R 640 17.40 -56.71 -39.19
C ASN R 640 18.26 -55.59 -38.64
N TYR R 641 17.64 -54.48 -38.24
CA TYR R 641 18.34 -53.36 -37.66
C TYR R 641 17.61 -52.92 -36.40
N VAL R 642 18.37 -52.34 -35.47
CA VAL R 642 17.86 -51.93 -34.17
C VAL R 642 18.29 -50.49 -33.92
N ALA R 643 17.34 -49.61 -33.63
CA ALA R 643 17.62 -48.23 -33.31
C ALA R 643 17.53 -48.02 -31.81
N THR R 644 18.59 -47.48 -31.21
CA THR R 644 18.66 -47.23 -29.77
C THR R 644 18.98 -45.76 -29.54
N GLY R 645 17.95 -44.94 -29.38
CA GLY R 645 18.15 -43.58 -28.91
C GLY R 645 18.52 -43.57 -27.43
N SER R 646 19.24 -42.53 -27.02
CA SER R 646 19.91 -42.58 -25.74
C SER R 646 20.04 -41.18 -25.16
N ALA R 647 20.69 -41.11 -24.00
CA ALA R 647 20.76 -39.90 -23.19
C ALA R 647 22.00 -39.07 -23.45
N ASP R 648 22.82 -39.46 -24.43
CA ASP R 648 23.92 -38.60 -24.88
C ASP R 648 23.51 -37.74 -26.06
N ARG R 649 22.21 -37.47 -26.22
CA ARG R 649 21.62 -36.68 -27.30
C ARG R 649 21.96 -37.24 -28.68
N THR R 650 22.17 -38.55 -28.77
CA THR R 650 22.44 -39.24 -30.02
C THR R 650 21.49 -40.41 -30.18
N VAL R 651 21.41 -40.91 -31.40
CA VAL R 651 20.61 -42.09 -31.72
C VAL R 651 21.31 -42.85 -32.83
N ARG R 652 21.52 -44.15 -32.62
CA ARG R 652 22.29 -44.98 -33.53
C ARG R 652 21.43 -46.09 -34.09
N LEU R 653 21.78 -46.56 -35.27
CA LEU R 653 21.24 -47.78 -35.84
C LEU R 653 22.27 -48.89 -35.65
N TRP R 654 21.81 -50.07 -35.28
CA TRP R 654 22.70 -51.21 -35.16
C TRP R 654 22.31 -52.25 -36.18
N ASP R 655 23.14 -53.27 -36.32
CA ASP R 655 22.90 -54.37 -37.24
C ASP R 655 22.77 -55.65 -36.44
N VAL R 656 21.67 -56.36 -36.63
CA VAL R 656 21.42 -57.58 -35.87
C VAL R 656 22.39 -58.68 -36.29
N LEU R 657 22.62 -58.82 -37.58
CA LEU R 657 23.80 -59.54 -38.03
C LEU R 657 25.04 -58.73 -37.71
N ASN R 658 26.08 -59.41 -37.21
CA ASN R 658 27.45 -58.94 -37.00
C ASN R 658 27.61 -57.72 -36.11
N GLY R 659 26.53 -57.23 -35.46
CA GLY R 659 26.63 -56.31 -34.34
C GLY R 659 27.18 -54.92 -34.60
N ASN R 660 27.47 -54.57 -35.85
CA ASN R 660 28.17 -53.31 -36.13
C ASN R 660 27.25 -52.12 -35.97
N CYS R 661 27.81 -50.90 -35.82
CA CYS R 661 26.93 -49.68 -35.78
C CYS R 661 26.84 -49.09 -37.19
N VAL R 662 25.65 -49.09 -37.80
CA VAL R 662 25.52 -48.67 -39.23
C VAL R 662 25.07 -47.23 -39.43
N ARG R 663 24.72 -46.48 -38.37
CA ARG R 663 24.40 -45.04 -38.53
C ARG R 663 24.46 -44.31 -37.20
N ILE R 664 24.71 -42.99 -37.20
CA ILE R 664 24.79 -42.18 -35.95
C ILE R 664 24.17 -40.82 -36.25
N PHE R 665 22.99 -40.54 -35.70
CA PHE R 665 22.27 -39.29 -35.89
C PHE R 665 22.51 -38.39 -34.68
N THR R 666 23.07 -37.21 -34.91
CA THR R 666 23.39 -36.25 -33.85
C THR R 666 22.67 -34.95 -34.17
N GLY R 667 21.44 -34.80 -33.65
CA GLY R 667 20.71 -33.58 -33.91
C GLY R 667 20.00 -32.96 -32.71
N HIS R 668 19.91 -33.68 -31.61
CA HIS R 668 19.07 -33.25 -30.51
C HIS R 668 19.84 -32.36 -29.53
N LYS R 669 19.09 -31.74 -28.63
CA LYS R 669 19.64 -30.94 -27.55
C LYS R 669 19.18 -31.44 -26.19
N GLY R 670 18.71 -32.69 -26.13
CA GLY R 670 18.30 -33.31 -24.90
C GLY R 670 18.32 -34.82 -25.03
N PRO R 671 18.14 -35.53 -23.91
CA PRO R 671 18.09 -36.99 -23.96
C PRO R 671 16.86 -37.50 -24.70
N ILE R 672 17.10 -38.38 -25.67
CA ILE R 672 16.02 -38.94 -26.49
C ILE R 672 15.18 -39.88 -25.66
N HIS R 673 13.87 -39.66 -25.65
CA HIS R 673 12.95 -40.48 -24.87
C HIS R 673 11.92 -41.21 -25.72
N SER R 674 11.90 -40.99 -27.03
CA SER R 674 10.90 -41.64 -27.87
C SER R 674 11.47 -41.87 -29.25
N LEU R 675 11.07 -43.00 -29.84
CA LEU R 675 11.51 -43.41 -31.17
C LEU R 675 10.35 -44.10 -31.87
N THR R 676 10.34 -44.01 -33.20
CA THR R 676 9.40 -44.76 -34.01
C THR R 676 9.97 -44.87 -35.42
N PHE R 677 9.47 -45.87 -36.16
CA PHE R 677 9.86 -46.10 -37.54
C PHE R 677 8.66 -45.85 -38.45
N SER R 678 8.91 -45.24 -39.60
CA SER R 678 7.89 -45.14 -40.62
C SER R 678 7.61 -46.53 -41.18
N PRO R 679 6.34 -46.84 -41.52
CA PRO R 679 5.98 -48.23 -41.84
C PRO R 679 6.55 -48.76 -43.14
N ASN R 680 7.11 -47.91 -44.00
CA ASN R 680 7.81 -48.41 -45.19
C ASN R 680 9.27 -48.69 -44.93
N GLY R 681 9.85 -48.14 -43.86
CA GLY R 681 11.21 -48.44 -43.48
C GLY R 681 12.23 -47.37 -43.82
N ARG R 682 11.84 -46.35 -44.57
CA ARG R 682 12.80 -45.36 -45.02
C ARG R 682 13.19 -44.36 -43.94
N PHE R 683 12.30 -44.08 -43.00
CA PHE R 683 12.49 -42.95 -42.11
C PHE R 683 12.45 -43.39 -40.65
N LEU R 684 12.66 -42.41 -39.77
CA LEU R 684 12.82 -42.65 -38.34
C LEU R 684 12.65 -41.30 -37.64
N ALA R 685 11.83 -41.28 -36.59
CA ALA R 685 11.53 -40.06 -35.87
C ALA R 685 11.88 -40.21 -34.39
N THR R 686 12.53 -39.20 -33.83
CA THR R 686 12.93 -39.20 -32.43
C THR R 686 12.25 -38.06 -31.71
N GLY R 687 12.45 -38.03 -30.39
CA GLY R 687 11.91 -36.98 -29.54
C GLY R 687 12.65 -36.92 -28.23
N ALA R 688 12.88 -35.71 -27.71
CA ALA R 688 13.76 -35.54 -26.57
C ALA R 688 13.13 -34.56 -25.59
N THR R 689 13.88 -34.26 -24.51
CA THR R 689 13.38 -33.40 -23.45
C THR R 689 13.31 -31.93 -23.84
N ASP R 690 13.88 -31.53 -24.97
CA ASP R 690 13.74 -30.16 -25.42
C ASP R 690 12.39 -29.88 -26.07
N GLY R 691 11.56 -30.91 -26.28
CA GLY R 691 10.29 -30.73 -26.95
C GLY R 691 10.46 -30.54 -28.43
N ARG R 692 10.96 -31.56 -29.11
CA ARG R 692 11.28 -31.44 -30.52
C ARG R 692 11.28 -32.82 -31.15
N VAL R 693 10.69 -32.92 -32.34
CA VAL R 693 10.64 -34.16 -33.10
C VAL R 693 11.49 -33.97 -34.35
N LEU R 694 12.53 -34.80 -34.50
CA LEU R 694 13.44 -34.72 -35.63
C LEU R 694 13.23 -35.94 -36.50
N LEU R 695 12.98 -35.71 -37.78
CA LEU R 695 12.78 -36.78 -38.74
C LEU R 695 14.11 -37.07 -39.45
N TRP R 696 14.49 -38.33 -39.51
CA TRP R 696 15.72 -38.74 -40.18
C TRP R 696 15.40 -39.64 -41.36
N ASP R 697 16.32 -39.68 -42.31
CA ASP R 697 16.29 -40.64 -43.40
C ASP R 697 17.32 -41.71 -43.12
N ILE R 698 16.90 -42.97 -43.17
CA ILE R 698 17.84 -44.07 -42.83
C ILE R 698 18.80 -44.27 -43.99
N GLY R 699 18.33 -44.21 -45.24
CA GLY R 699 19.21 -44.52 -46.39
C GLY R 699 20.39 -43.57 -46.46
N HIS R 700 20.16 -42.27 -46.31
CA HIS R 700 21.28 -41.29 -46.24
C HIS R 700 21.12 -40.66 -44.87
N GLY R 701 22.16 -40.61 -44.05
CA GLY R 701 21.95 -40.15 -42.67
C GLY R 701 21.82 -38.65 -42.59
N LEU R 702 20.70 -38.11 -43.06
CA LEU R 702 20.48 -36.65 -43.06
C LEU R 702 19.16 -36.36 -42.33
N MET R 703 19.13 -35.33 -41.51
CA MET R 703 17.87 -34.91 -40.85
C MET R 703 17.01 -34.23 -41.92
N VAL R 704 15.98 -34.93 -42.43
CA VAL R 704 15.12 -34.38 -43.46
C VAL R 704 13.96 -33.54 -42.93
N GLY R 705 13.82 -33.43 -41.61
CA GLY R 705 12.78 -32.58 -41.07
C GLY R 705 13.06 -32.19 -39.63
N GLU R 706 12.19 -31.31 -39.13
CA GLU R 706 12.26 -30.86 -37.73
C GLU R 706 10.89 -30.33 -37.36
N LEU R 707 10.26 -30.94 -36.36
CA LEU R 707 8.90 -30.60 -35.95
C LEU R 707 8.97 -29.98 -34.57
N LYS R 708 8.73 -28.67 -34.49
CA LYS R 708 9.06 -27.91 -33.29
C LYS R 708 7.85 -27.32 -32.59
N GLY R 709 6.78 -28.11 -32.45
CA GLY R 709 5.57 -27.59 -31.83
C GLY R 709 5.48 -27.76 -30.33
N HIS R 710 6.05 -28.85 -29.80
CA HIS R 710 5.81 -29.25 -28.41
C HIS R 710 6.52 -28.31 -27.44
N THR R 711 6.26 -28.55 -26.15
CA THR R 711 6.81 -27.76 -25.05
C THR R 711 7.67 -28.59 -24.12
N ASP R 712 7.18 -29.75 -23.69
CA ASP R 712 7.87 -30.61 -22.75
C ASP R 712 8.33 -31.88 -23.46
N THR R 713 8.83 -32.84 -22.67
CA THR R 713 9.45 -34.06 -23.18
C THR R 713 8.48 -34.89 -24.00
N VAL R 714 8.83 -35.13 -25.27
CA VAL R 714 8.00 -35.93 -26.17
C VAL R 714 8.23 -37.39 -25.76
N CYS R 715 7.35 -37.93 -24.93
CA CYS R 715 7.49 -39.27 -24.42
C CYS R 715 6.74 -40.32 -25.24
N SER R 716 6.17 -39.92 -26.37
CA SER R 716 5.40 -40.86 -27.18
C SER R 716 5.40 -40.41 -28.63
N LEU R 717 5.72 -41.34 -29.53
CA LEU R 717 5.77 -41.08 -30.95
C LEU R 717 5.21 -42.29 -31.69
N ARG R 718 4.41 -42.04 -32.72
CA ARG R 718 3.88 -43.12 -33.53
C ARG R 718 3.50 -42.59 -34.91
N PHE R 719 3.90 -43.31 -35.94
CA PHE R 719 3.44 -43.04 -37.30
C PHE R 719 2.07 -43.65 -37.50
N SER R 720 1.52 -43.49 -38.70
CA SER R 720 0.23 -44.09 -39.02
C SER R 720 0.43 -45.55 -39.40
N ARG R 721 -0.61 -46.19 -39.92
CA ARG R 721 -0.50 -47.58 -40.30
C ARG R 721 -0.02 -47.74 -41.75
N ASP R 722 -0.34 -46.78 -42.61
CA ASP R 722 0.21 -46.73 -43.96
C ASP R 722 1.27 -45.66 -44.12
N GLY R 723 1.50 -44.84 -43.12
CA GLY R 723 2.45 -43.76 -43.21
C GLY R 723 1.86 -42.41 -43.59
N GLU R 724 0.57 -42.20 -43.32
CA GLU R 724 -0.07 -40.95 -43.71
C GLU R 724 0.31 -39.81 -42.77
N ILE R 725 0.10 -40.00 -41.47
CA ILE R 725 0.36 -38.95 -40.49
C ILE R 725 1.30 -39.48 -39.42
N LEU R 726 1.89 -38.55 -38.67
CA LEU R 726 2.72 -38.84 -37.52
C LEU R 726 2.08 -38.25 -36.28
N ALA R 727 1.93 -39.05 -35.24
CA ALA R 727 1.30 -38.62 -34.00
C ALA R 727 2.34 -38.54 -32.89
N SER R 728 2.21 -37.53 -32.03
CA SER R 728 3.23 -37.25 -31.04
C SER R 728 2.58 -36.74 -29.78
N GLY R 729 2.67 -37.49 -28.70
CA GLY R 729 2.18 -37.09 -27.39
C GLY R 729 3.34 -36.82 -26.46
N SER R 730 3.14 -35.88 -25.55
CA SER R 730 4.23 -35.39 -24.71
C SER R 730 3.71 -35.17 -23.29
N MET R 731 4.55 -34.55 -22.46
CA MET R 731 4.17 -34.11 -21.13
C MET R 731 3.54 -32.73 -21.12
N ASP R 732 3.35 -32.14 -22.30
CA ASP R 732 2.64 -30.89 -22.52
C ASP R 732 1.12 -31.11 -22.50
N ASN R 733 0.68 -32.37 -22.34
CA ASN R 733 -0.72 -32.81 -22.39
C ASN R 733 -1.35 -32.48 -23.73
N THR R 734 -0.68 -32.87 -24.81
CA THR R 734 -1.14 -32.66 -26.18
C THR R 734 -0.95 -33.93 -26.98
N VAL R 735 -1.79 -34.08 -28.02
CA VAL R 735 -1.62 -35.13 -29.02
C VAL R 735 -1.63 -34.43 -30.37
N ARG R 736 -0.46 -34.10 -30.89
CA ARG R 736 -0.36 -33.41 -32.18
C ARG R 736 -0.23 -34.42 -33.30
N LEU R 737 -0.89 -34.14 -34.42
CA LEU R 737 -0.83 -34.97 -35.61
C LEU R 737 -0.11 -34.18 -36.70
N TRP R 738 1.07 -34.66 -37.08
CA TRP R 738 1.85 -34.02 -38.12
C TRP R 738 1.53 -34.64 -39.47
N ASP R 739 2.26 -34.26 -40.51
CA ASP R 739 2.06 -34.78 -41.84
C ASP R 739 3.27 -35.62 -42.24
N ALA R 740 3.06 -36.92 -42.45
CA ALA R 740 4.11 -37.82 -42.85
C ALA R 740 4.20 -38.00 -44.36
N ILE R 741 3.63 -37.06 -45.12
CA ILE R 741 3.76 -37.02 -46.56
C ILE R 741 4.40 -35.72 -47.03
N LYS R 742 3.99 -34.59 -46.46
CA LYS R 742 4.51 -33.28 -46.85
C LYS R 742 5.97 -33.11 -46.46
N ALA R 743 6.41 -33.76 -45.39
CA ALA R 743 7.80 -33.67 -44.95
C ALA R 743 8.71 -34.66 -45.64
N PHE R 744 8.17 -35.64 -46.34
CA PHE R 744 8.95 -36.77 -46.85
C PHE R 744 8.88 -36.88 -48.36
N GLU R 745 9.05 -35.76 -49.07
CA GLU R 745 8.98 -35.74 -50.52
C GLU R 745 10.35 -35.86 -51.19
N ASP R 746 11.28 -36.58 -50.57
CA ASP R 746 12.60 -36.84 -51.12
C ASP R 746 12.77 -38.33 -51.39
N LEU R 747 11.71 -38.94 -51.93
CA LEU R 747 11.69 -40.41 -52.12
C LEU R 747 12.18 -40.84 -53.49
N GLU R 748 13.33 -41.50 -53.53
CA GLU R 748 13.89 -42.06 -54.77
C GLU R 748 14.88 -43.17 -54.45
N THR R 754 22.56 -36.74 -54.32
CA THR R 754 22.72 -35.39 -53.79
C THR R 754 24.20 -35.01 -53.73
N ALA R 755 24.98 -35.89 -53.09
CA ALA R 755 26.44 -35.81 -52.96
C ALA R 755 26.92 -34.52 -52.30
N THR R 756 26.11 -33.94 -51.43
CA THR R 756 26.49 -32.71 -50.72
C THR R 756 26.50 -32.88 -49.21
N GLY R 757 25.50 -33.53 -48.62
CA GLY R 757 25.39 -33.65 -47.19
C GLY R 757 24.40 -32.70 -46.53
N HIS R 758 23.59 -31.98 -47.32
CA HIS R 758 22.64 -31.04 -46.76
C HIS R 758 21.44 -30.95 -47.69
N ILE R 759 20.33 -30.44 -47.16
CA ILE R 759 19.04 -30.52 -47.84
C ILE R 759 18.37 -29.15 -47.82
N ASN R 760 18.96 -28.21 -47.07
CA ASN R 760 18.55 -26.80 -46.96
C ASN R 760 17.11 -26.69 -46.43
N LEU R 761 16.96 -27.10 -45.17
CA LEU R 761 15.64 -27.15 -44.55
C LEU R 761 15.11 -25.77 -44.22
N PRO R 762 13.92 -25.39 -44.70
CA PRO R 762 13.24 -24.21 -44.18
C PRO R 762 12.48 -24.52 -42.90
N GLU R 763 11.73 -23.55 -42.38
CA GLU R 763 10.87 -23.75 -41.22
C GLU R 763 9.43 -23.81 -41.73
N ASN R 764 8.78 -24.96 -41.56
CA ASN R 764 7.50 -25.24 -42.19
C ASN R 764 6.52 -25.96 -41.28
N SER R 765 6.53 -25.65 -39.98
CA SER R 765 5.69 -26.35 -39.01
C SER R 765 4.30 -25.72 -38.88
N GLN R 766 3.83 -25.02 -39.90
CA GLN R 766 2.43 -24.63 -39.99
C GLN R 766 1.70 -25.35 -41.11
N GLU R 767 2.42 -25.82 -42.13
CA GLU R 767 1.85 -26.65 -43.18
C GLU R 767 2.06 -28.13 -42.91
N LEU R 768 2.70 -28.48 -41.79
CA LEU R 768 2.86 -29.85 -41.35
C LEU R 768 1.97 -30.20 -40.18
N LEU R 769 1.76 -29.28 -39.25
CA LEU R 769 0.89 -29.51 -38.11
C LEU R 769 -0.56 -29.49 -38.56
N LEU R 770 -1.34 -30.48 -38.11
CA LEU R 770 -2.73 -30.54 -38.59
C LEU R 770 -3.66 -30.21 -37.42
N GLY R 771 -3.65 -31.05 -36.39
CA GLY R 771 -4.48 -30.78 -35.20
C GLY R 771 -3.72 -30.94 -33.91
N THR R 772 -3.83 -29.97 -33.00
CA THR R 772 -3.22 -30.12 -31.66
C THR R 772 -4.36 -30.43 -30.68
N TYR R 773 -4.33 -31.57 -30.02
CA TYR R 773 -5.47 -31.93 -29.15
C TYR R 773 -5.05 -31.93 -27.68
N MET R 774 -5.57 -30.98 -26.91
CA MET R 774 -5.21 -30.85 -25.48
C MET R 774 -5.87 -31.97 -24.67
N THR R 775 -5.22 -32.42 -23.60
CA THR R 775 -5.79 -33.48 -22.72
C THR R 775 -6.01 -32.91 -21.32
N LYS R 776 -6.92 -33.50 -20.55
CA LYS R 776 -7.28 -32.93 -19.22
C LYS R 776 -6.21 -33.26 -18.18
N SER R 777 -5.20 -32.41 -18.05
CA SER R 777 -4.18 -32.56 -17.00
C SER R 777 -3.51 -33.93 -17.01
N THR R 778 -3.49 -34.60 -18.16
CA THR R 778 -2.92 -35.92 -18.27
C THR R 778 -1.90 -35.98 -19.41
N PRO R 779 -0.68 -36.42 -19.14
CA PRO R 779 0.29 -36.64 -20.22
C PRO R 779 -0.08 -37.82 -21.09
N VAL R 780 0.53 -37.87 -22.27
CA VAL R 780 0.24 -38.91 -23.24
C VAL R 780 1.39 -39.90 -23.30
N VAL R 781 1.31 -40.98 -22.53
CA VAL R 781 2.44 -41.88 -22.37
C VAL R 781 2.60 -42.77 -23.58
N HIS R 782 1.49 -43.25 -24.16
CA HIS R 782 1.53 -44.17 -25.27
C HIS R 782 0.65 -43.67 -26.39
N LEU R 783 1.04 -43.98 -27.63
CA LEU R 783 0.23 -43.70 -28.80
C LEU R 783 0.20 -44.93 -29.68
N HIS R 784 -0.97 -45.21 -30.26
CA HIS R 784 -1.16 -46.45 -30.98
C HIS R 784 -2.19 -46.24 -32.08
N PHE R 785 -1.90 -46.79 -33.25
CA PHE R 785 -2.85 -46.86 -34.34
C PHE R 785 -3.34 -48.30 -34.49
N THR R 786 -4.64 -48.48 -34.66
CA THR R 786 -5.20 -49.80 -34.82
C THR R 786 -4.97 -50.25 -36.27
N ARG R 787 -5.48 -51.43 -36.65
CA ARG R 787 -5.42 -51.85 -38.05
C ARG R 787 -6.22 -50.93 -38.95
N ARG R 788 -7.28 -50.33 -38.40
CA ARG R 788 -7.88 -49.13 -38.97
C ARG R 788 -7.23 -47.93 -38.31
N ASN R 789 -6.99 -46.87 -39.08
CA ASN R 789 -6.17 -45.76 -38.59
C ASN R 789 -6.96 -44.97 -37.55
N LEU R 790 -6.95 -45.49 -36.33
CA LEU R 790 -7.69 -44.94 -35.19
C LEU R 790 -6.72 -44.79 -34.04
N VAL R 791 -6.53 -43.57 -33.57
CA VAL R 791 -5.52 -43.32 -32.55
C VAL R 791 -6.06 -43.77 -31.20
N LEU R 792 -5.22 -44.46 -30.43
CA LEU R 792 -5.45 -44.76 -29.03
C LEU R 792 -4.42 -44.03 -28.20
N ALA R 793 -4.59 -44.05 -26.88
CA ALA R 793 -3.64 -43.36 -26.00
C ALA R 793 -3.62 -44.06 -24.64
N ALA R 794 -2.96 -43.42 -23.68
CA ALA R 794 -2.84 -43.95 -22.33
C ALA R 794 -2.57 -42.80 -21.39
N GLY R 795 -3.36 -42.71 -20.32
CA GLY R 795 -3.44 -41.45 -19.61
C GLY R 795 -2.56 -41.16 -18.41
N ALA R 796 -2.65 -41.97 -17.35
CA ALA R 796 -2.13 -41.66 -16.02
C ALA R 796 -2.55 -40.25 -15.57
N TYR R 797 -3.86 -40.10 -15.37
CA TYR R 797 -4.47 -38.82 -15.01
C TYR R 797 -3.94 -38.29 -13.68
N SER R 798 -3.19 -37.21 -13.74
CA SER R 798 -2.56 -36.62 -12.56
C SER R 798 -3.05 -35.20 -12.38
N PRO R 799 -3.93 -34.92 -11.40
CA PRO R 799 -4.49 -33.58 -11.21
C PRO R 799 -3.48 -32.59 -10.67
N LEU S 9 26.62 -20.24 -16.33
CA LEU S 9 27.79 -19.71 -17.03
C LEU S 9 29.07 -20.39 -16.56
N SER S 10 29.21 -20.53 -15.25
CA SER S 10 30.40 -21.10 -14.65
C SER S 10 30.05 -22.36 -13.85
N ASN S 11 31.10 -23.11 -13.50
CA ASN S 11 30.96 -24.27 -12.64
C ASN S 11 30.64 -23.81 -11.23
N THR S 12 29.42 -24.09 -10.77
CA THR S 12 28.97 -23.66 -9.46
C THR S 12 29.14 -24.80 -8.45
N VAL S 13 29.80 -24.50 -7.33
CA VAL S 13 30.10 -25.48 -6.30
C VAL S 13 29.58 -24.96 -4.97
N LEU S 14 29.57 -25.85 -3.98
CA LEU S 14 29.28 -25.45 -2.61
C LEU S 14 30.40 -24.54 -2.09
N PRO S 15 30.09 -23.60 -1.20
CA PRO S 15 31.12 -22.65 -0.74
C PRO S 15 32.17 -23.33 0.13
N SER S 16 33.39 -22.79 0.05
CA SER S 16 34.50 -23.34 0.81
C SER S 16 34.37 -23.06 2.31
N GLU S 17 33.62 -22.03 2.69
CA GLU S 17 33.37 -21.75 4.10
C GLU S 17 32.31 -22.67 4.69
N SER S 18 31.60 -23.43 3.86
CA SER S 18 30.68 -24.44 4.36
C SER S 18 31.40 -25.72 4.75
N MET S 19 32.66 -25.89 4.38
CA MET S 19 33.44 -27.04 4.76
C MET S 19 34.28 -26.80 6.00
N LYS S 20 34.54 -25.55 6.37
CA LYS S 20 35.13 -25.25 7.66
C LYS S 20 34.15 -25.51 8.78
N VAL S 21 32.87 -25.21 8.54
CA VAL S 21 31.83 -25.45 9.52
C VAL S 21 31.62 -26.95 9.73
N VAL S 22 31.67 -27.72 8.65
CA VAL S 22 31.50 -29.16 8.73
C VAL S 22 32.69 -29.82 9.43
N ALA S 23 33.89 -29.29 9.18
CA ALA S 23 35.10 -29.87 9.76
C ALA S 23 35.20 -29.61 11.27
N GLU S 24 34.45 -28.65 11.79
CA GLU S 24 34.44 -28.43 13.23
C GLU S 24 33.36 -29.23 13.94
N SER S 25 32.38 -29.75 13.21
CA SER S 25 31.52 -30.78 13.79
C SER S 25 32.30 -32.08 14.00
N MET S 26 33.34 -32.29 13.21
CA MET S 26 34.22 -33.44 13.32
C MET S 26 35.20 -33.31 14.47
N GLY S 27 35.71 -32.10 14.69
CA GLY S 27 36.69 -31.88 15.73
C GLY S 27 38.00 -31.34 15.20
N ILE S 28 38.04 -31.06 13.90
CA ILE S 28 39.25 -30.56 13.24
C ILE S 28 39.30 -29.06 13.47
N ALA S 29 40.32 -28.60 14.20
CA ALA S 29 40.37 -27.22 14.65
C ALA S 29 40.71 -26.28 13.49
N GLN S 30 41.84 -26.52 12.82
CA GLN S 30 42.30 -25.67 11.74
C GLN S 30 42.43 -26.48 10.46
N ILE S 31 41.70 -26.06 9.42
CA ILE S 31 41.74 -26.68 8.11
C ILE S 31 42.11 -25.60 7.10
N GLN S 32 43.17 -25.84 6.35
CA GLN S 32 43.69 -24.85 5.43
C GLN S 32 42.82 -24.75 4.18
N GLU S 33 42.91 -23.59 3.53
CA GLU S 33 41.97 -23.23 2.46
C GLU S 33 42.18 -24.06 1.19
N GLU S 34 43.34 -24.71 1.03
CA GLU S 34 43.53 -25.58 -0.12
C GLU S 34 42.89 -26.94 0.11
N THR S 35 42.72 -27.33 1.38
CA THR S 35 41.99 -28.55 1.70
C THR S 35 40.49 -28.34 1.54
N CYS S 36 40.00 -27.16 1.92
CA CYS S 36 38.59 -26.85 1.79
C CYS S 36 38.17 -26.72 0.33
N GLN S 37 39.07 -26.25 -0.53
CA GLN S 37 38.79 -26.26 -1.96
C GLN S 37 38.83 -27.68 -2.51
N LEU S 38 39.66 -28.54 -1.93
CA LEU S 38 39.73 -29.95 -2.34
C LEU S 38 38.49 -30.72 -1.92
N LEU S 39 37.79 -30.28 -0.88
CA LEU S 39 36.59 -30.98 -0.41
C LEU S 39 35.36 -30.59 -1.22
N THR S 40 35.23 -29.32 -1.56
CA THR S 40 33.98 -28.81 -2.11
C THR S 40 33.83 -28.99 -3.61
N ASP S 41 34.92 -29.28 -4.33
CA ASP S 41 34.77 -29.61 -5.75
C ASP S 41 34.53 -31.09 -5.96
N GLU S 42 34.64 -31.89 -4.90
CA GLU S 42 34.28 -33.30 -4.94
C GLU S 42 32.83 -33.53 -4.50
N VAL S 43 32.40 -32.85 -3.44
CA VAL S 43 31.05 -33.06 -2.96
C VAL S 43 30.04 -32.36 -3.87
N SER S 44 30.42 -31.26 -4.53
CA SER S 44 29.55 -30.67 -5.54
C SER S 44 29.65 -31.39 -6.87
N TYR S 45 30.64 -32.26 -7.04
CA TYR S 45 30.67 -33.13 -8.20
C TYR S 45 29.78 -34.34 -8.01
N ARG S 46 29.69 -34.86 -6.78
CA ARG S 46 28.79 -35.98 -6.52
C ARG S 46 27.35 -35.55 -6.33
N ILE S 47 27.09 -34.27 -6.08
CA ILE S 47 25.72 -33.79 -6.06
C ILE S 47 25.16 -33.73 -7.48
N LYS S 48 25.97 -33.27 -8.43
CA LYS S 48 25.53 -33.18 -9.82
C LYS S 48 25.38 -34.53 -10.48
N GLU S 49 25.99 -35.59 -9.95
CA GLU S 49 25.80 -36.92 -10.51
C GLU S 49 24.60 -37.65 -9.93
N ILE S 50 24.06 -37.18 -8.81
CA ILE S 50 22.79 -37.69 -8.30
C ILE S 50 21.65 -36.71 -8.62
N ALA S 51 21.96 -35.46 -8.92
CA ALA S 51 20.94 -34.58 -9.47
C ALA S 51 20.52 -35.03 -10.86
N GLN S 52 21.47 -35.51 -11.67
CA GLN S 52 21.16 -35.90 -13.04
C GLN S 52 20.72 -37.35 -13.16
N ASP S 53 20.97 -38.19 -12.15
CA ASP S 53 20.44 -39.55 -12.16
C ASP S 53 19.11 -39.68 -11.46
N ALA S 54 18.75 -38.74 -10.58
CA ALA S 54 17.37 -38.65 -10.13
C ALA S 54 16.46 -38.20 -11.25
N LEU S 55 16.96 -37.34 -12.14
CA LEU S 55 16.23 -36.87 -13.30
C LEU S 55 16.01 -37.96 -14.35
N LYS S 56 16.69 -39.09 -14.26
CA LYS S 56 16.43 -40.19 -15.18
C LYS S 56 15.31 -41.09 -14.70
N PHE S 57 14.95 -41.03 -13.43
CA PHE S 57 13.75 -41.68 -12.92
C PHE S 57 12.54 -40.76 -12.96
N MET S 58 12.76 -39.44 -13.00
CA MET S 58 11.69 -38.49 -13.21
C MET S 58 11.20 -38.47 -14.64
N HIS S 59 12.05 -38.81 -15.59
CA HIS S 59 11.72 -38.78 -17.00
C HIS S 59 11.24 -40.12 -17.52
N MET S 60 11.90 -41.22 -17.12
CA MET S 60 11.49 -42.53 -17.59
C MET S 60 10.22 -42.99 -16.90
N GLY S 61 10.13 -42.78 -15.59
CA GLY S 61 8.86 -42.82 -14.91
C GLY S 61 8.24 -41.45 -14.99
N LYS S 62 7.25 -41.26 -15.86
CA LYS S 62 6.84 -39.94 -16.34
C LYS S 62 6.16 -39.12 -15.25
N ARG S 63 6.89 -38.20 -14.62
CA ARG S 63 6.38 -37.53 -13.43
C ARG S 63 6.49 -36.02 -13.43
N GLN S 64 7.52 -35.45 -14.07
CA GLN S 64 7.92 -34.03 -14.09
C GLN S 64 7.83 -33.30 -12.75
N LYS S 65 8.16 -33.99 -11.65
CA LYS S 65 8.06 -33.37 -10.33
C LYS S 65 9.33 -33.52 -9.50
N LEU S 66 10.07 -34.61 -9.73
CA LEU S 66 11.27 -34.99 -8.95
C LEU S 66 10.94 -35.12 -7.46
N THR S 67 10.15 -36.14 -7.17
CA THR S 67 9.89 -36.52 -5.79
C THR S 67 11.16 -37.06 -5.12
N THR S 68 11.09 -37.23 -3.80
CA THR S 68 12.26 -37.69 -3.05
C THR S 68 12.50 -39.18 -3.20
N SER S 69 11.59 -39.92 -3.84
CA SER S 69 11.86 -41.31 -4.18
C SER S 69 12.67 -41.43 -5.47
N ASP S 70 12.92 -40.33 -6.16
CA ASP S 70 13.81 -40.34 -7.31
C ASP S 70 15.26 -40.27 -6.88
N ILE S 71 15.56 -39.48 -5.86
CA ILE S 71 16.92 -39.41 -5.33
C ILE S 71 17.28 -40.71 -4.62
N ASP S 72 16.32 -41.30 -3.93
CA ASP S 72 16.56 -42.56 -3.23
C ASP S 72 16.74 -43.72 -4.21
N TYR S 73 16.17 -43.62 -5.41
CA TYR S 73 16.46 -44.59 -6.45
C TYR S 73 17.81 -44.36 -7.09
N ALA S 74 18.36 -43.16 -6.97
CA ALA S 74 19.68 -42.88 -7.55
C ALA S 74 20.80 -43.11 -6.56
N LEU S 75 20.57 -42.88 -5.26
CA LEU S 75 21.55 -43.30 -4.26
C LEU S 75 21.68 -44.81 -4.20
N LYS S 76 20.58 -45.52 -4.46
CA LYS S 76 20.63 -46.98 -4.59
C LYS S 76 21.41 -47.39 -5.83
N LEU S 77 21.46 -46.53 -6.83
CA LEU S 77 22.17 -46.79 -8.08
C LEU S 77 23.67 -46.54 -7.96
N LYS S 78 24.08 -45.63 -7.09
CA LYS S 78 25.48 -45.32 -6.91
C LYS S 78 26.11 -46.07 -5.75
N ASN S 79 25.41 -47.07 -5.20
CA ASN S 79 25.80 -47.99 -4.13
C ASN S 79 25.85 -47.33 -2.75
N VAL S 80 25.65 -46.03 -2.65
CA VAL S 80 25.79 -45.30 -1.39
C VAL S 80 24.56 -45.57 -0.54
N GLU S 81 24.74 -45.59 0.79
CA GLU S 81 23.70 -45.95 1.74
C GLU S 81 22.55 -44.93 1.68
N PRO S 82 21.29 -45.38 1.81
CA PRO S 82 20.16 -44.46 1.68
C PRO S 82 20.06 -43.46 2.81
N LEU S 83 19.26 -42.43 2.56
CA LEU S 83 18.98 -41.37 3.53
C LEU S 83 17.61 -41.63 4.13
N TYR S 84 17.59 -41.96 5.42
CA TYR S 84 16.38 -42.45 6.08
C TYR S 84 15.55 -41.27 6.58
N GLY S 85 14.25 -41.31 6.31
CA GLY S 85 13.31 -40.37 6.87
C GLY S 85 12.95 -39.19 6.01
N PHE S 86 12.87 -39.36 4.68
CA PHE S 86 12.55 -38.27 3.77
C PHE S 86 11.34 -38.58 2.91
N HIS S 87 10.54 -39.57 3.30
CA HIS S 87 9.29 -39.88 2.61
C HIS S 87 8.07 -39.38 3.36
N ALA S 88 8.25 -38.87 4.58
CA ALA S 88 7.14 -38.30 5.32
C ALA S 88 6.80 -36.91 4.80
N GLN S 89 5.54 -36.51 5.03
CA GLN S 89 5.03 -35.25 4.50
C GLN S 89 5.61 -34.07 5.26
N GLU S 90 6.71 -33.52 4.73
CA GLU S 90 7.38 -32.38 5.33
C GLU S 90 7.57 -31.28 4.29
N PHE S 91 8.35 -30.27 4.65
CA PHE S 91 8.58 -29.10 3.81
C PHE S 91 9.99 -28.60 4.13
N ILE S 92 10.26 -27.33 3.85
CA ILE S 92 11.57 -26.74 4.11
C ILE S 92 11.50 -25.66 5.20
N PRO S 93 11.59 -26.05 6.50
CA PRO S 93 11.69 -25.03 7.56
C PRO S 93 13.13 -24.76 7.99
N PHE S 94 13.44 -23.51 8.31
CA PHE S 94 14.73 -23.15 8.86
C PHE S 94 14.52 -22.09 9.93
N ARG S 95 15.36 -22.12 10.97
CA ARG S 95 15.20 -21.25 12.12
C ARG S 95 16.50 -20.50 12.36
N PHE S 96 16.43 -19.17 12.27
CA PHE S 96 17.61 -18.32 12.37
C PHE S 96 18.02 -18.14 13.83
N ALA S 97 19.33 -18.24 14.09
CA ALA S 97 19.91 -17.98 15.39
C ALA S 97 20.91 -16.85 15.26
N SER S 98 20.65 -15.73 15.93
CA SER S 98 21.48 -14.53 15.77
C SER S 98 22.80 -14.70 16.51
N GLY S 99 22.75 -14.78 17.84
CA GLY S 99 23.93 -15.07 18.62
C GLY S 99 24.88 -13.88 18.75
N GLY S 100 25.93 -14.11 19.53
CA GLY S 100 26.94 -13.09 19.77
C GLY S 100 28.09 -13.14 18.81
N GLY S 101 27.80 -13.29 17.51
CA GLY S 101 28.82 -13.33 16.48
C GLY S 101 28.86 -14.61 15.68
N ARG S 102 28.00 -15.59 15.97
CA ARG S 102 27.97 -16.86 15.25
C ARG S 102 26.60 -17.01 14.63
N GLU S 103 26.52 -16.81 13.33
CA GLU S 103 25.25 -16.78 12.59
C GLU S 103 25.01 -18.13 11.94
N LEU S 104 23.85 -18.73 12.20
CA LEU S 104 23.58 -20.07 11.73
C LEU S 104 22.08 -20.28 11.61
N TYR S 105 21.72 -21.44 11.05
CA TYR S 105 20.34 -21.88 10.87
C TYR S 105 20.23 -23.33 11.32
N PHE S 106 19.10 -23.69 11.93
CA PHE S 106 18.93 -25.07 12.40
C PHE S 106 17.49 -25.50 12.14
N TYR S 107 17.11 -26.64 12.72
CA TYR S 107 15.82 -27.25 12.43
C TYR S 107 14.73 -26.89 13.42
N GLU S 108 15.06 -26.88 14.72
CA GLU S 108 14.10 -26.75 15.83
C GLU S 108 13.02 -27.84 15.72
N GLU S 109 13.48 -29.07 15.93
CA GLU S 109 12.61 -30.23 15.92
C GLU S 109 11.66 -30.19 17.13
N LYS S 110 10.49 -30.79 16.95
CA LYS S 110 9.46 -30.79 17.97
C LYS S 110 9.15 -32.23 18.38
N GLU S 111 8.44 -32.36 19.50
CA GLU S 111 8.09 -33.65 20.05
C GLU S 111 6.59 -33.85 20.02
N VAL S 112 6.16 -35.08 20.29
CA VAL S 112 4.75 -35.43 20.31
C VAL S 112 4.59 -36.65 21.22
N ASP S 113 3.55 -36.64 22.04
CA ASP S 113 3.29 -37.77 22.93
C ASP S 113 2.92 -38.99 22.11
N LEU S 114 3.39 -40.16 22.57
CA LEU S 114 3.29 -41.38 21.80
C LEU S 114 1.86 -41.86 21.66
N SER S 115 1.00 -41.58 22.64
CA SER S 115 -0.39 -41.99 22.55
C SER S 115 -1.20 -41.13 21.59
N ASP S 116 -0.66 -40.01 21.13
CA ASP S 116 -1.30 -39.17 20.14
C ASP S 116 -0.89 -39.51 18.72
N ILE S 117 -0.06 -40.55 18.54
CA ILE S 117 0.12 -41.17 17.25
C ILE S 117 -0.59 -42.52 17.18
N ILE S 118 -0.79 -43.19 18.31
CA ILE S 118 -1.58 -44.40 18.33
C ILE S 118 -3.06 -44.07 18.12
N ASN S 119 -3.47 -42.87 18.52
CA ASN S 119 -4.85 -42.43 18.43
C ASN S 119 -5.01 -41.25 17.48
N THR S 120 -4.34 -41.31 16.34
CA THR S 120 -4.57 -40.32 15.29
C THR S 120 -5.74 -40.76 14.42
N PRO S 121 -6.49 -39.84 13.82
CA PRO S 121 -7.51 -40.24 12.84
C PRO S 121 -6.85 -40.79 11.59
N LEU S 122 -7.23 -42.02 11.24
CA LEU S 122 -6.65 -42.69 10.09
C LEU S 122 -7.14 -42.04 8.80
N PRO S 123 -6.27 -41.89 7.80
CA PRO S 123 -6.73 -41.43 6.48
C PRO S 123 -7.56 -42.49 5.79
N ARG S 124 -8.24 -42.06 4.72
CA ARG S 124 -9.14 -42.93 4.00
C ARG S 124 -8.39 -43.90 3.12
N VAL S 125 -8.97 -45.07 2.94
CA VAL S 125 -8.37 -46.20 2.22
C VAL S 125 -8.19 -45.83 0.75
N PRO S 126 -7.06 -46.17 0.12
CA PRO S 126 -6.85 -45.84 -1.29
C PRO S 126 -7.67 -46.73 -2.22
N LEU S 127 -7.76 -46.28 -3.46
CA LEU S 127 -8.48 -46.98 -4.51
C LEU S 127 -7.50 -47.69 -5.45
N ASP S 128 -7.97 -48.73 -6.10
CA ASP S 128 -7.15 -49.49 -7.02
C ASP S 128 -7.19 -48.88 -8.42
N VAL S 129 -6.14 -49.16 -9.19
CA VAL S 129 -6.03 -48.63 -10.54
C VAL S 129 -7.08 -49.27 -11.44
N CYS S 130 -7.86 -48.44 -12.11
CA CYS S 130 -8.83 -48.88 -13.09
C CYS S 130 -8.69 -48.05 -14.35
N LEU S 131 -9.32 -48.52 -15.42
CA LEU S 131 -9.20 -47.92 -16.73
C LEU S 131 -10.46 -47.15 -17.06
N LYS S 132 -10.32 -46.11 -17.89
CA LYS S 132 -11.47 -45.35 -18.34
C LYS S 132 -11.24 -44.91 -19.77
N ALA S 133 -12.22 -45.14 -20.62
CA ALA S 133 -12.14 -44.80 -22.04
C ALA S 133 -13.06 -43.61 -22.31
N HIS S 134 -12.57 -42.67 -23.12
CA HIS S 134 -13.37 -41.53 -23.54
C HIS S 134 -12.79 -40.98 -24.84
N TRP S 135 -13.66 -40.40 -25.66
CA TRP S 135 -13.22 -39.83 -26.92
C TRP S 135 -12.50 -38.51 -26.68
N LEU S 136 -11.33 -38.35 -27.30
CA LEU S 136 -10.57 -37.12 -27.23
C LEU S 136 -10.84 -36.21 -28.42
N SER S 137 -10.97 -36.79 -29.61
CA SER S 137 -11.34 -36.03 -30.81
C SER S 137 -12.15 -36.96 -31.69
N ILE S 138 -13.27 -36.47 -32.20
CA ILE S 138 -14.13 -37.29 -33.06
C ILE S 138 -14.12 -36.73 -34.47
N GLU S 139 -13.18 -37.24 -35.30
CA GLU S 139 -12.97 -36.89 -36.69
C GLU S 139 -12.69 -35.40 -36.91
N GLY S 140 -12.20 -34.72 -35.88
CA GLY S 140 -12.13 -33.28 -35.91
C GLY S 140 -11.82 -32.69 -34.55
N CYS S 141 -12.64 -31.72 -34.13
CA CYS S 141 -12.42 -31.06 -32.85
C CYS S 141 -12.87 -31.96 -31.70
N GLN S 142 -12.50 -31.54 -30.49
CA GLN S 142 -12.79 -32.31 -29.30
C GLN S 142 -14.25 -32.19 -28.91
N PRO S 143 -14.84 -33.25 -28.35
CA PRO S 143 -16.19 -33.15 -27.81
C PRO S 143 -16.20 -32.41 -26.48
N ALA S 144 -17.37 -31.87 -26.14
CA ALA S 144 -17.55 -31.14 -24.89
C ALA S 144 -18.05 -32.04 -23.75
N ILE S 145 -17.34 -33.15 -23.55
CA ILE S 145 -17.62 -34.06 -22.44
C ILE S 145 -16.77 -33.59 -21.27
N PRO S 146 -17.14 -33.86 -20.00
CA PRO S 146 -16.38 -33.30 -18.88
C PRO S 146 -15.00 -33.91 -18.65
N GLU S 147 -14.58 -34.89 -19.46
CA GLU S 147 -13.22 -35.42 -19.40
C GLU S 147 -12.25 -34.59 -20.22
N ASN S 148 -12.71 -33.54 -20.87
CA ASN S 148 -11.90 -32.66 -21.70
C ASN S 148 -11.70 -31.30 -21.04
N PRO S 149 -10.74 -30.51 -21.49
CA PRO S 149 -10.70 -29.11 -21.09
C PRO S 149 -11.91 -28.37 -21.65
N PRO S 150 -12.31 -27.33 -20.87
CA PRO S 150 -13.48 -26.53 -21.19
C PRO S 150 -13.54 -25.92 -22.58
N PRO S 151 -12.55 -25.14 -23.09
CA PRO S 151 -12.78 -24.57 -24.42
C PRO S 151 -12.18 -25.43 -25.54
N HIS S 214 -17.81 32.30 -16.77
CA HIS S 214 -16.53 32.17 -17.52
C HIS S 214 -16.78 32.60 -18.96
N GLU S 215 -17.93 32.23 -19.52
CA GLU S 215 -18.30 32.69 -20.88
C GLU S 215 -19.25 33.87 -20.73
N LEU S 216 -18.98 34.96 -21.44
CA LEU S 216 -19.76 36.20 -21.26
C LEU S 216 -21.22 35.96 -21.63
N SER S 217 -22.15 36.55 -20.89
CA SER S 217 -23.59 36.41 -21.17
C SER S 217 -23.88 37.12 -22.48
N VAL S 218 -25.05 36.95 -23.07
CA VAL S 218 -25.26 37.55 -24.42
C VAL S 218 -25.24 39.07 -24.31
N GLU S 219 -25.83 39.66 -23.27
CA GLU S 219 -25.78 41.13 -23.04
C GLU S 219 -24.35 41.62 -23.18
N GLN S 220 -23.43 41.16 -22.33
CA GLN S 220 -22.07 41.67 -22.36
C GLN S 220 -21.27 41.15 -23.53
N GLN S 221 -21.67 40.03 -24.13
CA GLN S 221 -21.06 39.62 -25.40
C GLN S 221 -21.39 40.61 -26.51
N LEU S 222 -22.64 41.08 -26.54
CA LEU S 222 -23.03 42.11 -27.50
C LEU S 222 -22.36 43.44 -27.21
N TYR S 223 -22.21 43.77 -25.92
CA TYR S 223 -21.54 45.02 -25.54
C TYR S 223 -20.07 44.98 -25.92
N TYR S 224 -19.41 43.83 -25.73
CA TYR S 224 -18.02 43.66 -26.14
C TYR S 224 -17.87 43.77 -27.64
N LYS S 225 -18.79 43.17 -28.40
CA LYS S 225 -18.72 43.23 -29.85
C LYS S 225 -18.90 44.65 -30.37
N GLU S 226 -19.90 45.38 -29.84
CA GLU S 226 -20.16 46.73 -30.31
C GLU S 226 -19.05 47.69 -29.91
N ILE S 227 -18.50 47.53 -28.70
CA ILE S 227 -17.46 48.44 -28.24
C ILE S 227 -16.15 48.19 -28.98
N THR S 228 -15.80 46.93 -29.25
CA THR S 228 -14.57 46.66 -29.98
C THR S 228 -14.70 47.04 -31.45
N GLU S 229 -15.84 46.78 -32.08
CA GLU S 229 -15.98 47.19 -33.48
C GLU S 229 -16.24 48.69 -33.63
N ALA S 230 -16.54 49.41 -32.56
CA ALA S 230 -16.62 50.86 -32.68
C ALA S 230 -15.25 51.52 -32.69
N CYS S 231 -14.22 50.83 -32.23
CA CYS S 231 -12.86 51.37 -32.18
C CYS S 231 -11.96 50.73 -33.24
N VAL S 232 -12.51 50.40 -34.41
CA VAL S 232 -11.70 49.92 -35.50
C VAL S 232 -11.60 50.92 -36.64
N GLY S 233 -12.49 51.91 -36.68
CA GLY S 233 -12.25 53.03 -37.58
C GLY S 233 -13.29 53.26 -38.66
N SER S 234 -14.54 52.91 -38.42
CA SER S 234 -15.55 53.22 -39.43
C SER S 234 -15.91 54.70 -39.38
N CYS S 235 -16.20 55.22 -38.18
CA CYS S 235 -16.36 56.66 -38.04
C CYS S 235 -15.86 57.10 -36.66
N GLU S 236 -15.64 58.41 -36.53
CA GLU S 236 -14.99 58.97 -35.36
C GLU S 236 -15.97 59.20 -34.21
N ALA S 237 -17.24 59.50 -34.51
CA ALA S 237 -18.20 59.83 -33.46
C ALA S 237 -18.58 58.60 -32.64
N LYS S 238 -18.78 57.46 -33.32
CA LYS S 238 -19.04 56.21 -32.60
C LYS S 238 -17.82 55.80 -31.78
N ARG S 239 -16.63 56.10 -32.26
CA ARG S 239 -15.40 55.84 -31.50
C ARG S 239 -15.34 56.69 -30.24
N ALA S 240 -15.72 57.98 -30.35
CA ALA S 240 -15.67 58.85 -29.19
C ALA S 240 -16.72 58.45 -28.15
N GLU S 241 -17.89 58.00 -28.61
CA GLU S 241 -18.89 57.52 -27.67
C GLU S 241 -18.51 56.17 -27.07
N ALA S 242 -17.79 55.33 -27.81
CA ALA S 242 -17.32 54.07 -27.23
C ALA S 242 -16.23 54.29 -26.20
N LEU S 243 -15.34 55.25 -26.45
CA LEU S 243 -14.30 55.54 -25.47
C LEU S 243 -14.86 56.24 -24.24
N GLN S 244 -15.88 57.09 -24.43
CA GLN S 244 -16.60 57.66 -23.30
C GLN S 244 -17.49 56.65 -22.59
N SER S 245 -17.81 55.53 -23.24
CA SER S 245 -18.45 54.43 -22.52
C SER S 245 -17.43 53.69 -21.66
N ILE S 246 -16.30 53.32 -22.26
CA ILE S 246 -15.24 52.58 -21.54
C ILE S 246 -14.74 53.38 -20.34
N ALA S 247 -14.60 54.69 -20.51
CA ALA S 247 -14.06 55.50 -19.42
C ALA S 247 -15.06 55.72 -18.30
N THR S 248 -16.36 55.65 -18.56
CA THR S 248 -17.36 56.10 -17.59
C THR S 248 -18.49 55.08 -17.40
N ASP S 249 -18.16 53.79 -17.35
CA ASP S 249 -19.21 52.86 -16.92
C ASP S 249 -18.83 52.12 -15.63
N PRO S 250 -19.82 51.76 -14.80
CA PRO S 250 -19.50 51.20 -13.49
C PRO S 250 -19.25 49.69 -13.47
N GLY S 251 -19.78 48.94 -14.43
CA GLY S 251 -19.76 47.50 -14.29
C GLY S 251 -18.98 46.70 -15.31
N LEU S 252 -17.85 47.24 -15.78
CA LEU S 252 -17.21 46.68 -16.99
C LEU S 252 -16.22 45.58 -16.57
N TYR S 253 -16.22 45.20 -15.29
CA TYR S 253 -15.36 44.07 -14.86
C TYR S 253 -16.00 42.81 -15.44
N GLN S 254 -15.24 41.72 -15.57
CA GLN S 254 -15.77 40.47 -16.19
C GLN S 254 -15.65 40.66 -17.70
N MET S 255 -15.19 41.84 -18.13
CA MET S 255 -14.96 42.12 -19.56
C MET S 255 -13.62 42.82 -19.60
N LEU S 256 -13.01 43.07 -18.44
CA LEU S 256 -11.63 43.54 -18.53
C LEU S 256 -10.61 42.55 -19.12
N PRO S 257 -10.64 41.23 -18.83
CA PRO S 257 -9.64 40.36 -19.49
C PRO S 257 -9.80 40.27 -20.99
N ARG S 258 -11.03 40.35 -21.47
CA ARG S 258 -11.26 40.35 -22.92
C ARG S 258 -10.70 41.61 -23.57
N PHE S 259 -10.86 42.76 -22.91
CA PHE S 259 -10.31 44.00 -23.46
C PHE S 259 -8.80 44.00 -23.43
N SER S 260 -8.20 43.45 -22.38
CA SER S 260 -6.75 43.38 -22.31
C SER S 260 -6.18 42.45 -23.37
N THR S 261 -6.86 41.32 -23.62
CA THR S 261 -6.42 40.39 -24.66
C THR S 261 -6.56 41.01 -26.04
N PHE S 262 -7.69 41.68 -26.28
CA PHE S 262 -7.95 42.38 -27.53
C PHE S 262 -6.89 43.42 -27.82
N ILE S 263 -6.53 44.22 -26.81
CA ILE S 263 -5.57 45.30 -26.99
C ILE S 263 -4.17 44.74 -27.24
N SER S 264 -3.75 43.75 -26.44
CA SER S 264 -2.39 43.23 -26.57
C SER S 264 -2.22 42.46 -27.88
N GLU S 265 -3.21 41.67 -28.28
CA GLU S 265 -3.13 40.99 -29.57
C GLU S 265 -3.24 41.97 -30.73
N GLY S 266 -4.00 43.05 -30.59
CA GLY S 266 -4.10 44.02 -31.67
C GLY S 266 -2.82 44.80 -31.87
N VAL S 267 -2.13 45.14 -30.77
CA VAL S 267 -0.81 45.75 -30.88
C VAL S 267 0.20 44.76 -31.44
N ARG S 268 0.05 43.46 -31.15
CA ARG S 268 0.91 42.46 -31.79
C ARG S 268 0.65 42.37 -33.29
N VAL S 269 -0.60 42.52 -33.73
CA VAL S 269 -0.95 42.41 -35.15
C VAL S 269 -0.42 43.59 -35.98
N ASN S 270 0.15 44.61 -35.33
CA ASN S 270 0.90 45.65 -36.04
C ASN S 270 2.13 45.10 -36.78
N VAL S 271 2.70 43.97 -36.34
CA VAL S 271 3.90 43.47 -37.02
C VAL S 271 3.55 42.89 -38.39
N VAL S 272 2.35 42.31 -38.55
CA VAL S 272 1.92 41.85 -39.85
C VAL S 272 1.48 43.02 -40.73
N GLN S 273 0.78 44.00 -40.15
CA GLN S 273 0.35 45.18 -40.89
C GLN S 273 0.70 46.42 -40.10
N ASN S 274 1.69 47.18 -40.57
CA ASN S 274 2.16 48.36 -39.84
C ASN S 274 1.16 49.51 -39.99
N ASN S 275 0.05 49.37 -39.27
CA ASN S 275 -1.02 50.36 -39.29
C ASN S 275 -0.82 51.31 -38.13
N LEU S 276 -0.50 52.56 -38.44
CA LEU S 276 -0.35 53.58 -37.41
C LEU S 276 -1.70 53.94 -36.80
N ALA S 277 -2.75 53.96 -37.63
CA ALA S 277 -4.05 54.45 -37.18
C ALA S 277 -4.67 53.52 -36.15
N LEU S 278 -4.64 52.22 -36.41
CA LEU S 278 -5.19 51.25 -35.46
C LEU S 278 -4.39 51.20 -34.17
N LEU S 279 -3.10 51.51 -34.22
CA LEU S 279 -2.33 51.61 -32.98
C LEU S 279 -2.68 52.85 -32.19
N ILE S 280 -2.98 53.96 -32.88
CA ILE S 280 -3.46 55.16 -32.17
C ILE S 280 -4.82 54.87 -31.54
N TYR S 281 -5.65 54.08 -32.21
CA TYR S 281 -6.96 53.74 -31.66
C TYR S 281 -6.83 52.82 -30.45
N LEU S 282 -5.89 51.88 -30.49
CA LEU S 282 -5.68 51.00 -29.34
C LEU S 282 -5.05 51.75 -28.16
N MET S 283 -4.18 52.72 -28.43
CA MET S 283 -3.64 53.51 -27.33
C MET S 283 -4.67 54.44 -26.73
N ARG S 284 -5.65 54.89 -27.50
CA ARG S 284 -6.74 55.70 -26.94
C ARG S 284 -7.68 54.75 -26.21
N MET S 285 -7.76 53.47 -26.57
CA MET S 285 -8.52 52.50 -25.81
C MET S 285 -7.89 52.24 -24.45
N VAL S 286 -6.57 52.15 -24.39
CA VAL S 286 -5.87 51.99 -23.11
C VAL S 286 -6.03 53.23 -22.25
N LYS S 287 -5.89 54.41 -22.86
CA LYS S 287 -6.06 55.67 -22.13
C LYS S 287 -7.47 55.84 -21.61
N ALA S 288 -8.47 55.30 -22.31
CA ALA S 288 -9.83 55.30 -21.80
C ALA S 288 -10.02 54.26 -20.70
N LEU S 289 -9.33 53.13 -20.78
CA LEU S 289 -9.44 52.12 -19.73
C LEU S 289 -8.82 52.60 -18.43
N MET S 290 -7.81 53.46 -18.51
CA MET S 290 -7.16 53.95 -17.30
C MET S 290 -8.01 54.96 -16.55
N ASP S 291 -8.86 55.72 -17.25
CA ASP S 291 -9.66 56.75 -16.63
C ASP S 291 -10.92 56.23 -15.95
N ASN S 292 -11.16 54.93 -15.97
CA ASN S 292 -12.35 54.38 -15.34
C ASN S 292 -12.12 54.28 -13.84
N PRO S 293 -12.93 54.93 -13.01
CA PRO S 293 -12.70 54.85 -11.56
C PRO S 293 -13.09 53.52 -10.95
N THR S 294 -14.02 52.79 -11.57
CA THR S 294 -14.57 51.60 -10.93
C THR S 294 -13.69 50.39 -11.11
N LEU S 295 -13.09 50.20 -12.28
CA LEU S 295 -12.31 49.00 -12.53
C LEU S 295 -10.84 49.21 -12.17
N TYR S 296 -10.26 48.18 -11.57
CA TYR S 296 -8.89 48.21 -11.10
C TYR S 296 -8.04 47.36 -12.04
N LEU S 297 -7.08 48.01 -12.69
CA LEU S 297 -6.25 47.36 -13.70
C LEU S 297 -4.99 46.74 -13.11
N GLU S 298 -4.96 46.49 -11.81
CA GLU S 298 -3.75 45.97 -11.18
C GLU S 298 -3.48 44.53 -11.59
N LYS S 299 -4.53 43.73 -11.79
CA LYS S 299 -4.35 42.34 -12.15
C LYS S 299 -4.07 42.15 -13.62
N TYR S 300 -4.27 43.17 -14.45
CA TYR S 300 -4.13 43.04 -15.89
C TYR S 300 -3.10 44.01 -16.47
N VAL S 301 -2.29 44.64 -15.62
CA VAL S 301 -1.37 45.65 -16.09
C VAL S 301 -0.15 45.00 -16.75
N HIS S 302 0.11 43.73 -16.46
CA HIS S 302 1.23 43.00 -17.05
C HIS S 302 1.03 42.73 -18.53
N GLU S 303 -0.20 42.86 -19.03
CA GLU S 303 -0.52 42.77 -20.44
C GLU S 303 -0.49 44.11 -21.14
N LEU S 304 -0.92 45.17 -20.46
CA LEU S 304 -0.99 46.48 -21.08
C LEU S 304 0.33 47.21 -21.07
N ILE S 305 1.23 46.87 -20.14
CA ILE S 305 2.56 47.48 -20.14
C ILE S 305 3.38 47.14 -21.40
N PRO S 306 3.52 45.88 -21.83
CA PRO S 306 4.32 45.65 -23.05
C PRO S 306 3.64 46.08 -24.33
N ALA S 307 2.31 46.26 -24.34
CA ALA S 307 1.66 46.79 -25.53
C ALA S 307 1.99 48.25 -25.75
N VAL S 308 1.92 49.06 -24.69
CA VAL S 308 2.33 50.46 -24.77
C VAL S 308 3.83 50.56 -24.98
N MET S 309 4.60 49.63 -24.42
CA MET S 309 6.04 49.60 -24.66
C MET S 309 6.36 49.30 -26.12
N THR S 310 5.60 48.37 -26.73
CA THR S 310 5.72 48.09 -28.14
C THR S 310 5.36 49.31 -28.99
N CYS S 311 4.36 50.06 -28.59
CA CYS S 311 4.06 51.32 -29.28
C CYS S 311 5.13 52.39 -29.06
N ILE S 312 5.96 52.26 -28.03
CA ILE S 312 7.02 53.25 -27.82
C ILE S 312 8.31 52.88 -28.55
N VAL S 313 8.89 51.72 -28.24
CA VAL S 313 10.27 51.44 -28.62
C VAL S 313 10.39 50.52 -29.84
N SER S 314 9.32 50.31 -30.58
CA SER S 314 9.51 49.59 -31.83
C SER S 314 10.00 50.54 -32.91
N ARG S 315 10.58 50.00 -33.99
CA ARG S 315 11.26 50.90 -34.96
C ARG S 315 10.39 51.24 -36.16
N GLN S 316 9.66 50.28 -36.70
CA GLN S 316 8.73 50.60 -37.77
C GLN S 316 7.33 50.69 -37.19
N LEU S 317 6.87 51.92 -36.97
CA LEU S 317 5.52 52.19 -36.52
C LEU S 317 4.62 52.63 -37.67
N CYS S 318 5.17 52.73 -38.87
CA CYS S 318 4.54 53.38 -40.01
C CYS S 318 4.46 52.40 -41.17
N LEU S 319 3.63 52.73 -42.16
CA LEU S 319 3.63 51.91 -43.41
C LEU S 319 4.54 52.69 -44.35
N ARG S 320 4.33 53.99 -44.48
CA ARG S 320 5.29 54.82 -45.23
C ARG S 320 6.11 55.52 -44.17
N PRO S 321 7.39 55.13 -43.90
CA PRO S 321 8.10 55.69 -42.77
C PRO S 321 8.27 57.20 -42.83
N ASP S 322 8.52 57.75 -44.01
CA ASP S 322 8.82 59.19 -44.11
C ASP S 322 7.66 60.15 -43.76
N VAL S 323 6.43 59.83 -44.18
CA VAL S 323 5.33 60.83 -43.98
C VAL S 323 4.45 60.54 -42.75
N ASP S 324 4.41 59.29 -42.29
CA ASP S 324 3.53 58.95 -41.15
C ASP S 324 4.13 59.52 -39.86
N ASN S 325 3.32 60.22 -39.06
CA ASN S 325 3.82 60.83 -37.80
C ASN S 325 3.78 59.76 -36.73
N HIS S 326 4.68 58.77 -36.81
CA HIS S 326 4.78 57.75 -35.75
C HIS S 326 5.20 58.54 -34.53
N TRP S 327 5.75 59.70 -34.74
CA TRP S 327 6.28 60.48 -33.61
C TRP S 327 5.17 60.72 -32.59
N ALA S 328 3.93 61.03 -32.97
CA ALA S 328 2.91 61.30 -31.93
C ALA S 328 2.51 60.04 -31.18
N LEU S 329 2.30 58.93 -31.87
CA LEU S 329 2.02 57.69 -31.12
C LEU S 329 3.21 57.45 -30.23
N ARG S 330 4.32 58.17 -30.40
CA ARG S 330 5.43 57.95 -29.48
C ARG S 330 5.22 58.73 -28.19
N ASP S 331 4.99 60.03 -28.29
CA ASP S 331 4.84 60.81 -27.06
C ASP S 331 3.50 60.58 -26.36
N PHE S 332 2.46 60.17 -27.12
CA PHE S 332 1.20 59.78 -26.48
C PHE S 332 1.37 58.51 -25.65
N ALA S 333 2.02 57.49 -26.22
CA ALA S 333 2.25 56.27 -25.46
C ALA S 333 3.28 56.46 -24.36
N ALA S 334 4.19 57.43 -24.51
CA ALA S 334 5.13 57.73 -23.42
C ALA S 334 4.43 58.39 -22.24
N ARG S 335 3.51 59.32 -22.53
CA ARG S 335 2.68 59.90 -21.47
C ARG S 335 1.80 58.83 -20.82
N LEU S 336 1.33 57.88 -21.64
CA LEU S 336 0.53 56.78 -21.13
C LEU S 336 1.32 55.88 -20.18
N VAL S 337 2.58 55.61 -20.51
CA VAL S 337 3.33 54.70 -19.65
C VAL S 337 3.82 55.42 -18.40
N ALA S 338 3.99 56.76 -18.47
CA ALA S 338 4.28 57.52 -17.27
C ALA S 338 3.09 57.52 -16.33
N GLN S 339 1.88 57.56 -16.89
CA GLN S 339 0.69 57.44 -16.06
C GLN S 339 0.53 56.02 -15.51
N ILE S 340 0.87 55.01 -16.30
CA ILE S 340 0.68 53.62 -15.85
C ILE S 340 1.71 53.22 -14.81
N CYS S 341 2.84 53.93 -14.73
CA CYS S 341 3.77 53.68 -13.63
C CYS S 341 3.72 54.77 -12.57
N LYS S 342 2.83 55.75 -12.71
CA LYS S 342 2.54 56.59 -11.56
C LYS S 342 1.44 55.98 -10.70
N HIS S 343 0.41 55.43 -11.34
CA HIS S 343 -0.74 54.91 -10.62
C HIS S 343 -0.51 53.53 -10.03
N PHE S 344 0.43 52.76 -10.56
CA PHE S 344 0.52 51.34 -10.24
C PHE S 344 1.87 50.90 -9.70
N SER S 345 2.90 51.73 -9.72
CA SER S 345 4.20 51.31 -9.23
C SER S 345 4.18 51.23 -7.71
N THR S 346 4.46 50.04 -7.20
CA THR S 346 4.60 49.80 -5.77
C THR S 346 5.95 49.12 -5.61
N THR S 347 6.49 49.11 -4.39
CA THR S 347 7.81 48.54 -4.18
C THR S 347 7.81 47.02 -4.33
N THR S 348 6.65 46.38 -4.23
CA THR S 348 6.53 44.98 -4.61
C THR S 348 6.46 44.81 -6.12
N ASN S 349 5.92 45.81 -6.83
CA ASN S 349 5.77 45.70 -8.28
C ASN S 349 7.10 45.88 -8.99
N ASN S 350 7.84 46.96 -8.63
CA ASN S 350 9.02 47.44 -9.34
C ASN S 350 8.72 47.70 -10.81
N ILE S 351 7.59 48.35 -11.06
CA ILE S 351 7.20 48.67 -12.43
C ILE S 351 8.09 49.76 -13.00
N GLN S 352 8.26 50.86 -12.25
CA GLN S 352 8.96 52.03 -12.77
C GLN S 352 10.45 51.76 -12.93
N SER S 353 11.04 51.01 -12.01
CA SER S 353 12.47 50.71 -12.11
C SER S 353 12.77 49.79 -13.27
N ARG S 354 11.86 48.85 -13.50
CA ARG S 354 11.99 47.88 -14.61
C ARG S 354 11.67 48.54 -15.94
N ILE S 355 10.87 49.60 -16.03
CA ILE S 355 10.59 50.37 -17.23
C ILE S 355 11.75 51.31 -17.55
N THR S 356 12.26 52.03 -16.54
CA THR S 356 13.48 52.81 -16.69
C THR S 356 14.67 51.97 -17.09
N LYS S 357 14.79 50.72 -16.62
CA LYS S 357 15.95 49.93 -17.01
C LYS S 357 15.86 49.50 -18.47
N THR S 358 14.66 49.17 -18.96
CA THR S 358 14.51 48.83 -20.38
C THR S 358 14.77 50.05 -21.26
N PHE S 359 14.21 51.21 -20.89
CA PHE S 359 14.47 52.44 -21.65
C PHE S 359 15.94 52.82 -21.63
N THR S 360 16.61 52.62 -20.49
CA THR S 360 18.00 53.02 -20.35
C THR S 360 18.92 52.12 -21.17
N LYS S 361 18.76 50.80 -21.07
CA LYS S 361 19.62 49.94 -21.87
C LYS S 361 19.22 49.93 -23.34
N SER S 362 18.05 50.47 -23.70
CA SER S 362 17.79 50.71 -25.11
C SER S 362 18.40 52.03 -25.58
N TRP S 363 18.60 52.99 -24.68
CA TRP S 363 19.15 54.26 -25.11
C TRP S 363 20.67 54.29 -25.12
N VAL S 364 21.31 53.78 -24.05
CA VAL S 364 22.76 53.83 -23.94
C VAL S 364 23.41 52.92 -24.98
N ASP S 365 22.75 51.82 -25.33
CA ASP S 365 23.31 50.87 -26.28
C ASP S 365 23.25 51.44 -27.69
N GLU S 366 24.39 51.38 -28.37
CA GLU S 366 24.51 51.84 -29.74
C GLU S 366 23.86 50.78 -30.64
N LYS S 367 23.81 51.05 -31.94
CA LYS S 367 23.13 50.29 -33.04
C LYS S 367 21.62 50.48 -32.99
N THR S 368 21.08 51.23 -32.03
CA THR S 368 19.64 51.38 -31.97
C THR S 368 19.19 52.46 -32.95
N PRO S 369 18.07 52.22 -33.66
CA PRO S 369 17.60 53.20 -34.64
C PRO S 369 17.12 54.47 -33.97
N TRP S 370 17.02 55.53 -34.78
CA TRP S 370 16.62 56.84 -34.28
C TRP S 370 15.17 56.88 -33.81
N THR S 371 14.34 56.00 -34.35
CA THR S 371 12.96 55.90 -33.87
C THR S 371 12.91 55.31 -32.47
N THR S 372 13.62 54.21 -32.22
CA THR S 372 13.59 53.60 -30.90
C THR S 372 14.35 54.44 -29.88
N ARG S 373 15.40 55.14 -30.31
CA ARG S 373 16.03 56.11 -29.41
C ARG S 373 15.10 57.28 -29.11
N TYR S 374 14.29 57.69 -30.09
CA TYR S 374 13.29 58.72 -29.83
C TYR S 374 12.26 58.25 -28.81
N GLY S 375 11.83 56.99 -28.93
CA GLY S 375 10.88 56.45 -27.97
C GLY S 375 11.47 56.34 -26.57
N SER S 376 12.72 55.91 -26.47
CA SER S 376 13.39 55.80 -25.18
C SER S 376 13.54 57.16 -24.52
N ILE S 377 13.99 58.16 -25.27
CA ILE S 377 14.15 59.51 -24.72
C ILE S 377 12.79 60.10 -24.35
N ALA S 378 11.75 59.79 -25.12
CA ALA S 378 10.42 60.33 -24.86
C ALA S 378 9.83 59.76 -23.56
N GLY S 379 9.96 58.45 -23.37
CA GLY S 379 9.47 57.84 -22.13
C GLY S 379 10.26 58.29 -20.91
N LEU S 380 11.59 58.28 -21.02
CA LEU S 380 12.45 58.74 -19.92
C LEU S 380 12.19 60.19 -19.57
N ALA S 381 11.88 61.02 -20.56
CA ALA S 381 11.62 62.41 -20.26
C ALA S 381 10.20 62.67 -19.81
N GLU S 382 9.27 61.75 -20.05
CA GLU S 382 7.96 61.89 -19.45
C GLU S 382 7.88 61.30 -18.05
N LEU S 383 8.89 60.55 -17.61
CA LEU S 383 8.87 60.04 -16.24
C LEU S 383 9.04 61.14 -15.21
N GLY S 384 9.92 62.10 -15.44
CA GLY S 384 10.03 63.22 -14.54
C GLY S 384 11.37 63.92 -14.64
N HIS S 385 11.61 64.80 -13.68
CA HIS S 385 12.77 65.70 -13.69
C HIS S 385 14.03 65.00 -13.19
N ASP S 386 13.90 64.17 -12.16
CA ASP S 386 15.10 63.53 -11.61
C ASP S 386 15.62 62.43 -12.52
N VAL S 387 14.73 61.78 -13.27
CA VAL S 387 15.14 60.81 -14.28
C VAL S 387 15.96 61.47 -15.39
N ILE S 388 15.53 62.63 -15.89
CA ILE S 388 16.34 63.28 -16.91
C ILE S 388 17.58 63.92 -16.32
N LYS S 389 17.60 64.17 -15.00
CA LYS S 389 18.84 64.56 -14.36
C LYS S 389 19.86 63.41 -14.37
N THR S 390 19.43 62.21 -13.99
CA THR S 390 20.39 61.13 -13.80
C THR S 390 20.42 60.11 -14.94
N LEU S 391 19.61 60.27 -15.98
CA LEU S 391 19.75 59.42 -17.16
C LEU S 391 20.11 60.19 -18.41
N ILE S 392 19.41 61.28 -18.71
CA ILE S 392 19.61 61.96 -19.98
C ILE S 392 20.90 62.78 -19.98
N LEU S 393 21.10 63.59 -18.95
CA LEU S 393 22.23 64.51 -18.84
C LEU S 393 23.65 63.92 -18.86
N PRO S 394 23.91 62.68 -18.41
CA PRO S 394 25.25 62.11 -18.68
C PRO S 394 25.56 61.89 -20.15
N ARG S 395 24.59 61.54 -20.98
CA ARG S 395 24.83 61.23 -22.38
C ARG S 395 24.51 62.39 -23.31
N LEU S 396 24.62 63.63 -22.81
CA LEU S 396 24.44 64.80 -23.65
C LEU S 396 25.51 64.92 -24.73
N GLN S 397 26.70 64.34 -24.48
CA GLN S 397 27.74 64.24 -25.51
C GLN S 397 27.31 63.43 -26.71
N GLN S 398 26.32 62.54 -26.54
CA GLN S 398 25.74 61.80 -27.66
C GLN S 398 25.11 62.72 -28.70
N GLU S 399 24.70 63.94 -28.29
CA GLU S 399 24.23 64.94 -29.25
C GLU S 399 25.28 65.26 -30.31
N GLY S 400 26.56 65.28 -29.92
CA GLY S 400 27.63 65.43 -30.90
C GLY S 400 27.64 64.29 -31.92
N GLU S 401 27.47 63.05 -31.44
CA GLU S 401 27.34 61.91 -32.33
C GLU S 401 26.09 62.02 -33.20
N ARG S 402 25.06 62.71 -32.70
CA ARG S 402 23.91 62.97 -33.55
C ARG S 402 24.23 64.03 -34.59
N ILE S 403 24.94 65.10 -34.18
CA ILE S 403 25.15 66.21 -35.10
C ILE S 403 26.26 65.91 -36.10
N ARG S 404 27.01 64.83 -35.86
CA ARG S 404 27.84 64.18 -36.87
C ARG S 404 27.04 63.85 -38.13
N SER S 405 25.80 63.41 -37.98
CA SER S 405 24.99 62.97 -39.11
C SER S 405 23.91 63.97 -39.50
N VAL S 406 24.00 65.21 -39.02
CA VAL S 406 22.98 66.22 -39.31
C VAL S 406 23.61 67.41 -40.03
N LEU S 407 24.58 68.07 -39.38
CA LEU S 407 25.26 69.19 -40.03
C LEU S 407 26.16 68.74 -41.16
N ASP S 408 26.55 67.46 -41.19
CA ASP S 408 27.49 66.97 -42.23
C ASP S 408 27.23 65.49 -42.53
N GLY S 409 26.30 65.21 -43.45
CA GLY S 409 25.99 63.81 -43.83
C GLY S 409 26.34 63.55 -45.28
N PRO S 410 27.09 62.47 -45.59
CA PRO S 410 27.39 62.13 -46.99
C PRO S 410 26.08 61.82 -47.74
N VAL S 411 25.15 61.11 -47.08
CA VAL S 411 23.82 60.85 -47.70
C VAL S 411 22.80 61.78 -47.05
N LEU S 412 22.32 62.78 -47.79
CA LEU S 412 21.32 63.70 -47.26
C LEU S 412 19.90 63.19 -47.46
N SER S 413 19.64 62.52 -48.59
CA SER S 413 18.29 62.11 -48.96
C SER S 413 17.82 60.81 -48.27
N ASN S 414 18.52 60.33 -47.24
CA ASN S 414 18.05 59.17 -46.50
C ASN S 414 16.99 59.61 -45.48
N ILE S 415 16.55 58.66 -44.65
CA ILE S 415 15.44 58.97 -43.68
C ILE S 415 16.01 59.18 -42.28
N ASP S 416 17.34 59.12 -42.11
CA ASP S 416 17.96 59.35 -40.81
C ASP S 416 17.92 60.80 -40.36
N ARG S 417 17.79 61.75 -41.29
CA ARG S 417 17.92 63.17 -40.93
C ARG S 417 16.68 63.69 -40.22
N ILE S 418 15.49 63.31 -40.69
CA ILE S 418 14.24 63.75 -40.05
C ILE S 418 14.12 63.14 -38.66
N GLY S 419 14.51 61.86 -38.50
CA GLY S 419 14.48 61.24 -37.19
C GLY S 419 15.53 61.80 -36.26
N ALA S 420 16.70 62.14 -36.81
CA ALA S 420 17.76 62.72 -35.99
C ALA S 420 17.39 64.11 -35.50
N ASP S 421 16.77 64.95 -36.32
CA ASP S 421 16.51 66.29 -35.80
C ASP S 421 15.21 66.31 -35.00
N HIS S 422 14.36 65.27 -35.16
CA HIS S 422 13.27 65.06 -34.21
C HIS S 422 13.79 64.67 -32.83
N VAL S 423 14.77 63.76 -32.80
CA VAL S 423 15.45 63.38 -31.55
C VAL S 423 16.11 64.60 -30.93
N GLN S 424 16.75 65.44 -31.75
CA GLN S 424 17.40 66.66 -31.29
C GLN S 424 16.40 67.64 -30.67
N SER S 425 15.26 67.84 -31.35
CA SER S 425 14.26 68.79 -30.87
C SER S 425 13.64 68.33 -29.56
N LEU S 426 13.32 67.03 -29.44
CA LEU S 426 12.81 66.48 -28.20
C LEU S 426 13.84 66.59 -27.08
N LEU S 427 15.11 66.33 -27.39
CA LEU S 427 16.17 66.36 -26.39
C LEU S 427 16.36 67.76 -25.83
N LEU S 428 16.40 68.76 -26.71
CA LEU S 428 16.66 70.11 -26.19
C LEU S 428 15.40 70.72 -25.58
N LYS S 429 14.20 70.31 -26.03
CA LYS S 429 12.97 70.74 -25.37
C LYS S 429 12.88 70.19 -23.94
N HIS S 430 13.27 68.93 -23.74
CA HIS S 430 13.18 68.37 -22.39
C HIS S 430 14.37 68.73 -21.52
N CYS S 431 15.53 69.01 -22.10
CA CYS S 431 16.69 69.40 -21.31
C CYS S 431 16.79 70.90 -21.08
N ALA S 432 15.91 71.71 -21.68
CA ALA S 432 15.90 73.13 -21.33
C ALA S 432 15.42 73.42 -19.89
N PRO S 433 14.34 72.81 -19.35
CA PRO S 433 14.06 73.09 -17.92
C PRO S 433 15.04 72.43 -16.97
N VAL S 434 15.67 71.31 -17.37
CA VAL S 434 16.71 70.71 -16.54
C VAL S 434 17.93 71.62 -16.49
N LEU S 435 18.25 72.28 -17.60
CA LEU S 435 19.32 73.28 -17.58
C LEU S 435 18.89 74.53 -16.82
N ALA S 436 17.59 74.83 -16.82
CA ALA S 436 17.10 75.97 -16.04
C ALA S 436 17.09 75.68 -14.55
N LYS S 437 17.11 74.41 -14.15
CA LYS S 437 17.07 74.07 -12.74
C LYS S 437 18.45 74.03 -12.08
N LEU S 438 19.48 73.60 -12.81
CA LEU S 438 20.79 73.32 -12.23
C LEU S 438 21.89 74.16 -12.86
N ARG S 439 21.65 75.46 -13.04
CA ARG S 439 22.67 76.34 -13.59
C ARG S 439 22.52 77.75 -13.04
N PRO S 440 23.40 78.67 -13.43
CA PRO S 440 23.29 80.05 -12.97
C PRO S 440 22.14 80.77 -13.68
N PRO S 441 21.74 81.93 -13.18
CA PRO S 441 20.63 82.65 -13.80
C PRO S 441 21.09 83.41 -15.04
N PRO S 442 22.39 83.77 -15.10
CA PRO S 442 22.89 84.52 -16.27
C PRO S 442 22.87 83.73 -17.57
N ASP S 443 23.55 82.58 -17.57
CA ASP S 443 23.71 81.68 -18.73
C ASP S 443 24.23 82.43 -19.96
N ASN S 444 25.46 82.93 -19.83
CA ASN S 444 26.01 83.82 -20.86
C ASN S 444 26.50 83.03 -22.07
N GLN S 445 27.43 82.10 -21.83
CA GLN S 445 27.93 81.15 -22.86
C GLN S 445 27.71 79.69 -22.45
N ASP S 446 26.59 79.40 -21.78
CA ASP S 446 26.25 78.01 -21.39
C ASP S 446 26.05 77.19 -22.67
N ALA S 447 25.49 77.82 -23.71
CA ALA S 447 25.28 77.13 -25.00
C ALA S 447 26.64 76.72 -25.55
N TYR S 448 27.63 77.61 -25.51
CA TYR S 448 28.99 77.30 -26.01
C TYR S 448 29.54 76.15 -25.16
N ARG S 449 29.31 76.21 -23.84
CA ARG S 449 29.75 75.14 -22.91
C ARG S 449 28.92 73.88 -23.19
N ALA S 450 27.69 74.05 -23.68
CA ALA S 450 26.81 72.91 -24.01
C ALA S 450 27.30 72.24 -25.30
N GLU S 451 26.62 71.18 -25.74
CA GLU S 451 27.07 70.44 -26.94
C GLU S 451 26.41 71.05 -28.18
N PHE S 452 27.21 71.56 -29.12
CA PHE S 452 26.69 72.11 -30.40
C PHE S 452 26.18 73.54 -30.22
N GLY S 453 26.13 74.05 -28.98
CA GLY S 453 25.74 75.45 -28.76
C GLY S 453 24.26 75.70 -29.01
N SER S 454 23.47 74.63 -29.20
CA SER S 454 22.03 74.79 -29.52
C SER S 454 21.21 74.53 -28.26
N LEU S 455 21.51 73.41 -27.59
CA LEU S 455 20.88 73.09 -26.27
C LEU S 455 20.96 74.32 -25.37
N GLY S 456 22.10 75.03 -25.36
CA GLY S 456 22.24 76.26 -24.56
C GLY S 456 21.30 77.36 -25.02
N PRO S 457 21.11 77.55 -26.35
CA PRO S 457 20.13 78.55 -26.80
C PRO S 457 18.73 78.15 -26.33
N LEU S 458 18.42 76.85 -26.40
CA LEU S 458 17.08 76.36 -25.96
C LEU S 458 16.93 76.65 -24.46
N LEU S 459 18.00 76.46 -23.68
CA LEU S 459 17.98 76.71 -22.22
C LEU S 459 17.73 78.19 -21.94
N CYS S 460 18.35 79.07 -22.74
CA CYS S 460 18.10 80.53 -22.59
C CYS S 460 16.62 80.80 -22.88
N SER S 461 16.09 80.16 -23.93
CA SER S 461 14.66 80.36 -24.28
C SER S 461 13.80 79.87 -23.11
N GLN S 462 14.18 78.74 -22.49
CA GLN S 462 13.42 78.14 -21.36
C GLN S 462 13.44 79.09 -20.15
N VAL S 463 14.60 79.70 -19.87
CA VAL S 463 14.69 80.67 -18.74
C VAL S 463 13.76 81.83 -19.05
N VAL S 464 13.74 82.28 -20.30
CA VAL S 464 12.85 83.42 -20.70
C VAL S 464 11.40 82.99 -20.48
N LYS S 465 11.05 81.76 -20.86
CA LYS S 465 9.66 81.25 -20.71
C LYS S 465 9.30 81.20 -19.23
N ALA S 466 10.24 80.76 -18.38
CA ALA S 466 10.00 80.68 -16.92
C ALA S 466 9.76 82.09 -16.37
N ARG S 467 10.54 83.07 -16.84
CA ARG S 467 10.35 84.47 -16.40
C ARG S 467 8.96 84.94 -16.82
N ALA S 468 8.54 84.59 -18.04
CA ALA S 468 7.20 84.99 -18.53
C ALA S 468 6.13 84.35 -17.65
N GLN S 469 6.31 83.08 -17.28
CA GLN S 469 5.32 82.37 -16.41
C GLN S 469 5.26 83.07 -15.05
N ALA S 470 6.41 83.47 -14.51
CA ALA S 470 6.45 84.17 -13.20
C ALA S 470 5.70 85.50 -13.32
N ALA S 471 5.89 86.21 -14.44
CA ALA S 471 5.19 87.49 -14.66
C ALA S 471 3.68 87.24 -14.72
N LEU S 472 3.26 86.16 -15.39
CA LEU S 472 1.82 85.82 -15.50
C LEU S 472 1.27 85.53 -14.10
N GLN S 473 2.05 84.82 -13.27
CA GLN S 473 1.62 84.50 -11.89
C GLN S 473 1.49 85.81 -11.09
N MET T 12 16.75 -19.92 4.79
CA MET T 12 17.67 -20.39 3.77
C MET T 12 19.11 -20.00 4.09
N PRO T 13 19.93 -20.97 4.47
CA PRO T 13 21.36 -20.71 4.64
C PRO T 13 22.06 -20.59 3.29
N LYS T 14 23.34 -20.23 3.36
CA LYS T 14 24.10 -19.95 2.14
C LYS T 14 24.41 -21.20 1.33
N ASP T 15 24.28 -22.39 1.93
CA ASP T 15 24.49 -23.63 1.20
C ASP T 15 23.20 -24.29 0.74
N ALA T 16 22.05 -23.82 1.23
CA ALA T 16 20.77 -24.17 0.62
C ALA T 16 20.38 -23.19 -0.48
N GLN T 17 20.89 -21.96 -0.41
CA GLN T 17 20.76 -21.02 -1.51
C GLN T 17 21.63 -21.41 -2.69
N MET T 18 22.71 -22.16 -2.44
CA MET T 18 23.59 -22.65 -3.49
C MET T 18 23.18 -24.03 -3.98
N MET T 19 22.39 -24.77 -3.21
CA MET T 19 21.90 -26.06 -3.65
C MET T 19 20.78 -25.92 -4.68
N ALA T 20 20.01 -24.83 -4.61
CA ALA T 20 19.01 -24.57 -5.64
C ALA T 20 19.66 -24.11 -6.93
N GLN T 21 20.83 -23.47 -6.84
CA GLN T 21 21.57 -23.05 -8.03
C GLN T 21 22.15 -24.25 -8.77
N ILE T 22 22.54 -25.30 -8.05
CA ILE T 22 23.10 -26.49 -8.68
C ILE T 22 22.02 -27.25 -9.44
N LEU T 23 20.84 -27.40 -8.85
CA LEU T 23 19.75 -28.09 -9.53
C LEU T 23 19.20 -27.25 -10.69
N LYS T 24 19.23 -25.92 -10.57
CA LYS T 24 18.79 -25.09 -11.68
C LYS T 24 19.79 -25.13 -12.83
N ASP T 25 21.08 -25.30 -12.52
CA ASP T 25 22.10 -25.45 -13.55
C ASP T 25 21.97 -26.76 -14.31
N MET T 26 21.35 -27.77 -13.70
CA MET T 26 20.99 -29.01 -14.39
C MET T 26 19.66 -28.80 -15.09
N GLY T 27 19.04 -29.89 -15.54
CA GLY T 27 17.73 -29.78 -16.16
C GLY T 27 16.58 -29.89 -15.19
N ILE T 28 16.77 -29.40 -13.96
CA ILE T 28 15.78 -29.50 -12.90
C ILE T 28 15.24 -28.10 -12.64
N THR T 29 14.07 -27.80 -13.19
CA THR T 29 13.39 -26.54 -12.92
C THR T 29 12.26 -26.67 -11.90
N GLU T 30 11.61 -27.84 -11.85
CA GLU T 30 10.50 -28.09 -10.95
C GLU T 30 10.86 -29.27 -10.05
N TYR T 31 11.16 -28.99 -8.78
CA TYR T 31 11.47 -30.03 -7.82
C TYR T 31 10.60 -29.86 -6.58
N GLU T 32 10.52 -30.93 -5.80
CA GLU T 32 9.88 -30.86 -4.50
C GLU T 32 10.73 -30.02 -3.56
N PRO T 33 10.11 -29.32 -2.61
CA PRO T 33 10.91 -28.54 -1.63
C PRO T 33 11.61 -29.41 -0.59
N ARG T 34 11.27 -30.69 -0.50
CA ARG T 34 11.98 -31.61 0.39
C ARG T 34 13.33 -32.02 -0.15
N VAL T 35 13.59 -31.77 -1.45
CA VAL T 35 14.81 -32.20 -2.10
C VAL T 35 16.02 -31.44 -1.56
N ILE T 36 15.85 -30.15 -1.29
CA ILE T 36 16.95 -29.33 -0.80
C ILE T 36 17.34 -29.73 0.63
N ASN T 37 16.37 -30.18 1.42
CA ASN T 37 16.71 -30.75 2.73
C ASN T 37 17.37 -32.11 2.60
N GLN T 38 17.15 -32.81 1.48
CA GLN T 38 17.78 -34.12 1.30
C GLN T 38 19.18 -33.97 0.73
N MET T 39 19.40 -33.03 -0.18
CA MET T 39 20.71 -32.82 -0.77
C MET T 39 21.68 -32.11 0.15
N LEU T 40 21.21 -31.61 1.30
CA LEU T 40 22.10 -31.09 2.34
C LEU T 40 22.46 -32.15 3.37
N GLU T 41 21.63 -33.16 3.54
CA GLU T 41 21.98 -34.29 4.40
C GLU T 41 22.97 -35.22 3.71
N PHE T 42 22.86 -35.37 2.39
CA PHE T 42 23.85 -36.12 1.65
C PHE T 42 25.19 -35.40 1.62
N ALA T 43 25.17 -34.08 1.47
CA ALA T 43 26.40 -33.31 1.44
C ALA T 43 27.04 -33.17 2.81
N PHE T 44 26.27 -33.35 3.89
CA PHE T 44 26.88 -33.41 5.21
C PHE T 44 27.40 -34.81 5.53
N ARG T 45 26.74 -35.84 5.03
CA ARG T 45 27.21 -37.19 5.29
C ARG T 45 28.46 -37.53 4.48
N TYR T 46 28.65 -36.87 3.35
CA TYR T 46 29.80 -37.17 2.49
C TYR T 46 31.08 -36.57 3.05
N VAL T 47 31.03 -35.28 3.42
CA VAL T 47 32.25 -34.63 3.92
C VAL T 47 32.63 -35.16 5.30
N THR T 48 31.66 -35.60 6.10
CA THR T 48 31.99 -36.23 7.37
C THR T 48 32.27 -37.72 7.25
N THR T 49 32.27 -38.27 6.05
CA THR T 49 32.81 -39.61 5.80
C THR T 49 34.19 -39.55 5.17
N ILE T 50 34.44 -38.53 4.35
CA ILE T 50 35.78 -38.29 3.83
C ILE T 50 36.72 -37.87 4.96
N LEU T 51 36.27 -36.94 5.80
CA LEU T 51 37.06 -36.51 6.94
C LEU T 51 37.14 -37.57 8.03
N ASP T 52 36.21 -38.54 8.05
CA ASP T 52 36.40 -39.74 8.85
C ASP T 52 37.64 -40.49 8.40
N ASP T 53 37.70 -40.82 7.11
CA ASP T 53 38.82 -41.59 6.57
C ASP T 53 40.09 -40.76 6.51
N ALA T 54 39.98 -39.45 6.41
CA ALA T 54 41.17 -38.60 6.40
C ALA T 54 41.80 -38.46 7.78
N LYS T 55 41.08 -38.81 8.84
CA LYS T 55 41.67 -38.87 10.17
C LYS T 55 42.25 -40.24 10.48
N ILE T 56 41.74 -41.29 9.83
CA ILE T 56 42.34 -42.61 9.97
C ILE T 56 43.69 -42.66 9.25
N TYR T 57 43.80 -41.96 8.13
CA TYR T 57 45.02 -41.99 7.35
C TYR T 57 46.08 -41.03 7.88
N SER T 58 45.68 -39.99 8.61
CA SER T 58 46.66 -39.12 9.24
C SER T 58 47.34 -39.80 10.41
N SER T 59 46.60 -40.61 11.16
CA SER T 59 47.19 -41.35 12.26
C SER T 59 47.98 -42.55 11.78
N HIS T 60 47.69 -43.05 10.58
CA HIS T 60 48.44 -44.18 10.03
C HIS T 60 49.81 -43.76 9.53
N ALA T 61 49.93 -42.56 9.01
CA ALA T 61 51.23 -41.98 8.68
C ALA T 61 51.85 -41.26 9.86
N LYS T 62 51.14 -41.19 10.99
CA LYS T 62 51.61 -40.66 12.28
C LYS T 62 52.01 -39.19 12.16
N LYS T 63 51.04 -38.37 11.77
CA LYS T 63 51.20 -36.92 11.75
C LYS T 63 50.18 -36.30 12.70
N ALA T 64 50.32 -34.99 12.91
CA ALA T 64 49.55 -34.30 13.94
C ALA T 64 48.19 -33.85 13.42
N THR T 65 48.17 -33.08 12.36
CA THR T 65 46.95 -32.52 11.81
C THR T 65 46.43 -33.40 10.67
N VAL T 66 45.42 -32.91 9.97
CA VAL T 66 44.92 -33.53 8.75
C VAL T 66 45.35 -32.62 7.60
N ASP T 67 46.35 -33.07 6.84
CA ASP T 67 46.86 -32.30 5.73
C ASP T 67 46.02 -32.55 4.48
N ALA T 68 46.36 -31.86 3.40
CA ALA T 68 45.58 -31.97 2.17
C ALA T 68 45.84 -33.27 1.44
N ASP T 69 47.01 -33.87 1.64
CA ASP T 69 47.30 -35.15 0.99
C ASP T 69 46.58 -36.30 1.68
N ASP T 70 46.08 -36.11 2.90
CA ASP T 70 45.24 -37.10 3.54
C ASP T 70 43.83 -37.06 3.00
N VAL T 71 43.29 -35.86 2.79
CA VAL T 71 41.96 -35.70 2.22
C VAL T 71 41.96 -36.10 0.75
N ARG T 72 43.08 -35.89 0.05
CA ARG T 72 43.20 -36.31 -1.34
C ARG T 72 43.20 -37.82 -1.47
N LEU T 73 43.79 -38.52 -0.50
CA LEU T 73 43.72 -39.98 -0.52
C LEU T 73 42.34 -40.47 -0.10
N ALA T 74 41.72 -39.80 0.88
CA ALA T 74 40.41 -40.22 1.36
C ALA T 74 39.33 -40.03 0.33
N ILE T 75 39.51 -39.08 -0.59
CA ILE T 75 38.59 -38.94 -1.72
C ILE T 75 38.77 -40.11 -2.68
N GLN T 76 40.02 -40.42 -3.03
CA GLN T 76 40.28 -41.41 -4.07
C GLN T 76 40.13 -42.84 -3.59
N CYS T 77 40.29 -43.09 -2.30
CA CYS T 77 40.19 -44.45 -1.77
C CYS T 77 38.77 -44.81 -1.34
N ARG T 78 37.79 -43.94 -1.62
CA ARG T 78 36.38 -44.28 -1.45
C ARG T 78 35.57 -43.79 -2.64
N ALA T 79 36.17 -43.89 -3.83
CA ALA T 79 35.46 -43.75 -5.09
C ALA T 79 35.26 -45.10 -5.76
N ASP T 80 35.55 -46.19 -5.05
CA ASP T 80 35.41 -47.55 -5.55
C ASP T 80 34.33 -48.35 -4.84
N GLN T 81 34.04 -48.06 -3.58
CA GLN T 81 33.02 -48.75 -2.81
C GLN T 81 31.80 -47.89 -2.54
N SER T 82 31.99 -46.61 -2.23
CA SER T 82 30.86 -45.74 -1.93
C SER T 82 30.18 -45.24 -3.18
N PHE T 83 30.93 -45.02 -4.25
CA PHE T 83 30.41 -44.49 -5.51
C PHE T 83 30.97 -45.24 -6.70
N THR T 84 30.82 -46.57 -6.68
CA THR T 84 31.25 -47.40 -7.80
C THR T 84 30.49 -47.05 -9.08
N SER T 85 31.15 -47.21 -10.20
CA SER T 85 30.72 -46.67 -11.47
C SER T 85 30.09 -47.74 -12.35
N PRO T 86 29.27 -47.35 -13.32
CA PRO T 86 28.94 -48.28 -14.41
C PRO T 86 30.18 -48.57 -15.24
N PRO T 87 30.24 -49.71 -15.94
CA PRO T 87 31.49 -50.14 -16.55
C PRO T 87 31.93 -49.21 -17.67
N PRO T 88 33.24 -49.05 -17.88
CA PRO T 88 33.73 -48.04 -18.81
C PRO T 88 33.52 -48.45 -20.27
N ARG T 89 33.70 -47.46 -21.15
CA ARG T 89 33.43 -47.69 -22.57
C ARG T 89 34.46 -48.58 -23.23
N ASP T 90 35.69 -48.59 -22.71
CA ASP T 90 36.72 -49.46 -23.28
C ASP T 90 36.55 -50.91 -22.89
N PHE T 91 35.75 -51.19 -21.86
CA PHE T 91 35.49 -52.55 -21.40
C PHE T 91 34.22 -53.12 -22.05
N LEU T 92 33.20 -52.28 -22.25
CA LEU T 92 31.97 -52.72 -22.88
C LEU T 92 32.14 -52.98 -24.36
N LEU T 93 33.14 -52.35 -25.00
CA LEU T 93 33.42 -52.62 -26.41
C LEU T 93 34.10 -53.96 -26.58
N ASP T 94 35.01 -54.32 -25.67
CA ASP T 94 35.72 -55.59 -25.79
C ASP T 94 34.86 -56.78 -25.41
N ILE T 95 33.92 -56.59 -24.48
CA ILE T 95 32.99 -57.65 -24.12
C ILE T 95 31.99 -57.89 -25.24
N ALA T 96 31.59 -56.83 -25.93
CA ALA T 96 30.61 -56.95 -27.01
C ALA T 96 31.21 -57.58 -28.25
N ARG T 97 32.42 -57.14 -28.65
CA ARG T 97 32.97 -57.52 -29.94
C ARG T 97 33.49 -58.95 -29.98
N GLN T 98 33.53 -59.66 -28.85
CA GLN T 98 33.69 -61.10 -28.88
C GLN T 98 32.36 -61.83 -28.78
N ARG T 99 31.35 -61.19 -28.20
CA ARG T 99 29.99 -61.72 -28.21
C ARG T 99 29.33 -61.53 -29.57
N ASN T 100 29.67 -60.44 -30.27
CA ASN T 100 29.08 -60.13 -31.57
C ASN T 100 29.74 -60.85 -32.73
N GLN T 101 30.59 -61.85 -32.47
CA GLN T 101 31.27 -62.56 -33.54
C GLN T 101 30.78 -63.99 -33.74
N THR T 102 30.20 -64.60 -32.72
CA THR T 102 29.57 -65.89 -32.92
C THR T 102 28.29 -65.71 -33.75
N PRO T 103 28.00 -66.60 -34.69
CA PRO T 103 26.83 -66.41 -35.54
C PRO T 103 25.54 -66.66 -34.79
N LEU T 104 24.46 -66.15 -35.36
CA LEU T 104 23.13 -66.44 -34.83
C LEU T 104 22.77 -67.88 -35.15
N PRO T 105 22.26 -68.64 -34.20
CA PRO T 105 21.88 -70.04 -34.48
C PRO T 105 20.60 -70.10 -35.30
N LEU T 106 20.33 -71.30 -35.81
CA LEU T 106 19.11 -71.54 -36.56
C LEU T 106 18.00 -72.01 -35.63
N ILE T 107 16.78 -71.99 -36.14
CA ILE T 107 15.58 -72.26 -35.35
C ILE T 107 14.96 -73.58 -35.82
N LYS T 108 14.62 -74.44 -34.86
CA LYS T 108 13.85 -75.63 -35.16
C LYS T 108 12.44 -75.22 -35.61
N PRO T 109 11.82 -75.99 -36.52
CA PRO T 109 10.54 -75.56 -37.09
C PRO T 109 9.37 -75.57 -36.12
N TYR T 110 9.21 -76.65 -35.36
CA TYR T 110 8.06 -76.81 -34.47
C TYR T 110 8.56 -77.25 -33.09
N SER T 111 8.76 -76.28 -32.21
CA SER T 111 9.21 -76.56 -30.84
C SER T 111 8.23 -76.02 -29.80
N GLY T 112 7.04 -75.58 -30.20
CA GLY T 112 6.05 -75.08 -29.29
C GLY T 112 6.46 -73.80 -28.61
N PRO T 113 6.32 -73.76 -27.28
CA PRO T 113 6.91 -72.66 -26.51
C PRO T 113 8.43 -72.76 -26.52
N ARG T 114 9.08 -71.71 -27.02
CA ARG T 114 10.53 -71.65 -27.06
C ARG T 114 11.04 -71.02 -25.78
N LEU T 115 11.84 -71.76 -25.02
CA LEU T 115 12.26 -71.36 -23.69
C LEU T 115 13.66 -71.87 -23.44
N PRO T 116 14.38 -71.29 -22.48
CA PRO T 116 15.69 -71.83 -22.06
C PRO T 116 15.57 -73.21 -21.43
N PRO T 117 16.69 -73.86 -21.10
CA PRO T 117 16.61 -75.08 -20.30
C PRO T 117 16.03 -74.83 -18.91
N ASP T 118 15.55 -75.91 -18.29
CA ASP T 118 14.66 -75.82 -17.13
C ASP T 118 15.32 -75.25 -15.88
N ARG T 119 16.65 -75.19 -15.83
CA ARG T 119 17.33 -74.61 -14.68
C ARG T 119 17.54 -73.10 -14.82
N TYR T 120 17.13 -72.51 -15.94
CA TYR T 120 17.20 -71.07 -16.11
C TYR T 120 15.83 -70.39 -16.19
N CYS T 121 14.77 -71.16 -16.37
CA CYS T 121 13.42 -70.61 -16.40
C CYS T 121 12.85 -70.55 -14.98
N LEU T 122 11.63 -70.03 -14.87
CA LEU T 122 10.93 -69.97 -13.59
C LEU T 122 9.78 -70.97 -13.52
N THR T 123 9.73 -71.92 -14.45
CA THR T 123 8.73 -72.97 -14.40
C THR T 123 9.19 -74.06 -13.45
N ALA T 124 8.42 -74.29 -12.39
CA ALA T 124 8.78 -75.21 -11.33
C ALA T 124 7.50 -75.64 -10.62
N PRO T 125 7.50 -76.81 -9.95
CA PRO T 125 6.25 -77.30 -9.36
C PRO T 125 5.65 -76.45 -8.24
N ASN T 126 6.45 -75.60 -7.57
CA ASN T 126 5.96 -74.46 -6.78
C ASN T 126 5.03 -74.88 -5.64
N TYR T 127 5.62 -75.56 -4.66
CA TYR T 127 4.86 -76.21 -3.60
C TYR T 127 4.36 -75.20 -2.57
N ARG T 128 3.61 -75.70 -1.59
CA ARG T 128 3.14 -74.90 -0.46
C ARG T 128 2.83 -75.84 0.69
N LEU T 129 2.75 -75.26 1.89
CA LEU T 129 2.56 -76.04 3.11
C LEU T 129 1.14 -76.55 3.23
N LYS T 130 1.01 -77.77 3.77
CA LYS T 130 -0.30 -78.30 4.12
C LYS T 130 -0.81 -77.56 5.35
N SER T 131 -1.89 -76.80 5.18
CA SER T 131 -2.47 -76.04 6.28
C SER T 131 -3.21 -77.00 7.19
N LEU T 132 -2.47 -77.65 8.08
CA LEU T 132 -3.03 -78.62 9.00
C LEU T 132 -3.60 -77.94 10.23
N THR U 114 12.10 -79.71 12.35
CA THR U 114 12.30 -78.48 11.53
C THR U 114 12.12 -77.24 12.40
N PRO U 115 13.18 -76.45 12.62
CA PRO U 115 13.09 -75.29 13.51
C PRO U 115 12.06 -74.28 13.01
N LEU U 116 12.05 -74.02 11.70
CA LEU U 116 11.10 -73.00 11.15
C LEU U 116 9.68 -73.49 11.40
N VAL U 117 9.42 -74.78 11.16
CA VAL U 117 8.06 -75.34 11.36
C VAL U 117 7.66 -75.23 12.84
N ASP U 118 8.60 -75.52 13.75
CA ASP U 118 8.29 -75.43 15.20
C ASP U 118 7.97 -73.98 15.55
N PHE U 119 8.74 -73.05 14.99
CA PHE U 119 8.49 -71.61 15.27
C PHE U 119 7.11 -71.21 14.74
N LEU U 120 6.72 -71.70 13.58
CA LEU U 120 5.38 -71.40 13.00
C LEU U 120 4.30 -71.97 13.93
N MET U 121 4.53 -73.16 14.48
CA MET U 121 3.57 -73.74 15.44
C MET U 121 3.45 -72.83 16.68
N GLN U 122 4.57 -72.32 17.19
CA GLN U 122 4.52 -71.39 18.35
C GLN U 122 3.76 -70.12 17.94
N LEU U 123 3.99 -69.63 16.73
CA LEU U 123 3.34 -68.40 16.19
C LEU U 123 1.82 -68.59 16.13
N GLU U 124 1.36 -69.80 15.83
CA GLU U 124 -0.10 -70.09 15.82
C GLU U 124 -0.84 -69.49 17.02
N ASP U 125 -0.21 -68.65 17.84
CA ASP U 125 -0.84 -67.88 18.96
C ASP U 125 -0.48 -66.39 18.90
N TYR U 126 0.76 -66.05 18.59
CA TYR U 126 1.20 -64.62 18.62
C TYR U 126 0.58 -63.86 17.46
N THR U 127 0.08 -62.65 17.72
CA THR U 127 -0.46 -61.79 16.62
C THR U 127 0.45 -60.56 16.53
N PRO U 128 1.09 -60.27 15.39
CA PRO U 128 2.04 -59.16 15.30
C PRO U 128 1.38 -57.77 15.25
N THR U 129 2.10 -56.73 15.68
CA THR U 129 1.55 -55.38 15.64
C THR U 129 1.36 -54.91 14.20
N ILE U 130 2.30 -55.23 13.32
CA ILE U 130 2.21 -54.86 11.91
C ILE U 130 1.12 -55.70 11.26
N PRO U 131 0.11 -55.09 10.66
CA PRO U 131 -1.00 -55.86 10.10
C PRO U 131 -0.60 -56.61 8.85
N ASP U 132 -1.45 -57.56 8.46
CA ASP U 132 -1.14 -58.42 7.32
C ASP U 132 -1.29 -57.70 6.00
N ALA U 133 -2.13 -56.67 5.93
CA ALA U 133 -2.26 -55.92 4.69
C ALA U 133 -1.06 -55.02 4.46
N VAL U 134 -0.45 -54.50 5.54
CA VAL U 134 0.75 -53.68 5.40
C VAL U 134 1.93 -54.53 4.96
N THR U 135 2.15 -55.66 5.64
CA THR U 135 3.23 -56.56 5.26
C THR U 135 2.96 -57.21 3.91
N GLY U 136 1.72 -57.60 3.65
CA GLY U 136 1.37 -58.21 2.37
C GLY U 136 1.44 -57.28 1.19
N TYR U 137 1.53 -55.97 1.43
CA TYR U 137 1.78 -55.00 0.37
C TYR U 137 3.27 -54.82 0.12
N TYR U 138 4.09 -54.83 1.17
CA TYR U 138 5.53 -54.65 1.00
C TYR U 138 6.21 -55.89 0.45
N LEU U 139 5.56 -57.06 0.52
CA LEU U 139 6.02 -58.20 -0.23
C LEU U 139 5.59 -58.12 -1.69
N ASN U 140 4.54 -57.38 -2.00
CA ASN U 140 4.10 -57.23 -3.38
C ASN U 140 5.03 -56.32 -4.17
N ARG U 141 5.57 -55.29 -3.52
CA ARG U 141 6.60 -54.48 -4.14
C ARG U 141 7.93 -55.21 -4.21
N ALA U 142 8.13 -56.22 -3.36
CA ALA U 142 9.36 -56.97 -3.37
C ALA U 142 9.35 -58.12 -4.38
N GLY U 143 8.17 -58.55 -4.83
CA GLY U 143 8.15 -59.45 -5.96
C GLY U 143 7.24 -60.66 -5.90
N PHE U 144 6.38 -60.78 -4.88
CA PHE U 144 5.48 -61.93 -4.85
C PHE U 144 4.22 -61.57 -4.08
N GLU U 145 3.14 -62.28 -4.42
CA GLU U 145 1.89 -62.19 -3.68
C GLU U 145 1.87 -63.33 -2.67
N ALA U 146 1.87 -62.98 -1.39
CA ALA U 146 1.95 -63.97 -0.32
C ALA U 146 0.62 -64.71 -0.22
N SER U 147 0.62 -65.98 -0.59
CA SER U 147 -0.60 -66.77 -0.57
C SER U 147 -0.88 -67.32 0.83
N ASP U 148 0.12 -67.94 1.46
CA ASP U 148 -0.04 -68.50 2.78
C ASP U 148 0.03 -67.38 3.81
N PRO U 149 -0.99 -67.16 4.63
CA PRO U 149 -0.96 -66.08 5.62
C PRO U 149 -0.14 -66.39 6.87
N ARG U 150 0.74 -67.39 6.82
CA ARG U 150 1.65 -67.64 7.98
C ARG U 150 3.02 -67.07 7.63
N ILE U 151 3.40 -67.08 6.35
CA ILE U 151 4.68 -66.47 5.90
C ILE U 151 4.64 -64.97 6.19
N ILE U 152 3.49 -64.35 5.92
CA ILE U 152 3.33 -62.89 6.19
C ILE U 152 3.54 -62.71 7.69
N ARG U 153 2.95 -63.58 8.51
CA ARG U 153 3.07 -63.43 9.98
C ARG U 153 4.54 -63.54 10.39
N LEU U 154 5.26 -64.52 9.86
CA LEU U 154 6.68 -64.69 10.29
C LEU U 154 7.45 -63.43 9.90
N ILE U 155 7.25 -62.94 8.67
CA ILE U 155 8.09 -61.76 8.26
C ILE U 155 7.74 -60.56 9.15
N SER U 156 6.45 -60.38 9.44
CA SER U 156 6.02 -59.23 10.26
C SER U 156 6.64 -59.34 11.64
N LEU U 157 6.65 -60.54 12.24
CA LEU U 157 7.22 -60.76 13.58
C LEU U 157 8.73 -60.49 13.56
N ALA U 158 9.44 -60.91 12.51
CA ALA U 158 10.89 -60.58 12.43
C ALA U 158 11.09 -59.06 12.41
N ALA U 159 10.29 -58.37 11.60
CA ALA U 159 10.43 -56.89 11.51
C ALA U 159 10.13 -56.25 12.88
N GLN U 160 9.11 -56.77 13.55
CA GLN U 160 8.69 -56.21 14.86
C GLN U 160 9.85 -56.40 15.85
N LYS U 161 10.47 -57.58 15.83
CA LYS U 161 11.61 -57.86 16.75
C LYS U 161 12.72 -56.85 16.42
N PHE U 162 13.03 -56.62 15.15
CA PHE U 162 14.14 -55.68 14.88
C PHE U 162 13.80 -54.30 15.43
N ILE U 163 12.58 -53.82 15.17
CA ILE U 163 12.29 -52.42 15.64
C ILE U 163 12.35 -52.39 17.17
N SER U 164 11.83 -53.42 17.82
CA SER U 164 11.78 -53.46 19.30
C SER U 164 13.20 -53.45 19.85
N ASP U 165 14.11 -54.22 19.27
CA ASP U 165 15.52 -54.25 19.73
C ASP U 165 16.12 -52.86 19.56
N ILE U 166 15.92 -52.21 18.41
CA ILE U 166 16.57 -50.87 18.32
C ILE U 166 16.01 -49.96 19.41
N ALA U 167 14.68 -49.98 19.59
CA ALA U 167 14.08 -49.04 20.57
C ALA U 167 14.56 -49.35 21.99
N ASN U 168 14.67 -50.63 22.35
CA ASN U 168 15.10 -51.04 23.71
C ASN U 168 16.56 -50.63 23.94
N ASP U 169 17.41 -50.77 22.92
CA ASP U 169 18.82 -50.31 23.08
C ASP U 169 18.82 -48.79 23.31
N ALA U 170 17.97 -48.07 22.58
CA ALA U 170 17.90 -46.61 22.82
C ALA U 170 17.45 -46.33 24.25
N LEU U 171 16.45 -47.06 24.73
CA LEU U 171 15.91 -46.82 26.10
C LEU U 171 17.02 -47.11 27.10
N GLN U 172 17.80 -48.16 26.88
CA GLN U 172 18.91 -48.52 27.80
C GLN U 172 19.96 -47.40 27.80
N HIS U 173 20.33 -46.84 26.66
CA HIS U 173 21.29 -45.69 26.70
C HIS U 173 20.66 -44.54 27.52
N CYS U 174 19.37 -44.29 27.28
CA CYS U 174 18.72 -43.15 27.98
C CYS U 174 18.75 -43.40 29.49
N LYS U 175 18.42 -44.61 29.94
CA LYS U 175 18.38 -44.92 31.39
C LYS U 175 19.79 -44.81 31.97
N MET U 176 20.79 -45.26 31.22
CA MET U 176 22.21 -45.21 31.65
C MET U 176 22.63 -43.75 31.89
N LYS U 177 22.18 -42.79 31.06
CA LYS U 177 22.64 -41.40 31.39
C LYS U 177 22.19 -40.85 32.76
N GLY U 178 22.38 -41.56 33.88
CA GLY U 178 21.89 -41.17 35.19
C GLY U 178 21.67 -42.37 36.10
N LYS U 189 14.91 -36.70 35.38
CA LYS U 189 15.36 -37.38 34.17
C LYS U 189 14.81 -38.80 34.11
N ASP U 190 14.40 -39.32 35.26
CA ASP U 190 13.90 -40.68 35.36
C ASP U 190 12.37 -40.78 35.32
N ARG U 191 11.69 -39.74 34.82
CA ARG U 191 10.24 -39.75 34.81
C ARG U 191 9.68 -40.14 33.44
N LYS U 192 10.02 -39.37 32.40
CA LYS U 192 9.50 -39.59 31.07
C LYS U 192 10.66 -39.65 30.08
N TYR U 193 10.74 -40.74 29.34
CA TYR U 193 11.84 -41.00 28.43
C TYR U 193 11.43 -40.57 27.02
N THR U 194 12.10 -39.58 26.47
CA THR U 194 11.83 -39.06 25.14
C THR U 194 12.76 -39.73 24.13
N LEU U 195 12.20 -40.22 23.02
CA LEU U 195 12.99 -40.84 21.96
C LEU U 195 13.66 -39.76 21.12
N THR U 196 14.69 -39.16 21.70
CA THR U 196 15.47 -38.13 21.05
C THR U 196 16.47 -38.81 20.10
N MET U 197 16.92 -38.08 19.08
CA MET U 197 17.93 -38.58 18.16
C MET U 197 19.26 -38.87 18.83
N GLU U 198 19.55 -38.28 19.99
CA GLU U 198 20.79 -38.58 20.70
C GLU U 198 20.82 -39.99 21.26
N ASP U 199 19.67 -40.63 21.43
CA ASP U 199 19.63 -42.00 21.92
C ASP U 199 19.40 -43.01 20.80
N LEU U 200 18.81 -42.59 19.69
CA LEU U 200 18.53 -43.49 18.58
C LEU U 200 19.72 -43.65 17.64
N THR U 201 20.51 -42.59 17.45
CA THR U 201 21.63 -42.62 16.51
C THR U 201 22.77 -43.54 16.97
N PRO U 202 23.19 -43.57 18.25
CA PRO U 202 24.12 -44.65 18.63
C PRO U 202 23.46 -46.02 18.69
N ALA U 203 22.15 -46.10 18.91
CA ALA U 203 21.48 -47.39 18.98
C ALA U 203 21.25 -48.00 17.60
N LEU U 204 21.28 -47.20 16.55
CA LEU U 204 21.12 -47.72 15.19
C LEU U 204 22.44 -48.23 14.62
N SER U 205 23.57 -47.69 15.09
CA SER U 205 24.87 -48.05 14.55
C SER U 205 25.30 -49.47 14.91
N GLU U 206 24.66 -50.08 15.92
CA GLU U 206 24.96 -51.47 16.24
C GLU U 206 24.43 -52.41 15.18
N TYR U 207 23.39 -51.99 14.45
CA TYR U 207 22.93 -52.62 13.24
C TYR U 207 23.43 -51.81 12.06
N GLY U 208 23.01 -52.16 10.86
CA GLY U 208 23.55 -51.50 9.69
C GLY U 208 22.80 -50.26 9.26
N ILE U 209 22.51 -49.37 10.20
CA ILE U 209 21.86 -48.10 9.91
C ILE U 209 22.76 -47.01 10.46
N ASN U 210 23.37 -46.24 9.56
CA ASN U 210 24.33 -45.20 9.93
C ASN U 210 23.76 -43.86 9.50
N VAL U 211 22.95 -43.24 10.35
CA VAL U 211 22.46 -41.91 10.07
C VAL U 211 23.50 -40.89 10.50
N LYS U 212 23.48 -39.72 9.88
CA LYS U 212 24.39 -38.63 10.23
C LYS U 212 23.62 -37.34 9.94
N LYS U 213 22.98 -36.81 10.98
CA LYS U 213 22.15 -35.63 10.76
C LYS U 213 22.96 -34.37 11.01
N PRO U 214 22.78 -33.34 10.20
CA PRO U 214 23.49 -32.09 10.42
C PRO U 214 22.83 -31.26 11.50
N HIS U 215 23.61 -30.32 12.03
CA HIS U 215 23.07 -29.21 12.79
C HIS U 215 23.75 -27.93 12.32
N TYR U 216 23.19 -26.81 12.75
CA TYR U 216 23.71 -25.43 12.61
C TYR U 216 24.22 -25.14 11.19
N PHE U 217 23.27 -25.16 10.26
CA PHE U 217 23.56 -24.78 8.87
C PHE U 217 23.98 -23.32 8.81
N THR U 218 25.21 -23.07 8.36
CA THR U 218 25.75 -21.72 8.38
C THR U 218 25.23 -20.87 7.22
N SER V 114 37.71 -89.78 35.69
CA SER V 114 38.92 -90.58 35.61
C SER V 114 40.10 -89.86 36.24
N GLU V 115 41.30 -90.08 35.70
CA GLU V 115 42.51 -89.45 36.20
C GLU V 115 43.02 -88.33 35.30
N GLU V 116 42.51 -88.22 34.07
CA GLU V 116 42.79 -87.07 33.21
C GLU V 116 41.68 -86.04 33.28
N GLN V 117 40.43 -86.49 33.44
CA GLN V 117 39.31 -85.56 33.59
C GLN V 117 39.41 -84.74 34.86
N LEU V 118 39.96 -85.32 35.93
CA LEU V 118 40.16 -84.56 37.16
C LEU V 118 41.31 -83.57 37.02
N ASN V 119 42.34 -83.90 36.24
CA ASN V 119 43.40 -82.94 35.99
C ASN V 119 42.95 -81.85 35.02
N ARG V 120 42.10 -82.20 34.05
CA ARG V 120 41.61 -81.21 33.10
C ARG V 120 40.62 -80.25 33.76
N TYR V 121 39.77 -80.77 34.65
CA TYR V 121 38.85 -79.91 35.40
C TYR V 121 39.59 -78.99 36.36
N GLU V 122 40.79 -79.40 36.81
CA GLU V 122 41.60 -78.54 37.66
C GLU V 122 42.14 -77.35 36.87
N MET V 123 42.56 -77.58 35.63
CA MET V 123 43.07 -76.49 34.81
C MET V 123 41.98 -75.63 34.23
N TYR V 124 40.76 -76.16 34.10
CA TYR V 124 39.64 -75.37 33.59
C TYR V 124 39.22 -74.29 34.58
N ARG V 125 39.42 -74.53 35.88
CA ARG V 125 38.99 -73.60 36.91
C ARG V 125 40.12 -72.72 37.44
N ARG V 126 41.31 -73.29 37.65
CA ARG V 126 42.39 -72.56 38.31
C ARG V 126 43.10 -71.58 37.40
N SER V 127 42.96 -71.72 36.08
CA SER V 127 43.68 -70.87 35.14
C SER V 127 43.01 -69.52 34.98
N ALA V 128 43.81 -68.46 34.93
CA ALA V 128 43.29 -67.12 34.77
C ALA V 128 44.39 -66.21 34.24
N PHE V 129 43.98 -65.15 33.54
CA PHE V 129 44.91 -64.09 33.21
C PHE V 129 45.23 -63.29 34.46
N PRO V 130 46.47 -62.83 34.64
CA PRO V 130 46.83 -62.11 35.87
C PRO V 130 46.24 -60.71 35.88
N LYS V 131 45.71 -60.33 37.04
CA LYS V 131 45.13 -59.00 37.20
C LYS V 131 46.16 -57.89 37.20
N ALA V 132 47.43 -58.20 37.48
CA ALA V 132 48.48 -57.21 37.48
C ALA V 132 48.90 -56.78 36.08
N ALA V 133 48.51 -57.52 35.05
CA ALA V 133 48.86 -57.18 33.67
C ALA V 133 47.71 -56.62 32.87
N ILE V 134 46.47 -57.07 33.13
CA ILE V 134 45.33 -56.54 32.40
C ILE V 134 44.99 -55.13 32.88
N LYS V 135 45.18 -54.86 34.18
CA LYS V 135 45.08 -53.50 34.69
C LYS V 135 46.15 -52.59 34.10
N ARG V 136 47.31 -53.15 33.76
CA ARG V 136 48.31 -52.41 32.99
C ARG V 136 47.89 -52.30 31.53
N LEU V 137 47.16 -53.28 31.02
CA LEU V 137 46.78 -53.30 29.61
C LEU V 137 45.59 -52.40 29.32
N ILE V 138 44.59 -52.37 30.20
CA ILE V 138 43.42 -51.52 29.97
C ILE V 138 43.79 -50.05 30.16
N GLN V 139 44.59 -49.75 31.18
CA GLN V 139 44.97 -48.37 31.47
C GLN V 139 45.86 -47.76 30.39
N SER V 140 46.51 -48.58 29.56
CA SER V 140 47.19 -48.08 28.38
C SER V 140 46.25 -47.72 27.25
N ILE V 141 44.97 -48.05 27.38
CA ILE V 141 43.96 -47.71 26.38
C ILE V 141 43.07 -46.56 26.84
N THR V 142 42.73 -46.53 28.12
CA THR V 142 41.90 -45.43 28.63
C THR V 142 42.71 -44.15 28.75
N GLY V 143 43.81 -44.20 29.49
CA GLY V 143 44.63 -43.03 29.68
C GLY V 143 44.86 -42.69 31.13
N THR V 144 43.84 -42.84 31.98
CA THR V 144 43.97 -42.44 33.37
C THR V 144 43.93 -43.59 34.38
N SER V 145 42.83 -44.33 34.47
CA SER V 145 42.62 -45.28 35.58
C SER V 145 41.34 -46.06 35.34
N VAL V 146 41.33 -47.29 35.87
CA VAL V 146 40.14 -48.12 35.95
C VAL V 146 39.96 -48.58 37.40
N SER V 147 38.93 -49.39 37.63
CA SER V 147 38.60 -49.88 38.96
C SER V 147 38.83 -51.38 39.03
N GLN V 148 38.82 -51.90 40.26
CA GLN V 148 39.08 -53.32 40.47
C GLN V 148 37.95 -54.19 39.97
N ASN V 149 36.70 -53.69 40.01
CA ASN V 149 35.58 -54.48 39.54
C ASN V 149 35.45 -54.47 38.02
N VAL V 150 36.21 -53.61 37.35
CA VAL V 150 36.34 -53.67 35.90
C VAL V 150 37.31 -54.76 35.49
N VAL V 151 38.46 -54.80 36.15
CA VAL V 151 39.52 -55.77 35.85
C VAL V 151 39.07 -57.18 36.21
N ILE V 152 38.23 -57.33 37.25
CA ILE V 152 37.69 -58.63 37.61
C ILE V 152 36.75 -59.15 36.53
N ALA V 153 35.93 -58.26 35.96
CA ALA V 153 35.02 -58.68 34.90
C ALA V 153 35.77 -58.89 33.58
N MET V 154 36.69 -57.98 33.24
CA MET V 154 37.39 -58.06 31.96
C MET V 154 38.35 -59.25 31.92
N SER V 155 38.87 -59.67 33.07
CA SER V 155 39.64 -60.92 33.11
C SER V 155 38.75 -62.15 33.03
N GLY V 156 37.46 -62.00 33.25
CA GLY V 156 36.55 -63.12 33.24
C GLY V 156 35.88 -63.32 31.90
N ILE V 157 35.63 -62.22 31.17
CA ILE V 157 35.03 -62.33 29.85
C ILE V 157 36.04 -62.92 28.87
N SER V 158 37.32 -62.56 29.04
CA SER V 158 38.35 -63.05 28.13
C SER V 158 38.65 -64.53 28.33
N LYS V 159 38.31 -65.09 29.50
CA LYS V 159 38.39 -66.53 29.65
C LYS V 159 37.23 -67.23 28.96
N VAL V 160 36.05 -66.61 28.95
CA VAL V 160 34.92 -67.15 28.18
C VAL V 160 35.21 -67.06 26.69
N PHE V 161 35.90 -65.99 26.26
CA PHE V 161 36.18 -65.80 24.84
C PHE V 161 37.23 -66.79 24.35
N VAL V 162 38.21 -67.11 25.18
CA VAL V 162 39.15 -68.18 24.86
C VAL V 162 38.43 -69.52 24.81
N GLY V 163 37.54 -69.76 25.77
CA GLY V 163 36.70 -70.94 25.73
C GLY V 163 35.65 -70.93 24.64
N GLU V 164 35.39 -69.78 24.04
CA GLU V 164 34.55 -69.75 22.84
C GLU V 164 35.31 -70.18 21.60
N VAL V 165 36.62 -69.96 21.57
CA VAL V 165 37.43 -70.30 20.41
C VAL V 165 37.91 -71.74 20.47
N VAL V 166 38.47 -72.17 21.61
CA VAL V 166 39.06 -73.50 21.71
C VAL V 166 37.98 -74.58 21.65
N GLU V 167 36.82 -74.34 22.25
CA GLU V 167 35.71 -75.29 22.14
C GLU V 167 35.16 -75.34 20.72
N GLU V 168 35.36 -74.29 19.94
CA GLU V 168 34.94 -74.26 18.55
C GLU V 168 36.08 -74.59 17.58
N ALA V 169 37.35 -74.37 17.97
CA ALA V 169 38.45 -74.87 17.17
C ALA V 169 38.64 -76.36 17.29
N LEU V 170 38.12 -76.98 18.37
CA LEU V 170 38.09 -78.43 18.44
C LEU V 170 36.88 -79.02 17.73
N ASP V 171 35.94 -78.17 17.29
CA ASP V 171 34.90 -78.62 16.39
C ASP V 171 35.37 -78.59 14.95
N VAL V 172 36.29 -77.68 14.62
CA VAL V 172 36.90 -77.66 13.30
C VAL V 172 37.80 -78.88 13.14
N CYS V 173 38.56 -79.23 14.17
CA CYS V 173 39.47 -80.37 14.10
C CYS V 173 38.71 -81.69 14.09
N GLU V 174 37.58 -81.77 14.78
CA GLU V 174 36.79 -82.99 14.75
C GLU V 174 36.03 -83.13 13.44
N LYS V 175 35.71 -82.00 12.79
CA LYS V 175 35.05 -82.05 11.49
C LYS V 175 36.00 -82.56 10.42
N TRP V 176 37.22 -82.03 10.39
CA TRP V 176 38.24 -82.52 9.47
C TRP V 176 38.84 -83.81 10.05
N GLY V 177 39.77 -84.40 9.30
CA GLY V 177 40.35 -85.65 9.73
C GLY V 177 41.67 -85.54 10.48
N GLU V 178 41.70 -84.78 11.56
CA GLU V 178 42.95 -84.54 12.30
C GLU V 178 42.77 -84.93 13.76
N MET V 179 43.85 -84.79 14.53
CA MET V 179 43.86 -85.26 15.95
C MET V 179 43.77 -84.08 16.93
N PRO V 180 43.79 -84.30 18.27
CA PRO V 180 43.74 -83.21 19.25
C PRO V 180 44.81 -82.11 19.20
N PRO V 181 46.11 -82.34 18.86
CA PRO V 181 47.06 -81.23 18.77
C PRO V 181 46.45 -80.18 17.84
N LEU V 182 46.45 -78.92 18.26
CA LEU V 182 45.76 -77.88 17.44
C LEU V 182 46.72 -77.10 16.56
N GLN V 183 46.68 -77.36 15.25
CA GLN V 183 47.44 -76.57 14.30
C GLN V 183 46.77 -75.21 14.12
N PRO V 184 47.50 -74.21 13.62
CA PRO V 184 46.87 -72.92 13.29
C PRO V 184 45.82 -72.99 12.19
N LYS V 185 45.75 -74.07 11.40
CA LYS V 185 44.67 -74.21 10.43
C LYS V 185 43.31 -74.27 11.10
N HIS V 186 43.23 -74.93 12.25
CA HIS V 186 42.00 -74.98 13.01
C HIS V 186 41.74 -73.70 13.80
N MET V 187 42.72 -72.80 13.89
CA MET V 187 42.56 -71.57 14.66
C MET V 187 42.19 -70.38 13.79
N ARG V 188 42.70 -70.29 12.55
CA ARG V 188 42.19 -69.27 11.64
C ARG V 188 40.78 -69.60 11.17
N GLU V 189 40.46 -70.89 11.05
CA GLU V 189 39.11 -71.30 10.73
C GLU V 189 38.17 -71.08 11.91
N ALA V 190 38.69 -71.09 13.13
CA ALA V 190 37.87 -70.83 14.30
C ALA V 190 37.42 -69.39 14.36
N VAL V 191 38.33 -68.45 14.05
CA VAL V 191 37.96 -67.04 14.01
C VAL V 191 37.09 -66.73 12.81
N ARG V 192 37.20 -67.49 11.73
CA ARG V 192 36.36 -67.25 10.56
C ARG V 192 34.91 -67.65 10.82
N ARG V 193 34.69 -68.81 11.46
CA ARG V 193 33.33 -69.25 11.73
C ARG V 193 32.69 -68.44 12.85
N LEU V 194 33.49 -67.95 13.81
CA LEU V 194 32.94 -67.12 14.87
C LEU V 194 32.56 -65.74 14.36
N LYS V 195 33.30 -65.20 13.39
CA LYS V 195 33.00 -63.87 12.88
C LYS V 195 31.76 -63.87 12.01
N SER V 196 31.48 -64.99 11.33
CA SER V 196 30.28 -65.07 10.50
C SER V 196 29.01 -65.19 11.32
N LYS V 197 29.11 -65.54 12.59
CA LYS V 197 27.98 -65.51 13.53
C LYS V 197 28.01 -64.29 14.42
N GLY V 198 28.79 -63.28 14.07
CA GLY V 198 28.82 -62.03 14.81
C GLY V 198 29.47 -62.07 16.17
N GLN V 199 30.15 -63.16 16.51
CA GLN V 199 30.71 -63.30 17.85
C GLN V 199 31.97 -62.47 18.06
N ILE V 200 32.71 -62.18 17.00
CA ILE V 200 33.96 -61.46 17.14
C ILE V 200 33.74 -60.01 16.73
N PRO V 201 33.73 -59.06 17.66
CA PRO V 201 33.37 -57.69 17.30
C PRO V 201 34.54 -56.87 16.75
N ASN V 202 34.29 -56.19 15.64
CA ASN V 202 35.26 -55.29 15.02
C ASN V 202 34.62 -53.91 14.92
N SER V 203 35.19 -52.94 15.64
CA SER V 203 34.66 -51.58 15.63
C SER V 203 35.35 -50.69 14.62
N LYS V 204 35.92 -51.26 13.57
CA LYS V 204 36.54 -50.48 12.51
C LYS V 204 35.93 -50.77 11.15
N HIS V 205 34.87 -51.56 11.09
CA HIS V 205 34.15 -51.87 9.86
C HIS V 205 32.73 -51.34 9.99
N LYS V 206 32.46 -50.19 9.38
CA LYS V 206 31.13 -49.61 9.36
C LYS V 206 30.24 -50.42 8.44
N LYS V 207 29.41 -51.29 9.01
CA LYS V 207 28.60 -52.18 8.21
C LYS V 207 27.31 -51.49 7.76
N ILE V 208 26.71 -52.04 6.71
CA ILE V 208 25.52 -51.49 6.09
C ILE V 208 24.64 -52.66 5.68
N ILE V 209 23.40 -52.70 6.18
CA ILE V 209 22.51 -53.82 5.88
C ILE V 209 21.58 -53.55 4.70
N PHE V 210 21.32 -52.29 4.39
CA PHE V 210 20.38 -51.95 3.32
C PHE V 210 21.16 -51.65 2.04
N PHE V 211 20.89 -52.44 1.01
CA PHE V 211 21.51 -52.18 -0.29
C PHE V 211 20.53 -52.53 -1.42
N ASN W 55 53.61 -68.62 -13.26
CA ASN W 55 53.42 -67.56 -12.28
C ASN W 55 51.95 -67.39 -11.91
N GLN W 56 51.35 -68.47 -11.40
CA GLN W 56 50.01 -68.41 -10.84
C GLN W 56 50.09 -68.76 -9.37
N VAL W 57 49.18 -68.19 -8.58
CA VAL W 57 49.26 -68.29 -7.13
C VAL W 57 48.34 -69.39 -6.59
N LEU W 58 47.28 -69.72 -7.31
CA LEU W 58 46.38 -70.79 -6.89
C LEU W 58 46.31 -71.83 -8.00
N THR W 59 46.33 -73.11 -7.61
CA THR W 59 46.75 -74.16 -8.53
C THR W 59 45.76 -75.31 -8.65
N LYS W 60 44.47 -75.09 -8.32
CA LYS W 60 43.35 -75.99 -8.56
C LYS W 60 43.44 -77.33 -7.80
N LYS W 61 44.45 -77.51 -6.97
CA LYS W 61 44.50 -78.57 -5.97
C LYS W 61 44.36 -78.02 -4.57
N LYS W 62 44.92 -76.83 -4.32
CA LYS W 62 44.63 -76.12 -3.09
C LYS W 62 43.19 -75.63 -3.07
N LEU W 63 42.63 -75.34 -4.25
CA LEU W 63 41.22 -74.95 -4.32
C LEU W 63 40.30 -76.14 -4.09
N GLN W 64 40.69 -77.32 -4.59
CA GLN W 64 39.86 -78.51 -4.44
C GLN W 64 39.81 -78.97 -2.99
N ASP W 65 40.92 -78.85 -2.27
CA ASP W 65 40.90 -79.15 -0.84
C ASP W 65 40.14 -78.11 -0.04
N LEU W 66 40.01 -76.88 -0.57
CA LEU W 66 39.20 -75.87 0.09
C LEU W 66 37.71 -76.19 -0.03
N VAL W 67 37.32 -76.95 -1.04
CA VAL W 67 35.95 -77.43 -1.15
C VAL W 67 35.76 -78.72 -0.37
N ARG W 68 36.79 -79.57 -0.32
CA ARG W 68 36.71 -80.83 0.39
C ARG W 68 36.66 -80.66 1.89
N GLU W 69 37.16 -79.53 2.41
CA GLU W 69 37.09 -79.27 3.84
C GLU W 69 35.72 -78.76 4.26
N VAL W 70 34.88 -78.33 3.33
CA VAL W 70 33.55 -77.82 3.66
C VAL W 70 32.55 -78.97 3.62
N ASP W 71 32.39 -79.58 2.45
CA ASP W 71 31.56 -80.76 2.29
C ASP W 71 32.27 -81.71 1.34
N PRO W 72 32.74 -82.87 1.82
CA PRO W 72 33.59 -83.73 0.99
C PRO W 72 32.88 -84.41 -0.17
N ASN W 73 31.55 -84.35 -0.25
CA ASN W 73 30.80 -84.93 -1.36
C ASN W 73 30.31 -83.87 -2.32
N GLU W 74 31.11 -82.83 -2.55
CA GLU W 74 30.69 -81.69 -3.37
C GLU W 74 31.74 -81.42 -4.44
N GLN W 75 31.28 -81.20 -5.66
CA GLN W 75 32.13 -80.86 -6.79
C GLN W 75 31.84 -79.44 -7.26
N LEU W 76 32.83 -78.80 -7.85
CA LEU W 76 32.64 -77.57 -8.59
C LEU W 76 32.69 -77.86 -10.09
N ASP W 77 32.04 -76.99 -10.87
CA ASP W 77 32.07 -77.14 -12.35
C ASP W 77 33.26 -76.31 -12.86
N GLU W 78 33.61 -76.49 -14.13
CA GLU W 78 34.78 -75.77 -14.69
C GLU W 78 34.52 -74.27 -14.57
N ASP W 79 33.29 -73.86 -14.90
CA ASP W 79 32.96 -72.41 -14.88
C ASP W 79 33.14 -71.88 -13.46
N VAL W 80 32.62 -72.61 -12.46
CA VAL W 80 32.71 -72.13 -11.05
C VAL W 80 34.18 -72.05 -10.67
N GLU W 81 34.98 -73.06 -11.03
CA GLU W 81 36.41 -73.05 -10.60
C GLU W 81 37.10 -71.83 -11.22
N GLU W 82 36.85 -71.58 -12.51
CA GLU W 82 37.54 -70.45 -13.17
C GLU W 82 37.11 -69.15 -12.49
N MET W 83 35.82 -69.01 -12.20
CA MET W 83 35.32 -67.76 -11.59
C MET W 83 35.93 -67.58 -10.21
N LEU W 84 36.06 -68.64 -9.41
CA LEU W 84 36.67 -68.56 -8.06
C LEU W 84 38.13 -68.15 -8.18
N LEU W 85 38.86 -68.70 -9.15
CA LEU W 85 40.27 -68.27 -9.34
C LEU W 85 40.29 -66.78 -9.67
N GLN W 86 39.37 -66.34 -10.54
CA GLN W 86 39.35 -64.91 -10.96
C GLN W 86 39.05 -64.04 -9.74
N ILE W 87 38.12 -64.46 -8.87
CA ILE W 87 37.75 -63.67 -7.66
C ILE W 87 38.97 -63.58 -6.75
N ALA W 88 39.70 -64.68 -6.58
CA ALA W 88 40.91 -64.65 -5.73
C ALA W 88 41.91 -63.64 -6.32
N ASP W 89 42.12 -63.70 -7.63
CA ASP W 89 43.13 -62.79 -8.24
C ASP W 89 42.70 -61.35 -8.03
N ASP W 90 41.41 -61.05 -8.21
CA ASP W 90 40.90 -59.66 -8.07
C ASP W 90 41.09 -59.18 -6.63
N PHE W 91 40.79 -60.05 -5.66
CA PHE W 91 40.93 -59.66 -4.24
C PHE W 91 42.40 -59.34 -3.99
N ILE W 92 43.30 -60.19 -4.49
CA ILE W 92 44.74 -59.95 -4.21
C ILE W 92 45.08 -58.59 -4.81
N GLU W 93 44.67 -58.34 -6.04
CA GLU W 93 45.11 -57.07 -6.69
C GLU W 93 44.57 -55.87 -5.90
N SER W 94 43.30 -55.88 -5.52
CA SER W 94 42.73 -54.69 -4.84
C SER W 94 43.46 -54.47 -3.51
N VAL W 95 43.65 -55.55 -2.74
CA VAL W 95 44.27 -55.38 -1.40
C VAL W 95 45.67 -54.82 -1.62
N VAL W 96 46.40 -55.38 -2.57
CA VAL W 96 47.81 -54.94 -2.75
C VAL W 96 47.82 -53.46 -3.15
N THR W 97 46.97 -53.05 -4.09
CA THR W 97 47.03 -51.64 -4.55
C THR W 97 46.71 -50.73 -3.36
N ALA W 98 45.68 -51.05 -2.58
CA ALA W 98 45.33 -50.12 -1.48
C ALA W 98 46.46 -50.05 -0.45
N ALA W 99 47.05 -51.21 -0.13
CA ALA W 99 48.12 -51.25 0.88
C ALA W 99 49.29 -50.42 0.37
N CYS W 100 49.60 -50.54 -0.92
CA CYS W 100 50.73 -49.80 -1.53
C CYS W 100 50.46 -48.30 -1.46
N GLN W 101 49.21 -47.88 -1.71
CA GLN W 101 48.89 -46.44 -1.57
C GLN W 101 49.10 -45.98 -0.12
N LEU W 102 48.67 -46.78 0.87
CA LEU W 102 48.92 -46.40 2.29
C LEU W 102 50.43 -46.34 2.58
N ALA W 103 51.21 -47.27 2.02
CA ALA W 103 52.68 -47.29 2.22
C ALA W 103 53.30 -46.03 1.60
N ARG W 104 52.84 -45.63 0.42
CA ARG W 104 53.36 -44.42 -0.26
C ARG W 104 53.02 -43.23 0.64
N HIS W 105 51.84 -43.26 1.25
CA HIS W 105 51.43 -42.18 2.18
C HIS W 105 52.35 -42.10 3.41
N ARG W 106 52.75 -43.23 4.00
CA ARG W 106 53.70 -43.18 5.16
C ARG W 106 55.10 -42.70 4.75
N LYS W 107 55.28 -42.12 3.57
CA LYS W 107 56.55 -41.73 2.95
C LYS W 107 57.60 -42.83 3.08
N SER W 108 57.16 -44.08 2.94
CA SER W 108 58.05 -45.23 2.97
C SER W 108 57.97 -45.98 1.66
N SER W 109 58.92 -46.89 1.45
CA SER W 109 58.97 -47.67 0.18
C SER W 109 58.90 -49.17 0.48
N THR W 110 58.53 -49.53 1.70
CA THR W 110 58.42 -50.95 2.09
C THR W 110 56.96 -51.23 2.49
N LEU W 111 56.35 -52.29 1.98
CA LEU W 111 54.97 -52.63 2.40
C LEU W 111 55.06 -53.43 3.69
N GLU W 112 54.69 -52.82 4.82
CA GLU W 112 54.71 -53.55 6.11
C GLU W 112 53.39 -54.31 6.26
N VAL W 113 53.19 -55.00 7.38
CA VAL W 113 51.90 -55.70 7.62
C VAL W 113 50.91 -54.73 8.29
N LYS W 114 51.32 -53.50 8.62
CA LYS W 114 50.42 -52.59 9.37
C LYS W 114 49.42 -51.92 8.43
N ASP W 115 49.66 -51.96 7.12
CA ASP W 115 48.76 -51.34 6.17
C ASP W 115 48.07 -52.32 5.25
N VAL W 116 48.42 -53.60 5.29
CA VAL W 116 47.52 -54.63 4.80
C VAL W 116 46.48 -54.95 5.87
N GLN W 117 46.77 -54.63 7.13
CA GLN W 117 45.77 -54.75 8.20
C GLN W 117 44.67 -53.71 8.02
N LEU W 118 45.03 -52.45 7.80
CA LEU W 118 44.06 -51.36 7.81
C LEU W 118 43.13 -51.40 6.62
N HIS W 119 43.51 -52.05 5.53
CA HIS W 119 42.58 -52.13 4.40
C HIS W 119 41.58 -53.26 4.59
N LEU W 120 42.02 -54.40 5.13
CA LEU W 120 41.11 -55.54 5.32
C LEU W 120 40.13 -55.29 6.45
N GLU W 121 40.57 -54.62 7.50
CA GLU W 121 39.68 -54.34 8.63
C GLU W 121 38.60 -53.34 8.25
N ARG W 122 39.00 -52.25 7.58
CA ARG W 122 38.07 -51.16 7.31
C ARG W 122 37.08 -51.49 6.20
N GLN W 123 37.50 -52.28 5.22
CA GLN W 123 36.66 -52.57 4.06
C GLN W 123 36.16 -53.99 4.03
N TRP W 124 37.03 -54.98 4.21
CA TRP W 124 36.68 -56.36 3.95
C TRP W 124 36.26 -57.13 5.21
N ASN W 125 36.36 -56.52 6.38
CA ASN W 125 35.96 -57.09 7.67
C ASN W 125 36.72 -58.39 7.96
N MET W 126 38.05 -58.28 7.93
CA MET W 126 38.93 -59.42 8.14
C MET W 126 40.01 -59.04 9.14
N TRP W 127 40.09 -59.78 10.24
CA TRP W 127 41.17 -59.67 11.20
C TRP W 127 41.93 -60.98 11.15
N ILE W 128 43.16 -60.95 10.64
CA ILE W 128 44.01 -62.13 10.56
C ILE W 128 44.81 -62.21 11.86
N PRO W 129 44.57 -63.20 12.72
CA PRO W 129 45.03 -63.12 14.11
C PRO W 129 46.53 -63.21 14.34
N GLY W 130 47.17 -64.25 13.82
CA GLY W 130 48.47 -64.65 14.32
C GLY W 130 49.69 -63.85 13.90
N PHE W 131 49.61 -62.52 13.96
CA PHE W 131 50.73 -61.67 13.57
C PHE W 131 51.15 -60.67 14.62
N GLY W 132 50.20 -60.08 15.35
CA GLY W 132 50.54 -59.18 16.43
C GLY W 132 50.92 -57.78 15.99
N SER W 133 50.50 -56.79 16.74
CA SER W 133 50.79 -55.40 16.44
C SER W 133 51.51 -54.75 17.63
N GLU W 134 51.83 -53.46 17.47
CA GLU W 134 52.33 -52.69 18.58
C GLU W 134 51.18 -52.29 19.50
N GLU W 135 51.52 -51.83 20.70
CA GLU W 135 50.50 -51.45 21.67
C GLU W 135 49.79 -50.19 21.19
N ILE W 136 48.46 -50.26 21.12
CA ILE W 136 47.66 -49.16 20.62
C ILE W 136 47.71 -48.01 21.62
N ARG W 137 47.94 -46.79 21.09
CA ARG W 137 48.05 -45.58 21.88
C ARG W 137 46.74 -45.29 22.61
N PRO W 138 46.78 -44.51 23.70
CA PRO W 138 45.56 -44.15 24.42
C PRO W 138 44.54 -43.44 23.54
N TYR W 139 43.34 -44.00 23.49
CA TYR W 139 42.32 -43.63 22.52
C TYR W 139 41.81 -42.22 22.77
N LYS W 140 42.06 -41.32 21.82
CA LYS W 140 41.50 -39.99 21.92
C LYS W 140 40.02 -40.04 21.56
N LYS W 141 39.20 -39.49 22.45
CA LYS W 141 37.75 -39.68 22.40
C LYS W 141 37.06 -38.57 21.62
N ALA W 142 37.20 -37.33 22.04
CA ALA W 142 36.49 -36.20 21.43
C ALA W 142 37.40 -34.99 21.41
N CYS W 143 37.81 -34.58 20.22
CA CYS W 143 38.62 -33.34 20.09
C CYS W 143 37.65 -32.24 19.66
N THR W 144 36.47 -32.19 20.28
CA THR W 144 35.44 -31.21 19.83
C THR W 144 36.08 -29.82 19.95
N THR W 145 35.94 -29.02 18.90
CA THR W 145 36.64 -27.70 18.90
C THR W 145 35.80 -26.65 19.61
N GLU W 146 36.40 -25.48 19.86
CA GLU W 146 35.70 -24.38 20.54
C GLU W 146 34.57 -23.81 19.69
N ALA W 147 34.74 -23.81 18.36
CA ALA W 147 33.70 -23.28 17.47
C ALA W 147 32.46 -24.16 17.47
N HIS W 148 32.61 -25.46 17.69
CA HIS W 148 31.45 -26.31 17.85
C HIS W 148 30.86 -26.20 19.25
N LYS W 149 31.70 -25.93 20.26
CA LYS W 149 31.20 -25.76 21.62
C LYS W 149 30.41 -24.46 21.79
N GLN W 150 30.57 -23.50 20.88
CA GLN W 150 29.87 -22.23 20.96
C GLN W 150 28.71 -22.13 19.98
N ARG W 151 28.74 -22.89 18.88
CA ARG W 151 27.61 -22.91 17.97
C ARG W 151 26.51 -23.85 18.47
N MET W 152 26.90 -24.98 19.06
CA MET W 152 25.91 -25.88 19.66
C MET W 152 25.36 -25.33 20.96
N ALA W 153 26.05 -24.39 21.60
CA ALA W 153 25.51 -23.64 22.73
C ALA W 153 24.63 -22.48 22.30
N LEU W 154 24.27 -22.41 21.01
CA LEU W 154 23.26 -21.51 20.50
C LEU W 154 21.99 -22.23 20.06
N ILE W 155 22.08 -23.53 19.75
CA ILE W 155 20.90 -24.32 19.47
C ILE W 155 20.07 -24.49 20.74
N ARG W 156 20.71 -24.68 21.88
CA ARG W 156 19.99 -24.81 23.14
C ARG W 156 19.52 -23.46 23.66
N LYS W 157 20.22 -22.37 23.33
CA LYS W 157 19.85 -21.06 23.84
C LYS W 157 18.55 -20.56 23.22
N THR W 158 18.27 -20.93 21.97
CA THR W 158 17.02 -20.58 21.33
C THR W 158 15.90 -21.55 21.73
N THR W 159 16.27 -22.80 22.04
CA THR W 159 15.26 -23.84 22.26
C THR W 159 14.57 -23.69 23.62
N LYS W 160 15.33 -23.50 24.69
CA LYS W 160 14.72 -23.35 26.00
C LYS W 160 14.61 -21.90 26.47
N LYS W 161 15.37 -20.98 25.87
CA LYS W 161 15.30 -19.57 26.26
C LYS W 161 15.06 -18.69 25.04
N ARG X 28 56.26 -55.87 20.50
CA ARG X 28 55.58 -56.42 21.66
C ARG X 28 56.09 -57.81 22.01
N LYS X 29 56.19 -58.08 23.31
CA LYS X 29 56.55 -59.46 23.76
C LYS X 29 55.23 -60.22 23.95
N ARG X 30 55.28 -61.46 24.47
CA ARG X 30 54.02 -62.18 24.76
C ARG X 30 53.76 -62.09 26.27
N LEU X 31 52.67 -61.41 26.66
CA LEU X 31 52.33 -61.28 28.10
C LEU X 31 51.41 -62.43 28.54
N PHE X 32 50.91 -63.21 27.58
CA PHE X 32 50.04 -64.38 27.91
C PHE X 32 50.58 -65.60 27.16
N SER X 33 51.74 -66.10 27.59
CA SER X 33 52.36 -67.28 26.92
C SER X 33 52.16 -68.50 27.82
N LYS X 34 52.40 -68.37 29.12
CA LYS X 34 52.28 -69.50 30.04
C LYS X 34 50.87 -69.63 30.57
N GLU X 35 50.14 -68.52 30.68
CA GLU X 35 48.78 -68.57 31.21
C GLU X 35 47.82 -69.19 30.21
N LEU X 36 48.01 -68.91 28.93
CA LEU X 36 47.11 -69.41 27.90
C LEU X 36 47.29 -70.89 27.62
N ARG X 37 48.45 -71.46 27.96
CA ARG X 37 48.65 -72.89 27.78
C ARG X 37 47.89 -73.69 28.82
N CYS X 38 47.70 -73.13 30.02
CA CYS X 38 46.84 -73.79 31.00
C CYS X 38 45.38 -73.71 30.59
N MET X 39 44.99 -72.65 29.90
CA MET X 39 43.59 -72.45 29.55
C MET X 39 43.17 -73.35 28.40
N MET X 40 44.05 -73.55 27.41
CA MET X 40 43.74 -74.44 26.30
C MET X 40 43.63 -75.89 26.76
N TYR X 41 44.49 -76.29 27.70
CA TYR X 41 44.35 -77.58 28.36
C TYR X 41 43.03 -77.65 29.14
N GLY X 42 42.55 -76.53 29.66
CA GLY X 42 41.29 -76.51 30.36
C GLY X 42 40.07 -76.71 29.48
N PHE X 43 40.21 -76.51 28.16
CA PHE X 43 39.09 -76.67 27.24
C PHE X 43 39.34 -77.80 26.24
N GLY X 44 40.30 -78.67 26.50
CA GLY X 44 40.42 -79.91 25.77
C GLY X 44 41.49 -80.01 24.71
N ASP X 45 42.46 -79.10 24.69
CA ASP X 45 43.42 -79.06 23.58
C ASP X 45 44.46 -80.17 23.70
N ASP X 46 45.35 -80.05 24.69
CA ASP X 46 46.52 -80.90 24.95
C ASP X 46 47.19 -80.40 26.21
N GLN X 47 48.11 -81.21 26.73
CA GLN X 47 49.04 -80.72 27.74
C GLN X 47 50.16 -79.89 27.13
N ASN X 48 50.46 -80.08 25.84
CA ASN X 48 51.54 -79.37 25.16
C ASN X 48 51.04 -78.82 23.83
N PRO X 49 50.41 -77.66 23.84
CA PRO X 49 49.98 -77.04 22.57
C PRO X 49 51.15 -76.50 21.77
N TYR X 50 50.83 -76.09 20.54
CA TYR X 50 51.86 -75.49 19.65
C TYR X 50 52.05 -74.00 19.94
N THR X 51 53.29 -73.53 19.80
CA THR X 51 53.61 -72.12 20.10
C THR X 51 52.81 -71.20 19.17
N GLU X 52 52.69 -71.55 17.89
CA GLU X 52 51.96 -70.69 16.92
C GLU X 52 50.49 -70.56 17.32
N SER X 53 49.87 -71.67 17.74
CA SER X 53 48.46 -71.64 18.21
C SER X 53 48.34 -70.75 19.46
N VAL X 54 49.29 -70.88 20.38
CA VAL X 54 49.24 -70.02 21.60
C VAL X 54 49.34 -68.55 21.16
N ASP X 55 50.19 -68.26 20.17
CA ASP X 55 50.38 -66.88 19.67
C ASP X 55 49.08 -66.35 19.05
N ILE X 56 48.39 -67.18 18.26
CA ILE X 56 47.11 -66.74 17.65
C ILE X 56 46.16 -66.42 18.80
N LEU X 57 46.08 -67.28 19.80
CA LEU X 57 45.10 -67.04 20.90
C LEU X 57 45.45 -65.73 21.62
N GLU X 58 46.73 -65.49 21.87
CA GLU X 58 47.15 -64.26 22.61
C GLU X 58 46.76 -63.01 21.81
N ASP X 59 47.01 -63.05 20.49
CA ASP X 59 46.65 -61.89 19.64
C ASP X 59 45.13 -61.67 19.69
N LEU X 60 44.37 -62.77 19.62
CA LEU X 60 42.89 -62.64 19.65
C LEU X 60 42.47 -62.00 20.98
N VAL X 61 43.04 -62.45 22.09
CA VAL X 61 42.63 -61.91 23.42
C VAL X 61 42.97 -60.41 23.45
N ILE X 62 44.16 -60.02 22.98
CA ILE X 62 44.50 -58.58 23.08
C ILE X 62 43.49 -57.78 22.23
N GLU X 63 43.18 -58.26 21.03
CA GLU X 63 42.27 -57.50 20.14
C GLU X 63 40.90 -57.39 20.79
N PHE X 64 40.41 -58.49 21.40
CA PHE X 64 39.07 -58.49 22.05
C PHE X 64 39.08 -57.45 23.18
N ILE X 65 40.12 -57.45 23.99
CA ILE X 65 40.15 -56.50 25.15
C ILE X 65 40.13 -55.08 24.58
N THR X 66 40.94 -54.82 23.54
CA THR X 66 41.01 -53.44 23.00
C THR X 66 39.65 -53.00 22.47
N GLU X 67 38.97 -53.89 21.72
CA GLU X 67 37.66 -53.50 21.12
C GLU X 67 36.69 -53.21 22.25
N MET X 68 36.67 -54.08 23.25
CA MET X 68 35.67 -53.88 24.34
C MET X 68 35.97 -52.54 25.01
N THR X 69 37.25 -52.24 25.26
CA THR X 69 37.61 -50.99 25.97
C THR X 69 37.19 -49.77 25.13
N HIS X 70 37.44 -49.77 23.81
CA HIS X 70 36.98 -48.60 23.01
C HIS X 70 35.46 -48.47 23.07
N LYS X 71 34.73 -49.58 22.90
CA LYS X 71 33.27 -49.38 22.89
C LYS X 71 32.82 -48.86 24.25
N ALA X 72 33.42 -49.36 25.34
CA ALA X 72 33.05 -48.94 26.71
C ALA X 72 33.34 -47.46 26.92
N MET X 73 34.48 -46.98 26.41
CA MET X 73 34.80 -45.54 26.50
C MET X 73 33.73 -44.74 25.76
N SER X 74 33.31 -45.15 24.56
CA SER X 74 32.22 -44.44 23.84
C SER X 74 30.90 -44.48 24.61
N ILE X 75 30.41 -45.66 24.97
CA ILE X 75 29.10 -45.79 25.66
C ILE X 75 29.20 -45.28 27.09
N GLY X 76 28.06 -44.90 27.70
CA GLY X 76 28.06 -44.41 29.10
C GLY X 76 28.93 -43.19 29.29
N ARG X 77 29.70 -43.15 30.38
CA ARG X 77 30.52 -41.95 30.68
C ARG X 77 31.70 -41.90 29.70
N GLN X 78 31.78 -40.83 28.91
CA GLN X 78 32.84 -40.76 27.88
C GLN X 78 34.21 -40.73 28.59
N GLY X 79 35.15 -41.55 28.13
CA GLY X 79 36.52 -41.54 28.69
C GLY X 79 36.66 -42.35 29.95
N ARG X 80 35.59 -43.01 30.40
CA ARG X 80 35.68 -43.90 31.59
C ARG X 80 35.12 -45.27 31.23
N VAL X 81 35.83 -46.34 31.59
CA VAL X 81 35.30 -47.71 31.35
C VAL X 81 34.77 -48.23 32.69
N GLN X 82 33.47 -48.51 32.78
CA GLN X 82 32.88 -48.95 34.06
C GLN X 82 32.30 -50.36 33.90
N VAL X 83 31.93 -51.00 35.01
CA VAL X 83 31.35 -52.36 35.00
C VAL X 83 30.00 -52.28 34.30
N GLU X 84 29.24 -51.21 34.53
CA GLU X 84 27.89 -51.07 33.92
C GLU X 84 28.02 -51.05 32.39
N ASP X 85 28.97 -50.29 31.86
CA ASP X 85 29.19 -50.21 30.39
C ASP X 85 29.58 -51.60 29.88
N ILE X 86 30.47 -52.27 30.62
CA ILE X 86 30.94 -53.60 30.13
C ILE X 86 29.73 -54.54 30.08
N VAL X 87 28.85 -54.48 31.10
CA VAL X 87 27.64 -55.36 31.17
C VAL X 87 26.69 -55.04 30.01
N PHE X 88 26.47 -53.76 29.70
CA PHE X 88 25.59 -53.47 28.54
C PHE X 88 26.23 -54.06 27.28
N LEU X 89 27.54 -53.90 27.12
CA LEU X 89 28.19 -54.40 25.88
C LEU X 89 28.02 -55.92 25.79
N ILE X 90 28.14 -56.64 26.91
CA ILE X 90 28.12 -58.14 26.81
C ILE X 90 26.70 -58.69 26.94
N ARG X 91 25.68 -57.83 27.06
CA ARG X 91 24.28 -58.29 27.31
C ARG X 91 23.80 -59.30 26.25
N LYS X 92 24.11 -59.06 24.97
CA LYS X 92 23.58 -59.93 23.90
C LYS X 92 24.09 -61.37 24.04
N ASP X 93 25.37 -61.57 24.36
CA ASP X 93 25.94 -62.94 24.37
C ASP X 93 25.63 -63.61 25.71
N PRO X 94 24.87 -64.72 25.76
CA PRO X 94 24.47 -65.32 27.04
C PRO X 94 25.59 -65.88 27.91
N ARG X 95 26.55 -66.61 27.31
CA ARG X 95 27.60 -67.28 28.11
C ARG X 95 28.46 -66.24 28.85
N LYS X 96 28.81 -65.16 28.17
CA LYS X 96 29.72 -64.16 28.79
C LYS X 96 28.97 -63.35 29.85
N PHE X 97 27.69 -63.02 29.59
CA PHE X 97 26.89 -62.20 30.53
C PHE X 97 26.70 -62.97 31.84
N ALA X 98 26.42 -64.27 31.71
CA ALA X 98 26.21 -65.09 32.92
C ALA X 98 27.49 -65.10 33.75
N ARG X 99 28.64 -65.27 33.10
CA ARG X 99 29.92 -65.33 33.84
C ARG X 99 30.14 -63.98 34.54
N VAL X 100 29.89 -62.85 33.86
CA VAL X 100 30.18 -61.56 34.55
C VAL X 100 29.28 -61.48 35.78
N LYS X 101 28.00 -61.82 35.61
CA LYS X 101 27.09 -61.65 36.78
C LYS X 101 27.57 -62.56 37.92
N ASP X 102 27.93 -63.81 37.60
CA ASP X 102 28.33 -64.76 38.66
C ASP X 102 29.57 -64.22 39.37
N LEU X 103 30.56 -63.75 38.62
CA LEU X 103 31.81 -63.28 39.25
C LEU X 103 31.47 -62.11 40.16
N LEU X 104 30.66 -61.15 39.68
CA LEU X 104 30.42 -59.96 40.55
C LEU X 104 29.71 -60.42 41.83
N THR X 105 28.71 -61.30 41.70
CA THR X 105 27.93 -61.70 42.91
C THR X 105 28.86 -62.43 43.88
N MET X 106 29.71 -63.31 43.36
CA MET X 106 30.61 -64.11 44.23
C MET X 106 31.59 -63.15 44.91
N ASN X 107 32.07 -62.13 44.22
CA ASN X 107 33.00 -61.14 44.81
C ASN X 107 32.31 -60.42 45.96
#